data_8GN2
#
_entry.id   8GN2
#
_cell.length_a   124.018
_cell.length_b   229.579
_cell.length_c   287.180
_cell.angle_alpha   90.000
_cell.angle_beta   90.000
_cell.angle_gamma   90.000
#
_symmetry.space_group_name_H-M   'P 21 21 21'
#
loop_
_entity.id
_entity.type
_entity.pdbx_description
1 polymer 'Photosystem II protein D1'
2 polymer 'Photosystem II CP47 reaction center protein'
3 polymer 'Photosystem II CP43 reaction center protein'
4 polymer 'Photosystem II D2 protein'
5 polymer 'Cytochrome b559 subunit alpha'
6 polymer 'Cytochrome b559 subunit beta'
7 polymer 'Photosystem II reaction center protein H'
8 polymer 'Photosystem II reaction center protein I'
9 polymer 'Photosystem II reaction center protein J'
10 polymer 'Photosystem II reaction center protein K'
11 polymer 'Photosystem II reaction center protein L'
12 polymer 'Photosystem II reaction center protein M'
13 polymer 'Photosystem II manganese-stabilizing polypeptide'
14 polymer 'Photosystem II reaction center protein T'
15 polymer 'Photosystem II 12 kDa extrinsic protein'
16 polymer 'Cytochrome c-550'
17 polymer 'Photosystem II reaction center protein Ycf12'
18 polymer 'Photosystem II reaction center protein X'
19 polymer 'Photosystem II reaction center protein Z'
20 polymer 'Photosystem II protein Y'
21 non-polymer 'CA-MN4-O5 CLUSTER'
22 non-polymer 'FE (II) ION'
23 non-polymer 'CHLORIDE ION'
24 non-polymer 'CHLOROPHYLL A'
25 non-polymer 'PHEOPHYTIN A'
26 non-polymer BETA-CAROTENE
27 non-polymer 1,2-DI-O-ACYL-3-O-[6-DEOXY-6-SULFO-ALPHA-D-GLUCOPYRANOSYL]-SN-GLYCEROL
28 non-polymer 1,2-DISTEAROYL-MONOGALACTOSYL-DIGLYCERIDE
29 non-polymer DODECYL-BETA-D-MALTOSIDE
30 non-polymer GLYCEROL
31 non-polymer 'UNKNOWN LIGAND'
32 non-polymer 2-phenylcyclohexa-2,5-diene-1,4-dione
33 non-polymer 2,3-DIMETHYL-5-(3,7,11,15,19,23,27,31,35-NONAMETHYL-2,6,10,14,18,22,26,30,34-HEXATRIACONTANONAENYL-2,5-CYCLOHEXADIENE-1,4-DIONE-2,3-DIMETHYL-5-SOLANESYL-1,4-BENZOQUINONE
34 non-polymer 'BICARBONATE ION'
35 non-polymer 'CALCIUM ION'
36 non-polymer 'heptyl 1-thio-beta-D-glucopyranoside'
37 non-polymer 1,2-DIPALMITOYL-PHOSPHATIDYL-GLYCEROLE
38 non-polymer 'DIMETHYL SULFOXIDE'
39 non-polymer 'DIGALACTOSYL DIACYL GLYCEROL (DGDG)'
40 non-polymer 'PROTOPORPHYRIN IX CONTAINING FE'
41 non-polymer (3R)-beta,beta-caroten-3-ol
42 non-polymer 'MAGNESIUM ION'
43 non-polymer 'HEME C'
44 water water
#
loop_
_entity_poly.entity_id
_entity_poly.type
_entity_poly.pdbx_seq_one_letter_code
_entity_poly.pdbx_strand_id
1 'polypeptide(L)'
;MTTTLQRRESANLWERFCNWVTSTDNRLYVGWFGVIMIPTLLAATICFVIAFIAAPPVDIDGIREPVSGSLLYGNNIITG
AVVPSSNAIGLHFYPIWEAASLDEWLYNGGPYQLIIFHFLLGASCYMGRQWELSYRLGMRPWICVAYSAPLASAFAVFLI
YPIGQGSFSDGMPLGISGTFNFMIVFQAEHNILMHPFHQLGVAGVFGGALFCAMHGSLVTSSLIRETTETESANYGYKFG
QEEETYNIVAAHGYFGRLIFQYASFNNSRSLHFFLAAWPVVGVWFAALGISTMAFNLNGFNFNHSVIDAKGNVINTWADI
INRANLGMEVMHERNAHNFPLDLA
;
A,a
2 'polypeptide(L)'
;GLPWYRVHTVLINDPGRLIAAHLMHTALVAGWAGSMALYELATFDPSDPVLNPMWRQGMFVLPFMARLGVTGSWSGWSIT
GETGIDPGFWSFEGVALAHIVLSGLLFLAACWHWVYWDLELFRDPRTGEPALDLPKMFGIHLFLAGLLCFGFGAFHLTGL
FGPGMWVSDPYGLTGSVQPVAPEWGPDGFNPYNPGGVVAHHIAAGIVGIIAGLFHILVRPPQRLYKALRMGNIETVLSSS
IAAVFFAAFVVAGTMWYGSATTPIELFGPTRYQWDSSYFQQEINRRVQASLASGATLEEAWSAIPEKLAFYDYIGNNPAK
GGLFRTGPMNKGDGIAQAWKGHAVFRNKEGEELFVRRMPAFFESFPVILTDKNGVVKADIPFRRAESKYSFEQQGVTVSF
YGGELNGQTFTDPPTVKSYARKAIFGEIFEFDTETLNSDGIFRTSPRGWFTFAHAVFALLFFFGHIWHGARTLFRDVFSG
IDPELSPEQVEWGFYQKVGDVTTRK
;
B,b
3 'polypeptide(L)'
;NSIFATNRDQESSGFAWWAGNARLINLSGKLLGAHVAHAGLIVFWAGAMTLFELAHFIPEKPMYEQGLILIPHIATLGWG
VGPGGEVVDTFPFFVVGVVHLISSAVLGFGGVYHAIRGPETLEEYSSFFGYDWKDKNKMTTILGFHLIVLGIGALLLVAK
AMFFGGLYDTWAPGGGDVRVITNPTLDPRVIFGYLLKSPFGGEGWIVSVNNLEDVVGGHIWIGLICIAGGIWHILTTPFG
WARRAFIWSGEAYLSYSLGALSMMGFIATCFVWFNNTVYPSEFYGPTGPEASQAQAMTFLIRDQKLGANVGSAQGPTGLG
KYLMRSPTGEIIFGGETMRFWDFRGPWLEPLRGPNGLDLNKIKNDIQPWQERRAAEYMTHAPLGSLNSVGGVATEINSVN
FVSPRSWLATSHFVLAFFFLVGHLWHAGRARAAAAGFEKGIDRESEPVLSMPSLD
;
C,c
4 'polypeptide(L)'
;ERGWFDILDDWLKRDRFVFVGWSGILLFPCAYLALGGWLTGTTFVTSWYTHGLASSYLEGCNFLTVAVSTPANSMGHSLL
LLWGPEAQGDFTRWCQLGGLWTFIALHGAFGLIGFMLRQFEIARLVGVRPYNAIAFSAPIAVFVSVFLIYPLGQSSWFFA
PSFGVAAIFRFLLFFQGFHNWTLNPFHMMGVAGVLGGALLCAIHGATVENTLFQDGEGASTFRAFNPTQAEETYSMVTAN
RFWSQIFGIAFSNKRWLHFFMLFVPVTGLWMSAIGVVGLALNLRSYDFISQEIRAAEDPEFETFYTKNLLLNEGIRAWMA
PQDQP(HSK)ENFVFPEEVLPRGNAL
;
D,d
5 'polypeptide(L)'
;AGTTGERPFSDIITSVRYWVIHSITIPALFIAGWLFVSTGLAYDVFGTPRPDSYYAQEQRSIPLVTDRFEAKQQVETFLE
QLK
;
E,e
6 'polypeptide(L)' TSNTPNQEPVSYPIFTVRWVAVHTLAVPTIFFLGAIAAMQFIQR F,f
7 'polypeptide(L)' ARRTWLGDILRPLNSEYGKVAPGWGTTPLMAVFMGLFLVFLLIILEIYNSTLILDGVNVSWKA H,h
8 'polypeptide(L)' (FME)ETLKITVYIVVTFFVLLFVFGFLSGDPARNPKRKDLE I,i
9 'polypeptide(L)' MMSEGGRIPLWIVATVAGMGVIVIVGLFFYGAYAGLGSSL J,j
10 'polypeptide(L)' KLPEAYAIFDPLVDVLPVIPVLFLALAFVWQAAVGFR K,k
11 'polypeptide(L)' MEPNPNRQPVELNRTSLYLGLLLILVLALLFSSYFFN L,l
12 'polypeptide(L)' (FME)EVNQLGLIATALFVLVPSVFLIILYVQTESQQKSS M,m
13 'polypeptide(L)'
;QTLTYDDIVGTGLANKCPTLDDTARGAYPIDSSQTYRIARLCLQPTTFLVKEEPKNKRQEAEFVPTKLVTRETTSLDQIQ
GELKVNSDGSLTFVEEDGIDFQPVTVQMAGGERIPLLFTVKNLVASTQPNVTSITTSTDFKGEFNVPSYRTANFLDPKGR
GLASGYDSAIALPQAKEEELARANVKRFSLTKGQISLNVAKVDGRTGEIAGTFESEQLSDDDMGAHEPHEVKIQGVFYAS
IEPA
;
O,o
14 'polypeptide(L)' (FME)ETITYVFIFACIIALFFFAIFFREPPRITKK T,t
15 'polypeptide(L)'
;ATASTEEELVNVVDEKLGTAYGEKIDLNNTNIAAFIQYRGLYPTLAKLIVKNAPYESVEDVLNIPGLTERQKQILRENLE
HFTVTEVETALVEGGDRYNNGLYK
;
U,u
16 'polypeptide(L)'
;AELTPEVLTVPLNSEGKTITLTEKQYLEGKRLFQYACASCHVGGITKTNPSLDLRTETLALATPPRDNIEGLVDYMKNPT
TYDGEQEIAEVHPSLRSADIFPKMRNLTEKDLVAIAGHILVEPKILGDKWGGGKVYY
;
V,v
17 'polypeptide(L)' EVIAQLTMIAMIGIAGPMIIFLLAVRRGNL Y,y
18 'polypeptide(L)' TITPSLKGFFIGLLSGAVVLGLTFAVLIAISQIDKVQRSL X,x
19 'polypeptide(L)' (FME)TILFQLALAALVILSFVMVIGVPVAYASPQDWDRSKQLIFLGSGLWIALVLVVGVLNFFVV Z,z
20 'polypeptide(L)' MDWRVLVVLLPVLLAAGWAVRNILPYAVKQVQKLLQKAKAA R
#
# COMPACT_ATOMS: atom_id res chain seq x y z
N ALA A 11 30.35 52.40 -14.23
CA ALA A 11 31.77 52.13 -14.37
C ALA A 11 32.02 51.05 -15.41
N ASN A 12 33.27 50.56 -15.49
CA ASN A 12 33.58 49.49 -16.43
C ASN A 12 32.95 48.18 -15.95
N LEU A 13 32.86 47.22 -16.89
CA LEU A 13 32.16 45.98 -16.60
C LEU A 13 32.82 45.19 -15.47
N TRP A 14 34.16 45.20 -15.39
CA TRP A 14 34.82 44.49 -14.29
C TRP A 14 34.47 45.12 -12.94
N GLU A 15 34.40 46.46 -12.87
CA GLU A 15 34.03 47.11 -11.62
C GLU A 15 32.59 46.79 -11.23
N ARG A 16 31.67 46.85 -12.18
CA ARG A 16 30.28 46.50 -11.90
C ARG A 16 30.17 45.05 -11.46
N PHE A 17 30.94 44.17 -12.11
CA PHE A 17 30.93 42.77 -11.72
C PHE A 17 31.42 42.59 -10.29
N CYS A 18 32.56 43.19 -9.97
CA CYS A 18 33.09 43.16 -8.60
C CYS A 18 32.09 43.73 -7.60
N ASN A 19 31.40 44.81 -7.98
CA ASN A 19 30.42 45.41 -7.08
C ASN A 19 29.24 44.49 -6.84
N TRP A 20 28.81 43.75 -7.87
CA TRP A 20 27.73 42.78 -7.68
C TRP A 20 28.21 41.59 -6.85
N VAL A 21 29.39 41.06 -7.15
CA VAL A 21 29.90 39.90 -6.40
C VAL A 21 29.95 40.22 -4.91
N THR A 22 30.51 41.37 -4.55
CA THR A 22 30.66 41.72 -3.15
C THR A 22 29.46 42.51 -2.59
N SER A 23 28.32 42.52 -3.30
CA SER A 23 27.21 43.35 -2.88
C SER A 23 26.57 42.86 -1.59
N THR A 24 26.33 43.78 -0.66
CA THR A 24 25.61 43.44 0.56
C THR A 24 24.10 43.35 0.37
N ASP A 25 23.61 43.57 -0.85
CA ASP A 25 22.17 43.62 -1.09
C ASP A 25 21.64 42.36 -1.77
N ASN A 26 22.49 41.42 -2.14
CA ASN A 26 22.02 40.18 -2.74
C ASN A 26 21.33 39.31 -1.67
N ARG A 27 20.20 38.71 -2.06
CA ARG A 27 19.43 37.90 -1.11
C ARG A 27 20.29 36.83 -0.44
N LEU A 28 21.16 36.19 -1.20
CA LEU A 28 22.21 35.34 -0.68
C LEU A 28 23.54 35.98 -1.06
N TYR A 29 24.43 36.15 -0.09
CA TYR A 29 25.69 36.81 -0.39
C TYR A 29 26.54 35.91 -1.28
N VAL A 30 27.17 36.51 -2.29
CA VAL A 30 28.07 35.74 -3.14
C VAL A 30 29.49 35.90 -2.62
N GLY A 31 30.16 36.99 -2.97
CA GLY A 31 31.52 37.22 -2.52
C GLY A 31 32.53 36.36 -3.27
N TRP A 32 33.82 36.68 -3.03
CA TRP A 32 34.90 36.01 -3.77
C TRP A 32 35.08 34.56 -3.32
N PHE A 33 34.98 34.29 -2.02
CA PHE A 33 34.91 32.90 -1.60
C PHE A 33 33.70 32.21 -2.25
N GLY A 34 32.60 32.95 -2.40
CA GLY A 34 31.41 32.38 -3.00
C GLY A 34 31.58 31.97 -4.46
N VAL A 35 32.45 32.66 -5.21
CA VAL A 35 32.62 32.27 -6.60
C VAL A 35 33.30 30.91 -6.75
N ILE A 36 34.05 30.47 -5.74
CA ILE A 36 34.54 29.09 -5.70
C ILE A 36 33.52 28.17 -5.04
N MET A 37 32.86 28.66 -3.98
CA MET A 37 31.95 27.82 -3.22
C MET A 37 30.78 27.33 -4.06
N ILE A 38 30.17 28.23 -4.84
CA ILE A 38 28.91 27.94 -5.51
C ILE A 38 29.10 26.85 -6.56
N PRO A 39 30.06 26.96 -7.49
CA PRO A 39 30.24 25.84 -8.45
C PRO A 39 30.69 24.54 -7.81
N THR A 40 31.60 24.59 -6.82
CA THR A 40 32.08 23.34 -6.23
C THR A 40 30.98 22.65 -5.44
N LEU A 41 30.20 23.40 -4.66
CA LEU A 41 29.12 22.76 -3.90
C LEU A 41 28.00 22.24 -4.82
N LEU A 42 27.73 22.94 -5.92
CA LEU A 42 26.72 22.43 -6.85
C LEU A 42 27.19 21.14 -7.49
N ALA A 43 28.45 21.08 -7.92
CA ALA A 43 29.00 19.86 -8.49
C ALA A 43 28.93 18.70 -7.51
N ALA A 44 29.33 18.94 -6.25
CA ALA A 44 29.33 17.85 -5.27
C ALA A 44 27.91 17.41 -4.96
N THR A 45 26.97 18.35 -4.83
CA THR A 45 25.58 18.02 -4.54
C THR A 45 24.96 17.22 -5.66
N ILE A 46 25.16 17.66 -6.90
CA ILE A 46 24.52 16.99 -8.03
C ILE A 46 25.07 15.59 -8.19
N CYS A 47 26.40 15.43 -8.11
CA CYS A 47 26.97 14.09 -8.21
C CYS A 47 26.51 13.22 -7.06
N PHE A 48 26.46 13.76 -5.85
CA PHE A 48 26.01 12.97 -4.70
C PHE A 48 24.59 12.45 -4.91
N VAL A 49 23.66 13.33 -5.28
CA VAL A 49 22.26 12.93 -5.44
C VAL A 49 22.13 11.86 -6.52
N ILE A 50 22.75 12.10 -7.68
CA ILE A 50 22.67 11.11 -8.75
C ILE A 50 23.30 9.77 -8.32
N ALA A 51 24.47 9.81 -7.69
CA ALA A 51 25.12 8.58 -7.26
C ALA A 51 24.30 7.86 -6.20
N PHE A 52 23.77 8.62 -5.23
CA PHE A 52 23.01 8.00 -4.15
C PHE A 52 21.80 7.26 -4.70
N ILE A 53 21.21 7.78 -5.78
CA ILE A 53 20.03 7.15 -6.34
C ILE A 53 20.41 6.00 -7.26
N ALA A 54 21.42 6.20 -8.12
CA ALA A 54 21.58 5.34 -9.29
C ALA A 54 22.97 4.73 -9.53
N ALA A 55 23.96 4.95 -8.66
CA ALA A 55 25.30 4.42 -8.95
C ALA A 55 25.33 2.90 -8.78
N PRO A 56 26.07 2.19 -9.63
CA PRO A 56 26.22 0.73 -9.47
C PRO A 56 27.21 0.41 -8.34
N PRO A 57 27.36 -0.87 -7.98
CA PRO A 57 28.24 -1.23 -6.85
C PRO A 57 29.69 -0.84 -7.12
N VAL A 58 30.42 -0.58 -6.02
CA VAL A 58 31.77 -0.03 -6.03
C VAL A 58 32.69 -1.01 -5.31
N ASP A 59 33.85 -1.30 -5.91
CA ASP A 59 34.82 -2.19 -5.29
C ASP A 59 35.69 -1.42 -4.30
N ILE A 60 35.10 -1.11 -3.14
CA ILE A 60 35.76 -0.23 -2.16
C ILE A 60 37.11 -0.81 -1.73
N ASP A 61 37.19 -2.11 -1.49
CA ASP A 61 38.41 -2.63 -0.90
C ASP A 61 39.38 -3.21 -1.94
N GLY A 62 39.16 -2.95 -3.23
CA GLY A 62 40.10 -3.33 -4.25
C GLY A 62 40.24 -4.83 -4.45
N ILE A 63 39.29 -5.61 -3.94
CA ILE A 63 39.36 -7.05 -4.01
C ILE A 63 38.27 -7.61 -4.94
N ARG A 64 37.78 -6.79 -5.88
CA ARG A 64 36.75 -7.21 -6.83
C ARG A 64 35.54 -7.78 -6.10
N GLU A 65 35.11 -7.08 -5.06
CA GLU A 65 33.95 -7.45 -4.24
C GLU A 65 33.07 -6.21 -4.12
N PRO A 66 32.35 -5.85 -5.17
CA PRO A 66 31.68 -4.53 -5.19
C PRO A 66 30.54 -4.42 -4.20
N VAL A 67 30.48 -3.28 -3.52
CA VAL A 67 29.51 -3.00 -2.46
C VAL A 67 28.45 -2.08 -3.05
N SER A 68 27.18 -2.47 -2.91
CA SER A 68 26.10 -1.65 -3.47
C SER A 68 25.74 -0.53 -2.51
N GLY A 69 25.78 0.70 -3.01
CA GLY A 69 25.40 1.86 -2.20
C GLY A 69 24.09 2.55 -2.60
N SER A 70 23.60 2.39 -3.82
CA SER A 70 22.52 3.27 -4.28
C SER A 70 21.13 2.67 -4.06
N LEU A 71 20.13 3.56 -4.08
CA LEU A 71 18.74 3.15 -3.85
C LEU A 71 18.25 2.17 -4.91
N LEU A 72 18.53 2.46 -6.20
CA LEU A 72 18.05 1.58 -7.27
C LEU A 72 18.72 0.22 -7.25
N TYR A 73 19.88 0.10 -6.60
CA TYR A 73 20.61 -1.17 -6.53
C TYR A 73 20.41 -1.87 -5.20
N GLY A 74 19.26 -1.68 -4.57
CA GLY A 74 18.86 -2.46 -3.42
C GLY A 74 18.99 -1.79 -2.06
N ASN A 75 19.24 -0.49 -2.01
CA ASN A 75 19.38 0.17 -0.71
C ASN A 75 18.15 0.97 -0.33
N ASN A 76 18.00 1.19 0.98
CA ASN A 76 17.06 2.17 1.47
C ASN A 76 17.86 3.39 1.98
N ILE A 77 17.18 4.34 2.63
CA ILE A 77 17.86 5.57 3.07
C ILE A 77 18.90 5.24 4.13
N ILE A 78 18.60 4.27 4.98
CA ILE A 78 19.50 3.95 6.09
C ILE A 78 20.72 3.18 5.61
N THR A 79 20.56 2.29 4.62
CA THR A 79 21.70 1.49 4.20
C THR A 79 22.49 2.12 3.05
N GLY A 80 21.90 3.07 2.33
CA GLY A 80 22.53 3.59 1.13
C GLY A 80 23.73 4.46 1.41
N ALA A 81 24.59 4.58 0.41
CA ALA A 81 25.80 5.38 0.58
C ALA A 81 26.39 5.70 -0.78
N VAL A 82 27.19 6.75 -0.86
CA VAL A 82 28.20 6.83 -1.91
C VAL A 82 29.45 6.18 -1.36
N VAL A 83 29.92 5.13 -2.02
CA VAL A 83 30.96 4.23 -1.50
C VAL A 83 32.35 4.77 -1.81
N PRO A 84 33.29 4.77 -0.85
CA PRO A 84 34.66 5.24 -1.12
C PRO A 84 35.33 4.55 -2.29
N SER A 85 36.32 5.24 -2.87
CA SER A 85 37.03 4.73 -4.03
C SER A 85 37.92 3.54 -3.65
N SER A 86 38.32 2.78 -4.68
CA SER A 86 38.92 1.47 -4.48
C SER A 86 40.25 1.54 -3.76
N ASN A 87 40.50 0.54 -2.90
CA ASN A 87 41.82 0.42 -2.30
C ASN A 87 42.92 0.27 -3.33
N ALA A 88 42.62 -0.21 -4.54
CA ALA A 88 43.68 -0.31 -5.54
C ALA A 88 44.16 1.06 -6.00
N ILE A 89 43.31 2.09 -5.87
CA ILE A 89 43.68 3.46 -6.18
C ILE A 89 44.51 4.08 -5.06
N GLY A 90 44.19 3.76 -3.82
CA GLY A 90 44.95 4.31 -2.70
C GLY A 90 44.70 5.80 -2.62
N LEU A 91 45.77 6.58 -2.58
CA LEU A 91 45.68 8.03 -2.58
C LEU A 91 45.85 8.62 -3.98
N HIS A 92 45.86 7.79 -5.02
CA HIS A 92 45.99 8.33 -6.37
C HIS A 92 44.79 9.20 -6.73
N PHE A 93 45.05 10.27 -7.46
CA PHE A 93 44.01 11.18 -7.92
C PHE A 93 43.26 10.50 -9.07
N TYR A 94 41.95 10.34 -8.93
CA TYR A 94 41.17 9.55 -9.88
C TYR A 94 40.00 10.39 -10.42
N PRO A 95 40.28 11.39 -11.25
CA PRO A 95 39.21 12.14 -11.91
C PRO A 95 38.58 11.32 -13.03
N ILE A 96 37.44 11.84 -13.54
CA ILE A 96 36.75 11.12 -14.60
C ILE A 96 37.67 10.85 -15.78
N TRP A 97 38.48 11.85 -16.16
CA TRP A 97 39.29 11.65 -17.36
C TRP A 97 40.47 10.70 -17.17
N GLU A 98 40.71 10.19 -15.94
CA GLU A 98 41.72 9.13 -15.76
C GLU A 98 41.16 7.74 -16.02
N ALA A 99 39.84 7.59 -16.10
CA ALA A 99 39.19 6.33 -16.38
C ALA A 99 39.06 6.12 -17.89
N ALA A 100 39.07 4.86 -18.32
CA ALA A 100 38.83 4.58 -19.72
C ALA A 100 37.38 4.83 -20.10
N SER A 101 36.47 4.79 -19.14
CA SER A 101 35.04 4.90 -19.43
C SER A 101 34.33 5.26 -18.13
N LEU A 102 33.12 5.79 -18.25
CA LEU A 102 32.32 6.02 -17.07
C LEU A 102 32.02 4.71 -16.34
N ASP A 103 31.78 3.63 -17.10
CA ASP A 103 31.56 2.33 -16.46
C ASP A 103 32.74 1.95 -15.56
N GLU A 104 33.97 2.18 -16.03
CA GLU A 104 35.13 1.90 -15.18
C GLU A 104 35.18 2.85 -13.99
N TRP A 105 34.95 4.15 -14.25
CA TRP A 105 34.96 5.16 -13.19
C TRP A 105 34.03 4.78 -12.06
N LEU A 106 32.83 4.31 -12.42
CA LEU A 106 31.83 3.96 -11.43
C LEU A 106 32.23 2.72 -10.64
N TYR A 107 32.75 1.69 -11.31
CA TYR A 107 33.17 0.47 -10.62
C TYR A 107 34.22 0.77 -9.57
N ASN A 108 35.11 1.72 -9.84
CA ASN A 108 36.23 1.99 -8.95
C ASN A 108 35.95 3.07 -7.91
N GLY A 109 34.73 3.62 -7.87
CA GLY A 109 34.41 4.59 -6.84
C GLY A 109 34.81 6.00 -7.17
N GLY A 110 34.89 6.35 -8.46
CA GLY A 110 35.14 7.72 -8.85
C GLY A 110 34.22 8.77 -8.28
N PRO A 111 32.90 8.51 -8.18
CA PRO A 111 32.03 9.57 -7.61
C PRO A 111 32.48 10.03 -6.22
N TYR A 112 32.97 9.12 -5.38
CA TYR A 112 33.37 9.51 -4.02
C TYR A 112 34.44 10.59 -4.04
N GLN A 113 35.48 10.42 -4.85
CA GLN A 113 36.53 11.43 -4.89
C GLN A 113 36.01 12.75 -5.43
N LEU A 114 35.22 12.72 -6.50
CA LEU A 114 34.66 13.96 -7.04
C LEU A 114 33.85 14.68 -5.96
N ILE A 115 33.01 13.94 -5.24
CA ILE A 115 32.15 14.58 -4.25
C ILE A 115 32.97 15.14 -3.08
N ILE A 116 33.84 14.33 -2.47
CA ILE A 116 34.51 14.84 -1.27
C ILE A 116 35.48 15.97 -1.60
N PHE A 117 36.12 15.93 -2.78
CA PHE A 117 37.06 17.01 -3.07
C PHE A 117 36.34 18.31 -3.36
N HIS A 118 35.22 18.26 -4.10
CA HIS A 118 34.43 19.48 -4.32
C HIS A 118 33.79 19.95 -3.02
N PHE A 119 33.31 19.02 -2.20
CA PHE A 119 32.72 19.39 -0.92
C PHE A 119 33.73 20.08 -0.01
N LEU A 120 34.91 19.46 0.19
CA LEU A 120 35.90 20.04 1.10
C LEU A 120 36.33 21.42 0.64
N LEU A 121 36.52 21.60 -0.66
CA LEU A 121 36.86 22.93 -1.17
CA LEU A 121 36.85 22.93 -1.18
C LEU A 121 35.69 23.90 -0.96
N GLY A 122 34.47 23.47 -1.28
CA GLY A 122 33.34 24.37 -1.11
C GLY A 122 33.08 24.74 0.33
N ALA A 123 33.25 23.78 1.25
CA ALA A 123 33.00 24.07 2.66
C ALA A 123 34.08 24.96 3.25
N SER A 124 35.33 24.81 2.78
CA SER A 124 36.38 25.74 3.17
C SER A 124 36.05 27.16 2.72
N CYS A 125 35.47 27.30 1.52
CA CYS A 125 35.05 28.61 1.06
C CYS A 125 33.82 29.10 1.80
N TYR A 126 32.94 28.18 2.23
CA TYR A 126 31.85 28.58 3.11
C TYR A 126 32.36 29.27 4.37
N MET A 127 33.44 28.73 4.94
CA MET A 127 34.03 29.35 6.13
C MET A 127 34.61 30.72 5.79
N GLY A 128 35.36 30.81 4.69
CA GLY A 128 35.88 32.10 4.28
C GLY A 128 34.78 33.10 3.96
N ARG A 129 33.68 32.60 3.38
CA ARG A 129 32.53 33.45 3.08
C ARG A 129 31.91 34.01 4.36
N GLN A 130 31.91 33.23 5.44
CA GLN A 130 31.45 33.76 6.72
C GLN A 130 32.36 34.88 7.23
N TRP A 131 33.68 34.75 7.05
CA TRP A 131 34.51 35.91 7.36
C TRP A 131 34.12 37.09 6.49
N GLU A 132 33.96 36.85 5.18
CA GLU A 132 33.81 37.94 4.22
C GLU A 132 32.54 38.76 4.47
N LEU A 133 31.39 38.08 4.66
CA LEU A 133 30.18 38.86 4.90
C LEU A 133 30.25 39.62 6.23
N SER A 134 30.85 39.01 7.26
CA SER A 134 30.97 39.72 8.54
C SER A 134 31.73 41.03 8.36
N TYR A 135 32.75 41.01 7.51
CA TYR A 135 33.50 42.22 7.19
C TYR A 135 32.63 43.23 6.45
N ARG A 136 31.87 42.78 5.44
CA ARG A 136 31.04 43.70 4.67
C ARG A 136 29.94 44.33 5.53
N LEU A 137 29.49 43.62 6.57
CA LEU A 137 28.40 44.12 7.41
C LEU A 137 28.89 44.89 8.62
N GLY A 138 30.22 45.03 8.78
CA GLY A 138 30.74 45.74 9.93
C GLY A 138 30.68 44.94 11.23
N MET A 139 30.63 43.62 11.14
CA MET A 139 30.60 42.73 12.29
C MET A 139 32.01 42.38 12.78
N ARG A 140 32.07 41.83 13.99
CA ARG A 140 33.28 41.17 14.43
C ARG A 140 33.42 39.84 13.69
N PRO A 141 34.64 39.29 13.57
CA PRO A 141 34.93 38.34 12.48
C PRO A 141 34.87 36.85 12.80
N TRP A 142 34.54 36.41 14.01
CA TRP A 142 34.94 35.07 14.42
C TRP A 142 33.85 33.99 14.36
N ILE A 143 32.69 34.27 13.74
CA ILE A 143 31.74 33.18 13.50
C ILE A 143 32.42 32.08 12.68
N CYS A 144 33.24 32.46 11.70
CA CYS A 144 33.94 31.49 10.89
C CYS A 144 34.87 30.59 11.72
N VAL A 145 35.38 31.11 12.85
CA VAL A 145 36.24 30.28 13.72
C VAL A 145 35.41 29.22 14.43
N ALA A 146 34.16 29.53 14.78
CA ALA A 146 33.28 28.50 15.34
C ALA A 146 33.02 27.40 14.31
N TYR A 147 32.78 27.79 13.05
CA TYR A 147 32.53 26.84 11.99
C TYR A 147 33.76 25.99 11.67
N SER A 148 34.97 26.47 11.98
CA SER A 148 36.16 25.65 11.73
C SER A 148 36.12 24.33 12.49
N ALA A 149 35.31 24.22 13.56
CA ALA A 149 35.26 22.97 14.32
C ALA A 149 34.54 21.86 13.55
N PRO A 150 33.28 22.02 13.11
CA PRO A 150 32.73 20.98 12.21
C PRO A 150 33.53 20.83 10.92
N LEU A 151 34.03 21.93 10.36
CA LEU A 151 34.80 21.82 9.11
C LEU A 151 36.05 20.97 9.29
N ALA A 152 36.79 21.19 10.39
CA ALA A 152 37.99 20.39 10.66
C ALA A 152 37.63 18.92 10.83
N SER A 153 36.45 18.64 11.40
CA SER A 153 36.03 17.26 11.58
C SER A 153 35.76 16.59 10.24
N ALA A 154 35.16 17.32 9.29
CA ALA A 154 34.96 16.76 7.97
C ALA A 154 36.30 16.49 7.28
N PHE A 155 37.26 17.42 7.41
CA PHE A 155 38.58 17.18 6.84
C PHE A 155 39.21 15.94 7.46
N ALA A 156 38.99 15.74 8.75
CA ALA A 156 39.59 14.60 9.44
C ALA A 156 39.12 13.29 8.84
N VAL A 157 37.81 13.15 8.63
CA VAL A 157 37.28 11.85 8.21
C VAL A 157 37.31 11.64 6.69
N PHE A 158 37.38 12.72 5.90
CA PHE A 158 37.38 12.59 4.45
C PHE A 158 38.76 12.74 3.83
N LEU A 159 39.72 13.37 4.51
CA LEU A 159 41.03 13.61 3.91
C LEU A 159 42.19 13.17 4.79
N ILE A 160 42.26 13.60 6.05
CA ILE A 160 43.46 13.32 6.86
C ILE A 160 43.55 11.84 7.19
N TYR A 161 42.46 11.23 7.65
CA TYR A 161 42.53 9.80 7.92
C TYR A 161 42.91 9.01 6.67
N PRO A 162 42.31 9.23 5.48
CA PRO A 162 42.83 8.56 4.29
C PRO A 162 44.32 8.78 4.04
N ILE A 163 44.82 10.01 4.23
CA ILE A 163 46.25 10.26 3.97
C ILE A 163 47.12 9.42 4.91
N GLY A 164 46.79 9.44 6.20
CA GLY A 164 47.59 8.69 7.15
C GLY A 164 47.55 7.20 6.88
N GLN A 165 46.40 6.68 6.45
CA GLN A 165 46.28 5.25 6.20
C GLN A 165 46.65 4.86 4.78
N GLY A 166 46.87 5.84 3.91
CA GLY A 166 47.28 5.57 2.55
C GLY A 166 46.18 5.22 1.57
N SER A 167 44.91 5.47 1.90
CA SER A 167 43.87 5.15 0.92
C SER A 167 42.57 5.91 1.19
N PHE A 168 41.99 6.45 0.11
CA PHE A 168 40.62 6.97 0.25
C PHE A 168 39.59 5.88 0.48
N SER A 169 39.95 4.61 0.30
CA SER A 169 39.01 3.55 0.66
C SER A 169 38.75 3.51 2.16
N ASP A 170 39.60 4.16 2.97
CA ASP A 170 39.39 4.24 4.41
C ASP A 170 38.79 5.57 4.86
N GLY A 171 38.47 6.48 3.93
CA GLY A 171 37.67 7.63 4.29
C GLY A 171 36.26 7.24 4.67
N MET A 172 35.58 8.12 5.39
CA MET A 172 34.23 7.82 5.83
C MET A 172 33.31 7.73 4.60
N PRO A 173 32.50 6.69 4.49
CA PRO A 173 31.53 6.62 3.38
C PRO A 173 30.46 7.69 3.50
N LEU A 174 29.88 8.06 2.36
CA LEU A 174 28.84 9.09 2.34
C LEU A 174 27.48 8.41 2.50
N GLY A 175 27.19 7.98 3.71
CA GLY A 175 25.94 7.29 3.97
C GLY A 175 25.82 6.96 5.44
N ILE A 176 24.58 6.65 5.84
CA ILE A 176 24.24 6.50 7.25
C ILE A 176 24.88 5.23 7.84
N SER A 177 24.60 4.07 7.23
CA SER A 177 25.22 2.83 7.69
C SER A 177 26.72 2.80 7.39
N GLY A 178 27.14 3.42 6.29
CA GLY A 178 28.58 3.49 6.04
C GLY A 178 29.30 4.27 7.13
N THR A 179 28.65 5.29 7.69
CA THR A 179 29.22 6.03 8.82
C THR A 179 29.45 5.10 10.01
N PHE A 180 28.46 4.27 10.34
CA PHE A 180 28.61 3.35 11.46
C PHE A 180 29.73 2.34 11.20
N ASN A 181 29.85 1.88 9.95
CA ASN A 181 30.95 0.98 9.60
C ASN A 181 32.30 1.60 9.90
N PHE A 182 32.48 2.85 9.45
CA PHE A 182 33.70 3.62 9.75
C PHE A 182 33.95 3.70 11.26
N MET A 183 32.92 4.00 12.06
CA MET A 183 33.10 4.12 13.50
C MET A 183 33.55 2.81 14.14
N ILE A 184 32.92 1.71 13.75
CA ILE A 184 33.21 0.43 14.40
C ILE A 184 34.63 -0.03 14.04
N VAL A 185 34.99 0.08 12.77
CA VAL A 185 36.36 -0.26 12.36
C VAL A 185 37.36 0.67 13.04
N PHE A 186 37.00 1.95 13.21
CA PHE A 186 37.91 2.88 13.88
C PHE A 186 38.16 2.45 15.31
N GLN A 187 37.11 2.04 16.01
CA GLN A 187 37.27 1.54 17.37
C GLN A 187 38.17 0.30 17.43
N ALA A 188 38.00 -0.63 16.49
CA ALA A 188 38.82 -1.84 16.47
C ALA A 188 40.30 -1.51 16.27
N GLU A 189 40.60 -0.50 15.45
CA GLU A 189 41.98 -0.25 15.03
C GLU A 189 42.68 0.84 15.84
N HIS A 190 41.94 1.67 16.55
CA HIS A 190 42.54 2.77 17.29
C HIS A 190 42.06 2.88 18.73
N ASN A 191 41.10 2.06 19.16
CA ASN A 191 40.52 2.16 20.49
C ASN A 191 40.14 3.61 20.82
N ILE A 192 39.40 4.24 19.89
CA ILE A 192 39.11 5.67 19.99
C ILE A 192 38.38 6.00 21.27
N LEU A 193 37.55 5.10 21.79
CA LEU A 193 36.82 5.41 23.01
C LEU A 193 37.77 5.70 24.17
N MET A 194 38.93 5.05 24.18
CA MET A 194 39.94 5.23 25.22
C MET A 194 40.92 6.37 24.88
N HIS A 195 40.62 7.19 23.88
CA HIS A 195 41.51 8.28 23.53
C HIS A 195 41.03 9.58 24.15
N PRO A 196 41.87 10.34 24.85
CA PRO A 196 41.36 11.54 25.54
C PRO A 196 40.87 12.63 24.61
N PHE A 197 41.32 12.67 23.35
CA PHE A 197 40.77 13.69 22.48
C PHE A 197 39.34 13.36 22.07
N HIS A 198 39.00 12.07 21.92
CA HIS A 198 37.60 11.72 21.67
C HIS A 198 36.78 11.95 22.93
N GLN A 199 37.37 11.70 24.11
CA GLN A 199 36.65 11.95 25.36
C GLN A 199 36.36 13.45 25.53
N LEU A 200 37.32 14.31 25.20
CA LEU A 200 37.06 15.74 25.17
C LEU A 200 35.96 16.08 24.14
N GLY A 201 35.97 15.40 23.00
CA GLY A 201 34.91 15.58 22.03
C GLY A 201 33.54 15.28 22.60
N VAL A 202 33.42 14.18 23.35
CA VAL A 202 32.15 13.83 23.98
C VAL A 202 31.75 14.89 25.01
N ALA A 203 32.69 15.32 25.85
CA ALA A 203 32.43 16.42 26.77
C ALA A 203 31.96 17.66 26.00
N GLY A 204 32.56 17.90 24.84
CA GLY A 204 32.14 19.03 24.03
C GLY A 204 30.69 18.92 23.55
N VAL A 205 30.27 17.74 23.07
CA VAL A 205 28.92 17.69 22.49
C VAL A 205 27.87 17.40 23.56
N PHE A 206 28.14 16.51 24.53
CA PHE A 206 27.26 16.40 25.69
C PHE A 206 27.13 17.76 26.38
N GLY A 207 28.27 18.41 26.62
CA GLY A 207 28.24 19.71 27.29
C GLY A 207 27.54 20.76 26.45
N GLY A 208 27.84 20.79 25.15
CA GLY A 208 27.12 21.69 24.27
C GLY A 208 25.62 21.49 24.30
N ALA A 209 25.17 20.24 24.27
CA ALA A 209 23.73 19.99 24.36
C ALA A 209 23.20 20.42 25.73
N LEU A 210 23.93 20.11 26.80
CA LEU A 210 23.54 20.54 28.14
C LEU A 210 23.42 22.06 28.21
N PHE A 211 24.47 22.79 27.80
CA PHE A 211 24.43 24.25 27.92
C PHE A 211 23.41 24.85 26.97
N CYS A 212 23.16 24.22 25.83
CA CYS A 212 22.08 24.66 24.95
C CYS A 212 20.73 24.61 25.67
N ALA A 213 20.43 23.47 26.29
CA ALA A 213 19.18 23.32 27.03
C ALA A 213 19.14 24.26 28.22
N MET A 214 20.29 24.42 28.91
CA MET A 214 20.36 25.31 30.05
C MET A 214 20.05 26.75 29.65
N HIS A 215 20.80 27.26 28.68
CA HIS A 215 20.61 28.65 28.26
C HIS A 215 19.20 28.87 27.73
N GLY A 216 18.72 27.94 26.87
CA GLY A 216 17.35 28.02 26.40
C GLY A 216 16.35 28.06 27.53
N SER A 217 16.53 27.18 28.52
CA SER A 217 15.56 27.12 29.61
C SER A 217 15.65 28.36 30.49
N LEU A 218 16.85 28.91 30.68
CA LEU A 218 16.97 30.06 31.58
C LEU A 218 16.39 31.32 30.96
N VAL A 219 16.67 31.57 29.67
CA VAL A 219 16.12 32.73 29.00
C VAL A 219 14.60 32.61 28.91
N THR A 220 14.12 31.42 28.51
CA THR A 220 12.68 31.19 28.45
C THR A 220 12.03 31.35 29.81
N SER A 221 12.73 30.98 30.88
CA SER A 221 12.15 31.09 32.23
CA SER A 221 12.14 31.09 32.21
C SER A 221 11.97 32.53 32.67
N SER A 222 12.73 33.47 32.09
CA SER A 222 12.71 34.84 32.60
C SER A 222 12.18 35.84 31.56
N LEU A 223 11.46 35.36 30.56
CA LEU A 223 10.78 36.25 29.63
C LEU A 223 9.89 37.22 30.39
N ILE A 224 9.95 38.48 30.00
CA ILE A 224 9.12 39.51 30.65
C ILE A 224 7.70 39.42 30.10
N ARG A 225 6.71 39.52 31.00
CA ARG A 225 5.32 39.41 30.58
C ARG A 225 4.95 40.54 29.62
N GLU A 226 4.59 40.15 28.39
CA GLU A 226 4.15 41.09 27.37
C GLU A 226 2.92 40.60 26.61
N THR A 227 2.35 39.47 27.00
CA THR A 227 1.31 38.80 26.24
C THR A 227 0.25 38.30 27.21
N THR A 228 -0.89 37.88 26.65
CA THR A 228 -1.96 37.30 27.43
C THR A 228 -1.88 35.78 27.41
N GLU A 229 -2.72 35.16 28.25
CA GLU A 229 -2.71 33.71 28.38
C GLU A 229 -3.05 33.00 27.08
N THR A 230 -3.79 33.66 26.18
CA THR A 230 -4.29 33.03 24.96
C THR A 230 -3.46 33.39 23.73
N GLU A 231 -2.22 33.85 23.89
CA GLU A 231 -1.36 34.04 22.73
C GLU A 231 0.04 33.50 23.05
N SER A 232 0.75 33.11 22.00
CA SER A 232 2.13 32.67 22.17
C SER A 232 2.93 33.78 22.82
N ALA A 233 3.77 33.43 23.81
CA ALA A 233 4.62 34.43 24.42
C ALA A 233 5.64 34.98 23.43
N ASN A 234 5.85 34.29 22.31
CA ASN A 234 6.82 34.77 21.32
C ASN A 234 6.41 36.10 20.72
N TYR A 235 5.10 36.40 20.67
CA TYR A 235 4.69 37.71 20.20
C TYR A 235 5.06 38.83 21.15
N GLY A 236 5.56 38.51 22.35
CA GLY A 236 6.06 39.54 23.25
C GLY A 236 7.39 40.12 22.84
N TYR A 237 8.08 39.51 21.87
CA TYR A 237 9.31 40.05 21.31
C TYR A 237 9.05 40.50 19.88
N LYS A 238 9.57 41.67 19.53
CA LYS A 238 9.47 42.24 18.19
C LYS A 238 10.87 42.40 17.61
N PHE A 239 11.06 41.89 16.40
CA PHE A 239 12.34 41.93 15.72
C PHE A 239 12.91 43.35 15.70
N GLY A 240 14.12 43.49 16.24
CA GLY A 240 14.79 44.77 16.23
C GLY A 240 14.48 45.71 17.39
N GLN A 241 13.63 45.31 18.34
CA GLN A 241 13.40 46.15 19.50
C GLN A 241 14.71 46.34 20.27
N GLU A 242 14.83 47.50 20.93
CA GLU A 242 16.09 47.83 21.58
C GLU A 242 16.23 47.21 22.96
N GLU A 243 15.12 47.01 23.67
CA GLU A 243 15.21 46.47 25.02
C GLU A 243 15.37 44.95 24.98
N GLU A 244 16.15 44.43 25.92
CA GLU A 244 16.22 42.99 26.11
C GLU A 244 14.85 42.43 26.45
N THR A 245 14.59 41.20 26.01
CA THR A 245 13.27 40.62 26.11
C THR A 245 13.10 39.71 27.33
N TYR A 246 14.19 39.42 28.04
CA TYR A 246 14.15 38.68 29.29
C TYR A 246 14.99 39.41 30.32
N ASN A 247 14.77 39.06 31.59
CA ASN A 247 15.42 39.67 32.74
C ASN A 247 16.63 38.82 33.14
N ILE A 248 17.82 39.21 32.67
CA ILE A 248 19.01 38.40 32.97
C ILE A 248 19.30 38.42 34.48
N VAL A 249 18.90 39.48 35.18
CA VAL A 249 19.13 39.54 36.62
C VAL A 249 18.30 38.47 37.33
N ALA A 250 17.05 38.25 36.88
CA ALA A 250 16.24 37.16 37.42
C ALA A 250 16.82 35.80 37.08
N ALA A 251 17.25 35.61 35.83
CA ALA A 251 17.82 34.32 35.43
C ALA A 251 19.05 33.96 36.27
N HIS A 252 19.95 34.93 36.46
CA HIS A 252 21.13 34.71 37.29
C HIS A 252 20.73 34.48 38.76
N GLY A 253 19.74 35.25 39.25
CA GLY A 253 19.25 35.03 40.59
C GLY A 253 18.71 33.63 40.80
N TYR A 254 18.12 33.03 39.76
CA TYR A 254 17.69 31.64 39.83
C TYR A 254 18.89 30.68 39.79
N PHE A 255 19.72 30.80 38.75
CA PHE A 255 20.76 29.79 38.54
C PHE A 255 21.82 29.85 39.63
N GLY A 256 22.11 31.06 40.13
CA GLY A 256 23.06 31.22 41.21
C GLY A 256 22.57 30.60 42.50
N ARG A 257 21.26 30.51 42.69
CA ARG A 257 20.75 29.79 43.84
C ARG A 257 20.61 28.29 43.58
N LEU A 258 20.46 27.90 42.31
CA LEU A 258 20.40 26.48 41.98
C LEU A 258 21.69 25.79 42.38
N ILE A 259 22.83 26.39 42.04
CA ILE A 259 24.14 25.89 42.43
C ILE A 259 24.66 26.74 43.59
N PHE A 260 25.50 27.73 43.29
CA PHE A 260 25.82 28.80 44.24
C PHE A 260 26.16 30.03 43.41
N GLN A 261 26.17 31.18 44.08
CA GLN A 261 26.14 32.46 43.35
C GLN A 261 27.27 32.57 42.34
N TYR A 262 28.49 32.17 42.72
CA TYR A 262 29.67 32.40 41.90
C TYR A 262 29.85 31.34 40.82
N ALA A 263 28.96 30.35 40.73
CA ALA A 263 28.98 29.39 39.64
C ALA A 263 28.12 29.84 38.48
N SER A 264 27.49 31.00 38.57
CA SER A 264 26.54 31.50 37.59
C SER A 264 27.11 32.74 36.89
N PHE A 265 26.77 32.90 35.61
CA PHE A 265 27.21 34.04 34.81
C PHE A 265 26.24 35.19 35.04
N ASN A 266 26.76 36.36 35.43
CA ASN A 266 25.92 37.55 35.39
C ASN A 266 26.21 38.42 34.17
N ASN A 267 27.29 38.15 33.45
CA ASN A 267 27.69 38.92 32.28
C ASN A 267 27.28 38.16 31.03
N SER A 268 26.33 38.73 30.27
CA SER A 268 25.82 38.06 29.07
C SER A 268 26.93 37.82 28.05
N ARG A 269 27.91 38.73 27.96
CA ARG A 269 28.98 38.52 27.00
C ARG A 269 29.84 37.34 27.41
N SER A 270 30.17 37.24 28.70
CA SER A 270 30.90 36.10 29.22
CA SER A 270 30.90 36.10 29.20
C SER A 270 30.12 34.81 28.97
N LEU A 271 28.83 34.83 29.28
CA LEU A 271 27.98 33.66 29.09
C LEU A 271 28.01 33.19 27.64
N HIS A 272 27.78 34.10 26.70
CA HIS A 272 27.71 33.67 25.32
C HIS A 272 29.08 33.30 24.79
N PHE A 273 30.16 33.91 25.31
CA PHE A 273 31.48 33.43 24.93
C PHE A 273 31.67 31.99 25.38
N PHE A 274 31.24 31.67 26.60
CA PHE A 274 31.34 30.29 27.08
C PHE A 274 30.53 29.34 26.20
N LEU A 275 29.31 29.74 25.81
CA LEU A 275 28.50 28.89 24.93
C LEU A 275 29.21 28.62 23.60
N ALA A 276 29.92 29.62 23.07
CA ALA A 276 30.69 29.38 21.85
C ALA A 276 31.88 28.47 22.10
N ALA A 277 32.65 28.77 23.16
CA ALA A 277 33.96 28.15 23.31
C ALA A 277 33.87 26.68 23.69
N TRP A 278 32.91 26.31 24.55
CA TRP A 278 32.90 24.94 25.07
C TRP A 278 32.70 23.91 23.95
N PRO A 279 31.64 23.95 23.15
CA PRO A 279 31.52 22.98 22.06
C PRO A 279 32.60 23.15 21.00
N VAL A 280 33.02 24.38 20.70
CA VAL A 280 34.00 24.57 19.62
C VAL A 280 35.33 23.93 20.00
N VAL A 281 35.82 24.20 21.22
CA VAL A 281 37.08 23.62 21.65
C VAL A 281 36.96 22.10 21.73
N GLY A 282 35.87 21.60 22.32
CA GLY A 282 35.68 20.16 22.40
C GLY A 282 35.67 19.47 21.04
N VAL A 283 35.02 20.09 20.06
CA VAL A 283 34.97 19.50 18.73
C VAL A 283 36.32 19.66 18.01
N TRP A 284 37.06 20.73 18.29
CA TRP A 284 38.44 20.80 17.81
C TRP A 284 39.24 19.57 18.27
N PHE A 285 39.15 19.23 19.56
CA PHE A 285 39.86 18.04 20.03
C PHE A 285 39.31 16.76 19.40
N ALA A 286 38.00 16.69 19.17
CA ALA A 286 37.46 15.54 18.44
C ALA A 286 38.15 15.40 17.09
N ALA A 287 38.18 16.49 16.33
CA ALA A 287 38.81 16.48 15.01
C ALA A 287 40.28 16.10 15.10
N LEU A 288 40.97 16.59 16.13
CA LEU A 288 42.38 16.27 16.29
C LEU A 288 42.57 14.84 16.73
N GLY A 289 41.59 14.27 17.43
CA GLY A 289 41.63 12.84 17.74
C GLY A 289 41.67 12.00 16.47
N ILE A 290 40.70 12.24 15.57
CA ILE A 290 40.70 11.52 14.29
C ILE A 290 41.98 11.80 13.51
N SER A 291 42.40 13.08 13.49
CA SER A 291 43.53 13.46 12.66
C SER A 291 44.87 12.95 13.19
N THR A 292 44.97 12.61 14.48
CA THR A 292 46.21 12.04 15.00
C THR A 292 46.17 10.52 15.09
N MET A 293 44.98 9.93 15.32
CA MET A 293 44.83 8.51 15.10
C MET A 293 45.01 8.17 13.63
N ALA A 294 44.89 9.15 12.75
CA ALA A 294 45.27 8.97 11.35
C ALA A 294 46.73 8.54 11.22
N PHE A 295 47.57 8.91 12.19
CA PHE A 295 48.97 8.47 12.20
C PHE A 295 49.22 7.46 13.32
N ASN A 296 48.17 6.75 13.74
CA ASN A 296 48.26 5.55 14.57
C ASN A 296 48.81 5.82 15.95
N LEU A 297 48.63 7.03 16.48
CA LEU A 297 48.82 7.27 17.90
C LEU A 297 47.45 7.07 18.55
N ASN A 298 47.25 5.92 19.18
CA ASN A 298 45.91 5.44 19.47
C ASN A 298 45.51 5.62 20.93
N GLY A 299 44.26 5.23 21.23
CA GLY A 299 43.76 5.36 22.59
C GLY A 299 44.59 4.58 23.59
N PHE A 300 44.40 4.90 24.88
CA PHE A 300 45.13 4.21 25.94
C PHE A 300 44.92 2.70 25.85
N ASN A 301 46.01 1.95 26.03
CA ASN A 301 46.00 0.49 26.00
C ASN A 301 46.37 -0.03 27.39
N PHE A 302 45.36 -0.51 28.13
CA PHE A 302 45.59 -1.13 29.43
C PHE A 302 45.32 -2.64 29.40
N ASN A 303 45.56 -3.28 28.25
CA ASN A 303 45.34 -4.72 28.10
C ASN A 303 46.32 -5.51 28.96
N HIS A 304 45.79 -6.26 29.93
CA HIS A 304 46.60 -7.01 30.91
C HIS A 304 47.44 -6.08 31.81
N SER A 305 46.92 -4.90 32.13
CA SER A 305 47.67 -4.01 33.01
C SER A 305 47.66 -4.48 34.45
N VAL A 306 46.61 -5.18 34.88
CA VAL A 306 46.49 -5.62 36.27
C VAL A 306 46.82 -7.10 36.34
N ILE A 307 47.77 -7.43 37.21
CA ILE A 307 48.41 -8.74 37.32
C ILE A 307 48.48 -9.10 38.80
N ASP A 308 48.21 -10.37 39.15
CA ASP A 308 48.21 -10.74 40.56
C ASP A 308 49.63 -11.17 40.99
N ALA A 309 49.76 -11.69 42.22
CA ALA A 309 51.09 -11.94 42.77
C ALA A 309 51.82 -13.05 42.01
N LYS A 310 51.09 -14.04 41.51
CA LYS A 310 51.71 -15.09 40.71
C LYS A 310 52.02 -14.63 39.30
N GLY A 311 51.23 -13.68 38.78
CA GLY A 311 51.30 -13.29 37.38
C GLY A 311 50.05 -13.58 36.58
N ASN A 312 49.00 -14.12 37.19
CA ASN A 312 47.73 -14.25 36.49
C ASN A 312 47.24 -12.88 36.05
N VAL A 313 46.68 -12.81 34.85
CA VAL A 313 46.03 -11.57 34.43
C VAL A 313 44.72 -11.41 35.18
N ILE A 314 44.54 -10.25 35.80
CA ILE A 314 43.26 -9.89 36.40
C ILE A 314 42.59 -8.89 35.46
N ASN A 315 41.53 -9.32 34.77
CA ASN A 315 40.88 -8.46 33.80
C ASN A 315 40.28 -7.21 34.46
N THR A 316 40.30 -6.10 33.72
CA THR A 316 39.51 -4.93 34.05
C THR A 316 38.53 -4.68 32.91
N TRP A 317 37.68 -3.64 33.06
CA TRP A 317 36.77 -3.28 31.99
C TRP A 317 37.51 -2.99 30.69
N ALA A 318 38.77 -2.53 30.77
CA ALA A 318 39.57 -2.32 29.57
C ALA A 318 39.78 -3.62 28.82
N ASP A 319 39.95 -4.73 29.54
CA ASP A 319 40.13 -6.01 28.86
C ASP A 319 38.85 -6.48 28.20
N ILE A 320 37.68 -6.15 28.77
CA ILE A 320 36.42 -6.48 28.12
C ILE A 320 36.25 -5.65 26.86
N ILE A 321 36.59 -4.35 26.92
CA ILE A 321 36.63 -3.55 25.70
C ILE A 321 37.50 -4.24 24.66
N ASN A 322 38.65 -4.75 25.08
CA ASN A 322 39.57 -5.38 24.15
C ASN A 322 38.94 -6.57 23.44
N ARG A 323 38.17 -7.38 24.18
CA ARG A 323 37.49 -8.52 23.53
C ARG A 323 36.52 -8.05 22.46
N ALA A 324 35.77 -6.97 22.74
CA ALA A 324 34.85 -6.45 21.73
C ALA A 324 35.59 -5.94 20.51
N ASN A 325 36.67 -5.18 20.74
CA ASN A 325 37.50 -4.69 19.64
C ASN A 325 38.03 -5.83 18.78
N LEU A 326 38.47 -6.93 19.42
CA LEU A 326 38.95 -8.09 18.67
C LEU A 326 37.88 -8.64 17.74
N GLY A 327 36.65 -8.76 18.25
CA GLY A 327 35.56 -9.22 17.40
C GLY A 327 35.39 -8.35 16.16
N MET A 328 35.48 -7.03 16.33
CA MET A 328 35.43 -6.12 15.19
C MET A 328 36.60 -6.35 14.26
N GLU A 329 37.81 -6.40 14.83
CA GLU A 329 39.03 -6.58 14.06
C GLU A 329 38.99 -7.84 13.21
N VAL A 330 38.68 -8.99 13.81
CA VAL A 330 38.84 -10.23 13.02
C VAL A 330 37.80 -10.34 11.92
N MET A 331 36.65 -9.66 12.07
CA MET A 331 35.57 -9.81 11.09
C MET A 331 35.59 -8.76 9.99
N HIS A 332 36.13 -7.56 10.22
CA HIS A 332 36.00 -6.49 9.24
C HIS A 332 36.77 -6.85 7.97
N GLU A 333 36.20 -6.51 6.81
CA GLU A 333 36.84 -6.75 5.52
C GLU A 333 37.39 -8.17 5.44
N ARG A 334 36.47 -9.12 5.63
CA ARG A 334 36.78 -10.52 5.89
C ARG A 334 37.58 -11.22 4.78
N ASN A 335 37.67 -10.64 3.58
CA ASN A 335 38.42 -11.26 2.48
C ASN A 335 39.65 -10.44 2.08
N ALA A 336 39.95 -9.34 2.76
CA ALA A 336 40.96 -8.41 2.31
C ALA A 336 42.36 -8.67 2.87
N HIS A 337 42.50 -9.39 3.99
CA HIS A 337 43.80 -9.56 4.63
C HIS A 337 44.35 -10.95 4.34
N ASN A 338 45.61 -11.00 3.87
CA ASN A 338 46.34 -12.24 3.62
C ASN A 338 47.43 -12.53 4.64
N PHE A 339 47.88 -11.53 5.37
CA PHE A 339 49.00 -11.62 6.29
C PHE A 339 48.51 -11.23 7.69
N PRO A 340 49.23 -11.64 8.75
CA PRO A 340 48.58 -11.70 10.07
C PRO A 340 48.33 -10.36 10.75
N LEU A 341 48.99 -9.29 10.33
CA LEU A 341 48.86 -8.00 10.99
C LEU A 341 48.16 -7.01 10.07
N ASP A 342 47.20 -6.25 10.64
CA ASP A 342 46.49 -5.19 9.91
C ASP A 342 47.26 -3.91 10.15
N LEU A 343 48.16 -3.56 9.24
CA LEU A 343 49.10 -2.47 9.48
C LEU A 343 48.65 -1.13 8.91
N ALA A 344 47.56 -1.11 8.18
CA ALA A 344 46.92 0.13 7.76
C ALA A 344 45.53 -0.26 7.31
N GLY B 1 -4.09 34.49 17.45
CA GLY B 1 -5.00 33.48 17.96
C GLY B 1 -4.26 32.49 18.84
N LEU B 2 -4.94 31.40 19.21
CA LEU B 2 -4.28 30.33 19.94
C LEU B 2 -3.31 29.61 19.01
N PRO B 3 -2.10 29.30 19.48
CA PRO B 3 -1.24 28.41 18.71
C PRO B 3 -1.82 27.00 18.67
N TRP B 4 -1.34 26.21 17.72
CA TRP B 4 -1.98 24.93 17.44
C TRP B 4 -1.95 24.01 18.67
N TYR B 5 -0.91 24.10 19.50
CA TYR B 5 -0.76 23.18 20.64
C TYR B 5 -1.60 23.59 21.85
N ARG B 6 -2.41 24.66 21.74
CA ARG B 6 -3.29 25.10 22.81
C ARG B 6 -4.78 25.08 22.45
N VAL B 7 -5.17 24.52 21.28
CA VAL B 7 -6.56 24.70 20.84
C VAL B 7 -7.53 24.17 21.88
N HIS B 8 -7.17 23.11 22.59
CA HIS B 8 -8.12 22.49 23.50
C HIS B 8 -8.27 23.24 24.82
N THR B 9 -7.45 24.26 25.09
CA THR B 9 -7.64 25.06 26.30
C THR B 9 -8.97 25.81 26.32
N VAL B 10 -9.71 25.88 25.21
CA VAL B 10 -11.03 26.53 25.26
C VAL B 10 -11.98 25.80 26.19
N LEU B 11 -11.65 24.58 26.62
CA LEU B 11 -12.52 23.80 27.49
C LEU B 11 -12.30 24.08 28.98
N ILE B 12 -11.25 24.83 29.35
CA ILE B 12 -10.86 24.93 30.75
C ILE B 12 -11.97 25.54 31.61
N ASN B 13 -12.67 26.53 31.08
CA ASN B 13 -13.74 27.19 31.83
C ASN B 13 -15.12 26.89 31.28
N ASP B 14 -15.29 25.72 30.68
CA ASP B 14 -16.54 25.34 30.00
C ASP B 14 -16.84 23.90 30.34
N PRO B 15 -17.40 23.65 31.55
CA PRO B 15 -17.58 22.24 31.98
C PRO B 15 -18.44 21.41 31.06
N GLY B 16 -19.47 22.00 30.45
CA GLY B 16 -20.34 21.21 29.57
C GLY B 16 -19.61 20.72 28.34
N ARG B 17 -18.78 21.58 27.73
CA ARG B 17 -18.04 21.13 26.55
C ARG B 17 -16.85 20.26 26.93
N LEU B 18 -16.32 20.42 28.16
CA LEU B 18 -15.33 19.46 28.64
C LEU B 18 -15.94 18.08 28.76
N ILE B 19 -17.13 17.99 29.36
CA ILE B 19 -17.84 16.72 29.42
C ILE B 19 -18.10 16.18 28.01
N ALA B 20 -18.48 17.06 27.07
CA ALA B 20 -18.67 16.64 25.68
C ALA B 20 -17.38 16.06 25.09
N ALA B 21 -16.25 16.73 25.30
CA ALA B 21 -14.99 16.24 24.74
C ALA B 21 -14.58 14.93 25.40
N HIS B 22 -14.85 14.80 26.70
CA HIS B 22 -14.57 13.53 27.37
C HIS B 22 -15.49 12.42 26.86
N LEU B 23 -16.76 12.74 26.61
CA LEU B 23 -17.68 11.77 26.01
C LEU B 23 -17.20 11.33 24.65
N MET B 24 -16.74 12.27 23.82
CA MET B 24 -16.22 11.92 22.51
C MET B 24 -14.97 11.04 22.63
N HIS B 25 -14.06 11.39 23.53
CA HIS B 25 -12.90 10.53 23.76
C HIS B 25 -13.34 9.12 24.16
N THR B 26 -14.30 9.03 25.08
CA THR B 26 -14.80 7.74 25.54
C THR B 26 -15.47 6.96 24.40
N ALA B 27 -16.21 7.66 23.54
CA ALA B 27 -16.80 7.04 22.37
C ALA B 27 -15.72 6.46 21.45
N LEU B 28 -14.65 7.22 21.24
CA LEU B 28 -13.57 6.74 20.37
C LEU B 28 -12.87 5.51 20.96
N VAL B 29 -12.62 5.51 22.27
CA VAL B 29 -11.93 4.38 22.88
C VAL B 29 -12.82 3.14 22.84
N ALA B 30 -14.11 3.31 23.18
CA ALA B 30 -15.04 2.18 23.13
C ALA B 30 -15.18 1.66 21.70
N GLY B 31 -15.22 2.56 20.73
CA GLY B 31 -15.30 2.13 19.33
C GLY B 31 -14.04 1.42 18.87
N TRP B 32 -12.88 1.90 19.33
CA TRP B 32 -11.64 1.17 19.06
C TRP B 32 -11.71 -0.25 19.61
N ALA B 33 -12.21 -0.41 20.83
CA ALA B 33 -12.27 -1.75 21.41
C ALA B 33 -13.18 -2.66 20.59
N GLY B 34 -14.35 -2.16 20.20
CA GLY B 34 -15.24 -2.96 19.37
C GLY B 34 -14.63 -3.30 18.03
N SER B 35 -14.08 -2.30 17.33
CA SER B 35 -13.44 -2.52 16.04
CA SER B 35 -13.49 -2.57 16.04
C SER B 35 -12.30 -3.51 16.16
N MET B 36 -11.51 -3.38 17.24
CA MET B 36 -10.35 -4.27 17.42
C MET B 36 -10.80 -5.70 17.61
N ALA B 37 -11.83 -5.92 18.43
CA ALA B 37 -12.33 -7.27 18.62
C ALA B 37 -12.88 -7.84 17.32
N LEU B 38 -13.57 -7.03 16.52
CA LEU B 38 -14.10 -7.52 15.26
C LEU B 38 -12.98 -7.90 14.30
N TYR B 39 -11.94 -7.07 14.20
CA TYR B 39 -10.80 -7.40 13.35
C TYR B 39 -10.14 -8.70 13.82
N GLU B 40 -9.98 -8.86 15.14
CA GLU B 40 -9.38 -10.10 15.61
C GLU B 40 -10.26 -11.30 15.32
N LEU B 41 -11.58 -11.19 15.51
CA LEU B 41 -12.46 -12.30 15.17
C LEU B 41 -12.42 -12.63 13.69
N ALA B 42 -12.22 -11.62 12.84
CA ALA B 42 -12.13 -11.85 11.40
C ALA B 42 -10.83 -12.53 11.00
N THR B 43 -9.83 -12.56 11.87
CA THR B 43 -8.55 -13.15 11.55
C THR B 43 -8.17 -14.32 12.44
N PHE B 44 -8.82 -14.50 13.59
CA PHE B 44 -8.41 -15.52 14.55
C PHE B 44 -8.81 -16.91 14.07
N ASP B 45 -7.86 -17.84 14.12
CA ASP B 45 -8.09 -19.24 13.81
C ASP B 45 -8.23 -20.01 15.12
N PRO B 46 -9.44 -20.48 15.47
CA PRO B 46 -9.65 -21.19 16.74
C PRO B 46 -9.38 -22.68 16.70
N SER B 47 -8.80 -23.21 15.63
CA SER B 47 -8.80 -24.66 15.46
C SER B 47 -7.71 -25.41 16.23
N ASP B 48 -6.78 -24.74 16.92
CA ASP B 48 -5.70 -25.44 17.62
C ASP B 48 -5.16 -24.62 18.76
N PRO B 49 -5.81 -24.70 19.93
CA PRO B 49 -5.28 -24.01 21.13
C PRO B 49 -3.96 -24.57 21.63
N VAL B 50 -3.51 -25.71 21.11
CA VAL B 50 -2.26 -26.30 21.59
C VAL B 50 -1.05 -25.64 20.93
N LEU B 51 -0.98 -25.66 19.60
CA LEU B 51 0.18 -25.10 18.90
C LEU B 51 -0.13 -23.83 18.12
N ASN B 52 -1.39 -23.40 18.05
CA ASN B 52 -1.72 -22.11 17.44
C ASN B 52 -2.68 -21.32 18.34
N PRO B 53 -2.31 -21.09 19.60
CA PRO B 53 -3.17 -20.29 20.48
C PRO B 53 -3.14 -18.83 20.08
N MET B 54 -4.03 -18.06 20.73
CA MET B 54 -4.22 -16.65 20.38
C MET B 54 -2.91 -15.85 20.41
N TRP B 55 -2.01 -16.18 21.34
CA TRP B 55 -0.80 -15.35 21.47
C TRP B 55 0.23 -15.63 20.37
N ARG B 56 0.08 -16.72 19.61
CA ARG B 56 0.88 -16.91 18.39
C ARG B 56 0.32 -16.12 17.21
N GLN B 57 -0.92 -15.63 17.30
CA GLN B 57 -1.63 -15.03 16.19
C GLN B 57 -1.74 -13.52 16.28
N GLY B 58 -0.96 -12.88 17.15
CA GLY B 58 -1.01 -11.43 17.23
C GLY B 58 -2.26 -10.89 17.88
N MET B 59 -2.93 -11.69 18.70
CA MET B 59 -4.18 -11.27 19.30
C MET B 59 -3.90 -10.41 20.52
N PHE B 60 -4.50 -9.24 20.55
CA PHE B 60 -4.23 -8.25 21.60
C PHE B 60 -5.41 -8.05 22.54
N VAL B 61 -6.65 -7.95 22.03
CA VAL B 61 -7.78 -7.79 22.94
C VAL B 61 -8.45 -9.13 23.27
N LEU B 62 -8.38 -10.13 22.38
CA LEU B 62 -8.91 -11.45 22.71
C LEU B 62 -8.47 -11.97 24.08
N PRO B 63 -7.17 -11.90 24.48
CA PRO B 63 -6.81 -12.37 25.83
C PRO B 63 -7.46 -11.57 26.95
N PHE B 64 -7.77 -10.28 26.72
CA PHE B 64 -8.41 -9.51 27.77
C PHE B 64 -9.87 -9.90 27.95
N MET B 65 -10.57 -10.24 26.86
CA MET B 65 -11.90 -10.80 27.01
C MET B 65 -11.87 -12.14 27.73
N ALA B 66 -10.92 -12.99 27.34
CA ALA B 66 -10.79 -14.31 27.95
C ALA B 66 -10.41 -14.22 29.43
N ARG B 67 -9.57 -13.25 29.79
CA ARG B 67 -9.11 -13.15 31.17
C ARG B 67 -10.29 -13.02 32.13
N LEU B 68 -11.34 -12.33 31.73
CA LEU B 68 -12.46 -12.06 32.64
C LEU B 68 -13.67 -12.95 32.37
N GLY B 69 -13.55 -13.97 31.51
CA GLY B 69 -14.59 -14.97 31.38
C GLY B 69 -15.26 -15.06 30.02
N VAL B 70 -14.92 -14.24 29.04
CA VAL B 70 -15.50 -14.36 27.70
C VAL B 70 -14.60 -15.30 26.91
N THR B 71 -15.09 -16.52 26.66
CA THR B 71 -14.28 -17.57 26.06
C THR B 71 -14.88 -18.20 24.80
N GLY B 72 -16.11 -17.87 24.43
CA GLY B 72 -16.77 -18.55 23.34
C GLY B 72 -17.24 -17.63 22.22
N SER B 73 -17.49 -18.22 21.06
CA SER B 73 -18.03 -17.51 19.91
C SER B 73 -19.45 -17.97 19.64
N TRP B 74 -20.27 -17.03 19.14
CA TRP B 74 -21.61 -17.40 18.65
C TRP B 74 -21.54 -18.53 17.63
N SER B 75 -20.42 -18.64 16.92
CA SER B 75 -20.28 -19.68 15.91
C SER B 75 -20.02 -21.07 16.50
N GLY B 76 -19.90 -21.20 17.82
CA GLY B 76 -19.86 -22.49 18.48
C GLY B 76 -18.52 -22.91 19.07
N TRP B 77 -17.42 -22.25 18.74
CA TRP B 77 -16.13 -22.68 19.29
C TRP B 77 -15.83 -21.94 20.60
N SER B 78 -14.87 -22.47 21.35
CA SER B 78 -14.36 -21.81 22.54
C SER B 78 -12.85 -21.80 22.49
N ILE B 79 -12.22 -20.85 23.21
CA ILE B 79 -10.76 -20.78 23.16
C ILE B 79 -10.09 -21.93 23.89
N THR B 80 -10.81 -22.67 24.72
CA THR B 80 -10.21 -23.86 25.31
C THR B 80 -10.32 -25.08 24.40
N GLY B 81 -10.93 -24.93 23.23
CA GLY B 81 -11.02 -26.01 22.26
C GLY B 81 -12.28 -26.85 22.32
N GLU B 82 -13.29 -26.40 23.04
CA GLU B 82 -14.55 -27.13 23.09
C GLU B 82 -15.40 -26.84 21.86
N THR B 83 -16.30 -27.77 21.54
CA THR B 83 -17.24 -27.66 20.43
C THR B 83 -18.67 -27.65 20.94
N GLY B 84 -19.57 -27.12 20.11
CA GLY B 84 -20.98 -27.09 20.45
C GLY B 84 -21.29 -26.32 21.70
N ILE B 85 -20.51 -25.29 21.99
CA ILE B 85 -20.74 -24.46 23.17
C ILE B 85 -21.70 -23.34 22.81
N ASP B 86 -22.55 -22.97 23.77
CA ASP B 86 -23.43 -21.81 23.64
C ASP B 86 -23.04 -20.79 24.69
N PRO B 87 -22.37 -19.71 24.31
CA PRO B 87 -21.94 -18.69 25.30
C PRO B 87 -23.03 -17.71 25.68
N GLY B 88 -24.25 -17.86 25.16
CA GLY B 88 -25.22 -16.82 25.40
C GLY B 88 -24.82 -15.57 24.62
N PHE B 89 -25.34 -14.42 25.08
CA PHE B 89 -25.05 -13.19 24.36
C PHE B 89 -23.59 -12.79 24.50
N TRP B 90 -23.00 -13.01 25.67
CA TRP B 90 -21.67 -12.46 25.97
C TRP B 90 -20.56 -13.34 25.41
N SER B 91 -20.64 -13.57 24.10
CA SER B 91 -19.55 -14.11 23.30
C SER B 91 -18.59 -13.00 22.94
N PHE B 92 -17.47 -13.34 22.28
CA PHE B 92 -16.60 -12.29 21.76
C PHE B 92 -17.38 -11.33 20.88
N GLU B 93 -18.31 -11.85 20.05
CA GLU B 93 -19.09 -11.00 19.16
C GLU B 93 -20.02 -10.08 19.95
N GLY B 94 -20.69 -10.61 20.98
CA GLY B 94 -21.59 -9.77 21.77
C GLY B 94 -20.86 -8.66 22.50
N VAL B 95 -19.67 -8.98 23.03
CA VAL B 95 -18.82 -7.96 23.65
C VAL B 95 -18.49 -6.87 22.65
N ALA B 96 -18.07 -7.26 21.46
CA ALA B 96 -17.73 -6.30 20.42
C ALA B 96 -18.94 -5.43 20.06
N LEU B 97 -20.10 -6.07 19.83
CA LEU B 97 -21.32 -5.33 19.52
C LEU B 97 -21.67 -4.35 20.63
N ALA B 98 -21.61 -4.79 21.89
CA ALA B 98 -21.90 -3.90 23.01
C ALA B 98 -20.99 -2.68 22.99
N HIS B 99 -19.71 -2.85 22.64
CA HIS B 99 -18.82 -1.69 22.67
C HIS B 99 -19.14 -0.73 21.52
N ILE B 100 -19.56 -1.27 20.38
CA ILE B 100 -19.95 -0.42 19.25
C ILE B 100 -21.19 0.38 19.59
N VAL B 101 -22.19 -0.27 20.17
CA VAL B 101 -23.41 0.43 20.54
C VAL B 101 -23.13 1.48 21.61
N LEU B 102 -22.32 1.12 22.62
CA LEU B 102 -21.90 2.10 23.62
C LEU B 102 -21.25 3.30 22.95
N SER B 103 -20.34 3.03 22.01
CA SER B 103 -19.66 4.10 21.29
C SER B 103 -20.67 5.07 20.68
N GLY B 104 -21.68 4.54 19.97
CA GLY B 104 -22.66 5.40 19.34
C GLY B 104 -23.46 6.23 20.33
N LEU B 105 -23.88 5.61 21.44
CA LEU B 105 -24.63 6.35 22.46
C LEU B 105 -23.79 7.46 23.06
N LEU B 106 -22.51 7.19 23.32
CA LEU B 106 -21.63 8.22 23.88
C LEU B 106 -21.43 9.35 22.89
N PHE B 107 -21.34 9.03 21.59
CA PHE B 107 -21.25 10.04 20.56
C PHE B 107 -22.48 10.97 20.59
N LEU B 108 -23.67 10.39 20.71
CA LEU B 108 -24.88 11.23 20.75
C LEU B 108 -24.92 12.08 22.01
N ALA B 109 -24.56 11.51 23.16
CA ALA B 109 -24.48 12.30 24.39
C ALA B 109 -23.49 13.45 24.23
N ALA B 110 -22.38 13.21 23.54
CA ALA B 110 -21.39 14.27 23.33
C ALA B 110 -21.99 15.42 22.54
N CYS B 111 -22.77 15.12 21.48
CA CYS B 111 -23.44 16.18 20.71
C CYS B 111 -24.36 16.99 21.62
N TRP B 112 -25.15 16.32 22.45
CA TRP B 112 -26.07 17.04 23.33
C TRP B 112 -25.30 17.98 24.27
N HIS B 113 -24.24 17.46 24.89
CA HIS B 113 -23.54 18.29 25.87
C HIS B 113 -22.77 19.43 25.22
N TRP B 114 -22.36 19.26 23.96
CA TRP B 114 -21.69 20.34 23.23
C TRP B 114 -22.66 21.49 22.91
N VAL B 115 -23.88 21.14 22.47
CA VAL B 115 -24.84 22.17 22.11
C VAL B 115 -25.41 22.81 23.37
N TYR B 116 -25.80 21.98 24.34
CA TYR B 116 -26.37 22.50 25.57
C TYR B 116 -25.29 22.60 26.66
N TRP B 117 -24.24 23.37 26.34
CA TRP B 117 -23.12 23.56 27.26
C TRP B 117 -23.49 24.48 28.43
N ASP B 118 -24.46 25.37 28.24
CA ASP B 118 -24.70 26.44 29.23
C ASP B 118 -25.77 26.02 30.23
N LEU B 119 -25.45 25.01 31.02
CA LEU B 119 -26.36 24.52 32.05
C LEU B 119 -26.11 25.24 33.38
N GLU B 120 -27.22 25.55 34.08
CA GLU B 120 -27.12 26.23 35.36
C GLU B 120 -26.32 25.42 36.37
N LEU B 121 -26.37 24.08 36.23
CA LEU B 121 -25.60 23.18 37.08
C LEU B 121 -24.12 23.52 37.13
N PHE B 122 -23.58 24.04 36.02
CA PHE B 122 -22.16 24.34 35.92
C PHE B 122 -21.80 25.74 36.43
N ARG B 123 -22.77 26.49 36.94
CA ARG B 123 -22.53 27.82 37.47
C ARG B 123 -22.47 27.80 38.99
N ASP B 124 -21.48 28.47 39.56
CA ASP B 124 -21.44 28.71 41.00
C ASP B 124 -22.66 29.53 41.41
N PRO B 125 -23.51 29.03 42.32
CA PRO B 125 -24.72 29.80 42.68
C PRO B 125 -24.44 31.17 43.27
N ARG B 126 -23.27 31.38 43.87
CA ARG B 126 -22.99 32.67 44.47
CA ARG B 126 -22.97 32.66 44.48
C ARG B 126 -22.51 33.69 43.44
N THR B 127 -21.66 33.28 42.50
CA THR B 127 -21.05 34.21 41.57
C THR B 127 -21.64 34.19 40.16
N GLY B 128 -22.37 33.15 39.80
CA GLY B 128 -22.81 33.00 38.43
C GLY B 128 -21.72 32.63 37.46
N GLU B 129 -20.52 32.33 37.95
CA GLU B 129 -19.45 31.97 37.05
C GLU B 129 -19.35 30.46 36.89
N PRO B 130 -18.83 29.99 35.76
CA PRO B 130 -18.60 28.55 35.62
C PRO B 130 -17.68 28.06 36.73
N ALA B 131 -18.04 26.94 37.33
CA ALA B 131 -17.28 26.42 38.46
C ALA B 131 -17.63 24.95 38.67
N LEU B 132 -16.60 24.16 38.97
CA LEU B 132 -16.72 22.78 39.37
C LEU B 132 -16.13 22.63 40.76
N ASP B 133 -16.90 22.05 41.68
CA ASP B 133 -16.40 21.81 43.03
C ASP B 133 -15.59 20.51 42.99
N LEU B 134 -14.33 20.63 42.59
CA LEU B 134 -13.49 19.45 42.36
C LEU B 134 -13.31 18.59 43.61
N PRO B 135 -13.13 19.13 44.83
CA PRO B 135 -13.03 18.24 46.00
C PRO B 135 -14.25 17.37 46.22
N LYS B 136 -15.46 17.91 46.03
CA LYS B 136 -16.64 17.06 46.24
C LYS B 136 -16.84 16.09 45.08
N MET B 137 -16.55 16.53 43.84
CA MET B 137 -16.58 15.62 42.71
C MET B 137 -15.67 14.42 42.95
N PHE B 138 -14.50 14.67 43.53
CA PHE B 138 -13.58 13.57 43.78
C PHE B 138 -14.19 12.55 44.73
N GLY B 139 -14.84 13.02 45.80
CA GLY B 139 -15.50 12.09 46.70
C GLY B 139 -16.61 11.31 46.04
N ILE B 140 -17.39 11.97 45.18
CA ILE B 140 -18.47 11.28 44.47
C ILE B 140 -17.89 10.19 43.59
N HIS B 141 -16.90 10.54 42.78
CA HIS B 141 -16.32 9.57 41.86
C HIS B 141 -15.54 8.47 42.59
N LEU B 142 -14.90 8.80 43.73
CA LEU B 142 -14.17 7.78 44.48
C LEU B 142 -15.13 6.78 45.11
N PHE B 143 -16.25 7.27 45.65
CA PHE B 143 -17.29 6.39 46.17
C PHE B 143 -17.82 5.46 45.10
N LEU B 144 -18.11 6.01 43.90
CA LEU B 144 -18.57 5.18 42.79
C LEU B 144 -17.51 4.16 42.38
N ALA B 145 -16.25 4.60 42.29
CA ALA B 145 -15.16 3.68 41.97
C ALA B 145 -15.07 2.57 43.01
N GLY B 146 -15.21 2.91 44.29
CA GLY B 146 -15.16 1.88 45.33
C GLY B 146 -16.30 0.88 45.21
N LEU B 147 -17.53 1.36 44.94
CA LEU B 147 -18.65 0.44 44.77
C LEU B 147 -18.40 -0.51 43.63
N LEU B 148 -17.87 0.00 42.51
CA LEU B 148 -17.64 -0.82 41.34
C LEU B 148 -16.51 -1.81 41.60
N CYS B 149 -15.44 -1.32 42.20
CA CYS B 149 -14.32 -2.17 42.57
C CYS B 149 -14.77 -3.31 43.47
N PHE B 150 -15.50 -2.99 44.55
CA PHE B 150 -16.02 -4.02 45.45
C PHE B 150 -16.92 -5.01 44.71
N GLY B 151 -17.83 -4.51 43.88
CA GLY B 151 -18.75 -5.41 43.19
C GLY B 151 -18.03 -6.34 42.23
N PHE B 152 -17.02 -5.81 41.54
CA PHE B 152 -16.21 -6.64 40.65
C PHE B 152 -15.58 -7.80 41.40
N GLY B 153 -15.00 -7.53 42.56
CA GLY B 153 -14.35 -8.59 43.32
C GLY B 153 -15.34 -9.52 43.97
N ALA B 154 -16.36 -8.96 44.62
CA ALA B 154 -17.28 -9.76 45.44
C ALA B 154 -18.24 -10.59 44.58
N PHE B 155 -18.59 -10.13 43.38
CA PHE B 155 -19.57 -10.83 42.55
C PHE B 155 -18.97 -11.45 41.29
N HIS B 156 -18.22 -10.69 40.50
CA HIS B 156 -17.71 -11.22 39.24
C HIS B 156 -16.60 -12.23 39.49
N LEU B 157 -15.55 -11.82 40.20
CA LEU B 157 -14.36 -12.68 40.34
C LEU B 157 -14.66 -13.93 41.18
N THR B 158 -15.50 -13.81 42.20
CA THR B 158 -15.87 -14.96 43.02
C THR B 158 -16.81 -15.93 42.32
N GLY B 159 -17.43 -15.53 41.21
CA GLY B 159 -18.50 -16.32 40.63
C GLY B 159 -19.80 -16.27 41.39
N LEU B 160 -19.90 -15.48 42.46
CA LEU B 160 -21.16 -15.36 43.18
C LEU B 160 -22.25 -14.80 42.26
N PHE B 161 -21.89 -13.86 41.40
CA PHE B 161 -22.79 -13.36 40.37
C PHE B 161 -21.90 -12.86 39.23
N GLY B 162 -21.48 -13.81 38.40
CA GLY B 162 -20.50 -13.55 37.37
C GLY B 162 -19.67 -14.80 37.12
N PRO B 163 -18.74 -14.72 36.15
CA PRO B 163 -18.07 -15.93 35.65
C PRO B 163 -16.76 -16.30 36.34
N GLY B 164 -16.15 -15.37 37.07
CA GLY B 164 -14.83 -15.65 37.63
C GLY B 164 -13.71 -15.08 36.78
N MET B 165 -12.55 -15.74 36.75
CA MET B 165 -11.42 -15.24 35.99
C MET B 165 -10.57 -16.41 35.51
N TRP B 166 -9.69 -16.13 34.55
CA TRP B 166 -8.79 -17.15 34.02
C TRP B 166 -7.79 -17.58 35.08
N VAL B 167 -7.66 -18.89 35.28
CA VAL B 167 -6.67 -19.47 36.17
C VAL B 167 -6.08 -20.70 35.49
N SER B 168 -4.88 -21.08 35.92
CA SER B 168 -4.23 -22.23 35.30
C SER B 168 -3.28 -22.89 36.31
N ASP B 169 -2.74 -24.03 35.88
CA ASP B 169 -1.69 -24.75 36.59
C ASP B 169 -0.36 -24.04 36.37
N PRO B 170 0.69 -24.41 37.11
CA PRO B 170 1.97 -23.69 36.98
C PRO B 170 2.62 -23.76 35.60
N TYR B 171 2.22 -24.69 34.72
CA TYR B 171 2.84 -24.80 33.40
C TYR B 171 1.90 -24.42 32.26
N GLY B 172 0.78 -23.75 32.56
CA GLY B 172 -0.08 -23.21 31.51
C GLY B 172 -0.61 -24.27 30.56
N LEU B 173 -1.02 -25.42 31.10
CA LEU B 173 -1.52 -26.53 30.31
C LEU B 173 -3.03 -26.69 30.36
N THR B 174 -3.67 -26.31 31.47
CA THR B 174 -5.07 -26.64 31.69
C THR B 174 -5.88 -25.42 32.09
N GLY B 175 -5.57 -24.26 31.49
CA GLY B 175 -6.23 -23.02 31.90
C GLY B 175 -7.71 -23.02 31.56
N SER B 176 -8.47 -22.28 32.38
CA SER B 176 -9.90 -22.07 32.15
C SER B 176 -10.37 -20.94 33.06
N VAL B 177 -11.60 -20.49 32.83
CA VAL B 177 -12.22 -19.48 33.68
C VAL B 177 -12.86 -20.19 34.87
N GLN B 178 -12.56 -19.72 36.08
CA GLN B 178 -13.04 -20.37 37.30
C GLN B 178 -13.45 -19.30 38.30
N PRO B 179 -14.41 -19.60 39.17
CA PRO B 179 -14.62 -18.74 40.33
C PRO B 179 -13.39 -18.80 41.23
N VAL B 180 -13.04 -17.66 41.84
CA VAL B 180 -11.87 -17.59 42.70
C VAL B 180 -12.27 -16.95 44.03
N ALA B 181 -12.00 -17.66 45.13
CA ALA B 181 -12.26 -17.17 46.47
C ALA B 181 -11.16 -16.17 46.89
N PRO B 182 -11.51 -15.17 47.69
CA PRO B 182 -10.47 -14.25 48.16
C PRO B 182 -9.50 -14.96 49.10
N GLU B 183 -8.23 -14.55 49.02
CA GLU B 183 -7.19 -15.01 49.93
C GLU B 183 -6.91 -13.90 50.95
N TRP B 184 -7.21 -14.16 52.23
CA TRP B 184 -7.12 -13.15 53.27
C TRP B 184 -5.85 -13.25 54.12
N GLY B 185 -4.98 -14.23 53.85
CA GLY B 185 -3.71 -14.33 54.52
C GLY B 185 -2.63 -13.59 53.76
N PRO B 186 -1.38 -13.68 54.21
CA PRO B 186 -0.29 -12.93 53.54
C PRO B 186 -0.03 -13.38 52.12
N ASP B 187 -0.39 -14.61 51.74
CA ASP B 187 -0.21 -15.04 50.36
C ASP B 187 -1.13 -14.32 49.40
N GLY B 188 -2.08 -13.51 49.90
CA GLY B 188 -2.84 -12.65 49.03
C GLY B 188 -2.03 -11.57 48.36
N PHE B 189 -0.84 -11.28 48.88
CA PHE B 189 0.03 -10.29 48.26
C PHE B 189 1.07 -10.92 47.36
N ASN B 190 0.96 -12.23 47.17
CA ASN B 190 1.72 -12.96 46.17
C ASN B 190 1.16 -12.64 44.80
N PRO B 191 1.94 -12.03 43.89
CA PRO B 191 1.38 -11.68 42.57
C PRO B 191 0.87 -12.86 41.78
N TYR B 192 1.33 -14.09 42.06
CA TYR B 192 0.91 -15.27 41.31
C TYR B 192 -0.31 -15.94 41.92
N ASN B 193 -0.83 -15.43 43.05
CA ASN B 193 -2.02 -16.01 43.68
C ASN B 193 -3.27 -15.30 43.20
N PRO B 194 -4.15 -15.95 42.43
CA PRO B 194 -5.37 -15.28 41.98
C PRO B 194 -6.29 -14.85 43.11
N GLY B 195 -6.34 -15.62 44.20
CA GLY B 195 -7.14 -15.23 45.35
C GLY B 195 -6.78 -13.86 45.89
N GLY B 196 -5.53 -13.43 45.68
CA GLY B 196 -5.14 -12.09 46.10
C GLY B 196 -5.78 -11.00 45.27
N VAL B 197 -6.00 -11.26 43.98
CA VAL B 197 -6.70 -10.31 43.13
C VAL B 197 -8.13 -10.12 43.63
N VAL B 198 -8.77 -11.21 44.03
CA VAL B 198 -10.14 -11.13 44.52
C VAL B 198 -10.18 -10.32 45.81
N ALA B 199 -9.30 -10.66 46.77
CA ALA B 199 -9.28 -9.97 48.05
C ALA B 199 -8.94 -8.49 47.86
N HIS B 200 -8.02 -8.19 46.94
CA HIS B 200 -7.70 -6.78 46.67
C HIS B 200 -8.95 -5.99 46.30
N HIS B 201 -9.75 -6.49 45.37
CA HIS B 201 -10.87 -5.68 44.90
C HIS B 201 -11.96 -5.56 45.95
N ILE B 202 -12.14 -6.59 46.78
CA ILE B 202 -13.09 -6.49 47.88
C ILE B 202 -12.63 -5.45 48.91
N ALA B 203 -11.36 -5.54 49.32
CA ALA B 203 -10.84 -4.69 50.40
C ALA B 203 -10.57 -3.27 49.91
N ALA B 204 -9.91 -3.12 48.76
CA ALA B 204 -9.67 -1.78 48.24
C ALA B 204 -10.97 -1.08 47.87
N GLY B 205 -11.97 -1.85 47.40
CA GLY B 205 -13.26 -1.26 47.12
C GLY B 205 -13.93 -0.69 48.36
N ILE B 206 -13.91 -1.46 49.45
CA ILE B 206 -14.48 -0.98 50.71
C ILE B 206 -13.76 0.28 51.18
N VAL B 207 -12.43 0.28 51.09
CA VAL B 207 -11.66 1.46 51.46
C VAL B 207 -12.00 2.63 50.56
N GLY B 208 -12.23 2.36 49.27
CA GLY B 208 -12.65 3.42 48.37
C GLY B 208 -14.02 3.99 48.72
N ILE B 209 -14.93 3.13 49.18
CA ILE B 209 -16.24 3.61 49.62
C ILE B 209 -16.10 4.51 50.84
N ILE B 210 -15.28 4.07 51.82
CA ILE B 210 -15.10 4.85 53.04
C ILE B 210 -14.41 6.17 52.74
N ALA B 211 -13.33 6.12 51.97
CA ALA B 211 -12.62 7.35 51.63
C ALA B 211 -13.47 8.25 50.74
N GLY B 212 -14.29 7.66 49.87
CA GLY B 212 -15.22 8.47 49.08
C GLY B 212 -16.20 9.23 49.95
N LEU B 213 -16.78 8.55 50.95
CA LEU B 213 -17.66 9.21 51.89
C LEU B 213 -16.93 10.32 52.64
N PHE B 214 -15.71 10.06 53.09
CA PHE B 214 -14.91 11.11 53.71
C PHE B 214 -14.79 12.33 52.80
N HIS B 215 -14.44 12.11 51.53
CA HIS B 215 -14.19 13.20 50.61
C HIS B 215 -15.47 13.90 50.16
N ILE B 216 -16.63 13.25 50.32
CA ILE B 216 -17.89 13.94 50.10
C ILE B 216 -18.22 14.86 51.26
N LEU B 217 -17.92 14.43 52.49
CA LEU B 217 -18.42 15.09 53.68
C LEU B 217 -17.44 16.08 54.32
N VAL B 218 -16.13 15.93 54.11
CA VAL B 218 -15.13 16.76 54.76
C VAL B 218 -14.45 17.63 53.70
N ARG B 219 -14.47 18.94 53.91
CA ARG B 219 -13.82 19.86 52.99
C ARG B 219 -12.30 19.81 53.14
N PRO B 220 -11.55 20.13 52.09
CA PRO B 220 -10.10 20.15 52.20
C PRO B 220 -9.66 21.23 53.23
N PRO B 221 -8.55 20.97 53.91
CA PRO B 221 -7.95 22.04 54.72
C PRO B 221 -7.55 23.22 53.86
N GLN B 222 -7.69 24.43 54.40
CA GLN B 222 -7.30 25.62 53.66
CA GLN B 222 -7.31 25.61 53.64
C GLN B 222 -5.85 25.52 53.21
N ARG B 223 -4.97 25.02 54.09
CA ARG B 223 -3.55 24.92 53.74
C ARG B 223 -3.35 24.06 52.50
N LEU B 224 -4.09 22.95 52.39
CA LEU B 224 -3.92 22.06 51.24
C LEU B 224 -4.64 22.61 50.01
N TYR B 225 -5.81 23.21 50.22
CA TYR B 225 -6.54 23.80 49.11
C TYR B 225 -5.68 24.82 48.38
N LYS B 226 -4.99 25.67 49.13
CA LYS B 226 -4.15 26.70 48.53
C LYS B 226 -2.89 26.09 47.92
N ALA B 227 -2.27 25.15 48.61
CA ALA B 227 -0.99 24.60 48.16
C ALA B 227 -1.15 23.81 46.87
N LEU B 228 -2.23 23.03 46.75
CA LEU B 228 -2.43 22.21 45.55
C LEU B 228 -3.31 22.90 44.51
N ARG B 229 -3.71 24.14 44.75
CA ARG B 229 -4.52 24.93 43.81
C ARG B 229 -5.81 24.20 43.44
N MET B 230 -6.57 23.83 44.48
CA MET B 230 -7.75 22.98 44.27
C MET B 230 -8.92 23.69 43.59
N GLY B 231 -8.84 25.01 43.36
CA GLY B 231 -9.82 25.65 42.50
C GLY B 231 -9.48 25.58 41.02
N ASN B 232 -8.34 24.97 40.66
CA ASN B 232 -7.81 24.94 39.30
C ASN B 232 -7.86 23.50 38.77
N ILE B 233 -8.68 23.26 37.74
CA ILE B 233 -8.85 21.91 37.23
C ILE B 233 -7.54 21.32 36.71
N GLU B 234 -6.57 22.16 36.34
CA GLU B 234 -5.31 21.59 35.87
C GLU B 234 -4.52 20.91 36.99
N THR B 235 -4.82 21.20 38.27
CA THR B 235 -4.16 20.42 39.32
C THR B 235 -4.64 18.96 39.29
N VAL B 236 -5.91 18.74 38.98
CA VAL B 236 -6.43 17.38 38.88
C VAL B 236 -5.81 16.68 37.68
N LEU B 237 -5.64 17.40 36.57
CA LEU B 237 -4.98 16.79 35.43
C LEU B 237 -3.56 16.35 35.80
N SER B 238 -2.82 17.21 36.50
CA SER B 238 -1.45 16.89 36.87
CA SER B 238 -1.44 16.90 36.89
C SER B 238 -1.36 15.63 37.73
N SER B 239 -2.17 15.57 38.80
CA SER B 239 -2.06 14.42 39.70
C SER B 239 -2.72 13.18 39.12
N SER B 240 -3.77 13.34 38.31
CA SER B 240 -4.35 12.18 37.61
C SER B 240 -3.33 11.55 36.67
N ILE B 241 -2.59 12.38 35.93
CA ILE B 241 -1.57 11.86 35.01
C ILE B 241 -0.52 11.09 35.79
N ALA B 242 -0.15 11.59 36.98
CA ALA B 242 0.82 10.89 37.82
C ALA B 242 0.31 9.52 38.23
N ALA B 243 -0.94 9.46 38.73
CA ALA B 243 -1.53 8.17 39.08
C ALA B 243 -1.53 7.24 37.88
N VAL B 244 -1.76 7.79 36.69
CA VAL B 244 -1.90 6.96 35.51
C VAL B 244 -0.53 6.42 35.05
N PHE B 245 0.54 7.21 35.18
CA PHE B 245 1.82 6.64 34.77
C PHE B 245 2.33 5.65 35.81
N PHE B 246 1.98 5.83 37.08
CA PHE B 246 2.23 4.79 38.06
C PHE B 246 1.54 3.48 37.64
N ALA B 247 0.24 3.54 37.37
CA ALA B 247 -0.49 2.34 36.96
C ALA B 247 0.09 1.73 35.69
N ALA B 248 0.49 2.56 34.72
CA ALA B 248 1.07 2.02 33.48
C ALA B 248 2.39 1.30 33.73
N PHE B 249 3.24 1.84 34.62
CA PHE B 249 4.47 1.11 34.95
C PHE B 249 4.16 -0.21 35.63
N VAL B 250 3.15 -0.23 36.50
CA VAL B 250 2.83 -1.48 37.19
C VAL B 250 2.33 -2.52 36.20
N VAL B 251 1.44 -2.15 35.27
CA VAL B 251 0.95 -3.18 34.35
C VAL B 251 2.03 -3.62 33.38
N ALA B 252 2.96 -2.71 33.03
CA ALA B 252 4.08 -3.14 32.21
C ALA B 252 4.94 -4.16 32.96
N GLY B 253 5.18 -3.91 34.25
CA GLY B 253 6.00 -4.82 35.04
C GLY B 253 5.36 -6.19 35.21
N THR B 254 4.06 -6.21 35.55
CA THR B 254 3.41 -7.50 35.77
C THR B 254 3.20 -8.26 34.48
N MET B 255 3.11 -7.56 33.34
CA MET B 255 3.10 -8.27 32.06
C MET B 255 4.46 -8.92 31.78
N TRP B 256 5.56 -8.23 32.08
CA TRP B 256 6.88 -8.76 31.72
C TRP B 256 7.31 -9.90 32.64
N TYR B 257 7.09 -9.77 33.95
CA TYR B 257 7.48 -10.83 34.90
C TYR B 257 6.42 -11.90 35.08
N GLY B 258 5.18 -11.63 34.69
CA GLY B 258 4.12 -12.59 34.91
C GLY B 258 3.43 -12.40 36.25
N SER B 259 2.14 -12.70 36.27
CA SER B 259 1.35 -12.70 37.50
C SER B 259 0.08 -13.49 37.24
N ALA B 260 -0.75 -13.60 38.28
CA ALA B 260 -2.06 -14.23 38.13
C ALA B 260 -2.96 -13.51 37.12
N THR B 261 -2.66 -12.26 36.75
CA THR B 261 -3.49 -11.55 35.77
C THR B 261 -2.84 -11.46 34.39
N THR B 262 -1.68 -12.06 34.18
CA THR B 262 -1.07 -12.16 32.85
C THR B 262 -0.71 -13.62 32.55
N PRO B 263 -1.72 -14.50 32.43
CA PRO B 263 -1.44 -15.93 32.27
C PRO B 263 -0.80 -16.25 30.92
N ILE B 264 0.04 -17.29 30.92
CA ILE B 264 0.82 -17.58 29.72
C ILE B 264 -0.03 -18.17 28.60
N GLU B 265 -1.18 -18.79 28.90
CA GLU B 265 -2.04 -19.27 27.82
C GLU B 265 -2.75 -18.15 27.08
N LEU B 266 -2.80 -16.95 27.65
CA LEU B 266 -3.42 -15.81 26.98
C LEU B 266 -2.41 -14.88 26.34
N PHE B 267 -1.25 -14.67 26.99
CA PHE B 267 -0.28 -13.71 26.51
C PHE B 267 1.03 -14.33 26.02
N GLY B 268 1.23 -15.64 26.23
CA GLY B 268 2.46 -16.31 25.88
C GLY B 268 3.37 -16.41 27.09
N PRO B 269 4.41 -17.24 27.02
CA PRO B 269 5.31 -17.41 28.17
C PRO B 269 6.18 -16.16 28.36
N THR B 270 6.87 -16.12 29.50
CA THR B 270 7.76 -14.99 29.78
C THR B 270 9.19 -15.31 29.35
N ARG B 271 10.00 -14.25 29.20
CA ARG B 271 11.41 -14.47 28.90
C ARG B 271 12.13 -15.17 30.03
N TYR B 272 11.66 -15.00 31.27
CA TYR B 272 12.37 -15.58 32.42
C TYR B 272 12.15 -17.10 32.49
N GLN B 273 11.08 -17.59 31.89
CA GLN B 273 10.91 -19.04 31.82
C GLN B 273 11.93 -19.68 30.88
N TRP B 274 12.35 -18.99 29.83
CA TRP B 274 13.46 -19.49 29.02
C TRP B 274 14.78 -19.34 29.77
N ASP B 275 15.02 -18.18 30.40
CA ASP B 275 16.26 -17.94 31.13
C ASP B 275 16.54 -19.05 32.14
N SER B 276 15.51 -19.48 32.85
CA SER B 276 15.69 -20.46 33.92
C SER B 276 15.37 -21.88 33.49
N SER B 277 15.09 -22.10 32.20
CA SER B 277 14.76 -23.44 31.70
C SER B 277 13.59 -24.03 32.49
N TYR B 278 12.62 -23.16 32.80
CA TYR B 278 11.48 -23.53 33.63
C TYR B 278 10.74 -24.74 33.05
N PHE B 279 10.46 -24.72 31.75
CA PHE B 279 9.70 -25.80 31.14
C PHE B 279 10.58 -27.01 30.89
N GLN B 280 11.84 -26.79 30.54
CA GLN B 280 12.76 -27.91 30.33
C GLN B 280 12.90 -28.75 31.60
N GLN B 281 12.95 -28.09 32.78
CA GLN B 281 13.11 -28.83 34.03
C GLN B 281 11.88 -29.68 34.33
N GLU B 282 10.69 -29.16 34.02
CA GLU B 282 9.47 -29.91 34.26
C GLU B 282 9.35 -31.08 33.29
N ILE B 283 9.70 -30.85 32.03
CA ILE B 283 9.73 -31.92 31.04
C ILE B 283 10.66 -33.04 31.50
N ASN B 284 11.88 -32.68 31.93
CA ASN B 284 12.84 -33.69 32.38
CA ASN B 284 12.83 -33.70 32.38
C ASN B 284 12.32 -34.41 33.61
N ARG B 285 11.67 -33.70 34.53
CA ARG B 285 11.11 -34.34 35.71
C ARG B 285 10.09 -35.40 35.31
N ARG B 286 9.20 -35.06 34.39
CA ARG B 286 8.15 -36.01 33.99
CA ARG B 286 8.15 -36.00 33.97
C ARG B 286 8.75 -37.21 33.28
N VAL B 287 9.74 -36.98 32.39
CA VAL B 287 10.41 -38.08 31.69
C VAL B 287 11.11 -39.00 32.69
N GLN B 288 11.79 -38.43 33.68
CA GLN B 288 12.46 -39.26 34.68
C GLN B 288 11.47 -40.05 35.51
N ALA B 289 10.32 -39.45 35.85
CA ALA B 289 9.30 -40.19 36.58
C ALA B 289 8.74 -41.33 35.75
N SER B 290 8.60 -41.13 34.43
CA SER B 290 8.12 -42.20 33.56
C SER B 290 9.14 -43.34 33.47
N LEU B 291 10.43 -43.00 33.32
CA LEU B 291 11.46 -44.03 33.27
C LEU B 291 11.51 -44.82 34.57
N ALA B 292 11.45 -44.11 35.70
CA ALA B 292 11.48 -44.77 37.00
C ALA B 292 10.29 -45.72 37.18
N SER B 293 9.16 -45.43 36.55
CA SER B 293 8.03 -46.34 36.62
C SER B 293 8.11 -47.46 35.59
N GLY B 294 9.24 -47.57 34.89
CA GLY B 294 9.46 -48.65 33.94
C GLY B 294 9.07 -48.37 32.50
N ALA B 295 8.76 -47.13 32.14
CA ALA B 295 8.50 -46.82 30.74
C ALA B 295 9.78 -46.89 29.92
N THR B 296 9.63 -47.19 28.64
CA THR B 296 10.79 -47.06 27.75
C THR B 296 11.06 -45.59 27.45
N LEU B 297 12.20 -45.34 26.80
CA LEU B 297 12.56 -43.97 26.45
C LEU B 297 11.56 -43.36 25.48
N GLU B 298 11.15 -44.12 24.46
CA GLU B 298 10.14 -43.63 23.53
C GLU B 298 8.82 -43.35 24.24
N GLU B 299 8.44 -44.22 25.19
CA GLU B 299 7.19 -44.03 25.92
C GLU B 299 7.26 -42.82 26.84
N ALA B 300 8.40 -42.63 27.52
CA ALA B 300 8.55 -41.50 28.42
C ALA B 300 8.42 -40.18 27.68
N TRP B 301 9.11 -40.04 26.54
CA TRP B 301 9.03 -38.79 25.78
C TRP B 301 7.69 -38.64 25.07
N SER B 302 7.11 -39.74 24.60
CA SER B 302 5.79 -39.66 23.97
C SER B 302 4.72 -39.22 24.96
N ALA B 303 4.95 -39.41 26.25
CA ALA B 303 4.00 -38.96 27.27
C ALA B 303 4.06 -37.45 27.52
N ILE B 304 5.03 -36.72 26.97
CA ILE B 304 5.09 -35.28 27.17
C ILE B 304 4.06 -34.56 26.29
N PRO B 305 3.16 -33.78 26.88
CA PRO B 305 2.20 -33.03 26.05
C PRO B 305 2.94 -32.12 25.07
N GLU B 306 2.46 -32.09 23.83
CA GLU B 306 2.98 -31.16 22.83
C GLU B 306 2.92 -29.73 23.36
N LYS B 307 1.87 -29.40 24.11
CA LYS B 307 1.73 -28.03 24.61
C LYS B 307 2.88 -27.69 25.56
N LEU B 308 3.29 -28.64 26.39
CA LEU B 308 4.40 -28.41 27.30
C LEU B 308 5.72 -28.27 26.57
N ALA B 309 5.98 -29.13 25.58
CA ALA B 309 7.20 -29.03 24.79
C ALA B 309 7.26 -27.68 24.04
N PHE B 310 6.11 -27.20 23.58
CA PHE B 310 6.06 -25.95 22.81
C PHE B 310 6.45 -24.73 23.65
N TYR B 311 6.17 -24.76 24.95
CA TYR B 311 6.63 -23.68 25.82
C TYR B 311 8.16 -23.68 25.94
N ASP B 312 8.78 -24.84 25.74
CA ASP B 312 10.23 -24.99 25.87
C ASP B 312 10.93 -24.75 24.54
N TYR B 313 10.56 -23.66 23.86
CA TYR B 313 11.08 -23.32 22.55
C TYR B 313 11.27 -21.81 22.51
N ILE B 314 12.45 -21.36 22.06
CA ILE B 314 12.77 -19.94 22.15
C ILE B 314 11.92 -19.09 21.21
N GLY B 315 11.29 -19.70 20.18
CA GLY B 315 10.45 -18.88 19.32
C GLY B 315 9.22 -18.33 20.01
N ASN B 316 8.90 -18.84 21.20
CA ASN B 316 7.80 -18.32 21.99
C ASN B 316 8.28 -17.41 23.11
N ASN B 317 9.57 -17.18 23.20
CA ASN B 317 10.17 -16.25 24.15
C ASN B 317 9.88 -14.83 23.70
N PRO B 318 9.25 -13.98 24.52
CA PRO B 318 8.88 -12.63 24.03
C PRO B 318 10.07 -11.71 23.87
N ALA B 319 11.27 -12.12 24.28
CA ALA B 319 12.46 -11.29 24.15
C ALA B 319 13.27 -11.64 22.91
N LYS B 320 12.64 -12.16 21.86
CA LYS B 320 13.33 -12.57 20.64
C LYS B 320 12.88 -11.78 19.41
N GLY B 321 12.06 -10.75 19.57
CA GLY B 321 11.49 -10.04 18.45
C GLY B 321 12.30 -8.85 17.96
N GLY B 322 11.61 -7.98 17.24
CA GLY B 322 12.20 -6.77 16.69
C GLY B 322 11.14 -5.69 16.59
N LEU B 323 11.59 -4.44 16.76
CA LEU B 323 10.67 -3.30 16.82
C LEU B 323 9.86 -3.17 15.53
N PHE B 324 10.47 -3.44 14.37
CA PHE B 324 9.78 -3.30 13.09
C PHE B 324 9.49 -4.62 12.41
N ARG B 325 9.65 -5.73 13.11
CA ARG B 325 9.20 -7.06 12.67
C ARG B 325 7.75 -7.17 13.09
N THR B 326 6.85 -6.82 12.17
CA THR B 326 5.46 -6.58 12.51
C THR B 326 4.63 -7.86 12.44
N GLY B 327 3.54 -7.89 13.21
CA GLY B 327 2.54 -8.91 13.06
C GLY B 327 2.61 -10.06 14.05
N PRO B 328 1.90 -11.14 13.72
CA PRO B 328 1.85 -12.29 14.61
C PRO B 328 3.16 -13.06 14.61
N MET B 329 3.39 -13.79 15.71
CA MET B 329 4.55 -14.68 15.76
C MET B 329 4.55 -15.68 14.60
N ASN B 330 3.36 -16.14 14.17
CA ASN B 330 3.27 -17.07 13.06
C ASN B 330 3.89 -16.52 11.79
N LYS B 331 3.96 -15.20 11.65
CA LYS B 331 4.58 -14.61 10.46
C LYS B 331 6.08 -14.85 10.42
N GLY B 332 6.70 -15.20 11.54
CA GLY B 332 8.13 -15.45 11.59
C GLY B 332 8.52 -16.88 11.36
N ASP B 333 8.51 -17.69 12.42
CA ASP B 333 8.88 -19.08 12.23
C ASP B 333 7.80 -19.91 11.55
N GLY B 334 6.57 -19.41 11.43
CA GLY B 334 5.51 -20.15 10.78
C GLY B 334 4.43 -20.55 11.77
N ILE B 335 3.41 -21.23 11.24
CA ILE B 335 2.34 -21.78 12.07
C ILE B 335 2.76 -23.16 12.55
N ALA B 336 2.92 -23.32 13.86
CA ALA B 336 3.39 -24.59 14.40
C ALA B 336 2.36 -25.69 14.10
N GLN B 337 2.84 -26.83 13.61
CA GLN B 337 1.99 -27.95 13.22
C GLN B 337 2.08 -29.14 14.16
N ALA B 338 3.30 -29.48 14.60
CA ALA B 338 3.53 -30.71 15.34
C ALA B 338 4.91 -30.65 15.97
N TRP B 339 5.02 -31.26 17.15
CA TRP B 339 6.30 -31.52 17.78
C TRP B 339 7.02 -32.62 17.00
N LYS B 340 8.28 -32.38 16.65
CA LYS B 340 9.04 -33.44 16.01
C LYS B 340 9.49 -34.50 16.99
N GLY B 341 9.41 -34.23 18.28
CA GLY B 341 9.96 -35.11 19.28
C GLY B 341 11.28 -34.60 19.81
N HIS B 342 11.73 -35.23 20.89
CA HIS B 342 12.95 -34.81 21.56
C HIS B 342 14.18 -35.40 20.89
N ALA B 343 15.11 -34.54 20.50
CA ALA B 343 16.34 -34.96 19.85
C ALA B 343 17.41 -35.31 20.89
N VAL B 344 17.97 -36.51 20.79
CA VAL B 344 19.08 -36.99 21.62
C VAL B 344 20.29 -37.15 20.70
N PHE B 345 21.34 -36.38 20.95
CA PHE B 345 22.55 -36.45 20.15
C PHE B 345 23.56 -37.35 20.82
N ARG B 346 24.26 -38.16 20.03
CA ARG B 346 25.27 -39.09 20.53
CA ARG B 346 25.30 -39.04 20.55
C ARG B 346 26.48 -39.05 19.61
N ASN B 347 27.67 -39.24 20.18
CA ASN B 347 28.87 -39.34 19.35
C ASN B 347 29.14 -40.79 18.98
N LYS B 348 30.24 -41.02 18.26
CA LYS B 348 30.56 -42.36 17.77
C LYS B 348 30.81 -43.33 18.91
N GLU B 349 31.27 -42.84 20.06
CA GLU B 349 31.47 -43.67 21.24
C GLU B 349 30.18 -43.91 22.01
N GLY B 350 29.06 -43.36 21.55
CA GLY B 350 27.78 -43.54 22.21
C GLY B 350 27.49 -42.62 23.38
N GLU B 351 28.35 -41.64 23.67
CA GLU B 351 28.04 -40.72 24.76
C GLU B 351 26.92 -39.77 24.35
N GLU B 352 26.00 -39.50 25.25
CA GLU B 352 25.00 -38.50 24.97
C GLU B 352 25.62 -37.10 25.02
N LEU B 353 25.29 -36.28 24.03
CA LEU B 353 25.76 -34.92 23.92
C LEU B 353 24.58 -33.94 23.96
N PHE B 354 24.84 -32.74 24.45
CA PHE B 354 23.80 -31.74 24.65
C PHE B 354 24.16 -30.46 23.91
N VAL B 355 23.23 -29.96 23.10
CA VAL B 355 23.45 -28.73 22.35
C VAL B 355 23.33 -27.55 23.31
N ARG B 356 24.30 -26.63 23.26
CA ARG B 356 24.23 -25.41 24.06
C ARG B 356 23.10 -24.51 23.54
N ARG B 357 22.13 -24.19 24.40
CA ARG B 357 20.98 -23.39 23.98
C ARG B 357 21.34 -21.91 23.78
N MET B 358 20.56 -21.26 22.89
CA MET B 358 20.73 -19.84 22.58
C MET B 358 20.17 -18.97 23.71
N PRO B 359 20.96 -18.06 24.29
CA PRO B 359 20.36 -17.06 25.19
C PRO B 359 19.62 -16.00 24.38
N ALA B 360 18.62 -15.38 25.02
CA ALA B 360 17.77 -14.41 24.32
C ALA B 360 18.57 -13.25 23.74
N PHE B 361 19.72 -12.89 24.34
CA PHE B 361 20.51 -11.76 23.86
C PHE B 361 21.02 -11.91 22.42
N PHE B 362 21.16 -13.13 21.92
CA PHE B 362 21.93 -13.39 20.69
C PHE B 362 21.00 -13.57 19.48
N GLU B 363 21.14 -12.70 18.48
CA GLU B 363 20.42 -12.91 17.22
C GLU B 363 20.88 -14.19 16.52
N SER B 364 22.15 -14.56 16.70
CA SER B 364 22.70 -15.79 16.15
C SER B 364 23.61 -16.41 17.20
N PHE B 365 23.88 -17.72 17.05
CA PHE B 365 24.61 -18.40 18.11
C PHE B 365 25.31 -19.62 17.53
N PRO B 366 26.53 -19.95 17.95
CA PRO B 366 27.22 -21.13 17.40
C PRO B 366 26.56 -22.43 17.86
N VAL B 367 26.95 -23.51 17.21
CA VAL B 367 26.45 -24.84 17.52
C VAL B 367 27.55 -25.64 18.20
N ILE B 368 27.38 -25.87 19.50
CA ILE B 368 28.39 -26.49 20.35
C ILE B 368 27.71 -27.55 21.19
N LEU B 369 28.28 -28.74 21.24
CA LEU B 369 27.74 -29.89 21.95
C LEU B 369 28.72 -30.34 23.02
N THR B 370 28.21 -30.54 24.23
CA THR B 370 29.02 -30.96 25.38
C THR B 370 28.50 -32.28 25.94
N ASP B 371 29.34 -32.95 26.73
CA ASP B 371 28.84 -34.08 27.50
C ASP B 371 28.12 -33.55 28.75
N LYS B 372 27.64 -34.47 29.59
CA LYS B 372 26.87 -34.05 30.76
C LYS B 372 27.67 -33.16 31.71
N ASN B 373 28.99 -33.18 31.62
CA ASN B 373 29.84 -32.36 32.49
C ASN B 373 30.31 -31.07 31.83
N GLY B 374 29.72 -30.70 30.70
CA GLY B 374 30.07 -29.44 30.05
C GLY B 374 31.34 -29.47 29.22
N VAL B 375 31.96 -30.64 29.04
CA VAL B 375 33.15 -30.75 28.21
C VAL B 375 32.71 -30.75 26.75
N VAL B 376 33.36 -29.91 25.93
CA VAL B 376 33.00 -29.80 24.52
C VAL B 376 33.33 -31.10 23.81
N LYS B 377 32.39 -31.62 23.04
CA LYS B 377 32.62 -32.87 22.32
C LYS B 377 32.42 -32.77 20.82
N ALA B 378 31.61 -31.82 20.35
CA ALA B 378 31.38 -31.61 18.93
C ALA B 378 30.88 -30.19 18.73
N ASP B 379 31.05 -29.68 17.51
CA ASP B 379 30.55 -28.35 17.16
C ASP B 379 30.44 -28.28 15.64
N ILE B 380 29.94 -27.14 15.16
CA ILE B 380 29.98 -26.84 13.74
C ILE B 380 31.07 -25.79 13.53
N PRO B 381 32.20 -26.12 12.92
CA PRO B 381 33.32 -25.18 12.84
C PRO B 381 33.05 -24.08 11.83
N PHE B 382 33.71 -22.94 12.07
CA PHE B 382 33.77 -21.83 11.12
C PHE B 382 34.97 -22.10 10.21
N ARG B 383 36.18 -21.82 10.68
CA ARG B 383 37.36 -22.29 9.96
C ARG B 383 37.42 -23.82 10.05
N ARG B 384 37.67 -24.48 8.91
CA ARG B 384 37.75 -25.94 8.91
C ARG B 384 39.16 -26.49 9.08
N ALA B 385 40.20 -25.72 8.67
CA ALA B 385 41.54 -26.30 8.52
C ALA B 385 42.14 -26.86 9.80
N GLU B 386 41.71 -26.42 10.97
CA GLU B 386 42.23 -27.01 12.21
C GLU B 386 41.08 -27.51 13.07
N SER B 387 39.96 -27.85 12.43
CA SER B 387 38.81 -28.37 13.14
C SER B 387 39.15 -29.69 13.85
N LYS B 388 38.68 -29.83 15.08
CA LYS B 388 38.84 -31.05 15.84
C LYS B 388 37.53 -31.68 16.27
N TYR B 389 36.44 -30.92 16.26
CA TYR B 389 35.18 -31.35 16.86
C TYR B 389 34.05 -31.47 15.85
N SER B 390 34.34 -31.49 14.55
CA SER B 390 33.28 -31.55 13.56
C SER B 390 32.42 -32.80 13.75
N PHE B 391 31.14 -32.69 13.38
CA PHE B 391 30.23 -33.83 13.46
C PHE B 391 30.77 -35.00 12.65
N GLU B 392 31.44 -34.71 11.54
CA GLU B 392 32.03 -35.77 10.73
C GLU B 392 33.15 -36.47 11.50
N GLN B 393 34.03 -35.72 12.14
CA GLN B 393 35.11 -36.35 12.89
C GLN B 393 34.58 -37.13 14.08
N GLN B 394 33.52 -36.64 14.72
CA GLN B 394 33.07 -37.23 15.97
C GLN B 394 31.94 -38.23 15.78
N GLY B 395 31.49 -38.44 14.54
CA GLY B 395 30.44 -39.39 14.24
C GLY B 395 29.14 -39.11 14.97
N VAL B 396 28.72 -37.84 14.97
CA VAL B 396 27.54 -37.45 15.73
C VAL B 396 26.29 -37.94 15.02
N THR B 397 25.38 -38.53 15.80
CA THR B 397 24.08 -38.99 15.31
C THR B 397 22.99 -38.31 16.13
N VAL B 398 21.74 -38.39 15.66
CA VAL B 398 20.62 -37.88 16.43
C VAL B 398 19.47 -38.87 16.34
N SER B 399 18.88 -39.19 17.49
CA SER B 399 17.70 -40.03 17.58
C SER B 399 16.57 -39.24 18.23
N PHE B 400 15.35 -39.48 17.77
CA PHE B 400 14.19 -38.74 18.26
C PHE B 400 13.30 -39.66 19.09
N TYR B 401 12.73 -39.11 20.17
CA TYR B 401 11.84 -39.84 21.05
C TYR B 401 10.60 -39.00 21.28
N GLY B 402 9.42 -39.60 21.07
CA GLY B 402 8.19 -38.85 21.05
C GLY B 402 8.06 -38.09 19.74
N GLY B 403 6.90 -37.44 19.58
CA GLY B 403 6.63 -36.58 18.45
C GLY B 403 6.58 -37.32 17.12
N GLU B 404 6.63 -36.51 16.05
CA GLU B 404 6.56 -37.05 14.69
C GLU B 404 7.67 -38.06 14.43
N LEU B 405 8.89 -37.73 14.84
CA LEU B 405 10.07 -38.50 14.45
C LEU B 405 10.39 -39.61 15.44
N ASN B 406 9.48 -39.90 16.37
CA ASN B 406 9.70 -40.92 17.39
C ASN B 406 10.23 -42.20 16.77
N GLY B 407 11.29 -42.74 17.37
CA GLY B 407 11.90 -43.99 16.96
C GLY B 407 12.87 -43.90 15.81
N GLN B 408 13.05 -42.73 15.20
CA GLN B 408 13.95 -42.58 14.07
C GLN B 408 15.33 -42.10 14.52
N THR B 409 16.36 -42.51 13.77
CA THR B 409 17.75 -42.13 14.00
C THR B 409 18.34 -41.66 12.68
N PHE B 410 19.08 -40.55 12.74
CA PHE B 410 19.73 -39.98 11.57
C PHE B 410 21.23 -39.93 11.78
N THR B 411 21.99 -40.26 10.72
CA THR B 411 23.44 -40.34 10.80
C THR B 411 24.15 -39.52 9.74
N ASP B 412 23.46 -39.04 8.72
CA ASP B 412 24.18 -38.25 7.72
C ASP B 412 24.46 -36.85 8.27
N PRO B 413 25.71 -36.39 8.21
CA PRO B 413 26.13 -35.16 8.90
C PRO B 413 25.24 -33.96 8.56
N PRO B 414 24.88 -33.72 7.28
CA PRO B 414 23.99 -32.57 7.01
C PRO B 414 22.69 -32.60 7.80
N THR B 415 22.02 -33.74 7.85
CA THR B 415 20.76 -33.86 8.59
C THR B 415 20.97 -33.70 10.09
N VAL B 416 22.01 -34.36 10.62
CA VAL B 416 22.30 -34.24 12.05
C VAL B 416 22.62 -32.80 12.40
N LYS B 417 23.38 -32.12 11.53
CA LYS B 417 23.69 -30.72 11.79
C LYS B 417 22.45 -29.86 11.73
N SER B 418 21.53 -30.16 10.81
CA SER B 418 20.31 -29.37 10.72
C SER B 418 19.51 -29.45 12.00
N TYR B 419 19.40 -30.65 12.58
CA TYR B 419 18.67 -30.77 13.84
C TYR B 419 19.42 -30.13 14.99
N ALA B 420 20.75 -30.18 14.98
CA ALA B 420 21.52 -29.51 16.01
C ALA B 420 21.30 -28.00 15.98
N ARG B 421 21.19 -27.42 14.76
CA ARG B 421 20.90 -25.99 14.65
C ARG B 421 19.54 -25.64 15.24
N LYS B 422 18.55 -26.53 15.11
CA LYS B 422 17.24 -26.24 15.67
C LYS B 422 17.23 -26.45 17.18
N ALA B 423 18.09 -27.34 17.68
CA ALA B 423 18.17 -27.64 19.10
C ALA B 423 18.71 -26.46 19.91
N ILE B 424 19.41 -25.52 19.29
CA ILE B 424 19.78 -24.35 20.07
C ILE B 424 18.53 -23.56 20.45
N PHE B 425 17.40 -23.76 19.74
CA PHE B 425 16.14 -23.11 20.07
C PHE B 425 15.31 -23.87 21.10
N GLY B 426 15.81 -25.00 21.61
CA GLY B 426 15.04 -25.85 22.51
C GLY B 426 14.36 -26.98 21.76
N GLU B 427 13.13 -27.32 22.15
CA GLU B 427 12.39 -28.38 21.46
C GLU B 427 12.09 -27.98 20.02
N ILE B 428 12.03 -28.98 19.15
CA ILE B 428 12.02 -28.81 17.70
C ILE B 428 10.61 -29.08 17.17
N PHE B 429 10.11 -28.20 16.31
CA PHE B 429 8.76 -28.28 15.78
C PHE B 429 8.75 -28.21 14.27
N GLU B 430 7.71 -28.78 13.68
CA GLU B 430 7.43 -28.59 12.27
CA GLU B 430 7.43 -28.59 12.27
C GLU B 430 6.48 -27.41 12.10
N PHE B 431 6.80 -26.52 11.17
CA PHE B 431 6.04 -25.31 10.95
C PHE B 431 5.51 -25.24 9.51
N ASP B 432 4.32 -24.67 9.36
CA ASP B 432 3.80 -24.24 8.07
C ASP B 432 4.25 -22.81 7.84
N THR B 433 5.23 -22.63 6.94
CA THR B 433 5.75 -21.33 6.58
C THR B 433 5.13 -20.79 5.30
N GLU B 434 4.26 -21.57 4.66
CA GLU B 434 3.70 -21.23 3.35
CA GLU B 434 3.72 -21.20 3.36
C GLU B 434 2.43 -20.41 3.46
N THR B 435 1.52 -20.81 4.36
CA THR B 435 0.22 -20.15 4.47
C THR B 435 0.36 -18.63 4.61
N LEU B 436 1.28 -18.18 5.47
CA LEU B 436 1.44 -16.75 5.71
C LEU B 436 2.66 -16.15 5.02
N ASN B 437 3.33 -16.92 4.17
CA ASN B 437 4.61 -16.48 3.58
C ASN B 437 5.56 -16.02 4.69
N SER B 438 5.72 -16.89 5.70
CA SER B 438 6.54 -16.56 6.86
C SER B 438 8.00 -16.43 6.44
N ASP B 439 8.71 -15.49 7.08
CA ASP B 439 10.06 -15.17 6.63
C ASP B 439 11.16 -15.79 7.49
N GLY B 440 10.84 -16.54 8.54
CA GLY B 440 11.84 -17.23 9.34
C GLY B 440 12.53 -16.38 10.39
N ILE B 441 12.01 -15.19 10.71
CA ILE B 441 12.64 -14.27 11.66
C ILE B 441 11.71 -14.09 12.86
N PHE B 442 12.27 -14.21 14.07
CA PHE B 442 11.44 -14.23 15.28
C PHE B 442 10.75 -12.89 15.54
N ARG B 443 9.50 -12.98 16.01
CA ARG B 443 8.71 -11.84 16.40
C ARG B 443 8.28 -12.01 17.85
N THR B 444 7.99 -10.89 18.52
CA THR B 444 7.55 -11.00 19.91
C THR B 444 6.05 -11.28 19.97
N SER B 445 5.60 -11.63 21.17
CA SER B 445 4.19 -11.96 21.44
C SER B 445 3.40 -10.76 21.94
N PRO B 446 2.10 -10.89 22.16
CA PRO B 446 1.36 -9.79 22.84
C PRO B 446 1.95 -9.43 24.20
N ARG B 447 2.58 -10.37 24.91
CA ARG B 447 3.24 -10.00 26.15
C ARG B 447 4.31 -8.94 25.90
N GLY B 448 5.13 -9.15 24.86
CA GLY B 448 6.15 -8.17 24.52
C GLY B 448 5.56 -6.84 24.07
N TRP B 449 4.62 -6.87 23.12
CA TRP B 449 4.06 -5.64 22.57
C TRP B 449 3.34 -4.84 23.65
N PHE B 450 2.58 -5.50 24.52
CA PHE B 450 1.92 -4.79 25.60
C PHE B 450 2.95 -4.10 26.50
N THR B 451 3.99 -4.84 26.89
CA THR B 451 4.99 -4.28 27.80
C THR B 451 5.64 -3.05 27.17
N PHE B 452 6.04 -3.17 25.91
CA PHE B 452 6.68 -2.05 25.22
C PHE B 452 5.79 -0.81 25.22
N ALA B 453 4.56 -0.92 24.71
CA ALA B 453 3.68 0.24 24.60
C ALA B 453 3.46 0.89 25.96
N HIS B 454 3.26 0.10 26.99
CA HIS B 454 2.89 0.70 28.26
C HIS B 454 4.08 1.25 29.01
N ALA B 455 5.27 0.67 28.86
CA ALA B 455 6.45 1.31 29.45
C ALA B 455 6.73 2.63 28.75
N VAL B 456 6.59 2.67 27.42
CA VAL B 456 6.83 3.91 26.69
C VAL B 456 5.80 4.96 27.06
N PHE B 457 4.52 4.59 27.06
CA PHE B 457 3.47 5.56 27.41
C PHE B 457 3.63 6.05 28.84
N ALA B 458 3.97 5.14 29.76
CA ALA B 458 4.22 5.55 31.14
C ALA B 458 5.32 6.60 31.23
N LEU B 459 6.42 6.39 30.50
CA LEU B 459 7.52 7.35 30.54
C LEU B 459 7.08 8.70 29.98
N LEU B 460 6.38 8.69 28.84
CA LEU B 460 5.89 9.95 28.26
C LEU B 460 4.92 10.66 29.19
N PHE B 461 4.08 9.90 29.91
CA PHE B 461 3.15 10.55 30.82
C PHE B 461 3.85 11.15 32.03
N PHE B 462 5.07 10.69 32.34
CA PHE B 462 5.87 11.41 33.33
C PHE B 462 6.09 12.86 32.87
N PHE B 463 6.44 13.04 31.59
CA PHE B 463 6.57 14.42 31.11
C PHE B 463 5.26 15.18 31.24
N GLY B 464 4.13 14.57 30.86
CA GLY B 464 2.85 15.26 30.98
C GLY B 464 2.55 15.68 32.40
N HIS B 465 2.87 14.83 33.38
CA HIS B 465 2.69 15.20 34.78
C HIS B 465 3.51 16.42 35.14
N ILE B 466 4.80 16.36 34.80
CA ILE B 466 5.73 17.47 35.08
C ILE B 466 5.21 18.76 34.47
N TRP B 467 4.79 18.67 33.20
CA TRP B 467 4.34 19.84 32.45
C TRP B 467 3.08 20.46 33.08
N HIS B 468 2.06 19.63 33.34
CA HIS B 468 0.83 20.19 33.89
C HIS B 468 0.96 20.55 35.36
N GLY B 469 1.80 19.83 36.10
CA GLY B 469 2.10 20.27 37.46
C GLY B 469 2.75 21.63 37.48
N ALA B 470 3.72 21.85 36.59
CA ALA B 470 4.32 23.16 36.44
C ALA B 470 3.28 24.22 36.09
N ARG B 471 2.43 23.94 35.10
CA ARG B 471 1.41 24.93 34.70
C ARG B 471 0.48 25.25 35.85
N THR B 472 0.17 24.27 36.69
CA THR B 472 -0.71 24.51 37.82
C THR B 472 -0.06 25.44 38.84
N LEU B 473 1.17 25.13 39.27
CA LEU B 473 1.79 25.85 40.36
C LEU B 473 2.38 27.18 39.93
N PHE B 474 2.58 27.38 38.63
CA PHE B 474 3.18 28.61 38.09
C PHE B 474 2.21 29.35 37.18
N ARG B 475 0.90 29.14 37.38
CA ARG B 475 -0.09 29.76 36.48
C ARG B 475 0.08 31.26 36.38
N ASP B 476 0.43 31.92 37.49
CA ASP B 476 0.54 33.37 37.50
C ASP B 476 1.68 33.89 36.61
N VAL B 477 2.69 33.08 36.29
CA VAL B 477 3.77 33.55 35.43
C VAL B 477 3.77 32.83 34.08
N PHE B 478 2.66 32.19 33.69
CA PHE B 478 2.64 31.45 32.44
C PHE B 478 2.96 32.33 31.24
N SER B 479 2.55 33.59 31.26
CA SER B 479 2.80 34.53 30.16
C SER B 479 4.08 35.32 30.34
N GLY B 480 4.84 35.09 31.40
CA GLY B 480 6.06 35.82 31.66
C GLY B 480 6.12 36.31 33.10
N ILE B 481 7.30 36.80 33.44
CA ILE B 481 7.54 37.26 34.80
C ILE B 481 7.16 38.73 34.92
N ASP B 482 7.02 39.17 36.17
CA ASP B 482 6.61 40.53 36.48
C ASP B 482 7.49 41.57 35.77
N PRO B 483 6.92 42.44 34.94
CA PRO B 483 7.74 43.50 34.34
C PRO B 483 8.37 44.43 35.38
N GLU B 484 7.74 44.57 36.54
CA GLU B 484 8.30 45.39 37.62
C GLU B 484 9.00 44.55 38.68
N LEU B 485 9.64 43.45 38.28
CA LEU B 485 10.32 42.59 39.24
C LEU B 485 11.48 43.35 39.86
N SER B 486 11.39 43.57 41.17
CA SER B 486 12.43 44.31 41.88
C SER B 486 13.72 43.51 41.89
N PRO B 487 14.85 44.07 41.44
CA PRO B 487 16.12 43.34 41.50
C PRO B 487 16.49 42.86 42.90
N GLU B 488 15.89 43.45 43.95
CA GLU B 488 16.20 43.07 45.33
C GLU B 488 15.69 41.69 45.70
N GLN B 489 14.69 41.16 44.98
CA GLN B 489 14.18 39.83 45.26
C GLN B 489 15.16 38.75 44.84
N VAL B 490 16.04 39.05 43.89
CA VAL B 490 17.02 38.08 43.41
C VAL B 490 18.45 38.42 43.81
N GLU B 491 18.68 39.56 44.44
CA GLU B 491 19.99 39.88 44.97
C GLU B 491 20.20 39.16 46.29
N TRP B 492 21.42 38.67 46.50
CA TRP B 492 21.67 37.84 47.68
C TRP B 492 21.77 38.71 48.92
N GLY B 493 21.28 38.18 50.04
CA GLY B 493 21.38 38.85 51.33
C GLY B 493 20.45 40.04 51.53
N PHE B 494 19.65 40.40 50.53
CA PHE B 494 18.72 41.51 50.70
C PHE B 494 17.58 41.11 51.61
N TYR B 495 16.99 39.95 51.36
CA TYR B 495 15.98 39.35 52.19
C TYR B 495 16.61 38.18 52.95
N GLN B 496 16.19 37.99 54.20
CA GLN B 496 16.71 36.85 54.93
C GLN B 496 16.21 35.54 54.35
N LYS B 497 14.95 35.51 53.94
CA LYS B 497 14.32 34.33 53.34
C LYS B 497 14.07 34.62 51.86
N VAL B 498 14.52 33.71 51.00
CA VAL B 498 14.44 33.94 49.56
C VAL B 498 13.00 34.26 49.18
N GLY B 499 12.82 35.31 48.39
CA GLY B 499 11.52 35.65 47.86
C GLY B 499 10.48 36.09 48.87
N ASP B 500 10.88 36.55 50.05
CA ASP B 500 9.93 36.98 51.07
C ASP B 500 10.25 38.42 51.45
N VAL B 501 9.42 39.35 50.94
CA VAL B 501 9.66 40.78 51.14
C VAL B 501 9.63 41.15 52.62
N THR B 502 8.90 40.40 53.45
CA THR B 502 8.83 40.79 54.86
C THR B 502 10.10 40.46 55.63
N THR B 503 11.14 39.89 55.01
CA THR B 503 12.36 39.55 55.72
C THR B 503 13.54 40.43 55.30
N ARG B 504 13.24 41.63 54.79
CA ARG B 504 14.27 42.61 54.46
C ARG B 504 15.27 42.80 55.60
N LYS B 505 16.54 42.64 55.29
CA LYS B 505 17.60 42.67 56.29
C LYS B 505 17.96 44.09 56.71
N ALA C 5 54.69 51.38 35.76
CA ALA C 5 54.09 50.35 34.92
C ALA C 5 53.33 50.98 33.76
N THR C 6 53.98 51.07 32.61
CA THR C 6 53.35 51.64 31.43
C THR C 6 52.53 50.58 30.72
N ASN C 7 51.24 50.82 30.58
CA ASN C 7 50.34 49.98 29.79
C ASN C 7 50.10 48.62 30.41
N ARG C 8 50.39 48.40 31.70
CA ARG C 8 50.30 47.04 32.24
C ARG C 8 49.04 46.82 33.08
N ASP C 9 47.91 47.36 32.62
CA ASP C 9 46.60 46.99 33.17
C ASP C 9 45.59 47.16 32.05
N GLN C 10 44.39 46.63 32.27
CA GLN C 10 43.37 46.71 31.22
C GLN C 10 42.89 48.14 31.01
N GLU C 11 42.78 48.93 32.08
CA GLU C 11 42.26 50.30 31.95
C GLU C 11 43.13 51.13 31.02
N SER C 12 44.45 51.08 31.19
CA SER C 12 45.33 51.87 30.34
C SER C 12 45.50 51.25 28.96
N SER C 13 45.61 49.93 28.87
CA SER C 13 45.99 49.31 27.60
C SER C 13 44.78 48.93 26.75
N GLY C 14 43.61 48.78 27.37
CA GLY C 14 42.44 48.28 26.66
C GLY C 14 42.37 46.77 26.53
N PHE C 15 43.40 46.04 26.98
CA PHE C 15 43.46 44.59 26.87
C PHE C 15 43.48 43.94 28.25
N ALA C 16 42.64 42.92 28.44
CA ALA C 16 42.60 42.17 29.68
C ALA C 16 43.89 41.36 29.85
N TRP C 17 44.08 40.83 31.07
CA TRP C 17 45.30 40.09 31.39
C TRP C 17 45.47 38.88 30.45
N TRP C 18 44.36 38.23 30.08
CA TRP C 18 44.48 37.01 29.28
C TRP C 18 44.82 37.30 27.83
N ALA C 19 44.76 38.58 27.43
CA ALA C 19 45.30 39.06 26.16
C ALA C 19 46.48 39.99 26.41
N GLY C 20 47.20 39.75 27.51
CA GLY C 20 48.18 40.71 27.98
C GLY C 20 49.29 41.01 27.00
N ASN C 21 49.68 40.02 26.18
CA ASN C 21 50.76 40.26 25.25
C ASN C 21 50.36 41.17 24.09
N ALA C 22 49.06 41.40 23.89
CA ALA C 22 48.64 42.43 22.96
C ALA C 22 48.96 43.84 23.47
N ARG C 23 49.24 43.99 24.77
CA ARG C 23 49.74 45.26 25.29
C ARG C 23 51.09 45.63 24.71
N LEU C 24 51.77 44.71 24.03
CA LEU C 24 53.12 44.94 23.52
C LEU C 24 53.15 45.41 22.08
N ILE C 25 52.00 45.50 21.41
CA ILE C 25 51.99 45.72 19.97
C ILE C 25 52.82 46.93 19.58
N ASN C 26 52.70 48.02 20.33
CA ASN C 26 53.41 49.25 20.02
C ASN C 26 54.49 49.59 21.05
N LEU C 27 55.08 48.58 21.68
CA LEU C 27 56.20 48.77 22.61
C LEU C 27 57.37 47.93 22.10
N SER C 28 58.10 48.50 21.13
CA SER C 28 59.09 47.74 20.38
C SER C 28 60.21 47.20 21.25
N GLY C 29 60.56 47.91 22.33
CA GLY C 29 61.64 47.46 23.18
C GLY C 29 61.27 46.22 23.99
N LYS C 30 60.14 46.29 24.69
CA LYS C 30 59.66 45.12 25.42
C LYS C 30 59.30 43.98 24.48
N LEU C 31 58.73 44.29 23.31
CA LEU C 31 58.39 43.25 22.35
C LEU C 31 59.63 42.52 21.83
N LEU C 32 60.71 43.27 21.61
CA LEU C 32 61.98 42.63 21.27
C LEU C 32 62.40 41.66 22.37
N GLY C 33 62.27 42.07 23.63
CA GLY C 33 62.62 41.18 24.74
C GLY C 33 61.80 39.91 24.74
N ALA C 34 60.48 40.03 24.54
CA ALA C 34 59.63 38.85 24.47
C ALA C 34 60.09 37.90 23.37
N HIS C 35 60.44 38.45 22.20
CA HIS C 35 60.85 37.61 21.07
C HIS C 35 62.19 36.94 21.36
N VAL C 36 63.16 37.70 21.88
CA VAL C 36 64.47 37.13 22.15
C VAL C 36 64.38 36.10 23.27
N ALA C 37 63.63 36.41 24.33
CA ALA C 37 63.47 35.44 25.41
C ALA C 37 62.79 34.17 24.90
N HIS C 38 61.85 34.30 23.97
CA HIS C 38 61.18 33.12 23.43
C HIS C 38 62.14 32.28 22.58
N ALA C 39 62.95 32.92 21.76
CA ALA C 39 63.99 32.20 21.03
C ALA C 39 64.90 31.44 22.00
N GLY C 40 65.21 32.04 23.15
CA GLY C 40 65.95 31.33 24.19
C GLY C 40 65.26 30.06 24.65
N LEU C 41 63.93 30.10 24.78
CA LEU C 41 63.18 28.91 25.17
C LEU C 41 63.31 27.80 24.13
N ILE C 42 63.20 28.16 22.85
CA ILE C 42 63.34 27.15 21.79
C ILE C 42 64.72 26.52 21.86
N VAL C 43 65.76 27.36 21.92
CA VAL C 43 67.13 26.87 21.94
C VAL C 43 67.40 26.10 23.23
N PHE C 44 66.81 26.56 24.36
CA PHE C 44 66.93 25.82 25.61
C PHE C 44 66.42 24.40 25.46
N TRP C 45 65.22 24.25 24.89
CA TRP C 45 64.65 22.92 24.72
C TRP C 45 65.52 22.05 23.82
N ALA C 46 65.98 22.59 22.69
CA ALA C 46 66.82 21.80 21.79
C ALA C 46 68.06 21.25 22.52
N GLY C 47 68.71 22.09 23.31
CA GLY C 47 69.90 21.65 24.04
C GLY C 47 69.56 20.66 25.15
N ALA C 48 68.63 21.06 26.03
CA ALA C 48 68.24 20.20 27.14
C ALA C 48 67.70 18.85 26.64
N MET C 49 66.85 18.88 25.62
CA MET C 49 66.24 17.64 25.15
C MET C 49 67.28 16.71 24.53
N THR C 50 68.25 17.29 23.82
CA THR C 50 69.34 16.50 23.28
C THR C 50 70.14 15.82 24.40
N LEU C 51 70.46 16.57 25.46
CA LEU C 51 71.23 15.97 26.55
C LEU C 51 70.44 14.88 27.26
N PHE C 52 69.13 15.10 27.40
CA PHE C 52 68.24 14.07 27.94
C PHE C 52 68.26 12.83 27.05
N GLU C 53 68.08 13.02 25.73
CA GLU C 53 68.10 11.89 24.81
C GLU C 53 69.42 11.13 24.93
N LEU C 54 70.54 11.86 24.92
CA LEU C 54 71.86 11.23 25.00
C LEU C 54 72.04 10.45 26.29
N ALA C 55 71.62 11.02 27.42
CA ALA C 55 71.74 10.30 28.69
C ALA C 55 70.91 9.02 28.68
N HIS C 56 69.80 9.01 27.96
CA HIS C 56 68.93 7.84 27.89
C HIS C 56 69.24 6.92 26.72
N PHE C 57 70.34 7.17 26.02
CA PHE C 57 70.60 6.55 24.73
C PHE C 57 71.46 5.30 24.93
N ILE C 58 70.98 4.16 24.44
CA ILE C 58 71.72 2.91 24.39
C ILE C 58 72.14 2.67 22.94
N PRO C 59 73.43 2.77 22.61
CA PRO C 59 73.80 2.87 21.18
C PRO C 59 73.56 1.59 20.38
N GLU C 60 73.45 0.43 21.01
CA GLU C 60 73.21 -0.80 20.25
C GLU C 60 71.73 -1.10 20.02
N LYS C 61 70.76 -0.29 20.63
CA LYS C 61 69.36 -0.35 20.23
C LYS C 61 69.11 0.66 19.10
N PRO C 62 68.21 0.35 18.17
CA PRO C 62 67.83 1.37 17.18
C PRO C 62 67.35 2.63 17.89
N MET C 63 67.66 3.79 17.31
CA MET C 63 67.15 5.04 17.86
C MET C 63 65.65 5.00 18.04
N TYR C 64 64.93 4.45 17.05
CA TYR C 64 63.47 4.52 17.09
C TYR C 64 62.88 3.62 18.15
N GLU C 65 63.66 2.74 18.78
CA GLU C 65 63.16 2.00 19.93
C GLU C 65 63.31 2.78 21.23
N GLN C 66 63.79 4.03 21.18
CA GLN C 66 64.20 4.73 22.39
C GLN C 66 63.57 6.11 22.53
N GLY C 67 62.52 6.41 21.76
CA GLY C 67 61.82 7.68 21.93
C GLY C 67 62.64 8.90 21.56
N LEU C 68 63.49 8.79 20.54
CA LEU C 68 64.41 9.86 20.18
C LEU C 68 63.89 10.59 18.95
N ILE C 69 63.90 11.92 19.00
CA ILE C 69 63.56 12.72 17.83
C ILE C 69 64.66 13.69 17.44
N LEU C 70 65.53 14.10 18.36
CA LEU C 70 66.58 15.06 18.04
C LEU C 70 67.87 14.41 17.58
N ILE C 71 68.33 13.37 18.27
CA ILE C 71 69.51 12.62 17.83
C ILE C 71 69.31 12.14 16.40
N PRO C 72 68.14 11.63 16.01
CA PRO C 72 67.90 11.34 14.57
C PRO C 72 68.15 12.51 13.62
N HIS C 73 67.81 13.74 14.03
CA HIS C 73 68.08 14.91 13.20
C HIS C 73 69.57 15.16 13.04
N ILE C 74 70.33 15.03 14.13
CA ILE C 74 71.78 15.23 14.07
C ILE C 74 72.43 14.14 13.23
N ALA C 75 72.00 12.89 13.40
CA ALA C 75 72.59 11.77 12.66
C ALA C 75 72.32 11.89 11.15
N THR C 76 71.16 12.40 10.78
CA THR C 76 70.85 12.56 9.36
C THR C 76 71.83 13.53 8.70
N LEU C 77 72.35 14.50 9.46
CA LEU C 77 73.38 15.39 8.96
C LEU C 77 74.76 14.73 8.87
N GLY C 78 74.87 13.44 9.20
CA GLY C 78 76.13 12.74 9.05
C GLY C 78 77.00 12.72 10.29
N TRP C 79 76.54 13.27 11.41
CA TRP C 79 77.34 13.30 12.64
C TRP C 79 77.04 12.08 13.50
N GLY C 80 78.11 11.41 13.92
CA GLY C 80 78.04 10.37 14.93
C GLY C 80 77.73 8.98 14.44
N VAL C 81 77.50 8.81 13.14
CA VAL C 81 77.01 7.54 12.60
C VAL C 81 77.91 7.10 11.45
N GLY C 82 77.81 5.80 11.15
CA GLY C 82 78.56 5.21 10.07
C GLY C 82 77.65 4.33 9.21
N PRO C 83 78.25 3.31 8.58
CA PRO C 83 77.47 2.42 7.69
C PRO C 83 76.23 1.87 8.38
N GLY C 84 75.12 1.86 7.64
CA GLY C 84 73.85 1.39 8.17
C GLY C 84 73.24 2.26 9.25
N GLY C 85 73.83 3.42 9.52
CA GLY C 85 73.35 4.27 10.59
C GLY C 85 73.83 3.88 11.97
N GLU C 86 74.76 2.93 12.09
CA GLU C 86 75.25 2.55 13.40
C GLU C 86 75.98 3.73 14.06
N VAL C 87 75.76 3.88 15.35
CA VAL C 87 76.38 4.98 16.09
C VAL C 87 77.84 4.62 16.34
N VAL C 88 78.74 5.46 15.85
CA VAL C 88 80.17 5.24 16.05
C VAL C 88 80.77 6.22 17.06
N ASP C 89 80.07 7.29 17.41
CA ASP C 89 80.62 8.32 18.27
C ASP C 89 79.50 9.26 18.72
N THR C 90 79.17 9.25 20.01
CA THR C 90 78.08 10.09 20.52
C THR C 90 78.53 11.50 20.84
N PHE C 91 79.85 11.79 20.76
CA PHE C 91 80.31 13.13 21.13
C PHE C 91 79.67 14.25 20.32
N PRO C 92 79.43 14.13 19.01
CA PRO C 92 78.71 15.20 18.31
C PRO C 92 77.33 15.48 18.88
N PHE C 93 76.58 14.44 19.27
CA PHE C 93 75.31 14.69 19.93
C PHE C 93 75.50 15.51 21.19
N PHE C 94 76.55 15.19 21.97
CA PHE C 94 76.84 15.94 23.20
C PHE C 94 77.15 17.40 22.87
N VAL C 95 78.00 17.64 21.86
CA VAL C 95 78.36 18.99 21.48
C VAL C 95 77.13 19.80 21.07
N VAL C 96 76.28 19.23 20.21
CA VAL C 96 75.09 19.95 19.75
C VAL C 96 74.23 20.35 20.94
N GLY C 97 74.01 19.42 21.87
CA GLY C 97 73.19 19.73 23.04
C GLY C 97 73.79 20.80 23.93
N VAL C 98 75.07 20.67 24.27
CA VAL C 98 75.70 21.64 25.18
C VAL C 98 75.69 23.03 24.54
N VAL C 99 76.09 23.12 23.27
CA VAL C 99 76.21 24.43 22.66
C VAL C 99 74.86 25.12 22.56
N HIS C 100 73.79 24.37 22.26
CA HIS C 100 72.47 24.98 22.31
C HIS C 100 72.12 25.42 23.72
N LEU C 101 72.40 24.58 24.72
CA LEU C 101 72.01 24.94 26.09
C LEU C 101 72.75 26.17 26.56
N ILE C 102 74.05 26.27 26.24
CA ILE C 102 74.83 27.46 26.60
C ILE C 102 74.29 28.68 25.87
N SER C 103 73.99 28.53 24.58
CA SER C 103 73.49 29.65 23.79
C SER C 103 72.15 30.17 24.33
N SER C 104 71.31 29.28 24.87
CA SER C 104 70.01 29.73 25.36
C SER C 104 70.14 30.66 26.56
N ALA C 105 71.23 30.52 27.33
CA ALA C 105 71.49 31.47 28.41
C ALA C 105 71.74 32.87 27.86
N VAL C 106 72.50 32.96 26.77
CA VAL C 106 72.74 34.26 26.14
C VAL C 106 71.44 34.87 25.65
N LEU C 107 70.64 34.08 24.93
CA LEU C 107 69.36 34.61 24.44
C LEU C 107 68.44 34.98 25.59
N GLY C 108 68.37 34.13 26.61
CA GLY C 108 67.54 34.44 27.77
C GLY C 108 68.01 35.72 28.45
N PHE C 109 69.31 35.94 28.47
CA PHE C 109 69.84 37.16 29.08
C PHE C 109 69.37 38.40 28.34
N GLY C 110 69.57 38.45 27.02
CA GLY C 110 69.11 39.59 26.26
C GLY C 110 67.61 39.75 26.30
N GLY C 111 66.87 38.64 26.26
CA GLY C 111 65.43 38.71 26.32
C GLY C 111 64.93 39.32 27.62
N VAL C 112 65.46 38.84 28.75
CA VAL C 112 65.06 39.40 30.03
C VAL C 112 65.49 40.86 30.13
N TYR C 113 66.67 41.19 29.60
CA TYR C 113 67.12 42.58 29.64
C TYR C 113 66.15 43.49 28.89
N HIS C 114 65.90 43.20 27.62
CA HIS C 114 65.03 44.06 26.83
C HIS C 114 63.60 44.07 27.37
N ALA C 115 63.17 42.98 28.01
CA ALA C 115 61.79 42.87 28.43
C ALA C 115 61.49 43.67 29.69
N ILE C 116 62.44 43.79 30.63
CA ILE C 116 62.09 44.46 31.88
C ILE C 116 63.05 45.58 32.26
N ARG C 117 64.23 45.64 31.62
CA ARG C 117 65.22 46.65 31.97
C ARG C 117 65.50 47.68 30.88
N GLY C 118 65.61 47.26 29.61
CA GLY C 118 65.95 48.18 28.56
C GLY C 118 64.80 49.11 28.21
N PRO C 119 65.03 49.97 27.22
CA PRO C 119 63.98 50.92 26.82
C PRO C 119 62.75 50.21 26.30
N GLU C 120 61.58 50.69 26.76
CA GLU C 120 60.33 50.05 26.38
C GLU C 120 60.02 50.24 24.90
N THR C 121 60.39 51.40 24.36
CA THR C 121 60.27 51.69 22.93
C THR C 121 61.67 51.96 22.39
N LEU C 122 61.91 51.55 21.16
CA LEU C 122 63.24 51.70 20.57
C LEU C 122 63.38 52.92 19.68
N GLU C 123 62.27 53.57 19.31
CA GLU C 123 62.33 54.58 18.26
C GLU C 123 63.06 55.83 18.74
N GLU C 124 62.86 56.22 19.99
CA GLU C 124 63.61 57.35 20.53
C GLU C 124 65.09 57.02 20.64
N TYR C 125 65.42 55.76 20.90
CA TYR C 125 66.81 55.36 21.11
C TYR C 125 67.54 55.18 19.79
N SER C 126 66.89 54.60 18.79
CA SER C 126 67.57 54.26 17.54
C SER C 126 66.59 54.27 16.39
N SER C 127 66.90 55.07 15.36
CA SER C 127 66.12 54.99 14.13
C SER C 127 66.34 53.65 13.43
N PHE C 128 67.50 53.03 13.63
CA PHE C 128 67.78 51.78 12.94
C PHE C 128 66.94 50.65 13.52
N PHE C 129 66.92 50.51 14.85
CA PHE C 129 66.20 49.43 15.49
C PHE C 129 64.75 49.77 15.79
N GLY C 130 64.39 51.05 15.85
CA GLY C 130 63.00 51.41 16.00
C GLY C 130 62.19 51.16 14.74
N TYR C 131 60.89 50.99 14.91
CA TYR C 131 60.06 50.70 13.76
C TYR C 131 58.61 51.08 14.06
N ASP C 132 57.92 51.46 13.00
CA ASP C 132 56.48 51.60 12.98
C ASP C 132 55.93 50.47 12.11
N TRP C 133 55.01 49.67 12.68
CA TRP C 133 54.38 48.61 11.91
C TRP C 133 53.85 49.12 10.57
N LYS C 134 53.37 50.35 10.53
CA LYS C 134 52.73 50.92 9.34
C LYS C 134 53.74 51.57 8.39
N ASP C 135 55.02 51.58 8.74
CA ASP C 135 56.10 52.02 7.87
C ASP C 135 56.46 50.84 6.96
N LYS C 136 55.95 50.87 5.73
CA LYS C 136 56.05 49.70 4.85
C LYS C 136 57.48 49.41 4.47
N ASN C 137 58.30 50.44 4.21
CA ASN C 137 59.69 50.19 3.82
C ASN C 137 60.49 49.61 4.98
N LYS C 138 60.25 50.11 6.20
CA LYS C 138 60.96 49.56 7.35
C LYS C 138 60.60 48.09 7.55
N MET C 139 59.35 47.73 7.28
CA MET C 139 58.96 46.33 7.40
C MET C 139 59.66 45.47 6.36
N THR C 140 59.71 45.92 5.10
CA THR C 140 60.38 45.11 4.08
C THR C 140 61.89 45.05 4.32
N THR C 141 62.46 46.07 4.95
CA THR C 141 63.88 46.04 5.27
C THR C 141 64.20 44.98 6.32
N ILE C 142 63.41 44.94 7.40
CA ILE C 142 63.63 43.93 8.42
C ILE C 142 63.33 42.54 7.86
N LEU C 143 62.26 42.41 7.06
CA LEU C 143 62.03 41.18 6.32
C LEU C 143 63.24 40.80 5.47
N GLY C 144 63.86 41.79 4.82
CA GLY C 144 65.01 41.50 3.98
C GLY C 144 66.19 40.98 4.78
N PHE C 145 66.48 41.61 5.92
CA PHE C 145 67.53 41.10 6.80
C PHE C 145 67.32 39.64 7.12
N HIS C 146 66.08 39.28 7.47
CA HIS C 146 65.78 37.93 7.90
C HIS C 146 65.80 36.94 6.74
N LEU C 147 65.40 37.36 5.54
CA LEU C 147 65.54 36.50 4.37
C LEU C 147 66.99 36.15 4.12
N ILE C 148 67.90 37.12 4.31
CA ILE C 148 69.32 36.85 4.11
C ILE C 148 69.82 35.89 5.18
N VAL C 149 69.38 36.08 6.43
CA VAL C 149 69.76 35.15 7.49
C VAL C 149 69.29 33.74 7.15
N LEU C 150 68.05 33.60 6.66
CA LEU C 150 67.56 32.27 6.29
C LEU C 150 68.34 31.68 5.13
N GLY C 151 68.66 32.49 4.11
CA GLY C 151 69.44 31.99 3.00
C GLY C 151 70.79 31.47 3.43
N ILE C 152 71.44 32.16 4.37
CA ILE C 152 72.70 31.67 4.91
C ILE C 152 72.51 30.33 5.60
N GLY C 153 71.41 30.19 6.36
CA GLY C 153 71.13 28.91 6.99
C GLY C 153 71.02 27.78 5.99
N ALA C 154 70.32 28.01 4.89
CA ALA C 154 70.18 26.96 3.87
C ALA C 154 71.53 26.59 3.30
N LEU C 155 72.42 27.58 3.13
CA LEU C 155 73.75 27.29 2.61
C LEU C 155 74.63 26.60 3.64
N LEU C 156 74.32 26.70 4.93
CA LEU C 156 75.06 25.94 5.92
C LEU C 156 74.81 24.44 5.75
N LEU C 157 73.57 24.05 5.45
CA LEU C 157 73.27 22.67 5.10
C LEU C 157 74.09 22.23 3.88
N VAL C 158 74.14 23.09 2.85
CA VAL C 158 74.93 22.77 1.65
C VAL C 158 76.39 22.57 2.01
N ALA C 159 76.95 23.49 2.81
CA ALA C 159 78.35 23.38 3.19
C ALA C 159 78.62 22.08 3.95
N LYS C 160 77.73 21.72 4.87
CA LYS C 160 77.86 20.45 5.59
C LYS C 160 77.89 19.28 4.62
N ALA C 161 77.00 19.29 3.63
CA ALA C 161 76.87 18.16 2.70
C ALA C 161 78.04 18.07 1.73
N MET C 162 78.65 19.21 1.38
CA MET C 162 79.65 19.24 0.31
C MET C 162 81.08 19.37 0.80
N PHE C 163 81.30 20.01 1.94
CA PHE C 163 82.67 20.29 2.39
C PHE C 163 82.97 19.86 3.82
N PHE C 164 81.98 19.46 4.62
CA PHE C 164 82.23 19.14 6.01
C PHE C 164 81.64 17.78 6.38
N GLY C 165 81.95 16.75 5.59
CA GLY C 165 81.66 15.38 5.93
C GLY C 165 80.51 14.75 5.18
N GLY C 166 79.62 15.54 4.58
CA GLY C 166 78.48 14.97 3.86
C GLY C 166 77.24 14.80 4.73
N LEU C 167 76.35 13.90 4.27
CA LEU C 167 75.10 13.63 4.96
C LEU C 167 74.88 12.13 5.02
N TYR C 168 73.95 11.69 5.87
CA TYR C 168 73.63 10.27 5.90
C TYR C 168 72.74 9.95 4.70
N ASP C 169 73.18 9.00 3.88
CA ASP C 169 72.50 8.61 2.65
C ASP C 169 71.99 7.19 2.78
N THR C 170 70.69 7.04 3.03
CA THR C 170 70.11 5.70 3.12
C THR C 170 70.22 4.96 1.78
N TRP C 171 70.42 5.68 0.67
CA TRP C 171 70.44 5.10 -0.66
C TRP C 171 71.86 4.80 -1.15
N ALA C 172 72.89 4.99 -0.32
CA ALA C 172 74.25 4.81 -0.79
C ALA C 172 74.46 3.39 -1.33
N PRO C 173 75.11 3.25 -2.48
CA PRO C 173 75.37 1.90 -3.02
C PRO C 173 76.16 1.06 -2.03
N GLY C 174 75.74 -0.19 -1.88
CA GLY C 174 76.33 -1.10 -0.92
C GLY C 174 75.74 -1.01 0.48
N GLY C 175 74.87 -0.03 0.74
CA GLY C 175 74.25 0.13 2.05
C GLY C 175 74.34 1.58 2.50
N GLY C 176 73.39 1.98 3.34
CA GLY C 176 73.36 3.36 3.80
C GLY C 176 74.66 3.75 4.47
N ASP C 177 75.06 5.00 4.28
CA ASP C 177 76.31 5.49 4.83
C ASP C 177 76.34 7.00 4.69
N VAL C 178 77.22 7.62 5.46
CA VAL C 178 77.52 9.03 5.28
C VAL C 178 78.25 9.20 3.96
N ARG C 179 77.82 10.19 3.17
CA ARG C 179 78.38 10.40 1.85
C ARG C 179 78.49 11.89 1.56
N VAL C 180 79.63 12.27 0.98
CA VAL C 180 79.85 13.65 0.57
C VAL C 180 79.13 13.86 -0.75
N ILE C 181 78.40 14.97 -0.85
CA ILE C 181 77.64 15.28 -2.06
C ILE C 181 78.52 16.18 -2.92
N THR C 182 78.94 15.68 -4.08
CA THR C 182 79.85 16.43 -4.93
C THR C 182 79.19 17.04 -6.15
N ASN C 183 78.06 16.51 -6.59
CA ASN C 183 77.35 17.03 -7.75
C ASN C 183 75.90 17.29 -7.41
N PRO C 184 75.63 18.37 -6.66
CA PRO C 184 74.25 18.73 -6.34
C PRO C 184 73.49 19.07 -7.61
N THR C 185 72.20 18.74 -7.61
CA THR C 185 71.36 18.98 -8.78
C THR C 185 71.10 20.48 -8.92
N LEU C 186 71.58 21.07 -10.01
CA LEU C 186 71.38 22.50 -10.23
C LEU C 186 70.35 22.80 -11.32
N ASP C 187 69.99 21.80 -12.14
CA ASP C 187 69.02 22.00 -13.21
C ASP C 187 67.69 22.51 -12.66
N PRO C 188 67.27 23.72 -13.02
CA PRO C 188 66.00 24.24 -12.48
C PRO C 188 64.80 23.45 -12.95
N ARG C 189 64.90 22.79 -14.10
CA ARG C 189 63.83 21.91 -14.54
C ARG C 189 63.60 20.79 -13.54
N VAL C 190 64.65 20.30 -12.89
CA VAL C 190 64.50 19.27 -11.86
C VAL C 190 64.05 19.87 -10.54
N ILE C 191 64.76 20.92 -10.09
CA ILE C 191 64.48 21.48 -8.77
C ILE C 191 63.05 22.01 -8.70
N PHE C 192 62.68 22.86 -9.66
CA PHE C 192 61.33 23.41 -9.58
C PHE C 192 60.29 22.45 -10.13
N GLY C 193 60.70 21.41 -10.84
CA GLY C 193 59.76 20.37 -11.23
C GLY C 193 59.10 19.69 -10.05
N TYR C 194 59.83 19.52 -8.94
CA TYR C 194 59.22 19.01 -7.73
C TYR C 194 58.04 19.87 -7.30
N LEU C 195 58.15 21.19 -7.43
CA LEU C 195 57.10 22.10 -6.99
C LEU C 195 55.83 21.97 -7.82
N LEU C 196 55.93 21.46 -9.04
CA LEU C 196 54.76 21.30 -9.90
C LEU C 196 54.24 19.87 -9.92
N LYS C 197 54.78 18.99 -9.09
CA LYS C 197 54.25 17.63 -9.01
C LYS C 197 52.96 17.64 -8.19
N SER C 198 52.00 16.86 -8.64
CA SER C 198 50.76 16.64 -7.89
C SER C 198 51.08 16.16 -6.48
N PRO C 199 50.29 16.54 -5.47
CA PRO C 199 50.49 15.99 -4.12
C PRO C 199 49.83 14.65 -3.89
N PHE C 200 49.16 14.07 -4.89
CA PHE C 200 48.42 12.83 -4.71
C PHE C 200 49.31 11.61 -4.90
N GLY C 201 48.70 10.43 -4.82
CA GLY C 201 49.48 9.20 -4.70
C GLY C 201 50.35 8.95 -5.92
N GLY C 202 51.57 8.43 -5.66
CA GLY C 202 52.53 8.17 -6.71
C GLY C 202 53.23 9.41 -7.23
N GLU C 203 52.90 10.58 -6.70
CA GLU C 203 53.53 11.83 -7.10
C GLU C 203 54.11 12.51 -5.86
N GLY C 204 53.27 12.95 -4.93
CA GLY C 204 53.74 13.35 -3.62
C GLY C 204 54.43 14.69 -3.54
N TRP C 205 54.32 15.53 -4.57
CA TRP C 205 54.82 16.90 -4.53
C TRP C 205 56.28 16.90 -4.07
N ILE C 206 56.67 17.83 -3.18
CA ILE C 206 58.07 17.87 -2.77
C ILE C 206 58.41 16.77 -1.78
N VAL C 207 57.39 16.15 -1.17
CA VAL C 207 57.63 15.06 -0.23
C VAL C 207 58.27 13.87 -0.92
N SER C 208 58.22 13.82 -2.24
CA SER C 208 58.78 12.70 -3.00
C SER C 208 60.29 12.78 -3.20
N VAL C 209 60.97 13.83 -2.72
CA VAL C 209 62.40 13.95 -2.99
C VAL C 209 63.12 12.73 -2.42
N ASN C 210 63.90 12.06 -3.27
CA ASN C 210 64.37 10.73 -2.93
C ASN C 210 65.88 10.57 -3.16
N ASN C 211 66.63 11.67 -3.21
CA ASN C 211 68.07 11.56 -3.33
C ASN C 211 68.70 12.84 -2.82
N LEU C 212 69.91 12.73 -2.28
CA LEU C 212 70.53 13.87 -1.61
C LEU C 212 71.04 14.90 -2.60
N GLU C 213 71.37 14.50 -3.83
CA GLU C 213 71.73 15.49 -4.84
C GLU C 213 70.62 16.51 -5.03
N ASP C 214 69.37 16.04 -5.14
CA ASP C 214 68.25 16.97 -5.29
C ASP C 214 68.05 17.79 -4.02
N VAL C 215 68.24 17.18 -2.85
CA VAL C 215 68.09 17.91 -1.59
C VAL C 215 69.09 19.06 -1.50
N VAL C 216 70.37 18.76 -1.76
CA VAL C 216 71.42 19.77 -1.65
C VAL C 216 71.24 20.86 -2.70
N GLY C 217 71.00 20.45 -3.95
CA GLY C 217 70.77 21.42 -5.01
C GLY C 217 69.56 22.30 -4.74
N GLY C 218 68.50 21.73 -4.16
CA GLY C 218 67.37 22.54 -3.76
C GLY C 218 67.75 23.61 -2.76
N HIS C 219 68.64 23.27 -1.82
CA HIS C 219 69.02 24.24 -0.80
C HIS C 219 69.99 25.28 -1.34
N ILE C 220 70.76 24.95 -2.38
CA ILE C 220 71.54 25.96 -3.08
C ILE C 220 70.59 27.00 -3.67
N TRP C 221 69.54 26.54 -4.36
CA TRP C 221 68.56 27.44 -4.97
C TRP C 221 67.86 28.26 -3.90
N ILE C 222 67.41 27.61 -2.82
CA ILE C 222 66.70 28.32 -1.77
C ILE C 222 67.61 29.34 -1.10
N GLY C 223 68.89 29.00 -0.94
CA GLY C 223 69.83 29.95 -0.36
C GLY C 223 69.96 31.21 -1.19
N LEU C 224 70.16 31.06 -2.50
CA LEU C 224 70.31 32.21 -3.37
C LEU C 224 68.99 32.97 -3.53
N ILE C 225 67.87 32.25 -3.60
CA ILE C 225 66.57 32.93 -3.70
C ILE C 225 66.33 33.80 -2.46
N CYS C 226 66.63 33.28 -1.26
CA CYS C 226 66.37 34.06 -0.05
C CYS C 226 67.31 35.25 0.06
N ILE C 227 68.57 35.09 -0.34
CA ILE C 227 69.52 36.21 -0.26
C ILE C 227 69.17 37.28 -1.29
N ALA C 228 68.84 36.87 -2.53
CA ALA C 228 68.38 37.82 -3.52
C ALA C 228 67.10 38.53 -3.07
N GLY C 229 66.11 37.74 -2.62
CA GLY C 229 64.88 38.34 -2.13
C GLY C 229 65.10 39.29 -0.98
N GLY C 230 66.02 38.95 -0.08
CA GLY C 230 66.30 39.84 1.04
C GLY C 230 66.94 41.14 0.60
N ILE C 231 67.90 41.08 -0.33
CA ILE C 231 68.47 42.30 -0.88
C ILE C 231 67.40 43.10 -1.61
N TRP C 232 66.54 42.42 -2.36
CA TRP C 232 65.44 43.08 -3.06
C TRP C 232 64.56 43.87 -2.09
N HIS C 233 64.19 43.26 -0.97
CA HIS C 233 63.29 43.94 -0.04
C HIS C 233 64.00 44.99 0.80
N ILE C 234 65.32 44.90 0.95
CA ILE C 234 66.05 46.00 1.57
C ILE C 234 66.06 47.21 0.62
N LEU C 235 66.11 46.97 -0.68
CA LEU C 235 66.31 48.02 -1.65
C LEU C 235 65.02 48.59 -2.24
N THR C 236 63.88 47.91 -2.07
CA THR C 236 62.64 48.36 -2.66
C THR C 236 61.60 48.64 -1.57
N THR C 237 60.48 49.18 -2.01
CA THR C 237 59.30 49.42 -1.17
C THR C 237 58.09 48.82 -1.87
N PRO C 238 57.11 48.35 -1.12
CA PRO C 238 56.01 47.60 -1.73
C PRO C 238 55.31 48.38 -2.84
N PHE C 239 55.04 47.69 -3.94
CA PHE C 239 54.39 48.28 -5.11
C PHE C 239 52.93 48.61 -4.81
N GLY C 240 52.37 49.48 -5.65
CA GLY C 240 50.99 49.93 -5.45
C GLY C 240 49.98 48.80 -5.35
N TRP C 241 50.09 47.80 -6.23
CA TRP C 241 49.14 46.70 -6.20
C TRP C 241 49.24 45.89 -4.90
N ALA C 242 50.47 45.75 -4.38
CA ALA C 242 50.62 45.10 -3.07
C ALA C 242 50.03 45.97 -1.97
N ARG C 243 50.29 47.28 -2.03
CA ARG C 243 49.77 48.20 -1.02
C ARG C 243 48.26 48.12 -0.91
N ARG C 244 47.57 47.96 -2.04
CA ARG C 244 46.11 47.92 -2.02
C ARG C 244 45.56 46.55 -1.62
N ALA C 245 46.38 45.50 -1.63
CA ALA C 245 45.87 44.16 -1.35
C ALA C 245 45.96 43.75 0.12
N PHE C 246 46.89 44.33 0.88
CA PHE C 246 47.18 43.83 2.21
C PHE C 246 46.72 44.79 3.30
N ILE C 247 46.56 44.23 4.49
CA ILE C 247 46.44 45.01 5.71
C ILE C 247 47.84 45.22 6.26
N TRP C 248 48.15 46.46 6.64
CA TRP C 248 49.50 46.83 7.06
C TRP C 248 49.42 47.18 8.55
N SER C 249 49.60 46.15 9.38
CA SER C 249 49.56 46.32 10.83
C SER C 249 50.29 45.14 11.46
N GLY C 250 50.73 45.34 12.70
CA GLY C 250 51.43 44.27 13.40
C GLY C 250 50.63 42.99 13.46
N GLU C 251 49.33 43.10 13.79
CA GLU C 251 48.52 41.89 13.86
C GLU C 251 48.30 41.26 12.49
N ALA C 252 48.18 42.08 11.45
CA ALA C 252 48.05 41.51 10.10
C ALA C 252 49.29 40.72 9.72
N TYR C 253 50.48 41.29 9.92
CA TYR C 253 51.72 40.58 9.60
C TYR C 253 51.81 39.27 10.38
N LEU C 254 51.46 39.30 11.67
CA LEU C 254 51.43 38.07 12.45
C LEU C 254 50.50 37.04 11.82
N SER C 255 49.30 37.47 11.39
CA SER C 255 48.36 36.52 10.81
C SER C 255 48.89 35.89 9.54
N TYR C 256 49.64 36.67 8.74
CA TYR C 256 50.23 36.11 7.53
C TYR C 256 51.22 35.01 7.87
N SER C 257 52.10 35.27 8.85
CA SER C 257 53.08 34.28 9.27
C SER C 257 52.41 33.06 9.90
N LEU C 258 51.30 33.26 10.62
CA LEU C 258 50.59 32.12 11.18
C LEU C 258 50.05 31.21 10.08
N GLY C 259 49.51 31.80 9.01
CA GLY C 259 49.08 30.98 7.89
C GLY C 259 50.23 30.24 7.24
N ALA C 260 51.38 30.92 7.12
CA ALA C 260 52.56 30.28 6.54
C ALA C 260 53.03 29.11 7.40
N LEU C 261 53.10 29.31 8.72
CA LEU C 261 53.59 28.24 9.60
C LEU C 261 52.61 27.07 9.64
N SER C 262 51.30 27.35 9.58
CA SER C 262 50.33 26.25 9.53
C SER C 262 50.59 25.38 8.31
N MET C 263 50.72 26.01 7.15
CA MET C 263 51.03 25.29 5.91
C MET C 263 52.32 24.47 6.05
N MET C 264 53.36 25.08 6.62
CA MET C 264 54.62 24.36 6.79
C MET C 264 54.45 23.18 7.74
N GLY C 265 53.66 23.34 8.80
CA GLY C 265 53.42 22.23 9.70
C GLY C 265 52.73 21.05 9.04
N PHE C 266 51.72 21.32 8.22
CA PHE C 266 51.07 20.26 7.46
C PHE C 266 52.06 19.58 6.52
N ILE C 267 52.92 20.35 5.88
CA ILE C 267 53.93 19.79 4.98
C ILE C 267 54.90 18.89 5.75
N ALA C 268 55.39 19.36 6.92
CA ALA C 268 56.33 18.56 7.71
C ALA C 268 55.69 17.27 8.19
N THR C 269 54.40 17.32 8.54
CA THR C 269 53.67 16.12 8.91
C THR C 269 53.73 15.08 7.79
N CYS C 270 53.48 15.51 6.55
CA CYS C 270 53.52 14.55 5.45
C CYS C 270 54.95 14.11 5.15
N PHE C 271 55.91 15.02 5.29
CA PHE C 271 57.31 14.67 5.07
C PHE C 271 57.75 13.53 5.99
N VAL C 272 57.47 13.66 7.29
CA VAL C 272 57.96 12.64 8.21
C VAL C 272 57.14 11.36 8.08
N TRP C 273 55.91 11.44 7.55
CA TRP C 273 55.08 10.25 7.45
C TRP C 273 55.47 9.41 6.23
N PHE C 274 55.82 10.05 5.11
CA PHE C 274 56.05 9.34 3.86
C PHE C 274 57.51 9.26 3.44
N ASN C 275 58.30 10.29 3.72
CA ASN C 275 59.64 10.39 3.16
C ASN C 275 60.62 9.60 4.02
N ASN C 276 61.43 8.74 3.38
CA ASN C 276 62.46 7.98 4.08
C ASN C 276 63.86 8.30 3.57
N THR C 277 64.04 9.48 2.96
CA THR C 277 65.34 9.96 2.54
C THR C 277 65.92 10.97 3.51
N VAL C 278 65.24 12.11 3.71
CA VAL C 278 65.69 13.07 4.72
C VAL C 278 65.17 12.72 6.09
N TYR C 279 64.29 11.71 6.18
CA TYR C 279 63.95 11.05 7.44
C TYR C 279 64.32 9.58 7.26
N PRO C 280 65.60 9.23 7.38
CA PRO C 280 66.02 7.85 7.13
C PRO C 280 65.36 6.89 8.10
N SER C 281 64.87 5.77 7.57
CA SER C 281 64.19 4.76 8.38
C SER C 281 65.11 4.11 9.38
N GLU C 282 66.43 4.09 9.11
CA GLU C 282 67.41 3.64 10.11
C GLU C 282 67.29 4.40 11.42
N PHE C 283 66.91 5.69 11.36
CA PHE C 283 66.86 6.54 12.54
C PHE C 283 65.43 6.75 13.04
N TYR C 284 64.46 6.88 12.13
CA TYR C 284 63.10 7.22 12.50
C TYR C 284 62.16 6.02 12.53
N GLY C 285 62.63 4.85 12.10
CA GLY C 285 61.78 3.69 11.95
C GLY C 285 61.18 3.69 10.56
N PRO C 286 60.57 2.59 10.15
CA PRO C 286 59.94 2.52 8.83
C PRO C 286 58.72 3.42 8.75
N THR C 287 58.43 3.89 7.54
CA THR C 287 57.15 4.54 7.33
C THR C 287 56.02 3.52 7.40
N GLY C 288 54.80 4.05 7.54
CA GLY C 288 53.61 3.23 7.50
C GLY C 288 53.54 2.37 6.26
N PRO C 289 53.66 2.99 5.07
CA PRO C 289 53.76 2.20 3.84
C PRO C 289 54.88 1.18 3.87
N GLU C 290 56.04 1.56 4.41
CA GLU C 290 57.21 0.69 4.42
C GLU C 290 56.95 -0.58 5.19
N ALA C 291 56.42 -0.45 6.41
CA ALA C 291 56.19 -1.61 7.26
C ALA C 291 55.15 -2.55 6.66
N SER C 292 54.12 -1.98 6.00
CA SER C 292 53.10 -2.81 5.36
C SER C 292 53.70 -3.58 4.17
N GLN C 293 54.51 -2.91 3.37
CA GLN C 293 55.22 -3.62 2.30
C GLN C 293 56.13 -4.69 2.89
N ALA C 294 56.80 -4.38 4.00
CA ALA C 294 57.73 -5.34 4.61
C ALA C 294 57.01 -6.58 5.11
N GLN C 295 55.76 -6.44 5.56
CA GLN C 295 55.02 -7.63 5.96
C GLN C 295 54.79 -8.56 4.77
N ALA C 296 54.31 -8.01 3.67
CA ALA C 296 54.11 -8.83 2.48
C ALA C 296 55.41 -9.49 2.05
N MET C 297 56.51 -8.73 2.07
CA MET C 297 57.82 -9.31 1.74
C MET C 297 58.16 -10.47 2.69
N THR C 298 57.89 -10.30 3.99
CA THR C 298 58.24 -11.31 4.97
C THR C 298 57.52 -12.63 4.70
N PHE C 299 56.23 -12.59 4.40
CA PHE C 299 55.55 -13.87 4.21
C PHE C 299 55.75 -14.43 2.81
N LEU C 300 56.01 -13.57 1.83
CA LEU C 300 56.50 -14.09 0.55
C LEU C 300 57.76 -14.91 0.76
N ILE C 301 58.75 -14.36 1.48
CA ILE C 301 60.00 -15.07 1.73
C ILE C 301 59.73 -16.38 2.45
N ARG C 302 58.92 -16.33 3.51
CA ARG C 302 58.66 -17.53 4.32
C ARG C 302 58.01 -18.62 3.48
N ASP C 303 56.92 -18.29 2.79
CA ASP C 303 56.16 -19.29 2.07
C ASP C 303 56.91 -19.78 0.85
N GLN C 304 57.65 -18.90 0.18
CA GLN C 304 58.49 -19.36 -0.91
C GLN C 304 59.56 -20.33 -0.43
N LYS C 305 60.18 -20.08 0.74
CA LYS C 305 61.12 -21.06 1.30
C LYS C 305 60.45 -22.40 1.55
N LEU C 306 59.16 -22.39 1.88
CA LEU C 306 58.42 -23.62 2.11
C LEU C 306 58.06 -24.33 0.81
N GLY C 307 58.22 -23.67 -0.33
CA GLY C 307 57.94 -24.28 -1.63
C GLY C 307 56.87 -23.59 -2.45
N ALA C 308 56.27 -22.50 -1.98
CA ALA C 308 55.22 -21.84 -2.74
C ALA C 308 55.77 -21.16 -3.98
N ASN C 309 55.02 -21.26 -5.08
CA ASN C 309 55.28 -20.47 -6.29
C ASN C 309 54.49 -19.18 -6.13
N VAL C 310 55.15 -18.15 -5.62
CA VAL C 310 54.46 -16.94 -5.20
C VAL C 310 53.94 -16.14 -6.39
N GLY C 311 54.46 -16.36 -7.59
CA GLY C 311 53.89 -15.65 -8.74
C GLY C 311 52.54 -16.17 -9.17
N SER C 312 52.29 -17.47 -9.00
CA SER C 312 51.04 -18.08 -9.47
C SER C 312 50.06 -18.39 -8.35
N ALA C 313 50.37 -17.98 -7.12
CA ALA C 313 49.52 -18.23 -5.96
C ALA C 313 48.32 -17.29 -6.01
N GLN C 314 47.13 -17.85 -6.24
CA GLN C 314 45.87 -17.11 -6.25
C GLN C 314 45.33 -16.99 -4.84
N GLY C 315 45.05 -15.74 -4.39
CA GLY C 315 44.45 -15.54 -3.09
C GLY C 315 42.94 -15.78 -3.11
N PRO C 316 42.32 -15.67 -1.93
CA PRO C 316 40.87 -15.96 -1.82
C PRO C 316 39.99 -15.13 -2.73
N THR C 317 40.36 -13.88 -3.01
CA THR C 317 39.53 -13.00 -3.83
C THR C 317 39.72 -13.22 -5.32
N GLY C 318 40.73 -13.98 -5.73
CA GLY C 318 41.11 -14.10 -7.11
C GLY C 318 42.34 -13.30 -7.47
N LEU C 319 42.64 -12.25 -6.71
CA LEU C 319 43.92 -11.56 -6.84
C LEU C 319 45.04 -12.43 -6.27
N GLY C 320 46.25 -12.17 -6.76
CA GLY C 320 47.41 -12.89 -6.27
C GLY C 320 47.58 -12.70 -4.77
N LYS C 321 47.87 -13.81 -4.09
CA LYS C 321 48.05 -13.75 -2.64
C LYS C 321 49.28 -12.93 -2.24
N TYR C 322 50.35 -13.01 -3.03
CA TYR C 322 51.61 -12.31 -2.77
C TYR C 322 51.87 -11.20 -3.77
N LEU C 323 51.49 -11.40 -5.04
CA LEU C 323 51.86 -10.49 -6.12
C LEU C 323 50.65 -10.25 -6.99
N MET C 324 50.49 -9.01 -7.44
CA MET C 324 49.39 -8.62 -8.32
C MET C 324 49.85 -7.43 -9.16
N ARG C 325 48.93 -6.87 -9.92
CA ARG C 325 49.22 -5.70 -10.76
C ARG C 325 48.61 -4.45 -10.15
N SER C 326 49.33 -3.34 -10.27
CA SER C 326 48.80 -2.03 -9.98
C SER C 326 47.82 -1.65 -11.09
N PRO C 327 47.01 -0.59 -10.91
CA PRO C 327 46.07 -0.20 -11.97
C PRO C 327 46.73 0.15 -13.29
N THR C 328 48.05 0.41 -13.33
CA THR C 328 48.74 0.60 -14.61
C THR C 328 49.68 -0.57 -14.97
N GLY C 329 49.57 -1.72 -14.28
CA GLY C 329 50.18 -2.94 -14.74
C GLY C 329 51.44 -3.39 -14.01
N GLU C 330 52.08 -2.49 -13.25
CA GLU C 330 53.29 -2.84 -12.52
C GLU C 330 53.03 -3.99 -11.55
N ILE C 331 54.01 -4.88 -11.41
CA ILE C 331 53.91 -5.97 -10.44
C ILE C 331 54.18 -5.43 -9.04
N ILE C 332 53.24 -5.67 -8.12
CA ILE C 332 53.26 -5.10 -6.77
C ILE C 332 52.87 -6.17 -5.76
N PHE C 333 53.17 -5.90 -4.49
CA PHE C 333 52.75 -6.81 -3.42
C PHE C 333 51.23 -6.83 -3.27
N GLY C 334 50.68 -8.01 -2.99
CA GLY C 334 49.25 -8.18 -2.84
C GLY C 334 48.76 -8.06 -1.40
N GLY C 335 47.46 -8.31 -1.23
CA GLY C 335 46.81 -7.98 0.03
C GLY C 335 46.55 -6.48 0.15
N GLU C 336 46.23 -6.06 1.38
CA GLU C 336 45.84 -4.66 1.59
C GLU C 336 46.95 -3.69 1.21
N THR C 337 48.21 -4.14 1.22
CA THR C 337 49.33 -3.28 0.86
C THR C 337 49.33 -2.91 -0.62
N MET C 338 48.37 -3.40 -1.41
CA MET C 338 48.20 -2.89 -2.77
C MET C 338 48.14 -1.36 -2.78
N ARG C 339 47.63 -0.75 -1.70
CA ARG C 339 47.52 0.70 -1.64
C ARG C 339 48.88 1.38 -1.54
N PHE C 340 49.91 0.64 -1.11
CA PHE C 340 51.20 1.22 -0.80
C PHE C 340 52.24 0.98 -1.89
N TRP C 341 51.81 0.67 -3.11
CA TRP C 341 52.77 0.23 -4.12
C TRP C 341 53.69 1.35 -4.61
N ASP C 342 53.39 2.61 -4.27
CA ASP C 342 54.29 3.72 -4.55
C ASP C 342 55.48 3.76 -3.61
N PHE C 343 55.47 2.94 -2.57
CA PHE C 343 56.60 2.90 -1.66
C PHE C 343 57.90 2.56 -2.39
N ARG C 344 59.00 3.22 -1.98
CA ARG C 344 60.34 2.87 -2.46
C ARG C 344 61.29 2.90 -1.28
N GLY C 345 62.14 1.88 -1.17
CA GLY C 345 63.10 1.80 -0.09
C GLY C 345 64.28 0.92 -0.48
N PRO C 346 65.45 1.18 0.12
CA PRO C 346 66.68 0.50 -0.34
C PRO C 346 66.68 -1.01 -0.15
N TRP C 347 65.94 -1.54 0.82
CA TRP C 347 65.88 -2.98 0.98
C TRP C 347 65.03 -3.67 -0.07
N LEU C 348 64.15 -2.92 -0.75
CA LEU C 348 63.21 -3.48 -1.71
C LEU C 348 63.61 -3.23 -3.17
N GLU C 349 64.23 -2.10 -3.46
CA GLU C 349 64.54 -1.77 -4.85
C GLU C 349 65.40 -2.82 -5.58
N PRO C 350 66.32 -3.55 -4.94
CA PRO C 350 67.04 -4.60 -5.69
C PRO C 350 66.11 -5.65 -6.30
N LEU C 351 64.88 -5.78 -5.83
CA LEU C 351 63.95 -6.75 -6.40
C LEU C 351 63.10 -6.16 -7.52
N ARG C 352 63.26 -4.88 -7.84
CA ARG C 352 62.40 -4.22 -8.80
C ARG C 352 63.06 -4.17 -10.16
N GLY C 353 62.32 -4.55 -11.19
CA GLY C 353 62.76 -4.39 -12.56
C GLY C 353 61.88 -3.39 -13.29
N PRO C 354 62.05 -3.31 -14.61
CA PRO C 354 61.30 -2.33 -15.39
C PRO C 354 59.78 -2.42 -15.25
N ASN C 355 59.20 -3.61 -15.04
CA ASN C 355 57.76 -3.77 -14.94
C ASN C 355 57.27 -3.88 -13.50
N GLY C 356 58.10 -3.50 -12.54
CA GLY C 356 57.79 -3.65 -11.13
C GLY C 356 58.60 -4.77 -10.50
N LEU C 357 58.06 -5.32 -9.43
CA LEU C 357 58.71 -6.44 -8.75
C LEU C 357 58.94 -7.59 -9.73
N ASP C 358 60.16 -8.11 -9.74
CA ASP C 358 60.62 -9.08 -10.74
C ASP C 358 60.64 -10.48 -10.14
N LEU C 359 59.86 -11.38 -10.73
CA LEU C 359 59.69 -12.72 -10.18
C LEU C 359 61.01 -13.50 -10.15
N ASN C 360 61.84 -13.34 -11.19
CA ASN C 360 63.12 -14.05 -11.21
CA ASN C 360 63.10 -14.07 -11.20
C ASN C 360 64.02 -13.58 -10.08
N LYS C 361 64.03 -12.26 -9.81
CA LYS C 361 64.81 -11.74 -8.71
C LYS C 361 64.25 -12.19 -7.37
N ILE C 362 62.92 -12.26 -7.27
CA ILE C 362 62.29 -12.76 -6.05
C ILE C 362 62.66 -14.22 -5.82
N LYS C 363 62.68 -15.02 -6.88
CA LYS C 363 62.96 -16.43 -6.75
C LYS C 363 64.41 -16.70 -6.36
N ASN C 364 65.34 -15.89 -6.86
CA ASN C 364 66.75 -16.22 -6.79
C ASN C 364 67.62 -15.26 -6.00
N ASP C 365 67.23 -13.99 -5.83
CA ASP C 365 68.20 -12.97 -5.42
C ASP C 365 67.90 -12.31 -4.08
N ILE C 366 66.88 -12.75 -3.34
CA ILE C 366 66.63 -12.16 -2.03
C ILE C 366 67.75 -12.57 -1.09
N GLN C 367 68.50 -11.52 -0.50
CA GLN C 367 69.62 -11.75 0.42
C GLN C 367 69.14 -11.78 1.86
N PRO C 368 69.88 -12.47 2.74
CA PRO C 368 69.50 -12.48 4.17
C PRO C 368 69.30 -11.10 4.78
N TRP C 369 70.09 -10.10 4.38
CA TRP C 369 69.92 -8.76 4.96
C TRP C 369 68.57 -8.17 4.58
N GLN C 370 68.05 -8.51 3.40
CA GLN C 370 66.73 -8.04 3.03
C GLN C 370 65.66 -8.73 3.87
N GLU C 371 65.78 -10.04 4.10
CA GLU C 371 64.84 -10.70 5.00
C GLU C 371 64.87 -10.07 6.39
N ARG C 372 66.08 -9.76 6.90
CA ARG C 372 66.22 -9.11 8.20
C ARG C 372 65.55 -7.76 8.24
N ARG C 373 65.83 -6.92 7.23
CA ARG C 373 65.29 -5.57 7.25
C ARG C 373 63.77 -5.60 7.15
N ALA C 374 63.23 -6.50 6.31
CA ALA C 374 61.78 -6.60 6.19
C ALA C 374 61.15 -7.08 7.49
N ALA C 375 61.77 -8.06 8.16
CA ALA C 375 61.26 -8.51 9.45
C ALA C 375 61.32 -7.39 10.49
N GLU C 376 62.46 -6.70 10.54
CA GLU C 376 62.60 -5.59 11.47
C GLU C 376 61.51 -4.53 11.25
N TYR C 377 61.28 -4.13 10.00
CA TYR C 377 60.35 -3.03 9.74
C TYR C 377 58.89 -3.46 9.94
N MET C 378 58.56 -4.69 9.54
CA MET C 378 57.22 -5.19 9.79
C MET C 378 56.87 -5.19 11.28
N THR C 379 57.86 -5.41 12.15
CA THR C 379 57.63 -5.51 13.59
C THR C 379 57.95 -4.21 14.32
N HIS C 380 58.24 -3.13 13.59
CA HIS C 380 58.32 -1.79 14.14
C HIS C 380 57.44 -0.85 13.33
N ALA C 381 56.28 -1.35 12.89
CA ALA C 381 55.34 -0.52 12.17
C ALA C 381 54.89 0.64 13.08
N PRO C 382 54.66 1.82 12.50
CA PRO C 382 54.28 2.98 13.33
C PRO C 382 52.83 2.89 13.80
N LEU C 383 52.55 1.90 14.67
CA LEU C 383 51.26 1.75 15.34
C LEU C 383 51.53 1.53 16.82
N GLY C 384 50.74 2.19 17.67
CA GLY C 384 50.94 2.08 19.11
C GLY C 384 50.02 3.03 19.85
N SER C 385 49.90 2.79 21.17
CA SER C 385 48.96 3.52 22.00
C SER C 385 49.59 4.78 22.59
N LEU C 386 48.72 5.66 23.12
CA LEU C 386 49.18 6.92 23.70
C LEU C 386 50.09 6.69 24.90
N ASN C 387 49.86 5.61 25.66
CA ASN C 387 50.80 5.23 26.72
C ASN C 387 51.97 4.37 26.20
N SER C 388 52.21 4.35 24.88
CA SER C 388 53.42 3.76 24.27
C SER C 388 53.47 2.23 24.41
N VAL C 389 52.32 1.58 24.24
CA VAL C 389 52.25 0.13 24.02
C VAL C 389 52.31 -0.10 22.52
N GLY C 390 53.37 -0.77 22.06
CA GLY C 390 53.56 -0.92 20.63
C GLY C 390 52.60 -1.94 20.03
N GLY C 391 52.16 -1.67 18.82
CA GLY C 391 51.38 -2.61 18.05
C GLY C 391 49.96 -2.12 17.80
N VAL C 392 49.15 -3.05 17.29
CA VAL C 392 47.74 -2.77 17.03
C VAL C 392 47.01 -2.52 18.33
N ALA C 393 45.81 -1.92 18.21
CA ALA C 393 45.09 -1.48 19.39
C ALA C 393 44.69 -2.64 20.30
N THR C 394 44.59 -3.84 19.75
CA THR C 394 44.19 -4.98 20.56
C THR C 394 45.38 -5.74 21.14
N GLU C 395 46.60 -5.29 20.87
CA GLU C 395 47.77 -5.99 21.36
C GLU C 395 47.89 -5.86 22.88
N ILE C 396 48.44 -6.93 23.51
CA ILE C 396 48.69 -6.92 24.95
C ILE C 396 49.89 -6.05 25.27
N ASN C 397 49.95 -5.59 26.51
CA ASN C 397 51.17 -4.95 27.00
C ASN C 397 52.34 -5.91 26.90
N SER C 398 53.51 -5.37 26.53
CA SER C 398 54.80 -6.06 26.49
C SER C 398 55.86 -5.17 25.86
N VAL C 399 55.55 -4.56 24.72
CA VAL C 399 56.52 -3.80 23.94
C VAL C 399 56.27 -2.31 24.15
N ASN C 400 57.30 -1.60 24.60
CA ASN C 400 57.24 -0.16 24.87
C ASN C 400 57.71 0.54 23.60
N PHE C 401 56.77 0.96 22.75
CA PHE C 401 57.14 1.50 21.44
C PHE C 401 56.02 2.36 20.87
N VAL C 402 56.34 3.60 20.51
CA VAL C 402 55.58 4.37 19.53
C VAL C 402 56.61 4.99 18.59
N SER C 403 56.39 4.80 17.29
CA SER C 403 57.37 5.26 16.31
C SER C 403 57.60 6.76 16.41
N PRO C 404 58.85 7.20 16.27
CA PRO C 404 59.08 8.66 16.15
C PRO C 404 58.31 9.28 15.01
N ARG C 405 58.02 8.53 13.95
CA ARG C 405 57.25 9.09 12.85
C ARG C 405 55.84 9.44 13.30
N SER C 406 55.24 8.62 14.18
CA SER C 406 53.92 8.94 14.72
C SER C 406 53.98 10.14 15.66
N TRP C 407 54.98 10.18 16.56
CA TRP C 407 55.11 11.35 17.43
C TRP C 407 55.26 12.63 16.63
N LEU C 408 56.10 12.61 15.60
CA LEU C 408 56.38 13.84 14.85
C LEU C 408 55.21 14.22 13.96
N ALA C 409 54.52 13.24 13.39
CA ALA C 409 53.38 13.53 12.53
C ALA C 409 52.20 14.08 13.33
N THR C 410 51.88 13.44 14.46
CA THR C 410 50.72 13.85 15.23
C THR C 410 50.93 15.24 15.85
N SER C 411 52.10 15.44 16.46
CA SER C 411 52.38 16.73 17.09
C SER C 411 52.29 17.86 16.09
N HIS C 412 52.84 17.66 14.89
CA HIS C 412 52.86 18.76 13.94
C HIS C 412 51.54 18.94 13.22
N PHE C 413 50.70 17.91 13.13
CA PHE C 413 49.34 18.18 12.64
C PHE C 413 48.57 19.02 13.65
N VAL C 414 48.67 18.67 14.94
CA VAL C 414 47.96 19.43 15.97
C VAL C 414 48.40 20.89 15.94
N LEU C 415 49.71 21.12 15.89
CA LEU C 415 50.23 22.48 15.89
C LEU C 415 49.84 23.21 14.61
N ALA C 416 49.95 22.55 13.46
CA ALA C 416 49.53 23.17 12.20
C ALA C 416 48.05 23.55 12.24
N PHE C 417 47.21 22.68 12.79
CA PHE C 417 45.79 23.00 12.81
C PHE C 417 45.52 24.23 13.67
N PHE C 418 46.05 24.25 14.89
CA PHE C 418 45.81 25.39 15.75
C PHE C 418 46.40 26.66 15.17
N PHE C 419 47.48 26.55 14.40
CA PHE C 419 48.05 27.74 13.76
C PHE C 419 47.19 28.20 12.58
N LEU C 420 46.45 27.30 11.94
CA LEU C 420 45.43 27.73 10.99
C LEU C 420 44.32 28.51 11.69
N VAL C 421 43.87 28.00 12.83
CA VAL C 421 42.88 28.69 13.64
C VAL C 421 43.39 30.07 14.03
N GLY C 422 44.66 30.13 14.47
CA GLY C 422 45.24 31.40 14.86
C GLY C 422 45.32 32.37 13.70
N HIS C 423 45.65 31.85 12.51
CA HIS C 423 45.62 32.67 11.31
C HIS C 423 44.24 33.29 11.08
N LEU C 424 43.19 32.47 11.12
CA LEU C 424 41.83 33.00 10.91
C LEU C 424 41.48 34.02 11.98
N TRP C 425 41.81 33.69 13.24
CA TRP C 425 41.54 34.60 14.34
C TRP C 425 42.17 35.96 14.09
N HIS C 426 43.49 35.99 13.86
CA HIS C 426 44.19 37.27 13.76
C HIS C 426 43.99 37.95 12.41
N ALA C 427 43.75 37.18 11.34
CA ALA C 427 43.46 37.80 10.06
C ALA C 427 42.12 38.52 10.10
N GLY C 428 41.09 37.83 10.62
CA GLY C 428 39.80 38.48 10.77
C GLY C 428 39.84 39.66 11.72
N ARG C 429 40.62 39.54 12.81
CA ARG C 429 40.70 40.66 13.74
C ARG C 429 41.47 41.83 13.14
N ALA C 430 42.58 41.54 12.43
CA ALA C 430 43.34 42.63 11.81
C ALA C 430 42.50 43.41 10.81
N ARG C 431 41.66 42.70 10.05
CA ARG C 431 40.76 43.36 9.12
C ARG C 431 39.77 44.25 9.88
N ALA C 432 39.14 43.69 10.92
CA ALA C 432 38.14 44.47 11.65
C ALA C 432 38.77 45.68 12.34
N ALA C 433 39.97 45.52 12.89
CA ALA C 433 40.64 46.62 13.56
C ALA C 433 41.06 47.70 12.57
N ALA C 434 41.54 47.30 11.39
CA ALA C 434 41.94 48.29 10.39
C ALA C 434 40.74 49.09 9.91
N ALA C 435 39.58 48.44 9.80
CA ALA C 435 38.36 49.11 9.36
C ALA C 435 37.62 49.79 10.51
N GLY C 436 37.99 49.52 11.76
CA GLY C 436 37.47 50.26 12.89
C GLY C 436 36.24 49.68 13.57
N PHE C 437 36.00 48.38 13.47
CA PHE C 437 34.85 47.84 14.20
C PHE C 437 35.19 46.57 14.96
N GLU C 438 36.45 46.40 15.38
CA GLU C 438 36.82 45.21 16.13
C GLU C 438 36.26 45.21 17.56
N LYS C 439 35.77 46.34 18.05
CA LYS C 439 35.20 46.40 19.40
C LYS C 439 33.68 46.32 19.41
N GLY C 440 33.04 46.19 18.25
CA GLY C 440 31.61 46.08 18.15
C GLY C 440 31.03 47.12 17.20
N ILE C 441 29.70 47.04 17.03
CA ILE C 441 28.96 47.90 16.12
C ILE C 441 28.64 49.23 16.81
N ASP C 442 28.81 50.33 16.09
CA ASP C 442 28.41 51.65 16.59
C ASP C 442 26.89 51.74 16.60
N ARG C 443 26.31 51.90 17.80
CA ARG C 443 24.86 51.93 17.90
C ARG C 443 24.26 53.04 17.03
N GLU C 444 24.93 54.19 16.96
CA GLU C 444 24.40 55.30 16.18
C GLU C 444 24.74 55.21 14.71
N SER C 445 25.50 54.20 14.29
CA SER C 445 25.90 54.07 12.90
C SER C 445 26.00 52.58 12.54
N GLU C 446 24.90 51.86 12.74
CA GLU C 446 24.88 50.44 12.48
C GLU C 446 24.73 50.20 10.98
N PRO C 447 25.75 49.65 10.32
CA PRO C 447 25.70 49.57 8.84
C PRO C 447 24.45 48.90 8.29
N VAL C 448 23.98 47.79 8.88
CA VAL C 448 22.83 47.09 8.32
C VAL C 448 21.58 47.97 8.33
N LEU C 449 21.48 48.91 9.27
CA LEU C 449 20.30 49.78 9.31
C LEU C 449 20.24 50.73 8.11
N SER C 450 21.35 50.96 7.43
CA SER C 450 21.35 51.81 6.24
CA SER C 450 21.36 51.81 6.24
C SER C 450 21.26 51.00 4.96
N MET C 451 21.05 49.66 5.07
CA MET C 451 20.97 48.89 3.85
C MET C 451 19.51 48.58 3.50
N PRO C 452 19.19 48.44 2.22
CA PRO C 452 17.84 48.01 1.85
C PRO C 452 17.55 46.61 2.38
N SER C 453 16.28 46.38 2.72
CA SER C 453 15.84 45.06 3.15
C SER C 453 16.15 44.01 2.08
N LEU C 454 16.37 42.78 2.55
CA LEU C 454 16.59 41.68 1.61
C LEU C 454 15.29 41.27 0.92
N ASP C 455 14.15 41.50 1.55
CA ASP C 455 12.85 41.17 0.99
C ASP C 455 11.76 41.92 1.73
N GLU D 1 -1.33 31.09 61.76
CA GLU D 1 -0.15 31.83 62.20
C GLU D 1 1.14 31.07 61.89
N ARG D 2 2.21 31.42 62.60
CA ARG D 2 3.54 30.84 62.39
C ARG D 2 3.79 29.64 63.30
N GLY D 3 3.31 28.48 62.88
CA GLY D 3 3.56 27.23 63.57
C GLY D 3 4.96 26.69 63.26
N TRP D 4 5.25 25.50 63.82
CA TRP D 4 6.56 24.91 63.62
C TRP D 4 6.85 24.64 62.14
N PHE D 5 5.81 24.32 61.36
CA PHE D 5 6.00 24.10 59.94
C PHE D 5 6.48 25.37 59.24
N ASP D 6 5.83 26.49 59.54
CA ASP D 6 6.22 27.76 58.94
C ASP D 6 7.57 28.23 59.47
N ILE D 7 7.88 27.96 60.73
CA ILE D 7 9.20 28.31 61.25
C ILE D 7 10.28 27.48 60.54
N LEU D 8 10.01 26.20 60.32
CA LEU D 8 10.93 25.36 59.56
C LEU D 8 11.03 25.83 58.11
N ASP D 9 9.89 26.15 57.50
CA ASP D 9 9.89 26.68 56.14
C ASP D 9 10.77 27.92 56.04
N ASP D 10 10.67 28.83 57.02
CA ASP D 10 11.56 30.00 57.10
C ASP D 10 13.03 29.61 57.02
N TRP D 11 13.46 28.71 57.91
CA TRP D 11 14.88 28.36 57.97
C TRP D 11 15.35 27.70 56.69
N LEU D 12 14.52 26.82 56.12
CA LEU D 12 14.93 26.07 54.94
C LEU D 12 15.19 26.99 53.76
N LYS D 13 14.45 28.10 53.67
CA LYS D 13 14.51 28.99 52.51
C LYS D 13 15.35 30.24 52.75
N ARG D 14 16.19 30.23 53.80
CA ARG D 14 17.09 31.35 54.04
C ARG D 14 18.01 31.56 52.84
N ASP D 15 18.28 32.82 52.52
CA ASP D 15 19.20 33.12 51.42
C ASP D 15 20.61 32.92 51.93
N ARG D 16 21.16 31.74 51.74
CA ARG D 16 22.51 31.42 52.20
C ARG D 16 23.38 30.99 51.01
N PHE D 17 24.64 30.68 51.28
CA PHE D 17 25.60 30.40 50.21
C PHE D 17 25.15 29.19 49.38
N VAL D 18 24.75 28.11 50.04
CA VAL D 18 24.14 26.95 49.38
C VAL D 18 22.70 26.89 49.84
N PHE D 19 21.77 27.17 48.94
CA PHE D 19 20.35 27.10 49.25
C PHE D 19 19.96 25.66 49.60
N VAL D 20 19.09 25.51 50.59
CA VAL D 20 18.68 24.19 51.09
C VAL D 20 17.29 23.83 50.57
N GLY D 21 16.26 24.47 51.12
CA GLY D 21 14.88 24.22 50.73
C GLY D 21 14.29 22.93 51.27
N TRP D 22 12.98 22.77 51.11
CA TRP D 22 12.36 21.48 51.42
C TRP D 22 12.93 20.38 50.52
N SER D 23 13.16 20.69 49.24
CA SER D 23 13.73 19.70 48.34
C SER D 23 15.11 19.25 48.78
N GLY D 24 15.83 20.10 49.53
CA GLY D 24 17.17 19.74 49.98
C GLY D 24 17.18 18.58 50.95
N ILE D 25 16.08 18.36 51.68
CA ILE D 25 16.03 17.23 52.60
C ILE D 25 16.14 15.90 51.86
N LEU D 26 15.62 15.84 50.64
CA LEU D 26 15.78 14.67 49.77
C LEU D 26 17.07 14.75 48.97
N LEU D 27 17.36 15.91 48.38
CA LEU D 27 18.46 16.03 47.43
C LEU D 27 19.82 15.80 48.08
N PHE D 28 20.10 16.49 49.20
CA PHE D 28 21.47 16.49 49.68
C PHE D 28 21.92 15.13 50.20
N PRO D 29 21.16 14.42 51.05
CA PRO D 29 21.64 13.08 51.45
C PRO D 29 21.78 12.15 50.26
N CYS D 30 20.83 12.17 49.33
CA CYS D 30 20.87 11.20 48.24
C CYS D 30 21.98 11.52 47.25
N ALA D 31 22.18 12.79 46.90
CA ALA D 31 23.28 13.14 46.01
C ALA D 31 24.62 12.81 46.65
N TYR D 32 24.76 13.13 47.93
CA TYR D 32 26.02 12.89 48.64
C TYR D 32 26.35 11.41 48.72
N LEU D 33 25.33 10.58 48.96
CA LEU D 33 25.57 9.14 49.10
C LEU D 33 25.87 8.52 47.75
N ALA D 34 25.22 9.00 46.68
CA ALA D 34 25.51 8.46 45.35
C ALA D 34 26.94 8.79 44.93
N LEU D 35 27.35 10.05 45.10
CA LEU D 35 28.71 10.45 44.77
C LEU D 35 29.71 9.78 45.70
N GLY D 36 29.42 9.80 47.00
CA GLY D 36 30.33 9.17 47.96
C GLY D 36 30.41 7.67 47.75
N GLY D 37 29.29 7.05 47.40
CA GLY D 37 29.31 5.64 47.05
C GLY D 37 30.19 5.36 45.84
N TRP D 38 30.13 6.22 44.83
CA TRP D 38 30.95 6.00 43.64
C TRP D 38 32.43 6.16 43.96
N LEU D 39 32.78 7.22 44.70
CA LEU D 39 34.17 7.42 45.07
C LEU D 39 34.66 6.29 45.97
N THR D 40 33.82 5.85 46.91
CA THR D 40 34.20 4.74 47.78
C THR D 40 34.44 3.46 46.97
N GLY D 41 33.55 3.13 46.05
CA GLY D 41 33.71 1.89 45.30
C GLY D 41 34.90 1.93 44.36
N THR D 42 35.03 3.01 43.57
CA THR D 42 36.12 3.10 42.62
C THR D 42 37.48 3.16 43.32
N THR D 43 37.52 3.58 44.58
CA THR D 43 38.79 3.63 45.28
C THR D 43 39.15 2.31 45.93
N PHE D 44 38.17 1.58 46.49
CA PHE D 44 38.48 0.47 47.38
C PHE D 44 37.85 -0.88 47.04
N VAL D 45 36.82 -0.93 46.19
CA VAL D 45 35.94 -2.10 46.10
C VAL D 45 36.17 -2.85 44.80
N THR D 46 36.20 -4.18 44.88
CA THR D 46 36.48 -5.05 43.75
C THR D 46 35.21 -5.40 42.99
N SER D 47 35.40 -6.02 41.82
CA SER D 47 34.31 -6.67 41.09
C SER D 47 34.66 -8.13 40.82
N TRP D 48 35.53 -8.72 41.65
CA TRP D 48 36.02 -10.06 41.40
C TRP D 48 34.89 -11.09 41.52
N TYR D 49 34.01 -10.94 42.51
CA TYR D 49 32.99 -11.94 42.75
C TYR D 49 31.74 -11.77 41.90
N THR D 50 31.54 -10.61 41.28
CA THR D 50 30.40 -10.36 40.42
C THR D 50 30.71 -10.45 38.94
N HIS D 51 31.93 -10.09 38.54
CA HIS D 51 32.33 -10.01 37.14
C HIS D 51 33.64 -10.72 36.84
N GLY D 52 34.42 -11.09 37.84
CA GLY D 52 35.80 -11.49 37.58
C GLY D 52 36.67 -10.33 37.12
N LEU D 53 36.45 -9.13 37.68
CA LEU D 53 37.20 -7.95 37.26
C LEU D 53 37.78 -7.23 38.48
N ALA D 54 38.97 -6.68 38.30
CA ALA D 54 39.46 -5.64 39.18
C ALA D 54 38.83 -4.31 38.78
N SER D 55 38.49 -3.47 39.76
CA SER D 55 37.75 -2.27 39.41
C SER D 55 38.01 -1.07 40.33
N SER D 56 39.08 -1.08 41.11
CA SER D 56 39.36 -0.04 42.11
C SER D 56 40.82 0.42 42.01
N TYR D 57 41.07 1.65 42.50
CA TYR D 57 42.45 2.11 42.61
C TYR D 57 43.26 1.14 43.46
N LEU D 58 42.65 0.61 44.52
CA LEU D 58 43.36 -0.30 45.43
C LEU D 58 43.91 -1.52 44.69
N GLU D 59 43.22 -1.98 43.64
CA GLU D 59 43.69 -3.14 42.88
C GLU D 59 44.65 -2.77 41.76
N GLY D 60 44.83 -1.49 41.45
CA GLY D 60 45.71 -1.09 40.38
C GLY D 60 45.03 -0.46 39.18
N CYS D 61 43.71 -0.30 39.18
CA CYS D 61 43.04 0.41 38.10
C CYS D 61 43.38 1.90 38.14
N ASN D 62 43.18 2.58 37.00
CA ASN D 62 43.35 4.02 36.90
C ASN D 62 41.97 4.68 36.76
N PHE D 63 41.96 6.01 36.63
CA PHE D 63 40.67 6.72 36.56
C PHE D 63 39.81 6.22 35.40
N LEU D 64 40.43 5.82 34.28
CA LEU D 64 39.62 5.34 33.16
C LEU D 64 39.06 3.94 33.36
N THR D 65 39.66 3.09 34.20
CA THR D 65 39.20 1.72 34.28
C THR D 65 38.50 1.37 35.60
N VAL D 66 38.54 2.23 36.62
CA VAL D 66 37.78 1.97 37.85
C VAL D 66 36.29 2.00 37.54
N ALA D 67 35.51 1.28 38.37
CA ALA D 67 34.06 1.31 38.24
C ALA D 67 33.45 0.80 39.54
N VAL D 68 32.20 1.17 39.77
CA VAL D 68 31.33 0.41 40.65
C VAL D 68 30.48 -0.48 39.74
N SER D 69 30.77 -1.78 39.76
CA SER D 69 30.19 -2.70 38.79
C SER D 69 28.86 -3.25 39.29
N THR D 70 28.01 -3.65 38.33
CA THR D 70 26.71 -4.21 38.61
C THR D 70 26.83 -5.52 39.41
N PRO D 71 25.77 -5.94 40.09
CA PRO D 71 25.82 -7.22 40.82
C PRO D 71 25.84 -8.40 39.86
N ALA D 72 26.14 -9.58 40.41
CA ALA D 72 26.16 -10.80 39.62
C ALA D 72 24.78 -11.06 39.02
N ASN D 73 24.77 -11.72 37.84
CA ASN D 73 23.50 -12.03 37.20
C ASN D 73 22.61 -12.87 38.10
N SER D 74 23.20 -13.71 38.95
CA SER D 74 22.39 -14.54 39.84
C SER D 74 21.62 -13.72 40.87
N MET D 75 21.99 -12.46 41.10
CA MET D 75 21.17 -11.64 41.99
C MET D 75 19.82 -11.25 41.37
N GLY D 76 19.64 -11.44 40.06
CA GLY D 76 18.41 -10.97 39.44
C GLY D 76 18.28 -9.45 39.56
N HIS D 77 17.07 -9.00 39.91
CA HIS D 77 16.81 -7.57 40.12
C HIS D 77 16.66 -7.26 41.61
N SER D 78 17.37 -8.01 42.45
CA SER D 78 17.34 -7.76 43.90
C SER D 78 17.67 -6.31 44.19
N LEU D 79 16.88 -5.69 45.08
CA LEU D 79 17.23 -4.38 45.59
C LEU D 79 18.60 -4.43 46.27
N LEU D 80 18.97 -5.60 46.80
CA LEU D 80 20.28 -5.81 47.42
C LEU D 80 20.51 -4.81 48.55
N LEU D 81 19.49 -4.67 49.39
CA LEU D 81 19.62 -3.80 50.55
C LEU D 81 20.63 -4.38 51.52
N LEU D 82 21.35 -3.50 52.22
CA LEU D 82 22.36 -3.98 53.17
C LEU D 82 21.74 -4.96 54.18
N TRP D 83 20.53 -4.67 54.65
CA TRP D 83 19.84 -5.53 55.61
C TRP D 83 19.01 -6.63 54.94
N GLY D 84 19.12 -6.77 53.62
CA GLY D 84 18.31 -7.73 52.88
C GLY D 84 18.79 -9.15 53.04
N PRO D 85 18.10 -10.07 52.37
CA PRO D 85 18.39 -11.50 52.57
C PRO D 85 19.69 -11.96 51.92
N GLU D 86 20.29 -11.18 51.02
CA GLU D 86 21.54 -11.61 50.39
C GLU D 86 22.75 -11.27 51.25
N ALA D 87 22.88 -10.00 51.66
CA ALA D 87 24.03 -9.61 52.47
C ALA D 87 23.79 -9.80 53.96
N GLN D 88 22.52 -9.78 54.38
CA GLN D 88 22.15 -10.05 55.78
C GLN D 88 22.88 -9.14 56.77
N GLY D 89 23.08 -7.89 56.38
CA GLY D 89 23.64 -6.90 57.27
C GLY D 89 25.16 -6.85 57.29
N ASP D 90 25.82 -7.71 56.52
CA ASP D 90 27.27 -7.80 56.49
C ASP D 90 27.79 -6.82 55.45
N PHE D 91 28.43 -5.74 55.92
CA PHE D 91 28.86 -4.67 55.02
C PHE D 91 29.90 -5.17 54.01
N THR D 92 30.87 -5.95 54.47
CA THR D 92 31.91 -6.46 53.58
C THR D 92 31.31 -7.34 52.48
N ARG D 93 30.46 -8.30 52.85
CA ARG D 93 29.83 -9.15 51.84
C ARG D 93 28.96 -8.32 50.90
N TRP D 94 28.22 -7.36 51.45
CA TRP D 94 27.40 -6.46 50.64
C TRP D 94 28.24 -5.82 49.53
N CYS D 95 29.43 -5.32 49.88
CA CYS D 95 30.31 -4.76 48.86
C CYS D 95 30.70 -5.80 47.83
N GLN D 96 31.07 -7.01 48.29
CA GLN D 96 31.48 -8.08 47.38
C GLN D 96 30.33 -8.57 46.50
N LEU D 97 29.08 -8.39 46.92
CA LEU D 97 27.93 -8.84 46.14
C LEU D 97 27.42 -7.79 45.17
N GLY D 98 28.01 -6.60 45.14
CA GLY D 98 27.53 -5.54 44.27
C GLY D 98 26.55 -4.59 44.91
N GLY D 99 26.41 -4.60 46.24
CA GLY D 99 25.44 -3.73 46.89
C GLY D 99 25.65 -2.26 46.60
N LEU D 100 26.90 -1.85 46.40
CA LEU D 100 27.13 -0.44 46.07
C LEU D 100 26.50 -0.06 44.75
N TRP D 101 26.26 -1.01 43.84
CA TRP D 101 25.66 -0.64 42.57
C TRP D 101 24.21 -0.18 42.76
N THR D 102 23.38 -0.98 43.42
CA THR D 102 22.01 -0.54 43.64
C THR D 102 21.95 0.65 44.61
N PHE D 103 22.87 0.72 45.57
CA PHE D 103 22.99 1.88 46.44
C PHE D 103 23.14 3.16 45.63
N ILE D 104 24.08 3.17 44.69
CA ILE D 104 24.31 4.36 43.89
C ILE D 104 23.14 4.60 42.94
N ALA D 105 22.65 3.55 42.27
CA ALA D 105 21.56 3.74 41.31
C ALA D 105 20.30 4.26 41.99
N LEU D 106 19.97 3.71 43.16
CA LEU D 106 18.75 4.12 43.83
C LEU D 106 18.89 5.49 44.52
N HIS D 107 19.98 5.72 45.26
CA HIS D 107 20.17 7.07 45.83
C HIS D 107 20.34 8.10 44.71
N GLY D 108 20.96 7.70 43.60
CA GLY D 108 21.06 8.60 42.46
C GLY D 108 19.70 8.97 41.89
N ALA D 109 18.82 7.99 41.75
CA ALA D 109 17.48 8.26 41.24
C ALA D 109 16.73 9.25 42.13
N PHE D 110 16.73 9.02 43.45
CA PHE D 110 16.03 9.94 44.36
C PHE D 110 16.75 11.28 44.47
N GLY D 111 18.07 11.30 44.26
CA GLY D 111 18.77 12.56 44.21
C GLY D 111 18.36 13.39 43.00
N LEU D 112 18.22 12.73 41.85
CA LEU D 112 17.76 13.42 40.65
C LEU D 112 16.35 13.97 40.84
N ILE D 113 15.48 13.20 41.49
CA ILE D 113 14.17 13.72 41.87
C ILE D 113 14.33 14.96 42.74
N GLY D 114 15.20 14.87 43.74
CA GLY D 114 15.43 16.01 44.62
C GLY D 114 15.95 17.21 43.86
N PHE D 115 16.83 16.99 42.88
CA PHE D 115 17.36 18.11 42.12
C PHE D 115 16.26 18.79 41.30
N MET D 116 15.38 18.01 40.67
CA MET D 116 14.33 18.62 39.88
C MET D 116 13.32 19.32 40.78
N LEU D 117 13.05 18.78 41.96
CA LEU D 117 12.22 19.51 42.93
C LEU D 117 12.89 20.83 43.32
N ARG D 118 14.22 20.83 43.45
CA ARG D 118 14.96 22.06 43.75
C ARG D 118 14.76 23.10 42.66
N GLN D 119 14.83 22.67 41.40
CA GLN D 119 14.61 23.59 40.28
C GLN D 119 13.22 24.23 40.36
N PHE D 120 12.18 23.43 40.64
CA PHE D 120 10.84 23.97 40.86
C PHE D 120 10.81 24.93 42.04
N GLU D 121 11.38 24.51 43.18
CA GLU D 121 11.27 25.29 44.41
C GLU D 121 11.93 26.65 44.28
N ILE D 122 13.14 26.69 43.72
CA ILE D 122 13.84 27.95 43.56
C ILE D 122 13.13 28.85 42.54
N ALA D 123 12.69 28.28 41.42
CA ALA D 123 11.95 29.06 40.43
C ALA D 123 10.72 29.69 41.06
N ARG D 124 10.00 28.93 41.89
CA ARG D 124 8.82 29.49 42.54
C ARG D 124 9.20 30.61 43.50
N LEU D 125 10.34 30.49 44.19
CA LEU D 125 10.70 31.50 45.17
C LEU D 125 11.18 32.80 44.51
N VAL D 126 11.94 32.70 43.42
CA VAL D 126 12.43 33.92 42.78
C VAL D 126 11.46 34.48 41.77
N GLY D 127 10.40 33.75 41.42
CA GLY D 127 9.37 34.25 40.54
C GLY D 127 9.60 34.07 39.05
N VAL D 128 10.29 33.02 38.63
CA VAL D 128 10.49 32.75 37.21
C VAL D 128 9.67 31.51 36.81
N ARG D 129 9.47 31.35 35.51
CA ARG D 129 8.77 30.16 35.01
C ARG D 129 9.68 28.93 35.13
N PRO D 130 9.11 27.75 35.32
CA PRO D 130 9.93 26.57 35.66
C PRO D 130 10.46 25.79 34.47
N TYR D 131 10.94 26.46 33.41
CA TYR D 131 11.40 25.71 32.24
C TYR D 131 12.72 24.99 32.49
N ASN D 132 13.53 25.44 33.45
CA ASN D 132 14.77 24.70 33.72
C ASN D 132 14.44 23.32 34.29
N ALA D 133 13.48 23.25 35.21
CA ALA D 133 13.01 21.95 35.68
C ALA D 133 12.42 21.12 34.55
N ILE D 134 11.63 21.75 33.66
CA ILE D 134 11.05 21.02 32.54
C ILE D 134 12.14 20.42 31.65
N ALA D 135 13.15 21.22 31.31
CA ALA D 135 14.25 20.71 30.48
C ALA D 135 15.00 19.56 31.16
N PHE D 136 15.09 19.58 32.50
CA PHE D 136 15.78 18.51 33.23
C PHE D 136 15.05 17.17 33.15
N SER D 137 13.80 17.14 32.66
CA SER D 137 13.12 15.87 32.48
C SER D 137 13.85 14.97 31.50
N ALA D 138 14.63 15.54 30.58
CA ALA D 138 15.39 14.73 29.63
C ALA D 138 16.52 13.96 30.34
N PRO D 139 17.40 14.58 31.13
CA PRO D 139 18.34 13.78 31.95
C PRO D 139 17.65 12.71 32.77
N ILE D 140 16.49 13.01 33.34
CA ILE D 140 15.79 12.03 34.14
C ILE D 140 15.28 10.88 33.28
N ALA D 141 14.72 11.18 32.10
CA ALA D 141 14.25 10.12 31.21
C ALA D 141 15.40 9.21 30.80
N VAL D 142 16.59 9.78 30.55
CA VAL D 142 17.75 8.96 30.20
C VAL D 142 18.17 8.09 31.38
N PHE D 143 18.32 8.68 32.57
CA PHE D 143 18.80 7.89 33.69
C PHE D 143 17.86 6.74 34.00
N VAL D 144 16.56 7.02 34.03
CA VAL D 144 15.56 6.01 34.37
C VAL D 144 15.50 4.91 33.30
N SER D 145 15.52 5.29 32.02
CA SER D 145 15.44 4.25 30.99
C SER D 145 16.70 3.39 30.91
N VAL D 146 17.88 4.00 31.08
CA VAL D 146 19.13 3.26 30.91
C VAL D 146 19.50 2.46 32.16
N PHE D 147 19.39 3.07 33.34
CA PHE D 147 19.90 2.44 34.56
C PHE D 147 18.85 1.64 35.31
N LEU D 148 17.56 1.82 34.97
CA LEU D 148 16.50 1.09 35.66
C LEU D 148 15.67 0.27 34.70
N ILE D 149 14.98 0.88 33.73
CA ILE D 149 14.06 0.13 32.88
C ILE D 149 14.83 -0.92 32.07
N TYR D 150 15.95 -0.53 31.46
CA TYR D 150 16.68 -1.48 30.62
C TYR D 150 17.08 -2.73 31.38
N PRO D 151 17.79 -2.67 32.52
CA PRO D 151 18.10 -3.93 33.22
C PRO D 151 16.86 -4.63 33.74
N LEU D 152 15.82 -3.88 34.12
CA LEU D 152 14.58 -4.51 34.61
C LEU D 152 13.93 -5.36 33.51
N GLY D 153 14.09 -4.97 32.25
CA GLY D 153 13.58 -5.80 31.17
C GLY D 153 14.49 -6.97 30.86
N GLN D 154 15.78 -6.84 31.17
CA GLN D 154 16.75 -7.90 30.91
C GLN D 154 16.73 -8.88 32.08
N SER D 155 17.69 -9.81 32.10
CA SER D 155 17.67 -10.85 33.13
C SER D 155 18.01 -10.30 34.51
N SER D 156 18.79 -9.23 34.60
CA SER D 156 19.21 -8.79 35.94
C SER D 156 19.90 -7.44 35.85
N TRP D 157 20.21 -6.87 37.02
CA TRP D 157 21.00 -5.65 37.08
C TRP D 157 22.37 -5.82 36.44
N PHE D 158 22.88 -7.06 36.34
CA PHE D 158 24.20 -7.29 35.74
C PHE D 158 24.37 -6.54 34.43
N PHE D 159 23.30 -6.46 33.61
CA PHE D 159 23.39 -5.89 32.28
C PHE D 159 23.07 -4.40 32.22
N ALA D 160 22.79 -3.76 33.35
CA ALA D 160 22.78 -2.31 33.42
C ALA D 160 24.20 -1.78 33.20
N PRO D 161 24.37 -0.49 32.93
CA PRO D 161 25.72 0.06 32.88
C PRO D 161 26.36 0.03 34.26
N SER D 162 27.62 -0.39 34.31
CA SER D 162 28.43 -0.20 35.49
C SER D 162 28.95 1.23 35.52
N PHE D 163 29.11 1.78 36.73
CA PHE D 163 29.46 3.19 36.93
C PHE D 163 30.97 3.39 36.78
N GLY D 164 31.44 3.56 35.55
CA GLY D 164 32.86 3.81 35.33
C GLY D 164 33.09 4.17 33.89
N VAL D 165 34.25 4.76 33.63
CA VAL D 165 34.53 5.28 32.28
C VAL D 165 34.60 4.14 31.28
N ALA D 166 35.56 3.22 31.49
CA ALA D 166 35.69 2.09 30.58
C ALA D 166 34.47 1.18 30.64
N ALA D 167 33.84 1.05 31.80
CA ALA D 167 32.64 0.23 31.91
C ALA D 167 31.53 0.76 31.01
N ILE D 168 31.40 2.09 30.91
CA ILE D 168 30.38 2.68 30.05
C ILE D 168 30.74 2.43 28.58
N PHE D 169 32.02 2.56 28.24
CA PHE D 169 32.45 2.23 26.87
C PHE D 169 32.07 0.80 26.49
N ARG D 170 32.28 -0.14 27.42
CA ARG D 170 31.83 -1.52 27.19
C ARG D 170 30.33 -1.57 26.91
N PHE D 171 29.56 -0.77 27.67
CA PHE D 171 28.10 -0.70 27.46
C PHE D 171 27.77 -0.25 26.04
N LEU D 172 28.48 0.77 25.53
CA LEU D 172 28.27 1.22 24.16
C LEU D 172 28.50 0.08 23.16
N LEU D 173 29.63 -0.63 23.32
CA LEU D 173 30.00 -1.67 22.36
C LEU D 173 29.10 -2.89 22.47
N PHE D 174 28.66 -3.21 23.68
CA PHE D 174 27.63 -4.23 23.86
C PHE D 174 26.36 -3.87 23.08
N PHE D 175 25.93 -2.61 23.18
CA PHE D 175 24.71 -2.21 22.49
C PHE D 175 24.90 -2.27 20.98
N GLN D 176 26.10 -2.01 20.48
CA GLN D 176 26.31 -2.17 19.05
C GLN D 176 26.22 -3.64 18.65
N GLY D 177 27.00 -4.51 19.31
CA GLY D 177 27.07 -5.90 18.86
C GLY D 177 25.79 -6.70 19.07
N PHE D 178 25.09 -6.44 20.17
CA PHE D 178 23.92 -7.24 20.49
C PHE D 178 22.61 -6.60 20.02
N HIS D 179 22.49 -5.28 20.10
CA HIS D 179 21.24 -4.59 19.77
C HIS D 179 21.28 -3.88 18.43
N ASN D 180 22.45 -3.77 17.79
CA ASN D 180 22.63 -2.93 16.58
C ASN D 180 22.03 -1.54 16.83
N TRP D 181 22.36 -0.97 17.99
CA TRP D 181 21.69 0.24 18.45
C TRP D 181 21.92 1.44 17.53
N THR D 182 23.05 1.48 16.79
CA THR D 182 23.23 2.57 15.83
C THR D 182 22.14 2.58 14.76
N LEU D 183 21.56 1.42 14.44
CA LEU D 183 20.53 1.36 13.40
C LEU D 183 19.17 1.85 13.90
N ASN D 184 19.04 2.15 15.17
CA ASN D 184 17.73 2.40 15.75
C ASN D 184 17.32 3.85 15.52
N PRO D 185 16.16 4.12 14.91
CA PRO D 185 15.79 5.52 14.62
C PRO D 185 15.57 6.35 15.88
N PHE D 186 15.26 5.75 17.02
CA PHE D 186 15.18 6.54 18.24
C PHE D 186 16.56 6.98 18.72
N HIS D 187 17.59 6.15 18.52
CA HIS D 187 18.94 6.62 18.81
C HIS D 187 19.36 7.71 17.83
N MET D 188 19.01 7.55 16.55
CA MET D 188 19.38 8.54 15.54
C MET D 188 18.80 9.91 15.88
N MET D 189 17.54 9.96 16.33
CA MET D 189 16.97 11.22 16.76
C MET D 189 17.70 11.78 17.96
N GLY D 190 18.10 10.91 18.90
CA GLY D 190 18.90 11.36 20.02
C GLY D 190 20.19 12.01 19.55
N VAL D 191 20.88 11.36 18.61
CA VAL D 191 22.13 11.92 18.06
C VAL D 191 21.86 13.29 17.46
N ALA D 192 20.81 13.41 16.64
CA ALA D 192 20.49 14.71 16.04
C ALA D 192 20.23 15.76 17.10
N GLY D 193 19.57 15.38 18.20
CA GLY D 193 19.29 16.36 19.24
C GLY D 193 20.53 16.79 19.99
N VAL D 194 21.45 15.86 20.23
CA VAL D 194 22.68 16.19 20.94
C VAL D 194 23.62 17.01 20.06
N LEU D 195 23.88 16.53 18.84
CA LEU D 195 24.76 17.28 17.95
C LEU D 195 24.11 18.58 17.48
N GLY D 196 22.78 18.56 17.28
CA GLY D 196 22.10 19.79 16.95
C GLY D 196 22.09 20.77 18.10
N GLY D 197 21.98 20.26 19.33
CA GLY D 197 22.10 21.12 20.49
C GLY D 197 23.49 21.73 20.61
N ALA D 198 24.53 20.91 20.39
CA ALA D 198 25.89 21.44 20.43
C ALA D 198 26.09 22.48 19.33
N LEU D 199 25.55 22.23 18.13
CA LEU D 199 25.62 23.20 17.05
C LEU D 199 24.96 24.52 17.47
N LEU D 200 23.74 24.44 18.01
CA LEU D 200 23.03 25.65 18.42
C LEU D 200 23.79 26.40 19.50
N CYS D 201 24.36 25.66 20.46
CA CYS D 201 25.17 26.27 21.51
C CYS D 201 26.30 27.10 20.92
N ALA D 202 27.07 26.49 20.01
CA ALA D 202 28.23 27.14 19.42
C ALA D 202 27.84 28.31 18.53
N ILE D 203 26.83 28.11 17.68
CA ILE D 203 26.49 29.14 16.70
C ILE D 203 25.82 30.34 17.39
N HIS D 204 25.04 30.09 18.43
CA HIS D 204 24.41 31.20 19.15
C HIS D 204 25.45 32.00 19.94
N GLY D 205 26.32 31.31 20.68
CA GLY D 205 27.38 32.01 21.39
C GLY D 205 28.26 32.82 20.46
N ALA D 206 28.66 32.22 19.34
CA ALA D 206 29.52 32.93 18.39
C ALA D 206 28.80 34.09 17.74
N THR D 207 27.51 33.92 17.42
CA THR D 207 26.76 35.00 16.78
C THR D 207 26.62 36.19 17.71
N VAL D 208 26.24 35.94 18.97
CA VAL D 208 26.13 37.05 19.92
C VAL D 208 27.47 37.76 20.07
N GLU D 209 28.54 36.99 20.25
CA GLU D 209 29.86 37.57 20.47
C GLU D 209 30.37 38.31 19.25
N ASN D 210 29.81 38.07 18.06
CA ASN D 210 30.29 38.75 16.86
C ASN D 210 29.29 39.73 16.27
N THR D 211 28.20 40.03 16.97
CA THR D 211 27.30 41.13 16.62
C THR D 211 27.14 42.10 17.78
N LEU D 212 28.10 42.10 18.70
CA LEU D 212 28.08 43.01 19.85
C LEU D 212 28.08 44.46 19.40
N PHE D 213 27.38 45.29 20.16
CA PHE D 213 27.54 46.74 20.03
C PHE D 213 28.80 47.16 20.78
N GLN D 214 29.46 48.18 20.24
CA GLN D 214 30.58 48.75 20.97
C GLN D 214 30.01 49.61 22.10
N ASP D 215 30.09 49.09 23.32
CA ASP D 215 29.56 49.78 24.49
C ASP D 215 30.67 50.18 25.45
N GLY D 216 31.93 50.14 25.01
CA GLY D 216 33.04 50.62 25.80
C GLY D 216 34.21 50.90 24.88
N GLU D 217 35.31 51.35 25.49
CA GLU D 217 36.52 51.67 24.72
C GLU D 217 37.50 50.51 24.68
N GLY D 218 37.31 49.48 25.52
CA GLY D 218 38.28 48.41 25.61
C GLY D 218 38.25 47.49 24.40
N ALA D 219 39.44 47.00 24.02
CA ALA D 219 39.57 45.97 23.00
C ALA D 219 39.15 44.60 23.51
N SER D 220 39.21 44.38 24.82
CA SER D 220 38.52 43.26 25.45
C SER D 220 37.14 43.76 25.85
N THR D 221 36.10 43.12 25.32
CA THR D 221 34.76 43.68 25.26
C THR D 221 33.84 43.18 26.38
N PHE D 222 34.32 42.35 27.29
CA PHE D 222 33.44 41.82 28.33
C PHE D 222 33.00 42.88 29.32
N ARG D 223 33.86 43.85 29.63
CA ARG D 223 33.54 44.86 30.62
C ARG D 223 32.45 45.82 30.16
N ALA D 224 32.21 45.89 28.85
CA ALA D 224 31.18 46.78 28.31
C ALA D 224 29.78 46.17 28.38
N PHE D 225 29.49 45.44 29.46
CA PHE D 225 28.16 44.92 29.71
C PHE D 225 27.78 45.21 31.16
N ASN D 226 26.53 45.58 31.38
CA ASN D 226 26.00 45.85 32.72
C ASN D 226 24.77 44.98 32.92
N PRO D 227 24.74 44.11 33.95
CA PRO D 227 23.60 43.18 34.09
C PRO D 227 22.26 43.88 34.17
N THR D 228 22.23 45.10 34.71
CA THR D 228 20.98 45.82 34.89
C THR D 228 20.58 46.63 33.66
N GLN D 229 21.40 46.63 32.60
CA GLN D 229 21.09 47.47 31.45
C GLN D 229 19.83 46.96 30.74
N ALA D 230 19.09 47.90 30.16
CA ALA D 230 17.86 47.54 29.45
C ALA D 230 18.12 47.12 28.01
N GLU D 231 19.21 47.60 27.40
CA GLU D 231 19.44 47.45 25.97
C GLU D 231 20.03 46.08 25.66
N GLU D 232 19.65 45.52 24.51
CA GLU D 232 20.33 44.33 24.01
C GLU D 232 21.82 44.64 23.83
N THR D 233 22.68 43.69 24.19
CA THR D 233 24.12 43.91 24.08
C THR D 233 24.66 43.59 22.68
N TYR D 234 23.86 42.93 21.83
CA TYR D 234 24.24 42.63 20.45
C TYR D 234 23.09 42.99 19.54
N SER D 235 23.36 43.08 18.24
CA SER D 235 22.35 43.48 17.25
C SER D 235 21.68 42.26 16.65
N MET D 236 20.43 42.02 17.07
CA MET D 236 19.63 40.99 16.43
C MET D 236 19.40 41.28 14.96
N VAL D 237 19.30 42.56 14.58
CA VAL D 237 19.02 42.91 13.19
C VAL D 237 20.21 42.57 12.30
N THR D 238 21.43 42.89 12.75
CA THR D 238 22.61 42.52 11.97
C THR D 238 22.80 41.02 11.95
N ALA D 239 22.62 40.36 13.10
CA ALA D 239 22.71 38.90 13.14
C ALA D 239 21.74 38.24 12.16
N ASN D 240 20.51 38.76 12.10
CA ASN D 240 19.51 38.21 11.19
C ASN D 240 19.92 38.38 9.73
N ARG D 241 20.46 39.55 9.37
CA ARG D 241 20.85 39.74 7.98
C ARG D 241 22.01 38.82 7.62
N PHE D 242 22.99 38.71 8.51
CA PHE D 242 24.14 37.85 8.23
C PHE D 242 23.69 36.43 7.92
N TRP D 243 22.90 35.83 8.82
CA TRP D 243 22.54 34.43 8.61
C TRP D 243 21.59 34.27 7.43
N SER D 244 20.69 35.25 7.20
CA SER D 244 19.83 35.18 6.03
C SER D 244 20.64 35.11 4.75
N GLN D 245 21.74 35.87 4.68
CA GLN D 245 22.54 35.91 3.46
C GLN D 245 23.54 34.76 3.38
N ILE D 246 23.96 34.21 4.52
CA ILE D 246 24.91 33.11 4.53
C ILE D 246 24.21 31.77 4.29
N PHE D 247 23.15 31.52 5.06
CA PHE D 247 22.52 30.22 5.17
C PHE D 247 21.13 30.18 4.55
N GLY D 248 20.53 31.35 4.28
CA GLY D 248 19.21 31.41 3.66
C GLY D 248 18.11 31.72 4.64
N ILE D 249 18.23 31.20 5.86
CA ILE D 249 17.26 31.52 6.89
C ILE D 249 18.01 31.96 8.14
N ALA D 250 17.28 32.64 9.01
CA ALA D 250 17.85 33.20 10.24
C ALA D 250 16.73 33.35 11.24
N PHE D 251 17.10 33.29 12.52
CA PHE D 251 16.16 33.69 13.55
C PHE D 251 15.80 35.17 13.40
N SER D 252 14.58 35.50 13.79
CA SER D 252 14.18 36.89 13.94
C SER D 252 13.49 37.14 15.28
N ASN D 253 13.10 36.08 15.98
CA ASN D 253 12.41 36.19 17.26
C ASN D 253 13.28 35.54 18.32
N LYS D 254 13.79 36.36 19.25
CA LYS D 254 14.69 35.87 20.30
C LYS D 254 13.99 34.92 21.25
N ARG D 255 12.70 35.11 21.47
CA ARG D 255 11.98 34.18 22.33
C ARG D 255 11.88 32.80 21.69
N TRP D 256 11.57 32.76 20.38
CA TRP D 256 11.57 31.48 19.67
C TRP D 256 12.96 30.86 19.67
N LEU D 257 14.01 31.66 19.41
CA LEU D 257 15.38 31.14 19.39
C LEU D 257 15.69 30.38 20.67
N HIS D 258 15.44 31.00 21.82
CA HIS D 258 15.81 30.37 23.08
C HIS D 258 14.87 29.23 23.45
N PHE D 259 13.58 29.28 23.07
CA PHE D 259 12.78 28.08 23.26
C PHE D 259 13.32 26.94 22.41
N PHE D 260 13.72 27.24 21.17
CA PHE D 260 14.25 26.19 20.30
C PHE D 260 15.49 25.54 20.90
N MET D 261 16.31 26.32 21.60
CA MET D 261 17.50 25.77 22.25
C MET D 261 17.14 24.82 23.38
N LEU D 262 16.03 25.05 24.07
CA LEU D 262 15.52 24.04 24.99
C LEU D 262 15.01 22.83 24.22
N PHE D 263 14.19 23.07 23.19
CA PHE D 263 13.44 21.99 22.56
C PHE D 263 14.35 20.93 21.96
N VAL D 264 15.39 21.34 21.25
CA VAL D 264 16.15 20.41 20.41
C VAL D 264 16.88 19.35 21.24
N PRO D 265 17.78 19.70 22.17
CA PRO D 265 18.46 18.62 22.93
C PRO D 265 17.53 17.89 23.87
N VAL D 266 16.53 18.56 24.42
CA VAL D 266 15.60 17.91 25.35
C VAL D 266 14.79 16.84 24.62
N THR D 267 14.28 17.19 23.45
CA THR D 267 13.53 16.22 22.65
C THR D 267 14.42 15.06 22.21
N GLY D 268 15.66 15.34 21.82
CA GLY D 268 16.55 14.27 21.40
C GLY D 268 16.79 13.23 22.48
N LEU D 269 17.07 13.68 23.70
CA LEU D 269 17.32 12.75 24.79
C LEU D 269 16.07 11.93 25.11
N TRP D 270 14.89 12.58 25.06
CA TRP D 270 13.63 11.85 25.24
C TRP D 270 13.45 10.77 24.19
N MET D 271 13.78 11.06 22.93
CA MET D 271 13.65 10.01 21.92
C MET D 271 14.62 8.87 22.20
N SER D 272 15.86 9.18 22.59
CA SER D 272 16.81 8.08 22.82
C SER D 272 16.31 7.19 23.95
N ALA D 273 15.66 7.79 24.96
CA ALA D 273 15.11 7.03 26.07
C ALA D 273 14.05 6.04 25.61
N ILE D 274 13.22 6.43 24.64
CA ILE D 274 12.18 5.53 24.14
C ILE D 274 12.82 4.31 23.45
N GLY D 275 13.86 4.53 22.66
CA GLY D 275 14.54 3.39 22.05
C GLY D 275 15.11 2.42 23.08
N VAL D 276 15.68 2.94 24.16
CA VAL D 276 16.26 2.09 25.19
C VAL D 276 15.17 1.29 25.90
N VAL D 277 14.00 1.89 26.13
CA VAL D 277 12.87 1.13 26.65
C VAL D 277 12.57 -0.06 25.74
N GLY D 278 12.62 0.13 24.42
CA GLY D 278 12.47 -1.02 23.53
C GLY D 278 13.57 -2.05 23.70
N LEU D 279 14.84 -1.59 23.82
CA LEU D 279 15.94 -2.55 23.98
C LEU D 279 15.86 -3.30 25.29
N ALA D 280 15.16 -2.76 26.30
CA ALA D 280 14.91 -3.50 27.53
C ALA D 280 14.28 -4.86 27.23
N LEU D 281 13.51 -4.95 26.15
CA LEU D 281 12.77 -6.15 25.77
C LEU D 281 13.40 -6.85 24.59
N ASN D 282 14.62 -6.45 24.20
CA ASN D 282 15.26 -6.86 22.96
C ASN D 282 14.44 -6.47 21.73
N LEU D 283 13.54 -5.49 21.86
CA LEU D 283 12.76 -5.01 20.73
CA LEU D 283 12.77 -5.00 20.72
C LEU D 283 13.63 -4.00 19.97
N ARG D 284 14.54 -4.55 19.16
CA ARG D 284 15.59 -3.83 18.45
C ARG D 284 15.14 -3.39 17.07
N SER D 285 15.83 -2.38 16.54
CA SER D 285 15.92 -2.22 15.10
C SER D 285 17.21 -2.92 14.69
N TYR D 286 17.14 -4.26 14.64
CA TYR D 286 18.36 -5.01 14.33
C TYR D 286 18.55 -5.21 12.84
N ASP D 287 17.47 -5.50 12.10
CA ASP D 287 17.59 -5.92 10.71
C ASP D 287 16.61 -5.18 9.81
N PHE D 288 16.91 -5.23 8.51
CA PHE D 288 15.95 -4.93 7.44
C PHE D 288 15.63 -6.26 6.78
N ILE D 289 14.41 -6.74 6.95
CA ILE D 289 14.06 -8.08 6.47
C ILE D 289 14.28 -8.19 4.96
N SER D 290 13.91 -7.15 4.20
CA SER D 290 14.10 -7.21 2.75
C SER D 290 15.57 -7.41 2.38
N GLN D 291 16.47 -6.74 3.10
CA GLN D 291 17.90 -6.93 2.88
C GLN D 291 18.32 -8.36 3.14
N GLU D 292 17.84 -8.94 4.24
CA GLU D 292 18.27 -10.28 4.61
C GLU D 292 17.75 -11.31 3.63
N ILE D 293 16.53 -11.13 3.12
CA ILE D 293 15.99 -12.08 2.16
C ILE D 293 16.80 -12.03 0.87
N ARG D 294 17.13 -10.83 0.40
CA ARG D 294 17.94 -10.68 -0.82
C ARG D 294 19.34 -11.28 -0.62
N ALA D 295 20.00 -10.92 0.50
CA ALA D 295 21.36 -11.37 0.72
C ALA D 295 21.44 -12.89 0.88
N ALA D 296 20.43 -13.50 1.51
CA ALA D 296 20.48 -14.94 1.72
C ALA D 296 20.45 -15.68 0.39
N GLU D 297 19.71 -15.16 -0.60
CA GLU D 297 19.56 -15.80 -1.91
C GLU D 297 20.61 -15.38 -2.91
N ASP D 298 21.27 -14.24 -2.70
CA ASP D 298 22.19 -13.66 -3.68
C ASP D 298 23.53 -13.39 -2.99
N PRO D 299 24.51 -14.31 -3.13
CA PRO D 299 25.81 -14.14 -2.44
C PRO D 299 26.72 -13.08 -3.02
N GLU D 300 26.24 -12.31 -4.00
CA GLU D 300 26.98 -11.16 -4.50
C GLU D 300 26.42 -9.84 -4.00
N PHE D 301 25.30 -9.86 -3.26
CA PHE D 301 24.67 -8.63 -2.80
C PHE D 301 25.27 -8.20 -1.48
N GLU D 302 25.86 -7.01 -1.44
CA GLU D 302 26.53 -6.51 -0.25
C GLU D 302 26.30 -5.02 -0.08
N THR D 303 25.93 -4.62 1.14
CA THR D 303 25.78 -3.21 1.51
C THR D 303 26.52 -2.95 2.81
N PHE D 304 26.61 -1.68 3.20
CA PHE D 304 27.20 -1.37 4.50
C PHE D 304 26.37 -1.95 5.64
N TYR D 305 25.07 -2.13 5.42
CA TYR D 305 24.24 -2.74 6.45
C TYR D 305 24.68 -4.19 6.70
N THR D 306 24.90 -4.99 5.63
CA THR D 306 25.33 -6.37 5.88
C THR D 306 26.75 -6.42 6.44
N LYS D 307 27.61 -5.47 6.04
CA LYS D 307 28.97 -5.42 6.58
C LYS D 307 28.96 -5.20 8.09
N ASN D 308 28.06 -4.34 8.59
CA ASN D 308 28.06 -4.06 10.02
C ASN D 308 27.55 -5.24 10.83
N LEU D 309 26.64 -6.03 10.28
CA LEU D 309 26.17 -7.23 10.98
C LEU D 309 27.31 -8.22 11.21
N LEU D 310 28.21 -8.35 10.24
CA LEU D 310 29.37 -9.22 10.43
C LEU D 310 30.24 -8.73 11.59
N LEU D 311 30.40 -7.40 11.71
CA LEU D 311 31.10 -6.84 12.87
C LEU D 311 30.39 -7.20 14.17
N ASN D 312 29.06 -7.05 14.18
CA ASN D 312 28.28 -7.40 15.37
C ASN D 312 28.48 -8.87 15.76
N GLU D 313 28.47 -9.76 14.75
CA GLU D 313 28.66 -11.18 15.03
C GLU D 313 30.03 -11.45 15.64
N GLY D 314 31.06 -10.73 15.16
CA GLY D 314 32.37 -10.83 15.79
C GLY D 314 32.35 -10.32 17.22
N ILE D 315 31.72 -9.16 17.45
CA ILE D 315 31.65 -8.61 18.80
C ILE D 315 31.04 -9.63 19.75
N ARG D 316 29.90 -10.21 19.37
CA ARG D 316 29.19 -11.13 20.26
C ARG D 316 30.05 -12.34 20.60
N ALA D 317 30.64 -12.97 19.59
CA ALA D 317 31.33 -14.23 19.83
C ALA D 317 32.62 -14.00 20.61
N TRP D 318 33.31 -12.89 20.35
CA TRP D 318 34.61 -12.65 20.96
C TRP D 318 34.50 -12.02 22.35
N MET D 319 33.44 -11.27 22.63
CA MET D 319 33.32 -10.66 23.95
C MET D 319 32.47 -11.48 24.92
N ALA D 320 31.55 -12.31 24.43
CA ALA D 320 30.58 -12.93 25.34
C ALA D 320 31.19 -13.82 26.42
N PRO D 321 32.21 -14.67 26.16
CA PRO D 321 32.65 -15.56 27.25
C PRO D 321 33.13 -14.83 28.49
N GLN D 322 33.89 -13.74 28.33
CA GLN D 322 34.37 -12.98 29.48
C GLN D 322 33.36 -11.94 29.95
N ASP D 323 32.53 -11.41 29.05
CA ASP D 323 31.57 -10.36 29.45
C ASP D 323 30.33 -10.95 30.12
N GLN D 324 30.03 -12.22 29.88
CA GLN D 324 28.87 -12.89 30.49
C GLN D 324 29.31 -14.17 31.21
N PRO D 325 30.13 -14.04 32.27
CA PRO D 325 30.75 -15.22 32.90
C PRO D 325 29.76 -16.21 33.49
N GLU D 327 27.22 -17.42 32.15
CA GLU D 327 26.79 -18.36 31.10
C GLU D 327 27.76 -19.53 30.92
N ASN D 328 28.98 -19.39 31.46
CA ASN D 328 30.02 -20.41 31.32
C ASN D 328 30.24 -20.79 29.84
N PHE D 329 30.28 -19.78 28.97
CA PHE D 329 30.52 -20.05 27.56
C PHE D 329 31.92 -20.62 27.37
N VAL D 330 32.01 -21.68 26.57
CA VAL D 330 33.28 -22.18 26.05
C VAL D 330 33.11 -22.28 24.54
N PHE D 331 33.76 -21.39 23.81
CA PHE D 331 33.67 -21.37 22.35
C PHE D 331 34.99 -21.89 21.81
N PRO D 332 35.05 -23.13 21.29
CA PRO D 332 36.33 -23.62 20.76
C PRO D 332 36.84 -22.72 19.65
N GLU D 333 38.16 -22.63 19.53
CA GLU D 333 38.78 -21.80 18.49
C GLU D 333 38.10 -21.96 17.14
N GLU D 334 37.81 -23.21 16.76
CA GLU D 334 37.30 -23.47 15.42
C GLU D 334 35.91 -22.85 15.19
N VAL D 335 35.15 -22.53 16.24
CA VAL D 335 33.84 -21.94 15.96
C VAL D 335 33.88 -20.42 15.91
N LEU D 336 34.98 -19.80 16.28
CA LEU D 336 35.02 -18.34 16.32
C LEU D 336 34.91 -17.77 14.90
N PRO D 337 34.01 -16.81 14.65
CA PRO D 337 33.96 -16.18 13.33
C PRO D 337 35.17 -15.27 13.14
N ARG D 338 35.84 -15.41 11.99
CA ARG D 338 37.04 -14.66 11.64
C ARG D 338 37.10 -14.57 10.12
N GLY D 339 37.52 -13.42 9.59
CA GLY D 339 37.86 -13.32 8.20
C GLY D 339 39.21 -13.98 7.93
N ASN D 340 39.72 -13.78 6.71
CA ASN D 340 41.01 -14.35 6.35
C ASN D 340 42.13 -13.71 7.16
N ALA D 341 43.09 -14.55 7.60
CA ALA D 341 44.36 -14.16 8.20
C ALA D 341 44.24 -13.60 9.62
N LEU D 342 43.35 -12.64 9.83
CA LEU D 342 43.20 -12.01 11.15
C LEU D 342 42.56 -12.97 12.16
N THR E 3 27.72 38.42 50.03
CA THR E 3 26.35 38.92 50.08
C THR E 3 25.37 37.96 50.76
N THR E 4 25.76 36.73 51.10
CA THR E 4 24.86 35.82 51.83
C THR E 4 25.20 35.71 53.32
N GLY E 5 26.12 36.53 53.82
CA GLY E 5 26.37 36.59 55.25
C GLY E 5 27.57 35.80 55.73
N GLU E 6 27.92 34.71 55.06
CA GLU E 6 29.08 33.95 55.50
C GLU E 6 30.36 34.71 55.19
N ARG E 7 31.41 34.38 55.94
CA ARG E 7 32.69 35.03 55.73
C ARG E 7 33.25 34.64 54.37
N PRO E 8 33.78 35.60 53.60
CA PRO E 8 34.33 35.27 52.29
C PRO E 8 35.48 34.28 52.39
N PHE E 9 35.53 33.36 51.43
CA PHE E 9 36.57 32.32 51.42
C PHE E 9 37.95 32.92 51.33
N SER E 10 38.11 33.98 50.51
CA SER E 10 39.42 34.58 50.34
C SER E 10 39.93 35.19 51.65
N ASP E 11 39.03 35.68 52.50
CA ASP E 11 39.44 36.08 53.85
C ASP E 11 39.89 34.86 54.65
N ILE E 12 39.11 33.78 54.59
CA ILE E 12 39.39 32.63 55.46
C ILE E 12 40.76 32.03 55.12
N ILE E 13 40.97 31.69 53.85
CA ILE E 13 42.17 30.93 53.49
C ILE E 13 43.41 31.79 53.38
N THR E 14 43.31 33.09 53.60
CA THR E 14 44.49 33.94 53.74
C THR E 14 44.75 34.32 55.19
N SER E 15 43.98 33.81 56.13
CA SER E 15 44.16 34.13 57.53
C SER E 15 45.16 33.18 58.18
N VAL E 16 45.85 33.69 59.20
CA VAL E 16 46.83 32.90 59.93
C VAL E 16 46.15 31.79 60.71
N ARG E 17 45.01 32.09 61.35
CA ARG E 17 44.31 31.09 62.15
C ARG E 17 43.85 29.92 61.30
N TYR E 18 43.41 30.17 60.07
CA TYR E 18 42.99 29.07 59.20
C TYR E 18 44.14 28.08 59.02
N TRP E 19 45.33 28.61 58.71
CA TRP E 19 46.48 27.74 58.46
C TRP E 19 47.08 27.18 59.75
N VAL E 20 46.89 27.84 60.90
CA VAL E 20 47.28 27.20 62.15
C VAL E 20 46.48 25.92 62.36
N ILE E 21 45.18 25.98 62.09
CA ILE E 21 44.32 24.80 62.21
C ILE E 21 44.63 23.79 61.10
N HIS E 22 44.65 24.25 59.86
CA HIS E 22 44.64 23.31 58.74
C HIS E 22 46.03 22.83 58.35
N SER E 23 47.10 23.43 58.90
CA SER E 23 48.41 22.81 58.73
C SER E 23 48.49 21.52 59.54
N ILE E 24 47.58 21.32 60.49
CA ILE E 24 47.47 20.08 61.23
C ILE E 24 46.41 19.15 60.61
N THR E 25 45.19 19.66 60.36
CA THR E 25 44.09 18.76 60.03
C THR E 25 44.25 18.16 58.64
N ILE E 26 44.77 18.92 57.69
CA ILE E 26 44.90 18.40 56.33
C ILE E 26 45.96 17.30 56.29
N PRO E 27 47.18 17.51 56.81
CA PRO E 27 48.14 16.38 56.84
C PRO E 27 47.66 15.22 57.69
N ALA E 28 46.94 15.48 58.78
CA ALA E 28 46.47 14.39 59.62
C ALA E 28 45.50 13.48 58.85
N LEU E 29 44.55 14.06 58.11
CA LEU E 29 43.63 13.25 57.31
C LEU E 29 44.38 12.47 56.24
N PHE E 30 45.33 13.13 55.57
CA PHE E 30 46.11 12.49 54.52
C PHE E 30 46.85 11.27 55.07
N ILE E 31 47.46 11.43 56.24
CA ILE E 31 48.20 10.33 56.85
C ILE E 31 47.23 9.23 57.30
N ALA E 32 46.06 9.61 57.80
CA ALA E 32 45.06 8.63 58.18
C ALA E 32 44.63 7.79 56.98
N GLY E 33 44.39 8.45 55.83
CA GLY E 33 44.08 7.69 54.63
C GLY E 33 45.21 6.78 54.19
N TRP E 34 46.45 7.29 54.26
CA TRP E 34 47.62 6.47 53.95
C TRP E 34 47.64 5.20 54.80
N LEU E 35 47.51 5.34 56.12
CA LEU E 35 47.56 4.20 57.02
C LEU E 35 46.38 3.26 56.79
N PHE E 36 45.24 3.78 56.34
CA PHE E 36 44.10 2.92 56.02
C PHE E 36 44.49 1.88 54.98
N VAL E 37 45.32 2.26 54.02
CA VAL E 37 45.82 1.33 53.02
C VAL E 37 47.07 0.59 53.53
N SER E 38 48.04 1.31 54.09
CA SER E 38 49.33 0.69 54.38
C SER E 38 49.22 -0.37 55.48
N THR E 39 48.27 -0.24 56.40
CA THR E 39 48.05 -1.27 57.40
C THR E 39 47.28 -2.46 56.85
N GLY E 40 46.74 -2.35 55.63
CA GLY E 40 45.92 -3.40 55.07
C GLY E 40 44.46 -3.36 55.49
N LEU E 41 44.07 -2.39 56.32
CA LEU E 41 42.68 -2.38 56.82
C LEU E 41 41.68 -2.21 55.68
N ALA E 42 42.03 -1.42 54.66
CA ALA E 42 41.12 -1.22 53.53
C ALA E 42 40.70 -2.55 52.90
N TYR E 43 41.65 -3.48 52.74
CA TYR E 43 41.30 -4.79 52.17
C TYR E 43 40.21 -5.47 52.99
N ASP E 44 40.36 -5.45 54.31
CA ASP E 44 39.44 -6.23 55.13
C ASP E 44 38.09 -5.57 55.31
N VAL E 45 38.04 -4.23 55.29
CA VAL E 45 36.76 -3.54 55.39
C VAL E 45 35.90 -3.85 54.17
N PHE E 46 36.48 -3.73 52.98
CA PHE E 46 35.70 -3.82 51.75
C PHE E 46 35.74 -5.21 51.11
N GLY E 47 36.57 -6.11 51.62
CA GLY E 47 36.65 -7.46 51.07
C GLY E 47 37.36 -7.55 49.73
N THR E 48 38.25 -6.61 49.46
CA THR E 48 39.01 -6.57 48.21
C THR E 48 40.16 -7.55 48.27
N PRO E 49 40.36 -8.38 47.25
CA PRO E 49 41.51 -9.32 47.28
C PRO E 49 42.84 -8.59 47.27
N ARG E 50 43.75 -9.03 48.12
CA ARG E 50 45.14 -8.69 47.99
C ARG E 50 45.71 -9.36 46.74
N PRO E 51 46.88 -8.94 46.25
CA PRO E 51 47.41 -9.54 45.02
C PRO E 51 47.61 -11.04 45.11
N ASP E 52 47.80 -11.61 46.30
CA ASP E 52 47.95 -13.05 46.45
C ASP E 52 46.64 -13.76 46.77
N SER E 53 45.50 -13.08 46.60
CA SER E 53 44.24 -13.64 47.08
C SER E 53 43.15 -13.67 46.00
N TYR E 54 43.51 -13.52 44.73
CA TYR E 54 42.52 -13.68 43.66
C TYR E 54 42.23 -15.14 43.37
N TYR E 55 43.25 -15.99 43.46
CA TYR E 55 43.18 -17.40 43.12
C TYR E 55 43.93 -18.21 44.16
N ALA E 56 43.49 -19.45 44.38
CA ALA E 56 44.39 -20.42 45.01
C ALA E 56 45.52 -20.78 44.04
N GLN E 57 46.53 -21.47 44.57
CA GLN E 57 47.79 -21.60 43.83
C GLN E 57 47.60 -22.25 42.46
N GLU E 58 46.67 -23.22 42.36
CA GLU E 58 46.50 -23.94 41.10
C GLU E 58 45.18 -23.66 40.39
N GLN E 59 44.26 -22.95 41.02
CA GLN E 59 42.97 -22.69 40.38
C GLN E 59 43.12 -21.59 39.33
N ARG E 60 42.26 -21.67 38.30
CA ARG E 60 42.18 -20.64 37.28
C ARG E 60 40.75 -20.26 36.93
N SER E 61 39.76 -20.69 37.71
CA SER E 61 38.38 -20.27 37.53
C SER E 61 38.02 -19.15 38.52
N ILE E 62 37.41 -18.09 38.02
CA ILE E 62 36.96 -16.97 38.84
C ILE E 62 35.93 -17.45 39.86
N PRO E 63 35.92 -16.92 41.11
CA PRO E 63 34.92 -17.29 42.14
C PRO E 63 33.61 -16.52 42.00
N LEU E 64 32.90 -16.78 40.91
CA LEU E 64 31.67 -16.06 40.59
C LEU E 64 30.52 -16.51 41.48
N VAL E 65 29.80 -15.54 42.04
CA VAL E 65 28.59 -15.84 42.81
C VAL E 65 27.49 -16.34 41.88
N THR E 66 26.92 -17.51 42.21
CA THR E 66 25.92 -18.14 41.36
C THR E 66 24.60 -18.42 42.07
N ASP E 67 24.47 -18.13 43.36
CA ASP E 67 23.22 -18.36 44.08
C ASP E 67 22.87 -17.10 44.85
N ARG E 68 21.67 -16.57 44.61
CA ARG E 68 21.29 -15.28 45.18
C ARG E 68 21.22 -15.33 46.70
N PHE E 69 20.51 -16.31 47.26
CA PHE E 69 20.19 -16.27 48.69
C PHE E 69 21.23 -16.93 49.57
N GLU E 70 22.13 -17.73 49.00
CA GLU E 70 23.27 -18.24 49.75
C GLU E 70 24.56 -17.65 49.20
N ALA E 71 24.47 -16.46 48.59
CA ALA E 71 25.64 -15.81 48.03
C ALA E 71 26.68 -15.49 49.11
N LYS E 72 26.22 -15.11 50.30
CA LYS E 72 27.14 -14.81 51.40
C LYS E 72 27.98 -16.03 51.77
N GLN E 73 27.33 -17.19 51.92
CA GLN E 73 28.06 -18.42 52.22
C GLN E 73 28.97 -18.84 51.07
N GLN E 74 28.55 -18.56 49.83
CA GLN E 74 29.38 -18.93 48.67
C GLN E 74 30.69 -18.16 48.69
N VAL E 75 30.63 -16.84 48.94
CA VAL E 75 31.84 -16.06 49.06
C VAL E 75 32.70 -16.58 50.21
N GLU E 76 32.07 -16.90 51.33
CA GLU E 76 32.83 -17.44 52.47
C GLU E 76 33.54 -18.73 52.10
N THR E 77 32.86 -19.59 51.33
CA THR E 77 33.50 -20.82 50.86
C THR E 77 34.63 -20.51 49.91
N PHE E 78 34.42 -19.58 48.98
CA PHE E 78 35.48 -19.15 48.09
C PHE E 78 36.70 -18.69 48.88
N LEU E 79 36.48 -17.91 49.96
CA LEU E 79 37.59 -17.40 50.75
C LEU E 79 38.31 -18.51 51.51
N GLU E 80 37.57 -19.50 52.00
CA GLU E 80 38.22 -20.60 52.71
C GLU E 80 39.13 -21.39 51.80
N GLN E 81 38.81 -21.48 50.50
CA GLN E 81 39.61 -22.25 49.56
C GLN E 81 40.94 -21.57 49.24
N LEU E 82 41.13 -20.32 49.67
CA LEU E 82 42.43 -19.68 49.49
C LEU E 82 43.44 -20.21 50.49
N LYS E 83 43.02 -20.42 51.74
CA LYS E 83 43.89 -20.93 52.79
C LYS E 83 44.06 -22.43 52.69
N SER F 11 32.34 40.93 61.99
CA SER F 11 31.93 39.78 62.80
C SER F 11 31.15 38.77 61.97
N TYR F 12 31.81 37.66 61.64
CA TYR F 12 31.19 36.60 60.87
C TYR F 12 31.03 35.34 61.71
N PRO F 13 29.98 34.55 61.48
CA PRO F 13 29.94 33.22 62.10
C PRO F 13 31.05 32.36 61.55
N ILE F 14 31.43 31.35 62.33
CA ILE F 14 32.40 30.35 61.88
C ILE F 14 31.71 29.13 61.30
N PHE F 15 30.81 28.52 62.06
CA PHE F 15 30.14 27.30 61.63
C PHE F 15 28.79 27.70 61.05
N THR F 16 28.61 27.39 59.77
CA THR F 16 27.40 27.61 58.98
C THR F 16 27.06 26.34 58.21
N VAL F 17 25.88 26.36 57.56
CA VAL F 17 25.53 25.31 56.61
C VAL F 17 26.64 25.16 55.57
N ARG F 18 27.18 26.29 55.09
CA ARG F 18 28.24 26.24 54.09
C ARG F 18 29.45 25.51 54.64
N TRP F 19 29.82 25.79 55.89
CA TRP F 19 30.92 25.11 56.55
C TRP F 19 30.71 23.60 56.54
N VAL F 20 29.50 23.16 56.88
CA VAL F 20 29.19 21.73 56.87
C VAL F 20 29.34 21.18 55.46
N ALA F 21 28.71 21.82 54.47
CA ALA F 21 28.80 21.35 53.10
C ALA F 21 30.25 21.26 52.63
N VAL F 22 31.07 22.26 52.99
CA VAL F 22 32.47 22.24 52.56
C VAL F 22 33.18 21.03 53.15
N HIS F 23 32.96 20.75 54.43
CA HIS F 23 33.73 19.69 55.07
C HIS F 23 33.20 18.29 54.77
N THR F 24 31.91 18.13 54.42
CA THR F 24 31.45 16.80 54.00
C THR F 24 32.17 16.35 52.74
N LEU F 25 32.63 17.29 51.92
CA LEU F 25 33.39 16.98 50.72
C LEU F 25 34.90 16.99 50.96
N ALA F 26 35.41 18.02 51.63
CA ALA F 26 36.86 18.20 51.72
C ALA F 26 37.51 17.18 52.64
N VAL F 27 36.84 16.81 53.73
CA VAL F 27 37.44 15.91 54.72
C VAL F 27 37.64 14.53 54.09
N PRO F 28 36.62 13.90 53.51
CA PRO F 28 36.88 12.61 52.83
C PRO F 28 37.84 12.72 51.66
N THR F 29 37.81 13.82 50.90
CA THR F 29 38.70 13.95 49.75
C THR F 29 40.16 13.82 50.16
N ILE F 30 40.57 14.53 51.21
CA ILE F 30 41.97 14.46 51.63
C ILE F 30 42.34 13.08 52.17
N PHE F 31 41.43 12.48 52.96
CA PHE F 31 41.63 11.11 53.40
C PHE F 31 41.80 10.16 52.21
N PHE F 32 40.91 10.27 51.22
CA PHE F 32 41.00 9.40 50.04
C PHE F 32 42.29 9.64 49.27
N LEU F 33 42.71 10.90 49.14
CA LEU F 33 43.94 11.18 48.40
C LEU F 33 45.16 10.61 49.11
N GLY F 34 45.16 10.59 50.44
CA GLY F 34 46.24 9.92 51.15
C GLY F 34 46.22 8.42 50.93
N ALA F 35 45.02 7.83 50.88
CA ALA F 35 44.89 6.41 50.61
C ALA F 35 45.39 6.06 49.21
N ILE F 36 44.99 6.84 48.20
CA ILE F 36 45.42 6.55 46.83
C ILE F 36 46.92 6.80 46.69
N ALA F 37 47.46 7.77 47.44
CA ALA F 37 48.91 7.98 47.44
C ALA F 37 49.64 6.73 47.91
N ALA F 38 49.21 6.14 49.03
CA ALA F 38 49.85 4.93 49.54
C ALA F 38 49.78 3.80 48.53
N MET F 39 48.68 3.72 47.78
CA MET F 39 48.50 2.62 46.83
C MET F 39 49.58 2.62 45.76
N GLN F 40 50.12 3.79 45.42
CA GLN F 40 51.13 3.86 44.38
C GLN F 40 52.40 3.07 44.73
N PHE F 41 52.59 2.70 46.00
CA PHE F 41 53.76 1.93 46.43
C PHE F 41 53.44 0.47 46.68
N ILE F 42 52.22 0.02 46.39
CA ILE F 42 51.88 -1.39 46.51
C ILE F 42 52.48 -2.15 45.34
N GLN F 43 53.09 -3.29 45.64
CA GLN F 43 53.68 -4.21 44.66
C GLN F 43 52.95 -5.54 44.73
N ARG F 44 52.75 -6.17 43.58
CA ARG F 44 52.15 -7.51 43.58
C ARG F 44 53.17 -8.46 44.20
N ALA G 1 -28.13 30.89 32.16
CA ALA G 1 -27.85 29.48 32.04
C ALA G 1 -29.15 28.68 32.09
N ARG G 2 -29.13 27.46 31.57
CA ARG G 2 -30.33 26.67 31.37
C ARG G 2 -30.56 25.77 32.58
N ARG G 3 -31.74 25.85 33.19
CA ARG G 3 -32.14 24.87 34.20
C ARG G 3 -32.74 23.64 33.53
N THR G 4 -32.49 22.47 34.12
CA THR G 4 -33.15 21.23 33.71
C THR G 4 -33.55 20.46 34.95
N TRP G 5 -34.45 19.48 34.76
CA TRP G 5 -34.90 18.65 35.87
C TRP G 5 -33.73 17.97 36.57
N LEU G 6 -32.83 17.37 35.79
CA LEU G 6 -31.67 16.70 36.38
C LEU G 6 -30.70 17.71 36.97
N GLY G 7 -30.52 18.84 36.29
CA GLY G 7 -29.65 19.88 36.83
C GLY G 7 -30.11 20.38 38.20
N ASP G 8 -31.43 20.54 38.38
CA ASP G 8 -31.94 21.00 39.66
C ASP G 8 -31.69 19.95 40.75
N ILE G 9 -31.86 18.67 40.42
CA ILE G 9 -31.60 17.59 41.38
C ILE G 9 -30.14 17.60 41.82
N LEU G 10 -29.23 17.79 40.88
CA LEU G 10 -27.80 17.71 41.18
C LEU G 10 -27.21 19.01 41.72
N ARG G 11 -27.95 20.12 41.66
CA ARG G 11 -27.39 21.44 42.01
C ARG G 11 -26.64 21.46 43.33
N PRO G 12 -27.14 20.88 44.42
CA PRO G 12 -26.38 20.94 45.69
C PRO G 12 -25.01 20.28 45.62
N LEU G 13 -24.83 19.29 44.75
CA LEU G 13 -23.54 18.63 44.64
C LEU G 13 -22.48 19.50 43.97
N ASN G 14 -22.88 20.56 43.27
CA ASN G 14 -21.92 21.47 42.65
C ASN G 14 -22.12 22.89 43.12
N SER G 15 -22.35 23.08 44.42
CA SER G 15 -22.69 24.39 44.95
C SER G 15 -21.68 24.92 45.96
N GLU G 16 -20.66 24.14 46.32
CA GLU G 16 -19.72 24.53 47.38
C GLU G 16 -18.31 24.79 46.87
N TYR G 17 -18.17 25.28 45.64
CA TYR G 17 -16.87 25.64 45.10
C TYR G 17 -16.10 26.52 46.07
N GLY G 18 -14.84 26.16 46.33
CA GLY G 18 -13.99 26.99 47.16
C GLY G 18 -14.14 26.81 48.66
N LYS G 19 -15.07 25.97 49.12
CA LYS G 19 -15.27 25.83 50.56
C LYS G 19 -14.13 25.00 51.17
N VAL G 20 -13.55 25.51 52.25
CA VAL G 20 -12.41 24.88 52.90
C VAL G 20 -12.65 24.76 54.39
N ALA G 21 -11.98 23.80 55.01
CA ALA G 21 -11.90 23.72 56.45
C ALA G 21 -10.74 24.60 56.94
N PRO G 22 -10.88 25.21 58.12
CA PRO G 22 -9.85 26.16 58.58
C PRO G 22 -8.49 25.50 58.75
N GLY G 23 -7.45 26.24 58.34
CA GLY G 23 -6.09 25.89 58.72
C GLY G 23 -5.63 24.56 58.14
N TRP G 24 -5.00 23.75 59.00
CA TRP G 24 -4.44 22.47 58.61
C TRP G 24 -5.48 21.36 58.55
N GLY G 25 -6.63 21.55 59.19
CA GLY G 25 -7.68 20.56 59.18
C GLY G 25 -7.19 19.15 59.41
N THR G 26 -7.56 18.23 58.52
CA THR G 26 -7.23 16.82 58.70
C THR G 26 -5.88 16.44 58.10
N THR G 27 -5.01 17.41 57.82
CA THR G 27 -3.69 17.08 57.26
C THR G 27 -2.92 16.07 58.09
N PRO G 28 -2.83 16.17 59.43
CA PRO G 28 -2.11 15.14 60.18
C PRO G 28 -2.63 13.74 59.95
N LEU G 29 -3.95 13.57 59.96
CA LEU G 29 -4.53 12.27 59.66
C LEU G 29 -4.17 11.81 58.25
N MET G 30 -4.21 12.73 57.28
CA MET G 30 -3.84 12.38 55.91
C MET G 30 -2.40 11.88 55.85
N ALA G 31 -1.48 12.57 56.55
CA ALA G 31 -0.07 12.17 56.54
C ALA G 31 0.10 10.76 57.07
N VAL G 32 -0.64 10.39 58.11
CA VAL G 32 -0.54 9.04 58.66
C VAL G 32 -0.94 8.01 57.61
N PHE G 33 -2.05 8.26 56.91
CA PHE G 33 -2.49 7.32 55.88
C PHE G 33 -1.48 7.23 54.74
N MET G 34 -0.89 8.37 54.36
CA MET G 34 0.17 8.35 53.35
C MET G 34 1.34 7.49 53.80
N GLY G 35 1.78 7.66 55.05
CA GLY G 35 2.87 6.86 55.56
C GLY G 35 2.56 5.38 55.57
N LEU G 36 1.36 5.01 56.03
CA LEU G 36 0.93 3.62 55.98
C LEU G 36 0.91 3.12 54.54
N PHE G 37 0.41 3.94 53.61
CA PHE G 37 0.39 3.53 52.20
C PHE G 37 1.81 3.31 51.68
N LEU G 38 2.75 4.20 52.04
CA LEU G 38 4.12 4.01 51.60
C LEU G 38 4.68 2.70 52.11
N VAL G 39 4.43 2.37 53.38
CA VAL G 39 4.92 1.10 53.91
C VAL G 39 4.26 -0.06 53.18
N PHE G 40 2.96 0.08 52.87
CA PHE G 40 2.27 -0.98 52.13
C PHE G 40 2.91 -1.22 50.77
N LEU G 41 3.18 -0.16 50.01
CA LEU G 41 3.82 -0.32 48.71
C LEU G 41 5.22 -0.91 48.86
N LEU G 42 5.95 -0.52 49.90
CA LEU G 42 7.26 -1.11 50.16
C LEU G 42 7.15 -2.60 50.44
N ILE G 43 6.15 -3.02 51.23
CA ILE G 43 5.96 -4.44 51.50
C ILE G 43 5.68 -5.21 50.21
N ILE G 44 4.69 -4.76 49.42
CA ILE G 44 4.34 -5.54 48.23
C ILE G 44 5.46 -5.50 47.21
N LEU G 45 6.21 -4.39 47.13
CA LEU G 45 7.38 -4.35 46.26
C LEU G 45 8.42 -5.37 46.69
N GLU G 46 8.73 -5.42 47.99
CA GLU G 46 9.82 -6.30 48.40
C GLU G 46 9.41 -7.78 48.35
N ILE G 47 8.12 -8.08 48.51
CA ILE G 47 7.66 -9.45 48.30
C ILE G 47 7.86 -9.88 46.85
N TYR G 48 7.41 -9.04 45.92
CA TYR G 48 7.57 -9.32 44.48
C TYR G 48 9.06 -9.45 44.12
N ASN G 49 9.92 -8.68 44.78
CA ASN G 49 11.35 -8.59 44.53
C ASN G 49 12.12 -9.73 45.19
N SER G 50 11.46 -10.53 46.03
CA SER G 50 12.10 -11.55 46.86
C SER G 50 13.12 -10.96 47.82
N THR G 51 12.98 -9.69 48.17
CA THR G 51 13.74 -9.10 49.27
C THR G 51 13.05 -9.34 50.60
N LEU G 52 11.73 -9.44 50.59
CA LEU G 52 10.95 -9.85 51.75
C LEU G 52 10.36 -11.21 51.45
N ILE G 53 10.74 -12.22 52.23
CA ILE G 53 10.36 -13.60 51.98
C ILE G 53 9.59 -14.08 53.21
N LEU G 54 8.34 -14.47 53.00
CA LEU G 54 7.41 -14.81 54.07
C LEU G 54 7.01 -16.27 53.99
N ASP G 55 6.77 -16.87 55.15
CA ASP G 55 6.34 -18.27 55.17
C ASP G 55 5.01 -18.44 54.43
N GLY G 56 4.94 -19.48 53.61
CA GLY G 56 3.75 -19.76 52.85
C GLY G 56 3.51 -18.85 51.67
N VAL G 57 4.46 -17.98 51.34
CA VAL G 57 4.31 -17.05 50.23
C VAL G 57 5.42 -17.36 49.22
N ASN G 58 5.11 -18.22 48.26
CA ASN G 58 6.06 -18.65 47.24
C ASN G 58 5.81 -17.80 45.98
N VAL G 59 6.66 -16.81 45.77
CA VAL G 59 6.47 -15.89 44.64
C VAL G 59 6.99 -16.55 43.37
N SER G 60 6.13 -17.36 42.77
CA SER G 60 6.50 -18.14 41.60
C SER G 60 5.21 -18.62 40.95
N TRP G 61 5.32 -18.96 39.66
CA TRP G 61 4.25 -19.66 38.98
C TRP G 61 3.82 -20.90 39.77
N LYS G 62 4.77 -21.54 40.46
CA LYS G 62 4.52 -22.67 41.34
C LYS G 62 3.86 -22.29 42.67
N ALA G 63 3.27 -21.10 42.75
CA ALA G 63 2.60 -20.60 43.96
C ALA G 63 1.67 -21.64 44.61
N GLU H 2 39.66 13.39 -23.03
CA GLU H 2 40.64 14.47 -23.19
C GLU H 2 39.93 15.80 -23.29
N THR H 3 38.80 15.81 -24.00
CA THR H 3 38.00 17.03 -24.11
C THR H 3 37.40 17.40 -22.77
N LEU H 4 36.95 16.40 -22.00
CA LEU H 4 36.45 16.68 -20.66
C LEU H 4 37.55 17.28 -19.79
N LYS H 5 38.76 16.73 -19.85
CA LYS H 5 39.86 17.22 -19.04
C LYS H 5 40.18 18.67 -19.37
N ILE H 6 40.28 18.98 -20.66
CA ILE H 6 40.59 20.35 -21.08
C ILE H 6 39.49 21.30 -20.61
N THR H 7 38.24 20.87 -20.75
CA THR H 7 37.11 21.71 -20.37
C THR H 7 37.15 22.05 -18.88
N VAL H 8 37.36 21.03 -18.04
CA VAL H 8 37.40 21.26 -16.59
C VAL H 8 38.58 22.16 -16.23
N TYR H 9 39.73 21.93 -16.87
CA TYR H 9 40.89 22.77 -16.59
C TYR H 9 40.58 24.23 -16.89
N ILE H 10 39.87 24.49 -17.99
CA ILE H 10 39.52 25.86 -18.35
C ILE H 10 38.52 26.44 -17.36
N VAL H 11 37.51 25.65 -16.99
CA VAL H 11 36.51 26.10 -16.01
C VAL H 11 37.18 26.45 -14.69
N VAL H 12 38.01 25.54 -14.17
CA VAL H 12 38.68 25.79 -12.89
C VAL H 12 39.54 27.03 -12.97
N THR H 13 40.33 27.16 -14.04
CA THR H 13 41.21 28.31 -14.21
C THR H 13 40.40 29.60 -14.20
N PHE H 14 39.24 29.57 -14.87
CA PHE H 14 38.36 30.74 -14.93
C PHE H 14 37.93 31.19 -13.53
N PHE H 15 37.39 30.27 -12.73
CA PHE H 15 36.91 30.64 -11.42
C PHE H 15 38.06 31.00 -10.47
N VAL H 16 39.21 30.33 -10.59
CA VAL H 16 40.35 30.68 -9.75
C VAL H 16 40.85 32.08 -10.07
N LEU H 17 40.87 32.45 -11.35
CA LEU H 17 41.28 33.79 -11.73
C LEU H 17 40.31 34.84 -11.19
N LEU H 18 39.00 34.55 -11.23
CA LEU H 18 38.02 35.45 -10.62
C LEU H 18 38.31 35.66 -9.15
N PHE H 19 38.60 34.57 -8.43
CA PHE H 19 38.90 34.64 -7.01
C PHE H 19 40.10 35.54 -6.75
N VAL H 20 41.19 35.29 -7.48
CA VAL H 20 42.44 36.01 -7.21
C VAL H 20 42.32 37.47 -7.61
N PHE H 21 41.85 37.74 -8.83
CA PHE H 21 41.71 39.13 -9.25
C PHE H 21 40.64 39.86 -8.44
N GLY H 22 39.59 39.16 -8.03
CA GLY H 22 38.60 39.78 -7.16
C GLY H 22 39.19 40.29 -5.86
N PHE H 23 39.93 39.43 -5.16
CA PHE H 23 40.52 39.85 -3.89
C PHE H 23 41.63 40.87 -4.09
N LEU H 24 42.20 40.96 -5.30
CA LEU H 24 43.15 42.02 -5.61
C LEU H 24 42.46 43.34 -5.93
N SER H 25 41.14 43.36 -6.10
CA SER H 25 40.43 44.54 -6.56
C SER H 25 39.98 45.41 -5.38
N GLY H 26 40.95 45.84 -4.58
CA GLY H 26 40.70 46.77 -3.49
C GLY H 26 39.78 46.24 -2.42
N ASP H 27 40.00 45.02 -1.98
CA ASP H 27 39.11 44.38 -1.03
C ASP H 27 39.10 45.00 0.36
N PRO H 28 40.24 45.45 0.92
CA PRO H 28 40.16 46.12 2.23
C PRO H 28 39.22 47.31 2.24
N ALA H 29 39.09 48.04 1.13
CA ALA H 29 38.19 49.19 1.06
C ALA H 29 36.71 48.79 1.04
N ARG H 30 36.40 47.52 0.78
CA ARG H 30 35.01 47.07 0.67
C ARG H 30 34.48 46.70 2.06
N ASN H 31 34.26 47.74 2.86
CA ASN H 31 33.68 47.60 4.19
C ASN H 31 32.85 48.84 4.46
N PRO H 32 32.03 48.83 5.51
CA PRO H 32 31.13 49.97 5.72
C PRO H 32 31.76 51.16 6.41
N LYS H 33 33.00 51.05 6.91
CA LYS H 33 33.58 52.08 7.76
C LYS H 33 34.82 52.66 7.08
N ARG H 34 35.98 52.62 7.75
CA ARG H 34 37.21 53.24 7.25
C ARG H 34 37.78 52.46 6.07
N LYS H 35 37.91 53.12 4.92
CA LYS H 35 38.46 52.50 3.72
C LYS H 35 39.90 52.94 3.52
N ASP H 36 40.84 51.99 3.58
CA ASP H 36 42.27 52.28 3.46
C ASP H 36 43.06 50.99 3.25
N GLY I 5 43.17 37.65 59.16
CA GLY I 5 42.33 38.32 58.19
C GLY I 5 42.78 38.11 56.75
N GLY I 6 43.98 38.61 56.43
CA GLY I 6 44.50 38.58 55.08
C GLY I 6 46.02 38.56 55.03
N ARG I 7 46.65 38.03 56.09
CA ARG I 7 48.10 38.13 56.24
C ARG I 7 48.88 37.31 55.21
N ILE I 8 48.31 36.24 54.66
CA ILE I 8 49.02 35.39 53.70
C ILE I 8 48.49 35.73 52.31
N PRO I 9 49.33 36.23 51.40
CA PRO I 9 48.82 36.69 50.10
C PRO I 9 48.19 35.55 49.30
N LEU I 10 47.08 35.87 48.64
CA LEU I 10 46.32 34.86 47.93
C LEU I 10 47.13 34.21 46.81
N TRP I 11 48.00 34.98 46.15
CA TRP I 11 48.79 34.40 45.06
C TRP I 11 49.78 33.36 45.57
N ILE I 12 50.24 33.48 46.82
CA ILE I 12 51.10 32.44 47.37
C ILE I 12 50.29 31.19 47.69
N VAL I 13 49.09 31.38 48.26
CA VAL I 13 48.21 30.24 48.55
C VAL I 13 47.89 29.48 47.27
N ALA I 14 47.54 30.20 46.20
CA ALA I 14 47.22 29.56 44.93
C ALA I 14 48.45 28.84 44.37
N THR I 15 49.62 29.47 44.44
CA THR I 15 50.82 28.85 43.90
C THR I 15 51.16 27.57 44.65
N VAL I 16 51.12 27.62 45.99
CA VAL I 16 51.47 26.45 46.79
C VAL I 16 50.44 25.35 46.61
N ALA I 17 49.15 25.71 46.64
CA ALA I 17 48.09 24.74 46.42
C ALA I 17 48.23 24.10 45.04
N GLY I 18 48.48 24.92 44.02
CA GLY I 18 48.62 24.39 42.68
C GLY I 18 49.81 23.46 42.55
N MET I 19 50.92 23.80 43.21
CA MET I 19 52.08 22.92 43.19
C MET I 19 51.77 21.61 43.89
N GLY I 20 50.97 21.66 44.96
CA GLY I 20 50.58 20.42 45.62
C GLY I 20 49.74 19.53 44.73
N VAL I 21 48.86 20.13 43.92
CA VAL I 21 48.07 19.34 42.97
C VAL I 21 48.98 18.67 41.95
N ILE I 22 49.96 19.41 41.42
CA ILE I 22 50.90 18.85 40.45
C ILE I 22 51.67 17.67 41.06
N VAL I 23 52.08 17.80 42.33
CA VAL I 23 52.84 16.74 42.97
C VAL I 23 52.00 15.47 43.09
N ILE I 24 50.75 15.61 43.54
CA ILE I 24 49.94 14.42 43.80
C ILE I 24 49.53 13.75 42.50
N VAL I 25 49.15 14.53 41.49
CA VAL I 25 48.82 13.93 40.19
C VAL I 25 50.06 13.32 39.58
N GLY I 26 51.21 13.98 39.73
CA GLY I 26 52.46 13.40 39.28
C GLY I 26 52.76 12.07 39.93
N LEU I 27 52.51 11.96 41.24
CA LEU I 27 52.66 10.69 41.92
C LEU I 27 51.76 9.62 41.31
N PHE I 28 50.52 10.00 40.97
CA PHE I 28 49.58 9.01 40.42
C PHE I 28 50.05 8.53 39.06
N PHE I 29 50.63 9.43 38.25
CA PHE I 29 51.18 8.99 36.96
C PHE I 29 52.41 8.12 37.15
N TYR I 30 53.23 8.41 38.16
CA TYR I 30 54.34 7.53 38.50
C TYR I 30 53.84 6.11 38.78
N GLY I 31 52.76 5.99 39.56
CA GLY I 31 52.23 4.68 39.91
C GLY I 31 51.66 3.90 38.73
N ALA I 32 51.34 4.58 37.63
CA ALA I 32 50.90 3.87 36.44
C ALA I 32 52.02 3.03 35.84
N TYR I 33 53.27 3.34 36.18
CA TYR I 33 54.44 2.65 35.64
C TYR I 33 55.12 1.74 36.64
N ALA I 34 54.61 1.65 37.87
CA ALA I 34 55.27 0.91 38.93
C ALA I 34 54.25 0.21 39.80
N GLY I 35 54.58 -0.99 40.28
CA GLY I 35 53.66 -1.68 41.17
C GLY I 35 52.38 -2.09 40.47
N LEU I 36 51.28 -2.10 41.22
CA LEU I 36 50.00 -2.55 40.67
C LEU I 36 49.58 -1.67 39.50
N GLY I 37 49.01 -2.30 38.48
CA GLY I 37 48.53 -1.58 37.32
C GLY I 37 49.59 -1.25 36.29
N SER I 38 50.85 -1.64 36.53
CA SER I 38 51.95 -1.29 35.64
C SER I 38 52.12 -2.26 34.48
N SER I 39 51.35 -3.36 34.45
CA SER I 39 51.45 -4.48 33.51
C SER I 39 52.69 -5.34 33.73
N LEU I 40 53.55 -5.01 34.69
CA LEU I 40 54.81 -5.72 34.87
C LEU I 40 54.76 -6.69 36.04
N LYS J 1 74.30 7.33 27.07
CA LYS J 1 74.87 7.88 28.29
C LYS J 1 75.70 9.14 28.00
N LEU J 2 75.71 10.06 28.95
CA LEU J 2 76.64 11.19 28.91
C LEU J 2 78.05 10.67 29.16
N PRO J 3 79.07 11.41 28.71
CA PRO J 3 80.44 11.05 29.06
C PRO J 3 80.57 10.91 30.57
N GLU J 4 81.41 9.96 30.99
CA GLU J 4 81.42 9.49 32.37
C GLU J 4 81.67 10.60 33.38
N ALA J 5 82.48 11.61 33.01
CA ALA J 5 82.75 12.70 33.94
C ALA J 5 81.48 13.46 34.34
N TYR J 6 80.48 13.50 33.45
CA TYR J 6 79.26 14.27 33.70
C TYR J 6 78.16 13.46 34.38
N ALA J 7 78.43 12.19 34.70
CA ALA J 7 77.38 11.29 35.17
C ALA J 7 76.74 11.77 36.47
N ILE J 8 77.48 12.54 37.27
CA ILE J 8 76.94 13.05 38.52
C ILE J 8 75.74 13.94 38.25
N PHE J 9 75.66 14.54 37.07
CA PHE J 9 74.57 15.44 36.74
C PHE J 9 73.39 14.75 36.05
N ASP J 10 73.43 13.43 35.91
CA ASP J 10 72.29 12.71 35.30
C ASP J 10 70.94 13.11 35.90
N PRO J 11 70.76 13.20 37.22
CA PRO J 11 69.43 13.61 37.72
C PRO J 11 69.03 15.00 37.27
N LEU J 12 70.01 15.90 37.16
CA LEU J 12 69.71 17.25 36.68
C LEU J 12 69.32 17.22 35.20
N VAL J 13 70.07 16.48 34.38
CA VAL J 13 69.77 16.37 32.95
C VAL J 13 68.37 15.79 32.72
N ASP J 14 67.89 14.93 33.62
CA ASP J 14 66.56 14.36 33.47
C ASP J 14 65.45 15.40 33.60
N VAL J 15 65.68 16.49 34.34
CA VAL J 15 64.65 17.49 34.65
CA VAL J 15 64.60 17.44 34.58
C VAL J 15 64.69 18.67 33.68
N LEU J 16 65.87 18.96 33.12
CA LEU J 16 66.02 20.16 32.29
C LEU J 16 64.99 20.34 31.18
N PRO J 17 64.61 19.30 30.40
CA PRO J 17 63.70 19.56 29.26
C PRO J 17 62.36 20.16 29.66
N VAL J 18 61.91 19.93 30.90
CA VAL J 18 60.60 20.42 31.31
C VAL J 18 60.64 21.89 31.73
N ILE J 19 61.81 22.46 31.96
CA ILE J 19 61.94 23.82 32.47
C ILE J 19 61.18 24.82 31.61
N PRO J 20 61.22 24.76 30.27
CA PRO J 20 60.41 25.71 29.48
C PRO J 20 58.94 25.72 29.85
N VAL J 21 58.36 24.58 30.19
CA VAL J 21 56.97 24.55 30.64
C VAL J 21 56.78 25.41 31.88
N LEU J 22 57.79 25.45 32.75
CA LEU J 22 57.70 26.23 33.98
C LEU J 22 57.56 27.71 33.70
N PHE J 23 58.09 28.17 32.56
CA PHE J 23 57.95 29.58 32.21
C PHE J 23 56.49 29.96 31.99
N LEU J 24 55.72 29.07 31.35
CA LEU J 24 54.29 29.34 31.18
C LEU J 24 53.59 29.44 32.52
N ALA J 25 53.90 28.52 33.44
CA ALA J 25 53.27 28.58 34.76
C ALA J 25 53.71 29.81 35.53
N LEU J 26 54.98 30.21 35.36
CA LEU J 26 55.48 31.41 36.03
C LEU J 26 54.68 32.65 35.66
N ALA J 27 54.26 32.75 34.39
CA ALA J 27 53.44 33.87 33.95
C ALA J 27 52.17 33.98 34.80
N PHE J 28 51.61 32.85 35.21
CA PHE J 28 50.39 32.88 36.02
C PHE J 28 50.66 33.25 37.47
N VAL J 29 51.79 32.78 38.03
CA VAL J 29 52.24 33.23 39.36
C VAL J 29 52.43 34.74 39.36
N TRP J 30 53.12 35.26 38.35
CA TRP J 30 53.33 36.70 38.24
C TRP J 30 52.02 37.45 38.11
N GLN J 31 51.12 36.99 37.24
CA GLN J 31 49.85 37.69 37.08
C GLN J 31 49.04 37.62 38.38
N ALA J 32 49.08 36.49 39.08
CA ALA J 32 48.40 36.41 40.38
C ALA J 32 48.96 37.43 41.36
N ALA J 33 50.28 37.65 41.34
CA ALA J 33 50.88 38.59 42.27
C ALA J 33 50.54 40.03 41.95
N VAL J 34 50.13 40.35 40.72
CA VAL J 34 49.70 41.71 40.41
C VAL J 34 48.18 41.76 40.23
N GLY J 35 47.47 40.75 40.72
CA GLY J 35 46.01 40.77 40.69
C GLY J 35 45.37 40.68 39.32
N PHE J 36 46.06 40.13 38.32
CA PHE J 36 45.51 39.99 36.97
C PHE J 36 44.94 41.32 36.45
N ARG J 37 45.61 42.41 36.81
CA ARG J 37 45.11 43.75 36.48
C ARG J 37 45.07 44.00 34.97
N MET K 1 -29.19 29.65 18.74
CA MET K 1 -28.66 29.32 20.05
C MET K 1 -27.66 30.38 20.51
N GLU K 2 -27.64 30.66 21.81
CA GLU K 2 -26.73 31.68 22.32
C GLU K 2 -25.29 31.24 22.06
N PRO K 3 -24.42 32.14 21.64
CA PRO K 3 -23.04 31.74 21.27
C PRO K 3 -22.19 31.45 22.50
N ASN K 4 -21.19 30.62 22.29
CA ASN K 4 -20.31 30.21 23.38
C ASN K 4 -19.21 31.25 23.57
N PRO K 5 -19.05 31.83 24.77
CA PRO K 5 -18.04 32.88 24.95
C PRO K 5 -16.62 32.36 25.09
N ASN K 6 -16.41 31.05 25.08
CA ASN K 6 -15.08 30.47 25.29
C ASN K 6 -14.33 30.23 23.98
N ARG K 7 -14.96 30.46 22.84
CA ARG K 7 -14.32 30.20 21.56
C ARG K 7 -13.17 31.19 21.31
N GLN K 8 -12.12 30.70 20.64
CA GLN K 8 -10.92 31.45 20.36
C GLN K 8 -10.49 31.17 18.92
N PRO K 9 -10.01 32.16 18.19
CA PRO K 9 -9.40 31.88 16.88
C PRO K 9 -8.08 31.12 17.05
N VAL K 10 -7.71 30.37 16.02
CA VAL K 10 -6.50 29.58 16.01
C VAL K 10 -5.58 30.12 14.92
N GLU K 11 -4.27 30.03 15.14
CA GLU K 11 -3.34 30.56 14.15
C GLU K 11 -2.16 29.62 13.97
N LEU K 12 -1.63 29.62 12.75
CA LEU K 12 -0.36 28.96 12.42
C LEU K 12 0.34 29.88 11.42
N ASN K 13 1.46 30.49 11.81
CA ASN K 13 2.09 31.42 10.90
C ASN K 13 2.93 30.66 9.87
N ARG K 14 3.46 31.41 8.89
CA ARG K 14 4.14 30.74 7.77
C ARG K 14 5.40 30.02 8.24
N THR K 15 6.17 30.64 9.13
CA THR K 15 7.38 29.98 9.62
C THR K 15 7.05 28.67 10.31
N SER K 16 5.95 28.65 11.08
CA SER K 16 5.55 27.43 11.77
C SER K 16 5.07 26.37 10.78
N LEU K 17 4.41 26.79 9.70
CA LEU K 17 4.10 25.85 8.63
C LEU K 17 5.38 25.22 8.10
N TYR K 18 6.38 26.06 7.77
CA TYR K 18 7.63 25.53 7.21
C TYR K 18 8.35 24.63 8.20
N LEU K 19 8.43 25.03 9.47
CA LEU K 19 9.07 24.18 10.48
C LEU K 19 8.32 22.86 10.63
N GLY K 20 6.99 22.91 10.62
CA GLY K 20 6.23 21.69 10.80
C GLY K 20 6.36 20.75 9.62
N LEU K 21 6.34 21.29 8.40
CA LEU K 21 6.49 20.45 7.23
C LEU K 21 7.89 19.83 7.19
N LEU K 22 8.90 20.59 7.60
CA LEU K 22 10.25 20.01 7.69
C LEU K 22 10.30 18.87 8.69
N LEU K 23 9.72 19.06 9.88
CA LEU K 23 9.70 17.99 10.86
C LEU K 23 9.02 16.74 10.31
N ILE K 24 7.84 16.90 9.73
CA ILE K 24 7.08 15.77 9.19
CA ILE K 24 7.08 15.76 9.19
C ILE K 24 7.86 15.09 8.07
N LEU K 25 8.38 15.89 7.12
CA LEU K 25 9.04 15.28 5.98
C LEU K 25 10.33 14.58 6.40
N VAL K 26 11.08 15.18 7.33
CA VAL K 26 12.32 14.55 7.76
C VAL K 26 12.02 13.30 8.58
N LEU K 27 11.00 13.36 9.44
CA LEU K 27 10.61 12.14 10.16
C LEU K 27 10.20 11.05 9.18
N ALA K 28 9.52 11.42 8.10
CA ALA K 28 9.14 10.44 7.11
C ALA K 28 10.36 9.90 6.39
N LEU K 29 11.31 10.78 6.04
CA LEU K 29 12.52 10.30 5.38
C LEU K 29 13.28 9.32 6.28
N LEU K 30 13.21 9.54 7.58
CA LEU K 30 13.89 8.70 8.57
C LEU K 30 13.16 7.38 8.79
N PHE K 31 11.85 7.43 9.05
CA PHE K 31 11.14 6.22 9.44
C PHE K 31 10.70 5.36 8.26
N SER K 32 10.67 5.92 7.04
CA SER K 32 10.13 5.15 5.91
C SER K 32 10.90 3.85 5.68
N SER K 33 12.24 3.86 5.84
CA SER K 33 13.01 2.62 5.62
C SER K 33 12.52 1.49 6.54
N TYR K 34 12.13 1.84 7.75
CA TYR K 34 11.67 0.87 8.73
C TYR K 34 10.24 0.43 8.47
N PHE K 35 9.42 1.32 7.90
CA PHE K 35 8.06 0.94 7.48
C PHE K 35 8.13 -0.06 6.32
N PHE K 36 9.03 0.17 5.35
CA PHE K 36 9.20 -0.81 4.27
C PHE K 36 9.94 -2.06 4.75
N ASN K 37 10.89 -1.92 5.68
CA ASN K 37 11.62 -3.04 6.27
C ASN K 37 12.27 -3.95 5.21
N GLU L 2 11.77 -7.93 -1.19
CA GLU L 2 10.55 -8.26 -0.45
C GLU L 2 10.28 -7.30 0.72
N VAL L 3 9.81 -6.08 0.41
CA VAL L 3 9.51 -5.07 1.43
C VAL L 3 8.12 -5.31 2.00
N ASN L 4 7.84 -4.68 3.14
CA ASN L 4 6.51 -4.71 3.74
C ASN L 4 5.55 -3.93 2.86
N GLN L 5 4.46 -4.59 2.48
CA GLN L 5 3.51 -4.07 1.50
C GLN L 5 2.65 -2.95 2.07
N LEU L 6 2.62 -2.79 3.39
CA LEU L 6 1.93 -1.66 4.00
C LEU L 6 2.84 -0.46 4.17
N GLY L 7 4.14 -0.60 3.86
CA GLY L 7 5.06 0.50 4.06
C GLY L 7 4.74 1.72 3.20
N LEU L 8 4.20 1.50 2.00
CA LEU L 8 3.91 2.62 1.12
C LEU L 8 2.77 3.48 1.68
N ILE L 9 1.65 2.85 2.05
CA ILE L 9 0.55 3.67 2.56
C ILE L 9 0.88 4.18 3.96
N ALA L 10 1.66 3.42 4.74
CA ALA L 10 2.10 3.94 6.04
C ALA L 10 2.88 5.24 5.86
N THR L 11 3.85 5.23 4.96
CA THR L 11 4.64 6.43 4.71
C THR L 11 3.78 7.55 4.13
N ALA L 12 2.86 7.21 3.21
CA ALA L 12 2.06 8.24 2.56
C ALA L 12 1.14 8.93 3.56
N LEU L 13 0.47 8.17 4.42
CA LEU L 13 -0.41 8.82 5.40
C LEU L 13 0.39 9.50 6.49
N PHE L 14 1.56 8.96 6.84
CA PHE L 14 2.42 9.62 7.81
C PHE L 14 2.79 11.03 7.36
N VAL L 15 3.07 11.21 6.07
CA VAL L 15 3.35 12.55 5.54
C VAL L 15 2.07 13.36 5.39
N LEU L 16 1.05 12.77 4.76
CA LEU L 16 -0.12 13.52 4.31
CA LEU L 16 -0.08 13.57 4.31
C LEU L 16 -0.94 14.06 5.47
N VAL L 17 -1.24 13.19 6.44
CA VAL L 17 -2.21 13.57 7.47
C VAL L 17 -1.70 14.76 8.30
N PRO L 18 -0.51 14.73 8.92
CA PRO L 18 -0.09 15.94 9.62
C PRO L 18 0.23 17.09 8.70
N SER L 19 0.74 16.85 7.47
CA SER L 19 0.98 17.99 6.59
C SER L 19 -0.31 18.74 6.27
N VAL L 20 -1.40 18.01 5.95
CA VAL L 20 -2.62 18.72 5.60
C VAL L 20 -3.21 19.43 6.81
N PHE L 21 -3.08 18.83 8.01
CA PHE L 21 -3.43 19.52 9.24
C PHE L 21 -2.77 20.90 9.30
N LEU L 22 -1.47 20.96 9.03
CA LEU L 22 -0.76 22.24 9.11
C LEU L 22 -1.19 23.18 7.98
N ILE L 23 -1.41 22.64 6.79
CA ILE L 23 -1.82 23.51 5.67
C ILE L 23 -3.19 24.11 5.95
N ILE L 24 -4.13 23.29 6.43
CA ILE L 24 -5.45 23.80 6.81
C ILE L 24 -5.31 24.96 7.78
N LEU L 25 -4.51 24.78 8.84
CA LEU L 25 -4.36 25.82 9.85
C LEU L 25 -3.68 27.07 9.29
N TYR L 26 -2.67 26.88 8.45
CA TYR L 26 -1.96 28.02 7.86
C TYR L 26 -2.90 28.86 6.99
N VAL L 27 -3.61 28.21 6.06
CA VAL L 27 -4.40 28.95 5.09
C VAL L 27 -5.52 29.71 5.78
N GLN L 28 -6.16 29.08 6.78
CA GLN L 28 -7.22 29.81 7.49
C GLN L 28 -6.66 30.92 8.37
N THR L 29 -5.37 30.91 8.69
CA THR L 29 -4.76 32.07 9.35
C THR L 29 -4.59 33.21 8.37
N GLU L 30 -4.06 32.92 7.17
CA GLU L 30 -3.91 33.95 6.13
C GLU L 30 -5.25 34.60 5.79
N SER L 31 -6.33 33.82 5.78
CA SER L 31 -7.60 34.38 5.34
C SER L 31 -8.28 35.21 6.41
N GLN L 32 -7.76 35.22 7.64
CA GLN L 32 -8.36 36.00 8.71
C GLN L 32 -8.11 37.49 8.52
N GLN L 33 -9.03 38.29 9.05
CA GLN L 33 -9.01 39.76 8.98
C GLN L 33 -8.78 40.29 7.56
N GLN M 1 68.95 3.10 -24.30
CA GLN M 1 67.68 2.81 -24.96
C GLN M 1 66.86 1.83 -24.13
N THR M 2 67.40 1.42 -22.99
CA THR M 2 66.78 0.42 -22.11
C THR M 2 66.05 1.14 -20.98
N LEU M 3 64.74 0.89 -20.87
CA LEU M 3 63.90 1.67 -19.97
C LEU M 3 63.98 1.14 -18.55
N THR M 4 63.93 2.06 -17.59
CA THR M 4 63.88 1.72 -16.18
C THR M 4 62.44 1.74 -15.66
N TYR M 5 62.28 1.24 -14.42
CA TYR M 5 60.99 1.29 -13.75
C TYR M 5 60.46 2.70 -13.67
N ASP M 6 61.34 3.68 -13.42
CA ASP M 6 60.85 5.05 -13.34
C ASP M 6 60.48 5.60 -14.71
N ASP M 7 61.05 5.04 -15.79
CA ASP M 7 60.56 5.38 -17.13
C ASP M 7 59.14 4.85 -17.35
N ILE M 8 58.85 3.67 -16.81
CA ILE M 8 57.63 2.95 -17.13
C ILE M 8 56.48 3.26 -16.17
N VAL M 9 56.78 3.60 -14.92
CA VAL M 9 55.76 3.55 -13.87
C VAL M 9 54.64 4.53 -14.21
N GLY M 10 53.41 4.03 -14.17
CA GLY M 10 52.24 4.85 -14.39
C GLY M 10 51.88 5.09 -15.86
N THR M 11 52.68 4.61 -16.80
CA THR M 11 52.40 4.84 -18.22
C THR M 11 51.41 3.84 -18.79
N GLY M 12 51.22 2.68 -18.17
CA GLY M 12 50.49 1.59 -18.77
C GLY M 12 51.37 0.60 -19.52
N LEU M 13 52.65 0.93 -19.76
CA LEU M 13 53.50 0.01 -20.50
C LEU M 13 53.75 -1.28 -19.75
N ALA M 14 53.67 -1.26 -18.41
CA ALA M 14 53.91 -2.47 -17.64
C ALA M 14 52.88 -3.55 -17.92
N ASN M 15 51.69 -3.19 -18.44
CA ASN M 15 50.70 -4.20 -18.79
C ASN M 15 50.81 -4.64 -20.26
N LYS M 16 51.83 -4.20 -20.97
CA LYS M 16 51.97 -4.51 -22.39
C LYS M 16 53.09 -5.52 -22.61
N CYS M 17 52.88 -6.43 -23.56
CA CYS M 17 53.93 -7.38 -23.89
C CYS M 17 54.95 -6.74 -24.82
N PRO M 18 56.19 -7.21 -24.80
CA PRO M 18 57.17 -6.72 -25.78
C PRO M 18 56.71 -7.00 -27.20
N THR M 19 57.14 -6.14 -28.12
CA THR M 19 56.86 -6.30 -29.54
C THR M 19 58.16 -6.49 -30.29
N LEU M 20 58.03 -7.02 -31.50
CA LEU M 20 59.15 -7.20 -32.41
C LEU M 20 58.93 -6.33 -33.64
N ASP M 21 60.03 -5.88 -34.25
CA ASP M 21 59.96 -5.03 -35.44
C ASP M 21 59.29 -5.78 -36.58
N ASP M 22 58.86 -5.02 -37.59
CA ASP M 22 58.33 -5.62 -38.80
C ASP M 22 59.38 -6.40 -39.56
N THR M 23 60.67 -6.13 -39.33
CA THR M 23 61.74 -6.88 -39.97
C THR M 23 61.90 -8.28 -39.40
N ALA M 24 61.25 -8.61 -38.28
CA ALA M 24 61.40 -9.91 -37.64
C ALA M 24 60.47 -10.93 -38.31
N ARG M 25 60.91 -11.41 -39.47
CA ARG M 25 60.19 -12.42 -40.22
C ARG M 25 61.06 -13.66 -40.45
N GLY M 26 61.92 -13.99 -39.48
CA GLY M 26 62.90 -15.03 -39.64
C GLY M 26 62.43 -16.41 -39.23
N ALA M 27 63.40 -17.27 -38.95
CA ALA M 27 63.14 -18.66 -38.57
C ALA M 27 64.14 -19.08 -37.51
N TYR M 28 63.64 -19.73 -36.45
CA TYR M 28 64.47 -20.12 -35.33
C TYR M 28 64.71 -21.63 -35.36
N PRO M 29 65.91 -22.09 -35.71
CA PRO M 29 66.13 -23.53 -35.89
C PRO M 29 65.98 -24.29 -34.59
N ILE M 30 65.32 -25.45 -34.67
CA ILE M 30 65.20 -26.36 -33.55
C ILE M 30 66.15 -27.53 -33.77
N ASP M 31 67.03 -27.75 -32.80
CA ASP M 31 67.93 -28.90 -32.80
C ASP M 31 67.25 -30.01 -32.03
N SER M 32 66.84 -31.07 -32.73
CA SER M 32 66.07 -32.12 -32.07
C SER M 32 66.86 -32.80 -30.95
N SER M 33 68.18 -32.64 -30.93
CA SER M 33 69.01 -33.17 -29.85
C SER M 33 69.13 -32.21 -28.68
N GLN M 34 68.75 -30.95 -28.85
CA GLN M 34 68.86 -29.95 -27.79
C GLN M 34 67.55 -29.86 -26.99
N THR M 35 67.68 -29.54 -25.71
CA THR M 35 66.54 -29.23 -24.87
C THR M 35 66.32 -27.72 -24.83
N TYR M 36 65.06 -27.33 -24.73
CA TYR M 36 64.68 -25.92 -24.83
C TYR M 36 63.69 -25.58 -23.72
N ARG M 37 63.58 -24.29 -23.45
CA ARG M 37 62.52 -23.83 -22.57
C ARG M 37 62.04 -22.48 -23.07
N ILE M 38 60.87 -22.09 -22.63
CA ILE M 38 60.39 -20.72 -22.80
C ILE M 38 60.76 -19.96 -21.54
N ALA M 39 61.68 -19.00 -21.68
CA ALA M 39 62.13 -18.24 -20.52
C ALA M 39 61.12 -17.18 -20.11
N ARG M 40 60.33 -16.67 -21.06
CA ARG M 40 59.30 -15.69 -20.73
C ARG M 40 58.18 -15.81 -21.74
N LEU M 41 56.98 -16.08 -21.24
CA LEU M 41 55.77 -16.03 -22.05
C LEU M 41 54.88 -14.91 -21.51
N CYS M 42 54.43 -14.03 -22.40
CA CYS M 42 53.60 -12.88 -22.03
C CYS M 42 52.35 -12.89 -22.90
N LEU M 43 51.19 -12.70 -22.26
CA LEU M 43 49.91 -12.66 -22.97
C LEU M 43 49.18 -11.37 -22.58
N GLN M 44 48.97 -10.50 -23.57
CA GLN M 44 48.33 -9.21 -23.35
C GLN M 44 46.96 -9.22 -24.02
N PRO M 45 45.88 -9.35 -23.25
CA PRO M 45 44.56 -9.35 -23.88
C PRO M 45 44.20 -7.95 -24.36
N THR M 46 43.56 -7.90 -25.53
CA THR M 46 43.06 -6.66 -26.10
C THR M 46 41.54 -6.61 -26.22
N THR M 47 40.87 -7.75 -26.27
CA THR M 47 39.42 -7.84 -26.38
CA THR M 47 39.42 -7.82 -26.35
C THR M 47 38.91 -8.98 -25.53
N PHE M 48 37.84 -8.73 -24.78
CA PHE M 48 37.12 -9.75 -24.03
C PHE M 48 35.72 -9.84 -24.63
N LEU M 49 35.35 -11.03 -25.10
CA LEU M 49 34.02 -11.26 -25.66
C LEU M 49 33.27 -12.25 -24.78
N VAL M 50 31.97 -11.99 -24.57
CA VAL M 50 31.13 -12.85 -23.74
C VAL M 50 29.98 -13.37 -24.59
N LYS M 51 29.73 -14.68 -24.51
CA LYS M 51 28.63 -15.28 -25.25
C LYS M 51 27.30 -14.97 -24.55
N GLU M 52 26.38 -14.38 -25.30
CA GLU M 52 25.08 -14.04 -24.74
C GLU M 52 24.28 -15.30 -24.40
N GLU M 53 23.33 -15.15 -23.47
CA GLU M 53 22.50 -16.25 -22.99
C GLU M 53 21.12 -16.11 -23.59
N PRO M 54 20.85 -16.72 -24.75
CA PRO M 54 19.58 -16.49 -25.44
C PRO M 54 18.42 -17.32 -24.91
N LYS M 55 17.22 -16.77 -25.08
CA LYS M 55 15.99 -17.45 -24.69
C LYS M 55 15.56 -18.51 -25.70
N ASN M 56 16.06 -18.44 -26.94
CA ASN M 56 15.66 -19.34 -28.02
C ASN M 56 16.80 -20.29 -28.35
N LYS M 57 16.55 -21.59 -28.16
CA LYS M 57 17.59 -22.58 -28.45
C LYS M 57 17.84 -22.72 -29.94
N ARG M 58 16.82 -22.48 -30.78
CA ARG M 58 17.03 -22.44 -32.21
C ARG M 58 17.97 -21.31 -32.61
N GLN M 59 18.09 -20.29 -31.76
CA GLN M 59 18.94 -19.14 -32.04
C GLN M 59 20.37 -19.43 -31.62
N GLU M 60 21.31 -19.19 -32.53
CA GLU M 60 22.73 -19.38 -32.24
C GLU M 60 23.26 -18.13 -31.53
N ALA M 61 23.69 -18.30 -30.29
CA ALA M 61 24.19 -17.16 -29.52
C ALA M 61 25.56 -16.72 -30.04
N GLU M 62 25.82 -15.43 -29.94
CA GLU M 62 27.09 -14.85 -30.38
C GLU M 62 27.87 -14.27 -29.20
N PHE M 63 29.17 -14.15 -29.43
CA PHE M 63 30.05 -13.44 -28.52
C PHE M 63 29.95 -11.94 -28.80
N VAL M 64 29.69 -11.16 -27.75
CA VAL M 64 29.47 -9.73 -27.93
C VAL M 64 30.59 -8.96 -27.23
N PRO M 65 30.87 -7.72 -27.65
CA PRO M 65 31.92 -6.94 -26.99
C PRO M 65 31.52 -6.53 -25.58
N THR M 66 32.55 -6.19 -24.79
CA THR M 66 32.38 -5.79 -23.39
C THR M 66 33.33 -4.64 -23.06
N LYS M 67 33.04 -3.96 -21.96
CA LYS M 67 33.88 -2.88 -21.46
C LYS M 67 34.67 -3.39 -20.25
N LEU M 68 35.99 -3.27 -20.33
CA LEU M 68 36.85 -3.58 -19.19
C LEU M 68 36.73 -2.51 -18.11
N VAL M 69 36.44 -2.92 -16.87
CA VAL M 69 36.31 -1.95 -15.78
C VAL M 69 37.36 -2.10 -14.70
N THR M 70 38.26 -3.07 -14.80
CA THR M 70 39.27 -3.28 -13.77
C THR M 70 40.66 -2.78 -14.19
N ARG M 71 40.70 -1.95 -15.25
CA ARG M 71 41.88 -1.19 -15.66
C ARG M 71 43.03 -2.08 -16.15
N GLU M 72 44.24 -1.52 -16.26
CA GLU M 72 45.35 -2.17 -16.95
CA GLU M 72 45.36 -2.18 -16.95
C GLU M 72 46.04 -3.20 -16.05
N THR M 73 45.25 -4.20 -15.64
CA THR M 73 45.66 -5.22 -14.70
C THR M 73 45.45 -6.63 -15.26
N THR M 74 45.51 -6.78 -16.59
CA THR M 74 44.93 -7.95 -17.24
C THR M 74 45.94 -8.93 -17.81
N SER M 75 47.21 -8.54 -17.98
CA SER M 75 48.11 -9.37 -18.75
C SER M 75 48.74 -10.47 -17.91
N LEU M 76 49.03 -11.59 -18.57
CA LEU M 76 49.80 -12.68 -17.98
C LEU M 76 51.26 -12.54 -18.41
N ASP M 77 52.20 -12.75 -17.48
CA ASP M 77 53.58 -12.52 -17.86
C ASP M 77 54.52 -13.29 -16.93
N GLN M 78 55.81 -13.26 -17.30
CA GLN M 78 56.89 -13.94 -16.58
C GLN M 78 56.62 -15.43 -16.45
N ILE M 79 55.96 -16.00 -17.45
CA ILE M 79 55.62 -17.40 -17.50
C ILE M 79 56.79 -18.16 -18.11
N GLN M 80 57.10 -19.33 -17.56
CA GLN M 80 58.20 -20.16 -18.06
C GLN M 80 57.79 -21.62 -18.00
N GLY M 81 58.51 -22.45 -18.75
CA GLY M 81 58.27 -23.89 -18.75
C GLY M 81 59.10 -24.58 -19.81
N GLU M 82 59.01 -25.91 -19.80
CA GLU M 82 59.78 -26.70 -20.75
C GLU M 82 59.16 -26.62 -22.14
N LEU M 83 60.03 -26.57 -23.17
CA LEU M 83 59.62 -26.66 -24.56
C LEU M 83 60.18 -27.97 -25.11
N LYS M 84 59.33 -29.01 -25.13
CA LYS M 84 59.78 -30.33 -25.54
C LYS M 84 59.75 -30.49 -27.06
N VAL M 85 60.76 -31.16 -27.58
CA VAL M 85 60.75 -31.63 -28.97
C VAL M 85 60.21 -33.06 -28.95
N ASN M 86 59.07 -33.27 -29.59
CA ASN M 86 58.47 -34.60 -29.64
C ASN M 86 59.06 -35.41 -30.79
N SER M 87 58.85 -36.73 -30.73
CA SER M 87 59.45 -37.63 -31.72
C SER M 87 58.99 -37.32 -33.14
N ASP M 88 57.77 -36.80 -33.30
CA ASP M 88 57.26 -36.44 -34.61
C ASP M 88 57.68 -35.05 -35.06
N GLY M 89 58.61 -34.42 -34.34
CA GLY M 89 59.06 -33.08 -34.68
C GLY M 89 58.16 -31.95 -34.22
N SER M 90 56.99 -32.25 -33.64
CA SER M 90 56.21 -31.17 -33.04
C SER M 90 56.86 -30.72 -31.74
N LEU M 91 56.53 -29.50 -31.32
CA LEU M 91 56.99 -28.95 -30.05
C LEU M 91 55.81 -28.85 -29.10
N THR M 92 56.07 -29.09 -27.81
CA THR M 92 55.04 -28.96 -26.77
C THR M 92 55.58 -28.06 -25.67
N PHE M 93 54.88 -26.97 -25.40
CA PHE M 93 55.21 -26.12 -24.27
C PHE M 93 54.45 -26.63 -23.05
N VAL M 94 55.16 -26.87 -21.96
CA VAL M 94 54.56 -27.29 -20.70
C VAL M 94 54.75 -26.17 -19.68
N GLU M 95 53.67 -25.49 -19.33
CA GLU M 95 53.77 -24.34 -18.42
C GLU M 95 54.18 -24.81 -17.04
N GLU M 96 55.14 -24.12 -16.44
CA GLU M 96 55.67 -24.47 -15.13
C GLU M 96 55.23 -23.50 -14.04
N ASP M 97 55.35 -22.19 -14.26
CA ASP M 97 55.09 -21.20 -13.23
CA ASP M 97 54.96 -21.21 -13.26
C ASP M 97 55.05 -19.83 -13.90
N GLY M 98 54.63 -18.83 -13.13
CA GLY M 98 54.67 -17.46 -13.56
C GLY M 98 53.42 -16.74 -13.10
N ILE M 99 53.29 -15.49 -13.51
CA ILE M 99 52.07 -14.73 -13.24
C ILE M 99 51.06 -15.15 -14.31
N ASP M 100 50.36 -16.26 -14.04
CA ASP M 100 49.65 -16.98 -15.08
C ASP M 100 48.13 -16.89 -14.92
N PHE M 101 47.66 -15.90 -14.18
CA PHE M 101 46.23 -15.63 -14.00
C PHE M 101 46.06 -14.16 -13.68
N GLN M 102 44.89 -13.61 -14.06
CA GLN M 102 44.48 -12.27 -13.62
C GLN M 102 42.98 -12.32 -13.41
N PRO M 103 42.45 -11.88 -12.27
CA PRO M 103 41.01 -11.64 -12.20
C PRO M 103 40.69 -10.44 -13.07
N VAL M 104 39.61 -10.55 -13.84
CA VAL M 104 39.18 -9.52 -14.78
C VAL M 104 37.67 -9.39 -14.67
N THR M 105 37.18 -8.15 -14.61
CA THR M 105 35.74 -7.92 -14.72
C THR M 105 35.48 -7.07 -15.95
N VAL M 106 34.63 -7.58 -16.85
CA VAL M 106 34.16 -6.83 -18.00
C VAL M 106 32.65 -6.62 -17.83
N GLN M 107 32.12 -5.61 -18.52
CA GLN M 107 30.74 -5.20 -18.34
C GLN M 107 30.01 -5.25 -19.67
N MET M 108 28.86 -5.92 -19.68
CA MET M 108 28.06 -6.04 -20.89
C MET M 108 27.15 -4.83 -21.05
N ALA M 109 26.70 -4.61 -22.28
CA ALA M 109 25.68 -3.60 -22.54
C ALA M 109 24.52 -3.81 -21.58
N GLY M 110 24.09 -2.73 -20.94
CA GLY M 110 23.05 -2.81 -19.94
C GLY M 110 23.53 -2.97 -18.52
N GLY M 111 24.84 -3.20 -18.30
CA GLY M 111 25.41 -3.11 -16.97
C GLY M 111 25.87 -4.41 -16.35
N GLU M 112 25.48 -5.58 -16.88
CA GLU M 112 25.85 -6.83 -16.24
C GLU M 112 27.36 -7.00 -16.24
N ARG M 113 27.93 -7.22 -15.06
CA ARG M 113 29.36 -7.39 -14.91
C ARG M 113 29.71 -8.87 -14.92
N ILE M 114 30.77 -9.21 -15.65
CA ILE M 114 31.22 -10.57 -15.83
C ILE M 114 32.64 -10.68 -15.28
N PRO M 115 32.81 -11.19 -14.05
CA PRO M 115 34.15 -11.51 -13.56
C PRO M 115 34.63 -12.85 -14.12
N LEU M 116 35.92 -12.93 -14.41
CA LEU M 116 36.55 -14.17 -14.83
C LEU M 116 37.99 -14.22 -14.34
N LEU M 117 38.51 -15.42 -14.25
CA LEU M 117 39.91 -15.64 -13.92
C LEU M 117 40.61 -15.93 -15.24
N PHE M 118 41.03 -14.86 -15.91
CA PHE M 118 41.78 -15.02 -17.16
C PHE M 118 43.10 -15.71 -16.87
N THR M 119 43.34 -16.86 -17.52
CA THR M 119 44.44 -17.70 -17.06
C THR M 119 44.91 -18.67 -18.15
N VAL M 120 46.15 -19.13 -17.99
CA VAL M 120 46.67 -20.28 -18.73
C VAL M 120 47.32 -21.26 -17.76
N LYS M 121 46.76 -21.37 -16.55
CA LYS M 121 47.35 -22.25 -15.54
C LYS M 121 47.47 -23.68 -16.06
N ASN M 122 48.65 -24.28 -15.88
CA ASN M 122 48.95 -25.64 -16.33
C ASN M 122 48.79 -25.79 -17.84
N LEU M 123 49.08 -24.73 -18.59
CA LEU M 123 49.02 -24.82 -20.05
C LEU M 123 49.95 -25.90 -20.59
N VAL M 124 49.42 -26.68 -21.53
CA VAL M 124 50.19 -27.61 -22.35
C VAL M 124 49.77 -27.33 -23.80
N ALA M 125 50.69 -26.84 -24.61
CA ALA M 125 50.33 -26.38 -25.95
C ALA M 125 51.35 -26.88 -26.96
N SER M 126 50.86 -27.38 -28.10
CA SER M 126 51.70 -28.06 -29.07
C SER M 126 51.54 -27.49 -30.47
N THR M 127 52.61 -27.59 -31.24
CA THR M 127 52.65 -27.19 -32.64
C THR M 127 52.24 -28.36 -33.53
N GLN M 128 52.24 -28.13 -34.85
CA GLN M 128 52.09 -29.20 -35.81
C GLN M 128 53.35 -30.05 -35.84
N PRO M 129 53.29 -31.26 -36.41
CA PRO M 129 54.50 -32.10 -36.50
C PRO M 129 55.57 -31.46 -37.37
N ASN M 130 56.77 -32.02 -37.26
CA ASN M 130 57.90 -31.70 -38.16
C ASN M 130 58.22 -30.20 -38.17
N VAL M 131 58.33 -29.61 -36.97
CA VAL M 131 58.70 -28.18 -36.85
C VAL M 131 60.21 -28.14 -36.70
N THR M 132 60.91 -28.16 -37.85
CA THR M 132 62.37 -28.05 -37.80
C THR M 132 62.83 -26.64 -37.48
N SER M 133 61.97 -25.63 -37.69
CA SER M 133 62.28 -24.27 -37.30
C SER M 133 60.97 -23.55 -36.97
N ILE M 134 61.02 -22.69 -35.95
CA ILE M 134 59.87 -21.86 -35.62
C ILE M 134 59.84 -20.70 -36.59
N THR M 135 58.72 -20.55 -37.30
CA THR M 135 58.54 -19.55 -38.35
C THR M 135 57.20 -18.86 -38.16
N THR M 136 56.91 -17.88 -39.02
CA THR M 136 55.60 -17.23 -38.96
C THR M 136 54.46 -18.14 -39.39
N SER M 137 54.73 -19.40 -39.73
CA SER M 137 53.66 -20.36 -40.00
C SER M 137 53.45 -21.33 -38.84
N THR M 138 54.21 -21.17 -37.75
CA THR M 138 54.08 -22.02 -36.59
C THR M 138 52.88 -21.58 -35.73
N ASP M 139 52.14 -22.56 -35.22
CA ASP M 139 51.03 -22.30 -34.32
CA ASP M 139 51.02 -22.32 -34.33
C ASP M 139 51.15 -23.23 -33.11
N PHE M 140 50.62 -22.76 -31.97
CA PHE M 140 50.53 -23.55 -30.75
C PHE M 140 49.07 -23.69 -30.39
N LYS M 141 48.63 -24.89 -30.07
CA LYS M 141 47.26 -25.09 -29.58
C LYS M 141 47.28 -25.98 -28.35
N GLY M 142 46.47 -25.62 -27.35
CA GLY M 142 46.53 -26.38 -26.12
C GLY M 142 45.36 -26.11 -25.19
N GLU M 143 45.43 -26.77 -24.03
CA GLU M 143 44.45 -26.70 -22.96
C GLU M 143 45.11 -26.21 -21.68
N PHE M 144 44.29 -25.66 -20.79
CA PHE M 144 44.75 -25.21 -19.49
C PHE M 144 43.62 -25.42 -18.49
N ASN M 145 43.94 -25.23 -17.20
CA ASN M 145 42.98 -25.37 -16.12
C ASN M 145 42.43 -24.01 -15.70
N VAL M 146 41.14 -23.97 -15.38
CA VAL M 146 40.47 -22.78 -14.87
C VAL M 146 39.90 -23.12 -13.50
N PRO M 147 40.63 -22.83 -12.43
CA PRO M 147 40.08 -23.06 -11.08
C PRO M 147 39.05 -21.99 -10.73
N SER M 148 38.31 -22.26 -9.66
CA SER M 148 37.34 -21.30 -9.14
C SER M 148 37.96 -19.91 -9.01
N TYR M 149 37.18 -18.91 -9.42
CA TYR M 149 37.61 -17.51 -9.40
C TYR M 149 37.92 -17.03 -7.98
N ARG M 150 37.10 -17.41 -7.01
CA ARG M 150 37.41 -17.27 -5.60
C ARG M 150 37.98 -18.59 -5.07
N THR M 151 38.97 -18.53 -4.18
CA THR M 151 39.45 -19.79 -3.60
C THR M 151 38.68 -20.08 -2.31
N ALA M 152 39.07 -21.16 -1.61
CA ALA M 152 38.14 -21.83 -0.70
C ALA M 152 37.82 -21.04 0.57
N ASN M 153 38.68 -20.10 0.99
CA ASN M 153 38.42 -19.27 2.17
C ASN M 153 37.42 -18.15 1.93
N PHE M 154 37.08 -17.85 0.69
CA PHE M 154 36.33 -16.63 0.41
C PHE M 154 34.95 -16.68 1.08
N LEU M 155 34.60 -15.60 1.78
CA LEU M 155 33.34 -15.51 2.50
C LEU M 155 32.41 -14.56 1.77
N ASP M 156 31.14 -14.98 1.60
CA ASP M 156 30.14 -14.10 0.97
C ASP M 156 29.69 -13.03 1.97
N PRO M 157 28.86 -12.06 1.53
CA PRO M 157 28.51 -10.94 2.43
C PRO M 157 27.73 -11.35 3.66
N LYS M 158 27.19 -12.56 3.71
CA LYS M 158 26.55 -13.04 4.92
C LYS M 158 27.45 -14.00 5.70
N GLY M 159 28.75 -14.02 5.38
CA GLY M 159 29.71 -14.80 6.12
C GLY M 159 29.81 -16.27 5.76
N ARG M 160 29.21 -16.70 4.66
CA ARG M 160 29.23 -18.11 4.26
C ARG M 160 30.40 -18.42 3.34
N GLY M 161 30.97 -19.61 3.51
CA GLY M 161 32.09 -20.01 2.68
C GLY M 161 32.26 -21.51 2.60
N LEU M 162 33.31 -21.93 1.91
CA LEU M 162 33.60 -23.35 1.70
C LEU M 162 34.53 -23.90 2.80
N ALA M 163 35.78 -23.44 2.82
CA ALA M 163 36.71 -23.85 3.86
C ALA M 163 36.60 -23.03 5.15
N SER M 164 35.77 -22.00 5.16
CA SER M 164 35.51 -21.21 6.35
C SER M 164 34.09 -20.68 6.23
N GLY M 165 33.61 -20.01 7.29
CA GLY M 165 32.33 -19.32 7.25
C GLY M 165 31.18 -20.14 7.81
N TYR M 166 30.02 -19.48 7.91
CA TYR M 166 28.78 -20.14 8.29
C TYR M 166 28.33 -21.12 7.20
N ASP M 167 27.51 -22.09 7.60
CA ASP M 167 26.96 -23.04 6.63
C ASP M 167 25.45 -22.88 6.48
N SER M 168 24.91 -21.75 6.94
CA SER M 168 23.48 -21.50 6.82
C SER M 168 23.26 -20.00 6.72
N ALA M 169 22.01 -19.61 6.48
CA ALA M 169 21.63 -18.21 6.42
C ALA M 169 21.23 -17.79 7.82
N ILE M 170 22.21 -17.32 8.59
CA ILE M 170 21.97 -17.12 10.02
C ILE M 170 21.01 -15.97 10.31
N ALA M 171 20.80 -15.06 9.34
CA ALA M 171 19.84 -13.98 9.55
C ALA M 171 18.39 -14.43 9.39
N LEU M 172 18.17 -15.66 8.93
CA LEU M 172 16.82 -16.21 8.77
C LEU M 172 16.74 -17.49 9.58
N PRO M 173 16.75 -17.39 10.91
CA PRO M 173 17.01 -18.58 11.73
C PRO M 173 16.01 -19.71 11.51
N GLN M 174 14.77 -19.41 11.14
CA GLN M 174 13.78 -20.47 10.99
C GLN M 174 13.24 -20.58 9.57
N ALA M 175 14.00 -20.11 8.58
CA ALA M 175 13.58 -20.34 7.21
C ALA M 175 13.81 -21.81 6.82
N LYS M 176 13.06 -22.27 5.83
CA LYS M 176 13.27 -23.61 5.31
C LYS M 176 14.55 -23.63 4.47
N GLU M 177 15.39 -24.64 4.70
CA GLU M 177 16.75 -24.63 4.16
C GLU M 177 16.81 -25.00 2.68
N GLU M 178 15.83 -25.75 2.18
CA GLU M 178 15.96 -26.37 0.86
C GLU M 178 16.13 -25.33 -0.23
N GLU M 179 15.36 -24.23 -0.17
CA GLU M 179 15.44 -23.20 -1.19
C GLU M 179 16.74 -22.42 -1.13
N LEU M 180 17.48 -22.47 -0.02
CA LEU M 180 18.73 -21.75 0.11
C LEU M 180 19.95 -22.63 -0.08
N ALA M 181 19.78 -23.91 -0.44
CA ALA M 181 20.93 -24.82 -0.46
C ALA M 181 21.99 -24.35 -1.44
N ARG M 182 21.58 -23.87 -2.62
CA ARG M 182 22.56 -23.48 -3.61
C ARG M 182 23.41 -22.30 -3.14
N ALA M 183 22.83 -21.41 -2.34
CA ALA M 183 23.60 -20.30 -1.79
C ALA M 183 24.36 -20.70 -0.53
N ASN M 184 23.83 -21.66 0.23
CA ASN M 184 24.48 -22.04 1.49
C ASN M 184 25.68 -22.97 1.30
N VAL M 185 25.64 -23.85 0.30
CA VAL M 185 26.66 -24.89 0.13
C VAL M 185 27.58 -24.43 -0.99
N LYS M 186 28.76 -23.91 -0.63
CA LYS M 186 29.70 -23.40 -1.61
C LYS M 186 30.41 -24.56 -2.31
N ARG M 187 30.61 -24.43 -3.62
CA ARG M 187 31.24 -25.44 -4.45
C ARG M 187 32.37 -24.80 -5.23
N PHE M 188 33.42 -25.57 -5.46
CA PHE M 188 34.66 -25.09 -6.06
C PHE M 188 34.76 -25.63 -7.48
N SER M 189 34.68 -24.73 -8.45
CA SER M 189 34.71 -25.12 -9.85
C SER M 189 36.13 -25.41 -10.33
N LEU M 190 36.24 -26.36 -11.26
CA LEU M 190 37.50 -26.65 -11.94
C LEU M 190 37.16 -27.13 -13.34
N THR M 191 37.42 -26.31 -14.35
CA THR M 191 37.05 -26.57 -15.73
C THR M 191 38.28 -26.40 -16.61
N LYS M 192 38.11 -26.65 -17.91
CA LYS M 192 39.18 -26.57 -18.88
C LYS M 192 38.96 -25.38 -19.80
N GLY M 193 40.06 -24.79 -20.26
CA GLY M 193 40.03 -23.79 -21.29
C GLY M 193 40.90 -24.24 -22.46
N GLN M 194 40.74 -23.56 -23.59
CA GLN M 194 41.49 -23.86 -24.80
C GLN M 194 42.12 -22.58 -25.32
N ILE M 195 43.29 -22.68 -25.92
CA ILE M 195 43.99 -21.50 -26.43
C ILE M 195 44.73 -21.84 -27.72
N SER M 196 44.76 -20.87 -28.62
CA SER M 196 45.58 -20.93 -29.84
C SER M 196 46.52 -19.75 -29.87
N LEU M 197 47.78 -20.01 -30.21
CA LEU M 197 48.79 -18.98 -30.37
C LEU M 197 49.26 -18.99 -31.82
N ASN M 198 49.10 -17.86 -32.50
CA ASN M 198 49.48 -17.73 -33.91
C ASN M 198 50.75 -16.88 -33.99
N VAL M 199 51.87 -17.51 -34.35
CA VAL M 199 53.14 -16.79 -34.48
C VAL M 199 53.08 -15.85 -35.68
N ALA M 200 53.42 -14.58 -35.47
CA ALA M 200 53.41 -13.60 -36.54
C ALA M 200 54.78 -13.02 -36.84
N LYS M 201 55.71 -13.06 -35.89
CA LYS M 201 57.05 -12.50 -36.06
C LYS M 201 58.04 -13.39 -35.32
N VAL M 202 59.22 -13.56 -35.90
CA VAL M 202 60.28 -14.38 -35.33
C VAL M 202 61.61 -13.66 -35.52
N ASP M 203 62.37 -13.51 -34.44
CA ASP M 203 63.76 -13.07 -34.51
C ASP M 203 64.62 -14.32 -34.39
N GLY M 204 65.09 -14.83 -35.54
CA GLY M 204 65.85 -16.06 -35.54
C GLY M 204 67.10 -15.98 -34.68
N ARG M 205 67.71 -14.80 -34.58
CA ARG M 205 68.94 -14.64 -33.82
C ARG M 205 68.70 -14.68 -32.32
N THR M 206 67.64 -14.03 -31.85
CA THR M 206 67.42 -13.93 -30.40
C THR M 206 66.50 -15.01 -29.85
N GLY M 207 65.83 -15.77 -30.71
CA GLY M 207 64.87 -16.75 -30.22
C GLY M 207 63.57 -16.16 -29.70
N GLU M 208 63.28 -14.91 -30.04
CA GLU M 208 62.04 -14.27 -29.63
C GLU M 208 60.98 -14.46 -30.70
N ILE M 209 59.74 -14.68 -30.28
CA ILE M 209 58.59 -14.76 -31.17
C ILE M 209 57.46 -13.93 -30.60
N ALA M 210 56.57 -13.48 -31.49
CA ALA M 210 55.41 -12.71 -31.09
C ALA M 210 54.27 -13.03 -32.05
N GLY M 211 53.05 -12.75 -31.60
CA GLY M 211 51.91 -12.97 -32.46
C GLY M 211 50.59 -12.66 -31.78
N THR M 212 49.53 -13.34 -32.21
CA THR M 212 48.20 -13.14 -31.65
C THR M 212 47.74 -14.43 -30.99
N PHE M 213 46.84 -14.31 -30.02
CA PHE M 213 46.27 -15.49 -29.40
C PHE M 213 44.75 -15.36 -29.31
N GLU M 214 44.09 -16.51 -29.22
CA GLU M 214 42.69 -16.53 -28.85
C GLU M 214 42.49 -17.66 -27.87
N SER M 215 41.80 -17.37 -26.77
CA SER M 215 41.53 -18.38 -25.76
CA SER M 215 41.53 -18.35 -25.72
C SER M 215 40.05 -18.36 -25.41
N GLU M 216 39.54 -19.50 -24.96
CA GLU M 216 38.15 -19.63 -24.57
C GLU M 216 38.07 -20.32 -23.22
N GLN M 217 37.22 -19.81 -22.34
CA GLN M 217 37.11 -20.37 -21.00
C GLN M 217 35.83 -19.87 -20.37
N LEU M 218 35.48 -20.48 -19.24
CA LEU M 218 34.32 -20.08 -18.48
C LEU M 218 34.67 -18.95 -17.51
N SER M 219 33.67 -18.14 -17.20
CA SER M 219 33.81 -17.04 -16.26
C SER M 219 33.52 -17.52 -14.84
N ASP M 220 33.47 -16.58 -13.90
CA ASP M 220 33.18 -16.88 -12.51
C ASP M 220 31.77 -17.43 -12.33
N ASP M 221 31.64 -18.47 -11.51
CA ASP M 221 30.33 -18.99 -11.15
C ASP M 221 29.93 -18.68 -9.71
N ASP M 222 30.67 -17.80 -9.04
CA ASP M 222 30.37 -17.37 -7.67
C ASP M 222 30.22 -18.58 -6.74
N MET M 223 31.23 -19.44 -6.80
CA MET M 223 31.31 -20.63 -5.95
CA MET M 223 31.31 -20.62 -5.93
C MET M 223 30.03 -21.46 -6.02
N GLY M 224 29.54 -21.64 -7.25
CA GLY M 224 28.40 -22.49 -7.50
C GLY M 224 27.05 -21.82 -7.40
N ALA M 225 26.99 -20.52 -7.12
CA ALA M 225 25.70 -19.87 -6.92
C ALA M 225 24.95 -19.65 -8.23
N HIS M 226 25.66 -19.54 -9.36
CA HIS M 226 24.98 -19.32 -10.62
C HIS M 226 25.83 -19.91 -11.74
N GLU M 227 25.25 -19.94 -12.95
CA GLU M 227 25.97 -20.52 -14.07
C GLU M 227 27.03 -19.55 -14.60
N PRO M 228 28.20 -20.05 -14.98
CA PRO M 228 29.21 -19.19 -15.60
C PRO M 228 28.83 -18.84 -17.03
N HIS M 229 29.48 -17.80 -17.54
CA HIS M 229 29.38 -17.45 -18.95
C HIS M 229 30.60 -18.00 -19.71
N GLU M 230 30.41 -18.16 -21.02
CA GLU M 230 31.52 -18.49 -21.90
C GLU M 230 32.19 -17.20 -22.36
N VAL M 231 33.52 -17.17 -22.27
CA VAL M 231 34.31 -15.99 -22.58
C VAL M 231 35.31 -16.35 -23.67
N LYS M 232 35.52 -15.43 -24.59
CA LYS M 232 36.57 -15.55 -25.58
C LYS M 232 37.51 -14.35 -25.42
N ILE M 233 38.80 -14.62 -25.25
CA ILE M 233 39.79 -13.58 -25.02
C ILE M 233 40.72 -13.55 -26.23
N GLN M 234 40.94 -12.36 -26.79
CA GLN M 234 41.88 -12.19 -27.89
C GLN M 234 42.93 -11.15 -27.52
N GLY M 235 44.14 -11.34 -28.03
CA GLY M 235 45.21 -10.40 -27.72
C GLY M 235 46.48 -10.75 -28.45
N VAL M 236 47.59 -10.20 -27.96
CA VAL M 236 48.91 -10.44 -28.54
C VAL M 236 49.75 -11.16 -27.49
N PHE M 237 50.77 -11.88 -27.98
CA PHE M 237 51.66 -12.59 -27.09
C PHE M 237 53.11 -12.37 -27.52
N TYR M 238 54.00 -12.68 -26.58
CA TYR M 238 55.44 -12.64 -26.79
C TYR M 238 56.04 -13.82 -26.03
N ALA M 239 57.08 -14.43 -26.60
CA ALA M 239 57.78 -15.52 -25.94
C ALA M 239 59.25 -15.48 -26.34
N SER M 240 60.13 -15.77 -25.38
CA SER M 240 61.56 -15.90 -25.62
C SER M 240 61.96 -17.36 -25.42
N ILE M 241 62.47 -17.98 -26.48
CA ILE M 241 62.87 -19.38 -26.49
C ILE M 241 64.38 -19.45 -26.36
N GLU M 242 64.85 -20.29 -25.42
CA GLU M 242 66.26 -20.46 -25.08
C GLU M 242 66.65 -21.93 -25.08
N PRO M 243 67.87 -22.26 -25.49
CA PRO M 243 68.41 -23.60 -25.17
C PRO M 243 68.48 -23.76 -23.67
N ALA M 244 67.96 -24.89 -23.18
CA ALA M 244 67.92 -25.18 -21.74
C ALA M 244 69.04 -26.10 -21.31
N GLU N 2 9.63 1.75 -3.42
CA GLU N 2 10.41 2.26 -2.29
C GLU N 2 11.28 3.43 -2.73
N THR N 3 12.02 3.20 -3.81
CA THR N 3 12.91 4.25 -4.31
C THR N 3 12.15 5.51 -4.67
N ILE N 4 11.01 5.36 -5.37
CA ILE N 4 10.17 6.51 -5.69
C ILE N 4 9.79 7.25 -4.41
N THR N 5 9.39 6.50 -3.38
CA THR N 5 8.98 7.13 -2.13
C THR N 5 10.13 7.93 -1.51
N TYR N 6 11.33 7.32 -1.42
CA TYR N 6 12.47 8.00 -0.82
C TYR N 6 12.83 9.26 -1.60
N VAL N 7 12.89 9.15 -2.93
CA VAL N 7 13.26 10.31 -3.75
C VAL N 7 12.16 11.38 -3.72
N PHE N 8 10.89 10.97 -3.64
CA PHE N 8 9.80 11.94 -3.54
C PHE N 8 9.92 12.78 -2.26
N ILE N 9 10.10 12.12 -1.11
CA ILE N 9 10.22 12.85 0.15
C ILE N 9 11.40 13.82 0.09
N PHE N 10 12.53 13.34 -0.42
CA PHE N 10 13.70 14.20 -0.59
C PHE N 10 13.39 15.39 -1.48
N ALA N 11 12.71 15.17 -2.61
CA ALA N 11 12.35 16.27 -3.50
C ALA N 11 11.44 17.28 -2.80
N CYS N 12 10.49 16.81 -1.99
CA CYS N 12 9.64 17.73 -1.24
C CYS N 12 10.45 18.58 -0.29
N ILE N 13 11.44 17.98 0.37
CA ILE N 13 12.30 18.72 1.29
C ILE N 13 13.05 19.83 0.56
N ILE N 14 13.61 19.51 -0.61
CA ILE N 14 14.34 20.51 -1.37
C ILE N 14 13.41 21.64 -1.81
N ALA N 15 12.20 21.30 -2.26
CA ALA N 15 11.23 22.35 -2.59
C ALA N 15 10.91 23.19 -1.36
N LEU N 16 10.77 22.54 -0.20
CA LEU N 16 10.51 23.27 1.03
C LEU N 16 11.63 24.28 1.33
N PHE N 17 12.90 23.88 1.13
CA PHE N 17 14.01 24.82 1.30
C PHE N 17 13.81 26.06 0.44
N PHE N 18 13.44 25.84 -0.82
CA PHE N 18 13.26 26.95 -1.76
C PHE N 18 12.22 27.93 -1.24
N PHE N 19 11.06 27.41 -0.82
CA PHE N 19 10.01 28.29 -0.32
C PHE N 19 10.39 28.91 1.02
N ALA N 20 11.04 28.14 1.90
CA ALA N 20 11.41 28.68 3.21
C ALA N 20 12.41 29.82 3.09
N ILE N 21 13.21 29.84 2.02
CA ILE N 21 14.21 30.88 1.82
C ILE N 21 13.66 32.04 1.02
N PHE N 22 13.15 31.77 -0.18
CA PHE N 22 12.77 32.86 -1.07
C PHE N 22 11.35 33.34 -0.86
N PHE N 23 10.50 32.56 -0.20
CA PHE N 23 9.14 32.98 0.10
C PHE N 23 8.86 32.91 1.60
N ARG N 24 9.86 33.29 2.39
CA ARG N 24 9.69 33.40 3.82
C ARG N 24 8.82 34.60 4.17
N GLU N 25 8.26 34.57 5.37
CA GLU N 25 7.66 35.75 5.93
C GLU N 25 8.78 36.74 6.20
N PRO N 26 8.77 37.93 5.59
CA PRO N 26 9.93 38.82 5.69
C PRO N 26 10.10 39.38 7.09
N PRO N 27 11.33 39.42 7.61
CA PRO N 27 11.54 40.06 8.91
C PRO N 27 11.40 41.57 8.78
N ARG N 28 10.66 42.17 9.71
CA ARG N 28 10.34 43.59 9.69
C ARG N 28 10.64 44.18 11.05
N ILE N 29 11.40 45.27 11.08
CA ILE N 29 11.62 45.98 12.34
C ILE N 29 10.33 46.70 12.72
N THR N 30 9.82 46.40 13.92
CA THR N 30 8.52 46.93 14.35
C THR N 30 8.67 48.29 15.03
N GLU O 8 22.33 -33.78 -4.84
CA GLU O 8 22.58 -33.13 -3.55
C GLU O 8 23.88 -32.34 -3.56
N LEU O 9 23.83 -31.16 -2.96
CA LEU O 9 24.98 -30.26 -2.87
C LEU O 9 25.75 -30.60 -1.61
N VAL O 10 27.08 -30.67 -1.72
CA VAL O 10 27.94 -31.11 -0.62
C VAL O 10 29.09 -30.12 -0.45
N ASN O 11 29.36 -29.74 0.78
CA ASN O 11 30.59 -29.03 1.10
C ASN O 11 31.70 -30.07 1.14
N VAL O 12 32.63 -30.00 0.19
CA VAL O 12 33.62 -31.07 0.07
C VAL O 12 34.62 -31.05 1.20
N VAL O 13 34.83 -29.90 1.86
CA VAL O 13 35.80 -29.86 2.96
C VAL O 13 35.21 -30.54 4.19
N ASP O 14 33.97 -30.20 4.54
CA ASP O 14 33.29 -30.90 5.63
C ASP O 14 33.26 -32.41 5.37
N GLU O 15 32.93 -32.80 4.14
CA GLU O 15 32.96 -34.21 3.77
C GLU O 15 34.33 -34.84 4.04
N LYS O 16 35.40 -34.14 3.66
CA LYS O 16 36.73 -34.72 3.84
C LYS O 16 37.07 -34.90 5.32
N LEU O 17 36.48 -34.10 6.20
CA LEU O 17 36.74 -34.23 7.64
C LEU O 17 36.24 -35.55 8.20
N GLY O 18 35.30 -36.21 7.53
CA GLY O 18 34.86 -37.55 7.88
C GLY O 18 35.70 -38.69 7.33
N THR O 19 36.73 -38.37 6.56
CA THR O 19 37.69 -39.38 6.11
C THR O 19 38.94 -39.31 6.97
N ALA O 20 39.94 -40.11 6.63
CA ALA O 20 41.21 -40.10 7.35
C ALA O 20 41.87 -38.72 7.35
N TYR O 21 41.48 -37.86 6.41
CA TYR O 21 41.96 -36.48 6.38
C TYR O 21 41.67 -35.76 7.70
N GLY O 22 40.55 -36.08 8.36
CA GLY O 22 40.23 -35.48 9.64
C GLY O 22 40.88 -36.15 10.84
N GLU O 23 41.75 -37.14 10.60
CA GLU O 23 42.38 -37.93 11.65
C GLU O 23 43.90 -37.92 11.60
N LYS O 24 44.50 -37.66 10.45
CA LYS O 24 45.94 -37.78 10.27
C LYS O 24 46.40 -36.70 9.31
N ILE O 25 47.70 -36.58 9.14
CA ILE O 25 48.25 -35.68 8.13
C ILE O 25 48.05 -36.34 6.78
N ASP O 26 47.21 -35.75 5.93
CA ASP O 26 46.97 -36.25 4.59
C ASP O 26 48.08 -35.74 3.68
N LEU O 27 48.97 -36.62 3.24
CA LEU O 27 50.11 -36.20 2.43
C LEU O 27 49.70 -35.57 1.10
N ASN O 28 48.47 -35.84 0.63
CA ASN O 28 47.99 -35.27 -0.61
C ASN O 28 47.24 -33.95 -0.45
N ASN O 29 46.92 -33.53 0.77
CA ASN O 29 45.99 -32.41 0.90
C ASN O 29 46.32 -31.46 2.03
N THR O 30 46.84 -31.98 3.14
CA THR O 30 46.93 -31.18 4.36
C THR O 30 47.92 -30.03 4.21
N ASN O 31 47.56 -28.88 4.76
CA ASN O 31 48.44 -27.72 4.75
C ASN O 31 49.73 -28.02 5.53
N ILE O 32 50.82 -27.40 5.07
CA ILE O 32 52.16 -27.78 5.48
C ILE O 32 52.44 -27.54 6.96
N ALA O 33 51.73 -26.62 7.62
CA ALA O 33 52.00 -26.35 9.03
C ALA O 33 51.69 -27.54 9.92
N ALA O 34 50.84 -28.46 9.47
CA ALA O 34 50.51 -29.64 10.27
C ALA O 34 51.73 -30.52 10.55
N PHE O 35 52.79 -30.43 9.75
CA PHE O 35 53.96 -31.27 9.99
C PHE O 35 54.75 -30.86 11.22
N ILE O 36 54.41 -29.70 11.83
CA ILE O 36 55.05 -29.28 13.07
C ILE O 36 54.61 -30.15 14.25
N GLN O 37 53.54 -30.91 14.09
CA GLN O 37 53.03 -31.76 15.17
C GLN O 37 54.02 -32.81 15.63
N TYR O 38 54.94 -33.22 14.77
CA TYR O 38 55.81 -34.36 15.07
C TYR O 38 57.27 -33.97 14.86
N ARG O 39 58.14 -34.58 15.67
CA ARG O 39 59.56 -34.25 15.65
C ARG O 39 60.18 -34.52 14.29
N GLY O 40 60.94 -33.55 13.79
CA GLY O 40 61.83 -33.77 12.66
C GLY O 40 61.24 -33.56 11.28
N LEU O 41 59.97 -33.19 11.16
CA LEU O 41 59.33 -33.12 9.85
C LEU O 41 59.36 -31.73 9.21
N TYR O 42 59.54 -30.68 10.01
CA TYR O 42 59.37 -29.33 9.50
C TYR O 42 60.65 -28.54 9.71
N PRO O 43 61.14 -27.80 8.72
CA PRO O 43 60.47 -27.61 7.41
C PRO O 43 61.02 -28.45 6.26
N THR O 44 62.12 -29.18 6.49
CA THR O 44 62.85 -29.77 5.38
C THR O 44 62.06 -30.89 4.71
N LEU O 45 61.63 -31.89 5.50
CA LEU O 45 60.80 -32.96 4.96
C LEU O 45 59.45 -32.46 4.50
N ALA O 46 58.82 -31.58 5.28
CA ALA O 46 57.50 -31.06 4.94
C ALA O 46 57.48 -30.45 3.55
N LYS O 47 58.51 -29.68 3.21
CA LYS O 47 58.60 -29.10 1.88
C LYS O 47 58.73 -30.19 0.82
N LEU O 48 59.63 -31.15 1.04
CA LEU O 48 59.79 -32.23 0.06
C LEU O 48 58.50 -33.02 -0.11
N ILE O 49 57.79 -33.26 0.99
CA ILE O 49 56.55 -34.04 0.92
C ILE O 49 55.49 -33.31 0.10
N VAL O 50 55.30 -32.02 0.37
CA VAL O 50 54.27 -31.27 -0.38
C VAL O 50 54.69 -31.12 -1.84
N LYS O 51 55.97 -30.89 -2.09
CA LYS O 51 56.43 -30.70 -3.46
C LYS O 51 56.22 -31.97 -4.30
N ASN O 52 56.42 -33.14 -3.69
CA ASN O 52 56.38 -34.40 -4.44
C ASN O 52 55.04 -35.11 -4.37
N ALA O 53 54.04 -34.49 -3.77
CA ALA O 53 52.68 -35.00 -3.74
C ALA O 53 52.07 -34.96 -5.14
N PRO O 54 51.06 -35.79 -5.42
CA PRO O 54 50.36 -36.74 -4.55
C PRO O 54 50.97 -38.13 -4.53
N TYR O 55 50.50 -38.96 -3.60
CA TYR O 55 51.04 -40.30 -3.38
C TYR O 55 49.91 -41.32 -3.40
N GLU O 56 50.15 -42.47 -4.05
CA GLU O 56 49.13 -43.51 -4.07
C GLU O 56 48.99 -44.20 -2.72
N SER O 57 50.07 -44.28 -1.96
CA SER O 57 50.01 -44.84 -0.62
C SER O 57 50.99 -44.09 0.25
N VAL O 58 50.80 -44.22 1.56
CA VAL O 58 51.66 -43.53 2.53
C VAL O 58 53.12 -43.95 2.34
N GLU O 59 53.36 -45.23 2.05
CA GLU O 59 54.74 -45.70 1.96
C GLU O 59 55.49 -45.08 0.79
N ASP O 60 54.78 -44.56 -0.21
CA ASP O 60 55.46 -43.93 -1.35
C ASP O 60 56.24 -42.69 -0.98
N VAL O 61 55.98 -42.11 0.19
CA VAL O 61 56.76 -40.94 0.61
C VAL O 61 58.24 -41.28 0.77
N LEU O 62 58.56 -42.56 1.03
CA LEU O 62 59.95 -43.01 1.15
C LEU O 62 60.69 -43.01 -0.19
N ASN O 63 59.99 -42.86 -1.30
CA ASN O 63 60.61 -42.91 -2.62
C ASN O 63 60.97 -41.54 -3.16
N ILE O 64 60.81 -40.48 -2.36
CA ILE O 64 61.19 -39.14 -2.79
C ILE O 64 62.66 -39.13 -3.16
N PRO O 65 63.02 -38.77 -4.39
CA PRO O 65 64.43 -38.82 -4.78
C PRO O 65 65.28 -37.86 -3.96
N GLY O 66 66.45 -38.34 -3.55
CA GLY O 66 67.41 -37.53 -2.83
C GLY O 66 67.34 -37.60 -1.31
N LEU O 67 66.37 -38.32 -0.75
CA LEU O 67 66.27 -38.44 0.70
C LEU O 67 67.53 -39.05 1.30
N THR O 68 68.04 -38.43 2.36
CA THR O 68 69.12 -39.05 3.11
C THR O 68 68.58 -40.21 3.94
N GLU O 69 69.51 -41.06 4.41
CA GLU O 69 69.12 -42.24 5.18
C GLU O 69 68.45 -41.84 6.48
N ARG O 70 68.94 -40.78 7.12
CA ARG O 70 68.29 -40.28 8.33
C ARG O 70 66.89 -39.76 8.03
N GLN O 71 66.71 -39.09 6.89
CA GLN O 71 65.38 -38.62 6.53
C GLN O 71 64.41 -39.79 6.36
N LYS O 72 64.87 -40.89 5.75
CA LYS O 72 64.00 -42.06 5.60
C LYS O 72 63.60 -42.64 6.94
N GLN O 73 64.56 -42.75 7.88
CA GLN O 73 64.25 -43.23 9.23
CA GLN O 73 64.19 -43.27 9.19
C GLN O 73 63.15 -42.38 9.86
N ILE O 74 63.31 -41.06 9.79
CA ILE O 74 62.30 -40.17 10.37
C ILE O 74 60.94 -40.40 9.72
N LEU O 75 60.91 -40.53 8.39
CA LEU O 75 59.64 -40.80 7.74
C LEU O 75 59.06 -42.13 8.19
N ARG O 76 59.91 -43.17 8.32
CA ARG O 76 59.42 -44.49 8.73
C ARG O 76 58.78 -44.42 10.11
N GLU O 77 59.40 -43.68 11.05
CA GLU O 77 58.83 -43.52 12.38
C GLU O 77 57.51 -42.74 12.37
N ASN O 78 57.24 -41.99 11.32
CA ASN O 78 56.04 -41.16 11.30
C ASN O 78 54.98 -41.63 10.31
N LEU O 79 55.18 -42.76 9.63
CA LEU O 79 54.16 -43.22 8.69
C LEU O 79 52.83 -43.46 9.40
N GLU O 80 52.87 -43.87 10.67
CA GLU O 80 51.65 -44.08 11.44
C GLU O 80 50.82 -42.81 11.59
N HIS O 81 51.42 -41.63 11.42
CA HIS O 81 50.71 -40.37 11.56
C HIS O 81 50.25 -39.81 10.22
N PHE O 82 50.54 -40.51 9.12
CA PHE O 82 50.19 -40.04 7.79
C PHE O 82 49.02 -40.83 7.24
N THR O 83 48.31 -40.22 6.29
CA THR O 83 47.33 -40.90 5.47
C THR O 83 47.46 -40.33 4.06
N VAL O 84 46.72 -40.91 3.13
CA VAL O 84 46.54 -40.35 1.79
C VAL O 84 45.08 -40.49 1.41
N THR O 85 44.49 -39.42 0.88
CA THR O 85 43.18 -39.47 0.26
C THR O 85 43.26 -38.79 -1.11
N GLU O 86 42.16 -38.85 -1.87
CA GLU O 86 42.12 -38.21 -3.16
C GLU O 86 42.41 -36.72 -3.04
N VAL O 87 43.17 -36.19 -4.00
CA VAL O 87 43.46 -34.77 -4.00
C VAL O 87 42.16 -34.01 -4.08
N GLU O 88 41.98 -33.05 -3.16
CA GLU O 88 40.80 -32.19 -3.18
C GLU O 88 41.23 -30.82 -3.69
N THR O 89 40.75 -30.49 -4.89
CA THR O 89 41.00 -29.21 -5.55
C THR O 89 40.86 -28.02 -4.60
N ALA O 90 39.81 -28.03 -3.77
CA ALA O 90 39.54 -26.89 -2.87
C ALA O 90 40.61 -26.72 -1.81
N LEU O 91 41.34 -27.78 -1.46
CA LEU O 91 42.38 -27.70 -0.47
C LEU O 91 43.76 -27.41 -1.05
N VAL O 92 43.96 -27.63 -2.34
CA VAL O 92 45.30 -27.54 -2.93
C VAL O 92 45.45 -26.38 -3.90
N GLU O 93 44.36 -25.77 -4.36
CA GLU O 93 44.45 -24.58 -5.18
C GLU O 93 44.89 -23.39 -4.34
N GLY O 94 45.20 -22.29 -5.02
CA GLY O 94 45.54 -21.05 -4.33
C GLY O 94 46.82 -21.09 -3.53
N GLY O 95 47.66 -22.11 -3.73
CA GLY O 95 48.82 -22.30 -2.88
C GLY O 95 48.46 -22.57 -1.44
N ASP O 96 47.24 -23.03 -1.17
CA ASP O 96 46.78 -23.14 0.21
C ASP O 96 47.53 -24.19 1.02
N ARG O 97 48.18 -25.17 0.39
CA ARG O 97 48.99 -26.09 1.19
C ARG O 97 50.20 -25.41 1.80
N TYR O 98 50.62 -24.27 1.25
CA TYR O 98 51.75 -23.51 1.78
C TYR O 98 51.32 -22.39 2.71
N ASN O 99 50.13 -21.86 2.51
CA ASN O 99 49.58 -20.80 3.35
C ASN O 99 48.08 -20.82 3.12
N ASN O 100 47.33 -21.29 4.11
CA ASN O 100 45.88 -21.45 4.00
C ASN O 100 45.12 -20.34 4.70
N GLY O 101 45.75 -19.19 4.94
CA GLY O 101 45.07 -18.06 5.55
C GLY O 101 44.91 -18.14 7.06
N LEU O 102 45.40 -19.19 7.70
CA LEU O 102 45.35 -19.32 9.15
C LEU O 102 46.72 -18.98 9.75
N TYR O 103 46.73 -18.05 10.69
CA TYR O 103 47.90 -17.84 11.52
C TYR O 103 47.46 -18.22 12.93
N LYS O 104 47.90 -17.50 13.96
CA LYS O 104 47.34 -17.77 15.28
C LYS O 104 45.89 -17.25 15.35
N ALA P 1 47.28 -16.59 45.03
CA ALA P 1 48.33 -17.34 44.32
C ALA P 1 49.62 -16.55 44.35
N GLU P 2 50.75 -17.26 44.37
CA GLU P 2 52.06 -16.63 44.50
CA GLU P 2 52.07 -16.66 44.53
C GLU P 2 53.05 -17.24 43.51
N LEU P 3 54.10 -16.48 43.22
CA LEU P 3 55.20 -16.92 42.37
C LEU P 3 56.19 -17.69 43.24
N THR P 4 55.93 -18.99 43.43
CA THR P 4 56.65 -19.80 44.39
C THR P 4 57.95 -20.37 43.80
N PRO P 5 58.87 -20.84 44.66
CA PRO P 5 60.01 -21.61 44.15
C PRO P 5 59.61 -22.77 43.25
N GLU P 6 58.48 -23.44 43.51
CA GLU P 6 58.03 -24.51 42.63
C GLU P 6 57.72 -24.00 41.21
N VAL P 7 57.02 -22.86 41.11
CA VAL P 7 56.75 -22.29 39.80
C VAL P 7 58.05 -21.96 39.08
N LEU P 8 59.03 -21.45 39.82
CA LEU P 8 60.31 -21.02 39.28
C LEU P 8 61.30 -22.18 39.09
N THR P 9 60.87 -23.43 39.27
CA THR P 9 61.71 -24.59 39.06
C THR P 9 61.43 -25.17 37.68
N VAL P 10 62.44 -25.18 36.81
CA VAL P 10 62.26 -25.55 35.41
C VAL P 10 63.36 -26.51 35.01
N PRO P 11 63.16 -27.30 33.95
CA PRO P 11 64.20 -28.24 33.50
C PRO P 11 65.47 -27.54 33.05
N LEU P 12 66.60 -27.99 33.61
CA LEU P 12 67.89 -27.48 33.19
C LEU P 12 68.39 -28.17 31.92
N ASN P 13 68.21 -29.48 31.83
CA ASN P 13 68.68 -30.24 30.68
C ASN P 13 67.68 -31.32 30.35
N SER P 14 68.00 -32.12 29.33
CA SER P 14 67.09 -33.16 28.88
C SER P 14 67.15 -34.40 29.76
N GLU P 15 68.03 -34.42 30.75
CA GLU P 15 68.29 -35.61 31.55
C GLU P 15 67.65 -35.55 32.94
N GLY P 16 66.68 -34.68 33.16
CA GLY P 16 65.95 -34.67 34.41
C GLY P 16 66.45 -33.72 35.49
N LYS P 17 67.53 -32.98 35.25
CA LYS P 17 67.96 -31.99 36.22
C LYS P 17 67.11 -30.72 36.13
N THR P 18 66.73 -30.20 37.28
CA THR P 18 66.00 -28.93 37.33
C THR P 18 66.89 -27.85 37.92
N ILE P 19 66.48 -26.60 37.68
CA ILE P 19 67.12 -25.44 38.29
C ILE P 19 66.01 -24.54 38.81
N THR P 20 66.22 -23.97 39.99
CA THR P 20 65.23 -23.11 40.62
C THR P 20 65.72 -21.67 40.51
N LEU P 21 65.02 -20.88 39.71
CA LEU P 21 65.37 -19.48 39.49
C LEU P 21 64.94 -18.64 40.68
N THR P 22 65.71 -17.58 40.94
CA THR P 22 65.29 -16.61 41.93
C THR P 22 64.27 -15.65 41.34
N GLU P 23 63.54 -14.96 42.22
CA GLU P 23 62.62 -13.94 41.76
C GLU P 23 63.35 -12.86 40.96
N LYS P 24 64.57 -12.50 41.37
CA LYS P 24 65.32 -11.50 40.61
C LYS P 24 65.67 -12.01 39.23
N GLN P 25 66.01 -13.30 39.11
CA GLN P 25 66.23 -13.90 37.79
C GLN P 25 64.96 -13.84 36.94
N TYR P 26 63.81 -14.16 37.54
CA TYR P 26 62.55 -14.09 36.80
C TYR P 26 62.30 -12.67 36.28
N LEU P 27 62.50 -11.67 37.14
CA LEU P 27 62.29 -10.28 36.71
C LEU P 27 63.30 -9.88 35.65
N GLU P 28 64.56 -10.29 35.82
CA GLU P 28 65.57 -10.03 34.79
C GLU P 28 65.17 -10.70 33.48
N GLY P 29 64.66 -11.92 33.54
CA GLY P 29 64.27 -12.63 32.32
C GLY P 29 63.15 -11.92 31.58
N LYS P 30 62.14 -11.43 32.30
CA LYS P 30 61.06 -10.66 31.66
C LYS P 30 61.60 -9.40 30.99
N ARG P 31 62.48 -8.68 31.69
CA ARG P 31 63.06 -7.45 31.14
C ARG P 31 63.89 -7.72 29.89
N LEU P 32 64.76 -8.73 29.94
CA LEU P 32 65.63 -9.05 28.81
C LEU P 32 64.84 -9.60 27.62
N PHE P 33 63.81 -10.40 27.90
CA PHE P 33 62.94 -10.88 26.82
C PHE P 33 62.23 -9.72 26.12
N GLN P 34 61.69 -8.77 26.90
CA GLN P 34 61.07 -7.60 26.27
C GLN P 34 62.11 -6.81 25.47
N TYR P 35 63.32 -6.69 26.02
CA TYR P 35 64.39 -5.92 25.37
C TYR P 35 64.81 -6.51 24.04
N ALA P 36 65.01 -7.84 23.98
CA ALA P 36 65.61 -8.45 22.81
C ALA P 36 64.66 -9.26 21.95
N CYS P 37 63.50 -9.64 22.46
CA CYS P 37 62.73 -10.71 21.79
C CYS P 37 61.27 -10.37 21.54
N ALA P 38 60.65 -9.53 22.39
CA ALA P 38 59.18 -9.38 22.34
C ALA P 38 58.69 -8.69 21.07
N SER P 39 59.53 -7.92 20.39
CA SER P 39 59.11 -7.31 19.13
C SER P 39 58.60 -8.37 18.16
N CYS P 40 59.12 -9.59 18.24
CA CYS P 40 58.58 -10.69 17.45
C CYS P 40 57.82 -11.72 18.27
N HIS P 41 58.16 -11.92 19.54
CA HIS P 41 57.63 -13.04 20.32
C HIS P 41 56.70 -12.62 21.46
N VAL P 42 56.13 -11.41 21.41
CA VAL P 42 55.21 -10.96 22.46
C VAL P 42 54.17 -12.04 22.76
N GLY P 43 54.01 -12.37 24.05
CA GLY P 43 53.02 -13.34 24.46
C GLY P 43 53.30 -14.78 24.06
N GLY P 44 54.50 -15.09 23.58
CA GLY P 44 54.86 -16.46 23.24
C GLY P 44 54.54 -16.89 21.81
N ILE P 45 54.05 -16.00 20.95
CA ILE P 45 53.87 -16.35 19.54
C ILE P 45 55.10 -15.89 18.77
N THR P 46 55.05 -15.97 17.44
CA THR P 46 56.14 -15.49 16.58
C THR P 46 55.52 -14.69 15.43
N LYS P 47 55.67 -13.36 15.44
CA LYS P 47 54.91 -12.55 14.48
C LYS P 47 55.36 -12.78 13.04
N THR P 48 56.64 -13.02 12.82
CA THR P 48 57.14 -13.20 11.47
C THR P 48 57.05 -14.65 11.01
N ASN P 49 56.62 -15.56 11.87
CA ASN P 49 56.29 -16.91 11.44
C ASN P 49 55.35 -17.55 12.44
N PRO P 50 54.04 -17.27 12.36
CA PRO P 50 53.11 -17.69 13.41
C PRO P 50 52.94 -19.20 13.55
N SER P 51 53.47 -20.01 12.62
CA SER P 51 53.37 -21.45 12.76
C SER P 51 54.20 -22.00 13.93
N LEU P 52 55.22 -21.28 14.37
CA LEU P 52 56.11 -21.75 15.43
C LEU P 52 55.94 -20.83 16.64
N ASP P 53 55.66 -21.40 17.80
CA ASP P 53 55.45 -20.57 18.98
C ASP P 53 56.45 -20.97 20.06
N LEU P 54 56.33 -20.37 21.24
CA LEU P 54 57.25 -20.66 22.33
C LEU P 54 56.61 -21.52 23.41
N ARG P 55 55.55 -22.24 23.07
CA ARG P 55 54.94 -23.14 24.04
CA ARG P 55 54.94 -23.13 24.04
C ARG P 55 55.90 -24.27 24.39
N THR P 56 55.87 -24.68 25.66
CA THR P 56 56.79 -25.71 26.13
C THR P 56 56.65 -27.00 25.33
N GLU P 57 55.41 -27.38 25.01
CA GLU P 57 55.17 -28.58 24.22
C GLU P 57 55.75 -28.45 22.83
N THR P 58 55.68 -27.25 22.24
CA THR P 58 56.32 -27.04 20.95
C THR P 58 57.83 -27.14 21.07
N LEU P 59 58.40 -26.46 22.07
CA LEU P 59 59.84 -26.55 22.27
C LEU P 59 60.29 -27.99 22.50
N ALA P 60 59.47 -28.80 23.16
CA ALA P 60 59.90 -30.17 23.45
C ALA P 60 60.06 -31.00 22.17
N LEU P 61 59.25 -30.71 21.15
CA LEU P 61 59.29 -31.44 19.87
C LEU P 61 60.23 -30.81 18.85
N ALA P 62 60.87 -29.69 19.18
CA ALA P 62 61.95 -29.17 18.36
C ALA P 62 63.15 -30.12 18.39
N THR P 63 64.00 -30.00 17.37
CA THR P 63 65.26 -30.74 17.27
C THR P 63 66.42 -29.76 17.18
N PRO P 64 67.42 -29.82 18.08
CA PRO P 64 67.40 -30.65 19.29
C PRO P 64 66.37 -30.08 20.26
N PRO P 65 65.99 -30.82 21.30
CA PRO P 65 64.94 -30.33 22.21
C PRO P 65 65.27 -28.94 22.76
N ARG P 66 64.25 -28.09 22.84
CA ARG P 66 64.41 -26.72 23.34
C ARG P 66 63.59 -26.44 24.59
N ASP P 67 63.01 -27.47 25.21
CA ASP P 67 62.18 -27.30 26.40
C ASP P 67 62.99 -27.36 27.70
N ASN P 68 64.21 -26.83 27.69
CA ASN P 68 65.03 -26.80 28.89
C ASN P 68 66.05 -25.68 28.73
N ILE P 69 66.69 -25.33 29.86
CA ILE P 69 67.59 -24.17 29.88
C ILE P 69 68.70 -24.34 28.86
N GLU P 70 69.34 -25.52 28.85
CA GLU P 70 70.49 -25.72 27.96
C GLU P 70 70.08 -25.59 26.51
N GLY P 71 68.93 -26.18 26.14
CA GLY P 71 68.46 -26.08 24.78
C GLY P 71 68.16 -24.65 24.35
N LEU P 72 67.54 -23.86 25.24
CA LEU P 72 67.20 -22.49 24.89
C LEU P 72 68.44 -21.60 24.82
N VAL P 73 69.38 -21.79 25.75
CA VAL P 73 70.65 -21.06 25.74
C VAL P 73 71.43 -21.36 24.46
N ASP P 74 71.47 -22.62 24.05
CA ASP P 74 72.11 -22.97 22.78
C ASP P 74 71.38 -22.32 21.60
N TYR P 75 70.05 -22.27 21.64
CA TYR P 75 69.31 -21.64 20.54
C TYR P 75 69.68 -20.17 20.39
N MET P 76 69.85 -19.45 21.50
CA MET P 76 70.24 -18.04 21.45
C MET P 76 71.68 -17.84 21.02
N LYS P 77 72.49 -18.90 21.02
CA LYS P 77 73.84 -18.81 20.47
C LYS P 77 73.88 -19.23 19.01
N ASN P 78 73.09 -20.25 18.64
CA ASN P 78 73.20 -20.90 17.34
C ASN P 78 71.82 -21.44 16.95
N PRO P 79 70.89 -20.54 16.62
CA PRO P 79 69.51 -20.97 16.35
C PRO P 79 69.41 -21.85 15.11
N THR P 80 68.46 -22.78 15.13
CA THR P 80 68.24 -23.69 14.01
C THR P 80 66.77 -23.69 13.61
N THR P 81 66.49 -24.23 12.42
CA THR P 81 65.11 -24.53 12.08
C THR P 81 64.56 -25.61 13.02
N TYR P 82 63.24 -25.80 12.95
CA TYR P 82 62.54 -26.65 13.91
C TYR P 82 63.04 -28.08 13.85
N ASP P 83 63.52 -28.53 12.70
CA ASP P 83 64.07 -29.87 12.56
C ASP P 83 65.57 -29.92 12.81
N GLY P 84 66.17 -28.82 13.23
CA GLY P 84 67.60 -28.76 13.50
C GLY P 84 68.48 -28.79 12.26
N GLU P 85 67.86 -28.78 11.08
CA GLU P 85 68.58 -29.07 9.84
C GLU P 85 69.40 -27.89 9.34
N GLN P 86 68.95 -26.65 9.59
CA GLN P 86 69.61 -25.44 9.09
C GLN P 86 69.91 -24.49 10.24
N GLU P 87 71.07 -23.86 10.18
CA GLU P 87 71.45 -22.81 11.13
C GLU P 87 71.00 -21.47 10.57
N ILE P 88 70.27 -20.70 11.38
CA ILE P 88 69.57 -19.53 10.86
C ILE P 88 70.05 -18.24 11.52
N ALA P 89 71.28 -18.25 12.08
CA ALA P 89 71.81 -17.07 12.76
C ALA P 89 71.77 -15.85 11.85
N GLU P 90 71.83 -16.06 10.52
CA GLU P 90 71.82 -14.93 9.61
C GLU P 90 70.49 -14.20 9.54
N VAL P 91 69.39 -14.82 10.00
CA VAL P 91 68.09 -14.18 10.01
C VAL P 91 67.40 -14.23 11.35
N HIS P 92 68.04 -14.79 12.39
CA HIS P 92 67.46 -14.81 13.72
C HIS P 92 68.48 -14.28 14.72
N PRO P 93 68.08 -13.42 15.65
CA PRO P 93 69.04 -12.88 16.64
C PRO P 93 69.73 -14.00 17.40
N SER P 94 71.04 -13.84 17.60
CA SER P 94 71.85 -14.80 18.36
C SER P 94 73.19 -14.17 18.69
N LEU P 95 73.91 -14.78 19.64
CA LEU P 95 75.26 -14.29 19.91
C LEU P 95 76.15 -14.43 18.68
N ARG P 96 75.95 -15.50 17.92
CA ARG P 96 76.75 -15.71 16.72
C ARG P 96 76.55 -14.58 15.70
N SER P 97 75.36 -13.99 15.65
CA SER P 97 75.10 -12.92 14.71
C SER P 97 74.88 -11.59 15.41
N ALA P 98 75.58 -11.38 16.54
CA ALA P 98 75.49 -10.12 17.24
C ALA P 98 76.01 -8.96 16.41
N ASP P 99 76.82 -9.24 15.39
CA ASP P 99 77.29 -8.19 14.50
C ASP P 99 76.14 -7.55 13.74
N ILE P 100 75.15 -8.35 13.31
CA ILE P 100 74.02 -7.84 12.53
C ILE P 100 72.74 -7.70 13.35
N PHE P 101 72.71 -8.23 14.58
CA PHE P 101 71.60 -8.01 15.52
C PHE P 101 72.23 -7.36 16.75
N PRO P 102 72.47 -6.04 16.71
CA PRO P 102 73.31 -5.41 17.74
C PRO P 102 72.76 -5.52 19.15
N LYS P 103 71.45 -5.71 19.33
CA LYS P 103 70.94 -5.85 20.68
C LYS P 103 71.45 -7.11 21.37
N MET P 104 71.99 -8.08 20.61
CA MET P 104 72.58 -9.25 21.24
C MET P 104 73.98 -8.99 21.74
N ARG P 105 74.57 -7.84 21.40
CA ARG P 105 75.98 -7.60 21.68
C ARG P 105 76.28 -7.59 23.17
N ASN P 106 75.35 -7.10 23.98
CA ASN P 106 75.62 -6.95 25.40
C ASN P 106 74.95 -8.03 26.25
N LEU P 107 74.37 -9.05 25.62
CA LEU P 107 73.78 -10.14 26.38
C LEU P 107 74.89 -11.07 26.87
N THR P 108 74.92 -11.29 28.19
CA THR P 108 75.88 -12.18 28.81
C THR P 108 75.28 -13.57 28.96
N GLU P 109 76.14 -14.55 29.25
CA GLU P 109 75.69 -15.90 29.52
C GLU P 109 74.63 -15.90 30.63
N LYS P 110 74.85 -15.10 31.67
CA LYS P 110 73.85 -14.96 32.72
C LYS P 110 72.53 -14.43 32.15
N ASP P 111 72.60 -13.47 31.23
CA ASP P 111 71.38 -12.93 30.62
C ASP P 111 70.64 -14.00 29.84
N LEU P 112 71.37 -14.85 29.11
CA LEU P 112 70.69 -15.86 28.30
C LEU P 112 69.95 -16.86 29.19
N VAL P 113 70.54 -17.22 30.34
CA VAL P 113 69.86 -18.11 31.27
C VAL P 113 68.56 -17.48 31.76
N ALA P 114 68.58 -16.17 32.05
CA ALA P 114 67.36 -15.50 32.48
C ALA P 114 66.30 -15.50 31.38
N ILE P 115 66.70 -15.20 30.14
CA ILE P 115 65.73 -15.23 29.05
C ILE P 115 65.14 -16.63 28.90
N ALA P 116 65.98 -17.66 28.98
CA ALA P 116 65.49 -19.03 28.88
C ALA P 116 64.51 -19.34 30.01
N GLY P 117 64.86 -18.94 31.24
CA GLY P 117 63.99 -19.19 32.37
C GLY P 117 62.64 -18.52 32.20
N HIS P 118 62.63 -17.30 31.64
CA HIS P 118 61.37 -16.62 31.37
C HIS P 118 60.50 -17.43 30.42
N ILE P 119 61.10 -17.91 29.32
CA ILE P 119 60.33 -18.64 28.32
C ILE P 119 59.72 -19.91 28.93
N LEU P 120 60.42 -20.54 29.89
CA LEU P 120 59.91 -21.76 30.50
C LEU P 120 58.92 -21.49 31.63
N VAL P 121 59.10 -20.41 32.40
CA VAL P 121 58.20 -20.14 33.52
C VAL P 121 56.88 -19.55 33.05
N GLU P 122 56.92 -18.65 32.05
CA GLU P 122 55.72 -17.90 31.71
C GLU P 122 54.51 -18.77 31.34
N PRO P 123 54.62 -19.86 30.58
CA PRO P 123 53.43 -20.72 30.39
C PRO P 123 52.95 -21.38 31.68
N LYS P 124 53.83 -21.62 32.65
CA LYS P 124 53.39 -22.15 33.93
C LYS P 124 52.48 -21.16 34.65
N ILE P 125 52.63 -19.87 34.35
CA ILE P 125 51.76 -18.85 34.92
C ILE P 125 50.52 -18.65 34.06
N LEU P 126 50.72 -18.42 32.77
CA LEU P 126 49.67 -17.93 31.88
C LEU P 126 48.92 -19.04 31.15
N GLY P 127 49.42 -20.28 31.18
CA GLY P 127 48.72 -21.36 30.49
C GLY P 127 48.59 -21.11 29.01
N ASP P 128 47.38 -21.34 28.48
CA ASP P 128 47.12 -21.24 27.05
C ASP P 128 47.34 -19.84 26.50
N LYS P 129 47.33 -18.81 27.34
CA LYS P 129 47.65 -17.47 26.86
C LYS P 129 49.04 -17.43 26.23
N TRP P 130 49.99 -18.15 26.82
CA TRP P 130 51.36 -18.16 26.31
C TRP P 130 51.40 -18.93 24.99
N GLY P 131 51.76 -18.25 23.91
CA GLY P 131 51.70 -18.84 22.59
C GLY P 131 50.30 -18.95 22.02
N GLY P 132 49.28 -18.44 22.72
CA GLY P 132 47.92 -18.58 22.23
C GLY P 132 47.48 -17.53 21.24
N GLY P 133 48.12 -16.37 21.21
CA GLY P 133 47.67 -15.29 20.33
C GLY P 133 46.34 -14.68 20.78
N LYS P 134 45.76 -13.86 19.88
CA LYS P 134 44.65 -12.98 20.23
C LYS P 134 43.42 -13.73 20.74
N VAL P 135 43.24 -14.98 20.30
CA VAL P 135 42.09 -15.78 20.75
C VAL P 135 42.02 -15.79 22.27
N TYR P 136 43.18 -15.82 22.96
CA TYR P 136 43.23 -15.93 24.41
C TYR P 136 43.51 -14.61 25.13
N TYR P 137 43.58 -13.49 24.44
CA TYR P 137 43.81 -12.20 25.13
C TYR P 137 42.71 -11.92 26.17
N ILE Q 3 65.79 9.08 42.45
CA ILE Q 3 67.16 9.09 42.96
C ILE Q 3 67.80 10.47 42.76
N ALA Q 4 67.58 11.37 43.73
CA ALA Q 4 68.13 12.73 43.75
C ALA Q 4 67.40 13.66 42.78
N GLN Q 5 66.69 13.08 41.79
CA GLN Q 5 66.00 13.89 40.80
C GLN Q 5 64.98 14.83 41.46
N LEU Q 6 64.34 14.36 42.53
CA LEU Q 6 63.32 15.18 43.19
C LEU Q 6 63.93 16.43 43.81
N THR Q 7 65.13 16.31 44.38
CA THR Q 7 65.81 17.47 44.94
C THR Q 7 66.01 18.56 43.90
N MET Q 8 66.53 18.19 42.72
CA MET Q 8 66.77 19.16 41.66
C MET Q 8 65.50 19.89 41.26
N ILE Q 9 64.42 19.13 41.02
CA ILE Q 9 63.16 19.73 40.61
C ILE Q 9 62.64 20.71 41.66
N ALA Q 10 62.97 20.51 42.93
CA ALA Q 10 62.51 21.41 43.98
C ALA Q 10 63.23 22.76 43.93
N MET Q 11 64.55 22.74 43.75
CA MET Q 11 65.31 23.98 43.67
C MET Q 11 64.98 24.72 42.38
N ILE Q 12 64.91 24.00 41.26
CA ILE Q 12 64.52 24.58 39.99
C ILE Q 12 63.07 25.07 40.03
N GLY Q 13 62.18 24.28 40.65
CA GLY Q 13 60.78 24.64 40.66
C GLY Q 13 60.48 25.84 41.54
N ILE Q 14 61.32 26.07 42.56
CA ILE Q 14 61.12 27.21 43.45
C ILE Q 14 61.69 28.50 42.86
N ALA Q 15 62.66 28.41 41.95
CA ALA Q 15 63.35 29.61 41.47
C ALA Q 15 62.37 30.64 40.92
N GLY Q 16 61.37 30.18 40.17
CA GLY Q 16 60.39 31.07 39.59
C GLY Q 16 59.59 31.83 40.61
N PRO Q 17 58.82 31.12 41.45
CA PRO Q 17 58.05 31.82 42.48
C PRO Q 17 58.92 32.64 43.41
N MET Q 18 60.16 32.22 43.64
CA MET Q 18 61.06 32.96 44.53
C MET Q 18 61.37 34.34 43.95
N ILE Q 19 61.53 34.42 42.63
CA ILE Q 19 61.78 35.72 41.98
C ILE Q 19 60.61 36.66 42.23
N ILE Q 20 59.39 36.17 42.05
CA ILE Q 20 58.20 36.99 42.27
C ILE Q 20 58.11 37.41 43.73
N PHE Q 21 58.39 36.47 44.64
CA PHE Q 21 58.32 36.77 46.06
C PHE Q 21 59.36 37.80 46.48
N LEU Q 22 60.60 37.63 46.03
CA LEU Q 22 61.64 38.60 46.34
C LEU Q 22 61.27 39.99 45.83
N LEU Q 23 60.70 40.08 44.63
CA LEU Q 23 60.31 41.37 44.09
C LEU Q 23 59.11 41.97 44.81
N ALA Q 24 58.14 41.13 45.18
CA ALA Q 24 56.98 41.62 45.93
C ALA Q 24 57.40 42.11 47.30
N VAL Q 25 58.39 41.45 47.90
CA VAL Q 25 58.85 41.85 49.23
C VAL Q 25 59.54 43.20 49.16
N ARG Q 26 60.31 43.45 48.10
CA ARG Q 26 61.01 44.71 47.96
C ARG Q 26 60.27 45.72 47.10
N ARG Q 27 58.96 45.52 46.94
CA ARG Q 27 58.11 46.45 46.19
C ARG Q 27 58.73 46.78 44.83
N GLY Q 28 59.19 45.72 44.15
CA GLY Q 28 59.82 45.88 42.87
C GLY Q 28 58.83 46.06 41.74
N ASN Q 29 59.38 46.18 40.53
CA ASN Q 29 58.62 46.57 39.34
C ASN Q 29 57.94 45.38 38.68
N LEU Q 30 57.06 44.73 39.44
CA LEU Q 30 56.25 43.63 38.92
C LEU Q 30 55.18 44.15 37.95
N THR R 1 5.23 -17.28 61.10
CA THR R 1 6.41 -16.91 61.86
C THR R 1 7.03 -15.62 61.34
N ILE R 2 8.01 -15.09 62.06
CA ILE R 2 8.79 -13.94 61.61
C ILE R 2 10.09 -14.47 61.03
N THR R 3 10.21 -14.44 59.70
CA THR R 3 11.36 -14.95 59.00
C THR R 3 12.55 -14.01 59.19
N PRO R 4 13.76 -14.46 58.85
CA PRO R 4 14.90 -13.53 58.93
C PRO R 4 14.74 -12.29 58.05
N SER R 5 14.14 -12.42 56.87
CA SER R 5 13.98 -11.26 55.99
C SER R 5 12.86 -10.34 56.46
N LEU R 6 11.86 -10.87 57.19
CA LEU R 6 10.89 -9.99 57.82
C LEU R 6 11.54 -9.22 58.97
N LYS R 7 12.40 -9.89 59.74
CA LYS R 7 13.20 -9.18 60.72
C LYS R 7 14.07 -8.13 60.05
N GLY R 8 14.71 -8.49 58.93
CA GLY R 8 15.46 -7.50 58.18
C GLY R 8 14.61 -6.35 57.71
N PHE R 9 13.38 -6.65 57.26
CA PHE R 9 12.48 -5.59 56.81
C PHE R 9 12.18 -4.61 57.96
N PHE R 10 11.91 -5.14 59.15
CA PHE R 10 11.68 -4.28 60.32
C PHE R 10 12.91 -3.46 60.66
N ILE R 11 14.10 -4.05 60.55
CA ILE R 11 15.32 -3.30 60.84
C ILE R 11 15.47 -2.14 59.87
N GLY R 12 15.28 -2.41 58.57
CA GLY R 12 15.36 -1.34 57.59
C GLY R 12 14.32 -0.26 57.83
N LEU R 13 13.10 -0.67 58.20
CA LEU R 13 12.04 0.30 58.46
C LEU R 13 12.40 1.19 59.64
N LEU R 14 12.88 0.58 60.73
CA LEU R 14 13.27 1.33 61.91
C LEU R 14 14.46 2.25 61.62
N SER R 15 15.44 1.76 60.84
CA SER R 15 16.59 2.57 60.49
C SER R 15 16.19 3.83 59.74
N GLY R 16 15.30 3.68 58.76
CA GLY R 16 14.83 4.84 58.01
C GLY R 16 14.03 5.79 58.87
N ALA R 17 13.20 5.26 59.77
CA ALA R 17 12.46 6.12 60.69
C ALA R 17 13.40 6.90 61.58
N VAL R 18 14.46 6.25 62.06
CA VAL R 18 15.42 6.91 62.93
C VAL R 18 16.15 8.02 62.17
N VAL R 19 16.62 7.71 60.96
CA VAL R 19 17.31 8.70 60.15
C VAL R 19 16.40 9.91 59.90
N LEU R 20 15.14 9.65 59.53
CA LEU R 20 14.20 10.74 59.25
C LEU R 20 13.82 11.50 60.53
N GLY R 21 13.56 10.78 61.62
CA GLY R 21 13.21 11.44 62.86
C GLY R 21 14.30 12.34 63.37
N LEU R 22 15.54 11.84 63.41
CA LEU R 22 16.68 12.65 63.83
C LEU R 22 16.86 13.87 62.93
N THR R 23 16.74 13.66 61.61
CA THR R 23 16.88 14.76 60.66
C THR R 23 15.87 15.87 60.94
N PHE R 24 14.60 15.50 61.09
CA PHE R 24 13.60 16.54 61.31
C PHE R 24 13.70 17.13 62.70
N ALA R 25 14.06 16.32 63.70
CA ALA R 25 14.27 16.85 65.04
C ALA R 25 15.35 17.92 65.05
N VAL R 26 16.46 17.65 64.36
CA VAL R 26 17.55 18.62 64.31
C VAL R 26 17.12 19.87 63.54
N LEU R 27 16.50 19.68 62.39
CA LEU R 27 16.07 20.83 61.58
C LEU R 27 15.06 21.69 62.32
N ILE R 28 14.10 21.05 63.00
CA ILE R 28 13.11 21.83 63.73
C ILE R 28 13.79 22.58 64.87
N ALA R 29 14.73 21.93 65.55
CA ALA R 29 15.46 22.57 66.64
C ALA R 29 16.21 23.81 66.16
N ILE R 30 17.02 23.66 65.12
CA ILE R 30 17.78 24.78 64.57
C ILE R 30 16.84 25.90 64.11
N SER R 31 15.73 25.53 63.45
CA SER R 31 14.84 26.55 62.92
C SER R 31 14.20 27.37 64.03
N GLN R 32 13.99 26.76 65.19
CA GLN R 32 13.42 27.46 66.34
C GLN R 32 14.46 28.33 67.03
N ILE R 33 15.73 27.92 66.99
CA ILE R 33 16.81 28.67 67.63
C ILE R 33 17.17 29.90 66.81
N ASP R 34 17.27 29.76 65.50
CA ASP R 34 17.72 30.82 64.59
C ASP R 34 16.57 31.30 63.71
N LYS R 35 15.64 32.02 64.32
CA LYS R 35 14.47 32.46 63.59
C LYS R 35 14.79 33.66 62.71
N VAL R 36 14.00 33.81 61.64
CA VAL R 36 14.13 34.98 60.78
C VAL R 36 13.51 36.19 61.48
N GLN R 37 14.15 37.35 61.34
CA GLN R 37 13.67 38.57 61.96
C GLN R 37 12.75 39.33 61.01
N ARG R 38 11.54 39.63 61.47
CA ARG R 38 10.58 40.41 60.68
C ARG R 38 10.15 41.65 61.46
N THR S 2 90.85 16.34 36.82
CA THR S 2 89.49 15.95 37.19
C THR S 2 88.95 16.74 38.37
N ILE S 3 89.81 17.03 39.34
CA ILE S 3 89.39 17.85 40.47
C ILE S 3 89.12 19.28 40.01
N LEU S 4 89.97 19.81 39.13
CA LEU S 4 89.71 21.12 38.55
C LEU S 4 88.46 21.11 37.69
N PHE S 5 88.19 20.01 36.98
CA PHE S 5 86.98 19.92 36.16
C PHE S 5 85.72 19.90 37.01
N GLN S 6 85.66 18.96 37.97
CA GLN S 6 84.48 18.83 38.82
C GLN S 6 84.22 20.09 39.64
N LEU S 7 85.27 20.86 39.93
CA LEU S 7 85.09 22.10 40.67
C LEU S 7 84.59 23.20 39.74
N ALA S 8 85.11 23.27 38.53
CA ALA S 8 84.70 24.31 37.60
C ALA S 8 83.24 24.13 37.17
N LEU S 9 82.83 22.89 36.91
CA LEU S 9 81.46 22.64 36.47
C LEU S 9 80.46 22.84 37.61
N ALA S 10 80.79 22.42 38.83
CA ALA S 10 79.91 22.68 39.96
C ALA S 10 79.78 24.18 40.23
N ALA S 11 80.87 24.92 40.06
CA ALA S 11 80.82 26.38 40.19
C ALA S 11 79.92 26.99 39.11
N LEU S 12 80.02 26.49 37.87
CA LEU S 12 79.20 27.02 36.79
C LEU S 12 77.72 26.82 37.06
N VAL S 13 77.34 25.64 37.57
CA VAL S 13 75.93 25.37 37.88
C VAL S 13 75.45 26.28 38.99
N ILE S 14 76.27 26.43 40.04
CA ILE S 14 75.89 27.26 41.18
C ILE S 14 75.73 28.72 40.74
N LEU S 15 76.74 29.25 40.05
CA LEU S 15 76.67 30.63 39.55
C LEU S 15 75.48 30.83 38.63
N SER S 16 75.19 29.84 37.77
CA SER S 16 74.03 29.94 36.89
C SER S 16 72.75 30.08 37.70
N PHE S 17 72.62 29.27 38.75
CA PHE S 17 71.44 29.35 39.60
C PHE S 17 71.35 30.70 40.31
N VAL S 18 72.50 31.28 40.67
CA VAL S 18 72.53 32.60 41.29
C VAL S 18 72.11 33.67 40.30
N MET S 19 72.64 33.61 39.07
CA MET S 19 72.28 34.57 38.03
C MET S 19 70.81 34.46 37.65
N VAL S 20 70.27 33.22 37.62
CA VAL S 20 68.90 33.02 37.17
C VAL S 20 67.91 33.72 38.11
N ILE S 21 68.19 33.68 39.42
CA ILE S 21 67.33 34.39 40.35
C ILE S 21 67.71 35.86 40.45
N GLY S 22 69.01 36.14 40.51
CA GLY S 22 69.47 37.48 40.86
C GLY S 22 69.32 38.51 39.76
N VAL S 23 69.47 38.10 38.50
CA VAL S 23 69.42 39.08 37.40
C VAL S 23 68.02 39.68 37.28
N PRO S 24 66.94 38.88 37.18
CA PRO S 24 65.61 39.53 37.10
C PRO S 24 65.24 40.31 38.36
N VAL S 25 65.66 39.85 39.54
CA VAL S 25 65.36 40.60 40.75
C VAL S 25 66.08 41.93 40.75
N ALA S 26 67.34 41.95 40.31
CA ALA S 26 68.09 43.21 40.23
C ALA S 26 67.52 44.13 39.16
N TYR S 27 67.19 43.58 37.98
CA TYR S 27 66.64 44.40 36.91
C TYR S 27 65.36 45.10 37.31
N ALA S 28 64.55 44.49 38.18
CA ALA S 28 63.26 45.03 38.55
C ALA S 28 63.26 45.69 39.92
N SER S 29 64.41 45.77 40.58
CA SER S 29 64.54 46.41 41.88
C SER S 29 64.89 47.88 41.70
N PRO S 30 64.23 48.77 42.46
CA PRO S 30 64.58 50.19 42.38
C PRO S 30 65.88 50.53 43.09
N GLN S 31 66.11 49.94 44.27
CA GLN S 31 67.23 50.32 45.11
C GLN S 31 68.51 49.57 44.74
N ASP S 32 69.64 50.22 45.02
CA ASP S 32 70.98 49.62 44.94
C ASP S 32 71.26 49.02 43.57
N TRP S 33 70.82 49.72 42.52
CA TRP S 33 71.01 49.21 41.15
C TRP S 33 72.46 49.34 40.69
N ASP S 34 73.19 50.36 41.16
CA ASP S 34 74.60 50.50 40.77
C ASP S 34 75.44 49.34 41.29
N ARG S 35 75.21 48.92 42.53
CA ARG S 35 75.91 47.73 43.03
C ARG S 35 75.48 46.49 42.25
N SER S 36 74.20 46.42 41.88
CA SER S 36 73.71 45.27 41.12
C SER S 36 74.34 45.22 39.74
N LYS S 37 74.37 46.35 39.04
CA LYS S 37 74.88 46.38 37.67
C LYS S 37 76.31 45.84 37.61
N GLN S 38 77.16 46.23 38.57
CA GLN S 38 78.53 45.74 38.57
C GLN S 38 78.58 44.26 38.89
N LEU S 39 77.75 43.79 39.81
CA LEU S 39 77.67 42.37 40.11
C LEU S 39 77.26 41.57 38.88
N ILE S 40 76.22 42.05 38.17
CA ILE S 40 75.75 41.36 36.97
C ILE S 40 76.85 41.34 35.91
N PHE S 41 77.57 42.45 35.77
CA PHE S 41 78.76 42.45 34.90
C PHE S 41 79.74 41.38 35.35
N LEU S 42 80.02 41.32 36.65
CA LEU S 42 81.01 40.37 37.18
C LEU S 42 80.54 38.94 37.02
N GLY S 43 79.29 38.67 37.42
CA GLY S 43 78.74 37.33 37.26
C GLY S 43 78.75 36.88 35.81
N SER S 44 78.42 37.79 34.89
CA SER S 44 78.36 37.43 33.47
C SER S 44 79.74 37.04 32.95
N GLY S 45 80.74 37.86 33.24
CA GLY S 45 82.10 37.55 32.83
C GLY S 45 82.61 36.26 33.46
N LEU S 46 82.36 36.09 34.76
CA LEU S 46 82.76 34.85 35.43
C LEU S 46 82.01 33.66 34.83
N TRP S 47 80.74 33.85 34.46
CA TRP S 47 79.99 32.77 33.84
C TRP S 47 80.63 32.34 32.52
N ILE S 48 80.90 33.32 31.65
CA ILE S 48 81.54 33.03 30.38
C ILE S 48 82.88 32.33 30.60
N ALA S 49 83.65 32.79 31.59
CA ALA S 49 84.96 32.20 31.85
C ALA S 49 84.84 30.73 32.27
N LEU S 50 83.87 30.43 33.14
CA LEU S 50 83.69 29.05 33.60
C LEU S 50 83.29 28.14 32.44
N VAL S 51 82.43 28.61 31.53
CA VAL S 51 82.05 27.80 30.37
C VAL S 51 83.29 27.39 29.58
N LEU S 52 84.20 28.34 29.34
CA LEU S 52 85.41 28.01 28.60
C LEU S 52 86.30 27.06 29.36
N VAL S 53 86.38 27.23 30.68
CA VAL S 53 87.19 26.33 31.51
C VAL S 53 86.64 24.90 31.43
N VAL S 54 85.32 24.76 31.63
CA VAL S 54 84.71 23.42 31.52
C VAL S 54 84.90 22.86 30.12
N GLY S 55 84.75 23.72 29.10
CA GLY S 55 84.93 23.24 27.74
C GLY S 55 86.33 22.71 27.48
N VAL S 56 87.35 23.41 27.97
CA VAL S 56 88.73 22.96 27.80
C VAL S 56 88.99 21.73 28.66
N LEU S 57 88.64 21.79 29.95
CA LEU S 57 88.92 20.69 30.85
C LEU S 57 88.19 19.42 30.44
N ASN S 58 87.08 19.56 29.72
CA ASN S 58 86.35 18.40 29.20
C ASN S 58 87.28 17.39 28.53
N PHE S 59 88.24 17.87 27.75
CA PHE S 59 89.06 16.99 26.93
C PHE S 59 90.21 16.35 27.69
N PHE S 60 90.36 16.64 28.98
CA PHE S 60 91.42 16.06 29.81
C PHE S 60 90.88 15.17 30.92
N VAL S 61 89.58 14.88 30.91
CA VAL S 61 88.96 14.00 31.90
C VAL S 61 88.20 12.89 31.19
N VAL S 62 88.07 13.01 29.87
CA VAL S 62 87.37 12.01 29.07
C VAL S 62 88.37 11.13 28.32
N ALA T 11 -50.52 18.69 31.02
CA ALA T 11 -51.76 18.06 30.59
C ALA T 11 -51.68 16.55 30.72
N ASN T 12 -52.65 15.85 30.12
CA ASN T 12 -52.67 14.41 30.19
C ASN T 12 -51.49 13.83 29.41
N LEU T 13 -51.01 12.65 29.85
CA LEU T 13 -49.79 12.09 29.30
C LEU T 13 -49.96 11.63 27.85
N TRP T 14 -51.09 11.00 27.53
CA TRP T 14 -51.34 10.57 26.16
C TRP T 14 -51.45 11.78 25.23
N GLU T 15 -52.05 12.86 25.73
CA GLU T 15 -52.22 14.08 24.95
C GLU T 15 -50.88 14.70 24.59
N ARG T 16 -49.98 14.79 25.57
CA ARG T 16 -48.63 15.30 25.31
C ARG T 16 -47.88 14.41 24.33
N PHE T 17 -48.04 13.09 24.47
CA PHE T 17 -47.38 12.18 23.54
C PHE T 17 -47.90 12.38 22.12
N CYS T 18 -49.23 12.42 21.96
CA CYS T 18 -49.82 12.67 20.66
C CYS T 18 -49.38 14.01 20.10
N ASN T 19 -49.28 15.04 20.95
CA ASN T 19 -48.85 16.35 20.50
C ASN T 19 -47.40 16.33 20.05
N TRP T 20 -46.54 15.59 20.75
CA TRP T 20 -45.15 15.47 20.30
C TRP T 20 -45.02 14.63 19.03
N VAL T 21 -45.72 13.49 18.96
CA VAL T 21 -45.65 12.64 17.77
C VAL T 21 -46.02 13.45 16.52
N THR T 22 -47.10 14.23 16.60
CA THR T 22 -47.59 15.00 15.46
C THR T 22 -47.06 16.42 15.42
N SER T 23 -46.02 16.74 16.19
CA SER T 23 -45.55 18.11 16.28
C SER T 23 -44.89 18.56 14.98
N THR T 24 -45.26 19.76 14.53
CA THR T 24 -44.64 20.37 13.36
C THR T 24 -43.29 20.98 13.66
N ASP T 25 -42.83 20.91 14.91
CA ASP T 25 -41.59 21.55 15.30
C ASP T 25 -40.43 20.57 15.45
N ASN T 26 -40.66 19.28 15.29
CA ASN T 26 -39.54 18.34 15.35
C ASN T 26 -38.64 18.49 14.13
N ARG T 27 -37.33 18.46 14.36
CA ARG T 27 -36.35 18.60 13.29
C ARG T 27 -36.63 17.59 12.16
N LEU T 28 -36.96 16.36 12.54
CA LEU T 28 -37.49 15.37 11.61
C LEU T 28 -38.91 15.05 12.05
N TYR T 29 -39.85 15.13 11.13
CA TYR T 29 -41.24 14.87 11.50
C TYR T 29 -41.39 13.40 11.84
N VAL T 30 -42.13 13.11 12.91
CA VAL T 30 -42.38 11.73 13.28
C VAL T 30 -43.73 11.32 12.70
N GLY T 31 -44.82 11.68 13.37
CA GLY T 31 -46.16 11.36 12.89
C GLY T 31 -46.53 9.90 13.10
N TRP T 32 -47.81 9.59 12.86
CA TRP T 32 -48.29 8.25 13.13
C TRP T 32 -47.72 7.24 12.13
N PHE T 33 -47.63 7.60 10.85
CA PHE T 33 -46.90 6.75 9.91
C PHE T 33 -45.46 6.56 10.35
N GLY T 34 -44.85 7.62 10.91
CA GLY T 34 -43.49 7.54 11.40
C GLY T 34 -43.31 6.57 12.55
N VAL T 35 -44.35 6.35 13.34
CA VAL T 35 -44.25 5.43 14.47
C VAL T 35 -44.07 3.98 13.98
N ILE T 36 -44.56 3.66 12.78
CA ILE T 36 -44.25 2.38 12.13
C ILE T 36 -42.99 2.47 11.28
N MET T 37 -42.80 3.58 10.59
CA MET T 37 -41.66 3.72 9.66
C MET T 37 -40.32 3.60 10.38
N ILE T 38 -40.18 4.27 11.53
CA ILE T 38 -38.88 4.39 12.20
C ILE T 38 -38.38 3.03 12.67
N PRO T 39 -39.15 2.23 13.44
CA PRO T 39 -38.63 0.91 13.83
C PRO T 39 -38.41 -0.02 12.64
N THR T 40 -39.32 -0.05 11.66
CA THR T 40 -39.16 -1.01 10.56
C THR T 40 -37.95 -0.66 9.69
N LEU T 41 -37.74 0.63 9.38
CA LEU T 41 -36.59 0.99 8.58
C LEU T 41 -35.27 0.82 9.35
N LEU T 42 -35.27 1.04 10.66
CA LEU T 42 -34.05 0.78 11.43
C LEU T 42 -33.71 -0.70 11.42
N ALA T 43 -34.71 -1.56 11.62
CA ALA T 43 -34.48 -3.00 11.59
C ALA T 43 -33.95 -3.46 10.24
N ALA T 44 -34.59 -2.98 9.15
CA ALA T 44 -34.16 -3.37 7.81
C ALA T 44 -32.75 -2.87 7.50
N THR T 45 -32.45 -1.63 7.90
CA THR T 45 -31.13 -1.06 7.65
C THR T 45 -30.05 -1.82 8.40
N ILE T 46 -30.29 -2.09 9.68
CA ILE T 46 -29.28 -2.73 10.51
C ILE T 46 -29.01 -4.15 10.01
N CYS T 47 -30.07 -4.90 9.72
CA CYS T 47 -29.88 -6.26 9.21
C CYS T 47 -29.19 -6.24 7.85
N PHE T 48 -29.56 -5.30 6.98
CA PHE T 48 -28.90 -5.20 5.68
C PHE T 48 -27.40 -4.95 5.84
N VAL T 49 -27.03 -3.97 6.65
CA VAL T 49 -25.61 -3.62 6.78
C VAL T 49 -24.82 -4.79 7.33
N ILE T 50 -25.33 -5.41 8.40
CA ILE T 50 -24.65 -6.56 8.98
C ILE T 50 -24.56 -7.70 7.98
N ALA T 51 -25.66 -7.98 7.27
CA ALA T 51 -25.65 -9.09 6.31
C ALA T 51 -24.71 -8.79 5.15
N PHE T 52 -24.75 -7.57 4.63
CA PHE T 52 -23.89 -7.22 3.51
C PHE T 52 -22.41 -7.39 3.85
N ILE T 53 -22.06 -7.15 5.12
CA ILE T 53 -20.67 -7.27 5.53
C ILE T 53 -20.31 -8.71 5.84
N ALA T 54 -21.19 -9.43 6.57
CA ALA T 54 -20.75 -10.64 7.26
C ALA T 54 -21.59 -11.90 7.07
N ALA T 55 -22.64 -11.87 6.25
CA ALA T 55 -23.50 -13.05 6.14
C ALA T 55 -22.76 -14.15 5.37
N PRO T 56 -22.94 -15.41 5.76
CA PRO T 56 -22.34 -16.53 5.01
C PRO T 56 -23.13 -16.82 3.74
N PRO T 57 -22.65 -17.74 2.89
CA PRO T 57 -23.33 -18.00 1.63
C PRO T 57 -24.73 -18.55 1.82
N VAL T 58 -25.59 -18.26 0.85
CA VAL T 58 -27.03 -18.52 0.91
C VAL T 58 -27.42 -19.42 -0.25
N ASP T 59 -28.21 -20.47 0.04
CA ASP T 59 -28.68 -21.40 -1.00
C ASP T 59 -29.93 -20.84 -1.69
N ILE T 60 -29.71 -19.83 -2.55
CA ILE T 60 -30.84 -19.11 -3.15
C ILE T 60 -31.75 -20.05 -3.94
N ASP T 61 -31.18 -20.95 -4.73
CA ASP T 61 -32.03 -21.72 -5.63
C ASP T 61 -32.42 -23.07 -5.06
N GLY T 62 -32.22 -23.30 -3.77
CA GLY T 62 -32.71 -24.49 -3.10
C GLY T 62 -32.05 -25.78 -3.52
N ILE T 63 -30.90 -25.72 -4.18
CA ILE T 63 -30.22 -26.90 -4.72
C ILE T 63 -28.91 -27.15 -3.98
N ARG T 64 -28.80 -26.67 -2.74
CA ARG T 64 -27.59 -26.86 -1.92
C ARG T 64 -26.35 -26.36 -2.65
N GLU T 65 -26.47 -25.19 -3.26
CA GLU T 65 -25.38 -24.55 -4.00
C GLU T 65 -25.27 -23.12 -3.48
N PRO T 66 -24.69 -22.93 -2.29
CA PRO T 66 -24.80 -21.62 -1.63
C PRO T 66 -24.01 -20.53 -2.35
N VAL T 67 -24.62 -19.36 -2.48
CA VAL T 67 -24.07 -18.23 -3.20
C VAL T 67 -23.56 -17.22 -2.19
N SER T 68 -22.30 -16.80 -2.32
CA SER T 68 -21.70 -15.86 -1.37
C SER T 68 -22.07 -14.43 -1.73
N GLY T 69 -22.67 -13.70 -0.78
CA GLY T 69 -23.01 -12.31 -1.02
C GLY T 69 -22.19 -11.28 -0.26
N SER T 70 -21.55 -11.65 0.86
CA SER T 70 -21.04 -10.63 1.76
C SER T 70 -19.57 -10.31 1.49
N LEU T 71 -19.16 -9.14 1.98
CA LEU T 71 -17.79 -8.65 1.79
C LEU T 71 -16.76 -9.57 2.44
N LEU T 72 -17.01 -10.02 3.67
CA LEU T 72 -16.03 -10.87 4.36
C LEU T 72 -15.89 -12.23 3.71
N TYR T 73 -16.90 -12.65 2.94
CA TYR T 73 -16.86 -13.94 2.27
C TYR T 73 -16.50 -13.82 0.80
N GLY T 74 -15.70 -12.80 0.44
CA GLY T 74 -15.10 -12.72 -0.87
C GLY T 74 -15.72 -11.76 -1.87
N ASN T 75 -16.62 -10.87 -1.45
CA ASN T 75 -17.23 -9.93 -2.36
C ASN T 75 -16.62 -8.54 -2.23
N ASN T 76 -16.74 -7.75 -3.30
CA ASN T 76 -16.49 -6.33 -3.22
C ASN T 76 -17.84 -5.61 -3.29
N ILE T 77 -17.81 -4.28 -3.42
CA ILE T 77 -19.06 -3.50 -3.39
C ILE T 77 -19.94 -3.84 -4.58
N ILE T 78 -19.32 -4.08 -5.75
CA ILE T 78 -20.07 -4.33 -6.97
C ILE T 78 -20.65 -5.73 -6.99
N THR T 79 -19.93 -6.72 -6.45
CA THR T 79 -20.44 -8.09 -6.51
C THR T 79 -21.28 -8.46 -5.29
N GLY T 80 -21.15 -7.73 -4.19
CA GLY T 80 -21.83 -8.14 -2.97
C GLY T 80 -23.34 -7.95 -3.02
N ALA T 81 -24.03 -8.72 -2.17
CA ALA T 81 -25.49 -8.64 -2.13
C ALA T 81 -25.97 -9.31 -0.85
N VAL T 82 -27.19 -8.95 -0.44
CA VAL T 82 -27.95 -9.84 0.42
C VAL T 82 -28.77 -10.75 -0.50
N VAL T 83 -28.56 -12.05 -0.38
CA VAL T 83 -29.06 -13.05 -1.34
C VAL T 83 -30.47 -13.46 -0.99
N PRO T 84 -31.39 -13.53 -2.00
CA PRO T 84 -32.77 -13.98 -1.74
C PRO T 84 -32.88 -15.33 -1.04
N SER T 85 -34.00 -15.53 -0.35
CA SER T 85 -34.23 -16.75 0.42
C SER T 85 -34.43 -17.95 -0.52
N SER T 86 -34.27 -19.14 0.06
CA SER T 86 -34.13 -20.37 -0.71
C SER T 86 -35.39 -20.68 -1.52
N ASN T 87 -35.19 -21.24 -2.72
CA ASN T 87 -36.33 -21.75 -3.50
C ASN T 87 -37.09 -22.85 -2.76
N ALA T 88 -36.43 -23.57 -1.84
CA ALA T 88 -37.16 -24.59 -1.09
C ALA T 88 -38.18 -23.95 -0.16
N ILE T 89 -37.97 -22.69 0.23
CA ILE T 89 -38.95 -21.95 1.04
C ILE T 89 -40.10 -21.46 0.17
N GLY T 90 -39.80 -21.01 -1.04
CA GLY T 90 -40.87 -20.53 -1.92
C GLY T 90 -41.46 -19.23 -1.36
N LEU T 91 -42.78 -19.20 -1.22
CA LEU T 91 -43.46 -18.05 -0.63
C LEU T 91 -43.73 -18.25 0.86
N HIS T 92 -43.20 -19.31 1.47
CA HIS T 92 -43.44 -19.51 2.90
C HIS T 92 -42.78 -18.40 3.72
N PHE T 93 -43.47 -18.00 4.79
CA PHE T 93 -42.96 -16.99 5.70
C PHE T 93 -41.87 -17.58 6.57
N TYR T 94 -40.66 -17.00 6.52
CA TYR T 94 -39.49 -17.58 7.17
C TYR T 94 -38.85 -16.58 8.12
N PRO T 95 -39.49 -16.30 9.26
CA PRO T 95 -38.86 -15.45 10.26
C PRO T 95 -37.81 -16.24 11.05
N ILE T 96 -37.02 -15.51 11.84
CA ILE T 96 -35.94 -16.13 12.61
C ILE T 96 -36.48 -17.29 13.44
N TRP T 97 -37.64 -17.09 14.08
CA TRP T 97 -38.12 -18.09 15.03
C TRP T 97 -38.69 -19.34 14.36
N GLU T 98 -38.79 -19.37 13.02
CA GLU T 98 -39.12 -20.60 12.32
C GLU T 98 -37.89 -21.47 12.06
N ALA T 99 -36.69 -20.94 12.22
CA ALA T 99 -35.47 -21.71 12.00
C ALA T 99 -35.05 -22.43 13.28
N ALA T 100 -34.38 -23.58 13.11
CA ALA T 100 -33.84 -24.24 14.29
C ALA T 100 -32.69 -23.46 14.92
N SER T 101 -32.05 -22.58 14.16
CA SER T 101 -30.87 -21.89 14.64
C SER T 101 -30.58 -20.74 13.69
N LEU T 102 -29.80 -19.77 14.17
CA LEU T 102 -29.34 -18.70 13.28
C LEU T 102 -28.52 -19.26 12.13
N ASP T 103 -27.72 -20.31 12.39
CA ASP T 103 -26.94 -20.95 11.33
C ASP T 103 -27.84 -21.47 10.21
N GLU T 104 -28.95 -22.13 10.57
CA GLU T 104 -29.90 -22.55 9.55
C GLU T 104 -30.54 -21.34 8.87
N TRP T 105 -30.97 -20.35 9.66
CA TRP T 105 -31.60 -19.15 9.11
C TRP T 105 -30.71 -18.49 8.07
N LEU T 106 -29.41 -18.40 8.35
CA LEU T 106 -28.48 -17.76 7.42
C LEU T 106 -28.30 -18.57 6.14
N TYR T 107 -28.17 -19.89 6.27
CA TYR T 107 -27.97 -20.76 5.11
C TYR T 107 -29.13 -20.63 4.12
N ASN T 108 -30.35 -20.44 4.64
CA ASN T 108 -31.56 -20.43 3.83
C ASN T 108 -31.99 -19.04 3.38
N GLY T 109 -31.23 -17.99 3.70
CA GLY T 109 -31.56 -16.68 3.21
C GLY T 109 -32.57 -15.92 4.03
N GLY T 110 -32.65 -16.21 5.33
CA GLY T 110 -33.52 -15.48 6.23
C GLY T 110 -33.35 -13.97 6.23
N PRO T 111 -32.11 -13.45 6.22
CA PRO T 111 -31.96 -11.99 6.24
C PRO T 111 -32.73 -11.30 5.11
N TYR T 112 -32.82 -11.90 3.94
CA TYR T 112 -33.51 -11.27 2.81
C TYR T 112 -34.98 -10.99 3.15
N GLN T 113 -35.68 -11.99 3.69
CA GLN T 113 -37.08 -11.80 4.02
C GLN T 113 -37.25 -10.74 5.11
N LEU T 114 -36.41 -10.80 6.15
CA LEU T 114 -36.50 -9.77 7.19
C LEU T 114 -36.33 -8.38 6.59
N ILE T 115 -35.31 -8.20 5.75
CA ILE T 115 -35.03 -6.87 5.20
C ILE T 115 -36.15 -6.42 4.28
N ILE T 116 -36.55 -7.26 3.30
CA ILE T 116 -37.52 -6.72 2.35
C ILE T 116 -38.87 -6.47 3.00
N PHE T 117 -39.29 -7.29 3.96
CA PHE T 117 -40.61 -7.05 4.54
C PHE T 117 -40.60 -5.79 5.42
N HIS T 118 -39.53 -5.61 6.21
CA HIS T 118 -39.45 -4.37 7.01
C HIS T 118 -39.29 -3.16 6.10
N PHE T 119 -38.50 -3.30 5.03
CA PHE T 119 -38.32 -2.18 4.09
C PHE T 119 -39.64 -1.78 3.44
N LEU T 120 -40.37 -2.74 2.87
CA LEU T 120 -41.61 -2.41 2.15
C LEU T 120 -42.64 -1.79 3.09
N LEU T 121 -42.75 -2.31 4.32
CA LEU T 121 -43.62 -1.69 5.31
CA LEU T 121 -43.62 -1.69 5.31
C LEU T 121 -43.17 -0.27 5.62
N GLY T 122 -41.86 -0.10 5.86
CA GLY T 122 -41.36 1.22 6.21
C GLY T 122 -41.48 2.23 5.09
N ALA T 123 -41.27 1.78 3.85
CA ALA T 123 -41.37 2.70 2.72
C ALA T 123 -42.83 3.05 2.42
N SER T 124 -43.75 2.12 2.64
CA SER T 124 -45.17 2.47 2.54
C SER T 124 -45.53 3.55 3.56
N CYS T 125 -45.00 3.43 4.78
CA CYS T 125 -45.24 4.45 5.80
C CYS T 125 -44.52 5.75 5.47
N TYR T 126 -43.36 5.67 4.82
CA TYR T 126 -42.72 6.88 4.32
C TYR T 126 -43.67 7.66 3.40
N MET T 127 -44.39 6.95 2.52
CA MET T 127 -45.34 7.61 1.63
C MET T 127 -46.50 8.24 2.42
N GLY T 128 -47.08 7.48 3.35
CA GLY T 128 -48.13 8.07 4.19
C GLY T 128 -47.63 9.25 4.99
N ARG T 129 -46.37 9.17 5.44
CA ARG T 129 -45.77 10.26 6.19
C ARG T 129 -45.66 11.52 5.34
N GLN T 130 -45.40 11.37 4.05
CA GLN T 130 -45.39 12.52 3.17
C GLN T 130 -46.79 13.13 3.05
N TRP T 131 -47.84 12.30 3.03
CA TRP T 131 -49.18 12.87 3.10
C TRP T 131 -49.36 13.62 4.43
N GLU T 132 -48.94 12.99 5.53
CA GLU T 132 -49.27 13.49 6.86
C GLU T 132 -48.66 14.86 7.12
N LEU T 133 -47.37 15.02 6.82
CA LEU T 133 -46.74 16.32 7.04
C LEU T 133 -47.33 17.39 6.14
N SER T 134 -47.66 17.04 4.89
CA SER T 134 -48.28 18.04 4.03
C SER T 134 -49.56 18.56 4.64
N TYR T 135 -50.33 17.67 5.27
CA TYR T 135 -51.55 18.07 5.96
C TYR T 135 -51.24 18.96 7.16
N ARG T 136 -50.24 18.59 7.97
CA ARG T 136 -49.90 19.39 9.14
C ARG T 136 -49.39 20.78 8.73
N LEU T 137 -48.78 20.89 7.56
CA LEU T 137 -48.21 22.17 7.12
C LEU T 137 -49.18 23.00 6.29
N GLY T 138 -50.39 22.52 6.02
CA GLY T 138 -51.33 23.26 5.19
C GLY T 138 -51.01 23.25 3.72
N MET T 139 -50.29 22.23 3.25
CA MET T 139 -49.92 22.04 1.86
C MET T 139 -50.97 21.25 1.12
N ARG T 140 -50.89 21.28 -0.22
CA ARG T 140 -51.64 20.33 -1.02
C ARG T 140 -50.99 18.95 -0.89
N PRO T 141 -51.75 17.88 -1.15
CA PRO T 141 -51.40 16.57 -0.57
C PRO T 141 -50.63 15.58 -1.44
N TRP T 142 -50.30 15.89 -2.69
CA TRP T 142 -50.02 14.84 -3.67
C TRP T 142 -48.52 14.57 -3.92
N ILE T 143 -47.61 15.11 -3.11
CA ILE T 143 -46.21 14.66 -3.23
C ILE T 143 -46.13 13.15 -3.02
N CYS T 144 -46.94 12.63 -2.09
CA CYS T 144 -46.91 11.19 -1.82
C CYS T 144 -47.30 10.37 -3.05
N VAL T 145 -48.13 10.94 -3.92
CA VAL T 145 -48.55 10.24 -5.14
C VAL T 145 -47.40 10.14 -6.14
N ALA T 146 -46.55 11.17 -6.19
CA ALA T 146 -45.34 11.05 -7.01
C ALA T 146 -44.42 9.97 -6.48
N TYR T 147 -44.25 9.90 -5.15
CA TYR T 147 -43.42 8.87 -4.54
C TYR T 147 -44.01 7.49 -4.75
N SER T 148 -45.33 7.38 -4.97
CA SER T 148 -45.93 6.07 -5.19
C SER T 148 -45.32 5.36 -6.41
N ALA T 149 -44.71 6.12 -7.34
CA ALA T 149 -44.13 5.48 -8.53
C ALA T 149 -42.85 4.70 -8.21
N PRO T 150 -41.81 5.26 -7.58
CA PRO T 150 -40.70 4.38 -7.16
C PRO T 150 -41.16 3.35 -6.14
N LEU T 151 -42.08 3.70 -5.24
CA LEU T 151 -42.51 2.70 -4.26
C LEU T 151 -43.17 1.50 -4.94
N ALA T 152 -44.06 1.75 -5.91
CA ALA T 152 -44.70 0.64 -6.60
C ALA T 152 -43.68 -0.22 -7.32
N SER T 153 -42.61 0.39 -7.81
CA SER T 153 -41.57 -0.34 -8.50
C SER T 153 -40.83 -1.27 -7.53
N ALA T 154 -40.57 -0.79 -6.30
CA ALA T 154 -39.95 -1.66 -5.30
C ALA T 154 -40.87 -2.81 -4.93
N PHE T 155 -42.17 -2.53 -4.79
CA PHE T 155 -43.12 -3.61 -4.54
C PHE T 155 -43.11 -4.63 -5.66
N ALA T 156 -42.97 -4.16 -6.91
CA ALA T 156 -42.99 -5.07 -8.04
C ALA T 156 -41.84 -6.08 -7.97
N VAL T 157 -40.62 -5.61 -7.71
CA VAL T 157 -39.48 -6.50 -7.81
C VAL T 157 -39.21 -7.29 -6.53
N PHE T 158 -39.69 -6.82 -5.36
CA PHE T 158 -39.45 -7.52 -4.11
C PHE T 158 -40.64 -8.37 -3.65
N LEU T 159 -41.85 -8.08 -4.13
CA LEU T 159 -43.04 -8.77 -3.63
C LEU T 159 -43.94 -9.34 -4.74
N ILE T 160 -44.34 -8.52 -5.71
CA ILE T 160 -45.32 -9.01 -6.69
C ILE T 160 -44.70 -10.06 -7.59
N TYR T 161 -43.50 -9.80 -8.12
CA TYR T 161 -42.87 -10.81 -8.97
C TYR T 161 -42.65 -12.12 -8.21
N PRO T 162 -42.09 -12.14 -6.98
CA PRO T 162 -42.07 -13.40 -6.22
C PRO T 162 -43.41 -14.09 -6.09
N ILE T 163 -44.51 -13.34 -5.85
CA ILE T 163 -45.81 -13.97 -5.67
C ILE T 163 -46.24 -14.67 -6.96
N GLY T 164 -46.12 -13.98 -8.11
CA GLY T 164 -46.56 -14.58 -9.36
C GLY T 164 -45.75 -15.80 -9.74
N GLN T 165 -44.45 -15.78 -9.46
CA GLN T 165 -43.59 -16.89 -9.78
C GLN T 165 -43.52 -17.94 -8.67
N GLY T 166 -44.13 -17.67 -7.52
CA GLY T 166 -44.16 -18.66 -6.45
C GLY T 166 -42.93 -18.75 -5.54
N SER T 167 -42.03 -17.77 -5.57
CA SER T 167 -40.88 -17.86 -4.67
C SER T 167 -40.20 -16.51 -4.48
N PHE T 168 -39.83 -16.22 -3.23
CA PHE T 168 -38.95 -15.08 -2.97
C PHE T 168 -37.54 -15.30 -3.50
N SER T 169 -37.17 -16.54 -3.90
CA SER T 169 -35.87 -16.72 -4.55
C SER T 169 -35.80 -16.03 -5.90
N ASP T 170 -36.93 -15.63 -6.48
CA ASP T 170 -36.94 -14.87 -7.73
C ASP T 170 -37.14 -13.37 -7.53
N GLY T 171 -37.24 -12.89 -6.28
CA GLY T 171 -37.22 -11.46 -6.04
C GLY T 171 -35.86 -10.86 -6.34
N MET T 172 -35.83 -9.55 -6.56
CA MET T 172 -34.56 -8.93 -6.92
C MET T 172 -33.58 -9.01 -5.74
N PRO T 173 -32.35 -9.49 -5.96
CA PRO T 173 -31.37 -9.51 -4.86
C PRO T 173 -31.01 -8.10 -4.43
N LEU T 174 -30.56 -7.98 -3.18
CA LEU T 174 -30.20 -6.68 -2.62
C LEU T 174 -28.70 -6.45 -2.84
N GLY T 175 -28.35 -6.15 -4.08
CA GLY T 175 -26.95 -5.94 -4.44
C GLY T 175 -26.85 -5.53 -5.90
N ILE T 176 -25.69 -4.99 -6.24
CA ILE T 176 -25.50 -4.34 -7.55
C ILE T 176 -25.47 -5.37 -8.67
N SER T 177 -24.56 -6.35 -8.58
CA SER T 177 -24.51 -7.42 -9.59
C SER T 177 -25.74 -8.31 -9.51
N GLY T 178 -26.31 -8.49 -8.32
CA GLY T 178 -27.54 -9.26 -8.24
C GLY T 178 -28.68 -8.59 -8.97
N THR T 179 -28.72 -7.26 -8.98
CA THR T 179 -29.70 -6.53 -9.77
C THR T 179 -29.59 -6.87 -11.25
N PHE T 180 -28.35 -6.84 -11.78
CA PHE T 180 -28.14 -7.16 -13.19
C PHE T 180 -28.56 -8.60 -13.49
N ASN T 181 -28.30 -9.52 -12.56
CA ASN T 181 -28.73 -10.92 -12.74
C ASN T 181 -30.24 -10.99 -12.91
N PHE T 182 -30.97 -10.32 -12.01
CA PHE T 182 -32.42 -10.23 -12.10
C PHE T 182 -32.88 -9.70 -13.45
N MET T 183 -32.23 -8.62 -13.94
CA MET T 183 -32.63 -8.03 -15.22
C MET T 183 -32.39 -8.99 -16.39
N ILE T 184 -31.24 -9.67 -16.42
CA ILE T 184 -30.92 -10.53 -17.56
C ILE T 184 -31.86 -11.74 -17.59
N VAL T 185 -32.05 -12.39 -16.43
CA VAL T 185 -32.98 -13.51 -16.36
C VAL T 185 -34.40 -13.04 -16.72
N PHE T 186 -34.77 -11.82 -16.30
CA PHE T 186 -36.10 -11.30 -16.63
C PHE T 186 -36.27 -11.16 -18.14
N GLN T 187 -35.24 -10.67 -18.83
CA GLN T 187 -35.29 -10.54 -20.28
C GLN T 187 -35.46 -11.89 -20.96
N ALA T 188 -34.74 -12.91 -20.48
CA ALA T 188 -34.86 -14.25 -21.05
C ALA T 188 -36.26 -14.80 -20.87
N GLU T 189 -36.90 -14.50 -19.75
CA GLU T 189 -38.14 -15.17 -19.39
C GLU T 189 -39.39 -14.39 -19.75
N HIS T 190 -39.27 -13.09 -20.03
CA HIS T 190 -40.44 -12.26 -20.32
C HIS T 190 -40.24 -11.38 -21.54
N ASN T 191 -39.04 -11.36 -22.13
CA ASN T 191 -38.72 -10.44 -23.23
C ASN T 191 -39.16 -9.02 -22.88
N ILE T 192 -38.76 -8.55 -21.69
CA ILE T 192 -39.26 -7.29 -21.16
C ILE T 192 -38.96 -6.12 -22.10
N LEU T 193 -37.86 -6.19 -22.85
CA LEU T 193 -37.55 -5.08 -23.74
C LEU T 193 -38.65 -4.85 -24.78
N MET T 194 -39.31 -5.92 -25.23
CA MET T 194 -40.37 -5.83 -26.21
C MET T 194 -41.74 -5.62 -25.58
N HIS T 195 -41.80 -5.28 -24.27
CA HIS T 195 -43.07 -5.05 -23.61
C HIS T 195 -43.37 -3.55 -23.56
N PRO T 196 -44.55 -3.11 -23.98
CA PRO T 196 -44.79 -1.66 -24.09
C PRO T 196 -44.80 -0.94 -22.77
N PHE T 197 -45.07 -1.62 -21.66
CA PHE T 197 -45.02 -0.92 -20.38
C PHE T 197 -43.58 -0.62 -19.98
N HIS T 198 -42.63 -1.50 -20.31
CA HIS T 198 -41.23 -1.15 -20.05
C HIS T 198 -40.78 -0.05 -21.00
N GLN T 199 -41.28 -0.06 -22.23
CA GLN T 199 -40.97 0.99 -23.19
C GLN T 199 -41.49 2.33 -22.71
N LEU T 200 -42.72 2.35 -22.16
CA LEU T 200 -43.23 3.55 -21.50
C LEU T 200 -42.35 3.94 -20.31
N GLY T 201 -41.89 2.94 -19.55
CA GLY T 201 -40.97 3.22 -18.46
C GLY T 201 -39.72 3.94 -18.93
N VAL T 202 -39.15 3.47 -20.04
CA VAL T 202 -37.96 4.12 -20.60
C VAL T 202 -38.29 5.52 -21.06
N ALA T 203 -39.40 5.69 -21.78
CA ALA T 203 -39.82 7.04 -22.14
C ALA T 203 -39.93 7.91 -20.89
N GLY T 204 -40.43 7.34 -19.81
CA GLY T 204 -40.56 8.10 -18.57
C GLY T 204 -39.23 8.58 -18.01
N VAL T 205 -38.22 7.69 -17.95
CA VAL T 205 -36.97 8.09 -17.29
C VAL T 205 -36.05 8.85 -18.26
N PHE T 206 -35.94 8.41 -19.53
CA PHE T 206 -35.26 9.24 -20.52
C PHE T 206 -35.93 10.62 -20.60
N GLY T 207 -37.25 10.64 -20.70
CA GLY T 207 -37.97 11.90 -20.79
C GLY T 207 -37.80 12.71 -19.53
N GLY T 208 -37.92 12.05 -18.37
CA GLY T 208 -37.67 12.74 -17.11
C GLY T 208 -36.30 13.38 -17.06
N ALA T 209 -35.26 12.65 -17.48
CA ALA T 209 -33.92 13.23 -17.48
C ALA T 209 -33.81 14.38 -18.48
N LEU T 210 -34.40 14.22 -19.67
CA LEU T 210 -34.43 15.29 -20.65
C LEU T 210 -35.11 16.54 -20.09
N PHE T 211 -36.33 16.38 -19.56
CA PHE T 211 -37.07 17.55 -19.08
C PHE T 211 -36.40 18.15 -17.86
N CYS T 212 -35.71 17.33 -17.06
CA CYS T 212 -34.92 17.85 -15.94
C CYS T 212 -33.85 18.81 -16.44
N ALA T 213 -33.04 18.35 -17.40
CA ALA T 213 -31.99 19.19 -17.96
C ALA T 213 -32.58 20.40 -18.65
N MET T 214 -33.69 20.21 -19.37
CA MET T 214 -34.32 21.30 -20.09
C MET T 214 -34.78 22.39 -19.13
N HIS T 215 -35.57 22.01 -18.13
CA HIS T 215 -36.09 22.99 -17.17
C HIS T 215 -34.95 23.67 -16.42
N GLY T 216 -33.98 22.87 -15.95
CA GLY T 216 -32.82 23.45 -15.30
C GLY T 216 -32.08 24.45 -16.18
N SER T 217 -31.85 24.08 -17.44
CA SER T 217 -31.10 24.97 -18.32
C SER T 217 -31.90 26.22 -18.66
N LEU T 218 -33.23 26.10 -18.79
CA LEU T 218 -34.03 27.27 -19.17
C LEU T 218 -34.13 28.28 -18.03
N VAL T 219 -34.37 27.81 -16.81
CA VAL T 219 -34.40 28.74 -15.67
C VAL T 219 -33.01 29.34 -15.45
N THR T 220 -31.96 28.52 -15.50
CA THR T 220 -30.60 29.04 -15.35
C THR T 220 -30.29 30.07 -16.44
N SER T 221 -30.82 29.85 -17.65
CA SER T 221 -30.54 30.76 -18.75
CA SER T 221 -30.53 30.76 -18.75
C SER T 221 -31.11 32.15 -18.53
N SER T 222 -32.15 32.28 -17.70
CA SER T 222 -32.90 33.52 -17.57
CA SER T 222 -32.88 33.53 -17.58
C SER T 222 -32.77 34.14 -16.19
N LEU T 223 -31.77 33.74 -15.41
CA LEU T 223 -31.54 34.39 -14.12
C LEU T 223 -31.37 35.89 -14.31
N ILE T 224 -32.04 36.67 -13.47
CA ILE T 224 -31.90 38.12 -13.52
C ILE T 224 -30.58 38.51 -12.86
N ARG T 225 -29.85 39.43 -13.50
CA ARG T 225 -28.55 39.83 -12.99
C ARG T 225 -28.69 40.49 -11.61
N GLU T 226 -28.07 39.86 -10.61
CA GLU T 226 -28.07 40.35 -9.23
C GLU T 226 -26.68 40.28 -8.62
N THR T 227 -25.66 39.89 -9.38
CA THR T 227 -24.35 39.57 -8.87
C THR T 227 -23.29 40.14 -9.81
N THR T 228 -22.05 40.14 -9.35
CA THR T 228 -20.91 40.53 -10.16
C THR T 228 -20.23 39.30 -10.74
N GLU T 229 -19.27 39.54 -11.64
CA GLU T 229 -18.58 38.46 -12.34
C GLU T 229 -17.80 37.57 -11.39
N THR T 230 -17.37 38.10 -10.24
CA THR T 230 -16.49 37.36 -9.34
C THR T 230 -17.25 36.71 -8.18
N GLU T 231 -18.56 36.55 -8.32
CA GLU T 231 -19.33 35.82 -7.32
C GLU T 231 -20.30 34.88 -8.01
N SER T 232 -20.62 33.79 -7.31
CA SER T 232 -21.62 32.84 -7.80
C SER T 232 -22.96 33.55 -8.02
N ALA T 233 -23.61 33.24 -9.14
CA ALA T 233 -24.92 33.81 -9.42
C ALA T 233 -25.96 33.35 -8.42
N ASN T 234 -25.68 32.27 -7.68
CA ASN T 234 -26.63 31.74 -6.70
C ASN T 234 -26.87 32.72 -5.56
N TYR T 235 -25.89 33.58 -5.27
CA TYR T 235 -26.11 34.61 -4.26
C TYR T 235 -27.10 35.66 -4.70
N GLY T 236 -27.50 35.68 -5.98
CA GLY T 236 -28.54 36.60 -6.43
C GLY T 236 -29.94 36.23 -5.99
N TYR T 237 -30.13 35.03 -5.44
CA TYR T 237 -31.38 34.60 -4.86
C TYR T 237 -31.22 34.49 -3.35
N LYS T 238 -32.21 34.99 -2.62
CA LYS T 238 -32.22 34.92 -1.16
C LYS T 238 -33.41 34.06 -0.74
N PHE T 239 -33.14 33.09 0.13
CA PHE T 239 -34.17 32.16 0.60
C PHE T 239 -35.40 32.91 1.08
N GLY T 240 -36.56 32.60 0.50
CA GLY T 240 -37.80 33.18 0.95
C GLY T 240 -38.17 34.53 0.34
N GLN T 241 -37.36 35.06 -0.56
CA GLN T 241 -37.71 36.31 -1.23
C GLN T 241 -39.01 36.14 -2.00
N GLU T 242 -39.76 37.25 -2.13
CA GLU T 242 -41.08 37.18 -2.73
C GLU T 242 -41.03 37.22 -4.26
N GLU T 243 -40.04 37.90 -4.83
CA GLU T 243 -39.96 38.06 -6.28
C GLU T 243 -39.34 36.82 -6.92
N GLU T 244 -39.84 36.47 -8.11
CA GLU T 244 -39.22 35.42 -8.90
C GLU T 244 -37.78 35.82 -9.25
N THR T 245 -36.90 34.82 -9.31
CA THR T 245 -35.47 35.07 -9.47
C THR T 245 -35.02 35.00 -10.92
N TYR T 246 -35.89 34.58 -11.84
CA TYR T 246 -35.59 34.57 -13.27
C TYR T 246 -36.76 35.16 -14.04
N ASN T 247 -36.48 35.52 -15.29
CA ASN T 247 -37.44 36.15 -16.21
C ASN T 247 -38.11 35.05 -17.02
N ILE T 248 -39.28 34.61 -16.54
CA ILE T 248 -39.97 33.50 -17.20
C ILE T 248 -40.45 33.91 -18.60
N VAL T 249 -40.69 35.19 -18.83
CA VAL T 249 -41.07 35.62 -20.17
C VAL T 249 -39.90 35.47 -21.13
N ALA T 250 -38.68 35.75 -20.66
CA ALA T 250 -37.49 35.52 -21.49
C ALA T 250 -37.32 34.04 -21.79
N ALA T 251 -37.45 33.19 -20.77
CA ALA T 251 -37.28 31.75 -20.99
C ALA T 251 -38.30 31.22 -22.01
N HIS T 252 -39.55 31.64 -21.88
CA HIS T 252 -40.57 31.22 -22.84
C HIS T 252 -40.26 31.76 -24.23
N GLY T 253 -39.87 33.04 -24.32
CA GLY T 253 -39.49 33.61 -25.59
C GLY T 253 -38.36 32.89 -26.28
N TYR T 254 -37.43 32.32 -25.49
CA TYR T 254 -36.38 31.48 -26.06
C TYR T 254 -36.97 30.15 -26.54
N PHE T 255 -37.65 29.43 -25.65
CA PHE T 255 -38.05 28.08 -25.99
C PHE T 255 -39.10 28.06 -27.09
N GLY T 256 -39.97 29.06 -27.12
CA GLY T 256 -40.95 29.16 -28.18
C GLY T 256 -40.33 29.41 -29.55
N ARG T 257 -39.16 30.05 -29.59
CA ARG T 257 -38.49 30.18 -30.87
C ARG T 257 -37.63 28.97 -31.21
N LEU T 258 -37.14 28.25 -30.19
CA LEU T 258 -36.35 27.05 -30.43
C LEU T 258 -37.15 26.00 -31.17
N ILE T 259 -38.39 25.75 -30.72
CA ILE T 259 -39.30 24.85 -31.41
C ILE T 259 -40.27 25.70 -32.22
N PHE T 260 -41.47 25.93 -31.66
CA PHE T 260 -42.38 26.96 -32.15
C PHE T 260 -43.19 27.44 -30.97
N GLN T 261 -43.85 28.60 -31.16
CA GLN T 261 -44.38 29.36 -30.02
C GLN T 261 -45.32 28.51 -29.17
N TYR T 262 -46.24 27.81 -29.81
CA TYR T 262 -47.31 27.12 -29.09
C TYR T 262 -46.87 25.78 -28.53
N ALA T 263 -45.61 25.39 -28.71
CA ALA T 263 -45.08 24.20 -28.08
C ALA T 263 -44.44 24.48 -26.72
N SER T 264 -44.44 25.73 -26.28
CA SER T 264 -43.75 26.12 -25.06
C SER T 264 -44.76 26.52 -23.98
N PHE T 265 -44.39 26.23 -22.73
CA PHE T 265 -45.23 26.55 -21.57
C PHE T 265 -44.99 27.99 -21.15
N ASN T 266 -46.05 28.79 -21.11
CA ASN T 266 -45.95 30.08 -20.44
C ASN T 266 -46.54 30.05 -19.04
N ASN T 267 -47.28 28.99 -18.70
CA ASN T 267 -47.91 28.84 -17.40
C ASN T 267 -47.01 27.95 -16.54
N SER T 268 -46.41 28.55 -15.51
CA SER T 268 -45.49 27.79 -14.68
C SER T 268 -46.18 26.62 -13.98
N ARG T 269 -47.47 26.77 -13.66
CA ARG T 269 -48.18 25.67 -13.01
C ARG T 269 -48.35 24.48 -13.95
N SER T 270 -48.69 24.74 -15.21
CA SER T 270 -48.81 23.65 -16.19
C SER T 270 -47.46 23.00 -16.43
N LEU T 271 -46.40 23.80 -16.54
CA LEU T 271 -45.06 23.28 -16.73
C LEU T 271 -44.68 22.33 -15.60
N HIS T 272 -44.82 22.79 -14.35
CA HIS T 272 -44.37 21.95 -13.24
C HIS T 272 -45.28 20.74 -13.04
N PHE T 273 -46.58 20.84 -13.37
CA PHE T 273 -47.40 19.63 -13.38
C PHE T 273 -46.88 18.64 -14.42
N PHE T 274 -46.49 19.12 -15.59
CA PHE T 274 -45.95 18.24 -16.62
C PHE T 274 -44.65 17.57 -16.14
N LEU T 275 -43.78 18.33 -15.48
CA LEU T 275 -42.55 17.75 -14.94
C LEU T 275 -42.86 16.62 -13.96
N ALA T 276 -43.91 16.79 -13.15
CA ALA T 276 -44.31 15.71 -12.24
C ALA T 276 -44.89 14.53 -13.01
N ALA T 277 -45.81 14.81 -13.94
CA ALA T 277 -46.65 13.76 -14.50
C ALA T 277 -45.88 12.83 -15.43
N TRP T 278 -44.98 13.38 -16.24
CA TRP T 278 -44.32 12.54 -17.24
C TRP T 278 -43.52 11.41 -16.61
N PRO T 279 -42.54 11.66 -15.72
CA PRO T 279 -41.81 10.52 -15.13
C PRO T 279 -42.67 9.67 -14.22
N VAL T 280 -43.60 10.28 -13.47
CA VAL T 280 -44.40 9.52 -12.53
C VAL T 280 -45.27 8.50 -13.28
N VAL T 281 -45.96 8.95 -14.34
CA VAL T 281 -46.81 8.05 -15.11
C VAL T 281 -45.96 6.99 -15.81
N GLY T 282 -44.85 7.40 -16.43
CA GLY T 282 -43.99 6.43 -17.08
C GLY T 282 -43.48 5.36 -16.13
N VAL T 283 -43.12 5.75 -14.90
CA VAL T 283 -42.61 4.79 -13.93
C VAL T 283 -43.73 3.92 -13.36
N TRP T 284 -44.95 4.48 -13.21
CA TRP T 284 -46.11 3.63 -12.92
C TRP T 284 -46.25 2.52 -13.95
N PHE T 285 -46.14 2.87 -15.23
CA PHE T 285 -46.20 1.82 -16.24
C PHE T 285 -45.01 0.87 -16.14
N ALA T 286 -43.82 1.39 -15.81
CA ALA T 286 -42.69 0.48 -15.57
C ALA T 286 -43.04 -0.54 -14.50
N ALA T 287 -43.53 -0.06 -13.35
CA ALA T 287 -43.89 -0.95 -12.24
C ALA T 287 -44.97 -1.94 -12.65
N LEU T 288 -45.92 -1.49 -13.47
CA LEU T 288 -46.99 -2.37 -13.92
C LEU T 288 -46.49 -3.40 -14.91
N GLY T 289 -45.43 -3.07 -15.66
CA GLY T 289 -44.79 -4.07 -16.50
C GLY T 289 -44.26 -5.24 -15.69
N ILE T 290 -43.45 -4.95 -14.67
CA ILE T 290 -42.92 -6.01 -13.81
C ILE T 290 -44.06 -6.77 -13.14
N SER T 291 -45.05 -6.04 -12.64
CA SER T 291 -46.13 -6.63 -11.87
C SER T 291 -47.10 -7.45 -12.73
N THR T 292 -47.15 -7.22 -14.06
CA THR T 292 -47.97 -8.05 -14.92
C THR T 292 -47.16 -9.15 -15.62
N MET T 293 -45.90 -8.88 -15.95
CA MET T 293 -45.04 -9.98 -16.32
C MET T 293 -44.85 -10.95 -15.15
N ALA T 294 -45.15 -10.50 -13.93
CA ALA T 294 -45.21 -11.40 -12.78
C ALA T 294 -46.21 -12.54 -12.98
N PHE T 295 -47.25 -12.33 -13.79
CA PHE T 295 -48.20 -13.37 -14.12
C PHE T 295 -48.05 -13.83 -15.57
N ASN T 296 -46.85 -13.64 -16.13
CA ASN T 296 -46.40 -14.23 -17.39
C ASN T 296 -47.17 -13.74 -18.60
N LEU T 297 -47.71 -12.51 -18.56
CA LEU T 297 -48.15 -11.84 -19.79
C LEU T 297 -46.96 -11.03 -20.30
N ASN T 298 -46.28 -11.54 -21.32
CA ASN T 298 -44.90 -11.11 -21.59
C ASN T 298 -44.84 -10.18 -22.80
N GLY T 299 -43.63 -9.70 -23.08
CA GLY T 299 -43.44 -8.80 -24.22
C GLY T 299 -43.85 -9.42 -25.53
N PHE T 300 -44.01 -8.56 -26.54
CA PHE T 300 -44.40 -9.00 -27.87
C PHE T 300 -43.42 -10.06 -28.39
N ASN T 301 -43.98 -11.09 -29.00
CA ASN T 301 -43.23 -12.20 -29.55
C ASN T 301 -43.42 -12.20 -31.07
N PHE T 302 -42.40 -11.75 -31.81
CA PHE T 302 -42.43 -11.80 -33.27
C PHE T 302 -41.44 -12.82 -33.83
N ASN T 303 -41.18 -13.90 -33.09
CA ASN T 303 -40.25 -14.95 -33.52
C ASN T 303 -40.82 -15.69 -34.72
N HIS T 304 -40.11 -15.58 -35.85
CA HIS T 304 -40.53 -16.19 -37.12
C HIS T 304 -41.82 -15.58 -37.66
N SER T 305 -42.04 -14.29 -37.41
CA SER T 305 -43.25 -13.63 -37.90
C SER T 305 -43.19 -13.39 -39.41
N VAL T 306 -41.99 -13.20 -39.96
CA VAL T 306 -41.84 -12.89 -41.38
C VAL T 306 -41.40 -14.16 -42.10
N ILE T 307 -42.14 -14.51 -43.14
CA ILE T 307 -42.02 -15.78 -43.87
C ILE T 307 -42.03 -15.47 -45.35
N ASP T 308 -41.21 -16.18 -46.14
CA ASP T 308 -41.18 -15.91 -47.57
C ASP T 308 -42.22 -16.76 -48.30
N ALA T 309 -42.22 -16.67 -49.63
CA ALA T 309 -43.27 -17.31 -50.43
C ALA T 309 -43.23 -18.84 -50.32
N LYS T 310 -42.04 -19.42 -50.16
CA LYS T 310 -41.95 -20.86 -49.97
C LYS T 310 -42.28 -21.26 -48.53
N GLY T 311 -42.06 -20.38 -47.57
CA GLY T 311 -42.12 -20.74 -46.17
C GLY T 311 -40.82 -20.64 -45.40
N ASN T 312 -39.71 -20.23 -46.04
CA ASN T 312 -38.48 -19.96 -45.30
C ASN T 312 -38.72 -18.86 -44.27
N VAL T 313 -38.14 -19.03 -43.07
CA VAL T 313 -38.15 -17.94 -42.10
C VAL T 313 -37.20 -16.85 -42.58
N ILE T 314 -37.70 -15.61 -42.62
CA ILE T 314 -36.84 -14.44 -42.86
C ILE T 314 -36.67 -13.73 -41.52
N ASN T 315 -35.46 -13.77 -40.96
CA ASN T 315 -35.21 -13.17 -39.66
C ASN T 315 -35.43 -11.66 -39.69
N THR T 316 -35.89 -11.12 -38.57
CA THR T 316 -35.89 -9.70 -38.26
C THR T 316 -35.00 -9.46 -37.03
N TRP T 317 -34.86 -8.20 -36.64
CA TRP T 317 -34.14 -7.93 -35.41
C TRP T 317 -34.79 -8.61 -34.22
N ALA T 318 -36.10 -8.88 -34.30
CA ALA T 318 -36.76 -9.61 -33.22
C ALA T 318 -36.19 -11.02 -33.07
N ASP T 319 -35.84 -11.66 -34.19
CA ASP T 319 -35.26 -13.01 -34.11
C ASP T 319 -33.85 -12.99 -33.56
N ILE T 320 -33.08 -11.91 -33.81
CA ILE T 320 -31.76 -11.78 -33.20
C ILE T 320 -31.88 -11.60 -31.70
N ILE T 321 -32.85 -10.77 -31.25
CA ILE T 321 -33.12 -10.67 -29.81
C ILE T 321 -33.38 -12.05 -29.24
N ASN T 322 -34.19 -12.86 -29.94
CA ASN T 322 -34.53 -14.20 -29.47
C ASN T 322 -33.28 -15.08 -29.29
N ARG T 323 -32.30 -14.95 -30.17
CA ARG T 323 -31.07 -15.74 -30.00
C ARG T 323 -30.34 -15.34 -28.71
N ALA T 324 -30.28 -14.04 -28.41
CA ALA T 324 -29.64 -13.59 -27.17
C ALA T 324 -30.43 -14.10 -25.96
N ASN T 325 -31.76 -13.95 -25.98
CA ASN T 325 -32.60 -14.46 -24.90
C ASN T 325 -32.37 -15.95 -24.67
N LEU T 326 -32.27 -16.74 -25.77
CA LEU T 326 -32.00 -18.17 -25.62
C LEU T 326 -30.70 -18.42 -24.86
N GLY T 327 -29.63 -17.69 -25.20
CA GLY T 327 -28.37 -17.86 -24.48
C GLY T 327 -28.53 -17.64 -22.98
N MET T 328 -29.28 -16.60 -22.60
CA MET T 328 -29.57 -16.35 -21.18
C MET T 328 -30.38 -17.48 -20.58
N GLU T 329 -31.45 -17.88 -21.28
CA GLU T 329 -32.32 -18.95 -20.79
C GLU T 329 -31.54 -20.23 -20.54
N VAL T 330 -30.78 -20.69 -21.53
CA VAL T 330 -30.21 -22.03 -21.36
C VAL T 330 -29.12 -22.02 -20.27
N MET T 331 -28.51 -20.88 -19.97
CA MET T 331 -27.41 -20.85 -19.01
C MET T 331 -27.82 -20.52 -17.58
N HIS T 332 -28.91 -19.78 -17.36
CA HIS T 332 -29.20 -19.32 -16.00
C HIS T 332 -29.53 -20.50 -15.11
N GLU T 333 -29.09 -20.42 -13.84
CA GLU T 333 -29.39 -21.47 -12.85
C GLU T 333 -29.13 -22.87 -13.42
N ARG T 334 -27.88 -23.05 -13.86
CA ARG T 334 -27.47 -24.17 -14.71
C ARG T 334 -27.67 -25.53 -14.05
N ASN T 335 -27.88 -25.61 -12.75
CA ASN T 335 -28.06 -26.90 -12.09
C ASN T 335 -29.47 -27.11 -11.56
N ALA T 336 -30.38 -26.15 -11.76
CA ALA T 336 -31.67 -26.16 -11.11
C ALA T 336 -32.78 -26.85 -11.90
N HIS T 337 -32.68 -26.99 -13.22
CA HIS T 337 -33.78 -27.51 -14.03
C HIS T 337 -33.51 -28.96 -14.41
N ASN T 338 -34.51 -29.83 -14.19
CA ASN T 338 -34.45 -31.23 -14.56
C ASN T 338 -35.34 -31.58 -15.75
N PHE T 339 -36.33 -30.74 -16.04
CA PHE T 339 -37.34 -30.98 -17.04
C PHE T 339 -37.29 -29.87 -18.08
N PRO T 340 -37.82 -30.11 -19.29
CA PRO T 340 -37.40 -29.29 -20.44
C PRO T 340 -37.97 -27.88 -20.47
N LEU T 341 -39.02 -27.57 -19.71
CA LEU T 341 -39.65 -26.25 -19.77
C LEU T 341 -39.44 -25.52 -18.46
N ASP T 342 -39.06 -24.25 -18.55
CA ASP T 342 -38.92 -23.37 -17.39
C ASP T 342 -40.27 -22.69 -17.21
N LEU T 343 -41.13 -23.25 -16.35
CA LEU T 343 -42.52 -22.81 -16.23
C LEU T 343 -42.76 -21.82 -15.09
N ALA T 344 -41.75 -21.56 -14.26
CA ALA T 344 -41.74 -20.46 -13.28
C ALA T 344 -40.30 -20.24 -12.88
N GLY U 1 -16.61 35.57 -2.10
CA GLY U 1 -15.38 35.38 -2.86
C GLY U 1 -15.60 34.59 -4.13
N LEU U 2 -14.51 34.25 -4.81
CA LEU U 2 -14.60 33.39 -5.98
C LEU U 2 -14.96 31.97 -5.56
N PRO U 3 -15.90 31.34 -6.26
CA PRO U 3 -16.12 29.91 -6.05
C PRO U 3 -14.92 29.11 -6.51
N TRP U 4 -14.84 27.86 -6.04
CA TRP U 4 -13.61 27.09 -6.23
C TRP U 4 -13.30 26.86 -7.71
N TYR U 5 -14.33 26.72 -8.54
CA TYR U 5 -14.11 26.42 -9.95
C TYR U 5 -13.73 27.66 -10.75
N ARG U 6 -13.57 28.82 -10.10
CA ARG U 6 -13.18 30.05 -10.79
C ARG U 6 -11.85 30.66 -10.33
N VAL U 7 -11.08 29.98 -9.47
CA VAL U 7 -9.93 30.63 -8.82
C VAL U 7 -8.95 31.15 -9.86
N HIS U 8 -8.80 30.44 -10.98
CA HIS U 8 -7.78 30.82 -11.96
C HIS U 8 -8.20 31.99 -12.83
N THR U 9 -9.44 32.47 -12.72
CA THR U 9 -9.83 33.66 -13.48
C THR U 9 -9.08 34.93 -13.05
N VAL U 10 -8.36 34.91 -11.93
CA VAL U 10 -7.59 36.09 -11.54
C VAL U 10 -6.51 36.44 -12.55
N LEU U 11 -6.21 35.52 -13.48
CA LEU U 11 -5.18 35.70 -14.49
C LEU U 11 -5.67 36.40 -15.75
N ILE U 12 -6.98 36.59 -15.89
CA ILE U 12 -7.54 37.01 -17.18
C ILE U 12 -6.99 38.37 -17.62
N ASN U 13 -6.80 39.29 -16.70
CA ASN U 13 -6.31 40.63 -17.00
CA ASN U 13 -6.30 40.63 -17.01
C ASN U 13 -4.91 40.86 -16.42
N ASP U 14 -4.08 39.83 -16.40
CA ASP U 14 -2.76 39.88 -15.78
C ASP U 14 -1.81 39.07 -16.64
N PRO U 15 -1.33 39.65 -17.75
CA PRO U 15 -0.53 38.86 -18.69
C PRO U 15 0.72 38.25 -18.08
N GLY U 16 1.40 39.00 -17.21
CA GLY U 16 2.61 38.48 -16.60
C GLY U 16 2.36 37.27 -15.74
N ARG U 17 1.28 37.28 -14.96
CA ARG U 17 1.00 36.09 -14.16
C ARG U 17 0.40 34.97 -14.98
N LEU U 18 -0.26 35.31 -16.09
CA LEU U 18 -0.69 34.27 -17.03
C LEU U 18 0.52 33.55 -17.60
N ILE U 19 1.52 34.32 -18.04
CA ILE U 19 2.78 33.73 -18.51
C ILE U 19 3.41 32.89 -17.41
N ALA U 20 3.39 33.37 -16.17
CA ALA U 20 3.93 32.60 -15.04
C ALA U 20 3.21 31.26 -14.90
N ALA U 21 1.88 31.29 -14.98
CA ALA U 21 1.10 30.07 -14.83
C ALA U 21 1.34 29.13 -16.00
N HIS U 22 1.46 29.68 -17.21
CA HIS U 22 1.77 28.85 -18.37
C HIS U 22 3.18 28.27 -18.25
N LEU U 23 4.13 29.05 -17.72
CA LEU U 23 5.46 28.53 -17.46
C LEU U 23 5.43 27.37 -16.47
N MET U 24 4.65 27.52 -15.40
CA MET U 24 4.56 26.45 -14.41
C MET U 24 3.95 25.18 -15.02
N HIS U 25 2.88 25.35 -15.81
CA HIS U 25 2.32 24.20 -16.52
C HIS U 25 3.37 23.55 -17.42
N THR U 26 4.12 24.37 -18.16
CA THR U 26 5.14 23.80 -19.04
C THR U 26 6.22 23.07 -18.24
N ALA U 27 6.61 23.63 -17.09
CA ALA U 27 7.57 22.97 -16.22
C ALA U 27 7.03 21.63 -15.74
N LEU U 28 5.76 21.58 -15.36
CA LEU U 28 5.18 20.34 -14.89
C LEU U 28 5.15 19.28 -16.00
N VAL U 29 4.78 19.69 -17.22
CA VAL U 29 4.71 18.71 -18.30
C VAL U 29 6.10 18.21 -18.66
N ALA U 30 7.08 19.10 -18.75
CA ALA U 30 8.45 18.67 -19.05
C ALA U 30 9.00 17.77 -17.95
N GLY U 31 8.67 18.08 -16.70
CA GLY U 31 9.12 17.23 -15.60
C GLY U 31 8.46 15.87 -15.61
N TRP U 32 7.17 15.82 -15.99
CA TRP U 32 6.50 14.53 -16.18
C TRP U 32 7.24 13.70 -17.23
N ALA U 33 7.59 14.33 -18.34
CA ALA U 33 8.25 13.61 -19.43
C ALA U 33 9.59 13.02 -18.96
N GLY U 34 10.39 13.83 -18.25
CA GLY U 34 11.65 13.33 -17.72
C GLY U 34 11.45 12.21 -16.71
N SER U 35 10.53 12.41 -15.77
CA SER U 35 10.21 11.40 -14.75
C SER U 35 9.74 10.10 -15.39
N MET U 36 8.82 10.23 -16.36
CA MET U 36 8.29 9.04 -17.03
C MET U 36 9.39 8.29 -17.74
N ALA U 37 10.28 8.99 -18.43
CA ALA U 37 11.37 8.33 -19.11
C ALA U 37 12.30 7.60 -18.13
N LEU U 38 12.59 8.22 -16.98
CA LEU U 38 13.46 7.61 -15.99
C LEU U 38 12.83 6.37 -15.38
N TYR U 39 11.52 6.43 -15.08
CA TYR U 39 10.81 5.25 -14.60
C TYR U 39 10.86 4.13 -15.62
N GLU U 40 10.63 4.46 -16.90
CA GLU U 40 10.67 3.42 -17.92
C GLU U 40 12.07 2.82 -18.04
N LEU U 41 13.11 3.66 -18.01
CA LEU U 41 14.47 3.13 -18.06
C LEU U 41 14.78 2.24 -16.86
N ALA U 42 14.22 2.56 -15.69
CA ALA U 42 14.44 1.72 -14.51
C ALA U 42 13.70 0.39 -14.58
N THR U 43 12.74 0.25 -15.49
CA THR U 43 11.94 -0.96 -15.57
C THR U 43 12.10 -1.70 -16.90
N PHE U 44 12.61 -1.04 -17.94
CA PHE U 44 12.67 -1.65 -19.27
C PHE U 44 13.79 -2.68 -19.35
N ASP U 45 13.45 -3.86 -19.90
CA ASP U 45 14.41 -4.92 -20.14
C ASP U 45 14.79 -4.91 -21.61
N PRO U 46 16.00 -4.51 -21.98
CA PRO U 46 16.38 -4.41 -23.40
C PRO U 46 16.91 -5.69 -24.03
N SER U 47 16.84 -6.84 -23.35
CA SER U 47 17.57 -8.02 -23.82
C SER U 47 16.85 -8.78 -24.93
N ASP U 48 15.63 -8.41 -25.32
CA ASP U 48 15.05 -9.21 -26.39
C ASP U 48 14.03 -8.40 -27.19
N PRO U 49 14.47 -7.65 -28.20
CA PRO U 49 13.51 -6.91 -29.04
C PRO U 49 12.63 -7.82 -29.90
N VAL U 50 12.90 -9.13 -29.95
CA VAL U 50 12.07 -10.01 -30.77
C VAL U 50 10.80 -10.39 -30.04
N LEU U 51 10.92 -11.00 -28.85
CA LEU U 51 9.73 -11.45 -28.14
C LEU U 51 9.43 -10.64 -26.89
N ASN U 52 10.29 -9.71 -26.49
CA ASN U 52 9.97 -8.80 -25.39
C ASN U 52 10.29 -7.36 -25.78
N PRO U 53 9.72 -6.86 -26.88
CA PRO U 53 9.94 -5.46 -27.24
C PRO U 53 9.23 -4.53 -26.26
N MET U 54 9.52 -3.23 -26.43
CA MET U 54 9.00 -2.21 -25.53
C MET U 54 7.48 -2.26 -25.38
N TRP U 55 6.76 -2.61 -26.46
CA TRP U 55 5.30 -2.52 -26.36
C TRP U 55 4.68 -3.67 -25.58
N ARG U 56 5.44 -4.74 -25.30
CA ARG U 56 5.00 -5.78 -24.38
C ARG U 56 5.23 -5.38 -22.93
N GLN U 57 6.01 -4.34 -22.69
CA GLN U 57 6.46 -3.98 -21.35
C GLN U 57 5.76 -2.75 -20.81
N GLY U 58 4.67 -2.30 -21.44
CA GLY U 58 3.97 -1.14 -20.91
C GLY U 58 4.70 0.17 -21.11
N MET U 59 5.59 0.24 -22.10
CA MET U 59 6.39 1.44 -22.32
C MET U 59 5.56 2.44 -23.13
N PHE U 60 5.48 3.67 -22.63
CA PHE U 60 4.66 4.72 -23.22
C PHE U 60 5.46 5.85 -23.84
N VAL U 61 6.51 6.35 -23.18
CA VAL U 61 7.32 7.41 -23.81
C VAL U 61 8.53 6.86 -24.57
N LEU U 62 9.06 5.69 -24.19
CA LEU U 62 10.14 5.09 -24.98
C LEU U 62 9.86 5.04 -26.49
N PRO U 63 8.67 4.61 -26.95
CA PRO U 63 8.44 4.62 -28.41
C PRO U 63 8.46 6.01 -29.02
N PHE U 64 8.12 7.05 -28.27
CA PHE U 64 8.15 8.41 -28.82
C PHE U 64 9.59 8.91 -28.96
N MET U 65 10.47 8.53 -28.03
CA MET U 65 11.88 8.84 -28.24
C MET U 65 12.43 8.08 -29.44
N ALA U 66 12.10 6.79 -29.56
CA ALA U 66 12.60 6.00 -30.68
C ALA U 66 12.07 6.50 -32.03
N ARG U 67 10.82 6.98 -32.05
CA ARG U 67 10.21 7.41 -33.31
C ARG U 67 11.04 8.48 -34.00
N LEU U 68 11.65 9.38 -33.24
CA LEU U 68 12.37 10.50 -33.79
C LEU U 68 13.88 10.34 -33.75
N GLY U 69 14.38 9.14 -33.43
CA GLY U 69 15.79 8.82 -33.60
C GLY U 69 16.56 8.50 -32.33
N VAL U 70 15.96 8.56 -31.14
CA VAL U 70 16.66 8.20 -29.92
C VAL U 70 16.46 6.71 -29.68
N THR U 71 17.52 5.92 -29.90
CA THR U 71 17.45 4.47 -29.87
C THR U 71 18.42 3.80 -28.92
N GLY U 72 19.35 4.54 -28.31
CA GLY U 72 20.38 3.89 -27.51
C GLY U 72 20.46 4.34 -26.08
N SER U 73 21.11 3.54 -25.24
CA SER U 73 21.35 3.87 -23.86
C SER U 73 22.82 4.16 -23.65
N TRP U 74 23.11 5.08 -22.72
CA TRP U 74 24.48 5.27 -22.28
C TRP U 74 25.09 3.96 -21.79
N SER U 75 24.25 3.03 -21.32
CA SER U 75 24.76 1.76 -20.83
CA SER U 75 24.71 1.74 -20.84
C SER U 75 25.17 0.82 -21.96
N GLY U 76 24.99 1.20 -23.22
CA GLY U 76 25.55 0.46 -24.33
C GLY U 76 24.57 -0.30 -25.21
N TRP U 77 23.30 -0.46 -24.81
CA TRP U 77 22.37 -1.21 -25.64
C TRP U 77 21.61 -0.27 -26.58
N SER U 78 20.95 -0.86 -27.57
CA SER U 78 20.02 -0.14 -28.44
C SER U 78 18.73 -0.92 -28.54
N ILE U 79 17.63 -0.23 -28.87
CA ILE U 79 16.33 -0.90 -28.98
C ILE U 79 16.25 -1.81 -30.19
N THR U 80 17.16 -1.68 -31.15
CA THR U 80 17.20 -2.64 -32.25
C THR U 80 18.03 -3.87 -31.89
N GLY U 81 18.59 -3.94 -30.69
CA GLY U 81 19.30 -5.11 -30.25
C GLY U 81 20.80 -5.10 -30.51
N GLU U 82 21.37 -3.96 -30.90
CA GLU U 82 22.80 -3.90 -31.12
C GLU U 82 23.54 -3.68 -29.80
N THR U 83 24.82 -4.06 -29.80
CA THR U 83 25.70 -3.90 -28.66
C THR U 83 26.83 -2.93 -29.01
N GLY U 84 27.41 -2.35 -27.96
CA GLY U 84 28.56 -1.48 -28.12
C GLY U 84 28.34 -0.27 -28.99
N ILE U 85 27.11 0.24 -29.05
CA ILE U 85 26.83 1.46 -29.81
C ILE U 85 27.05 2.64 -28.88
N ASP U 86 27.48 3.76 -29.45
CA ASP U 86 27.62 4.98 -28.66
C ASP U 86 26.59 5.99 -29.14
N PRO U 87 25.53 6.24 -28.37
CA PRO U 87 24.50 7.19 -28.80
C PRO U 87 24.88 8.64 -28.58
N GLY U 88 26.07 8.91 -28.04
CA GLY U 88 26.39 10.28 -27.68
C GLY U 88 25.56 10.73 -26.50
N PHE U 89 25.42 12.05 -26.38
CA PHE U 89 24.61 12.54 -25.26
C PHE U 89 23.14 12.19 -25.42
N TRP U 90 22.62 12.17 -26.65
CA TRP U 90 21.17 12.05 -26.85
C TRP U 90 20.73 10.58 -26.81
N SER U 91 21.05 9.93 -25.70
CA SER U 91 20.47 8.65 -25.34
C SER U 91 19.11 8.86 -24.68
N PHE U 92 18.41 7.77 -24.36
CA PHE U 92 17.19 7.91 -23.56
C PHE U 92 17.47 8.67 -22.26
N GLU U 93 18.62 8.38 -21.63
CA GLU U 93 18.95 9.08 -20.38
C GLU U 93 19.22 10.56 -20.62
N GLY U 94 19.93 10.90 -21.69
CA GLY U 94 20.20 12.31 -21.97
C GLY U 94 18.92 13.09 -22.23
N VAL U 95 17.99 12.47 -22.95
CA VAL U 95 16.69 13.10 -23.19
C VAL U 95 15.98 13.35 -21.87
N ALA U 96 15.96 12.34 -21.00
CA ALA U 96 15.31 12.50 -19.71
C ALA U 96 15.95 13.62 -18.90
N LEU U 97 17.29 13.62 -18.84
CA LEU U 97 18.02 14.66 -18.11
C LEU U 97 17.70 16.04 -18.66
N ALA U 98 17.71 16.19 -20.00
CA ALA U 98 17.41 17.48 -20.61
C ALA U 98 16.02 17.96 -20.21
N HIS U 99 15.05 17.06 -20.13
CA HIS U 99 13.69 17.48 -19.77
C HIS U 99 13.60 17.90 -18.32
N ILE U 100 14.34 17.23 -17.43
CA ILE U 100 14.37 17.61 -16.02
C ILE U 100 14.99 18.99 -15.85
N VAL U 101 16.09 19.25 -16.55
CA VAL U 101 16.74 20.55 -16.45
C VAL U 101 15.82 21.63 -17.00
N LEU U 102 15.21 21.39 -18.16
CA LEU U 102 14.24 22.34 -18.71
C LEU U 102 13.14 22.64 -17.69
N SER U 103 12.61 21.59 -17.06
CA SER U 103 11.59 21.77 -16.02
C SER U 103 12.04 22.76 -14.96
N GLY U 104 13.26 22.58 -14.43
CA GLY U 104 13.75 23.47 -13.40
C GLY U 104 13.90 24.91 -13.89
N LEU U 105 14.45 25.08 -15.10
CA LEU U 105 14.61 26.43 -15.63
C LEU U 105 13.26 27.12 -15.84
N LEU U 106 12.27 26.36 -16.32
CA LEU U 106 10.93 26.92 -16.51
C LEU U 106 10.30 27.27 -15.18
N PHE U 107 10.54 26.44 -14.15
CA PHE U 107 10.05 26.73 -12.81
C PHE U 107 10.60 28.05 -12.30
N LEU U 108 11.91 28.25 -12.46
CA LEU U 108 12.52 29.50 -12.01
C LEU U 108 12.00 30.69 -12.81
N ALA U 109 11.83 30.52 -14.12
CA ALA U 109 11.23 31.60 -14.92
C ALA U 109 9.82 31.93 -14.44
N ALA U 110 9.04 30.90 -14.08
CA ALA U 110 7.68 31.15 -13.60
C ALA U 110 7.70 32.02 -12.34
N CYS U 111 8.64 31.75 -11.42
CA CYS U 111 8.77 32.59 -10.23
C CYS U 111 9.05 34.04 -10.61
N TRP U 112 9.99 34.24 -11.53
CA TRP U 112 10.34 35.61 -11.90
C TRP U 112 9.13 36.35 -12.46
N HIS U 113 8.41 35.71 -13.38
CA HIS U 113 7.28 36.38 -14.01
C HIS U 113 6.12 36.57 -13.03
N TRP U 114 6.01 35.70 -12.02
CA TRP U 114 4.98 35.89 -11.01
C TRP U 114 5.27 37.11 -10.15
N VAL U 115 6.54 37.29 -9.76
CA VAL U 115 6.91 38.42 -8.91
C VAL U 115 6.90 39.72 -9.70
N TYR U 116 7.50 39.71 -10.88
CA TYR U 116 7.56 40.92 -11.72
C TYR U 116 6.45 40.93 -12.77
N TRP U 117 5.22 40.83 -12.27
CA TRP U 117 4.07 40.76 -13.16
C TRP U 117 3.80 42.11 -13.82
N ASP U 118 4.19 43.22 -13.20
CA ASP U 118 3.76 44.54 -13.67
C ASP U 118 4.80 45.15 -14.61
N LEU U 119 4.95 44.52 -15.76
CA LEU U 119 5.87 45.01 -16.78
C LEU U 119 5.17 45.99 -17.71
N GLU U 120 5.90 47.04 -18.10
CA GLU U 120 5.34 48.03 -19.02
C GLU U 120 4.95 47.40 -20.35
N LEU U 121 5.65 46.34 -20.76
CA LEU U 121 5.34 45.64 -21.99
C LEU U 121 3.88 45.19 -22.05
N PHE U 122 3.28 44.89 -20.90
CA PHE U 122 1.91 44.38 -20.84
C PHE U 122 0.86 45.48 -20.76
N ARG U 123 1.25 46.75 -20.78
CA ARG U 123 0.32 47.87 -20.70
C ARG U 123 0.09 48.46 -22.09
N ASP U 124 -1.16 48.73 -22.40
CA ASP U 124 -1.51 49.50 -23.59
C ASP U 124 -0.93 50.91 -23.44
N PRO U 125 -0.11 51.37 -24.39
CA PRO U 125 0.50 52.71 -24.22
C PRO U 125 -0.52 53.83 -24.10
N ARG U 126 -1.61 53.76 -24.87
CA ARG U 126 -2.62 54.81 -24.82
C ARG U 126 -3.33 54.82 -23.46
N THR U 127 -3.97 53.70 -23.11
CA THR U 127 -4.85 53.68 -21.94
C THR U 127 -4.12 53.38 -20.64
N GLY U 128 -2.91 52.83 -20.71
CA GLY U 128 -2.23 52.40 -19.50
C GLY U 128 -2.81 51.17 -18.84
N GLU U 129 -3.75 50.51 -19.48
CA GLU U 129 -4.38 49.32 -18.91
C GLU U 129 -3.70 48.06 -19.43
N PRO U 130 -3.78 46.95 -18.70
CA PRO U 130 -3.24 45.68 -19.21
C PRO U 130 -3.88 45.34 -20.56
N ALA U 131 -3.05 44.93 -21.51
CA ALA U 131 -3.54 44.67 -22.86
C ALA U 131 -2.57 43.78 -23.62
N LEU U 132 -3.12 42.81 -24.36
CA LEU U 132 -2.36 41.98 -25.28
C LEU U 132 -2.95 42.15 -26.67
N ASP U 133 -2.11 42.44 -27.65
CA ASP U 133 -2.57 42.55 -29.04
C ASP U 133 -2.62 41.14 -29.61
N LEU U 134 -3.72 40.45 -29.32
CA LEU U 134 -3.83 39.04 -29.69
C LEU U 134 -3.73 38.77 -31.19
N PRO U 135 -4.27 39.58 -32.10
CA PRO U 135 -4.05 39.30 -33.52
C PRO U 135 -2.57 39.31 -33.90
N LYS U 136 -1.77 40.24 -33.38
CA LYS U 136 -0.36 40.24 -33.78
C LYS U 136 0.42 39.13 -33.08
N MET U 137 0.08 38.84 -31.83
CA MET U 137 0.69 37.70 -31.16
C MET U 137 0.47 36.42 -31.96
N PHE U 138 -0.73 36.28 -32.55
CA PHE U 138 -0.98 35.08 -33.34
C PHE U 138 -0.05 35.01 -34.55
N GLY U 139 0.16 36.14 -35.22
CA GLY U 139 1.07 36.13 -36.35
C GLY U 139 2.51 35.81 -35.95
N ILE U 140 2.97 36.37 -34.83
CA ILE U 140 4.32 36.08 -34.36
C ILE U 140 4.46 34.60 -34.06
N HIS U 141 3.53 34.05 -33.29
CA HIS U 141 3.61 32.64 -32.90
C HIS U 141 3.42 31.73 -34.10
N LEU U 142 2.56 32.11 -35.07
CA LEU U 142 2.38 31.29 -36.26
C LEU U 142 3.64 31.27 -37.12
N PHE U 143 4.28 32.43 -37.27
CA PHE U 143 5.56 32.49 -37.97
C PHE U 143 6.60 31.61 -37.30
N LEU U 144 6.71 31.71 -35.96
CA LEU U 144 7.63 30.85 -35.22
C LEU U 144 7.29 29.38 -35.40
N ALA U 145 6.01 29.03 -35.29
CA ALA U 145 5.58 27.65 -35.48
C ALA U 145 5.94 27.16 -36.87
N GLY U 146 5.76 28.02 -37.89
CA GLY U 146 6.12 27.62 -39.24
C GLY U 146 7.60 27.35 -39.40
N LEU U 147 8.44 28.25 -38.86
CA LEU U 147 9.89 28.07 -38.97
CA LEU U 147 9.88 28.06 -38.98
C LEU U 147 10.31 26.75 -38.32
N LEU U 148 9.80 26.48 -37.13
CA LEU U 148 10.14 25.24 -36.43
C LEU U 148 9.61 24.02 -37.19
N CYS U 149 8.37 24.09 -37.67
CA CYS U 149 7.79 23.01 -38.48
C CYS U 149 8.64 22.73 -39.71
N PHE U 150 8.99 23.80 -40.45
CA PHE U 150 9.80 23.64 -41.65
C PHE U 150 11.16 23.01 -41.32
N GLY U 151 11.83 23.51 -40.28
CA GLY U 151 13.13 22.98 -39.93
C GLY U 151 13.08 21.53 -39.48
N PHE U 152 12.02 21.17 -38.75
CA PHE U 152 11.84 19.77 -38.36
C PHE U 152 11.80 18.87 -39.58
N GLY U 153 11.04 19.27 -40.60
CA GLY U 153 10.93 18.45 -41.79
C GLY U 153 12.18 18.49 -42.66
N ALA U 154 12.72 19.69 -42.88
CA ALA U 154 13.80 19.83 -43.86
C ALA U 154 15.15 19.35 -43.35
N PHE U 155 15.39 19.38 -42.04
CA PHE U 155 16.68 18.99 -41.48
C PHE U 155 16.62 17.70 -40.66
N HIS U 156 15.70 17.60 -39.71
CA HIS U 156 15.67 16.44 -38.83
C HIS U 156 15.17 15.21 -39.58
N LEU U 157 13.97 15.29 -40.17
CA LEU U 157 13.37 14.10 -40.77
C LEU U 157 14.12 13.63 -42.01
N THR U 158 14.67 14.57 -42.79
CA THR U 158 15.45 14.20 -43.96
C THR U 158 16.81 13.62 -43.62
N GLY U 159 17.27 13.77 -42.38
CA GLY U 159 18.65 13.46 -42.05
C GLY U 159 19.67 14.46 -42.57
N LEU U 160 19.21 15.56 -43.19
CA LEU U 160 20.15 16.58 -43.63
C LEU U 160 20.89 17.20 -42.44
N PHE U 161 20.21 17.36 -41.32
CA PHE U 161 20.86 17.78 -40.09
C PHE U 161 20.01 17.23 -38.95
N GLY U 162 20.22 15.96 -38.62
CA GLY U 162 19.37 15.25 -37.70
C GLY U 162 19.30 13.78 -38.05
N PRO U 163 18.57 13.01 -37.26
CA PRO U 163 18.67 11.55 -37.34
C PRO U 163 17.68 10.89 -38.31
N GLY U 164 16.63 11.60 -38.70
CA GLY U 164 15.60 10.97 -39.51
C GLY U 164 14.46 10.48 -38.64
N MET U 165 13.80 9.39 -39.03
CA MET U 165 12.67 8.89 -38.25
C MET U 165 12.60 7.38 -38.40
N TRP U 166 11.85 6.75 -37.49
CA TRP U 166 11.65 5.31 -37.54
C TRP U 166 10.87 4.90 -38.78
N VAL U 167 11.39 3.91 -39.51
CA VAL U 167 10.72 3.32 -40.68
C VAL U 167 10.89 1.81 -40.62
N SER U 168 10.04 1.08 -41.34
CA SER U 168 10.13 -0.37 -41.29
C SER U 168 9.58 -0.98 -42.58
N ASP U 169 9.73 -2.29 -42.68
CA ASP U 169 9.10 -3.06 -43.75
C ASP U 169 7.62 -3.25 -43.44
N PRO U 170 6.82 -3.73 -44.39
CA PRO U 170 5.37 -3.84 -44.14
C PRO U 170 4.99 -4.78 -42.99
N TYR U 171 5.88 -5.64 -42.53
CA TYR U 171 5.56 -6.58 -41.46
C TYR U 171 6.32 -6.29 -40.18
N GLY U 172 6.93 -5.11 -40.07
CA GLY U 172 7.51 -4.68 -38.81
C GLY U 172 8.61 -5.60 -38.30
N LEU U 173 9.47 -6.06 -39.20
CA LEU U 173 10.54 -6.99 -38.86
C LEU U 173 11.91 -6.33 -38.79
N THR U 174 12.12 -5.25 -39.53
CA THR U 174 13.45 -4.69 -39.74
C THR U 174 13.48 -3.20 -39.46
N GLY U 175 12.74 -2.73 -38.44
CA GLY U 175 12.66 -1.31 -38.20
C GLY U 175 13.98 -0.71 -37.77
N SER U 176 14.17 0.56 -38.13
CA SER U 176 15.34 1.33 -37.73
C SER U 176 15.05 2.79 -38.04
N VAL U 177 15.91 3.66 -37.52
CA VAL U 177 15.82 5.08 -37.80
C VAL U 177 16.60 5.37 -39.08
N GLN U 178 15.96 6.06 -40.02
CA GLN U 178 16.55 6.33 -41.32
C GLN U 178 16.21 7.76 -41.74
N PRO U 179 17.07 8.39 -42.53
CA PRO U 179 16.67 9.63 -43.20
C PRO U 179 15.56 9.34 -44.20
N VAL U 180 14.61 10.28 -44.33
CA VAL U 180 13.47 10.10 -45.21
C VAL U 180 13.34 11.33 -46.10
N ALA U 181 13.35 11.11 -47.43
CA ALA U 181 13.15 12.16 -48.43
C ALA U 181 11.67 12.50 -48.56
N PRO U 182 11.35 13.76 -48.86
CA PRO U 182 9.93 14.13 -49.04
C PRO U 182 9.35 13.49 -50.29
N GLU U 183 8.08 13.10 -50.18
CA GLU U 183 7.31 12.58 -51.32
C GLU U 183 6.38 13.70 -51.77
N TRP U 184 6.59 14.19 -52.99
CA TRP U 184 5.87 15.35 -53.51
C TRP U 184 4.74 14.99 -54.45
N GLY U 185 4.50 13.70 -54.72
CA GLY U 185 3.37 13.26 -55.51
C GLY U 185 2.17 12.95 -54.64
N PRO U 186 1.09 12.44 -55.23
CA PRO U 186 -0.12 12.17 -54.44
C PRO U 186 0.07 11.12 -53.36
N ASP U 187 1.07 10.24 -53.46
CA ASP U 187 1.32 9.27 -52.40
C ASP U 187 1.88 9.91 -51.14
N GLY U 188 2.20 11.20 -51.16
CA GLY U 188 2.55 11.90 -49.93
C GLY U 188 1.38 12.05 -48.98
N PHE U 189 0.14 11.85 -49.45
CA PHE U 189 -1.04 11.89 -48.62
C PHE U 189 -1.51 10.50 -48.20
N ASN U 190 -0.76 9.48 -48.56
CA ASN U 190 -0.97 8.15 -48.05
C ASN U 190 -0.46 8.10 -46.62
N PRO U 191 -1.32 7.83 -45.63
CA PRO U 191 -0.84 7.85 -44.24
C PRO U 191 0.29 6.87 -43.96
N TYR U 192 0.46 5.84 -44.77
CA TYR U 192 1.51 4.86 -44.52
C TYR U 192 2.83 5.20 -45.20
N ASN U 193 2.90 6.31 -45.95
CA ASN U 193 4.13 6.71 -46.62
C ASN U 193 4.90 7.69 -45.75
N PRO U 194 6.08 7.32 -45.22
CA PRO U 194 6.85 8.27 -44.39
C PRO U 194 7.28 9.53 -45.13
N GLY U 195 7.57 9.42 -46.44
CA GLY U 195 7.90 10.62 -47.19
C GLY U 195 6.82 11.67 -47.16
N GLY U 196 5.56 11.25 -46.98
CA GLY U 196 4.49 12.22 -46.84
C GLY U 196 4.59 13.02 -45.56
N VAL U 197 5.09 12.39 -44.49
CA VAL U 197 5.30 13.12 -43.24
C VAL U 197 6.35 14.21 -43.43
N VAL U 198 7.43 13.89 -44.14
CA VAL U 198 8.49 14.88 -44.39
C VAL U 198 7.93 16.03 -45.24
N ALA U 199 7.26 15.69 -46.35
CA ALA U 199 6.73 16.71 -47.25
C ALA U 199 5.73 17.60 -46.52
N HIS U 200 4.88 17.02 -45.67
CA HIS U 200 3.95 17.83 -44.89
C HIS U 200 4.67 18.90 -44.10
N HIS U 201 5.72 18.53 -43.37
CA HIS U 201 6.33 19.52 -42.49
C HIS U 201 7.07 20.59 -43.27
N ILE U 202 7.62 20.23 -44.43
CA ILE U 202 8.24 21.23 -45.30
C ILE U 202 7.18 22.19 -45.84
N ALA U 203 6.10 21.64 -46.39
CA ALA U 203 5.11 22.47 -47.07
C ALA U 203 4.24 23.25 -46.08
N ALA U 204 3.73 22.57 -45.05
CA ALA U 204 2.95 23.28 -44.03
C ALA U 204 3.80 24.29 -43.29
N GLY U 205 5.10 23.99 -43.10
CA GLY U 205 5.98 24.96 -42.46
C GLY U 205 6.09 26.25 -43.26
N ILE U 206 6.29 26.12 -44.58
CA ILE U 206 6.35 27.28 -45.45
C ILE U 206 5.04 28.05 -45.42
N VAL U 207 3.91 27.34 -45.48
CA VAL U 207 2.61 28.01 -45.41
C VAL U 207 2.44 28.72 -44.07
N GLY U 208 2.92 28.10 -42.99
CA GLY U 208 2.85 28.75 -41.69
C GLY U 208 3.70 30.01 -41.60
N ILE U 209 4.87 29.99 -42.26
CA ILE U 209 5.70 31.19 -42.31
C ILE U 209 4.98 32.29 -43.07
N ILE U 210 4.41 31.94 -44.22
CA ILE U 210 3.73 32.92 -45.06
C ILE U 210 2.49 33.46 -44.36
N ALA U 211 1.65 32.57 -43.82
CA ALA U 211 0.47 33.05 -43.11
C ALA U 211 0.85 33.80 -41.84
N GLY U 212 1.92 33.37 -41.17
CA GLY U 212 2.40 34.13 -40.02
C GLY U 212 2.77 35.56 -40.39
N LEU U 213 3.48 35.74 -41.49
CA LEU U 213 3.81 37.09 -41.95
C LEU U 213 2.54 37.88 -42.24
N PHE U 214 1.57 37.25 -42.90
CA PHE U 214 0.28 37.91 -43.14
C PHE U 214 -0.33 38.39 -41.84
N HIS U 215 -0.38 37.51 -40.83
CA HIS U 215 -1.04 37.85 -39.59
C HIS U 215 -0.24 38.84 -38.76
N ILE U 216 1.06 38.99 -39.03
CA ILE U 216 1.83 40.04 -38.38
C ILE U 216 1.53 41.39 -39.02
N LEU U 217 1.32 41.40 -40.34
CA LEU U 217 1.30 42.63 -41.12
C LEU U 217 -0.10 43.17 -41.42
N VAL U 218 -1.13 42.32 -41.44
CA VAL U 218 -2.48 42.73 -41.84
C VAL U 218 -3.40 42.66 -40.64
N ARG U 219 -4.07 43.77 -40.32
CA ARG U 219 -4.96 43.82 -39.17
C ARG U 219 -6.27 43.07 -39.48
N PRO U 220 -6.93 42.55 -38.45
CA PRO U 220 -8.21 41.88 -38.68
C PRO U 220 -9.22 42.83 -39.22
N PRO U 221 -10.17 42.36 -40.05
CA PRO U 221 -11.32 43.19 -40.42
C PRO U 221 -12.11 43.57 -39.18
N GLN U 222 -12.60 44.81 -39.16
CA GLN U 222 -13.51 45.24 -38.10
C GLN U 222 -14.63 44.22 -37.89
N ARG U 223 -15.24 43.76 -38.98
CA ARG U 223 -16.33 42.77 -38.90
C ARG U 223 -15.92 41.51 -38.14
N LEU U 224 -14.71 40.99 -38.41
CA LEU U 224 -14.32 39.75 -37.74
C LEU U 224 -13.85 40.03 -36.32
N TYR U 225 -13.15 41.15 -36.12
CA TYR U 225 -12.69 41.51 -34.78
C TYR U 225 -13.86 41.56 -33.82
N LYS U 226 -14.97 42.17 -34.26
CA LYS U 226 -16.15 42.30 -33.43
C LYS U 226 -16.84 40.95 -33.27
N ALA U 227 -17.00 40.21 -34.37
CA ALA U 227 -17.76 38.96 -34.33
C ALA U 227 -17.08 37.91 -33.47
N LEU U 228 -15.75 37.82 -33.52
CA LEU U 228 -15.05 36.82 -32.74
C LEU U 228 -14.51 37.35 -31.41
N ARG U 229 -14.83 38.60 -31.06
CA ARG U 229 -14.40 39.21 -29.79
C ARG U 229 -12.89 39.16 -29.65
N MET U 230 -12.18 39.70 -30.64
CA MET U 230 -10.74 39.53 -30.66
C MET U 230 -10.01 40.34 -29.59
N GLY U 231 -10.71 41.22 -28.87
CA GLY U 231 -10.10 41.83 -27.72
C GLY U 231 -10.22 41.02 -26.45
N ASN U 232 -10.88 39.86 -26.50
CA ASN U 232 -11.16 39.04 -25.32
C ASN U 232 -10.32 37.77 -25.42
N ILE U 233 -9.38 37.60 -24.49
CA ILE U 233 -8.47 36.48 -24.56
C ILE U 233 -9.21 35.14 -24.46
N GLU U 234 -10.41 35.13 -23.89
CA GLU U 234 -11.12 33.85 -23.83
C GLU U 234 -11.56 33.37 -25.22
N THR U 235 -11.63 34.27 -26.22
CA THR U 235 -11.92 33.76 -27.56
C THR U 235 -10.76 32.91 -28.07
N VAL U 236 -9.52 33.26 -27.72
CA VAL U 236 -8.40 32.43 -28.14
C VAL U 236 -8.47 31.08 -27.46
N LEU U 237 -8.86 31.06 -26.18
CA LEU U 237 -9.00 29.79 -25.47
C LEU U 237 -10.06 28.90 -26.13
N SER U 238 -11.17 29.49 -26.59
CA SER U 238 -12.22 28.69 -27.21
CA SER U 238 -12.23 28.72 -27.22
C SER U 238 -11.74 28.03 -28.50
N SER U 239 -11.13 28.82 -29.39
CA SER U 239 -10.75 28.24 -30.66
C SER U 239 -9.49 27.39 -30.53
N SER U 240 -8.58 27.73 -29.61
CA SER U 240 -7.44 26.85 -29.36
C SER U 240 -7.89 25.48 -28.86
N ILE U 241 -8.86 25.45 -27.94
CA ILE U 241 -9.37 24.17 -27.46
C ILE U 241 -9.97 23.36 -28.61
N ALA U 242 -10.67 24.02 -29.53
CA ALA U 242 -11.24 23.32 -30.69
C ALA U 242 -10.15 22.72 -31.57
N ALA U 243 -9.12 23.53 -31.90
CA ALA U 243 -8.00 23.00 -32.68
C ALA U 243 -7.38 21.80 -31.97
N VAL U 244 -7.32 21.85 -30.64
CA VAL U 244 -6.66 20.80 -29.88
C VAL U 244 -7.50 19.53 -29.84
N PHE U 245 -8.84 19.63 -29.75
CA PHE U 245 -9.58 18.37 -29.76
C PHE U 245 -9.62 17.77 -31.15
N PHE U 246 -9.58 18.60 -32.20
CA PHE U 246 -9.39 18.09 -33.54
C PHE U 246 -8.09 17.29 -33.63
N ALA U 247 -6.99 17.87 -33.16
CA ALA U 247 -5.71 17.17 -33.19
C ALA U 247 -5.75 15.90 -32.37
N ALA U 248 -6.41 15.92 -31.21
CA ALA U 248 -6.48 14.73 -30.36
C ALA U 248 -7.27 13.61 -31.02
N PHE U 249 -8.36 13.94 -31.73
CA PHE U 249 -9.08 12.89 -32.47
C PHE U 249 -8.23 12.31 -33.58
N VAL U 250 -7.46 13.15 -34.28
CA VAL U 250 -6.64 12.65 -35.38
C VAL U 250 -5.56 11.69 -34.87
N VAL U 251 -4.86 12.03 -33.79
CA VAL U 251 -3.80 11.12 -33.31
C VAL U 251 -4.40 9.87 -32.71
N ALA U 252 -5.60 9.95 -32.13
CA ALA U 252 -6.25 8.72 -31.68
C ALA U 252 -6.54 7.82 -32.88
N GLY U 253 -7.02 8.40 -33.98
CA GLY U 253 -7.33 7.61 -35.16
C GLY U 253 -6.11 6.97 -35.80
N THR U 254 -5.03 7.76 -35.98
CA THR U 254 -3.86 7.19 -36.65
C THR U 254 -3.15 6.18 -35.75
N MET U 255 -3.29 6.32 -34.43
CA MET U 255 -2.79 5.28 -33.53
C MET U 255 -3.61 3.99 -33.68
N TRP U 256 -4.94 4.10 -33.81
CA TRP U 256 -5.74 2.88 -33.84
C TRP U 256 -5.66 2.17 -35.20
N TYR U 257 -5.69 2.92 -36.31
CA TYR U 257 -5.61 2.30 -37.63
C TYR U 257 -4.17 2.09 -38.10
N GLY U 258 -3.23 2.78 -37.50
CA GLY U 258 -1.85 2.67 -37.95
C GLY U 258 -1.53 3.70 -39.02
N SER U 259 -0.28 4.15 -38.99
CA SER U 259 0.25 5.07 -40.00
C SER U 259 1.76 4.97 -39.95
N ALA U 260 2.42 5.74 -40.83
CA ALA U 260 3.88 5.82 -40.81
C ALA U 260 4.42 6.38 -39.50
N THR U 261 3.58 7.06 -38.69
CA THR U 261 4.04 7.61 -37.42
C THR U 261 3.59 6.80 -36.22
N THR U 262 2.92 5.66 -36.40
CA THR U 262 2.60 4.77 -35.28
C THR U 262 3.07 3.36 -35.63
N PRO U 263 4.39 3.15 -35.77
CA PRO U 263 4.89 1.86 -36.26
C PRO U 263 4.68 0.73 -35.26
N ILE U 264 4.51 -0.49 -35.81
CA ILE U 264 4.12 -1.60 -34.95
C ILE U 264 5.27 -2.10 -34.07
N GLU U 265 6.53 -1.84 -34.43
CA GLU U 265 7.63 -2.22 -33.54
C GLU U 265 7.75 -1.30 -32.34
N LEU U 266 7.10 -0.14 -32.38
CA LEU U 266 7.14 0.78 -31.25
C LEU U 266 5.87 0.74 -30.40
N PHE U 267 4.70 0.56 -31.03
CA PHE U 267 3.44 0.59 -30.31
C PHE U 267 2.70 -0.74 -30.32
N GLY U 268 3.19 -1.74 -31.07
CA GLY U 268 2.51 -3.02 -31.19
C GLY U 268 1.63 -3.05 -32.42
N PRO U 269 1.19 -4.24 -32.82
CA PRO U 269 0.32 -4.36 -34.00
C PRO U 269 -1.07 -3.79 -33.75
N THR U 270 -1.84 -3.65 -34.82
CA THR U 270 -3.20 -3.11 -34.72
C THR U 270 -4.22 -4.23 -34.61
N ARG U 271 -5.42 -3.88 -34.17
CA ARG U 271 -6.49 -4.88 -34.12
C ARG U 271 -6.86 -5.35 -35.52
N TYR U 272 -6.69 -4.49 -36.53
CA TYR U 272 -7.11 -4.82 -37.88
C TYR U 272 -6.18 -5.81 -38.54
N GLN U 273 -4.92 -5.89 -38.09
CA GLN U 273 -4.03 -6.91 -38.61
C GLN U 273 -4.47 -8.31 -38.15
N TRP U 274 -5.05 -8.42 -36.95
CA TRP U 274 -5.66 -9.68 -36.55
C TRP U 274 -6.94 -9.96 -37.32
N ASP U 275 -7.83 -8.95 -37.42
CA ASP U 275 -9.10 -9.11 -38.13
C ASP U 275 -8.91 -9.71 -39.52
N SER U 276 -7.92 -9.21 -40.25
CA SER U 276 -7.71 -9.60 -41.64
C SER U 276 -6.64 -10.69 -41.79
N SER U 277 -6.14 -11.23 -40.68
CA SER U 277 -5.10 -12.27 -40.71
C SER U 277 -3.90 -11.82 -41.54
N TYR U 278 -3.55 -10.54 -41.39
CA TYR U 278 -2.49 -9.92 -42.16
C TYR U 278 -1.18 -10.68 -42.02
N PHE U 279 -0.80 -11.04 -40.79
CA PHE U 279 0.47 -11.72 -40.60
C PHE U 279 0.36 -13.20 -40.98
N GLN U 280 -0.80 -13.83 -40.71
CA GLN U 280 -0.99 -15.21 -41.11
C GLN U 280 -0.85 -15.38 -42.62
N GLN U 281 -1.35 -14.41 -43.40
CA GLN U 281 -1.24 -14.53 -44.85
C GLN U 281 0.20 -14.47 -45.32
N GLU U 282 1.00 -13.61 -44.69
CA GLU U 282 2.40 -13.48 -45.08
C GLU U 282 3.21 -14.72 -44.67
N ILE U 283 2.93 -15.26 -43.48
CA ILE U 283 3.56 -16.50 -43.04
C ILE U 283 3.24 -17.63 -44.00
N ASN U 284 1.95 -17.80 -44.34
CA ASN U 284 1.57 -18.84 -45.28
CA ASN U 284 1.57 -18.85 -45.28
C ASN U 284 2.21 -18.63 -46.64
N ARG U 285 2.36 -17.36 -47.06
CA ARG U 285 3.03 -17.09 -48.33
C ARG U 285 4.50 -17.53 -48.29
N ARG U 286 5.19 -17.25 -47.18
CA ARG U 286 6.59 -17.63 -47.09
CA ARG U 286 6.59 -17.63 -47.10
C ARG U 286 6.74 -19.15 -47.04
N VAL U 287 5.86 -19.82 -46.31
CA VAL U 287 5.93 -21.28 -46.22
C VAL U 287 5.70 -21.92 -47.59
N GLN U 288 4.71 -21.43 -48.34
CA GLN U 288 4.44 -22.00 -49.67
C GLN U 288 5.61 -21.76 -50.63
N ALA U 289 6.24 -20.58 -50.56
CA ALA U 289 7.41 -20.33 -51.40
C ALA U 289 8.57 -21.24 -51.02
N SER U 290 8.72 -21.54 -49.71
CA SER U 290 9.76 -22.47 -49.30
C SER U 290 9.46 -23.89 -49.79
N LEU U 291 8.19 -24.32 -49.69
CA LEU U 291 7.81 -25.65 -50.17
C LEU U 291 8.04 -25.77 -51.67
N ALA U 292 7.60 -24.77 -52.43
CA ALA U 292 7.75 -24.80 -53.88
C ALA U 292 9.23 -24.87 -54.27
N SER U 293 10.13 -24.35 -53.45
CA SER U 293 11.55 -24.44 -53.70
C SER U 293 12.15 -25.76 -53.22
N GLY U 294 11.33 -26.72 -52.81
CA GLY U 294 11.81 -28.02 -52.40
C GLY U 294 12.16 -28.17 -50.93
N ALA U 295 11.79 -27.21 -50.08
CA ALA U 295 12.03 -27.38 -48.65
C ALA U 295 11.10 -28.46 -48.09
N THR U 296 11.53 -29.11 -47.02
CA THR U 296 10.58 -29.94 -46.31
C THR U 296 9.65 -29.04 -45.47
N LEU U 297 8.59 -29.65 -44.92
CA LEU U 297 7.67 -28.90 -44.08
C LEU U 297 8.38 -28.35 -42.85
N GLU U 298 9.25 -29.16 -42.23
CA GLU U 298 10.03 -28.65 -41.10
C GLU U 298 10.90 -27.48 -41.53
N GLU U 299 11.51 -27.57 -42.70
CA GLU U 299 12.40 -26.51 -43.15
C GLU U 299 11.61 -25.23 -43.47
N ALA U 300 10.45 -25.37 -44.12
CA ALA U 300 9.65 -24.20 -44.49
C ALA U 300 9.22 -23.43 -43.24
N TRP U 301 8.71 -24.13 -42.24
CA TRP U 301 8.26 -23.45 -41.02
C TRP U 301 9.43 -22.96 -40.17
N SER U 302 10.53 -23.70 -40.13
CA SER U 302 11.68 -23.23 -39.36
C SER U 302 12.27 -21.94 -39.92
N ALA U 303 12.07 -21.67 -41.20
CA ALA U 303 12.54 -20.43 -41.81
C ALA U 303 11.67 -19.21 -41.44
N ILE U 304 10.53 -19.39 -40.78
CA ILE U 304 9.69 -18.27 -40.35
C ILE U 304 10.32 -17.56 -39.15
N PRO U 305 10.62 -16.27 -39.24
CA PRO U 305 11.17 -15.57 -38.08
C PRO U 305 10.22 -15.60 -36.89
N GLU U 306 10.77 -15.86 -35.70
CA GLU U 306 9.97 -15.80 -34.47
CA GLU U 306 9.93 -15.83 -34.50
C GLU U 306 9.22 -14.49 -34.35
N LYS U 307 9.83 -13.41 -34.83
CA LYS U 307 9.21 -12.10 -34.72
C LYS U 307 7.93 -12.02 -35.55
N LEU U 308 7.94 -12.62 -36.74
CA LEU U 308 6.75 -12.62 -37.59
C LEU U 308 5.65 -13.48 -36.98
N ALA U 309 6.00 -14.67 -36.48
CA ALA U 309 5.02 -15.53 -35.83
C ALA U 309 4.37 -14.85 -34.63
N PHE U 310 5.16 -14.05 -33.89
CA PHE U 310 4.66 -13.39 -32.68
C PHE U 310 3.60 -12.35 -33.01
N TYR U 311 3.70 -11.68 -34.16
CA TYR U 311 2.64 -10.76 -34.55
C TYR U 311 1.33 -11.49 -34.85
N ASP U 312 1.40 -12.78 -35.24
CA ASP U 312 0.20 -13.55 -35.58
C ASP U 312 -0.36 -14.28 -34.36
N TYR U 313 -0.49 -13.55 -33.26
CA TYR U 313 -0.94 -14.09 -31.97
C TYR U 313 -1.85 -13.05 -31.34
N ILE U 314 -3.04 -13.49 -30.87
CA ILE U 314 -4.05 -12.54 -30.43
C ILE U 314 -3.65 -11.84 -29.14
N GLY U 315 -2.70 -12.38 -28.37
CA GLY U 315 -2.30 -11.70 -27.16
C GLY U 315 -1.57 -10.39 -27.42
N ASN U 316 -1.19 -10.14 -28.66
CA ASN U 316 -0.60 -8.87 -29.03
C ASN U 316 -1.59 -7.95 -29.72
N ASN U 317 -2.82 -8.41 -29.89
CA ASN U 317 -3.92 -7.62 -30.45
C ASN U 317 -4.35 -6.58 -29.42
N PRO U 318 -4.31 -5.28 -29.75
CA PRO U 318 -4.65 -4.27 -28.73
C PRO U 318 -6.14 -4.23 -28.36
N ALA U 319 -7.00 -4.98 -29.04
CA ALA U 319 -8.43 -5.00 -28.72
C ALA U 319 -8.80 -6.19 -27.85
N LYS U 320 -7.85 -6.69 -27.05
CA LYS U 320 -8.11 -7.85 -26.19
C LYS U 320 -7.97 -7.53 -24.70
N GLY U 321 -7.81 -6.26 -24.33
CA GLY U 321 -7.53 -5.89 -22.95
C GLY U 321 -8.77 -5.57 -22.11
N GLY U 322 -8.52 -4.84 -21.02
CA GLY U 322 -9.59 -4.49 -20.09
C GLY U 322 -9.26 -3.17 -19.43
N LEU U 323 -10.31 -2.40 -19.09
CA LEU U 323 -10.10 -1.05 -18.57
C LEU U 323 -9.32 -1.04 -17.25
N PHE U 324 -9.54 -2.03 -16.38
CA PHE U 324 -8.84 -2.06 -15.09
C PHE U 324 -7.82 -3.19 -15.01
N ARG U 325 -7.50 -3.82 -16.15
CA ARG U 325 -6.40 -4.76 -16.24
C ARG U 325 -5.13 -3.94 -16.48
N THR U 326 -4.44 -3.63 -15.40
CA THR U 326 -3.38 -2.63 -15.43
C THR U 326 -2.02 -3.25 -15.77
N GLY U 327 -1.16 -2.42 -16.35
CA GLY U 327 0.24 -2.75 -16.50
C GLY U 327 0.62 -3.24 -17.88
N PRO U 328 1.81 -3.83 -17.96
CA PRO U 328 2.33 -4.29 -19.25
C PRO U 328 1.59 -5.54 -19.73
N MET U 329 1.62 -5.74 -21.04
CA MET U 329 1.08 -6.99 -21.57
C MET U 329 1.72 -8.21 -20.92
N ASN U 330 3.01 -8.12 -20.57
CA ASN U 330 3.68 -9.26 -19.94
C ASN U 330 3.01 -9.71 -18.64
N LYS U 331 2.29 -8.81 -17.98
CA LYS U 331 1.61 -9.15 -16.74
C LYS U 331 0.44 -10.09 -16.96
N GLY U 332 -0.06 -10.18 -18.19
CA GLY U 332 -1.17 -11.07 -18.50
C GLY U 332 -0.72 -12.45 -18.96
N ASP U 333 -0.44 -12.62 -20.26
CA ASP U 333 -0.04 -13.94 -20.71
C ASP U 333 1.39 -14.32 -20.28
N GLY U 334 2.20 -13.38 -19.81
CA GLY U 334 3.56 -13.68 -19.38
C GLY U 334 4.58 -13.03 -20.29
N ILE U 335 5.85 -13.25 -19.95
CA ILE U 335 6.95 -12.79 -20.80
C ILE U 335 7.23 -13.86 -21.83
N ALA U 336 7.04 -13.53 -23.10
CA ALA U 336 7.21 -14.51 -24.17
C ALA U 336 8.67 -14.92 -24.26
N GLN U 337 8.90 -16.23 -24.35
CA GLN U 337 10.24 -16.82 -24.35
C GLN U 337 10.66 -17.37 -25.70
N ALA U 338 9.75 -18.07 -26.38
CA ALA U 338 10.10 -18.78 -27.59
C ALA U 338 8.82 -19.17 -28.32
N TRP U 339 8.90 -19.20 -29.64
CA TRP U 339 7.87 -19.81 -30.47
C TRP U 339 7.92 -21.32 -30.29
N LYS U 340 6.78 -21.94 -30.04
CA LYS U 340 6.75 -23.40 -29.96
C LYS U 340 6.77 -24.06 -31.32
N GLY U 341 6.57 -23.32 -32.40
CA GLY U 341 6.41 -23.87 -33.72
C GLY U 341 4.95 -23.91 -34.14
N HIS U 342 4.74 -24.16 -35.43
CA HIS U 342 3.40 -24.17 -36.00
C HIS U 342 2.73 -25.51 -35.77
N ALA U 343 1.52 -25.48 -35.21
CA ALA U 343 0.76 -26.68 -34.93
C ALA U 343 -0.10 -27.07 -36.13
N VAL U 344 0.07 -28.31 -36.58
CA VAL U 344 -0.73 -28.88 -37.67
C VAL U 344 -1.58 -29.99 -37.05
N PHE U 345 -2.89 -29.84 -37.11
CA PHE U 345 -3.81 -30.82 -36.56
C PHE U 345 -4.28 -31.76 -37.66
N ARG U 346 -4.43 -33.03 -37.32
CA ARG U 346 -4.95 -34.00 -38.27
CA ARG U 346 -4.89 -34.05 -38.27
C ARG U 346 -5.87 -34.97 -37.55
N ASN U 347 -6.83 -35.51 -38.30
CA ASN U 347 -7.71 -36.52 -37.73
C ASN U 347 -7.16 -37.92 -38.06
N LYS U 348 -7.89 -38.96 -37.64
CA LYS U 348 -7.38 -40.32 -37.76
C LYS U 348 -7.18 -40.72 -39.23
N GLU U 349 -7.94 -40.12 -40.14
CA GLU U 349 -7.77 -40.35 -41.56
C GLU U 349 -6.63 -39.56 -42.19
N GLY U 350 -5.93 -38.73 -41.41
CA GLY U 350 -4.83 -37.93 -41.94
C GLY U 350 -5.22 -36.60 -42.58
N GLU U 351 -6.50 -36.20 -42.53
CA GLU U 351 -6.87 -34.90 -43.07
C GLU U 351 -6.38 -33.78 -42.15
N GLU U 352 -5.83 -32.73 -42.75
CA GLU U 352 -5.45 -31.58 -41.93
C GLU U 352 -6.71 -30.84 -41.51
N LEU U 353 -6.76 -30.48 -40.23
CA LEU U 353 -7.85 -29.73 -39.65
C LEU U 353 -7.32 -28.39 -39.16
N PHE U 354 -8.19 -27.39 -39.16
CA PHE U 354 -7.81 -26.02 -38.81
C PHE U 354 -8.67 -25.51 -37.66
N VAL U 355 -8.02 -24.99 -36.63
CA VAL U 355 -8.74 -24.46 -35.47
C VAL U 355 -9.35 -23.10 -35.83
N ARG U 356 -10.63 -22.94 -35.54
CA ARG U 356 -11.29 -21.65 -35.74
C ARG U 356 -10.70 -20.61 -34.79
N ARG U 357 -10.16 -19.53 -35.34
CA ARG U 357 -9.53 -18.51 -34.50
C ARG U 357 -10.57 -17.67 -33.75
N MET U 358 -10.14 -17.16 -32.60
CA MET U 358 -10.96 -16.30 -31.74
C MET U 358 -11.06 -14.89 -32.31
N PRO U 359 -12.27 -14.36 -32.55
CA PRO U 359 -12.37 -12.93 -32.88
C PRO U 359 -12.15 -12.07 -31.65
N ALA U 360 -11.70 -10.84 -31.88
CA ALA U 360 -11.38 -9.93 -30.79
C ALA U 360 -12.58 -9.69 -29.87
N PHE U 361 -13.80 -9.79 -30.40
CA PHE U 361 -15.00 -9.51 -29.61
C PHE U 361 -15.19 -10.45 -28.41
N PHE U 362 -14.62 -11.65 -28.46
CA PHE U 362 -14.97 -12.76 -27.56
C PHE U 362 -13.94 -12.92 -26.43
N GLU U 363 -14.40 -12.74 -25.18
CA GLU U 363 -13.56 -13.05 -24.02
C GLU U 363 -13.25 -14.54 -23.95
N SER U 364 -14.17 -15.39 -24.40
CA SER U 364 -13.98 -16.83 -24.47
C SER U 364 -14.53 -17.33 -25.79
N PHE U 365 -14.09 -18.52 -26.21
CA PHE U 365 -14.48 -18.98 -27.54
C PHE U 365 -14.37 -20.49 -27.59
N PRO U 366 -15.30 -21.19 -28.27
CA PRO U 366 -15.22 -22.66 -28.34
C PRO U 366 -14.05 -23.12 -29.20
N VAL U 367 -13.75 -24.42 -29.10
CA VAL U 367 -12.67 -25.04 -29.86
C VAL U 367 -13.30 -25.91 -30.94
N ILE U 368 -13.20 -25.47 -32.19
CA ILE U 368 -13.85 -26.11 -33.32
C ILE U 368 -12.84 -26.22 -34.44
N LEU U 369 -12.73 -27.40 -35.04
CA LEU U 369 -11.75 -27.67 -36.07
C LEU U 369 -12.50 -28.06 -37.33
N THR U 370 -12.12 -27.45 -38.46
CA THR U 370 -12.75 -27.70 -39.75
C THR U 370 -11.71 -28.21 -40.73
N ASP U 371 -12.18 -28.83 -41.81
CA ASP U 371 -11.26 -29.17 -42.89
C ASP U 371 -11.03 -27.93 -43.76
N LYS U 372 -10.26 -28.11 -44.83
CA LYS U 372 -9.91 -27.01 -45.71
C LYS U 372 -11.13 -26.33 -46.33
N ASN U 373 -12.28 -27.02 -46.39
CA ASN U 373 -13.50 -26.46 -46.96
C ASN U 373 -14.48 -25.97 -45.91
N GLY U 374 -14.05 -25.85 -44.66
CA GLY U 374 -14.93 -25.34 -43.63
C GLY U 374 -15.90 -26.33 -43.03
N VAL U 375 -15.80 -27.61 -43.38
CA VAL U 375 -16.68 -28.62 -42.79
C VAL U 375 -16.16 -28.98 -41.40
N VAL U 376 -17.05 -29.00 -40.42
CA VAL U 376 -16.64 -29.30 -39.04
C VAL U 376 -16.20 -30.75 -38.95
N LYS U 377 -15.04 -30.97 -38.36
CA LYS U 377 -14.46 -32.30 -38.23
C LYS U 377 -14.16 -32.70 -36.81
N ALA U 378 -13.93 -31.76 -35.91
CA ALA U 378 -13.65 -32.08 -34.50
C ALA U 378 -13.93 -30.84 -33.66
N ASP U 379 -14.18 -31.08 -32.38
CA ASP U 379 -14.37 -29.98 -31.45
C ASP U 379 -14.15 -30.48 -30.03
N ILE U 380 -14.24 -29.57 -29.07
CA ILE U 380 -14.27 -29.94 -27.66
C ILE U 380 -15.72 -29.78 -27.20
N PRO U 381 -16.44 -30.85 -26.92
CA PRO U 381 -17.86 -30.72 -26.61
C PRO U 381 -18.06 -30.17 -25.20
N PHE U 382 -19.20 -29.48 -25.04
CA PHE U 382 -19.70 -29.06 -23.74
C PHE U 382 -20.50 -30.24 -23.19
N ARG U 383 -21.73 -30.44 -23.66
CA ARG U 383 -22.43 -31.68 -23.35
C ARG U 383 -21.73 -32.85 -24.06
N ARG U 384 -21.50 -33.94 -23.32
CA ARG U 384 -20.83 -35.10 -23.89
C ARG U 384 -21.78 -36.18 -24.43
N ALA U 385 -23.01 -36.26 -23.91
CA ALA U 385 -23.85 -37.44 -24.11
C ALA U 385 -24.20 -37.68 -25.59
N GLU U 386 -24.20 -36.65 -26.42
CA GLU U 386 -24.47 -36.85 -27.84
C GLU U 386 -23.33 -36.30 -28.69
N SER U 387 -22.13 -36.28 -28.13
CA SER U 387 -20.97 -35.80 -28.85
C SER U 387 -20.69 -36.67 -30.07
N LYS U 388 -20.37 -36.04 -31.19
CA LYS U 388 -19.97 -36.73 -32.41
C LYS U 388 -18.59 -36.35 -32.87
N TYR U 389 -18.05 -35.21 -32.42
CA TYR U 389 -16.81 -34.66 -32.96
C TYR U 389 -15.68 -34.59 -31.95
N SER U 390 -15.77 -35.32 -30.83
CA SER U 390 -14.72 -35.22 -29.81
C SER U 390 -13.38 -35.64 -30.39
N PHE U 391 -12.30 -35.08 -29.83
CA PHE U 391 -10.96 -35.46 -30.26
C PHE U 391 -10.73 -36.95 -30.10
N GLU U 392 -11.31 -37.55 -29.05
CA GLU U 392 -11.18 -38.98 -28.85
C GLU U 392 -11.87 -39.76 -29.96
N GLN U 393 -13.08 -39.35 -30.34
CA GLN U 393 -13.80 -40.04 -31.41
C GLN U 393 -13.11 -39.89 -32.76
N GLN U 394 -12.51 -38.73 -33.01
CA GLN U 394 -11.98 -38.42 -34.33
C GLN U 394 -10.49 -38.70 -34.44
N GLY U 395 -9.84 -39.15 -33.35
CA GLY U 395 -8.42 -39.47 -33.34
C GLY U 395 -7.52 -38.31 -33.72
N VAL U 396 -7.79 -37.12 -33.19
CA VAL U 396 -7.06 -35.92 -33.57
C VAL U 396 -5.65 -35.95 -32.99
N THR U 397 -4.68 -35.60 -33.82
CA THR U 397 -3.29 -35.48 -33.42
C THR U 397 -2.79 -34.09 -33.77
N VAL U 398 -1.64 -33.71 -33.21
CA VAL U 398 -1.03 -32.44 -33.56
C VAL U 398 0.47 -32.64 -33.74
N SER U 399 1.01 -32.13 -34.85
CA SER U 399 2.43 -32.14 -35.14
C SER U 399 2.94 -30.72 -35.27
N PHE U 400 4.17 -30.48 -34.81
CA PHE U 400 4.74 -29.15 -34.79
C PHE U 400 5.87 -29.04 -35.80
N TYR U 401 5.94 -27.90 -36.47
CA TYR U 401 6.96 -27.61 -37.47
C TYR U 401 7.55 -26.24 -37.16
N GLY U 402 8.87 -26.16 -37.11
CA GLY U 402 9.53 -24.96 -36.62
C GLY U 402 9.44 -24.88 -35.11
N GLY U 403 10.11 -23.87 -34.56
CA GLY U 403 10.05 -23.59 -33.13
C GLY U 403 10.60 -24.69 -32.23
N GLU U 404 10.30 -24.52 -30.94
CA GLU U 404 10.83 -25.43 -29.91
CA GLU U 404 10.87 -25.44 -29.96
C GLU U 404 10.41 -26.88 -30.17
N LEU U 405 9.17 -27.08 -30.64
CA LEU U 405 8.62 -28.43 -30.76
C LEU U 405 8.79 -29.02 -32.15
N ASN U 406 9.59 -28.40 -33.02
CA ASN U 406 9.76 -28.86 -34.39
C ASN U 406 10.00 -30.37 -34.43
N GLY U 407 9.29 -31.06 -35.32
CA GLY U 407 9.45 -32.47 -35.53
C GLY U 407 8.69 -33.37 -34.57
N GLN U 408 8.04 -32.81 -33.55
CA GLN U 408 7.34 -33.61 -32.56
C GLN U 408 5.86 -33.76 -32.92
N THR U 409 5.29 -34.90 -32.51
CA THR U 409 3.88 -35.21 -32.73
C THR U 409 3.29 -35.67 -31.40
N PHE U 410 2.09 -35.19 -31.10
CA PHE U 410 1.37 -35.53 -29.88
C PHE U 410 0.05 -36.20 -30.25
N THR U 411 -0.30 -37.26 -29.51
CA THR U 411 -1.49 -38.05 -29.78
C THR U 411 -2.40 -38.24 -28.59
N ASP U 412 -1.97 -37.97 -27.38
CA ASP U 412 -2.85 -38.16 -26.23
C ASP U 412 -3.86 -37.00 -26.18
N PRO U 413 -5.15 -37.30 -26.11
CA PRO U 413 -6.19 -36.26 -26.29
C PRO U 413 -6.01 -35.05 -25.37
N PRO U 414 -5.67 -35.21 -24.08
CA PRO U 414 -5.48 -34.01 -23.25
C PRO U 414 -4.47 -33.02 -23.80
N THR U 415 -3.31 -33.51 -24.24
CA THR U 415 -2.27 -32.64 -24.79
C THR U 415 -2.70 -32.02 -26.12
N VAL U 416 -3.31 -32.83 -26.99
CA VAL U 416 -3.78 -32.31 -28.27
C VAL U 416 -4.84 -31.22 -28.05
N LYS U 417 -5.74 -31.45 -27.10
CA LYS U 417 -6.76 -30.44 -26.78
C LYS U 417 -6.13 -29.17 -26.21
N SER U 418 -5.09 -29.33 -25.38
CA SER U 418 -4.43 -28.16 -24.81
C SER U 418 -3.83 -27.29 -25.91
N TYR U 419 -3.19 -27.90 -26.90
CA TYR U 419 -2.65 -27.12 -27.99
C TYR U 419 -3.73 -26.51 -28.87
N ALA U 420 -4.85 -27.22 -29.06
CA ALA U 420 -5.94 -26.65 -29.85
C ALA U 420 -6.52 -25.41 -29.15
N ARG U 421 -6.61 -25.43 -27.81
CA ARG U 421 -7.06 -24.24 -27.08
C ARG U 421 -6.12 -23.07 -27.32
N LYS U 422 -4.81 -23.34 -27.43
CA LYS U 422 -3.88 -22.25 -27.68
C LYS U 422 -3.96 -21.79 -29.12
N ALA U 423 -4.32 -22.68 -30.04
CA ALA U 423 -4.39 -22.33 -31.46
C ALA U 423 -5.54 -21.37 -31.78
N ILE U 424 -6.57 -21.27 -30.93
CA ILE U 424 -7.57 -20.25 -31.22
C ILE U 424 -6.97 -18.86 -31.10
N PHE U 425 -5.81 -18.72 -30.41
CA PHE U 425 -5.11 -17.45 -30.26
C PHE U 425 -4.13 -17.20 -31.40
N GLY U 426 -4.05 -18.09 -32.37
CA GLY U 426 -3.06 -17.95 -33.44
C GLY U 426 -1.82 -18.78 -33.14
N GLU U 427 -0.64 -18.27 -33.47
CA GLU U 427 0.61 -18.99 -33.22
C GLU U 427 0.86 -19.12 -31.71
N ILE U 428 1.53 -20.22 -31.35
CA ILE U 428 1.64 -20.69 -29.97
C ILE U 428 3.03 -20.40 -29.42
N PHE U 429 3.09 -19.84 -28.22
CA PHE U 429 4.35 -19.43 -27.63
C PHE U 429 4.51 -20.02 -26.24
N GLU U 430 5.77 -20.09 -25.82
CA GLU U 430 6.12 -20.41 -24.45
CA GLU U 430 6.11 -20.41 -24.45
C GLU U 430 6.30 -19.11 -23.69
N PHE U 431 5.70 -19.02 -22.50
CA PHE U 431 5.75 -17.82 -21.68
C PHE U 431 6.32 -18.09 -20.29
N ASP U 432 7.08 -17.12 -19.79
CA ASP U 432 7.46 -17.04 -18.38
C ASP U 432 6.35 -16.29 -17.64
N THR U 433 5.55 -17.02 -16.86
CA THR U 433 4.48 -16.43 -16.06
C THR U 433 4.87 -16.20 -14.60
N GLU U 434 6.04 -16.68 -14.17
CA GLU U 434 6.47 -16.59 -12.78
C GLU U 434 7.14 -15.26 -12.43
N THR U 435 8.01 -14.75 -13.31
CA THR U 435 8.78 -13.53 -13.00
C THR U 435 7.88 -12.38 -12.55
N LEU U 436 6.77 -12.13 -13.24
CA LEU U 436 5.89 -11.03 -12.91
C LEU U 436 4.63 -11.48 -12.18
N ASN U 437 4.55 -12.77 -11.80
CA ASN U 437 3.33 -13.35 -11.27
C ASN U 437 2.15 -13.06 -12.20
N SER U 438 2.33 -13.39 -13.48
CA SER U 438 1.32 -13.11 -14.49
C SER U 438 0.05 -13.90 -14.20
N ASP U 439 -1.11 -13.30 -14.49
CA ASP U 439 -2.39 -13.89 -14.11
C ASP U 439 -3.11 -14.57 -15.27
N GLY U 440 -2.55 -14.54 -16.47
CA GLY U 440 -3.14 -15.24 -17.61
C GLY U 440 -4.29 -14.52 -18.30
N ILE U 441 -4.49 -13.23 -18.04
CA ILE U 441 -5.61 -12.47 -18.61
C ILE U 441 -5.05 -11.36 -19.49
N PHE U 442 -5.57 -11.25 -20.72
CA PHE U 442 -4.99 -10.37 -21.71
C PHE U 442 -5.09 -8.89 -21.33
N ARG U 443 -4.04 -8.15 -21.65
CA ARG U 443 -3.99 -6.70 -21.45
C ARG U 443 -3.71 -6.01 -22.79
N THR U 444 -4.08 -4.74 -22.90
CA THR U 444 -3.84 -4.03 -24.16
C THR U 444 -2.43 -3.45 -24.16
N SER U 445 -2.03 -2.94 -25.33
CA SER U 445 -0.69 -2.40 -25.55
C SER U 445 -0.69 -0.87 -25.41
N PRO U 446 0.47 -0.22 -25.50
CA PRO U 446 0.46 1.25 -25.57
C PRO U 446 -0.39 1.78 -26.72
N ARG U 447 -0.51 1.03 -27.83
CA ARG U 447 -1.42 1.47 -28.89
C ARG U 447 -2.83 1.59 -28.36
N GLY U 448 -3.28 0.60 -27.59
CA GLY U 448 -4.61 0.67 -27.00
C GLY U 448 -4.73 1.81 -26.00
N TRP U 449 -3.79 1.87 -25.04
CA TRP U 449 -3.88 2.88 -23.98
C TRP U 449 -3.78 4.29 -24.55
N PHE U 450 -2.89 4.53 -25.51
CA PHE U 450 -2.81 5.86 -26.10
C PHE U 450 -4.14 6.25 -26.74
N THR U 451 -4.71 5.33 -27.52
CA THR U 451 -5.95 5.62 -28.22
C THR U 451 -7.07 5.96 -27.25
N PHE U 452 -7.20 5.17 -26.19
CA PHE U 452 -8.24 5.41 -25.20
C PHE U 452 -8.13 6.81 -24.59
N ALA U 453 -6.95 7.13 -24.02
CA ALA U 453 -6.79 8.42 -23.36
C ALA U 453 -7.09 9.58 -24.31
N HIS U 454 -6.64 9.48 -25.56
CA HIS U 454 -6.75 10.65 -26.42
C HIS U 454 -8.14 10.80 -27.02
N ALA U 455 -8.86 9.70 -27.26
CA ALA U 455 -10.26 9.82 -27.66
C ALA U 455 -11.11 10.38 -26.52
N VAL U 456 -10.83 9.95 -25.28
CA VAL U 456 -11.57 10.48 -24.14
C VAL U 456 -11.27 11.95 -23.93
N PHE U 457 -9.97 12.31 -23.94
CA PHE U 457 -9.61 13.71 -23.75
C PHE U 457 -10.16 14.59 -24.86
N ALA U 458 -10.12 14.11 -26.10
CA ALA U 458 -10.68 14.85 -27.22
C ALA U 458 -12.16 15.15 -27.00
N LEU U 459 -12.92 14.14 -26.58
CA LEU U 459 -14.35 14.34 -26.34
C LEU U 459 -14.58 15.35 -25.22
N LEU U 460 -13.84 15.22 -24.11
CA LEU U 460 -13.97 16.16 -23.01
C LEU U 460 -13.61 17.56 -23.44
N PHE U 461 -12.61 17.71 -24.30
CA PHE U 461 -12.24 19.04 -24.76
C PHE U 461 -13.28 19.66 -25.68
N PHE U 462 -14.14 18.84 -26.32
CA PHE U 462 -15.29 19.41 -27.00
C PHE U 462 -16.17 20.20 -26.03
N PHE U 463 -16.44 19.64 -24.84
CA PHE U 463 -17.19 20.41 -23.84
C PHE U 463 -16.47 21.71 -23.49
N GLY U 464 -15.15 21.64 -23.26
CA GLY U 464 -14.40 22.85 -22.94
C GLY U 464 -14.53 23.90 -24.02
N HIS U 465 -14.49 23.49 -25.29
CA HIS U 465 -14.67 24.42 -26.40
C HIS U 465 -16.04 25.10 -26.34
N ILE U 466 -17.10 24.29 -26.20
CA ILE U 466 -18.46 24.78 -26.11
C ILE U 466 -18.59 25.77 -24.96
N TRP U 467 -18.03 25.39 -23.81
CA TRP U 467 -18.15 26.21 -22.61
C TRP U 467 -17.47 27.57 -22.80
N HIS U 468 -16.21 27.57 -23.23
CA HIS U 468 -15.48 28.84 -23.34
C HIS U 468 -15.94 29.65 -24.54
N GLY U 469 -16.40 29.00 -25.61
CA GLY U 469 -17.02 29.74 -26.70
C GLY U 469 -18.27 30.46 -26.25
N ALA U 470 -19.11 29.79 -25.47
CA ALA U 470 -20.29 30.44 -24.89
C ALA U 470 -19.89 31.63 -24.01
N ARG U 471 -18.94 31.42 -23.10
CA ARG U 471 -18.52 32.50 -22.21
C ARG U 471 -17.98 33.68 -23.02
N THR U 472 -17.33 33.41 -24.15
CA THR U 472 -16.81 34.49 -24.97
C THR U 472 -17.94 35.30 -25.59
N LEU U 473 -18.88 34.62 -26.25
CA LEU U 473 -19.92 35.29 -27.04
C LEU U 473 -21.06 35.83 -26.18
N PHE U 474 -21.17 35.38 -24.93
CA PHE U 474 -22.22 35.80 -24.03
C PHE U 474 -21.65 36.49 -22.80
N ARG U 475 -20.46 37.10 -22.94
CA ARG U 475 -19.79 37.70 -21.79
C ARG U 475 -20.69 38.72 -21.09
N ASP U 476 -21.45 39.48 -21.87
CA ASP U 476 -22.29 40.52 -21.28
C ASP U 476 -23.41 39.98 -20.39
N VAL U 477 -23.81 38.72 -20.55
CA VAL U 477 -24.88 38.16 -19.71
C VAL U 477 -24.37 37.07 -18.78
N PHE U 478 -23.05 36.99 -18.53
CA PHE U 478 -22.50 35.92 -17.69
C PHE U 478 -23.09 35.92 -16.29
N SER U 479 -23.36 37.09 -15.73
CA SER U 479 -23.89 37.23 -14.38
C SER U 479 -25.41 37.32 -14.32
N GLY U 480 -26.09 37.21 -15.47
CA GLY U 480 -27.53 37.31 -15.54
C GLY U 480 -27.97 38.25 -16.63
N ILE U 481 -29.25 38.19 -16.92
CA ILE U 481 -29.80 39.00 -18.00
C ILE U 481 -30.26 40.35 -17.44
N ASP U 482 -30.40 41.32 -18.34
CA ASP U 482 -30.75 42.68 -17.98
C ASP U 482 -32.01 42.68 -17.13
N PRO U 483 -31.97 43.24 -15.91
CA PRO U 483 -33.19 43.31 -15.10
C PRO U 483 -34.30 44.12 -15.75
N GLU U 484 -33.94 45.08 -16.60
CA GLU U 484 -34.90 45.91 -17.33
C GLU U 484 -35.07 45.45 -18.78
N LEU U 485 -35.00 44.14 -19.02
CA LEU U 485 -35.18 43.60 -20.36
C LEU U 485 -36.61 43.89 -20.81
N SER U 486 -36.76 44.71 -21.85
CA SER U 486 -38.08 45.08 -22.32
C SER U 486 -38.78 43.82 -22.84
N PRO U 487 -39.98 43.50 -22.35
CA PRO U 487 -40.67 42.28 -22.80
C PRO U 487 -40.87 42.21 -24.30
N GLU U 488 -40.75 43.33 -25.02
CA GLU U 488 -40.96 43.32 -26.46
C GLU U 488 -39.86 42.59 -27.21
N GLN U 489 -38.67 42.44 -26.61
CA GLN U 489 -37.59 41.70 -27.26
C GLN U 489 -37.77 40.19 -27.17
N VAL U 490 -38.51 39.69 -26.18
CA VAL U 490 -38.76 38.26 -26.05
C VAL U 490 -40.21 37.88 -26.33
N GLU U 491 -41.10 38.85 -26.42
CA GLU U 491 -42.48 38.61 -26.83
C GLU U 491 -42.62 38.68 -28.34
N TRP U 492 -43.57 37.92 -28.87
CA TRP U 492 -43.80 37.82 -30.31
C TRP U 492 -44.54 39.03 -30.86
N GLY U 493 -44.26 39.34 -32.12
CA GLY U 493 -44.95 40.37 -32.88
C GLY U 493 -44.55 41.80 -32.60
N PHE U 494 -43.61 42.04 -31.69
CA PHE U 494 -43.15 43.41 -31.46
C PHE U 494 -42.08 43.84 -32.47
N TYR U 495 -41.07 43.01 -32.68
CA TYR U 495 -40.00 43.29 -33.63
C TYR U 495 -40.16 42.45 -34.88
N GLN U 496 -39.85 43.04 -36.03
CA GLN U 496 -39.82 42.26 -37.27
C GLN U 496 -38.64 41.31 -37.27
N LYS U 497 -37.49 41.76 -36.79
CA LYS U 497 -36.27 40.95 -36.70
C LYS U 497 -35.99 40.66 -35.23
N VAL U 498 -35.81 39.38 -34.90
CA VAL U 498 -35.63 38.98 -33.50
C VAL U 498 -34.47 39.75 -32.90
N GLY U 499 -34.69 40.31 -31.71
CA GLY U 499 -33.64 40.98 -30.97
C GLY U 499 -33.10 42.25 -31.59
N ASP U 500 -33.86 42.89 -32.48
CA ASP U 500 -33.42 44.13 -33.13
C ASP U 500 -34.48 45.19 -32.85
N VAL U 501 -34.19 46.10 -31.92
CA VAL U 501 -35.14 47.12 -31.52
C VAL U 501 -35.47 48.06 -32.68
N THR U 502 -34.54 48.22 -33.62
CA THR U 502 -34.74 49.16 -34.71
C THR U 502 -35.75 48.66 -35.74
N THR U 503 -36.34 47.49 -35.54
CA THR U 503 -37.33 46.96 -36.45
C THR U 503 -38.70 46.94 -35.77
N ASN V 1 -77.69 31.05 -26.18
CA ASN V 1 -77.54 32.44 -25.81
C ASN V 1 -76.06 32.80 -25.69
N SER V 2 -75.48 32.52 -24.52
CA SER V 2 -74.05 32.64 -24.29
C SER V 2 -73.48 31.28 -23.95
N ILE V 3 -72.24 31.02 -24.39
CA ILE V 3 -71.61 29.72 -24.14
C ILE V 3 -71.41 29.48 -22.64
N PHE V 4 -71.51 30.54 -21.83
CA PHE V 4 -71.24 30.43 -20.39
C PHE V 4 -72.52 30.51 -19.56
N ALA V 5 -73.69 30.40 -20.17
CA ALA V 5 -74.94 30.64 -19.47
C ALA V 5 -75.37 29.49 -18.58
N THR V 6 -74.87 28.29 -18.80
CA THR V 6 -75.20 27.15 -17.96
C THR V 6 -74.24 27.07 -16.78
N ASN V 7 -74.57 26.20 -15.83
CA ASN V 7 -73.63 25.90 -14.75
C ASN V 7 -72.58 24.84 -15.14
N ARG V 8 -72.48 24.48 -16.42
CA ARG V 8 -71.61 23.41 -16.93
C ARG V 8 -70.35 23.98 -17.56
N ASP V 9 -69.65 24.82 -16.80
CA ASP V 9 -68.40 25.40 -17.23
C ASP V 9 -67.53 25.68 -16.01
N GLN V 10 -66.25 25.98 -16.26
CA GLN V 10 -65.33 26.25 -15.16
C GLN V 10 -65.70 27.55 -14.45
N GLU V 11 -66.20 28.53 -15.21
CA GLU V 11 -66.58 29.82 -14.65
C GLU V 11 -67.60 29.65 -13.52
N SER V 12 -68.62 28.83 -13.74
CA SER V 12 -69.61 28.61 -12.69
C SER V 12 -69.13 27.61 -11.62
N SER V 13 -68.48 26.53 -12.03
CA SER V 13 -68.24 25.41 -11.12
C SER V 13 -66.90 25.46 -10.41
N GLY V 14 -65.92 26.20 -10.94
CA GLY V 14 -64.57 26.15 -10.42
C GLY V 14 -63.72 24.98 -10.91
N PHE V 15 -64.29 24.06 -11.69
CA PHE V 15 -63.57 22.88 -12.17
C PHE V 15 -63.40 22.94 -13.69
N ALA V 16 -62.19 22.65 -14.15
CA ALA V 16 -61.93 22.57 -15.59
C ALA V 16 -62.64 21.36 -16.20
N TRP V 17 -62.72 21.35 -17.54
CA TRP V 17 -63.40 20.27 -18.23
C TRP V 17 -62.80 18.90 -17.88
N TRP V 18 -61.48 18.84 -17.67
CA TRP V 18 -60.83 17.56 -17.43
C TRP V 18 -61.11 17.01 -16.03
N ALA V 19 -61.68 17.82 -15.14
CA ALA V 19 -62.25 17.35 -13.89
C ALA V 19 -63.77 17.55 -13.89
N GLY V 20 -64.38 17.48 -15.08
CA GLY V 20 -65.75 17.92 -15.22
C GLY V 20 -66.73 17.20 -14.33
N ASN V 21 -66.48 15.92 -14.05
CA ASN V 21 -67.41 15.17 -13.21
C ASN V 21 -67.38 15.59 -11.76
N ALA V 22 -66.36 16.34 -11.33
CA ALA V 22 -66.40 16.95 -10.01
C ALA V 22 -67.46 18.04 -9.91
N ARG V 23 -67.93 18.56 -11.04
CA ARG V 23 -69.05 19.50 -11.03
C ARG V 23 -70.32 18.86 -10.51
N LEU V 24 -70.36 17.53 -10.38
CA LEU V 24 -71.56 16.81 -9.99
C LEU V 24 -71.67 16.53 -8.49
N ILE V 25 -70.65 16.89 -7.71
CA ILE V 25 -70.61 16.45 -6.31
C ILE V 25 -71.90 16.77 -5.57
N ASN V 26 -72.43 17.98 -5.75
CA ASN V 26 -73.64 18.40 -5.05
C ASN V 26 -74.84 18.55 -6.00
N LEU V 27 -74.89 17.75 -7.07
CA LEU V 27 -76.04 17.74 -7.97
C LEU V 27 -76.57 16.31 -8.00
N SER V 28 -77.39 15.98 -6.98
CA SER V 28 -77.74 14.59 -6.73
C SER V 28 -78.53 13.96 -7.87
N GLY V 29 -79.32 14.75 -8.61
CA GLY V 29 -80.09 14.18 -9.70
C GLY V 29 -79.22 13.79 -10.88
N LYS V 30 -78.39 14.71 -11.36
CA LYS V 30 -77.48 14.37 -12.44
C LYS V 30 -76.47 13.32 -12.00
N LEU V 31 -75.99 13.41 -10.76
CA LEU V 31 -75.06 12.40 -10.25
C LEU V 31 -75.73 11.04 -10.19
N LEU V 32 -77.01 10.99 -9.81
CA LEU V 32 -77.74 9.75 -9.91
C LEU V 32 -77.75 9.24 -11.34
N GLY V 33 -77.97 10.14 -12.30
CA GLY V 33 -77.95 9.74 -13.70
C GLY V 33 -76.61 9.14 -14.10
N ALA V 34 -75.51 9.79 -13.70
CA ALA V 34 -74.19 9.26 -14.02
C ALA V 34 -74.00 7.84 -13.49
N HIS V 35 -74.45 7.60 -12.27
CA HIS V 35 -74.25 6.29 -11.65
C HIS V 35 -75.08 5.22 -12.33
N VAL V 36 -76.35 5.52 -12.63
CA VAL V 36 -77.21 4.53 -13.25
C VAL V 36 -76.76 4.24 -14.68
N ALA V 37 -76.36 5.28 -15.43
CA ALA V 37 -75.84 5.07 -16.77
C ALA V 37 -74.55 4.26 -16.74
N HIS V 38 -73.71 4.46 -15.72
CA HIS V 38 -72.48 3.69 -15.63
C HIS V 38 -72.77 2.23 -15.32
N ALA V 39 -73.70 1.97 -14.40
CA ALA V 39 -74.14 0.59 -14.17
C ALA V 39 -74.64 -0.02 -15.47
N GLY V 40 -75.34 0.77 -16.29
CA GLY V 40 -75.75 0.28 -17.61
C GLY V 40 -74.56 -0.18 -18.44
N LEU V 41 -73.46 0.58 -18.42
CA LEU V 41 -72.26 0.19 -19.17
C LEU V 41 -71.71 -1.13 -18.67
N ILE V 42 -71.66 -1.31 -17.35
CA ILE V 42 -71.16 -2.57 -16.79
C ILE V 42 -72.02 -3.73 -17.27
N VAL V 43 -73.34 -3.59 -17.11
CA VAL V 43 -74.27 -4.66 -17.48
C VAL V 43 -74.25 -4.86 -18.99
N PHE V 44 -74.13 -3.78 -19.75
CA PHE V 44 -73.99 -3.89 -21.20
C PHE V 44 -72.80 -4.77 -21.56
N TRP V 45 -71.64 -4.51 -20.95
CA TRP V 45 -70.45 -5.29 -21.26
C TRP V 45 -70.66 -6.76 -20.92
N ALA V 46 -71.22 -7.05 -19.75
CA ALA V 46 -71.44 -8.45 -19.39
C ALA V 46 -72.29 -9.16 -20.44
N GLY V 47 -73.35 -8.52 -20.91
CA GLY V 47 -74.21 -9.14 -21.91
C GLY V 47 -73.56 -9.24 -23.28
N ALA V 48 -73.09 -8.11 -23.80
CA ALA V 48 -72.44 -8.10 -25.11
C ALA V 48 -71.23 -9.04 -25.15
N MET V 49 -70.41 -9.04 -24.10
CA MET V 49 -69.20 -9.86 -24.12
C MET V 49 -69.55 -11.35 -24.09
N THR V 50 -70.58 -11.74 -23.32
CA THR V 50 -71.02 -13.12 -23.31
C THR V 50 -71.48 -13.57 -24.68
N LEU V 51 -72.26 -12.72 -25.36
CA LEU V 51 -72.74 -13.09 -26.69
C LEU V 51 -71.59 -13.19 -27.67
N PHE V 52 -70.59 -12.32 -27.54
CA PHE V 52 -69.38 -12.44 -28.35
C PHE V 52 -68.67 -13.75 -28.08
N GLU V 53 -68.46 -14.07 -26.79
CA GLU V 53 -67.82 -15.33 -26.41
C GLU V 53 -68.59 -16.52 -26.97
N LEU V 54 -69.91 -16.54 -26.77
CA LEU V 54 -70.72 -17.66 -27.24
C LEU V 54 -70.63 -17.80 -28.76
N ALA V 55 -70.71 -16.68 -29.48
CA ALA V 55 -70.62 -16.72 -30.94
C ALA V 55 -69.26 -17.27 -31.40
N HIS V 56 -68.22 -17.02 -30.64
CA HIS V 56 -66.87 -17.47 -30.99
C HIS V 56 -66.53 -18.81 -30.36
N PHE V 57 -67.49 -19.48 -29.74
CA PHE V 57 -67.22 -20.62 -28.89
C PHE V 57 -67.35 -21.93 -29.66
N ILE V 58 -66.28 -22.73 -29.66
CA ILE V 58 -66.30 -24.10 -30.16
C ILE V 58 -66.36 -25.00 -28.93
N PRO V 59 -67.52 -25.61 -28.63
CA PRO V 59 -67.71 -26.20 -27.29
C PRO V 59 -66.90 -27.45 -27.02
N GLU V 60 -66.41 -28.14 -28.04
CA GLU V 60 -65.62 -29.33 -27.77
C GLU V 60 -64.15 -29.00 -27.57
N LYS V 61 -63.76 -27.75 -27.78
CA LYS V 61 -62.45 -27.22 -27.46
C LYS V 61 -62.46 -26.70 -26.03
N PRO V 62 -61.38 -26.84 -25.27
CA PRO V 62 -61.38 -26.26 -23.91
C PRO V 62 -61.65 -24.77 -23.96
N MET V 63 -62.40 -24.28 -22.97
CA MET V 63 -62.67 -22.84 -22.87
C MET V 63 -61.38 -22.05 -22.86
N TYR V 64 -60.38 -22.51 -22.09
CA TYR V 64 -59.18 -21.71 -21.91
C TYR V 64 -58.32 -21.62 -23.15
N GLU V 65 -58.63 -22.42 -24.19
CA GLU V 65 -57.96 -22.27 -25.48
C GLU V 65 -58.61 -21.22 -26.36
N GLN V 66 -59.66 -20.54 -25.88
CA GLN V 66 -60.50 -19.72 -26.75
C GLN V 66 -60.69 -18.29 -26.23
N GLY V 67 -59.87 -17.85 -25.27
CA GLY V 67 -59.96 -16.47 -24.82
C GLY V 67 -61.24 -16.13 -24.07
N LEU V 68 -61.79 -17.08 -23.32
CA LEU V 68 -63.05 -16.90 -22.64
C LEU V 68 -62.81 -16.59 -21.17
N ILE V 69 -63.52 -15.59 -20.64
CA ILE V 69 -63.46 -15.27 -19.21
C ILE V 69 -64.86 -15.25 -18.59
N LEU V 70 -65.89 -14.98 -19.39
CA LEU V 70 -67.25 -14.89 -18.85
C LEU V 70 -67.96 -16.23 -18.83
N ILE V 71 -67.91 -16.99 -19.93
CA ILE V 71 -68.48 -18.34 -19.93
C ILE V 71 -67.89 -19.19 -18.82
N PRO V 72 -66.57 -19.16 -18.54
CA PRO V 72 -66.07 -19.85 -17.33
C PRO V 72 -66.79 -19.45 -16.04
N HIS V 73 -67.17 -18.17 -15.90
CA HIS V 73 -67.91 -17.77 -14.70
C HIS V 73 -69.29 -18.39 -14.65
N ILE V 74 -69.99 -18.44 -15.79
CA ILE V 74 -71.32 -19.03 -15.81
C ILE V 74 -71.24 -20.53 -15.58
N ALA V 75 -70.25 -21.18 -16.19
CA ALA V 75 -70.09 -22.63 -16.05
C ALA V 75 -69.75 -23.00 -14.61
N THR V 76 -68.96 -22.16 -13.92
CA THR V 76 -68.60 -22.46 -12.54
C THR V 76 -69.84 -22.52 -11.66
N LEU V 77 -70.89 -21.74 -11.99
CA LEU V 77 -72.16 -21.77 -11.29
C LEU V 77 -73.00 -22.98 -11.64
N GLY V 78 -72.50 -23.88 -12.48
CA GLY V 78 -73.19 -25.11 -12.79
C GLY V 78 -74.08 -25.08 -14.02
N TRP V 79 -74.12 -23.96 -14.75
CA TRP V 79 -74.96 -23.83 -15.93
C TRP V 79 -74.21 -24.27 -17.18
N GLY V 80 -74.82 -25.18 -17.94
CA GLY V 80 -74.34 -25.52 -19.26
C GLY V 80 -73.29 -26.61 -19.34
N VAL V 81 -72.83 -27.15 -18.21
CA VAL V 81 -71.71 -28.07 -18.18
C VAL V 81 -72.10 -29.35 -17.44
N GLY V 82 -71.32 -30.40 -17.68
CA GLY V 82 -71.53 -31.67 -17.04
C GLY V 82 -70.25 -32.26 -16.47
N PRO V 83 -70.20 -33.59 -16.41
CA PRO V 83 -69.01 -34.26 -15.87
C PRO V 83 -67.73 -33.77 -16.53
N GLY V 84 -66.73 -33.49 -15.71
CA GLY V 84 -65.45 -32.99 -16.21
C GLY V 84 -65.49 -31.60 -16.79
N GLY V 85 -66.61 -30.89 -16.68
CA GLY V 85 -66.71 -29.58 -17.27
C GLY V 85 -67.08 -29.57 -18.74
N GLU V 86 -67.43 -30.71 -19.31
CA GLU V 86 -67.83 -30.73 -20.71
C GLU V 86 -69.10 -29.91 -20.91
N VAL V 87 -69.13 -29.15 -22.00
CA VAL V 87 -70.30 -28.33 -22.33
C VAL V 87 -71.39 -29.25 -22.85
N VAL V 88 -72.53 -29.28 -22.16
CA VAL V 88 -73.67 -30.09 -22.55
C VAL V 88 -74.80 -29.25 -23.14
N ASP V 89 -74.76 -27.94 -22.97
CA ASP V 89 -75.86 -27.08 -23.39
C ASP V 89 -75.42 -25.62 -23.31
N THR V 90 -75.31 -24.95 -24.46
CA THR V 90 -74.88 -23.56 -24.47
C THR V 90 -76.02 -22.57 -24.25
N PHE V 91 -77.28 -23.02 -24.25
CA PHE V 91 -78.39 -22.10 -24.09
C PHE V 91 -78.32 -21.28 -22.81
N PRO V 92 -77.93 -21.82 -21.64
CA PRO V 92 -77.81 -20.96 -20.45
C PRO V 92 -76.83 -19.81 -20.62
N PHE V 93 -75.69 -20.05 -21.30
CA PHE V 93 -74.80 -18.94 -21.62
C PHE V 93 -75.53 -17.88 -22.43
N PHE V 94 -76.35 -18.31 -23.40
CA PHE V 94 -77.10 -17.38 -24.23
C PHE V 94 -78.08 -16.56 -23.39
N VAL V 95 -78.81 -17.23 -22.49
CA VAL V 95 -79.76 -16.54 -21.63
C VAL V 95 -79.06 -15.47 -20.80
N VAL V 96 -77.93 -15.82 -20.18
CA VAL V 96 -77.20 -14.84 -19.37
C VAL V 96 -76.84 -13.62 -20.20
N GLY V 97 -76.30 -13.86 -21.40
CA GLY V 97 -75.90 -12.74 -22.26
C GLY V 97 -77.06 -11.85 -22.65
N VAL V 98 -78.15 -12.46 -23.12
CA VAL V 98 -79.31 -11.69 -23.56
C VAL V 98 -79.90 -10.88 -22.41
N VAL V 99 -80.12 -11.52 -21.27
CA VAL V 99 -80.81 -10.85 -20.17
C VAL V 99 -79.98 -9.68 -19.65
N HIS V 100 -78.66 -9.83 -19.58
CA HIS V 100 -77.83 -8.67 -19.21
C HIS V 100 -77.92 -7.58 -20.28
N LEU V 101 -77.89 -7.95 -21.57
CA LEU V 101 -77.91 -6.94 -22.62
C LEU V 101 -79.23 -6.18 -22.65
N ILE V 102 -80.36 -6.89 -22.47
CA ILE V 102 -81.66 -6.22 -22.38
C ILE V 102 -81.73 -5.35 -21.14
N SER V 103 -81.26 -5.85 -20.00
CA SER V 103 -81.30 -5.06 -18.77
C SER V 103 -80.47 -3.79 -18.89
N SER V 104 -79.40 -3.81 -19.69
CA SER V 104 -78.56 -2.61 -19.81
C SER V 104 -79.30 -1.47 -20.51
N ALA V 105 -80.27 -1.81 -21.37
CA ALA V 105 -81.10 -0.77 -21.99
C ALA V 105 -81.95 -0.05 -20.94
N VAL V 106 -82.54 -0.81 -20.00
CA VAL V 106 -83.33 -0.19 -18.94
C VAL V 106 -82.45 0.75 -18.11
N LEU V 107 -81.26 0.26 -17.72
CA LEU V 107 -80.35 1.08 -16.93
C LEU V 107 -79.89 2.30 -17.72
N GLY V 108 -79.54 2.12 -19.00
CA GLY V 108 -79.13 3.25 -19.81
C GLY V 108 -80.24 4.28 -19.96
N PHE V 109 -81.48 3.80 -20.08
CA PHE V 109 -82.63 4.70 -20.17
C PHE V 109 -82.77 5.53 -18.91
N GLY V 110 -82.81 4.88 -17.75
CA GLY V 110 -82.88 5.61 -16.50
C GLY V 110 -81.71 6.54 -16.29
N GLY V 111 -80.51 6.09 -16.68
CA GLY V 111 -79.33 6.94 -16.54
C GLY V 111 -79.40 8.20 -17.39
N VAL V 112 -79.72 8.03 -18.68
CA VAL V 112 -79.82 9.18 -19.57
C VAL V 112 -80.94 10.12 -19.12
N TYR V 113 -82.06 9.54 -18.67
CA TYR V 113 -83.14 10.37 -18.17
C TYR V 113 -82.68 11.23 -16.99
N HIS V 114 -82.14 10.59 -15.95
CA HIS V 114 -81.73 11.35 -14.77
C HIS V 114 -80.60 12.32 -15.10
N ALA V 115 -79.77 11.99 -16.09
CA ALA V 115 -78.58 12.80 -16.36
C ALA V 115 -78.90 14.09 -17.12
N ILE V 116 -79.87 14.08 -18.03
CA ILE V 116 -80.04 15.27 -18.87
C ILE V 116 -81.49 15.78 -18.88
N ARG V 117 -82.43 14.97 -18.41
CA ARG V 117 -83.84 15.37 -18.44
C ARG V 117 -84.45 15.57 -17.06
N GLY V 118 -84.17 14.68 -16.10
CA GLY V 118 -84.76 14.77 -14.80
C GLY V 118 -84.21 15.93 -13.98
N PRO V 119 -84.71 16.07 -12.75
CA PRO V 119 -84.27 17.18 -11.89
C PRO V 119 -82.79 17.06 -11.53
N GLU V 120 -82.06 18.18 -11.61
CA GLU V 120 -80.62 18.17 -11.34
C GLU V 120 -80.32 17.88 -9.88
N THR V 121 -81.15 18.38 -8.98
CA THR V 121 -81.04 18.12 -7.54
C THR V 121 -82.31 17.42 -7.10
N LEU V 122 -82.17 16.47 -6.18
CA LEU V 122 -83.33 15.70 -5.76
C LEU V 122 -83.96 16.24 -4.47
N GLU V 123 -83.28 17.15 -3.78
CA GLU V 123 -83.69 17.48 -2.43
C GLU V 123 -85.02 18.21 -2.42
N GLU V 124 -85.23 19.11 -3.39
CA GLU V 124 -86.53 19.79 -3.50
C GLU V 124 -87.63 18.79 -3.85
N TYR V 125 -87.29 17.76 -4.63
CA TYR V 125 -88.28 16.83 -5.14
C TYR V 125 -88.71 15.79 -4.11
N SER V 126 -87.75 15.30 -3.31
CA SER V 126 -88.03 14.19 -2.41
C SER V 126 -87.10 14.22 -1.22
N SER V 127 -87.69 14.21 -0.02
CA SER V 127 -86.89 14.05 1.19
C SER V 127 -86.23 12.67 1.24
N PHE V 128 -86.83 11.67 0.59
CA PHE V 128 -86.29 10.31 0.65
C PHE V 128 -85.07 10.15 -0.25
N PHE V 129 -85.16 10.57 -1.52
CA PHE V 129 -84.09 10.38 -2.48
C PHE V 129 -83.06 11.50 -2.47
N GLY V 130 -83.40 12.68 -1.97
CA GLY V 130 -82.41 13.71 -1.78
C GLY V 130 -81.50 13.41 -0.61
N TYR V 131 -80.30 14.00 -0.64
CA TYR V 131 -79.32 13.73 0.40
C TYR V 131 -78.29 14.83 0.42
N ASP V 132 -77.75 15.06 1.61
CA ASP V 132 -76.55 15.87 1.80
C ASP V 132 -75.42 14.94 2.23
N TRP V 133 -74.30 14.96 1.49
CA TRP V 133 -73.15 14.14 1.87
C TRP V 133 -72.80 14.29 3.34
N LYS V 134 -72.98 15.49 3.90
CA LYS V 134 -72.60 15.75 5.29
C LYS V 134 -73.67 15.36 6.29
N ASP V 135 -74.81 14.86 5.83
CA ASP V 135 -75.85 14.30 6.69
C ASP V 135 -75.48 12.87 7.01
N LYS V 136 -74.89 12.65 8.19
CA LYS V 136 -74.30 11.36 8.51
C LYS V 136 -75.34 10.27 8.62
N ASN V 137 -76.52 10.58 9.18
CA ASN V 137 -77.57 9.58 9.32
C ASN V 137 -78.10 9.15 7.96
N LYS V 138 -78.26 10.11 7.04
CA LYS V 138 -78.71 9.77 5.70
C LYS V 138 -77.69 8.90 4.98
N MET V 139 -76.40 9.15 5.19
CA MET V 139 -75.38 8.34 4.53
C MET V 139 -75.41 6.90 5.04
N THR V 140 -75.53 6.70 6.36
CA THR V 140 -75.58 5.33 6.87
C THR V 140 -76.87 4.63 6.46
N THR V 141 -77.94 5.39 6.22
CA THR V 141 -79.19 4.79 5.78
C THR V 141 -79.06 4.24 4.37
N ILE V 142 -78.48 5.01 3.45
CA ILE V 142 -78.28 4.53 2.09
C ILE V 142 -77.24 3.42 2.06
N LEU V 143 -76.16 3.55 2.84
CA LEU V 143 -75.21 2.45 3.01
C LEU V 143 -75.93 1.18 3.44
N GLY V 144 -76.90 1.32 4.35
CA GLY V 144 -77.63 0.17 4.84
C GLY V 144 -78.51 -0.50 3.78
N PHE V 145 -79.23 0.30 2.98
CA PHE V 145 -79.98 -0.28 1.87
C PHE V 145 -79.09 -1.16 1.01
N HIS V 146 -77.92 -0.62 0.65
CA HIS V 146 -77.02 -1.34 -0.25
C HIS V 146 -76.38 -2.54 0.42
N LEU V 147 -76.11 -2.47 1.73
CA LEU V 147 -75.67 -3.67 2.43
C LEU V 147 -76.72 -4.77 2.35
N ILE V 148 -77.99 -4.41 2.46
CA ILE V 148 -79.05 -5.40 2.37
C ILE V 148 -79.12 -5.99 0.96
N VAL V 149 -78.96 -5.15 -0.06
CA VAL V 149 -78.94 -5.64 -1.44
C VAL V 149 -77.78 -6.61 -1.65
N LEU V 150 -76.60 -6.27 -1.11
CA LEU V 150 -75.45 -7.15 -1.27
C LEU V 150 -75.64 -8.48 -0.53
N GLY V 151 -76.21 -8.43 0.68
CA GLY V 151 -76.49 -9.66 1.41
C GLY V 151 -77.43 -10.58 0.65
N ILE V 152 -78.46 -10.01 0.02
CA ILE V 152 -79.37 -10.79 -0.81
C ILE V 152 -78.62 -11.42 -1.98
N GLY V 153 -77.71 -10.66 -2.59
CA GLY V 153 -76.89 -11.21 -3.65
C GLY V 153 -76.11 -12.42 -3.20
N ALA V 154 -75.50 -12.34 -2.01
CA ALA V 154 -74.74 -13.48 -1.48
C ALA V 154 -75.65 -14.67 -1.28
N LEU V 155 -76.90 -14.43 -0.85
CA LEU V 155 -77.84 -15.52 -0.66
C LEU V 155 -78.35 -16.08 -1.97
N LEU V 156 -78.23 -15.33 -3.07
CA LEU V 156 -78.56 -15.90 -4.39
C LEU V 156 -77.57 -16.98 -4.78
N LEU V 157 -76.28 -16.74 -4.52
CA LEU V 157 -75.29 -17.79 -4.73
C LEU V 157 -75.65 -19.03 -3.92
N VAL V 158 -75.98 -18.83 -2.65
CA VAL V 158 -76.34 -19.96 -1.78
C VAL V 158 -77.53 -20.70 -2.37
N ALA V 159 -78.57 -19.96 -2.78
CA ALA V 159 -79.76 -20.59 -3.35
C ALA V 159 -79.45 -21.41 -4.59
N LYS V 160 -78.59 -20.87 -5.47
CA LYS V 160 -78.17 -21.62 -6.65
C LYS V 160 -77.50 -22.93 -6.26
N ALA V 161 -76.61 -22.88 -5.25
CA ALA V 161 -75.83 -24.06 -4.88
C ALA V 161 -76.68 -25.10 -4.16
N MET V 162 -77.72 -24.67 -3.46
CA MET V 162 -78.46 -25.58 -2.59
C MET V 162 -79.81 -26.00 -3.16
N PHE V 163 -80.46 -25.15 -3.97
CA PHE V 163 -81.81 -25.46 -4.43
C PHE V 163 -82.00 -25.35 -5.94
N PHE V 164 -81.06 -24.81 -6.70
CA PHE V 164 -81.29 -24.62 -8.13
C PHE V 164 -80.14 -25.18 -8.95
N GLY V 165 -79.82 -26.45 -8.71
CA GLY V 165 -78.91 -27.20 -9.55
C GLY V 165 -77.51 -27.41 -8.99
N GLY V 166 -77.09 -26.60 -8.03
CA GLY V 166 -75.75 -26.75 -7.48
C GLY V 166 -74.70 -25.92 -8.20
N LEU V 167 -73.45 -26.35 -8.04
CA LEU V 167 -72.30 -25.67 -8.60
C LEU V 167 -71.35 -26.70 -9.20
N TYR V 168 -70.44 -26.24 -10.04
CA TYR V 168 -69.44 -27.15 -10.57
C TYR V 168 -68.40 -27.44 -9.49
N ASP V 169 -68.21 -28.72 -9.18
CA ASP V 169 -67.30 -29.14 -8.13
C ASP V 169 -66.14 -29.89 -8.79
N THR V 170 -64.99 -29.21 -8.92
CA THR V 170 -63.82 -29.88 -9.49
C THR V 170 -63.35 -31.04 -8.63
N TRP V 171 -63.73 -31.05 -7.35
CA TRP V 171 -63.30 -32.07 -6.39
C TRP V 171 -64.30 -33.20 -6.23
N ALA V 172 -65.39 -33.20 -6.99
CA ALA V 172 -66.42 -34.21 -6.82
C ALA V 172 -65.84 -35.61 -7.00
N PRO V 173 -66.21 -36.57 -6.14
CA PRO V 173 -65.67 -37.93 -6.25
C PRO V 173 -65.99 -38.54 -7.62
N GLY V 174 -64.99 -39.22 -8.19
CA GLY V 174 -65.14 -39.79 -9.51
C GLY V 174 -64.86 -38.84 -10.65
N GLY V 175 -64.62 -37.57 -10.37
CA GLY V 175 -64.34 -36.60 -11.41
C GLY V 175 -65.17 -35.36 -11.20
N GLY V 176 -64.69 -34.23 -11.72
CA GLY V 176 -65.44 -32.98 -11.56
C GLY V 176 -66.84 -33.10 -12.14
N ASP V 177 -67.78 -32.43 -11.48
CA ASP V 177 -69.18 -32.49 -11.90
C ASP V 177 -69.97 -31.42 -11.17
N VAL V 178 -71.15 -31.10 -11.72
CA VAL V 178 -72.10 -30.24 -11.01
C VAL V 178 -72.63 -31.01 -9.81
N ARG V 179 -72.66 -30.35 -8.66
CA ARG V 179 -73.07 -31.02 -7.43
C ARG V 179 -73.90 -30.06 -6.58
N VAL V 180 -75.01 -30.56 -6.05
CA VAL V 180 -75.83 -29.77 -5.13
C VAL V 180 -75.22 -29.83 -3.74
N ILE V 181 -75.13 -28.67 -3.09
CA ILE V 181 -74.52 -28.57 -1.76
C ILE V 181 -75.62 -28.68 -0.71
N THR V 182 -75.56 -29.73 0.11
CA THR V 182 -76.60 -29.98 1.09
C THR V 182 -76.18 -29.68 2.52
N ASN V 183 -74.89 -29.74 2.85
CA ASN V 183 -74.39 -29.46 4.20
CA ASN V 183 -74.39 -29.46 4.20
C ASN V 183 -73.38 -28.33 4.12
N PRO V 184 -73.83 -27.09 3.94
CA PRO V 184 -72.89 -25.96 3.95
C PRO V 184 -72.21 -25.83 5.30
N THR V 185 -70.97 -25.38 5.28
CA THR V 185 -70.19 -25.22 6.51
C THR V 185 -70.67 -23.99 7.26
N LEU V 186 -71.26 -24.21 8.43
CA LEU V 186 -71.76 -23.11 9.27
C LEU V 186 -70.92 -22.87 10.51
N ASP V 187 -70.03 -23.78 10.88
CA ASP V 187 -69.17 -23.60 12.04
C ASP V 187 -68.34 -22.33 11.89
N PRO V 188 -68.51 -21.33 12.76
CA PRO V 188 -67.72 -20.10 12.61
C PRO V 188 -66.23 -20.30 12.83
N ARG V 189 -65.82 -21.32 13.60
CA ARG V 189 -64.40 -21.62 13.72
C ARG V 189 -63.80 -21.95 12.36
N VAL V 190 -64.56 -22.59 11.48
CA VAL V 190 -64.05 -22.88 10.15
C VAL V 190 -64.15 -21.64 9.26
N ILE V 191 -65.32 -21.00 9.21
CA ILE V 191 -65.56 -19.90 8.28
C ILE V 191 -64.60 -18.75 8.57
N PHE V 192 -64.57 -18.29 9.82
CA PHE V 192 -63.70 -17.17 10.16
C PHE V 192 -62.27 -17.60 10.38
N GLY V 193 -62.01 -18.90 10.53
CA GLY V 193 -60.64 -19.38 10.56
C GLY V 193 -59.87 -19.04 9.30
N TYR V 194 -60.55 -19.06 8.15
CA TYR V 194 -59.93 -18.62 6.91
C TYR V 194 -59.42 -17.19 7.01
N LEU V 195 -60.22 -16.32 7.65
CA LEU V 195 -59.84 -14.91 7.74
C LEU V 195 -58.60 -14.70 8.60
N LEU V 196 -58.29 -15.61 9.50
CA LEU V 196 -57.12 -15.46 10.37
C LEU V 196 -55.93 -16.28 9.91
N LYS V 197 -56.01 -16.92 8.75
CA LYS V 197 -54.89 -17.67 8.20
C LYS V 197 -53.88 -16.72 7.58
N SER V 198 -52.60 -17.03 7.76
CA SER V 198 -51.52 -16.27 7.14
C SER V 198 -51.73 -16.21 5.63
N PRO V 199 -51.35 -15.11 4.97
CA PRO V 199 -51.39 -15.04 3.51
C PRO V 199 -50.15 -15.65 2.83
N PHE V 200 -49.20 -16.16 3.59
CA PHE V 200 -47.96 -16.66 3.00
C PHE V 200 -48.07 -18.12 2.56
N GLY V 201 -46.96 -18.67 2.08
CA GLY V 201 -46.99 -19.95 1.37
C GLY V 201 -47.50 -21.09 2.26
N GLY V 202 -48.31 -21.96 1.66
CA GLY V 202 -48.90 -23.07 2.37
C GLY V 202 -50.05 -22.70 3.27
N GLU V 203 -50.41 -21.42 3.32
CA GLU V 203 -51.55 -20.95 4.11
C GLU V 203 -52.51 -20.23 3.17
N GLY V 204 -52.12 -19.08 2.63
CA GLY V 204 -52.87 -18.47 1.55
C GLY V 204 -54.15 -17.79 1.96
N TRP V 205 -54.35 -17.54 3.26
CA TRP V 205 -55.50 -16.76 3.70
C TRP V 205 -56.78 -17.34 3.12
N ILE V 206 -57.67 -16.46 2.63
CA ILE V 206 -58.93 -16.97 2.11
C ILE V 206 -58.78 -17.57 0.72
N VAL V 207 -57.68 -17.28 0.01
CA VAL V 207 -57.46 -17.86 -1.31
C VAL V 207 -57.34 -19.37 -1.25
N SER V 208 -57.08 -19.93 -0.06
CA SER V 208 -56.92 -21.36 0.13
C SER V 208 -58.24 -22.12 0.19
N VAL V 209 -59.39 -21.44 0.11
CA VAL V 209 -60.66 -22.16 0.23
C VAL V 209 -60.75 -23.21 -0.87
N ASN V 210 -61.02 -24.46 -0.47
CA ASN V 210 -60.76 -25.59 -1.35
C ASN V 210 -61.91 -26.59 -1.42
N ASN V 211 -63.12 -26.19 -1.02
CA ASN V 211 -64.29 -27.05 -1.13
C ASN V 211 -65.53 -26.18 -1.12
N LEU V 212 -66.58 -26.67 -1.79
CA LEU V 212 -67.76 -25.85 -2.00
C LEU V 212 -68.61 -25.73 -0.74
N GLU V 213 -68.51 -26.68 0.20
CA GLU V 213 -69.21 -26.52 1.46
C GLU V 213 -68.76 -25.26 2.18
N ASP V 214 -67.45 -25.02 2.25
CA ASP V 214 -66.94 -23.81 2.90
C ASP V 214 -67.32 -22.56 2.11
N VAL V 215 -67.29 -22.65 0.78
CA VAL V 215 -67.67 -21.50 -0.05
C VAL V 215 -69.13 -21.14 0.19
N VAL V 216 -70.01 -22.13 0.14
CA VAL V 216 -71.43 -21.87 0.32
C VAL V 216 -71.70 -21.36 1.73
N GLY V 217 -71.16 -22.06 2.73
CA GLY V 217 -71.36 -21.62 4.11
C GLY V 217 -70.81 -20.23 4.37
N GLY V 218 -69.68 -19.90 3.75
CA GLY V 218 -69.15 -18.55 3.87
C GLY V 218 -70.12 -17.50 3.36
N HIS V 219 -70.82 -17.80 2.26
CA HIS V 219 -71.76 -16.83 1.70
C HIS V 219 -73.05 -16.76 2.51
N ILE V 220 -73.42 -17.85 3.21
CA ILE V 220 -74.51 -17.74 4.17
C ILE V 220 -74.14 -16.75 5.26
N TRP V 221 -72.92 -16.85 5.79
CA TRP V 221 -72.48 -15.93 6.82
C TRP V 221 -72.41 -14.50 6.30
N ILE V 222 -71.83 -14.30 5.12
CA ILE V 222 -71.71 -12.94 4.57
C ILE V 222 -73.09 -12.37 4.27
N GLY V 223 -74.02 -13.21 3.79
CA GLY V 223 -75.35 -12.73 3.53
C GLY V 223 -76.03 -12.19 4.78
N LEU V 224 -75.98 -12.96 5.87
CA LEU V 224 -76.61 -12.53 7.11
C LEU V 224 -75.88 -11.34 7.72
N ILE V 225 -74.55 -11.33 7.65
CA ILE V 225 -73.78 -10.20 8.17
C ILE V 225 -74.18 -8.91 7.47
N CYS V 226 -74.31 -8.95 6.14
CA CYS V 226 -74.62 -7.74 5.38
C CYS V 226 -76.04 -7.26 5.65
N ILE V 227 -76.99 -8.19 5.78
CA ILE V 227 -78.37 -7.80 6.07
C ILE V 227 -78.47 -7.22 7.48
N ALA V 228 -77.82 -7.86 8.45
CA ALA V 228 -77.78 -7.31 9.80
C ALA V 228 -77.12 -5.94 9.82
N GLY V 229 -75.94 -5.83 9.22
CA GLY V 229 -75.24 -4.55 9.19
C GLY V 229 -76.08 -3.46 8.54
N GLY V 230 -76.81 -3.80 7.48
CA GLY V 230 -77.65 -2.83 6.81
C GLY V 230 -78.80 -2.38 7.70
N ILE V 231 -79.44 -3.32 8.40
CA ILE V 231 -80.48 -2.96 9.36
C ILE V 231 -79.90 -2.09 10.46
N TRP V 232 -78.70 -2.45 10.95
CA TRP V 232 -78.02 -1.66 11.96
C TRP V 232 -77.81 -0.22 11.51
N HIS V 233 -77.35 -0.02 10.28
CA HIS V 233 -77.05 1.32 9.80
C HIS V 233 -78.30 2.13 9.42
N ILE V 234 -79.41 1.47 9.11
CA ILE V 234 -80.66 2.18 8.94
C ILE V 234 -81.16 2.71 10.28
N LEU V 235 -80.90 1.97 11.36
CA LEU V 235 -81.46 2.22 12.68
C LEU V 235 -80.59 3.06 13.60
N THR V 236 -79.31 3.24 13.29
CA THR V 236 -78.39 3.95 14.14
C THR V 236 -77.79 5.15 13.40
N THR V 237 -77.00 5.92 14.13
CA THR V 237 -76.22 7.02 13.60
C THR V 237 -74.79 6.89 14.10
N PRO V 238 -73.81 7.37 13.33
CA PRO V 238 -72.40 7.12 13.70
C PRO V 238 -72.07 7.62 15.10
N PHE V 239 -71.36 6.78 15.84
CA PHE V 239 -70.98 7.12 17.21
C PHE V 239 -69.93 8.22 17.21
N GLY V 240 -69.80 8.88 18.36
CA GLY V 240 -68.86 9.97 18.48
C GLY V 240 -67.45 9.61 18.05
N TRP V 241 -66.98 8.43 18.44
CA TRP V 241 -65.63 8.04 18.08
C TRP V 241 -65.47 7.92 16.57
N ALA V 242 -66.51 7.44 15.89
CA ALA V 242 -66.49 7.43 14.43
C ALA V 242 -66.54 8.85 13.86
N ARG V 243 -67.40 9.69 14.44
CA ARG V 243 -67.54 11.06 13.92
C ARG V 243 -66.21 11.78 13.95
N ARG V 244 -65.44 11.61 15.02
CA ARG V 244 -64.18 12.33 15.16
C ARG V 244 -63.05 11.72 14.35
N ALA V 245 -63.21 10.49 13.86
CA ALA V 245 -62.13 9.80 13.17
C ALA V 245 -62.16 9.99 11.66
N PHE V 246 -63.32 10.26 11.08
CA PHE V 246 -63.48 10.27 9.64
C PHE V 246 -63.67 11.69 9.12
N ILE V 247 -63.40 11.86 7.84
CA ILE V 247 -63.83 13.03 7.09
C ILE V 247 -65.19 12.70 6.50
N TRP V 248 -66.11 13.64 6.59
CA TRP V 248 -67.50 13.42 6.19
C TRP V 248 -67.79 14.30 4.98
N SER V 249 -67.53 13.75 3.79
CA SER V 249 -67.75 14.47 2.55
C SER V 249 -67.85 13.45 1.43
N GLY V 250 -68.49 13.86 0.32
CA GLY V 250 -68.62 12.97 -0.82
C GLY V 250 -67.27 12.46 -1.31
N GLU V 251 -66.29 13.36 -1.43
CA GLU V 251 -64.99 12.93 -1.93
C GLU V 251 -64.29 12.01 -0.94
N ALA V 252 -64.48 12.22 0.37
CA ALA V 252 -63.91 11.32 1.36
C ALA V 252 -64.52 9.93 1.22
N TYR V 253 -65.86 9.86 1.13
CA TYR V 253 -66.53 8.57 0.96
C TYR V 253 -66.03 7.85 -0.28
N LEU V 254 -65.88 8.59 -1.38
CA LEU V 254 -65.32 7.99 -2.59
C LEU V 254 -63.94 7.41 -2.33
N SER V 255 -63.08 8.16 -1.62
CA SER V 255 -61.72 7.69 -1.35
C SER V 255 -61.73 6.43 -0.51
N TYR V 256 -62.67 6.30 0.43
CA TYR V 256 -62.74 5.08 1.22
C TYR V 256 -63.08 3.89 0.33
N SER V 257 -64.07 4.06 -0.54
CA SER V 257 -64.46 2.98 -1.45
C SER V 257 -63.34 2.65 -2.42
N LEU V 258 -62.56 3.65 -2.84
CA LEU V 258 -61.43 3.36 -3.73
C LEU V 258 -60.39 2.49 -3.04
N GLY V 259 -60.08 2.77 -1.77
CA GLY V 259 -59.18 1.89 -1.04
C GLY V 259 -59.74 0.50 -0.91
N ALA V 260 -61.05 0.38 -0.68
CA ALA V 260 -61.69 -0.92 -0.56
C ALA V 260 -61.61 -1.70 -1.87
N LEU V 261 -61.93 -1.05 -2.99
CA LEU V 261 -61.91 -1.75 -4.26
C LEU V 261 -60.50 -2.14 -4.66
N SER V 262 -59.50 -1.30 -4.35
CA SER V 262 -58.10 -1.66 -4.63
C SER V 262 -57.73 -2.95 -3.92
N MET V 263 -58.02 -3.02 -2.62
CA MET V 263 -57.77 -4.24 -1.85
C MET V 263 -58.46 -5.43 -2.47
N MET V 264 -59.71 -5.27 -2.87
CA MET V 264 -60.46 -6.38 -3.46
C MET V 264 -59.84 -6.80 -4.78
N GLY V 265 -59.37 -5.84 -5.58
CA GLY V 265 -58.72 -6.19 -6.83
C GLY V 265 -57.44 -6.99 -6.63
N PHE V 266 -56.61 -6.58 -5.68
CA PHE V 266 -55.42 -7.36 -5.36
C PHE V 266 -55.79 -8.76 -4.90
N ILE V 267 -56.85 -8.87 -4.10
CA ILE V 267 -57.32 -10.18 -3.63
C ILE V 267 -57.82 -11.03 -4.80
N ALA V 268 -58.59 -10.43 -5.71
CA ALA V 268 -59.05 -11.20 -6.88
C ALA V 268 -57.88 -11.69 -7.72
N THR V 269 -56.85 -10.86 -7.86
CA THR V 269 -55.67 -11.27 -8.62
C THR V 269 -55.08 -12.56 -8.05
N CYS V 270 -54.93 -12.63 -6.73
CA CYS V 270 -54.35 -13.83 -6.12
C CYS V 270 -55.32 -15.00 -6.20
N PHE V 271 -56.62 -14.73 -6.07
CA PHE V 271 -57.61 -15.79 -6.19
C PHE V 271 -57.52 -16.50 -7.54
N VAL V 272 -57.50 -15.73 -8.63
CA VAL V 272 -57.48 -16.38 -9.94
C VAL V 272 -56.10 -16.96 -10.26
N TRP V 273 -55.05 -16.49 -9.60
CA TRP V 273 -53.73 -17.05 -9.89
C TRP V 273 -53.51 -18.37 -9.18
N PHE V 274 -54.01 -18.51 -7.94
CA PHE V 274 -53.73 -19.68 -7.13
C PHE V 274 -54.89 -20.64 -6.95
N ASN V 275 -56.14 -20.16 -6.90
CA ASN V 275 -57.26 -21.00 -6.50
C ASN V 275 -57.80 -21.75 -7.70
N ASN V 276 -57.98 -23.08 -7.56
CA ASN V 276 -58.54 -23.88 -8.63
C ASN V 276 -59.85 -24.56 -8.23
N THR V 277 -60.53 -24.02 -7.21
CA THR V 277 -61.84 -24.51 -6.77
C THR V 277 -62.97 -23.63 -7.29
N VAL V 278 -62.96 -22.34 -6.96
CA VAL V 278 -63.93 -21.41 -7.53
C VAL V 278 -63.46 -20.85 -8.87
N TYR V 279 -62.21 -21.12 -9.26
CA TYR V 279 -61.73 -20.94 -10.63
C TYR V 279 -61.28 -22.31 -11.13
N PRO V 280 -62.21 -23.15 -11.56
CA PRO V 280 -61.85 -24.53 -11.94
C PRO V 280 -60.87 -24.54 -13.10
N SER V 281 -59.82 -25.36 -12.97
CA SER V 281 -58.84 -25.47 -14.03
C SER V 281 -59.45 -26.03 -15.31
N GLU V 282 -60.54 -26.80 -15.18
CA GLU V 282 -61.30 -27.22 -16.35
C GLU V 282 -61.73 -26.05 -17.21
N PHE V 283 -62.03 -24.91 -16.60
CA PHE V 283 -62.57 -23.76 -17.31
C PHE V 283 -61.53 -22.67 -17.54
N TYR V 284 -60.65 -22.44 -16.58
CA TYR V 284 -59.68 -21.35 -16.64
C TYR V 284 -58.29 -21.79 -17.06
N GLY V 285 -58.05 -23.10 -17.16
CA GLY V 285 -56.72 -23.60 -17.39
C GLY V 285 -56.00 -23.85 -16.08
N PRO V 286 -54.87 -24.55 -16.13
CA PRO V 286 -54.13 -24.83 -14.90
C PRO V 286 -53.55 -23.54 -14.30
N THR V 287 -53.39 -23.54 -12.98
CA THR V 287 -52.62 -22.47 -12.38
C THR V 287 -51.13 -22.64 -12.72
N GLY V 288 -50.37 -21.58 -12.49
CA GLY V 288 -48.94 -21.62 -12.63
C GLY V 288 -48.31 -22.75 -11.83
N PRO V 289 -48.57 -22.80 -10.52
CA PRO V 289 -48.10 -23.95 -9.74
C PRO V 289 -48.54 -25.28 -10.33
N GLU V 290 -49.80 -25.35 -10.77
CA GLU V 290 -50.37 -26.60 -11.28
C GLU V 290 -49.62 -27.10 -12.51
N ALA V 291 -49.39 -26.22 -13.48
CA ALA V 291 -48.69 -26.63 -14.70
C ALA V 291 -47.25 -27.04 -14.42
N SER V 292 -46.60 -26.38 -13.46
CA SER V 292 -45.24 -26.74 -13.09
C SER V 292 -45.22 -28.12 -12.42
N GLN V 293 -46.16 -28.38 -11.51
CA GLN V 293 -46.27 -29.73 -10.94
C GLN V 293 -46.57 -30.76 -12.02
N ALA V 294 -47.44 -30.40 -12.97
CA ALA V 294 -47.84 -31.33 -14.03
C ALA V 294 -46.66 -31.73 -14.91
N GLN V 295 -45.70 -30.82 -15.11
CA GLN V 295 -44.50 -31.17 -15.88
C GLN V 295 -43.68 -32.23 -15.16
N ALA V 296 -43.40 -32.02 -13.87
CA ALA V 296 -42.65 -33.04 -13.13
C ALA V 296 -43.40 -34.37 -13.16
N MET V 297 -44.71 -34.33 -13.00
CA MET V 297 -45.52 -35.53 -13.08
C MET V 297 -45.36 -36.23 -14.44
N THR V 298 -45.37 -35.45 -15.52
CA THR V 298 -45.29 -36.01 -16.87
C THR V 298 -43.98 -36.77 -17.06
N PHE V 299 -42.85 -36.19 -16.65
CA PHE V 299 -41.58 -36.87 -16.88
C PHE V 299 -41.31 -37.93 -15.86
N LEU V 300 -41.88 -37.83 -14.66
CA LEU V 300 -41.89 -38.97 -13.76
C LEU V 300 -42.57 -40.15 -14.44
N ILE V 301 -43.76 -39.93 -15.01
CA ILE V 301 -44.50 -41.00 -15.67
C ILE V 301 -43.70 -41.58 -16.84
N ARG V 302 -43.17 -40.70 -17.71
CA ARG V 302 -42.44 -41.18 -18.88
C ARG V 302 -41.23 -42.01 -18.46
N ASP V 303 -40.40 -41.47 -17.56
CA ASP V 303 -39.15 -42.12 -17.20
C ASP V 303 -39.38 -43.41 -16.41
N GLN V 304 -40.39 -43.42 -15.55
CA GLN V 304 -40.73 -44.65 -14.85
C GLN V 304 -41.17 -45.74 -15.82
N LYS V 305 -41.99 -45.38 -16.82
CA LYS V 305 -42.35 -46.36 -17.84
C LYS V 305 -41.12 -46.94 -18.53
N LEU V 306 -40.06 -46.15 -18.67
CA LEU V 306 -38.82 -46.62 -19.30
C LEU V 306 -38.01 -47.52 -18.39
N GLY V 307 -38.35 -47.60 -17.11
CA GLY V 307 -37.66 -48.44 -16.16
C GLY V 307 -37.03 -47.71 -14.99
N ALA V 308 -37.12 -46.37 -14.91
CA ALA V 308 -36.46 -45.65 -13.84
C ALA V 308 -37.09 -45.94 -12.48
N ASN V 309 -36.26 -46.03 -11.45
CA ASN V 309 -36.73 -46.07 -10.06
C ASN V 309 -36.76 -44.63 -9.57
N VAL V 310 -37.93 -43.99 -9.70
CA VAL V 310 -38.00 -42.55 -9.50
C VAL V 310 -37.81 -42.14 -8.05
N GLY V 311 -38.06 -43.05 -7.10
CA GLY V 311 -37.81 -42.71 -5.70
C GLY V 311 -36.33 -42.63 -5.35
N SER V 312 -35.49 -43.40 -6.03
CA SER V 312 -34.07 -43.44 -5.69
C SER V 312 -33.20 -42.70 -6.70
N ALA V 313 -33.80 -42.02 -7.68
CA ALA V 313 -33.03 -41.33 -8.71
C ALA V 313 -32.49 -40.01 -8.17
N GLN V 314 -31.17 -39.95 -8.01
CA GLN V 314 -30.48 -38.76 -7.55
C GLN V 314 -30.24 -37.80 -8.71
N GLY V 315 -30.66 -36.55 -8.57
CA GLY V 315 -30.39 -35.55 -9.58
C GLY V 315 -28.98 -34.99 -9.48
N PRO V 316 -28.63 -34.13 -10.44
CA PRO V 316 -27.27 -33.59 -10.48
C PRO V 316 -26.82 -32.87 -9.21
N THR V 317 -27.74 -32.22 -8.48
CA THR V 317 -27.35 -31.47 -7.28
C THR V 317 -27.23 -32.34 -6.03
N GLY V 318 -27.71 -33.59 -6.08
CA GLY V 318 -27.83 -34.45 -4.92
C GLY V 318 -29.26 -34.61 -4.44
N LEU V 319 -30.12 -33.63 -4.71
CA LEU V 319 -31.54 -33.78 -4.47
C LEU V 319 -32.14 -34.76 -5.47
N GLY V 320 -33.26 -35.37 -5.09
CA GLY V 320 -33.93 -36.28 -6.00
C GLY V 320 -34.34 -35.59 -7.29
N LYS V 321 -34.08 -36.26 -8.40
CA LYS V 321 -34.42 -35.71 -9.71
C LYS V 321 -35.92 -35.59 -9.87
N TYR V 322 -36.68 -36.56 -9.35
CA TYR V 322 -38.14 -36.57 -9.46
C TYR V 322 -38.84 -36.26 -8.14
N LEU V 323 -38.29 -36.73 -7.03
CA LEU V 323 -38.93 -36.64 -5.74
C LEU V 323 -37.91 -36.21 -4.68
N MET V 324 -38.36 -35.36 -3.76
CA MET V 324 -37.53 -34.87 -2.68
C MET V 324 -38.45 -34.57 -1.49
N ARG V 325 -37.87 -34.00 -0.44
CA ARG V 325 -38.63 -33.58 0.73
C ARG V 325 -38.80 -32.07 0.77
N SER V 326 -39.97 -31.63 1.22
CA SER V 326 -40.19 -30.23 1.59
C SER V 326 -39.40 -29.93 2.86
N PRO V 327 -39.28 -28.65 3.24
CA PRO V 327 -38.53 -28.33 4.47
C PRO V 327 -39.11 -28.94 5.74
N THR V 328 -40.36 -29.39 5.72
CA THR V 328 -40.92 -30.10 6.86
C THR V 328 -41.09 -31.60 6.60
N GLY V 329 -40.49 -32.13 5.53
CA GLY V 329 -40.36 -33.56 5.37
C GLY V 329 -41.30 -34.21 4.36
N GLU V 330 -42.38 -33.54 3.96
CA GLU V 330 -43.30 -34.14 3.01
C GLU V 330 -42.60 -34.50 1.70
N ILE V 331 -43.00 -35.62 1.10
CA ILE V 331 -42.46 -36.03 -0.19
C ILE V 331 -43.11 -35.20 -1.28
N ILE V 332 -42.30 -34.53 -2.10
CA ILE V 332 -42.77 -33.55 -3.08
C ILE V 332 -42.01 -33.76 -4.40
N PHE V 333 -42.54 -33.19 -5.47
CA PHE V 333 -41.86 -33.23 -6.76
C PHE V 333 -40.57 -32.43 -6.71
N GLY V 334 -39.53 -32.94 -7.39
CA GLY V 334 -38.22 -32.30 -7.41
C GLY V 334 -38.04 -31.38 -8.61
N GLY V 335 -36.83 -30.81 -8.72
CA GLY V 335 -36.60 -29.71 -9.65
C GLY V 335 -37.13 -28.39 -9.11
N GLU V 336 -37.20 -27.38 -10.00
CA GLU V 336 -37.61 -26.04 -9.56
C GLU V 336 -39.00 -26.03 -8.94
N THR V 337 -39.85 -26.99 -9.33
CA THR V 337 -41.20 -27.08 -8.79
C THR V 337 -41.20 -27.43 -7.30
N MET V 338 -40.04 -27.61 -6.67
CA MET V 338 -40.01 -27.70 -5.22
C MET V 338 -40.73 -26.52 -4.57
N ARG V 339 -40.75 -25.35 -5.22
CA ARG V 339 -41.42 -24.18 -4.66
C ARG V 339 -42.94 -24.33 -4.64
N PHE V 340 -43.49 -25.21 -5.49
CA PHE V 340 -44.93 -25.30 -5.69
C PHE V 340 -45.55 -26.45 -4.93
N TRP V 341 -44.88 -26.97 -3.90
CA TRP V 341 -45.37 -28.20 -3.27
C TRP V 341 -46.66 -27.99 -2.50
N ASP V 342 -47.08 -26.74 -2.24
CA ASP V 342 -48.39 -26.53 -1.62
C ASP V 342 -49.52 -26.72 -2.60
N PHE V 343 -49.23 -26.89 -3.88
CA PHE V 343 -50.29 -27.10 -4.86
C PHE V 343 -51.14 -28.33 -4.50
N ARG V 344 -52.45 -28.21 -4.72
CA ARG V 344 -53.37 -29.33 -4.58
C ARG V 344 -54.36 -29.31 -5.73
N GLY V 345 -54.59 -30.47 -6.34
CA GLY V 345 -55.50 -30.57 -7.46
C GLY V 345 -56.03 -31.98 -7.57
N PRO V 346 -57.23 -32.15 -8.15
CA PRO V 346 -57.87 -33.48 -8.13
C PRO V 346 -57.14 -34.55 -8.93
N TRP V 347 -56.34 -34.18 -9.94
CA TRP V 347 -55.59 -35.17 -10.69
C TRP V 347 -54.38 -35.69 -9.91
N LEU V 348 -53.93 -34.95 -8.91
CA LEU V 348 -52.71 -35.30 -8.19
C LEU V 348 -52.98 -35.92 -6.83
N GLU V 349 -54.04 -35.50 -6.14
CA GLU V 349 -54.31 -36.00 -4.80
C GLU V 349 -54.42 -37.52 -4.68
N PRO V 350 -54.90 -38.29 -5.67
CA PRO V 350 -54.91 -39.76 -5.49
C PRO V 350 -53.51 -40.35 -5.26
N LEU V 351 -52.45 -39.64 -5.64
CA LEU V 351 -51.10 -40.14 -5.43
C LEU V 351 -50.54 -39.73 -4.08
N ARG V 352 -51.30 -38.99 -3.28
CA ARG V 352 -50.80 -38.43 -2.02
C ARG V 352 -51.20 -39.31 -0.84
N GLY V 353 -50.24 -39.60 0.04
CA GLY V 353 -50.50 -40.27 1.28
C GLY V 353 -50.20 -39.37 2.47
N PRO V 354 -50.21 -39.95 3.68
CA PRO V 354 -49.96 -39.14 4.88
C PRO V 354 -48.65 -38.37 4.87
N ASN V 355 -47.59 -38.91 4.27
CA ASN V 355 -46.28 -38.26 4.26
C ASN V 355 -46.02 -37.49 2.97
N GLY V 356 -47.06 -37.30 2.15
CA GLY V 356 -46.87 -36.67 0.86
C GLY V 356 -46.99 -37.68 -0.26
N LEU V 357 -46.35 -37.40 -1.40
CA LEU V 357 -46.45 -38.30 -2.53
C LEU V 357 -45.99 -39.69 -2.13
N ASP V 358 -46.79 -40.69 -2.49
CA ASP V 358 -46.63 -42.06 -2.03
C ASP V 358 -45.99 -42.89 -3.13
N LEU V 359 -44.80 -43.43 -2.84
CA LEU V 359 -44.01 -44.11 -3.85
C LEU V 359 -44.74 -45.35 -4.39
N ASN V 360 -45.39 -46.12 -3.50
CA ASN V 360 -46.17 -47.26 -3.97
C ASN V 360 -47.32 -46.84 -4.87
N LYS V 361 -48.02 -45.76 -4.52
CA LYS V 361 -49.11 -45.29 -5.39
C LYS V 361 -48.55 -44.81 -6.73
N ILE V 362 -47.40 -44.14 -6.70
CA ILE V 362 -46.75 -43.70 -7.94
C ILE V 362 -46.34 -44.90 -8.79
N LYS V 363 -45.83 -45.94 -8.16
CA LYS V 363 -45.39 -47.12 -8.92
C LYS V 363 -46.56 -47.87 -9.54
N ASN V 364 -47.70 -47.91 -8.87
CA ASN V 364 -48.75 -48.86 -9.21
C ASN V 364 -50.07 -48.25 -9.67
N ASP V 365 -50.38 -47.01 -9.29
CA ASP V 365 -51.76 -46.54 -9.38
C ASP V 365 -52.01 -45.35 -10.30
N ILE V 366 -51.03 -44.86 -11.03
CA ILE V 366 -51.29 -43.74 -11.95
C ILE V 366 -52.15 -44.23 -13.10
N GLN V 367 -53.32 -43.60 -13.28
CA GLN V 367 -54.24 -43.96 -14.35
C GLN V 367 -53.96 -43.13 -15.60
N PRO V 368 -54.35 -43.64 -16.78
CA PRO V 368 -54.19 -42.84 -18.00
C PRO V 368 -54.84 -41.46 -17.94
N TRP V 369 -55.98 -41.30 -17.26
CA TRP V 369 -56.57 -39.97 -17.21
C TRP V 369 -55.67 -38.99 -16.47
N GLN V 370 -54.89 -39.47 -15.51
CA GLN V 370 -53.94 -38.60 -14.81
C GLN V 370 -52.78 -38.22 -15.73
N GLU V 371 -52.26 -39.18 -16.50
CA GLU V 371 -51.22 -38.84 -17.47
C GLU V 371 -51.74 -37.83 -18.49
N ARG V 372 -52.96 -38.03 -18.98
CA ARG V 372 -53.56 -37.09 -19.94
C ARG V 372 -53.68 -35.71 -19.34
N ARG V 373 -54.17 -35.64 -18.10
CA ARG V 373 -54.38 -34.34 -17.47
CA ARG V 373 -54.38 -34.34 -17.45
C ARG V 373 -53.06 -33.62 -17.21
N ALA V 374 -52.07 -34.35 -16.70
CA ALA V 374 -50.77 -33.73 -16.45
C ALA V 374 -50.14 -33.21 -17.74
N ALA V 375 -50.25 -33.98 -18.82
CA ALA V 375 -49.73 -33.54 -20.12
C ALA V 375 -50.46 -32.30 -20.62
N GLU V 376 -51.78 -32.33 -20.55
CA GLU V 376 -52.59 -31.17 -20.93
C GLU V 376 -52.19 -29.94 -20.13
N TYR V 377 -52.04 -30.08 -18.81
CA TYR V 377 -51.77 -28.90 -18.00
C TYR V 377 -50.35 -28.41 -18.20
N MET V 378 -49.38 -29.32 -18.34
CA MET V 378 -48.01 -28.91 -18.60
C MET V 378 -47.90 -28.09 -19.88
N THR V 379 -48.70 -28.41 -20.90
CA THR V 379 -48.62 -27.75 -22.20
C THR V 379 -49.64 -26.62 -22.36
N HIS V 380 -50.36 -26.27 -21.28
CA HIS V 380 -51.19 -25.07 -21.25
C HIS V 380 -50.84 -24.24 -20.01
N ALA V 381 -49.56 -24.20 -19.66
CA ALA V 381 -49.10 -23.37 -18.56
C ALA V 381 -49.40 -21.90 -18.84
N PRO V 382 -49.71 -21.12 -17.81
CA PRO V 382 -50.04 -19.71 -18.02
C PRO V 382 -48.81 -18.86 -18.34
N LEU V 383 -48.20 -19.11 -19.50
CA LEU V 383 -47.10 -18.31 -20.03
C LEU V 383 -47.42 -18.00 -21.49
N GLY V 384 -47.16 -16.76 -21.89
CA GLY V 384 -47.46 -16.35 -23.25
C GLY V 384 -47.19 -14.87 -23.43
N SER V 385 -47.17 -14.44 -24.70
CA SER V 385 -46.82 -13.08 -25.05
C SER V 385 -48.07 -12.19 -25.11
N LEU V 386 -47.83 -10.87 -25.15
CA LEU V 386 -48.92 -9.91 -25.23
C LEU V 386 -49.73 -10.07 -26.52
N ASN V 387 -49.08 -10.47 -27.63
CA ASN V 387 -49.81 -10.79 -28.87
C ASN V 387 -50.34 -12.23 -28.88
N SER V 388 -50.39 -12.89 -27.72
CA SER V 388 -51.01 -14.22 -27.55
C SER V 388 -50.26 -15.34 -28.29
N VAL V 389 -48.93 -15.29 -28.23
CA VAL V 389 -48.10 -16.43 -28.64
C VAL V 389 -47.88 -17.27 -27.39
N GLY V 390 -48.40 -18.49 -27.38
CA GLY V 390 -48.34 -19.31 -26.18
C GLY V 390 -46.94 -19.84 -25.96
N GLY V 391 -46.54 -19.90 -24.68
CA GLY V 391 -45.31 -20.54 -24.27
C GLY V 391 -44.31 -19.58 -23.66
N VAL V 392 -43.09 -20.08 -23.47
CA VAL V 392 -42.01 -19.25 -22.94
C VAL V 392 -41.67 -18.14 -23.93
N ALA V 393 -40.94 -17.14 -23.44
CA ALA V 393 -40.67 -15.95 -24.26
C ALA V 393 -39.82 -16.25 -25.49
N THR V 394 -39.06 -17.36 -25.50
CA THR V 394 -38.25 -17.71 -26.66
C THR V 394 -38.96 -18.64 -27.65
N GLU V 395 -40.21 -19.02 -27.37
CA GLU V 395 -40.90 -19.94 -28.26
C GLU V 395 -41.20 -19.29 -29.61
N ILE V 396 -41.21 -20.10 -30.67
CA ILE V 396 -41.60 -19.62 -31.99
C ILE V 396 -43.12 -19.44 -32.05
N ASN V 397 -43.57 -18.61 -32.99
CA ASN V 397 -44.99 -18.53 -33.30
C ASN V 397 -45.52 -19.89 -33.73
N SER V 398 -46.76 -20.20 -33.32
CA SER V 398 -47.49 -21.41 -33.71
C SER V 398 -48.77 -21.55 -32.91
N VAL V 399 -48.69 -21.40 -31.60
CA VAL V 399 -49.81 -21.64 -30.70
C VAL V 399 -50.37 -20.29 -30.25
N ASN V 400 -51.65 -20.07 -30.49
CA ASN V 400 -52.35 -18.83 -30.14
C ASN V 400 -52.95 -19.05 -28.76
N PHE V 401 -52.26 -18.59 -27.71
CA PHE V 401 -52.70 -18.93 -26.36
C PHE V 401 -52.12 -17.96 -25.34
N VAL V 402 -52.99 -17.34 -24.55
CA VAL V 402 -52.66 -16.78 -23.25
C VAL V 402 -53.75 -17.23 -22.29
N SER V 403 -53.34 -17.79 -21.17
CA SER V 403 -54.28 -18.36 -20.21
C SER V 403 -55.25 -17.29 -19.71
N PRO V 404 -56.53 -17.64 -19.54
CA PRO V 404 -57.45 -16.72 -18.85
C PRO V 404 -56.95 -16.32 -17.48
N ARG V 405 -56.17 -17.18 -16.82
CA ARG V 405 -55.66 -16.80 -15.50
C ARG V 405 -54.69 -15.62 -15.60
N SER V 406 -53.85 -15.60 -16.66
CA SER V 406 -52.96 -14.45 -16.83
C SER V 406 -53.73 -13.19 -17.20
N TRP V 407 -54.69 -13.31 -18.12
CA TRP V 407 -55.51 -12.14 -18.48
C TRP V 407 -56.20 -11.56 -17.26
N LEU V 408 -56.77 -12.42 -16.42
CA LEU V 408 -57.55 -11.94 -15.29
C LEU V 408 -56.65 -11.41 -14.17
N ALA V 409 -55.49 -12.04 -13.96
CA ALA V 409 -54.58 -11.56 -12.91
C ALA V 409 -53.95 -10.23 -13.29
N THR V 410 -53.47 -10.09 -14.52
CA THR V 410 -52.78 -8.86 -14.91
C THR V 410 -53.76 -7.69 -14.94
N SER V 411 -54.93 -7.87 -15.57
CA SER V 411 -55.88 -6.77 -15.63
C SER V 411 -56.25 -6.29 -14.23
N HIS V 412 -56.49 -7.21 -13.31
CA HIS V 412 -56.94 -6.76 -12.00
C HIS V 412 -55.82 -6.26 -11.13
N PHE V 413 -54.57 -6.64 -11.40
CA PHE V 413 -53.48 -5.98 -10.69
C PHE V 413 -53.35 -4.53 -11.15
N VAL V 414 -53.40 -4.31 -12.47
CA VAL V 414 -53.33 -2.95 -13.00
C VAL V 414 -54.46 -2.10 -12.43
N LEU V 415 -55.68 -2.65 -12.43
CA LEU V 415 -56.81 -1.88 -11.93
C LEU V 415 -56.70 -1.64 -10.43
N ALA V 416 -56.31 -2.65 -9.66
CA ALA V 416 -56.15 -2.48 -8.22
C ALA V 416 -55.08 -1.43 -7.91
N PHE V 417 -53.99 -1.41 -8.66
CA PHE V 417 -52.94 -0.45 -8.37
C PHE V 417 -53.43 0.98 -8.60
N PHE V 418 -54.03 1.25 -9.76
CA PHE V 418 -54.48 2.60 -10.05
C PHE V 418 -55.56 3.02 -9.08
N PHE V 419 -56.36 2.07 -8.58
CA PHE V 419 -57.37 2.44 -7.60
C PHE V 419 -56.74 2.75 -6.25
N LEU V 420 -55.57 2.17 -5.94
CA LEU V 420 -54.83 2.63 -4.76
C LEU V 420 -54.32 4.05 -4.98
N VAL V 421 -53.81 4.36 -6.17
CA VAL V 421 -53.42 5.73 -6.48
C VAL V 421 -54.61 6.67 -6.34
N GLY V 422 -55.77 6.25 -6.85
CA GLY V 422 -56.96 7.06 -6.74
C GLY V 422 -57.39 7.25 -5.30
N HIS V 423 -57.25 6.20 -4.48
CA HIS V 423 -57.51 6.35 -3.05
C HIS V 423 -56.62 7.43 -2.45
N LEU V 424 -55.30 7.36 -2.71
CA LEU V 424 -54.40 8.37 -2.16
C LEU V 424 -54.76 9.76 -2.70
N TRP V 425 -55.01 9.86 -4.00
CA TRP V 425 -55.36 11.15 -4.59
C TRP V 425 -56.57 11.75 -3.89
N HIS V 426 -57.67 10.98 -3.83
CA HIS V 426 -58.92 11.54 -3.31
C HIS V 426 -58.91 11.63 -1.78
N ALA V 427 -58.18 10.75 -1.09
CA ALA V 427 -58.09 10.87 0.37
C ALA V 427 -57.32 12.12 0.77
N GLY V 428 -56.15 12.33 0.17
CA GLY V 428 -55.41 13.55 0.47
C GLY V 428 -56.18 14.80 0.10
N ARG V 429 -56.89 14.76 -1.03
CA ARG V 429 -57.65 15.94 -1.45
C ARG V 429 -58.84 16.18 -0.52
N ALA V 430 -59.54 15.11 -0.10
CA ALA V 430 -60.66 15.28 0.80
C ALA V 430 -60.22 15.89 2.12
N ARG V 431 -59.05 15.48 2.62
CA ARG V 431 -58.51 16.06 3.85
C ARG V 431 -58.20 17.53 3.67
N ALA V 432 -57.47 17.87 2.60
CA ALA V 432 -57.10 19.26 2.36
C ALA V 432 -58.33 20.13 2.11
N ALA V 433 -59.33 19.59 1.41
CA ALA V 433 -60.55 20.36 1.13
C ALA V 433 -61.38 20.60 2.38
N ALA V 434 -61.49 19.58 3.24
CA ALA V 434 -62.24 19.77 4.48
C ALA V 434 -61.55 20.77 5.39
N ALA V 435 -60.22 20.80 5.38
CA ALA V 435 -59.46 21.74 6.19
C ALA V 435 -59.32 23.11 5.55
N GLY V 436 -59.62 23.23 4.25
CA GLY V 436 -59.68 24.52 3.59
C GLY V 436 -58.41 24.98 2.89
N PHE V 437 -57.52 24.08 2.48
CA PHE V 437 -56.36 24.55 1.74
C PHE V 437 -56.10 23.71 0.49
N GLU V 438 -57.15 23.10 -0.07
CA GLU V 438 -56.97 22.31 -1.28
C GLU V 438 -56.65 23.17 -2.50
N LYS V 439 -56.87 24.48 -2.42
CA LYS V 439 -56.57 25.36 -3.55
C LYS V 439 -55.24 26.08 -3.41
N GLY V 440 -54.47 25.82 -2.35
CA GLY V 440 -53.17 26.43 -2.15
C GLY V 440 -53.05 27.09 -0.80
N ILE V 441 -51.87 27.65 -0.55
CA ILE V 441 -51.54 28.30 0.72
C ILE V 441 -52.01 29.75 0.68
N ASP V 442 -52.61 30.19 1.78
CA ASP V 442 -53.04 31.59 1.91
C ASP V 442 -51.81 32.49 2.10
N ARG V 443 -51.57 33.37 1.13
CA ARG V 443 -50.38 34.22 1.20
C ARG V 443 -50.37 35.05 2.48
N GLU V 444 -51.54 35.51 2.93
CA GLU V 444 -51.63 36.35 4.12
C GLU V 444 -51.61 35.55 5.41
N SER V 445 -51.66 34.24 5.35
CA SER V 445 -51.72 33.42 6.54
C SER V 445 -51.02 32.09 6.25
N GLU V 446 -49.74 32.16 5.87
CA GLU V 446 -48.96 30.98 5.52
C GLU V 446 -48.53 30.26 6.79
N PRO V 447 -49.05 29.05 7.04
CA PRO V 447 -48.81 28.42 8.36
C PRO V 447 -47.34 28.28 8.74
N VAL V 448 -46.46 27.93 7.81
CA VAL V 448 -45.05 27.72 8.16
C VAL V 448 -44.40 29.00 8.69
N LEU V 449 -44.87 30.17 8.23
CA LEU V 449 -44.29 31.43 8.69
C LEU V 449 -44.59 31.71 10.16
N SER V 450 -45.58 31.04 10.74
CA SER V 450 -45.87 31.18 12.16
C SER V 450 -45.22 30.09 13.00
N MET V 451 -44.40 29.25 12.38
CA MET V 451 -43.78 28.20 13.14
C MET V 451 -42.34 28.56 13.48
N PRO V 452 -41.81 28.07 14.60
CA PRO V 452 -40.40 28.30 14.89
C PRO V 452 -39.52 27.60 13.86
N SER V 453 -38.36 28.19 13.60
CA SER V 453 -37.37 27.55 12.74
C SER V 453 -37.03 26.17 13.26
N LEU V 454 -36.64 25.28 12.33
CA LEU V 454 -36.20 23.95 12.73
C LEU V 454 -34.84 24.01 13.40
N ASP V 455 -34.04 25.01 13.05
CA ASP V 455 -32.71 25.19 13.60
C ASP V 455 -32.24 26.61 13.39
N GLU W 1 -27.21 52.11 -48.50
CA GLU W 1 -27.23 50.78 -49.08
C GLU W 1 -26.37 49.80 -48.27
N ARG W 2 -27.03 48.90 -47.54
CA ARG W 2 -26.32 47.91 -46.73
C ARG W 2 -26.08 46.67 -47.59
N GLY W 3 -25.02 45.93 -47.27
CA GLY W 3 -24.61 44.86 -48.14
C GLY W 3 -25.50 43.63 -48.08
N TRP W 4 -25.19 42.69 -48.99
CA TRP W 4 -26.00 41.50 -49.13
C TRP W 4 -25.93 40.61 -47.89
N PHE W 5 -24.79 40.59 -47.20
CA PHE W 5 -24.69 39.80 -45.98
C PHE W 5 -25.65 40.32 -44.93
N ASP W 6 -25.68 41.65 -44.74
CA ASP W 6 -26.59 42.23 -43.75
C ASP W 6 -28.04 42.06 -44.17
N ILE W 7 -28.33 42.18 -45.46
CA ILE W 7 -29.70 41.96 -45.93
C ILE W 7 -30.13 40.52 -45.70
N LEU W 8 -29.24 39.57 -45.99
CA LEU W 8 -29.57 38.17 -45.74
C LEU W 8 -29.73 37.90 -44.25
N ASP W 9 -28.85 38.47 -43.44
CA ASP W 9 -28.96 38.32 -41.99
C ASP W 9 -30.32 38.80 -41.50
N ASP W 10 -30.78 39.96 -41.99
CA ASP W 10 -32.10 40.47 -41.66
C ASP W 10 -33.19 39.43 -41.90
N TRP W 11 -33.23 38.88 -43.11
CA TRP W 11 -34.28 37.94 -43.46
C TRP W 11 -34.19 36.65 -42.64
N LEU W 12 -32.96 36.16 -42.39
CA LEU W 12 -32.82 34.90 -41.66
C LEU W 12 -33.34 35.02 -40.23
N LYS W 13 -33.24 36.21 -39.64
CA LYS W 13 -33.59 36.43 -38.24
C LYS W 13 -34.96 37.10 -38.06
N ARG W 14 -35.80 37.09 -39.10
CA ARG W 14 -37.17 37.57 -38.95
C ARG W 14 -37.90 36.75 -37.90
N ASP W 15 -38.74 37.41 -37.12
CA ASP W 15 -39.56 36.72 -36.13
C ASP W 15 -40.74 36.08 -36.84
N ARG W 16 -40.61 34.82 -37.22
CA ARG W 16 -41.67 34.11 -37.92
C ARG W 16 -42.07 32.86 -37.13
N PHE W 17 -43.04 32.11 -37.65
CA PHE W 17 -43.57 30.97 -36.92
C PHE W 17 -42.49 29.95 -36.61
N VAL W 18 -41.67 29.60 -37.60
CA VAL W 18 -40.51 28.75 -37.36
C VAL W 18 -39.28 29.60 -37.66
N PHE W 19 -38.51 29.89 -36.61
CA PHE W 19 -37.28 30.65 -36.74
C PHE W 19 -36.29 29.89 -37.63
N VAL W 20 -35.58 30.63 -38.48
CA VAL W 20 -34.62 30.01 -39.39
C VAL W 20 -33.20 30.24 -38.89
N GLY W 21 -32.71 31.47 -39.02
CA GLY W 21 -31.36 31.82 -38.61
C GLY W 21 -30.31 31.30 -39.56
N TRP W 22 -29.08 31.74 -39.34
CA TRP W 22 -27.96 31.15 -40.07
C TRP W 22 -27.84 29.66 -39.75
N SER W 23 -28.07 29.29 -38.49
CA SER W 23 -28.00 27.88 -38.11
C SER W 23 -28.99 27.03 -38.89
N GLY W 24 -30.12 27.62 -39.32
CA GLY W 24 -31.11 26.85 -40.04
C GLY W 24 -30.63 26.36 -41.39
N ILE W 25 -29.66 27.06 -41.99
CA ILE W 25 -29.11 26.62 -43.27
C ILE W 25 -28.45 25.25 -43.12
N LEU W 26 -27.83 24.99 -41.96
CA LEU W 26 -27.28 23.67 -41.67
C LEU W 26 -28.32 22.73 -41.10
N LEU W 27 -29.13 23.23 -40.15
CA LEU W 27 -30.01 22.36 -39.38
C LEU W 27 -31.12 21.74 -40.22
N PHE W 28 -31.83 22.57 -40.99
CA PHE W 28 -33.08 22.08 -41.59
C PHE W 28 -32.83 21.05 -42.67
N PRO W 29 -31.91 21.25 -43.62
CA PRO W 29 -31.65 20.15 -44.57
C PRO W 29 -31.15 18.88 -43.89
N CYS W 30 -30.23 18.96 -42.92
CA CYS W 30 -29.66 17.74 -42.35
C CYS W 30 -30.66 17.01 -41.46
N ALA W 31 -31.43 17.74 -40.65
CA ALA W 31 -32.46 17.11 -39.83
C ALA W 31 -33.55 16.48 -40.69
N TYR W 32 -33.97 17.17 -41.75
CA TYR W 32 -35.01 16.63 -42.62
C TYR W 32 -34.54 15.37 -43.34
N LEU W 33 -33.28 15.36 -43.77
CA LEU W 33 -32.76 14.19 -44.49
C LEU W 33 -32.54 13.02 -43.54
N ALA W 34 -32.12 13.28 -42.31
CA ALA W 34 -31.96 12.19 -41.34
C ALA W 34 -33.31 11.57 -40.99
N LEU W 35 -34.30 12.40 -40.69
CA LEU W 35 -35.63 11.88 -40.38
C LEU W 35 -36.25 11.21 -41.61
N GLY W 36 -36.18 11.87 -42.77
CA GLY W 36 -36.75 11.30 -43.97
C GLY W 36 -36.04 10.02 -44.41
N GLY W 37 -34.71 9.96 -44.22
CA GLY W 37 -33.99 8.73 -44.49
C GLY W 37 -34.46 7.57 -43.64
N TRP W 38 -34.72 7.84 -42.36
CA TRP W 38 -35.18 6.78 -41.47
C TRP W 38 -36.58 6.31 -41.86
N LEU W 39 -37.48 7.24 -42.15
CA LEU W 39 -38.82 6.85 -42.55
C LEU W 39 -38.79 6.13 -43.90
N THR W 40 -37.98 6.61 -44.84
CA THR W 40 -37.85 5.95 -46.14
C THR W 40 -37.32 4.53 -45.97
N GLY W 41 -36.25 4.37 -45.17
CA GLY W 41 -35.64 3.06 -45.02
C GLY W 41 -36.55 2.08 -44.27
N THR W 42 -37.12 2.51 -43.15
CA THR W 42 -37.97 1.61 -42.38
C THR W 42 -39.24 1.25 -43.14
N THR W 43 -39.66 2.08 -44.10
CA THR W 43 -40.86 1.77 -44.86
C THR W 43 -40.57 0.87 -46.05
N PHE W 44 -39.42 1.05 -46.73
CA PHE W 44 -39.23 0.42 -48.03
C PHE W 44 -37.98 -0.45 -48.17
N VAL W 45 -36.98 -0.33 -47.30
CA VAL W 45 -35.64 -0.86 -47.59
C VAL W 45 -35.35 -2.10 -46.74
N THR W 46 -34.71 -3.10 -47.38
CA THR W 46 -34.36 -4.36 -46.74
C THR W 46 -33.01 -4.26 -46.04
N SER W 47 -32.67 -5.31 -45.27
CA SER W 47 -31.34 -5.54 -44.72
C SER W 47 -30.83 -6.93 -45.10
N TRP W 48 -31.33 -7.46 -46.22
CA TRP W 48 -31.07 -8.84 -46.62
C TRP W 48 -29.61 -9.05 -46.99
N TYR W 49 -29.03 -8.10 -47.73
CA TYR W 49 -27.69 -8.25 -48.26
C TYR W 49 -26.63 -7.83 -47.26
N THR W 50 -27.01 -7.07 -46.24
CA THR W 50 -26.08 -6.63 -45.21
C THR W 50 -26.14 -7.48 -43.95
N HIS W 51 -27.31 -8.01 -43.60
CA HIS W 51 -27.51 -8.70 -42.32
C HIS W 51 -28.24 -10.03 -42.46
N GLY W 52 -28.83 -10.32 -43.61
CA GLY W 52 -29.78 -11.42 -43.70
C GLY W 52 -31.06 -11.15 -42.94
N LEU W 53 -31.51 -9.90 -42.91
CA LEU W 53 -32.71 -9.54 -42.15
C LEU W 53 -33.69 -8.78 -43.04
N ALA W 54 -34.97 -9.05 -42.85
CA ALA W 54 -36.00 -8.12 -43.30
C ALA W 54 -36.13 -7.01 -42.27
N SER W 55 -36.38 -5.78 -42.75
CA SER W 55 -36.34 -4.64 -41.83
C SER W 55 -37.29 -3.50 -42.20
N SER W 56 -38.29 -3.73 -43.04
CA SER W 56 -39.18 -2.67 -43.52
C SER W 56 -40.65 -3.09 -43.42
N TYR W 57 -41.54 -2.08 -43.38
CA TYR W 57 -42.97 -2.38 -43.48
C TYR W 57 -43.27 -3.15 -44.75
N LEU W 58 -42.60 -2.82 -45.85
CA LEU W 58 -42.85 -3.50 -47.12
C LEU W 58 -42.61 -5.01 -47.03
N GLU W 59 -41.66 -5.44 -46.20
CA GLU W 59 -41.36 -6.86 -46.04
C GLU W 59 -42.22 -7.54 -44.99
N GLY W 60 -43.00 -6.78 -44.21
CA GLY W 60 -43.84 -7.36 -43.18
C GLY W 60 -43.45 -7.03 -41.76
N CYS W 61 -42.42 -6.22 -41.56
CA CYS W 61 -42.09 -5.79 -40.20
C CYS W 61 -43.14 -4.81 -39.67
N ASN W 62 -43.17 -4.67 -38.35
CA ASN W 62 -44.02 -3.70 -37.68
C ASN W 62 -43.14 -2.58 -37.10
N PHE W 63 -43.77 -1.62 -36.42
CA PHE W 63 -43.03 -0.46 -35.92
C PHE W 63 -41.91 -0.87 -34.98
N LEU W 64 -42.10 -1.93 -34.19
CA LEU W 64 -41.05 -2.36 -33.26
C LEU W 64 -39.90 -3.07 -33.96
N THR W 65 -40.11 -3.68 -35.13
CA THR W 65 -39.05 -4.46 -35.74
C THR W 65 -38.42 -3.84 -36.97
N VAL W 66 -39.00 -2.76 -37.53
CA VAL W 66 -38.35 -2.08 -38.65
C VAL W 66 -37.06 -1.44 -38.19
N ALA W 67 -36.14 -1.25 -39.13
CA ALA W 67 -34.88 -0.56 -38.84
C ALA W 67 -34.28 -0.08 -40.15
N VAL W 68 -33.43 0.93 -40.06
CA VAL W 68 -32.39 1.16 -41.07
C VAL W 68 -31.12 0.53 -40.53
N SER W 69 -30.71 -0.60 -41.09
CA SER W 69 -29.63 -1.39 -40.54
C SER W 69 -28.27 -0.95 -41.05
N THR W 70 -27.23 -1.21 -40.24
CA THR W 70 -25.85 -0.88 -40.59
C THR W 70 -25.39 -1.62 -41.86
N PRO W 71 -24.37 -1.10 -42.54
CA PRO W 71 -23.85 -1.80 -43.72
C PRO W 71 -23.14 -3.09 -43.32
N ALA W 72 -22.86 -3.92 -44.34
CA ALA W 72 -22.15 -5.17 -44.09
C ALA W 72 -20.77 -4.91 -43.49
N ASN W 73 -20.30 -5.88 -42.70
CA ASN W 73 -18.99 -5.73 -42.08
C ASN W 73 -17.90 -5.54 -43.12
N SER W 74 -18.07 -6.12 -44.32
CA SER W 74 -17.04 -6.00 -45.35
C SER W 74 -16.90 -4.58 -45.87
N MET W 75 -17.87 -3.71 -45.61
CA MET W 75 -17.69 -2.31 -45.97
C MET W 75 -16.68 -1.58 -45.09
N GLY W 76 -16.29 -2.16 -43.96
CA GLY W 76 -15.41 -1.44 -43.03
C GLY W 76 -16.07 -0.16 -42.51
N HIS W 77 -15.30 0.92 -42.49
CA HIS W 77 -15.80 2.24 -42.10
C HIS W 77 -15.99 3.14 -43.31
N SER W 78 -16.32 2.54 -44.46
CA SER W 78 -16.59 3.32 -45.66
C SER W 78 -17.64 4.39 -45.41
N LEU W 79 -17.37 5.61 -45.90
CA LEU W 79 -18.38 6.66 -45.88
C LEU W 79 -19.63 6.23 -46.63
N LEU W 80 -19.46 5.34 -47.61
CA LEU W 80 -20.55 4.79 -48.41
C LEU W 80 -21.36 5.91 -49.07
N LEU W 81 -20.64 6.85 -49.67
CA LEU W 81 -21.31 7.93 -50.39
C LEU W 81 -22.01 7.37 -51.62
N LEU W 82 -23.15 7.99 -51.98
CA LEU W 82 -23.90 7.53 -53.15
C LEU W 82 -23.01 7.45 -54.38
N TRP W 83 -22.16 8.46 -54.58
CA TRP W 83 -21.24 8.51 -55.71
C TRP W 83 -19.92 7.80 -55.44
N GLY W 84 -19.79 7.10 -54.30
CA GLY W 84 -18.54 6.49 -53.93
C GLY W 84 -18.26 5.24 -54.74
N PRO W 85 -17.12 4.60 -54.44
CA PRO W 85 -16.68 3.45 -55.24
C PRO W 85 -17.47 2.17 -54.99
N GLU W 86 -18.26 2.09 -53.92
CA GLU W 86 -19.02 0.89 -53.67
C GLU W 86 -20.35 0.90 -54.43
N ALA W 87 -21.13 1.98 -54.28
CA ALA W 87 -22.40 2.08 -54.98
C ALA W 87 -22.26 2.69 -56.37
N GLN W 88 -21.23 3.51 -56.60
CA GLN W 88 -20.93 4.05 -57.92
C GLN W 88 -22.13 4.76 -58.55
N GLY W 89 -22.91 5.45 -57.72
CA GLY W 89 -24.01 6.26 -58.21
C GLY W 89 -25.32 5.52 -58.41
N ASP W 90 -25.36 4.23 -58.12
CA ASP W 90 -26.58 3.44 -58.31
C ASP W 90 -27.40 3.50 -57.02
N PHE W 91 -28.54 4.19 -57.08
CA PHE W 91 -29.33 4.39 -55.86
C PHE W 91 -29.83 3.09 -55.28
N THR W 92 -30.34 2.20 -56.15
CA THR W 92 -30.85 0.91 -55.67
C THR W 92 -29.76 0.10 -54.96
N ARG W 93 -28.59 -0.04 -55.58
CA ARG W 93 -27.49 -0.77 -54.93
C ARG W 93 -27.05 -0.07 -53.66
N TRP W 94 -26.98 1.25 -53.68
CA TRP W 94 -26.64 2.02 -52.49
C TRP W 94 -27.56 1.64 -51.31
N CYS W 95 -28.87 1.58 -51.56
CA CYS W 95 -29.79 1.15 -50.51
C CYS W 95 -29.49 -0.28 -50.05
N GLN W 96 -29.25 -1.19 -51.00
CA GLN W 96 -28.97 -2.58 -50.67
C GLN W 96 -27.64 -2.76 -49.95
N LEU W 97 -26.70 -1.83 -50.11
CA LEU W 97 -25.41 -1.92 -49.46
C LEU W 97 -25.38 -1.26 -48.09
N GLY W 98 -26.48 -0.66 -47.66
CA GLY W 98 -26.52 0.02 -46.37
C GLY W 98 -26.21 1.49 -46.37
N GLY W 99 -26.18 2.13 -47.55
CA GLY W 99 -25.84 3.54 -47.63
C GLY W 99 -26.77 4.43 -46.84
N LEU W 100 -28.02 4.02 -46.67
CA LEU W 100 -28.91 4.84 -45.85
C LEU W 100 -28.43 4.93 -44.40
N TRP W 101 -27.65 3.96 -43.91
CA TRP W 101 -27.20 4.04 -42.53
C TRP W 101 -26.22 5.20 -42.35
N THR W 102 -25.18 5.27 -43.18
CA THR W 102 -24.24 6.39 -43.04
C THR W 102 -24.91 7.71 -43.44
N PHE W 103 -25.84 7.65 -44.40
CA PHE W 103 -26.63 8.82 -44.77
C PHE W 103 -27.30 9.42 -43.54
N ILE W 104 -27.99 8.58 -42.77
CA ILE W 104 -28.69 9.05 -41.58
C ILE W 104 -27.69 9.44 -40.48
N ALA W 105 -26.66 8.62 -40.25
CA ALA W 105 -25.70 8.94 -39.18
C ALA W 105 -25.00 10.26 -39.44
N LEU W 106 -24.58 10.50 -40.69
CA LEU W 106 -23.82 11.71 -40.98
C LEU W 106 -24.71 12.94 -41.07
N HIS W 107 -25.85 12.87 -41.75
CA HIS W 107 -26.77 14.02 -41.72
C HIS W 107 -27.31 14.24 -40.31
N GLY W 108 -27.52 13.17 -39.54
CA GLY W 108 -27.91 13.34 -38.15
C GLY W 108 -26.87 14.08 -37.33
N ALA W 109 -25.60 13.71 -37.52
CA ALA W 109 -24.51 14.37 -36.79
C ALA W 109 -24.47 15.86 -37.12
N PHE W 110 -24.52 16.21 -38.41
CA PHE W 110 -24.47 17.62 -38.78
C PHE W 110 -25.76 18.34 -38.42
N GLY W 111 -26.89 17.62 -38.42
CA GLY W 111 -28.13 18.22 -37.95
C GLY W 111 -28.07 18.55 -36.46
N LEU W 112 -27.50 17.65 -35.66
CA LEU W 112 -27.34 17.91 -34.23
C LEU W 112 -26.44 19.12 -33.98
N ILE W 113 -25.36 19.23 -34.76
CA ILE W 113 -24.55 20.44 -34.72
C ILE W 113 -25.42 21.66 -35.02
N GLY W 114 -26.25 21.56 -36.07
CA GLY W 114 -27.12 22.68 -36.43
C GLY W 114 -28.10 23.04 -35.33
N PHE W 115 -28.60 22.03 -34.60
CA PHE W 115 -29.54 22.33 -33.52
C PHE W 115 -28.85 23.04 -32.36
N MET W 116 -27.64 22.62 -32.02
CA MET W 116 -26.96 23.30 -30.92
C MET W 116 -26.56 24.71 -31.33
N LEU W 117 -26.18 24.89 -32.59
CA LEU W 117 -25.96 26.26 -33.10
C LEU W 117 -27.25 27.07 -33.05
N ARG W 118 -28.38 26.44 -33.33
CA ARG W 118 -29.67 27.14 -33.21
C ARG W 118 -29.90 27.59 -31.77
N GLN W 119 -29.62 26.71 -30.80
CA GLN W 119 -29.77 27.10 -29.40
C GLN W 119 -28.91 28.30 -29.06
N PHE W 120 -27.65 28.31 -29.52
CA PHE W 120 -26.79 29.47 -29.33
C PHE W 120 -27.35 30.71 -30.01
N GLU W 121 -27.79 30.56 -31.26
CA GLU W 121 -28.20 31.72 -32.04
C GLU W 121 -29.45 32.37 -31.46
N ILE W 122 -30.44 31.56 -31.07
CA ILE W 122 -31.65 32.11 -30.49
C ILE W 122 -31.36 32.73 -29.12
N ALA W 123 -30.55 32.06 -28.30
CA ALA W 123 -30.18 32.64 -27.01
C ALA W 123 -29.54 34.01 -27.19
N ARG W 124 -28.64 34.13 -28.17
CA ARG W 124 -27.96 35.41 -28.38
C ARG W 124 -28.94 36.48 -28.83
N LEU W 125 -29.93 36.12 -29.64
CA LEU W 125 -30.86 37.12 -30.15
C LEU W 125 -31.85 37.59 -29.08
N VAL W 126 -32.35 36.67 -28.24
CA VAL W 126 -33.30 37.08 -27.20
C VAL W 126 -32.61 37.56 -25.94
N GLY W 127 -31.30 37.36 -25.82
CA GLY W 127 -30.58 37.89 -24.68
C GLY W 127 -30.56 37.04 -23.44
N VAL W 128 -30.59 35.70 -23.56
CA VAL W 128 -30.48 34.83 -22.40
C VAL W 128 -29.13 34.16 -22.45
N ARG W 129 -28.73 33.59 -21.31
CA ARG W 129 -27.48 32.86 -21.24
C ARG W 129 -27.64 31.51 -21.94
N PRO W 130 -26.58 30.98 -22.55
CA PRO W 130 -26.74 29.82 -23.43
C PRO W 130 -26.65 28.47 -22.74
N TYR W 131 -27.28 28.31 -21.57
CA TYR W 131 -27.16 27.06 -20.85
C TYR W 131 -27.93 25.92 -21.49
N ASN W 132 -28.97 26.21 -22.26
CA ASN W 132 -29.67 25.15 -22.96
C ASN W 132 -28.76 24.50 -24.01
N ALA W 133 -28.01 25.32 -24.76
CA ALA W 133 -27.01 24.77 -25.68
C ALA W 133 -25.96 23.95 -24.93
N ILE W 134 -25.47 24.47 -23.80
CA ILE W 134 -24.47 23.74 -23.02
C ILE W 134 -25.03 22.40 -22.57
N ALA W 135 -26.28 22.37 -22.10
CA ALA W 135 -26.90 21.12 -21.67
C ALA W 135 -27.01 20.12 -22.82
N PHE W 136 -27.25 20.61 -24.04
CA PHE W 136 -27.38 19.74 -25.21
C PHE W 136 -26.07 19.05 -25.57
N SER W 137 -24.94 19.46 -24.98
CA SER W 137 -23.68 18.77 -25.25
C SER W 137 -23.74 17.31 -24.82
N ALA W 138 -24.59 16.98 -23.84
CA ALA W 138 -24.70 15.58 -23.42
C ALA W 138 -25.36 14.70 -24.49
N PRO W 139 -26.53 15.05 -25.06
CA PRO W 139 -27.01 14.29 -26.22
C PRO W 139 -25.99 14.17 -27.32
N ILE W 140 -25.21 15.21 -27.61
CA ILE W 140 -24.22 15.12 -28.66
C ILE W 140 -23.09 14.15 -28.29
N ALA W 141 -22.61 14.21 -27.05
CA ALA W 141 -21.56 13.27 -26.64
C ALA W 141 -22.04 11.83 -26.76
N VAL W 142 -23.31 11.59 -26.41
CA VAL W 142 -23.86 10.24 -26.52
C VAL W 142 -23.92 9.81 -27.99
N PHE W 143 -24.49 10.65 -28.84
CA PHE W 143 -24.64 10.27 -30.24
C PHE W 143 -23.28 10.03 -30.89
N VAL W 144 -22.32 10.93 -30.64
CA VAL W 144 -21.01 10.80 -31.26
C VAL W 144 -20.27 9.57 -30.74
N SER W 145 -20.33 9.32 -29.43
CA SER W 145 -19.59 8.18 -28.89
C SER W 145 -20.22 6.85 -29.33
N VAL W 146 -21.55 6.78 -29.37
CA VAL W 146 -22.23 5.52 -29.65
C VAL W 146 -22.29 5.23 -31.15
N PHE W 147 -22.65 6.23 -31.94
CA PHE W 147 -22.91 6.00 -33.37
C PHE W 147 -21.69 6.25 -34.25
N LEU W 148 -20.67 6.93 -33.74
CA LEU W 148 -19.47 7.18 -34.53
C LEU W 148 -18.22 6.57 -33.89
N ILE W 149 -17.84 6.98 -32.68
CA ILE W 149 -16.57 6.50 -32.10
C ILE W 149 -16.60 4.99 -31.90
N TYR W 150 -17.69 4.46 -31.35
CA TYR W 150 -17.73 3.02 -31.07
C TYR W 150 -17.53 2.16 -32.30
N PRO W 151 -18.27 2.32 -33.39
CA PRO W 151 -17.97 1.49 -34.58
C PRO W 151 -16.60 1.80 -35.16
N LEU W 152 -16.12 3.05 -35.06
CA LEU W 152 -14.81 3.38 -35.59
C LEU W 152 -13.71 2.63 -34.87
N GLY W 153 -13.90 2.32 -33.58
CA GLY W 153 -12.93 1.49 -32.88
C GLY W 153 -13.07 0.02 -33.20
N GLN W 154 -14.26 -0.40 -33.60
CA GLN W 154 -14.55 -1.79 -33.91
C GLN W 154 -14.19 -2.06 -35.37
N SER W 155 -14.58 -3.24 -35.88
CA SER W 155 -14.15 -3.63 -37.21
C SER W 155 -14.82 -2.81 -38.31
N SER W 156 -16.04 -2.31 -38.06
CA SER W 156 -16.79 -1.64 -39.14
C SER W 156 -18.04 -1.00 -38.57
N TRP W 157 -18.74 -0.25 -39.44
CA TRP W 157 -20.04 0.33 -39.08
C TRP W 157 -21.06 -0.74 -38.72
N PHE W 158 -20.87 -1.97 -39.22
CA PHE W 158 -21.80 -3.06 -38.94
C PHE W 158 -22.15 -3.14 -37.46
N PHE W 159 -21.19 -2.89 -36.57
CA PHE W 159 -21.43 -3.06 -35.14
C PHE W 159 -21.90 -1.78 -34.45
N ALA W 160 -22.12 -0.70 -35.18
CA ALA W 160 -22.86 0.45 -34.63
C ALA W 160 -24.31 0.03 -34.36
N PRO W 161 -25.07 0.82 -33.59
CA PRO W 161 -26.50 0.53 -33.49
C PRO W 161 -27.16 0.73 -34.85
N SER W 162 -28.04 -0.19 -35.21
CA SER W 162 -28.95 0.04 -36.31
C SER W 162 -30.12 0.90 -35.84
N PHE W 163 -30.65 1.75 -36.74
CA PHE W 163 -31.69 2.72 -36.38
C PHE W 163 -33.04 2.04 -36.34
N GLY W 164 -33.37 1.42 -35.21
CA GLY W 164 -34.67 0.80 -35.06
C GLY W 164 -34.91 0.38 -33.63
N VAL W 165 -36.19 0.12 -33.32
CA VAL W 165 -36.56 -0.18 -31.94
C VAL W 165 -35.93 -1.50 -31.48
N ALA W 166 -36.30 -2.61 -32.14
CA ALA W 166 -35.74 -3.91 -31.78
C ALA W 166 -34.24 -3.98 -32.07
N ALA W 167 -33.78 -3.28 -33.12
CA ALA W 167 -32.35 -3.23 -33.41
C ALA W 167 -31.57 -2.62 -32.25
N ILE W 168 -32.13 -1.60 -31.61
CA ILE W 168 -31.49 -0.99 -30.45
C ILE W 168 -31.51 -1.95 -29.27
N PHE W 169 -32.63 -2.66 -29.05
CA PHE W 169 -32.65 -3.69 -28.02
C PHE W 169 -31.55 -4.72 -28.25
N ARG W 170 -31.36 -5.15 -29.50
CA ARG W 170 -30.25 -6.05 -29.81
C ARG W 170 -28.91 -5.45 -29.38
N PHE W 171 -28.72 -4.15 -29.64
CA PHE W 171 -27.49 -3.46 -29.25
C PHE W 171 -27.28 -3.55 -27.73
N LEU W 172 -28.36 -3.33 -26.95
CA LEU W 172 -28.27 -3.45 -25.50
C LEU W 172 -27.77 -4.83 -25.09
N LEU W 173 -28.35 -5.89 -25.66
CA LEU W 173 -28.04 -7.24 -25.21
C LEU W 173 -26.66 -7.65 -25.69
N PHE W 174 -26.25 -7.18 -26.87
CA PHE W 174 -24.88 -7.37 -27.33
C PHE W 174 -23.90 -6.81 -26.32
N PHE W 175 -24.16 -5.58 -25.84
CA PHE W 175 -23.24 -4.96 -24.91
C PHE W 175 -23.20 -5.68 -23.58
N GLN W 176 -24.32 -6.28 -23.15
CA GLN W 176 -24.25 -7.12 -21.96
C GLN W 176 -23.40 -8.37 -22.24
N GLY W 177 -23.73 -9.13 -23.28
CA GLY W 177 -23.08 -10.41 -23.47
C GLY W 177 -21.61 -10.29 -23.83
N PHE W 178 -21.24 -9.29 -24.62
CA PHE W 178 -19.87 -9.16 -25.09
C PHE W 178 -19.02 -8.23 -24.23
N HIS W 179 -19.59 -7.11 -23.78
CA HIS W 179 -18.81 -6.11 -23.05
C HIS W 179 -19.04 -6.14 -21.55
N ASN W 180 -20.02 -6.91 -21.06
CA ASN W 180 -20.43 -6.85 -19.65
C ASN W 180 -20.67 -5.40 -19.23
N TRP W 181 -21.36 -4.66 -20.08
CA TRP W 181 -21.47 -3.20 -19.95
C TRP W 181 -22.17 -2.80 -18.65
N THR W 182 -23.05 -3.64 -18.10
CA THR W 182 -23.64 -3.26 -16.81
C THR W 182 -22.59 -3.15 -15.71
N LEU W 183 -21.48 -3.88 -15.83
CA LEU W 183 -20.44 -3.83 -14.79
C LEU W 183 -19.58 -2.58 -14.86
N ASN W 184 -19.77 -1.74 -15.86
CA ASN W 184 -18.84 -0.62 -16.12
C ASN W 184 -19.22 0.58 -15.26
N PRO W 185 -18.30 1.13 -14.46
CA PRO W 185 -18.68 2.25 -13.57
C PRO W 185 -19.07 3.50 -14.34
N PHE W 186 -18.61 3.66 -15.58
CA PHE W 186 -19.08 4.80 -16.37
C PHE W 186 -20.53 4.62 -16.80
N HIS W 187 -20.95 3.38 -17.11
CA HIS W 187 -22.37 3.17 -17.33
C HIS W 187 -23.17 3.39 -16.05
N MET W 188 -22.64 2.93 -14.91
CA MET W 188 -23.34 3.10 -13.64
C MET W 188 -23.57 4.58 -13.32
N MET W 189 -22.55 5.43 -13.54
CA MET W 189 -22.76 6.86 -13.33
C MET W 189 -23.81 7.39 -14.29
N GLY W 190 -23.81 6.88 -15.53
CA GLY W 190 -24.85 7.25 -16.47
C GLY W 190 -26.24 6.90 -15.97
N VAL W 191 -26.41 5.68 -15.47
CA VAL W 191 -27.69 5.27 -14.89
C VAL W 191 -28.09 6.21 -13.75
N ALA W 192 -27.15 6.51 -12.85
CA ALA W 192 -27.45 7.41 -11.74
C ALA W 192 -27.90 8.78 -12.23
N GLY W 193 -27.26 9.30 -13.28
CA GLY W 193 -27.66 10.61 -13.78
C GLY W 193 -29.04 10.59 -14.43
N VAL W 194 -29.36 9.51 -15.14
CA VAL W 194 -30.66 9.43 -15.81
C VAL W 194 -31.77 9.23 -14.79
N LEU W 195 -31.61 8.24 -13.91
CA LEU W 195 -32.63 8.00 -12.89
C LEU W 195 -32.68 9.14 -11.88
N GLY W 196 -31.52 9.72 -11.53
CA GLY W 196 -31.52 10.88 -10.67
C GLY W 196 -32.15 12.09 -11.34
N GLY W 197 -31.98 12.23 -12.65
CA GLY W 197 -32.66 13.29 -13.38
C GLY W 197 -34.17 13.12 -13.39
N ALA W 198 -34.65 11.90 -13.65
CA ALA W 198 -36.08 11.64 -13.61
C ALA W 198 -36.64 11.86 -12.21
N LEU W 199 -35.87 11.48 -11.18
CA LEU W 199 -36.27 11.74 -9.80
C LEU W 199 -36.42 13.24 -9.55
N LEU W 200 -35.40 14.03 -9.91
CA LEU W 200 -35.47 15.48 -9.71
C LEU W 200 -36.64 16.09 -10.49
N CYS W 201 -36.85 15.64 -11.72
CA CYS W 201 -37.97 16.11 -12.53
C CYS W 201 -39.29 15.90 -11.80
N ALA W 202 -39.51 14.68 -11.31
CA ALA W 202 -40.77 14.33 -10.67
C ALA W 202 -40.94 15.07 -9.35
N ILE W 203 -39.88 15.10 -8.54
CA ILE W 203 -39.98 15.64 -7.20
C ILE W 203 -40.09 17.16 -7.24
N HIS W 204 -39.38 17.80 -8.17
CA HIS W 204 -39.50 19.25 -8.28
C HIS W 204 -40.89 19.64 -8.78
N GLY W 205 -41.35 18.99 -9.85
CA GLY W 205 -42.68 19.27 -10.35
C GLY W 205 -43.75 19.04 -9.30
N ALA W 206 -43.67 17.92 -8.58
CA ALA W 206 -44.67 17.65 -7.54
C ALA W 206 -44.57 18.65 -6.40
N THR W 207 -43.35 19.06 -6.04
CA THR W 207 -43.20 19.99 -4.93
C THR W 207 -43.81 21.34 -5.25
N VAL W 208 -43.52 21.88 -6.44
CA VAL W 208 -44.12 23.15 -6.84
C VAL W 208 -45.64 23.04 -6.81
N GLU W 209 -46.17 21.99 -7.43
CA GLU W 209 -47.62 21.88 -7.54
C GLU W 209 -48.30 21.68 -6.19
N ASN W 210 -47.56 21.29 -5.15
CA ASN W 210 -48.17 21.06 -3.85
C ASN W 210 -47.74 22.06 -2.80
N THR W 211 -47.03 23.13 -3.20
CA THR W 211 -46.80 24.28 -2.34
C THR W 211 -47.28 25.57 -2.99
N LEU W 212 -48.21 25.45 -3.95
CA LEU W 212 -48.77 26.63 -4.61
C LEU W 212 -49.47 27.52 -3.61
N PHE W 213 -49.39 28.82 -3.84
CA PHE W 213 -50.23 29.77 -3.14
C PHE W 213 -51.63 29.76 -3.74
N GLN W 214 -52.65 30.00 -2.91
CA GLN W 214 -54.00 30.13 -3.44
C GLN W 214 -54.11 31.51 -4.07
N ASP W 215 -54.06 31.57 -5.39
CA ASP W 215 -54.12 32.84 -6.10
C ASP W 215 -55.38 32.98 -6.93
N GLY W 216 -56.39 32.13 -6.69
CA GLY W 216 -57.69 32.27 -7.29
C GLY W 216 -58.69 31.41 -6.53
N GLU W 217 -59.94 31.45 -6.98
CA GLU W 217 -61.02 30.70 -6.36
C GLU W 217 -61.28 29.34 -7.00
N GLY W 218 -60.70 29.05 -8.16
CA GLY W 218 -60.98 27.80 -8.83
C GLY W 218 -60.34 26.61 -8.11
N ALA W 219 -61.05 25.48 -8.13
CA ALA W 219 -60.47 24.23 -7.64
C ALA W 219 -59.48 23.64 -8.63
N SER W 220 -59.57 24.00 -9.91
CA SER W 220 -58.49 23.77 -10.85
C SER W 220 -57.59 25.00 -10.78
N THR W 221 -56.33 24.82 -10.41
CA THR W 221 -55.47 25.91 -9.97
C THR W 221 -54.58 26.46 -11.08
N PHE W 222 -54.71 25.95 -12.31
CA PHE W 222 -53.84 26.39 -13.38
C PHE W 222 -54.13 27.83 -13.81
N ARG W 223 -55.40 28.23 -13.76
CA ARG W 223 -55.75 29.58 -14.21
C ARG W 223 -55.23 30.67 -13.27
N ALA W 224 -54.92 30.34 -12.02
CA ALA W 224 -54.43 31.32 -11.05
C ALA W 224 -52.93 31.62 -11.20
N PHE W 225 -52.43 31.67 -12.42
CA PHE W 225 -51.05 32.04 -12.69
C PHE W 225 -51.02 33.08 -13.80
N ASN W 226 -50.14 34.07 -13.67
CA ASN W 226 -49.99 35.11 -14.69
C ASN W 226 -48.53 35.20 -15.08
N PRO W 227 -48.19 35.03 -16.37
CA PRO W 227 -46.76 34.98 -16.76
C PRO W 227 -45.96 36.21 -16.36
N THR W 228 -46.58 37.38 -16.30
CA THR W 228 -45.86 38.61 -15.99
C THR W 228 -45.77 38.90 -14.50
N GLN W 229 -46.35 38.06 -13.65
CA GLN W 229 -46.39 38.35 -12.23
C GLN W 229 -44.99 38.37 -11.63
N ALA W 230 -44.82 39.21 -10.61
CA ALA W 230 -43.53 39.30 -9.94
C ALA W 230 -43.36 38.24 -8.86
N GLU W 231 -44.44 37.78 -8.24
CA GLU W 231 -44.35 36.89 -7.09
C GLU W 231 -44.20 35.42 -7.51
N GLU W 232 -43.43 34.69 -6.70
CA GLU W 232 -43.37 33.24 -6.85
C GLU W 232 -44.77 32.66 -6.72
N THR W 233 -45.06 31.66 -7.54
CA THR W 233 -46.39 31.04 -7.53
C THR W 233 -46.53 29.95 -6.47
N TYR W 234 -45.43 29.51 -5.87
CA TYR W 234 -45.44 28.51 -4.81
C TYR W 234 -44.51 28.99 -3.70
N SER W 235 -44.63 28.37 -2.51
CA SER W 235 -43.87 28.79 -1.35
C SER W 235 -42.57 27.99 -1.23
N MET W 236 -41.45 28.62 -1.54
CA MET W 236 -40.15 28.02 -1.29
C MET W 236 -39.94 27.75 0.21
N VAL W 237 -40.46 28.64 1.08
CA VAL W 237 -40.23 28.45 2.52
C VAL W 237 -40.98 27.22 3.02
N THR W 238 -42.23 27.02 2.60
CA THR W 238 -42.96 25.84 3.03
C THR W 238 -42.37 24.56 2.41
N ALA W 239 -41.99 24.60 1.13
CA ALA W 239 -41.34 23.45 0.50
C ALA W 239 -40.07 23.06 1.25
N ASN W 240 -39.27 24.05 1.63
CA ASN W 240 -38.02 23.78 2.34
C ASN W 240 -38.28 23.12 3.69
N ARG W 241 -39.31 23.57 4.41
CA ARG W 241 -39.58 22.97 5.71
C ARG W 241 -40.05 21.54 5.55
N PHE W 242 -40.95 21.31 4.59
CA PHE W 242 -41.46 19.96 4.34
C PHE W 242 -40.32 18.98 4.09
N TRP W 243 -39.44 19.29 3.14
CA TRP W 243 -38.39 18.33 2.80
C TRP W 243 -37.35 18.20 3.92
N SER W 244 -37.05 19.30 4.62
CA SER W 244 -36.13 19.22 5.76
C SER W 244 -36.63 18.23 6.81
N GLN W 245 -37.94 18.22 7.06
CA GLN W 245 -38.52 17.34 8.08
C GLN W 245 -38.77 15.93 7.56
N ILE W 246 -38.98 15.77 6.25
CA ILE W 246 -39.24 14.47 5.67
C ILE W 246 -37.93 13.73 5.40
N PHE W 247 -36.99 14.41 4.73
CA PHE W 247 -35.82 13.78 4.15
C PHE W 247 -34.54 14.19 4.85
N GLY W 248 -34.57 15.26 5.66
CA GLY W 248 -33.40 15.70 6.41
C GLY W 248 -32.74 16.92 5.79
N ILE W 249 -32.73 16.97 4.47
CA ILE W 249 -32.18 18.12 3.76
C ILE W 249 -33.20 18.59 2.75
N ALA W 250 -33.01 19.83 2.31
CA ALA W 250 -33.91 20.49 1.37
C ALA W 250 -33.14 21.55 0.61
N PHE W 251 -33.59 21.85 -0.61
CA PHE W 251 -33.11 23.05 -1.27
C PHE W 251 -33.54 24.30 -0.49
N SER W 252 -32.71 25.34 -0.55
CA SER W 252 -33.09 26.66 -0.07
C SER W 252 -32.80 27.74 -1.10
N ASN W 253 -32.03 27.44 -2.13
CA ASN W 253 -31.64 28.40 -3.16
C ASN W 253 -32.19 27.90 -4.50
N LYS W 254 -33.14 28.66 -5.07
CA LYS W 254 -33.77 28.26 -6.32
C LYS W 254 -32.80 28.24 -7.47
N ARG W 255 -31.79 29.11 -7.44
CA ARG W 255 -30.81 29.11 -8.52
C ARG W 255 -29.96 27.84 -8.47
N TRP W 256 -29.51 27.46 -7.27
CA TRP W 256 -28.78 26.20 -7.14
C TRP W 256 -29.66 25.03 -7.55
N LEU W 257 -30.92 25.01 -7.11
CA LEU W 257 -31.84 23.93 -7.46
C LEU W 257 -31.87 23.70 -8.97
N HIS W 258 -32.10 24.77 -9.74
CA HIS W 258 -32.25 24.58 -11.17
C HIS W 258 -30.91 24.32 -11.86
N PHE W 259 -29.79 24.85 -11.35
CA PHE W 259 -28.51 24.45 -11.92
C PHE W 259 -28.26 22.96 -11.70
N PHE W 260 -28.56 22.47 -10.50
CA PHE W 260 -28.38 21.04 -10.19
C PHE W 260 -29.24 20.17 -11.11
N MET W 261 -30.41 20.65 -11.52
CA MET W 261 -31.24 19.91 -12.46
C MET W 261 -30.60 19.83 -13.84
N LEU W 262 -29.88 20.87 -14.25
CA LEU W 262 -29.04 20.75 -15.44
C LEU W 262 -27.91 19.76 -15.18
N PHE W 263 -27.22 19.92 -14.04
CA PHE W 263 -25.95 19.23 -13.81
C PHE W 263 -26.11 17.71 -13.80
N VAL W 264 -27.13 17.20 -13.12
CA VAL W 264 -27.18 15.77 -12.84
C VAL W 264 -27.33 14.94 -14.13
N PRO W 265 -28.38 15.12 -14.94
CA PRO W 265 -28.50 14.29 -16.15
C PRO W 265 -27.44 14.58 -17.19
N VAL W 266 -26.99 15.83 -17.30
CA VAL W 266 -25.96 16.17 -18.28
C VAL W 266 -24.65 15.46 -17.95
N THR W 267 -24.24 15.49 -16.68
CA THR W 267 -23.01 14.81 -16.26
C THR W 267 -23.12 13.30 -16.43
N GLY W 268 -24.28 12.73 -16.10
CA GLY W 268 -24.47 11.30 -16.26
C GLY W 268 -24.30 10.83 -17.69
N LEU W 269 -24.93 11.53 -18.64
CA LEU W 269 -24.77 11.11 -20.04
C LEU W 269 -23.34 11.26 -20.50
N TRP W 270 -22.65 12.32 -20.06
CA TRP W 270 -21.24 12.48 -20.37
C TRP W 270 -20.41 11.30 -19.86
N MET W 271 -20.69 10.85 -18.64
CA MET W 271 -19.94 9.70 -18.10
C MET W 271 -20.22 8.44 -18.93
N SER W 272 -21.47 8.20 -19.33
CA SER W 272 -21.73 7.01 -20.14
C SER W 272 -21.00 7.11 -21.47
N ALA W 273 -20.90 8.32 -22.04
CA ALA W 273 -20.18 8.47 -23.31
C ALA W 273 -18.73 8.03 -23.16
N ILE W 274 -18.11 8.33 -22.01
CA ILE W 274 -16.72 7.96 -21.79
C ILE W 274 -16.56 6.44 -21.76
N GLY W 275 -17.47 5.75 -21.08
CA GLY W 275 -17.40 4.30 -21.05
C GLY W 275 -17.49 3.68 -22.43
N VAL W 276 -18.36 4.23 -23.29
CA VAL W 276 -18.52 3.69 -24.64
C VAL W 276 -17.27 3.92 -25.47
N VAL W 277 -16.61 5.07 -25.29
CA VAL W 277 -15.31 5.29 -25.92
C VAL W 277 -14.34 4.18 -25.54
N GLY W 278 -14.35 3.77 -24.27
CA GLY W 278 -13.55 2.61 -23.88
C GLY W 278 -13.96 1.33 -24.59
N LEU W 279 -15.27 1.10 -24.70
CA LEU W 279 -15.75 -0.11 -25.39
C LEU W 279 -15.45 -0.10 -26.88
N ALA W 280 -15.26 1.08 -27.48
CA ALA W 280 -14.81 1.12 -28.88
C ALA W 280 -13.55 0.29 -29.10
N LEU W 281 -12.73 0.16 -28.07
CA LEU W 281 -11.45 -0.53 -28.10
C LEU W 281 -11.49 -1.87 -27.37
N ASN W 282 -12.69 -2.35 -27.00
CA ASN W 282 -12.89 -3.49 -26.12
C ASN W 282 -12.26 -3.29 -24.74
N LEU W 283 -12.01 -2.04 -24.35
CA LEU W 283 -11.45 -1.74 -23.03
CA LEU W 283 -11.45 -1.74 -23.03
C LEU W 283 -12.61 -1.75 -22.04
N ARG W 284 -13.00 -2.96 -21.66
CA ARG W 284 -14.18 -3.23 -20.86
C ARG W 284 -13.86 -3.28 -19.38
N SER W 285 -14.91 -3.02 -18.60
CA SER W 285 -14.96 -3.49 -17.22
CA SER W 285 -14.98 -3.49 -17.22
C SER W 285 -15.64 -4.86 -17.24
N TYR W 286 -14.87 -5.86 -17.73
CA TYR W 286 -15.48 -7.18 -17.92
C TYR W 286 -15.38 -8.05 -16.69
N ASP W 287 -14.22 -8.05 -16.01
CA ASP W 287 -13.95 -9.01 -14.95
C ASP W 287 -13.38 -8.32 -13.70
N PHE W 288 -13.45 -9.04 -12.58
CA PHE W 288 -12.66 -8.73 -11.38
C PHE W 288 -11.62 -9.84 -11.28
N ILE W 289 -10.34 -9.50 -11.48
CA ILE W 289 -9.30 -10.53 -11.54
C ILE W 289 -9.27 -11.35 -10.26
N SER W 290 -9.39 -10.70 -9.11
CA SER W 290 -9.34 -11.44 -7.85
C SER W 290 -10.47 -12.46 -7.76
N GLN W 291 -11.67 -12.10 -8.26
CA GLN W 291 -12.78 -13.07 -8.31
C GLN W 291 -12.43 -14.27 -9.18
N GLU W 292 -11.84 -14.04 -10.34
CA GLU W 292 -11.57 -15.15 -11.24
C GLU W 292 -10.49 -16.07 -10.70
N ILE W 293 -9.47 -15.52 -10.05
CA ILE W 293 -8.42 -16.37 -9.48
C ILE W 293 -9.01 -17.27 -8.41
N ARG W 294 -9.86 -16.72 -7.55
CA ARG W 294 -10.48 -17.52 -6.49
C ARG W 294 -11.40 -18.61 -7.07
N ALA W 295 -12.27 -18.22 -8.00
CA ALA W 295 -13.24 -19.18 -8.55
C ALA W 295 -12.54 -20.27 -9.34
N ALA W 296 -11.46 -19.95 -10.04
CA ALA W 296 -10.77 -20.99 -10.82
C ALA W 296 -10.22 -22.08 -9.91
N GLU W 297 -9.71 -21.71 -8.73
CA GLU W 297 -9.13 -22.70 -7.83
C GLU W 297 -10.14 -23.26 -6.82
N ASP W 298 -11.29 -22.63 -6.63
CA ASP W 298 -12.26 -23.05 -5.61
C ASP W 298 -13.61 -23.28 -6.26
N PRO W 299 -13.96 -24.53 -6.62
CA PRO W 299 -15.22 -24.76 -7.35
C PRO W 299 -16.48 -24.64 -6.49
N GLU W 300 -16.34 -24.19 -5.25
CA GLU W 300 -17.51 -23.92 -4.41
C GLU W 300 -17.77 -22.43 -4.26
N PHE W 301 -16.90 -21.58 -4.77
CA PHE W 301 -17.04 -20.14 -4.63
C PHE W 301 -17.93 -19.60 -5.75
N GLU W 302 -19.03 -18.95 -5.37
CA GLU W 302 -19.97 -18.43 -6.34
C GLU W 302 -20.55 -17.10 -5.87
N THR W 303 -20.59 -16.13 -6.77
CA THR W 303 -21.20 -14.83 -6.49
C THR W 303 -22.14 -14.47 -7.64
N PHE W 304 -22.91 -13.40 -7.46
CA PHE W 304 -23.74 -12.94 -8.58
C PHE W 304 -22.88 -12.49 -9.74
N TYR W 305 -21.63 -12.08 -9.46
CA TYR W 305 -20.73 -11.68 -10.52
C TYR W 305 -20.40 -12.86 -11.45
N THR W 306 -20.07 -14.03 -10.86
CA THR W 306 -19.76 -15.19 -11.71
C THR W 306 -21.03 -15.73 -12.39
N LYS W 307 -22.18 -15.62 -11.73
CA LYS W 307 -23.44 -16.05 -12.35
C LYS W 307 -23.73 -15.26 -13.62
N ASN W 308 -23.45 -13.96 -13.63
CA ASN W 308 -23.73 -13.15 -14.81
C ASN W 308 -22.79 -13.46 -15.95
N LEU W 309 -21.54 -13.84 -15.65
CA LEU W 309 -20.62 -14.20 -16.72
C LEU W 309 -21.11 -15.43 -17.49
N LEU W 310 -21.71 -16.40 -16.79
CA LEU W 310 -22.28 -17.56 -17.47
C LEU W 310 -23.40 -17.15 -18.41
N LEU W 311 -24.24 -16.19 -17.98
CA LEU W 311 -25.27 -15.67 -18.87
C LEU W 311 -24.65 -15.04 -20.11
N ASN W 312 -23.59 -14.25 -19.91
CA ASN W 312 -22.90 -13.63 -21.04
C ASN W 312 -22.36 -14.69 -22.00
N GLU W 313 -21.77 -15.77 -21.46
CA GLU W 313 -21.25 -16.84 -22.32
C GLU W 313 -22.38 -17.48 -23.11
N GLY W 314 -23.55 -17.63 -22.50
CA GLY W 314 -24.71 -18.09 -23.27
C GLY W 314 -25.07 -17.11 -24.37
N ILE W 315 -25.13 -15.81 -24.05
CA ILE W 315 -25.48 -14.82 -25.05
C ILE W 315 -24.52 -14.88 -26.23
N ARG W 316 -23.21 -14.91 -25.96
CA ARG W 316 -22.25 -14.91 -27.07
C ARG W 316 -22.44 -16.12 -27.97
N ALA W 317 -22.53 -17.31 -27.40
CA ALA W 317 -22.55 -18.53 -28.22
C ALA W 317 -23.86 -18.68 -28.97
N TRP W 318 -24.98 -18.27 -28.36
CA TRP W 318 -26.28 -18.50 -28.98
C TRP W 318 -26.65 -17.41 -29.97
N MET W 319 -26.12 -16.19 -29.80
CA MET W 319 -26.48 -15.12 -30.73
C MET W 319 -25.45 -14.88 -31.83
N ALA W 320 -24.17 -15.25 -31.62
CA ALA W 320 -23.14 -14.86 -32.58
C ALA W 320 -23.34 -15.41 -34.00
N PRO W 321 -23.75 -16.68 -34.21
CA PRO W 321 -23.84 -17.15 -35.61
C PRO W 321 -24.79 -16.33 -36.47
N GLN W 322 -25.95 -15.95 -35.95
CA GLN W 322 -26.88 -15.16 -36.74
C GLN W 322 -26.60 -13.66 -36.67
N ASP W 323 -26.04 -13.18 -35.54
CA ASP W 323 -25.78 -11.76 -35.36
C ASP W 323 -24.52 -11.29 -36.06
N GLN W 324 -23.57 -12.20 -36.32
CA GLN W 324 -22.33 -11.86 -37.00
C GLN W 324 -22.19 -12.77 -38.23
N PRO W 325 -23.09 -12.63 -39.21
CA PRO W 325 -23.11 -13.59 -40.32
C PRO W 325 -21.82 -13.62 -41.13
N GLU W 327 -18.90 -13.83 -40.18
CA GLU W 327 -17.92 -14.72 -39.57
C GLU W 327 -18.13 -16.18 -40.00
N ASN W 328 -19.30 -16.48 -40.58
CA ASN W 328 -19.65 -17.84 -41.01
C ASN W 328 -19.49 -18.84 -39.87
N PHE W 329 -19.93 -18.45 -38.67
CA PHE W 329 -19.83 -19.35 -37.52
C PHE W 329 -20.70 -20.59 -37.72
N VAL W 330 -20.14 -21.76 -37.44
CA VAL W 330 -20.91 -22.98 -37.31
C VAL W 330 -20.55 -23.58 -35.96
N PHE W 331 -21.47 -23.54 -35.03
CA PHE W 331 -21.24 -24.08 -33.69
C PHE W 331 -22.03 -25.37 -33.58
N PRO W 332 -21.38 -26.55 -33.63
CA PRO W 332 -22.14 -27.80 -33.50
C PRO W 332 -22.91 -27.80 -32.19
N GLU W 333 -24.07 -28.47 -32.20
CA GLU W 333 -24.91 -28.57 -31.00
C GLU W 333 -24.10 -28.89 -29.75
N GLU W 334 -23.16 -29.83 -29.88
CA GLU W 334 -22.44 -30.33 -28.72
C GLU W 334 -21.53 -29.30 -28.06
N VAL W 335 -21.15 -28.22 -28.76
CA VAL W 335 -20.29 -27.21 -28.11
C VAL W 335 -21.07 -26.08 -27.47
N LEU W 336 -22.38 -25.99 -27.71
CA LEU W 336 -23.15 -24.88 -27.14
C LEU W 336 -23.19 -24.99 -25.62
N PRO W 337 -22.88 -23.92 -24.89
CA PRO W 337 -23.00 -23.98 -23.43
C PRO W 337 -24.47 -23.96 -23.03
N ARG W 338 -24.85 -24.89 -22.15
CA ARG W 338 -26.23 -25.03 -21.70
C ARG W 338 -26.19 -25.64 -20.32
N GLY W 339 -27.07 -25.18 -19.44
CA GLY W 339 -27.25 -25.86 -18.17
C GLY W 339 -28.01 -27.15 -18.37
N ASN W 340 -28.37 -27.76 -17.24
CA ASN W 340 -29.14 -29.00 -17.28
C ASN W 340 -30.53 -28.77 -17.89
N ALA W 341 -30.97 -29.72 -18.72
CA ALA W 341 -32.34 -29.82 -19.23
C ALA W 341 -32.70 -28.73 -20.23
N LEU W 342 -32.46 -27.47 -19.89
CA LEU W 342 -32.81 -26.35 -20.78
C LEU W 342 -31.91 -26.33 -22.03
N GLY X 5 -47.53 36.89 -37.63
CA GLY X 5 -47.98 37.48 -38.88
C GLY X 5 -48.79 36.54 -39.74
N GLU X 6 -48.49 35.24 -39.64
CA GLU X 6 -49.23 34.25 -40.40
C GLU X 6 -50.63 34.04 -39.82
N ARG X 7 -51.53 33.57 -40.66
CA ARG X 7 -52.88 33.25 -40.22
C ARG X 7 -52.87 32.03 -39.31
N PRO X 8 -53.66 32.03 -38.23
CA PRO X 8 -53.69 30.88 -37.32
C PRO X 8 -54.17 29.61 -38.03
N PHE X 9 -53.58 28.48 -37.65
CA PHE X 9 -53.94 27.21 -38.27
C PHE X 9 -55.42 26.88 -38.09
N SER X 10 -55.98 27.17 -36.92
CA SER X 10 -57.37 26.84 -36.66
C SER X 10 -58.31 27.61 -37.58
N ASP X 11 -57.95 28.83 -37.99
CA ASP X 11 -58.71 29.51 -39.03
C ASP X 11 -58.60 28.79 -40.36
N ILE X 12 -57.39 28.33 -40.70
CA ILE X 12 -57.15 27.72 -42.01
C ILE X 12 -57.94 26.42 -42.16
N ILE X 13 -57.76 25.50 -41.21
CA ILE X 13 -58.34 24.16 -41.38
C ILE X 13 -59.82 24.09 -41.06
N THR X 14 -60.43 25.20 -40.66
CA THR X 14 -61.89 25.27 -40.56
C THR X 14 -62.51 26.03 -41.73
N SER X 15 -61.69 26.49 -42.67
CA SER X 15 -62.17 27.25 -43.82
C SER X 15 -62.54 26.32 -44.96
N VAL X 16 -63.49 26.79 -45.77
CA VAL X 16 -63.94 26.03 -46.93
C VAL X 16 -62.84 25.97 -47.99
N ARG X 17 -62.12 27.08 -48.17
CA ARG X 17 -61.07 27.10 -49.19
C ARG X 17 -60.04 26.01 -48.95
N TYR X 18 -59.69 25.78 -47.69
CA TYR X 18 -58.69 24.77 -47.34
C TYR X 18 -59.16 23.37 -47.73
N TRP X 19 -60.40 23.01 -47.38
CA TRP X 19 -60.87 21.65 -47.63
C TRP X 19 -61.23 21.41 -49.08
N VAL X 20 -61.59 22.46 -49.83
CA VAL X 20 -61.76 22.30 -51.27
C VAL X 20 -60.43 21.92 -51.92
N ILE X 21 -59.35 22.57 -51.50
CA ILE X 21 -58.03 22.25 -52.02
C ILE X 21 -57.62 20.84 -51.62
N HIS X 22 -57.75 20.53 -50.33
CA HIS X 22 -57.15 19.31 -49.82
C HIS X 22 -58.05 18.09 -49.94
N SER X 23 -59.33 18.28 -50.29
CA SER X 23 -60.14 17.12 -50.61
C SER X 23 -59.69 16.46 -51.91
N ILE X 24 -58.91 17.16 -52.71
CA ILE X 24 -58.30 16.58 -53.90
C ILE X 24 -56.88 16.08 -53.62
N THR X 25 -56.04 16.92 -53.02
CA THR X 25 -54.61 16.60 -52.94
C THR X 25 -54.32 15.47 -51.95
N ILE X 26 -55.04 15.43 -50.82
CA ILE X 26 -54.77 14.41 -49.81
C ILE X 26 -55.15 13.01 -50.33
N PRO X 27 -56.35 12.79 -50.90
CA PRO X 27 -56.61 11.46 -51.47
C PRO X 27 -55.68 11.12 -52.61
N ALA X 28 -55.31 12.12 -53.43
CA ALA X 28 -54.42 11.85 -54.54
C ALA X 28 -53.05 11.36 -54.06
N LEU X 29 -52.49 11.99 -53.02
CA LEU X 29 -51.23 11.53 -52.46
C LEU X 29 -51.37 10.14 -51.86
N PHE X 30 -52.46 9.90 -51.13
CA PHE X 30 -52.67 8.59 -50.52
C PHE X 30 -52.75 7.50 -51.58
N ILE X 31 -53.49 7.76 -52.65
CA ILE X 31 -53.65 6.75 -53.71
C ILE X 31 -52.34 6.57 -54.48
N ALA X 32 -51.58 7.66 -54.69
CA ALA X 32 -50.28 7.52 -55.35
C ALA X 32 -49.34 6.63 -54.53
N GLY X 33 -49.32 6.80 -53.21
CA GLY X 33 -48.53 5.91 -52.38
C GLY X 33 -49.03 4.49 -52.45
N TRP X 34 -50.36 4.31 -52.44
CA TRP X 34 -50.94 2.99 -52.62
C TRP X 34 -50.43 2.34 -53.90
N LEU X 35 -50.54 3.06 -55.02
CA LEU X 35 -50.08 2.52 -56.30
C LEU X 35 -48.56 2.32 -56.32
N PHE X 36 -47.81 3.13 -55.58
CA PHE X 36 -46.36 2.91 -55.51
C PHE X 36 -46.04 1.51 -55.01
N VAL X 37 -46.82 0.99 -54.07
CA VAL X 37 -46.65 -0.37 -53.59
C VAL X 37 -47.39 -1.38 -54.46
N SER X 38 -48.66 -1.12 -54.76
CA SER X 38 -49.49 -2.17 -55.39
C SER X 38 -49.02 -2.50 -56.80
N THR X 39 -48.42 -1.54 -57.51
CA THR X 39 -47.83 -1.84 -58.81
C THR X 39 -46.48 -2.53 -58.69
N GLY X 40 -45.89 -2.60 -57.49
CA GLY X 40 -44.59 -3.21 -57.31
C GLY X 40 -43.40 -2.30 -57.57
N LEU X 41 -43.62 -1.04 -57.92
CA LEU X 41 -42.51 -0.14 -58.22
C LEU X 41 -41.60 0.07 -57.00
N ALA X 42 -42.19 0.04 -55.80
CA ALA X 42 -41.38 0.20 -54.59
C ALA X 42 -40.28 -0.86 -54.51
N TYR X 43 -40.60 -2.11 -54.88
CA TYR X 43 -39.57 -3.16 -54.88
C TYR X 43 -38.40 -2.77 -55.77
N ASP X 44 -38.70 -2.25 -56.97
CA ASP X 44 -37.65 -2.02 -57.94
C ASP X 44 -36.85 -0.77 -57.63
N VAL X 45 -37.49 0.25 -57.05
CA VAL X 45 -36.77 1.48 -56.71
C VAL X 45 -35.73 1.21 -55.62
N PHE X 46 -36.13 0.49 -54.57
CA PHE X 46 -35.27 0.30 -53.41
C PHE X 46 -34.53 -1.04 -53.40
N GLY X 47 -34.84 -1.95 -54.32
CA GLY X 47 -34.14 -3.23 -54.36
C GLY X 47 -34.54 -4.20 -53.27
N THR X 48 -35.75 -4.07 -52.74
CA THR X 48 -36.25 -4.94 -51.69
C THR X 48 -36.75 -6.26 -52.28
N PRO X 49 -36.35 -7.40 -51.72
CA PRO X 49 -36.86 -8.68 -52.24
C PRO X 49 -38.37 -8.78 -52.08
N ARG X 50 -39.02 -9.28 -53.14
CA ARG X 50 -40.40 -9.75 -53.05
C ARG X 50 -40.40 -11.07 -52.26
N PRO X 51 -41.58 -11.53 -51.83
CA PRO X 51 -41.60 -12.79 -51.05
C PRO X 51 -40.98 -13.98 -51.76
N ASP X 52 -40.99 -14.01 -53.10
CA ASP X 52 -40.39 -15.12 -53.84
C ASP X 52 -38.94 -14.86 -54.24
N SER X 53 -38.30 -13.82 -53.68
CA SER X 53 -37.00 -13.38 -54.17
C SER X 53 -35.94 -13.27 -53.08
N TYR X 54 -36.15 -13.89 -51.92
CA TYR X 54 -35.08 -13.95 -50.93
C TYR X 54 -34.08 -15.06 -51.26
N TYR X 55 -34.57 -16.16 -51.81
CA TYR X 55 -33.78 -17.35 -52.08
C TYR X 55 -34.10 -17.89 -53.46
N ALA X 56 -33.11 -18.53 -54.08
CA ALA X 56 -33.41 -19.45 -55.16
C ALA X 56 -34.10 -20.68 -54.58
N GLN X 57 -34.66 -21.52 -55.46
CA GLN X 57 -35.60 -22.54 -55.03
C GLN X 57 -34.98 -23.51 -54.01
N GLU X 58 -33.70 -23.87 -54.17
CA GLU X 58 -33.09 -24.87 -53.30
C GLU X 58 -32.03 -24.32 -52.36
N GLN X 59 -31.56 -23.10 -52.55
CA GLN X 59 -30.50 -22.58 -51.70
C GLN X 59 -31.07 -22.10 -50.36
N ARG X 60 -30.22 -22.10 -49.34
CA ARG X 60 -30.60 -21.56 -48.04
C ARG X 60 -29.52 -20.66 -47.46
N SER X 61 -28.55 -20.23 -48.27
CA SER X 61 -27.51 -19.33 -47.81
C SER X 61 -27.87 -17.89 -48.09
N ILE X 62 -27.73 -17.03 -47.07
CA ILE X 62 -28.01 -15.60 -47.21
C ILE X 62 -27.09 -15.03 -48.28
N PRO X 63 -27.55 -14.13 -49.14
CA PRO X 63 -26.64 -13.49 -50.11
C PRO X 63 -25.87 -12.32 -49.49
N LEU X 64 -25.01 -12.62 -48.52
CA LEU X 64 -24.32 -11.57 -47.78
C LEU X 64 -23.21 -10.96 -48.63
N VAL X 65 -23.17 -9.64 -48.68
CA VAL X 65 -22.06 -8.95 -49.34
C VAL X 65 -20.77 -9.17 -48.56
N THR X 66 -19.74 -9.64 -49.24
CA THR X 66 -18.46 -9.94 -48.60
C THR X 66 -17.28 -9.19 -49.19
N ASP X 67 -17.48 -8.36 -50.21
CA ASP X 67 -16.39 -7.60 -50.81
C ASP X 67 -16.81 -6.15 -50.97
N ARG X 68 -16.01 -5.24 -50.41
CA ARG X 68 -16.40 -3.83 -50.36
C ARG X 68 -16.49 -3.21 -51.76
N PHE X 69 -15.45 -3.38 -52.58
CA PHE X 69 -15.36 -2.59 -53.80
C PHE X 69 -16.00 -3.25 -55.01
N GLU X 70 -16.30 -4.55 -54.95
CA GLU X 70 -17.11 -5.19 -55.97
C GLU X 70 -18.45 -5.64 -55.39
N ALA X 71 -18.90 -4.95 -54.34
CA ALA X 71 -20.18 -5.27 -53.72
C ALA X 71 -21.33 -5.08 -54.70
N LYS X 72 -21.22 -4.05 -55.56
CA LYS X 72 -22.27 -3.81 -56.56
C LYS X 72 -22.41 -5.01 -57.49
N GLN X 73 -21.28 -5.51 -58.01
CA GLN X 73 -21.31 -6.70 -58.86
C GLN X 73 -21.74 -7.93 -58.08
N GLN X 74 -21.38 -8.02 -56.80
CA GLN X 74 -21.77 -9.17 -55.99
C GLN X 74 -23.29 -9.24 -55.85
N VAL X 75 -23.92 -8.11 -55.54
CA VAL X 75 -25.37 -8.07 -55.47
C VAL X 75 -25.98 -8.44 -56.81
N GLU X 76 -25.44 -7.90 -57.91
CA GLU X 76 -25.96 -8.21 -59.24
C GLU X 76 -25.89 -9.71 -59.52
N THR X 77 -24.81 -10.36 -59.09
CA THR X 77 -24.68 -11.80 -59.28
C THR X 77 -25.71 -12.57 -58.45
N PHE X 78 -25.88 -12.18 -57.18
CA PHE X 78 -26.91 -12.81 -56.35
C PHE X 78 -28.28 -12.72 -57.01
N LEU X 79 -28.60 -11.57 -57.60
CA LEU X 79 -29.92 -11.42 -58.21
C LEU X 79 -30.07 -12.32 -59.43
N GLU X 80 -28.99 -12.49 -60.20
CA GLU X 80 -29.07 -13.36 -61.38
C GLU X 80 -29.30 -14.81 -60.99
N GLN X 81 -28.77 -15.24 -59.84
CA GLN X 81 -28.96 -16.62 -59.40
C GLN X 81 -30.38 -16.93 -58.96
N LEU X 82 -31.26 -15.93 -58.87
CA LEU X 82 -32.64 -16.21 -58.53
C LEU X 82 -33.38 -16.84 -59.70
N LYS X 83 -33.14 -16.36 -60.91
CA LYS X 83 -33.75 -16.92 -62.12
C LYS X 83 -33.02 -18.18 -62.56
N ILE Y 14 -47.95 32.78 -53.17
CA ILE Y 14 -46.95 33.33 -52.28
C ILE Y 14 -46.69 32.32 -51.15
N PHE Y 15 -45.45 31.87 -51.05
CA PHE Y 15 -45.04 30.84 -50.11
C PHE Y 15 -44.49 31.48 -48.85
N THR Y 16 -44.77 30.87 -47.70
CA THR Y 16 -44.13 31.31 -46.48
C THR Y 16 -43.25 30.19 -45.99
N VAL Y 17 -42.32 30.53 -45.09
CA VAL Y 17 -41.48 29.51 -44.48
C VAL Y 17 -42.34 28.45 -43.80
N ARG Y 18 -43.38 28.89 -43.07
CA ARG Y 18 -44.25 27.95 -42.37
C ARG Y 18 -44.96 27.02 -43.35
N TRP Y 19 -45.46 27.58 -44.45
CA TRP Y 19 -46.13 26.76 -45.47
C TRP Y 19 -45.19 25.69 -45.99
N VAL Y 20 -43.96 26.08 -46.33
CA VAL Y 20 -42.98 25.11 -46.80
C VAL Y 20 -42.70 24.05 -45.75
N ALA Y 21 -42.44 24.48 -44.50
CA ALA Y 21 -42.13 23.52 -43.45
C ALA Y 21 -43.27 22.51 -43.26
N VAL Y 22 -44.51 22.97 -43.32
CA VAL Y 22 -45.66 22.10 -43.12
C VAL Y 22 -45.72 21.04 -44.23
N HIS Y 23 -45.54 21.45 -45.48
CA HIS Y 23 -45.76 20.53 -46.59
C HIS Y 23 -44.57 19.60 -46.83
N THR Y 24 -43.35 19.98 -46.47
CA THR Y 24 -42.25 19.03 -46.57
C THR Y 24 -42.46 17.82 -45.66
N LEU Y 25 -43.25 17.96 -44.59
CA LEU Y 25 -43.58 16.85 -43.72
C LEU Y 25 -44.91 16.19 -44.11
N ALA Y 26 -45.94 17.00 -44.36
CA ALA Y 26 -47.28 16.45 -44.56
C ALA Y 26 -47.42 15.71 -45.88
N VAL Y 27 -46.80 16.20 -46.95
CA VAL Y 27 -46.98 15.59 -48.26
C VAL Y 27 -46.38 14.18 -48.27
N PRO Y 28 -45.10 13.98 -47.87
CA PRO Y 28 -44.60 12.59 -47.81
C PRO Y 28 -45.37 11.72 -46.83
N THR Y 29 -45.80 12.28 -45.69
CA THR Y 29 -46.51 11.48 -44.70
C THR Y 29 -47.75 10.82 -45.29
N ILE Y 30 -48.55 11.59 -46.04
CA ILE Y 30 -49.76 11.03 -46.63
C ILE Y 30 -49.42 9.99 -47.69
N PHE Y 31 -48.42 10.27 -48.53
CA PHE Y 31 -47.97 9.31 -49.52
C PHE Y 31 -47.53 8.00 -48.85
N PHE Y 32 -46.71 8.11 -47.80
CA PHE Y 32 -46.23 6.94 -47.09
C PHE Y 32 -47.36 6.14 -46.46
N LEU Y 33 -48.36 6.83 -45.88
CA LEU Y 33 -49.46 6.13 -45.24
C LEU Y 33 -50.30 5.37 -46.26
N GLY Y 34 -50.47 5.92 -47.47
CA GLY Y 34 -51.14 5.17 -48.53
C GLY Y 34 -50.35 3.94 -48.95
N ALA Y 35 -49.02 4.08 -49.00
CA ALA Y 35 -48.14 2.95 -49.31
C ALA Y 35 -48.22 1.87 -48.23
N ILE Y 36 -48.13 2.29 -46.96
CA ILE Y 36 -48.20 1.32 -45.87
C ILE Y 36 -49.59 0.70 -45.80
N ALA Y 37 -50.64 1.45 -46.15
CA ALA Y 37 -51.98 0.87 -46.21
C ALA Y 37 -52.04 -0.28 -47.21
N ALA Y 38 -51.55 -0.04 -48.43
CA ALA Y 38 -51.54 -1.09 -49.45
C ALA Y 38 -50.75 -2.30 -49.00
N MET Y 39 -49.68 -2.10 -48.22
CA MET Y 39 -48.84 -3.21 -47.79
C MET Y 39 -49.61 -4.24 -46.97
N GLN Y 40 -50.65 -3.78 -46.24
CA GLN Y 40 -51.45 -4.68 -45.40
C GLN Y 40 -52.14 -5.78 -46.19
N PHE Y 41 -52.26 -5.65 -47.51
CA PHE Y 41 -52.91 -6.66 -48.34
C PHE Y 41 -51.91 -7.50 -49.12
N ILE Y 42 -50.61 -7.29 -48.94
CA ILE Y 42 -49.62 -8.15 -49.58
C ILE Y 42 -49.58 -9.49 -48.86
N GLN Y 43 -49.59 -10.57 -49.65
CA GLN Y 43 -49.48 -11.94 -49.17
C GLN Y 43 -48.24 -12.60 -49.76
N ARG Y 44 -47.60 -13.46 -48.98
CA ARG Y 44 -46.43 -14.17 -49.48
C ARG Y 44 -46.86 -15.20 -50.52
N ALA Z 1 4.25 50.80 -13.89
CA ALA Z 1 4.72 49.53 -14.43
C ALA Z 1 6.23 49.57 -14.69
N ARG Z 2 6.86 48.41 -14.72
CA ARG Z 2 8.31 48.30 -14.79
C ARG Z 2 8.77 48.14 -16.24
N ARG Z 3 9.64 49.04 -16.69
CA ARG Z 3 10.30 48.92 -17.97
C ARG Z 3 11.54 48.05 -17.80
N THR Z 4 11.85 47.26 -18.84
CA THR Z 4 13.08 46.51 -18.90
C THR Z 4 13.69 46.66 -20.27
N TRP Z 5 14.97 46.28 -20.38
CA TRP Z 5 15.68 46.32 -21.66
C TRP Z 5 14.99 45.47 -22.72
N LEU Z 6 14.63 44.23 -22.37
CA LEU Z 6 13.95 43.37 -23.32
C LEU Z 6 12.54 43.87 -23.61
N GLY Z 7 11.86 44.38 -22.57
CA GLY Z 7 10.53 44.93 -22.78
C GLY Z 7 10.51 46.10 -23.75
N ASP Z 8 11.52 46.96 -23.67
CA ASP Z 8 11.58 48.08 -24.61
C ASP Z 8 11.81 47.58 -26.03
N ILE Z 9 12.63 46.55 -26.20
CA ILE Z 9 12.86 45.96 -27.51
C ILE Z 9 11.55 45.42 -28.09
N LEU Z 10 10.74 44.76 -27.25
CA LEU Z 10 9.53 44.10 -27.71
C LEU Z 10 8.34 45.04 -27.80
N ARG Z 11 8.47 46.27 -27.30
CA ARG Z 11 7.34 47.20 -27.19
C ARG Z 11 6.48 47.35 -28.43
N PRO Z 12 7.02 47.60 -29.63
CA PRO Z 12 6.11 47.77 -30.79
C PRO Z 12 5.28 46.55 -31.11
N LEU Z 13 5.76 45.36 -30.75
CA LEU Z 13 5.00 44.14 -31.06
C LEU Z 13 3.73 44.02 -30.23
N ASN Z 14 3.61 44.76 -29.14
CA ASN Z 14 2.39 44.78 -28.34
C ASN Z 14 1.85 46.21 -28.23
N SER Z 15 1.83 46.94 -29.33
CA SER Z 15 1.46 48.35 -29.29
C SER Z 15 0.20 48.70 -30.08
N GLU Z 16 -0.38 47.77 -30.83
CA GLU Z 16 -1.51 48.07 -31.69
C GLU Z 16 -2.80 47.39 -31.24
N TYR Z 17 -2.95 47.20 -29.92
CA TYR Z 17 -4.19 46.63 -29.38
C TYR Z 17 -5.41 47.35 -29.95
N GLY Z 18 -6.38 46.56 -30.42
CA GLY Z 18 -7.64 47.07 -30.92
C GLY Z 18 -7.64 47.57 -32.35
N LYS Z 19 -6.49 47.66 -33.01
CA LYS Z 19 -6.46 48.24 -34.35
C LYS Z 19 -7.06 47.25 -35.35
N VAL Z 20 -7.98 47.75 -36.18
CA VAL Z 20 -8.71 46.90 -37.12
C VAL Z 20 -8.61 47.52 -38.51
N ALA Z 21 -8.77 46.65 -39.53
CA ALA Z 21 -8.97 47.14 -40.88
C ALA Z 21 -10.44 47.42 -41.12
N PRO Z 22 -10.76 48.44 -41.91
CA PRO Z 22 -12.17 48.85 -42.06
C PRO Z 22 -13.03 47.75 -42.67
N GLY Z 23 -14.23 47.61 -42.10
CA GLY Z 23 -15.27 46.81 -42.76
C GLY Z 23 -14.91 45.34 -42.84
N TRP Z 24 -15.13 44.77 -44.02
CA TRP Z 24 -14.91 43.35 -44.25
C TRP Z 24 -13.45 43.02 -44.53
N GLY Z 25 -12.63 44.00 -44.88
CA GLY Z 25 -11.22 43.76 -45.14
C GLY Z 25 -10.99 42.54 -46.01
N THR Z 26 -10.12 41.64 -45.55
CA THR Z 26 -9.73 40.45 -46.31
C THR Z 26 -10.64 39.25 -46.05
N THR Z 27 -11.82 39.45 -45.48
CA THR Z 27 -12.72 38.32 -45.25
C THR Z 27 -12.99 37.49 -46.50
N PRO Z 28 -13.26 38.07 -47.68
CA PRO Z 28 -13.46 37.21 -48.86
C PRO Z 28 -12.29 36.28 -49.15
N LEU Z 29 -11.07 36.81 -49.10
CA LEU Z 29 -9.88 35.98 -49.29
C LEU Z 29 -9.79 34.90 -48.22
N MET Z 30 -10.10 35.25 -46.97
CA MET Z 30 -10.12 34.25 -45.91
C MET Z 30 -11.09 33.12 -46.23
N ALA Z 31 -12.29 33.48 -46.70
CA ALA Z 31 -13.30 32.49 -47.05
C ALA Z 31 -12.79 31.53 -48.12
N VAL Z 32 -12.08 32.06 -49.11
CA VAL Z 32 -11.52 31.21 -50.16
C VAL Z 32 -10.56 30.19 -49.57
N PHE Z 33 -9.64 30.64 -48.72
CA PHE Z 33 -8.69 29.70 -48.12
C PHE Z 33 -9.39 28.68 -47.24
N MET Z 34 -10.42 29.12 -46.49
CA MET Z 34 -11.21 28.17 -45.70
C MET Z 34 -11.83 27.10 -46.59
N GLY Z 35 -12.39 27.52 -47.73
CA GLY Z 35 -12.97 26.57 -48.67
C GLY Z 35 -11.95 25.59 -49.21
N LEU Z 36 -10.78 26.09 -49.63
CA LEU Z 36 -9.71 25.20 -50.08
C LEU Z 36 -9.30 24.23 -48.98
N PHE Z 37 -9.19 24.71 -47.74
CA PHE Z 37 -8.79 23.85 -46.63
C PHE Z 37 -9.82 22.75 -46.40
N LEU Z 38 -11.11 23.08 -46.47
CA LEU Z 38 -12.14 22.06 -46.30
C LEU Z 38 -12.03 21.00 -47.38
N VAL Z 39 -11.81 21.40 -48.62
CA VAL Z 39 -11.67 20.42 -49.69
C VAL Z 39 -10.43 19.57 -49.45
N PHE Z 40 -9.35 20.19 -48.95
CA PHE Z 40 -8.13 19.47 -48.65
C PHE Z 40 -8.36 18.39 -47.60
N LEU Z 41 -9.02 18.74 -46.50
CA LEU Z 41 -9.32 17.76 -45.47
C LEU Z 41 -10.23 16.67 -46.01
N LEU Z 42 -11.16 17.04 -46.88
CA LEU Z 42 -12.04 16.05 -47.49
C LEU Z 42 -11.23 15.06 -48.33
N ILE Z 43 -10.24 15.54 -49.08
CA ILE Z 43 -9.41 14.65 -49.88
C ILE Z 43 -8.63 13.67 -48.99
N ILE Z 44 -7.92 14.19 -47.98
CA ILE Z 44 -7.10 13.26 -47.21
C ILE Z 44 -7.99 12.31 -46.41
N LEU Z 45 -9.17 12.75 -45.98
CA LEU Z 45 -10.09 11.83 -45.31
C LEU Z 45 -10.52 10.70 -46.24
N GLU Z 46 -10.90 11.05 -47.47
CA GLU Z 46 -11.44 10.01 -48.36
C GLU Z 46 -10.34 9.09 -48.87
N ILE Z 47 -9.11 9.59 -48.96
CA ILE Z 47 -7.98 8.72 -49.26
C ILE Z 47 -7.77 7.72 -48.13
N TYR Z 48 -7.68 8.22 -46.90
CA TYR Z 48 -7.52 7.33 -45.74
C TYR Z 48 -8.69 6.35 -45.62
N ASN Z 49 -9.89 6.79 -46.00
CA ASN Z 49 -11.11 6.02 -45.88
C ASN Z 49 -11.29 5.02 -47.03
N SER Z 50 -10.44 5.11 -48.06
CA SER Z 50 -10.56 4.33 -49.31
C SER Z 50 -11.85 4.65 -50.05
N THR Z 51 -12.40 5.86 -49.84
CA THR Z 51 -13.45 6.37 -50.71
C THR Z 51 -12.86 7.04 -51.94
N LEU Z 52 -11.68 7.62 -51.83
CA LEU Z 52 -10.93 8.16 -52.96
C LEU Z 52 -9.69 7.30 -53.15
N ILE Z 53 -9.58 6.66 -54.32
CA ILE Z 53 -8.53 5.70 -54.62
C ILE Z 53 -7.75 6.22 -55.82
N LEU Z 54 -6.45 6.44 -55.63
CA LEU Z 54 -5.61 7.09 -56.63
C LEU Z 54 -4.54 6.12 -57.10
N ASP Z 55 -4.14 6.23 -58.37
CA ASP Z 55 -3.09 5.39 -58.90
C ASP Z 55 -1.79 5.63 -58.15
N GLY Z 56 -1.11 4.54 -57.79
CA GLY Z 56 0.12 4.63 -57.04
C GLY Z 56 -0.02 5.00 -55.58
N VAL Z 57 -1.25 5.08 -55.06
CA VAL Z 57 -1.51 5.43 -53.67
C VAL Z 57 -2.19 4.22 -53.04
N ASN Z 58 -1.40 3.32 -52.47
CA ASN Z 58 -1.92 2.12 -51.82
C ASN Z 58 -1.97 2.37 -50.33
N VAL Z 59 -3.17 2.64 -49.80
CA VAL Z 59 -3.32 2.97 -48.40
C VAL Z 59 -3.29 1.69 -47.59
N SER Z 60 -2.08 1.24 -47.29
CA SER Z 60 -1.88 -0.04 -46.61
C SER Z 60 -0.48 -0.02 -46.04
N TRP Z 61 -0.28 -0.86 -45.02
CA TRP Z 61 1.08 -1.11 -44.56
C TRP Z 61 2.00 -1.51 -45.71
N LYS Z 62 1.45 -2.17 -46.72
CA LYS Z 62 2.18 -2.60 -47.91
C LYS Z 62 2.54 -1.47 -48.86
N ALA Z 63 2.47 -0.23 -48.38
CA ALA Z 63 2.83 0.96 -49.17
C ALA Z 63 2.70 2.21 -48.31
N GLU AA 2 -38.62 -19.24 20.87
CA GLU AA 2 -39.96 -18.98 21.39
C GLU AA 2 -40.03 -17.61 22.08
N THR AA 3 -38.98 -17.31 22.86
CA THR AA 3 -38.91 -16.02 23.53
C THR AA 3 -38.74 -14.88 22.54
N LEU AA 4 -37.96 -15.11 21.48
CA LEU AA 4 -37.83 -14.11 20.42
C LEU AA 4 -39.18 -13.86 19.75
N LYS AA 5 -39.91 -14.93 19.45
CA LYS AA 5 -41.20 -14.77 18.78
C LYS AA 5 -42.15 -13.95 19.64
N ILE AA 6 -42.23 -14.29 20.94
CA ILE AA 6 -43.13 -13.57 21.84
C ILE AA 6 -42.72 -12.12 21.96
N THR AA 7 -41.41 -11.87 22.07
CA THR AA 7 -40.92 -10.51 22.16
C THR AA 7 -41.29 -9.71 20.93
N VAL AA 8 -41.10 -10.29 19.74
CA VAL AA 8 -41.41 -9.55 18.52
C VAL AA 8 -42.90 -9.28 18.42
N TYR AA 9 -43.75 -10.25 18.77
CA TYR AA 9 -45.19 -10.05 18.71
C TYR AA 9 -45.62 -8.91 19.63
N ILE AA 10 -45.04 -8.83 20.82
CA ILE AA 10 -45.39 -7.77 21.76
C ILE AA 10 -44.94 -6.42 21.22
N VAL AA 11 -43.71 -6.37 20.69
CA VAL AA 11 -43.17 -5.15 20.11
C VAL AA 11 -44.05 -4.66 18.95
N VAL AA 12 -44.36 -5.56 18.00
CA VAL AA 12 -45.17 -5.18 16.85
C VAL AA 12 -46.56 -4.73 17.31
N THR AA 13 -47.19 -5.48 18.21
CA THR AA 13 -48.50 -5.09 18.71
C THR AA 13 -48.45 -3.71 19.36
N PHE AA 14 -47.38 -3.43 20.10
CA PHE AA 14 -47.23 -2.13 20.76
C PHE AA 14 -47.25 -1.00 19.73
N PHE AA 15 -46.42 -1.10 18.69
CA PHE AA 15 -46.37 -0.02 17.70
C PHE AA 15 -47.64 0.04 16.86
N VAL AA 16 -48.27 -1.09 16.56
CA VAL AA 16 -49.50 -1.06 15.78
C VAL AA 16 -50.61 -0.34 16.57
N LEU AA 17 -50.66 -0.56 17.89
CA LEU AA 17 -51.66 0.13 18.71
C LEU AA 17 -51.43 1.64 18.74
N LEU AA 18 -50.16 2.07 18.83
CA LEU AA 18 -49.87 3.51 18.77
C LEU AA 18 -50.39 4.11 17.47
N PHE AA 19 -50.14 3.43 16.35
CA PHE AA 19 -50.63 3.89 15.05
C PHE AA 19 -52.15 4.03 15.07
N VAL AA 20 -52.86 2.99 15.51
CA VAL AA 20 -54.32 2.99 15.38
C VAL AA 20 -54.94 4.01 16.33
N PHE AA 21 -54.55 3.97 17.61
CA PHE AA 21 -55.10 4.95 18.56
C PHE AA 21 -54.63 6.35 18.24
N GLY AA 22 -53.41 6.50 17.73
CA GLY AA 22 -52.94 7.81 17.30
C GLY AA 22 -53.85 8.42 16.25
N PHE AA 23 -54.15 7.65 15.19
CA PHE AA 23 -55.03 8.21 14.16
C PHE AA 23 -56.47 8.37 14.64
N LEU AA 24 -56.86 7.67 15.71
CA LEU AA 24 -58.17 7.88 16.33
C LEU AA 24 -58.24 9.10 17.24
N SER AA 25 -57.10 9.72 17.56
CA SER AA 25 -57.03 10.78 18.55
C SER AA 25 -57.22 12.15 17.91
N GLY AA 26 -58.36 12.31 17.23
CA GLY AA 26 -58.73 13.58 16.64
C GLY AA 26 -57.78 14.07 15.57
N ASP AA 27 -57.39 13.18 14.66
CA ASP AA 27 -56.39 13.55 13.67
C ASP AA 27 -56.88 14.62 12.67
N PRO AA 28 -58.14 14.58 12.21
CA PRO AA 28 -58.58 15.66 11.30
C PRO AA 28 -58.37 17.04 11.87
N ALA AA 29 -58.52 17.22 13.18
CA ALA AA 29 -58.30 18.53 13.78
C ALA AA 29 -56.83 18.94 13.82
N ARG AA 30 -55.89 18.01 13.59
CA ARG AA 30 -54.46 18.34 13.67
C ARG AA 30 -53.99 18.87 12.31
N ASN AA 31 -54.45 20.08 12.02
CA ASN AA 31 -54.04 20.83 10.83
C ASN AA 31 -54.04 22.30 11.22
N PRO AA 32 -53.42 23.16 10.40
CA PRO AA 32 -53.32 24.58 10.79
C PRO AA 32 -54.55 25.44 10.48
N LYS AA 33 -55.58 24.90 9.79
CA LYS AA 33 -56.70 25.71 9.34
C LYS AA 33 -57.97 25.20 10.04
N ARG AA 34 -58.95 24.71 9.30
CA ARG AA 34 -60.23 24.27 9.86
C ARG AA 34 -60.02 23.00 10.67
N LYS AA 35 -60.24 23.08 11.98
CA LYS AA 35 -60.07 21.97 12.90
C LYS AA 35 -61.39 21.37 13.37
N ASP AA 36 -62.49 21.70 12.68
CA ASP AA 36 -63.85 21.28 13.03
C ASP AA 36 -64.12 21.30 14.53
N MET BA 2 -63.84 30.79 -50.17
CA MET BA 2 -63.56 31.85 -49.20
C MET BA 2 -62.57 31.41 -48.15
N SER BA 3 -61.59 32.27 -47.86
CA SER BA 3 -60.61 32.01 -46.82
C SER BA 3 -61.23 32.01 -45.42
N GLU BA 4 -62.49 32.45 -45.29
CA GLU BA 4 -63.16 32.64 -44.01
C GLU BA 4 -62.95 31.47 -43.06
N GLY BA 5 -62.40 31.77 -41.89
CA GLY BA 5 -62.08 30.75 -40.92
C GLY BA 5 -63.22 30.51 -39.94
N GLY BA 6 -63.50 29.23 -39.69
CA GLY BA 6 -64.57 28.81 -38.83
C GLY BA 6 -65.87 28.43 -39.51
N ARG BA 7 -65.85 28.20 -40.83
CA ARG BA 7 -67.07 27.79 -41.52
C ARG BA 7 -67.42 26.35 -41.19
N ILE BA 8 -66.41 25.54 -40.90
CA ILE BA 8 -66.57 24.14 -40.51
C ILE BA 8 -66.21 24.06 -39.02
N PRO BA 9 -67.11 23.61 -38.15
CA PRO BA 9 -66.81 23.66 -36.71
C PRO BA 9 -65.61 22.78 -36.37
N LEU BA 10 -64.76 23.30 -35.48
CA LEU BA 10 -63.51 22.62 -35.16
C LEU BA 10 -63.77 21.26 -34.53
N TRP BA 11 -64.85 21.12 -33.76
CA TRP BA 11 -65.13 19.83 -33.13
C TRP BA 11 -65.47 18.77 -34.17
N ILE BA 12 -66.09 19.16 -35.29
CA ILE BA 12 -66.36 18.20 -36.34
C ILE BA 12 -65.07 17.81 -37.05
N VAL BA 13 -64.19 18.78 -37.30
CA VAL BA 13 -62.90 18.48 -37.93
C VAL BA 13 -62.11 17.49 -37.06
N ALA BA 14 -62.07 17.75 -35.75
CA ALA BA 14 -61.32 16.88 -34.85
C ALA BA 14 -61.92 15.47 -34.80
N THR BA 15 -63.25 15.37 -34.76
CA THR BA 15 -63.88 14.06 -34.68
C THR BA 15 -63.60 13.23 -35.93
N VAL BA 16 -63.73 13.84 -37.11
CA VAL BA 16 -63.53 13.11 -38.35
C VAL BA 16 -62.06 12.74 -38.51
N ALA BA 17 -61.17 13.68 -38.20
CA ALA BA 17 -59.73 13.41 -38.25
C ALA BA 17 -59.36 12.26 -37.31
N GLY BA 18 -59.87 12.30 -36.08
CA GLY BA 18 -59.55 11.24 -35.12
C GLY BA 18 -60.05 9.88 -35.56
N MET BA 19 -61.25 9.84 -36.14
CA MET BA 19 -61.79 8.58 -36.64
C MET BA 19 -60.94 8.06 -37.79
N GLY BA 20 -60.43 8.96 -38.63
CA GLY BA 20 -59.54 8.53 -39.70
C GLY BA 20 -58.27 7.92 -39.16
N VAL BA 21 -57.72 8.49 -38.08
CA VAL BA 21 -56.55 7.92 -37.45
C VAL BA 21 -56.86 6.53 -36.92
N ILE BA 22 -58.00 6.39 -36.25
CA ILE BA 22 -58.41 5.09 -35.74
C ILE BA 22 -58.53 4.08 -36.87
N VAL BA 23 -59.11 4.50 -38.00
CA VAL BA 23 -59.29 3.58 -39.13
C VAL BA 23 -57.93 3.12 -39.66
N ILE BA 24 -56.98 4.06 -39.83
CA ILE BA 24 -55.71 3.70 -40.46
C ILE BA 24 -54.86 2.85 -39.52
N VAL BA 25 -54.85 3.19 -38.22
CA VAL BA 25 -54.13 2.37 -37.27
C VAL BA 25 -54.80 1.00 -37.13
N GLY BA 26 -56.14 0.99 -37.15
CA GLY BA 26 -56.85 -0.28 -37.16
C GLY BA 26 -56.48 -1.15 -38.35
N LEU BA 27 -56.35 -0.55 -39.53
CA LEU BA 27 -55.89 -1.29 -40.70
C LEU BA 27 -54.50 -1.88 -40.46
N PHE BA 28 -53.61 -1.11 -39.81
CA PHE BA 28 -52.26 -1.62 -39.55
C PHE BA 28 -52.29 -2.78 -38.57
N PHE BA 29 -53.15 -2.72 -37.57
CA PHE BA 29 -53.23 -3.86 -36.66
C PHE BA 29 -53.85 -5.07 -37.34
N TYR BA 30 -54.83 -4.86 -38.22
CA TYR BA 30 -55.33 -5.96 -39.03
C TYR BA 30 -54.20 -6.62 -39.79
N GLY BA 31 -53.30 -5.82 -40.36
CA GLY BA 31 -52.22 -6.37 -41.15
C GLY BA 31 -51.24 -7.20 -40.35
N ALA BA 32 -51.18 -6.99 -39.03
CA ALA BA 32 -50.32 -7.81 -38.17
C ALA BA 32 -50.79 -9.26 -38.12
N TYR BA 33 -52.06 -9.51 -38.46
CA TYR BA 33 -52.63 -10.85 -38.40
C TYR BA 33 -52.86 -11.46 -39.78
N ALA BA 34 -52.56 -10.74 -40.85
CA ALA BA 34 -52.89 -11.21 -42.20
C ALA BA 34 -51.78 -10.82 -43.16
N GLY BA 35 -51.49 -11.71 -44.12
CA GLY BA 35 -50.45 -11.41 -45.09
C GLY BA 35 -49.07 -11.40 -44.47
N LEU BA 36 -48.19 -10.55 -45.01
CA LEU BA 36 -46.81 -10.50 -44.54
C LEU BA 36 -46.74 -10.12 -43.07
N GLY BA 37 -45.84 -10.76 -42.33
CA GLY BA 37 -45.65 -10.46 -40.94
C GLY BA 37 -46.62 -11.14 -39.99
N SER BA 38 -47.53 -11.97 -40.49
CA SER BA 38 -48.53 -12.62 -39.66
C SER BA 38 -48.05 -13.93 -39.05
N SER BA 39 -46.84 -14.39 -39.40
CA SER BA 39 -46.25 -15.68 -39.04
C SER BA 39 -46.91 -16.86 -39.75
N LEU BA 40 -47.92 -16.63 -40.56
CA LEU BA 40 -48.70 -17.71 -41.18
C LEU BA 40 -48.35 -17.93 -42.66
N LYS CA 1 -70.91 -21.05 -30.96
CA LYS CA 1 -71.84 -20.46 -31.91
C LYS CA 1 -73.14 -20.03 -31.23
N LEU CA 2 -73.75 -18.96 -31.72
CA LEU CA 2 -75.08 -18.58 -31.28
C LEU CA 2 -76.09 -19.60 -31.81
N PRO CA 3 -77.26 -19.71 -31.16
CA PRO CA 3 -78.32 -20.55 -31.72
C PRO CA 3 -78.59 -20.17 -33.17
N GLU CA 4 -78.89 -21.19 -33.99
CA GLU CA 4 -78.85 -21.05 -35.43
C GLU CA 4 -79.77 -19.95 -35.94
N ALA CA 5 -80.92 -19.74 -35.30
CA ALA CA 5 -81.83 -18.69 -35.75
C ALA CA 5 -81.17 -17.31 -35.69
N TYR CA 6 -80.24 -17.11 -34.77
CA TYR CA 6 -79.63 -15.79 -34.58
C TYR CA 6 -78.39 -15.57 -35.43
N ALA CA 7 -77.99 -16.56 -36.24
CA ALA CA 7 -76.68 -16.50 -36.89
C ALA CA 7 -76.54 -15.29 -37.82
N ILE CA 8 -77.64 -14.81 -38.38
CA ILE CA 8 -77.57 -13.66 -39.28
C ILE CA 8 -76.98 -12.45 -38.57
N PHE CA 9 -77.09 -12.40 -37.25
CA PHE CA 9 -76.63 -11.26 -36.46
C PHE CA 9 -75.19 -11.41 -35.97
N ASP CA 10 -74.49 -12.48 -36.37
CA ASP CA 10 -73.09 -12.65 -35.98
C ASP CA 10 -72.23 -11.42 -36.20
N PRO CA 11 -72.27 -10.75 -37.37
CA PRO CA 11 -71.42 -9.55 -37.53
C PRO CA 11 -71.77 -8.45 -36.55
N LEU CA 12 -73.05 -8.30 -36.19
CA LEU CA 12 -73.41 -7.32 -35.18
C LEU CA 12 -72.87 -7.73 -33.81
N VAL CA 13 -73.04 -9.01 -33.45
CA VAL CA 13 -72.54 -9.50 -32.16
C VAL CA 13 -71.04 -9.30 -32.04
N ASP CA 14 -70.31 -9.36 -33.17
CA ASP CA 14 -68.86 -9.18 -33.15
C ASP CA 14 -68.47 -7.78 -32.72
N VAL CA 15 -69.31 -6.77 -32.96
CA VAL CA 15 -68.90 -5.40 -32.70
C VAL CA 15 -69.44 -4.85 -31.39
N LEU CA 16 -70.54 -5.40 -30.86
CA LEU CA 16 -71.16 -4.86 -29.65
C LEU CA 16 -70.21 -4.66 -28.47
N PRO CA 17 -69.27 -5.57 -28.17
CA PRO CA 17 -68.46 -5.37 -26.96
C PRO CA 17 -67.68 -4.08 -26.94
N VAL CA 18 -67.34 -3.50 -28.09
CA VAL CA 18 -66.53 -2.28 -28.04
C VAL CA 18 -67.36 -1.04 -27.78
N ILE CA 19 -68.69 -1.12 -27.86
CA ILE CA 19 -69.56 0.05 -27.73
C ILE CA 19 -69.29 0.80 -26.43
N PRO CA 20 -69.09 0.14 -25.27
CA PRO CA 20 -68.74 0.90 -24.06
C PRO CA 20 -67.53 1.80 -24.25
N VAL CA 21 -66.52 1.36 -24.99
CA VAL CA 21 -65.38 2.22 -25.26
C VAL CA 21 -65.81 3.47 -26.00
N LEU CA 22 -66.81 3.36 -26.90
CA LEU CA 22 -67.24 4.52 -27.67
C LEU CA 22 -67.86 5.60 -26.78
N PHE CA 23 -68.43 5.23 -25.63
CA PHE CA 23 -68.99 6.23 -24.74
C PHE CA 23 -67.90 7.15 -24.20
N LEU CA 24 -66.74 6.59 -23.85
CA LEU CA 24 -65.63 7.42 -23.39
C LEU CA 24 -65.19 8.38 -24.47
N ALA CA 25 -65.10 7.90 -25.71
CA ALA CA 25 -64.72 8.77 -26.82
C ALA CA 25 -65.79 9.82 -27.10
N LEU CA 26 -67.06 9.45 -26.92
CA LEU CA 26 -68.15 10.39 -27.13
C LEU CA 26 -68.06 11.58 -26.18
N ALA CA 27 -67.61 11.34 -24.94
CA ALA CA 27 -67.47 12.43 -23.98
C ALA CA 27 -66.59 13.54 -24.54
N PHE CA 28 -65.56 13.16 -25.31
CA PHE CA 28 -64.66 14.15 -25.89
C PHE CA 28 -65.27 14.86 -27.10
N VAL CA 29 -66.06 14.15 -27.92
CA VAL CA 29 -66.78 14.81 -29.00
C VAL CA 29 -67.70 15.89 -28.40
N TRP CA 30 -68.46 15.50 -27.38
CA TRP CA 30 -69.36 16.42 -26.71
C TRP CA 30 -68.61 17.61 -26.11
N GLN CA 31 -67.52 17.36 -25.40
CA GLN CA 31 -66.78 18.45 -24.79
C GLN CA 31 -66.20 19.38 -25.85
N ALA CA 32 -65.72 18.84 -26.97
CA ALA CA 32 -65.23 19.68 -28.05
C ALA CA 32 -66.34 20.58 -28.60
N ALA CA 33 -67.57 20.05 -28.66
CA ALA CA 33 -68.68 20.80 -29.21
C ALA CA 33 -69.10 21.96 -28.32
N VAL CA 34 -68.74 21.93 -27.03
CA VAL CA 34 -68.99 23.06 -26.14
C VAL CA 34 -67.70 23.79 -25.80
N GLY CA 35 -66.65 23.61 -26.59
CA GLY CA 35 -65.43 24.36 -26.40
C GLY CA 35 -64.66 24.07 -25.13
N PHE CA 36 -64.85 22.89 -24.54
CA PHE CA 36 -64.15 22.51 -23.31
C PHE CA 36 -64.31 23.57 -22.23
N ARG CA 37 -65.49 24.20 -22.20
CA ARG CA 37 -65.75 25.32 -21.30
C ARG CA 37 -65.70 24.95 -19.81
N MET DA 1 7.32 45.79 -2.85
CA MET DA 1 6.84 46.14 -4.19
C MET DA 1 5.31 46.14 -4.24
N GLU DA 2 4.76 46.93 -5.15
CA GLU DA 2 3.33 47.18 -5.19
C GLU DA 2 2.54 45.88 -5.28
N PRO DA 3 1.44 45.75 -4.55
CA PRO DA 3 0.67 44.51 -4.53
C PRO DA 3 -0.14 44.32 -5.81
N ASN DA 4 -0.47 43.06 -6.08
CA ASN DA 4 -1.19 42.74 -7.31
C ASN DA 4 -2.67 43.01 -7.14
N PRO DA 5 -3.27 43.88 -7.98
CA PRO DA 5 -4.68 44.23 -7.80
C PRO DA 5 -5.66 43.18 -8.31
N ASN DA 6 -5.19 42.08 -8.88
CA ASN DA 6 -6.06 41.06 -9.45
C ASN DA 6 -6.44 39.98 -8.45
N ARG DA 7 -5.91 40.03 -7.24
CA ARG DA 7 -6.19 39.00 -6.25
C ARG DA 7 -7.66 39.04 -5.81
N GLN DA 8 -8.19 37.87 -5.50
CA GLN DA 8 -9.57 37.70 -5.09
C GLN DA 8 -9.59 36.71 -3.94
N PRO DA 9 -10.43 36.92 -2.93
CA PRO DA 9 -10.67 35.87 -1.95
C PRO DA 9 -11.47 34.73 -2.57
N VAL DA 10 -11.30 33.55 -1.98
CA VAL DA 10 -11.96 32.33 -2.45
CA VAL DA 10 -11.94 32.31 -2.44
C VAL DA 10 -12.87 31.84 -1.34
N GLU DA 11 -13.96 31.19 -1.73
CA GLU DA 11 -14.93 30.72 -0.76
C GLU DA 11 -15.41 29.33 -1.10
N LEU DA 12 -15.74 28.57 -0.05
CA LEU DA 12 -16.46 27.31 -0.18
C LEU DA 12 -17.41 27.25 1.02
N ASN DA 13 -18.71 27.36 0.78
CA ASN DA 13 -19.64 27.37 1.90
C ASN DA 13 -19.87 25.94 2.40
N ARG DA 14 -20.58 25.81 3.53
CA ARG DA 14 -20.69 24.50 4.18
C ARG DA 14 -21.44 23.49 3.31
N THR DA 15 -22.51 23.94 2.65
CA THR DA 15 -23.25 23.03 1.79
C THR DA 15 -22.37 22.50 0.66
N SER DA 16 -21.52 23.36 0.10
CA SER DA 16 -20.64 22.91 -0.97
C SER DA 16 -19.61 21.91 -0.45
N LEU DA 17 -19.15 22.11 0.80
CA LEU DA 17 -18.29 21.11 1.43
C LEU DA 17 -19.01 19.78 1.53
N TYR DA 18 -20.25 19.78 2.02
CA TYR DA 18 -20.99 18.53 2.16
C TYR DA 18 -21.24 17.87 0.80
N LEU DA 19 -21.64 18.67 -0.20
CA LEU DA 19 -21.87 18.12 -1.54
C LEU DA 19 -20.59 17.54 -2.11
N GLY DA 20 -19.46 18.25 -1.92
CA GLY DA 20 -18.21 17.78 -2.47
C GLY DA 20 -17.71 16.52 -1.79
N LEU DA 21 -17.80 16.45 -0.46
CA LEU DA 21 -17.38 15.25 0.23
C LEU DA 21 -18.27 14.06 -0.15
N LEU DA 22 -19.57 14.30 -0.32
CA LEU DA 22 -20.46 13.23 -0.78
C LEU DA 22 -20.03 12.74 -2.16
N LEU DA 23 -19.74 13.67 -3.07
CA LEU DA 23 -19.28 13.27 -4.40
C LEU DA 23 -18.00 12.43 -4.31
N ILE DA 24 -17.00 12.91 -3.56
CA ILE DA 24 -15.73 12.20 -3.46
CA ILE DA 24 -15.73 12.20 -3.48
C ILE DA 24 -15.94 10.82 -2.84
N LEU DA 25 -16.67 10.76 -1.72
CA LEU DA 25 -16.80 9.48 -1.02
C LEU DA 25 -17.60 8.48 -1.84
N VAL DA 26 -18.65 8.94 -2.53
CA VAL DA 26 -19.46 8.02 -3.34
C VAL DA 26 -18.67 7.59 -4.57
N LEU DA 27 -17.93 8.51 -5.19
CA LEU DA 27 -17.04 8.10 -6.27
C LEU DA 27 -16.04 7.06 -5.79
N ALA DA 28 -15.50 7.24 -4.57
CA ALA DA 28 -14.55 6.26 -4.05
C ALA DA 28 -15.22 4.92 -3.78
N LEU DA 29 -16.42 4.95 -3.20
CA LEU DA 29 -17.15 3.72 -2.94
C LEU DA 29 -17.43 2.97 -4.25
N LEU DA 30 -17.64 3.73 -5.34
CA LEU DA 30 -17.90 3.15 -6.65
C LEU DA 30 -16.63 2.60 -7.30
N PHE DA 31 -15.57 3.40 -7.33
CA PHE DA 31 -14.39 2.99 -8.09
C PHE DA 31 -13.45 2.08 -7.31
N SER DA 32 -13.56 2.02 -5.98
CA SER DA 32 -12.60 1.25 -5.19
C SER DA 32 -12.56 -0.23 -5.60
N SER DA 33 -13.71 -0.83 -5.92
CA SER DA 33 -13.73 -2.24 -6.34
C SER DA 33 -12.86 -2.47 -7.56
N TYR DA 34 -12.86 -1.51 -8.49
CA TYR DA 34 -12.07 -1.63 -9.70
C TYR DA 34 -10.60 -1.33 -9.46
N PHE DA 35 -10.30 -0.49 -8.47
CA PHE DA 35 -8.90 -0.28 -8.07
C PHE DA 35 -8.32 -1.55 -7.46
N PHE DA 36 -9.08 -2.24 -6.61
CA PHE DA 36 -8.60 -3.51 -6.06
C PHE DA 36 -8.66 -4.65 -7.07
N ASN DA 37 -9.66 -4.63 -7.96
CA ASN DA 37 -9.82 -5.62 -9.03
C ASN DA 37 -9.77 -7.08 -8.54
N GLU EA 2 -6.66 -12.31 -4.37
CA GLU EA 2 -5.48 -11.70 -4.98
CA GLU EA 2 -5.49 -11.71 -4.99
C GLU EA 2 -5.85 -10.37 -5.62
N VAL EA 3 -5.97 -9.34 -4.79
CA VAL EA 3 -6.33 -8.02 -5.28
C VAL EA 3 -5.08 -7.29 -5.75
N ASN EA 4 -5.31 -6.22 -6.50
CA ASN EA 4 -4.24 -5.33 -6.92
C ASN EA 4 -3.70 -4.61 -5.70
N GLN EA 5 -2.39 -4.73 -5.50
CA GLN EA 5 -1.73 -4.30 -4.28
C GLN EA 5 -1.64 -2.78 -4.18
N LEU EA 6 -1.86 -2.07 -5.27
CA LEU EA 6 -1.95 -0.63 -5.24
C LEU EA 6 -3.36 -0.12 -5.01
N GLY EA 7 -4.36 -1.01 -4.97
CA GLY EA 7 -5.72 -0.55 -4.80
C GLY EA 7 -5.94 0.19 -3.50
N LEU EA 8 -5.20 -0.19 -2.44
CA LEU EA 8 -5.39 0.47 -1.14
C LEU EA 8 -4.93 1.91 -1.18
N ILE EA 9 -3.69 2.16 -1.59
CA ILE EA 9 -3.23 3.55 -1.62
CA ILE EA 9 -3.21 3.54 -1.64
C ILE EA 9 -3.96 4.33 -2.71
N ALA EA 10 -4.34 3.68 -3.82
CA ALA EA 10 -5.13 4.39 -4.83
C ALA EA 10 -6.43 4.91 -4.25
N THR EA 11 -7.16 4.04 -3.54
CA THR EA 11 -8.42 4.46 -2.93
C THR EA 11 -8.18 5.52 -1.84
N ALA EA 12 -7.13 5.33 -1.03
CA ALA EA 12 -6.88 6.25 0.07
C ALA EA 12 -6.57 7.65 -0.44
N LEU EA 13 -5.73 7.78 -1.47
CA LEU EA 13 -5.41 9.10 -2.00
C LEU EA 13 -6.58 9.68 -2.80
N PHE EA 14 -7.34 8.81 -3.46
CA PHE EA 14 -8.53 9.29 -4.19
C PHE EA 14 -9.49 9.98 -3.24
N VAL EA 15 -9.68 9.44 -2.04
CA VAL EA 15 -10.51 10.12 -1.05
C VAL EA 15 -9.78 11.33 -0.47
N LEU EA 16 -8.54 11.12 -0.04
CA LEU EA 16 -7.89 12.08 0.84
CA LEU EA 16 -7.89 12.08 0.84
C LEU EA 16 -7.56 13.39 0.13
N VAL EA 17 -6.96 13.31 -1.06
CA VAL EA 17 -6.49 14.52 -1.74
C VAL EA 17 -7.63 15.50 -2.04
N PRO EA 18 -8.71 15.13 -2.74
CA PRO EA 18 -9.78 16.13 -2.96
C PRO EA 18 -10.56 16.47 -1.71
N SER EA 19 -10.75 15.53 -0.78
CA SER EA 19 -11.42 15.88 0.47
C SER EA 19 -10.64 16.96 1.21
N VAL EA 20 -9.32 16.83 1.23
CA VAL EA 20 -8.48 17.80 1.96
C VAL EA 20 -8.52 19.14 1.26
N PHE EA 21 -8.51 19.13 -0.07
CA PHE EA 21 -8.70 20.36 -0.85
C PHE EA 21 -9.95 21.10 -0.39
N LEU EA 22 -11.08 20.38 -0.27
CA LEU EA 22 -12.34 21.03 0.11
C LEU EA 22 -12.32 21.51 1.55
N ILE EA 23 -11.72 20.73 2.46
CA ILE EA 23 -11.66 21.13 3.87
C ILE EA 23 -10.84 22.40 4.03
N ILE EA 24 -9.69 22.46 3.35
CA ILE EA 24 -8.87 23.67 3.37
C ILE EA 24 -9.70 24.87 2.96
N LEU EA 25 -10.42 24.75 1.84
CA LEU EA 25 -11.21 25.87 1.32
C LEU EA 25 -12.33 26.24 2.25
N TYR EA 26 -12.99 25.24 2.84
CA TYR EA 26 -14.09 25.52 3.76
C TYR EA 26 -13.59 26.27 4.99
N VAL EA 27 -12.54 25.75 5.63
CA VAL EA 27 -12.09 26.32 6.90
C VAL EA 27 -11.59 27.74 6.68
N GLN EA 28 -10.86 28.00 5.60
CA GLN EA 28 -10.42 29.37 5.39
C GLN EA 28 -11.56 30.30 4.96
N THR EA 29 -12.72 29.76 4.53
CA THR EA 29 -13.89 30.61 4.34
C THR EA 29 -14.50 31.01 5.69
N GLU EA 30 -14.65 30.03 6.59
CA GLU EA 30 -15.18 30.29 7.93
C GLU EA 30 -14.36 31.33 8.68
N SER EA 31 -13.03 31.29 8.53
CA SER EA 31 -12.16 32.18 9.28
C SER EA 31 -12.10 33.59 8.69
N GLN EA 32 -12.70 33.83 7.53
CA GLN EA 32 -12.68 35.18 6.95
C GLN EA 32 -13.56 36.12 7.77
N GLN EA 33 -13.21 37.40 7.74
CA GLN EA 33 -13.92 38.40 8.55
C GLN EA 33 -15.40 38.41 8.21
N LYS EA 34 -16.24 38.34 9.24
CA LYS EA 34 -17.69 38.39 9.06
C LYS EA 34 -18.25 39.75 9.45
N THR FA 2 -55.16 -42.61 13.10
CA THR FA 2 -54.57 -42.70 11.77
C THR FA 2 -54.64 -41.33 11.06
N LEU FA 3 -53.46 -40.79 10.76
CA LEU FA 3 -53.33 -39.42 10.28
C LEU FA 3 -53.43 -39.31 8.77
N THR FA 4 -54.01 -38.20 8.31
CA THR FA 4 -54.04 -37.84 6.90
C THR FA 4 -52.93 -36.84 6.59
N TYR FA 5 -52.70 -36.61 5.30
CA TYR FA 5 -51.74 -35.59 4.89
C TYR FA 5 -52.06 -34.24 5.49
N ASP FA 6 -53.35 -33.87 5.54
CA ASP FA 6 -53.69 -32.56 6.08
C ASP FA 6 -53.46 -32.51 7.59
N ASP FA 7 -53.54 -33.64 8.28
CA ASP FA 7 -53.11 -33.69 9.66
C ASP FA 7 -51.61 -33.44 9.80
N ILE FA 8 -50.83 -33.91 8.83
CA ILE FA 8 -49.37 -33.94 8.97
C ILE FA 8 -48.70 -32.71 8.36
N VAL FA 9 -49.28 -32.11 7.32
CA VAL FA 9 -48.52 -31.18 6.50
C VAL FA 9 -48.04 -30.00 7.33
N GLY FA 10 -46.74 -29.71 7.24
CA GLY FA 10 -46.13 -28.59 7.92
C GLY FA 10 -45.76 -28.84 9.37
N THR FA 11 -46.07 -29.99 9.93
CA THR FA 11 -45.77 -30.23 11.33
C THR FA 11 -44.34 -30.70 11.56
N GLY FA 12 -43.67 -31.24 10.54
CA GLY FA 12 -42.41 -31.93 10.76
C GLY FA 12 -42.57 -33.42 10.96
N LEU FA 13 -43.80 -33.91 11.13
CA LEU FA 13 -44.02 -35.34 11.34
C LEU FA 13 -43.67 -36.16 10.10
N ALA FA 14 -43.77 -35.57 8.90
CA ALA FA 14 -43.44 -36.30 7.69
C ALA FA 14 -41.98 -36.74 7.65
N ASN FA 15 -41.10 -36.07 8.39
CA ASN FA 15 -39.68 -36.47 8.44
C ASN FA 15 -39.37 -37.42 9.58
N LYS FA 16 -40.37 -37.94 10.28
CA LYS FA 16 -40.16 -38.83 11.40
C LYS FA 16 -40.59 -40.24 11.04
N CYS FA 17 -39.86 -41.24 11.54
CA CYS FA 17 -40.26 -42.61 11.28
C CYS FA 17 -41.37 -43.01 12.24
N PRO FA 18 -42.22 -43.97 11.85
CA PRO FA 18 -43.20 -44.51 12.79
C PRO FA 18 -42.51 -45.08 14.03
N THR FA 19 -43.22 -45.06 15.15
CA THR FA 19 -42.73 -45.61 16.41
C THR FA 19 -43.62 -46.75 16.87
N LEU FA 20 -43.11 -47.55 17.79
CA LEU FA 20 -43.85 -48.64 18.41
C LEU FA 20 -44.01 -48.39 19.90
N ASP FA 21 -45.07 -48.96 20.48
CA ASP FA 21 -45.35 -48.81 21.91
C ASP FA 21 -44.23 -49.43 22.75
N ASP FA 22 -44.21 -49.07 24.03
CA ASP FA 22 -43.33 -49.75 24.96
C ASP FA 22 -43.76 -51.20 25.19
N THR FA 23 -45.03 -51.52 24.92
CA THR FA 23 -45.51 -52.89 25.04
C THR FA 23 -44.97 -53.78 23.93
N ALA FA 24 -44.36 -53.21 22.89
CA ALA FA 24 -43.85 -53.98 21.75
C ALA FA 24 -42.46 -54.52 22.10
N ARG FA 25 -42.44 -55.58 22.91
CA ARG FA 25 -41.21 -56.27 23.27
C ARG FA 25 -41.29 -57.75 22.92
N GLY FA 26 -42.00 -58.06 21.84
CA GLY FA 26 -42.29 -59.44 21.48
C GLY FA 26 -41.24 -60.08 20.60
N ALA FA 27 -41.66 -61.11 19.87
CA ALA FA 27 -40.78 -61.86 18.99
C ALA FA 27 -41.56 -62.20 17.72
N TYR FA 28 -40.94 -62.00 16.58
CA TYR FA 28 -41.60 -62.26 15.30
C TYR FA 28 -41.06 -63.55 14.72
N PRO FA 29 -41.85 -64.62 14.68
CA PRO FA 29 -41.32 -65.91 14.26
C PRO FA 29 -40.90 -65.91 12.79
N ILE FA 30 -39.75 -66.54 12.54
CA ILE FA 30 -39.27 -66.74 11.17
C ILE FA 30 -39.52 -68.19 10.79
N ASP FA 31 -40.26 -68.39 9.71
CA ASP FA 31 -40.47 -69.70 9.12
C ASP FA 31 -39.47 -69.88 7.99
N SER FA 32 -38.52 -70.80 8.17
CA SER FA 32 -37.49 -71.02 7.16
C SER FA 32 -38.05 -71.45 5.82
N SER FA 33 -39.31 -71.91 5.76
CA SER FA 33 -39.91 -72.31 4.50
C SER FA 33 -40.59 -71.15 3.77
N GLN FA 34 -40.86 -70.06 4.46
CA GLN FA 34 -41.49 -68.89 3.88
C GLN FA 34 -40.45 -67.91 3.36
N THR FA 35 -40.82 -67.17 2.32
CA THR FA 35 -40.01 -66.04 1.88
C THR FA 35 -40.58 -64.77 2.49
N TYR FA 36 -39.69 -63.81 2.76
CA TYR FA 36 -40.05 -62.59 3.46
C TYR FA 36 -39.55 -61.37 2.72
N ARG FA 37 -40.14 -60.22 3.04
CA ARG FA 37 -39.67 -58.94 2.55
C ARG FA 37 -39.85 -57.90 3.64
N ILE FA 38 -39.07 -56.83 3.50
CA ILE FA 38 -39.29 -55.61 4.27
C ILE FA 38 -40.09 -54.69 3.37
N ALA FA 39 -41.35 -54.42 3.76
CA ALA FA 39 -42.23 -53.59 2.96
C ALA FA 39 -41.94 -52.10 3.13
N ARG FA 40 -41.43 -51.70 4.30
CA ARG FA 40 -41.07 -50.30 4.51
C ARG FA 40 -39.95 -50.25 5.54
N LEU FA 41 -38.82 -49.68 5.14
CA LEU FA 41 -37.72 -49.37 6.03
C LEU FA 41 -37.58 -47.86 6.08
N CYS FA 42 -37.52 -47.31 7.30
CA CYS FA 42 -37.44 -45.88 7.51
C CYS FA 42 -36.26 -45.60 8.44
N LEU FA 43 -35.41 -44.64 8.06
CA LEU FA 43 -34.26 -44.27 8.86
C LEU FA 43 -34.31 -42.77 9.09
N GLN FA 44 -34.46 -42.37 10.35
CA GLN FA 44 -34.60 -40.98 10.76
C GLN FA 44 -33.37 -40.57 11.55
N PRO FA 45 -32.46 -39.79 10.97
CA PRO FA 45 -31.26 -39.39 11.70
C PRO FA 45 -31.57 -38.34 12.76
N THR FA 46 -30.93 -38.48 13.93
CA THR FA 46 -31.06 -37.50 14.99
C THR FA 46 -29.76 -36.79 15.32
N THR FA 47 -28.61 -37.32 14.90
CA THR FA 47 -27.34 -36.66 15.18
C THR FA 47 -26.40 -36.91 14.00
N PHE FA 48 -25.72 -35.86 13.55
CA PHE FA 48 -24.64 -35.97 12.58
C PHE FA 48 -23.35 -35.60 13.28
N LEU FA 49 -22.36 -36.49 13.26
CA LEU FA 49 -21.05 -36.21 13.84
C LEU FA 49 -20.00 -36.23 12.74
N VAL FA 50 -19.07 -35.30 12.79
CA VAL FA 50 -18.01 -35.22 11.80
C VAL FA 50 -16.67 -35.38 12.52
N LYS FA 51 -15.83 -36.26 11.99
CA LYS FA 51 -14.53 -36.48 12.60
C LYS FA 51 -13.62 -35.30 12.28
N GLU FA 52 -13.06 -34.69 13.32
CA GLU FA 52 -12.17 -33.56 13.15
C GLU FA 52 -10.88 -34.00 12.45
N GLU FA 53 -10.22 -33.05 11.80
CA GLU FA 53 -8.98 -33.35 11.08
C GLU FA 53 -7.78 -32.75 11.80
N PRO FA 54 -7.10 -33.49 12.67
CA PRO FA 54 -6.02 -32.90 13.47
C PRO FA 54 -4.76 -32.72 12.64
N LYS FA 55 -3.93 -31.77 13.08
CA LYS FA 55 -2.74 -31.43 12.29
C LYS FA 55 -1.66 -32.52 12.36
N ASN FA 56 -1.57 -33.26 13.46
CA ASN FA 56 -0.63 -34.37 13.56
C ASN FA 56 -1.40 -35.67 13.82
N LYS FA 57 -1.20 -36.66 12.96
CA LYS FA 57 -1.93 -37.92 13.04
C LYS FA 57 -1.65 -38.71 14.32
N ARG FA 58 -0.55 -38.43 15.02
CA ARG FA 58 -0.27 -39.13 16.29
C ARG FA 58 -1.42 -38.98 17.28
N GLN FA 59 -2.20 -37.91 17.18
CA GLN FA 59 -3.38 -37.73 18.03
C GLN FA 59 -4.60 -38.34 17.38
N GLU FA 60 -5.40 -39.04 18.17
CA GLU FA 60 -6.61 -39.68 17.67
C GLU FA 60 -7.72 -38.65 17.51
N ALA FA 61 -8.18 -38.47 16.27
CA ALA FA 61 -9.23 -37.51 15.99
C ALA FA 61 -10.57 -38.00 16.52
N GLU FA 62 -11.42 -37.05 16.90
CA GLU FA 62 -12.71 -37.36 17.49
C GLU FA 62 -13.84 -36.93 16.57
N PHE FA 63 -14.98 -37.61 16.69
CA PHE FA 63 -16.21 -37.15 16.04
C PHE FA 63 -16.85 -36.07 16.91
N VAL FA 64 -17.14 -34.92 16.31
CA VAL FA 64 -17.66 -33.77 17.06
C VAL FA 64 -19.09 -33.45 16.64
N PRO FA 65 -19.90 -32.80 17.48
CA PRO FA 65 -21.27 -32.45 17.08
C PRO FA 65 -21.30 -31.36 16.02
N THR FA 66 -22.43 -31.30 15.32
CA THR FA 66 -22.62 -30.33 14.24
C THR FA 66 -24.05 -29.83 14.27
N LYS FA 67 -24.30 -28.71 13.59
CA LYS FA 67 -25.63 -28.14 13.46
C LYS FA 67 -26.20 -28.40 12.07
N LEU FA 68 -27.37 -29.02 12.02
CA LEU FA 68 -28.10 -29.23 10.77
C LEU FA 68 -28.64 -27.90 10.26
N VAL FA 69 -28.38 -27.58 8.99
CA VAL FA 69 -28.86 -26.32 8.41
C VAL FA 69 -29.82 -26.52 7.26
N THR FA 70 -30.13 -27.76 6.86
CA THR FA 70 -31.01 -28.02 5.73
C THR FA 70 -32.40 -28.48 6.18
N ARG FA 71 -32.73 -28.28 7.44
CA ARG FA 71 -34.09 -28.44 7.97
C ARG FA 71 -34.54 -29.90 7.92
N GLU FA 72 -35.84 -30.15 8.03
CA GLU FA 72 -36.34 -31.51 8.24
CA GLU FA 72 -36.35 -31.50 8.25
C GLU FA 72 -36.49 -32.25 6.91
N THR FA 73 -35.34 -32.45 6.25
CA THR FA 73 -35.26 -33.02 4.92
C THR FA 73 -34.32 -34.22 4.87
N THR FA 74 -34.14 -34.90 6.01
CA THR FA 74 -33.00 -35.78 6.20
C THR FA 74 -33.32 -37.27 6.19
N SER FA 75 -34.58 -37.67 6.29
CA SER FA 75 -34.87 -39.08 6.53
C SER FA 75 -34.94 -39.91 5.25
N LEU FA 76 -34.57 -41.18 5.37
CA LEU FA 76 -34.73 -42.19 4.34
C LEU FA 76 -35.99 -43.00 4.63
N ASP FA 77 -36.79 -43.28 3.62
CA ASP FA 77 -38.06 -43.92 3.88
C ASP FA 77 -38.58 -44.59 2.62
N GLN FA 78 -39.68 -45.33 2.79
CA GLN FA 78 -40.34 -46.08 1.73
C GLN FA 78 -39.36 -47.01 1.02
N ILE FA 79 -38.39 -47.52 1.79
CA ILE FA 79 -37.38 -48.46 1.30
C ILE FA 79 -37.94 -49.88 1.44
N GLN FA 80 -37.72 -50.71 0.42
CA GLN FA 80 -38.20 -52.08 0.43
C GLN FA 80 -37.12 -52.99 -0.14
N GLY FA 81 -37.25 -54.29 0.14
CA GLY FA 81 -36.31 -55.25 -0.39
C GLY FA 81 -36.55 -56.62 0.20
N GLU FA 82 -35.78 -57.58 -0.32
CA GLU FA 82 -35.90 -58.97 0.11
C GLU FA 82 -35.28 -59.18 1.49
N LEU FA 83 -35.94 -60.00 2.31
CA LEU FA 83 -35.39 -60.45 3.59
C LEU FA 83 -35.14 -61.96 3.48
N LYS FA 84 -33.90 -62.34 3.19
CA LYS FA 84 -33.56 -63.74 2.97
C LYS FA 84 -33.33 -64.47 4.29
N VAL FA 85 -33.78 -65.71 4.35
CA VAL FA 85 -33.41 -66.63 5.42
C VAL FA 85 -32.25 -67.48 4.90
N ASN FA 86 -31.08 -67.30 5.49
CA ASN FA 86 -29.89 -68.01 5.07
C ASN FA 86 -29.81 -69.38 5.73
N SER FA 87 -28.96 -70.25 5.19
CA SER FA 87 -28.89 -71.63 5.68
C SER FA 87 -28.48 -71.70 7.15
N ASP FA 88 -27.70 -70.75 7.64
CA ASP FA 88 -27.30 -70.73 9.04
C ASP FA 88 -28.30 -70.04 9.94
N GLY FA 89 -29.50 -69.75 9.44
CA GLY FA 89 -30.54 -69.12 10.24
C GLY FA 89 -30.42 -67.62 10.38
N SER FA 90 -29.36 -67.01 9.86
CA SER FA 90 -29.31 -65.56 9.84
C SER FA 90 -30.21 -65.02 8.75
N LEU FA 91 -30.57 -63.75 8.88
CA LEU FA 91 -31.38 -63.05 7.90
C LEU FA 91 -30.52 -62.05 7.16
N THR FA 92 -30.79 -61.85 5.87
CA THR FA 92 -30.09 -60.85 5.08
C THR FA 92 -31.10 -59.97 4.36
N PHE FA 93 -31.06 -58.67 4.64
CA PHE FA 93 -31.88 -57.71 3.92
C PHE FA 93 -31.10 -57.22 2.70
N VAL FA 94 -31.74 -57.30 1.53
CA VAL FA 94 -31.17 -56.80 0.28
C VAL FA 94 -32.05 -55.64 -0.18
N GLU FA 95 -31.53 -54.43 -0.12
CA GLU FA 95 -32.31 -53.26 -0.49
C GLU FA 95 -32.56 -53.26 -2.00
N GLU FA 96 -33.81 -53.03 -2.40
CA GLU FA 96 -34.18 -52.98 -3.80
C GLU FA 96 -34.46 -51.58 -4.31
N ASP FA 97 -35.16 -50.76 -3.54
CA ASP FA 97 -35.61 -49.46 -4.01
C ASP FA 97 -36.13 -48.66 -2.82
N GLY FA 98 -36.30 -47.37 -3.03
CA GLY FA 98 -36.92 -46.51 -2.05
C GLY FA 98 -36.28 -45.13 -2.11
N ILE FA 99 -36.75 -44.26 -1.21
CA ILE FA 99 -36.14 -42.95 -1.03
C ILE FA 99 -34.95 -43.15 -0.12
N ASP FA 100 -33.82 -43.55 -0.70
CA ASP FA 100 -32.73 -44.15 0.07
C ASP FA 100 -31.49 -43.26 0.13
N PHE FA 101 -31.67 -41.97 -0.12
CA PHE FA 101 -30.62 -40.97 -0.02
C PHE FA 101 -31.28 -39.64 0.33
N GLN FA 102 -30.55 -38.80 1.05
CA GLN FA 102 -30.92 -37.39 1.25
C GLN FA 102 -29.61 -36.62 1.26
N PRO FA 103 -29.50 -35.56 0.46
CA PRO FA 103 -28.41 -34.61 0.68
C PRO FA 103 -28.65 -33.88 1.99
N VAL FA 104 -27.58 -33.70 2.76
CA VAL FA 104 -27.62 -33.06 4.08
C VAL FA 104 -26.42 -32.12 4.20
N THR FA 105 -26.64 -30.90 4.72
CA THR FA 105 -25.52 -30.05 5.08
C THR FA 105 -25.54 -29.77 6.58
N VAL FA 106 -24.45 -30.08 7.26
CA VAL FA 106 -24.26 -29.73 8.66
C VAL FA 106 -23.11 -28.75 8.77
N GLN FA 107 -23.10 -28.01 9.89
CA GLN FA 107 -22.14 -26.94 10.07
C GLN FA 107 -21.35 -27.20 11.34
N MET FA 108 -20.02 -27.16 11.20
CA MET FA 108 -19.17 -27.34 12.36
CA MET FA 108 -19.10 -27.31 12.32
C MET FA 108 -19.00 -26.01 13.11
N ALA FA 109 -18.60 -26.13 14.38
CA ALA FA 109 -18.27 -24.94 15.16
C ALA FA 109 -17.23 -24.14 14.40
N GLY FA 110 -17.46 -22.84 14.28
CA GLY FA 110 -16.60 -22.00 13.49
C GLY FA 110 -17.08 -21.75 12.08
N GLY FA 111 -18.10 -22.48 11.62
CA GLY FA 111 -18.78 -22.14 10.38
C GLY FA 111 -18.61 -23.10 9.22
N GLU FA 112 -17.63 -24.01 9.27
CA GLU FA 112 -17.40 -24.89 8.12
C GLU FA 112 -18.60 -25.79 7.84
N ARG FA 113 -19.09 -25.76 6.62
CA ARG FA 113 -20.23 -26.58 6.23
C ARG FA 113 -19.78 -27.87 5.58
N ILE FA 114 -20.41 -28.96 5.97
CA ILE FA 114 -20.08 -30.30 5.51
C ILE FA 114 -21.30 -30.87 4.81
N PRO FA 115 -21.35 -30.83 3.50
CA PRO FA 115 -22.42 -31.55 2.79
C PRO FA 115 -22.07 -33.03 2.70
N LEU FA 116 -23.11 -33.86 2.75
CA LEU FA 116 -22.94 -35.30 2.56
C LEU FA 116 -24.20 -35.86 1.90
N LEU FA 117 -24.03 -37.03 1.26
CA LEU FA 117 -25.15 -37.76 0.69
C LEU FA 117 -25.49 -38.88 1.68
N PHE FA 118 -26.34 -38.57 2.65
CA PHE FA 118 -26.77 -39.57 3.63
C PHE FA 118 -27.57 -40.64 2.91
N THR FA 119 -27.12 -41.90 3.01
CA THR FA 119 -27.70 -42.89 2.12
C THR FA 119 -27.52 -44.31 2.67
N VAL FA 120 -28.38 -45.21 2.19
CA VAL FA 120 -28.14 -46.65 2.35
C VAL FA 120 -28.30 -47.37 1.00
N LYS FA 121 -27.91 -46.71 -0.09
CA LYS FA 121 -28.09 -47.27 -1.42
C LYS FA 121 -27.42 -48.63 -1.55
N ASN FA 122 -28.16 -49.61 -2.09
CA ASN FA 122 -27.67 -50.97 -2.28
C ASN FA 122 -27.27 -51.63 -0.97
N LEU FA 123 -27.97 -51.27 0.12
CA LEU FA 123 -27.68 -51.88 1.41
C LEU FA 123 -27.87 -53.39 1.35
N VAL FA 124 -26.92 -54.12 1.94
CA VAL FA 124 -27.04 -55.53 2.22
C VAL FA 124 -26.63 -55.71 3.68
N ALA FA 125 -27.57 -56.13 4.53
CA ALA FA 125 -27.32 -56.17 5.96
C ALA FA 125 -27.87 -57.46 6.54
N SER FA 126 -27.09 -58.09 7.42
CA SER FA 126 -27.38 -59.43 7.90
C SER FA 126 -27.38 -59.47 9.43
N THR FA 127 -28.17 -60.39 9.98
CA THR FA 127 -28.21 -60.63 11.40
C THR FA 127 -27.16 -61.66 11.80
N GLN FA 128 -27.12 -61.99 13.09
CA GLN FA 128 -26.37 -63.13 13.58
C GLN FA 128 -27.04 -64.43 13.12
N PRO FA 129 -26.33 -65.56 13.19
CA PRO FA 129 -26.96 -66.84 12.82
C PRO FA 129 -28.10 -67.19 13.78
N ASN FA 130 -28.90 -68.17 13.36
CA ASN FA 130 -29.93 -68.79 14.18
C ASN FA 130 -30.92 -67.77 14.76
N VAL FA 131 -31.40 -66.87 13.90
CA VAL FA 131 -32.44 -65.91 14.31
C VAL FA 131 -33.77 -66.57 13.94
N THR FA 132 -34.20 -67.49 14.80
CA THR FA 132 -35.47 -68.18 14.59
C THR FA 132 -36.66 -67.27 14.85
N SER FA 133 -36.44 -66.17 15.57
CA SER FA 133 -37.45 -65.14 15.75
C SER FA 133 -36.72 -63.82 15.89
N ILE FA 134 -37.28 -62.78 15.31
CA ILE FA 134 -36.74 -61.43 15.47
C ILE FA 134 -37.19 -60.92 16.82
N THR FA 135 -36.24 -60.54 17.66
CA THR FA 135 -36.49 -60.06 19.02
C THR FA 135 -35.68 -58.80 19.25
N THR FA 136 -35.84 -58.21 20.44
CA THR FA 136 -35.07 -57.03 20.84
C THR FA 136 -33.59 -57.33 21.04
N SER FA 137 -33.13 -58.55 20.75
CA SER FA 137 -31.72 -58.88 20.74
C SER FA 137 -31.16 -59.00 19.33
N THR FA 138 -32.00 -58.86 18.31
CA THR FA 138 -31.56 -58.97 16.94
C THR FA 138 -30.88 -57.69 16.47
N ASP FA 139 -29.82 -57.85 15.67
CA ASP FA 139 -29.11 -56.74 15.08
CA ASP FA 139 -29.12 -56.74 15.07
C ASP FA 139 -28.88 -57.02 13.59
N PHE FA 140 -28.75 -55.95 12.82
CA PHE FA 140 -28.39 -56.02 11.41
C PHE FA 140 -27.09 -55.24 11.23
N LYS FA 141 -26.15 -55.82 10.49
CA LYS FA 141 -24.93 -55.10 10.14
C LYS FA 141 -24.69 -55.26 8.65
N GLY FA 142 -24.29 -54.18 7.99
CA GLY FA 142 -24.15 -54.28 6.55
C GLY FA 142 -23.39 -53.12 5.97
N GLU FA 143 -23.25 -53.15 4.66
CA GLU FA 143 -22.53 -52.15 3.90
C GLU FA 143 -23.46 -51.58 2.84
N PHE FA 144 -23.15 -50.37 2.37
CA PHE FA 144 -23.92 -49.75 1.30
C PHE FA 144 -22.97 -48.93 0.45
N ASN FA 145 -23.48 -48.45 -0.67
CA ASN FA 145 -22.72 -47.64 -1.61
C ASN FA 145 -22.97 -46.16 -1.36
N VAL FA 146 -21.90 -45.37 -1.48
CA VAL FA 146 -22.02 -43.92 -1.35
C VAL FA 146 -21.50 -43.30 -2.65
N PRO FA 147 -22.40 -42.99 -3.60
CA PRO FA 147 -21.95 -42.31 -4.81
C PRO FA 147 -21.66 -40.84 -4.55
N SER FA 148 -21.01 -40.22 -5.54
CA SER FA 148 -20.71 -38.80 -5.51
C SER FA 148 -21.96 -37.99 -5.15
N TYR FA 149 -21.75 -36.99 -4.30
CA TYR FA 149 -22.85 -36.14 -3.84
C TYR FA 149 -23.50 -35.39 -4.99
N ARG FA 150 -22.70 -34.86 -5.92
CA ARG FA 150 -23.21 -34.32 -7.18
C ARG FA 150 -23.07 -35.39 -8.25
N THR FA 151 -24.05 -35.50 -9.16
CA THR FA 151 -23.88 -36.43 -10.25
C THR FA 151 -23.23 -35.72 -11.43
N ALA FA 152 -23.08 -36.44 -12.56
CA ALA FA 152 -22.08 -36.09 -13.55
C ALA FA 152 -22.40 -34.81 -14.32
N ASN FA 153 -23.67 -34.40 -14.44
CA ASN FA 153 -23.99 -33.17 -15.15
C ASN FA 153 -23.68 -31.90 -14.36
N PHE FA 154 -23.42 -31.99 -13.07
CA PHE FA 154 -23.35 -30.80 -12.22
C PHE FA 154 -22.22 -29.87 -12.66
N LEU FA 155 -22.53 -28.58 -12.79
CA LEU FA 155 -21.56 -27.59 -13.25
C LEU FA 155 -21.14 -26.68 -12.10
N ASP FA 156 -19.83 -26.47 -11.96
CA ASP FA 156 -19.34 -25.57 -10.91
C ASP FA 156 -19.60 -24.12 -11.32
N PRO FA 157 -19.33 -23.15 -10.44
CA PRO FA 157 -19.71 -21.75 -10.74
C PRO FA 157 -18.99 -21.16 -11.93
N LYS FA 158 -17.93 -21.78 -12.43
CA LYS FA 158 -17.29 -21.32 -13.65
C LYS FA 158 -17.67 -22.16 -14.85
N GLY FA 159 -18.72 -22.97 -14.73
CA GLY FA 159 -19.24 -23.73 -15.85
C GLY FA 159 -18.51 -25.03 -16.14
N ARG FA 160 -17.67 -25.53 -15.25
CA ARG FA 160 -16.91 -26.76 -15.49
C ARG FA 160 -17.64 -27.97 -14.93
N GLY FA 161 -17.56 -29.09 -15.65
CA GLY FA 161 -18.22 -30.29 -15.17
C GLY FA 161 -17.60 -31.55 -15.74
N LEU FA 162 -18.23 -32.68 -15.42
CA LEU FA 162 -17.73 -34.00 -15.84
C LEU FA 162 -18.39 -34.42 -17.15
N ALA FA 163 -19.70 -34.67 -17.13
CA ALA FA 163 -20.44 -35.05 -18.34
C ALA FA 163 -20.92 -33.84 -19.15
N SER FA 164 -20.71 -32.63 -18.63
CA SER FA 164 -21.03 -31.41 -19.37
C SER FA 164 -20.07 -30.33 -18.88
N GLY FA 165 -20.11 -29.16 -19.52
CA GLY FA 165 -19.37 -28.01 -19.06
C GLY FA 165 -18.02 -27.83 -19.74
N TYR FA 166 -17.38 -26.71 -19.41
CA TYR FA 166 -16.03 -26.44 -19.88
C TYR FA 166 -15.03 -27.39 -19.22
N ASP FA 167 -13.86 -27.55 -19.84
CA ASP FA 167 -12.82 -28.39 -19.27
C ASP FA 167 -11.58 -27.58 -18.88
N SER FA 168 -11.71 -26.26 -18.78
CA SER FA 168 -10.62 -25.40 -18.39
C SER FA 168 -11.18 -24.18 -17.68
N ALA FA 169 -10.28 -23.36 -17.15
CA ALA FA 169 -10.64 -22.09 -16.50
C ALA FA 169 -10.66 -21.02 -17.58
N ILE FA 170 -11.84 -20.82 -18.21
CA ILE FA 170 -11.89 -19.97 -19.39
C ILE FA 170 -11.68 -18.50 -19.05
N ALA FA 171 -11.86 -18.10 -17.80
CA ALA FA 171 -11.61 -16.72 -17.44
C ALA FA 171 -10.13 -16.40 -17.28
N LEU FA 172 -9.25 -17.41 -17.32
CA LEU FA 172 -7.80 -17.21 -17.24
C LEU FA 172 -7.18 -17.83 -18.49
N PRO FA 173 -7.40 -17.23 -19.66
CA PRO FA 173 -7.11 -17.94 -20.93
C PRO FA 173 -5.67 -18.36 -21.10
N GLN FA 174 -4.71 -17.65 -20.51
CA GLN FA 174 -3.30 -17.97 -20.69
C GLN FA 174 -2.63 -18.34 -19.37
N ALA FA 175 -3.41 -18.78 -18.38
CA ALA FA 175 -2.82 -19.31 -17.17
C ALA FA 175 -2.23 -20.70 -17.43
N LYS FA 176 -1.23 -21.08 -16.63
CA LYS FA 176 -0.68 -22.43 -16.74
C LYS FA 176 -1.65 -23.41 -16.10
N GLU FA 177 -1.90 -24.51 -16.80
CA GLU FA 177 -3.00 -25.43 -16.49
C GLU FA 177 -2.70 -26.38 -15.34
N GLU FA 178 -1.42 -26.66 -15.05
CA GLU FA 178 -1.08 -27.75 -14.14
C GLU FA 178 -1.63 -27.52 -12.74
N GLU FA 179 -1.49 -26.29 -12.22
CA GLU FA 179 -1.99 -26.00 -10.87
C GLU FA 179 -3.51 -25.99 -10.80
N LEU FA 180 -4.20 -25.93 -11.93
CA LEU FA 180 -5.65 -25.92 -11.93
C LEU FA 180 -6.24 -27.28 -12.28
N ALA FA 181 -5.42 -28.32 -12.44
CA ALA FA 181 -5.94 -29.59 -12.95
C ALA FA 181 -6.97 -30.18 -12.00
N ARG FA 182 -6.73 -30.10 -10.68
CA ARG FA 182 -7.64 -30.71 -9.73
C ARG FA 182 -9.02 -30.05 -9.76
N ALA FA 183 -9.08 -28.75 -10.06
CA ALA FA 183 -10.36 -28.07 -10.23
C ALA FA 183 -10.93 -28.24 -11.64
N ASN FA 184 -10.07 -28.38 -12.65
CA ASN FA 184 -10.57 -28.49 -14.02
C ASN FA 184 -11.08 -29.88 -14.36
N VAL FA 185 -10.50 -30.92 -13.77
CA VAL FA 185 -10.79 -32.30 -14.14
C VAL FA 185 -11.69 -32.88 -13.05
N LYS FA 186 -12.98 -32.96 -13.33
CA LYS FA 186 -13.95 -33.46 -12.35
C LYS FA 186 -13.87 -34.98 -12.25
N ARG FA 187 -13.98 -35.48 -11.02
CA ARG FA 187 -13.90 -36.91 -10.76
C ARG FA 187 -15.11 -37.36 -9.95
N PHE FA 188 -15.56 -38.58 -10.21
CA PHE FA 188 -16.80 -39.08 -9.62
C PHE FA 188 -16.46 -40.11 -8.57
N SER FA 189 -16.74 -39.79 -7.32
CA SER FA 189 -16.42 -40.66 -6.19
C SER FA 189 -17.43 -41.79 -6.06
N LEU FA 190 -16.96 -42.95 -5.60
CA LEU FA 190 -17.84 -44.07 -5.26
C LEU FA 190 -17.17 -44.84 -4.13
N THR FA 191 -17.73 -44.78 -2.93
CA THR FA 191 -17.11 -45.40 -1.76
C THR FA 191 -18.14 -46.26 -1.06
N LYS FA 192 -17.73 -46.88 0.04
CA LYS FA 192 -18.57 -47.76 0.85
C LYS FA 192 -18.88 -47.10 2.19
N GLY FA 193 -20.07 -47.40 2.72
CA GLY FA 193 -20.39 -47.03 4.07
C GLY FA 193 -20.82 -48.25 4.86
N GLN FA 194 -20.86 -48.15 6.18
CA GLN FA 194 -21.27 -49.26 7.03
C GLN FA 194 -22.38 -48.78 7.96
N ILE FA 195 -23.29 -49.69 8.32
CA ILE FA 195 -24.39 -49.35 9.19
C ILE FA 195 -24.71 -50.53 10.10
N SER FA 196 -25.11 -50.20 11.33
CA SER FA 196 -25.63 -51.19 12.28
C SER FA 196 -27.03 -50.76 12.69
N LEU FA 197 -27.96 -51.71 12.74
CA LEU FA 197 -29.31 -51.48 13.21
C LEU FA 197 -29.53 -52.34 14.44
N ASN FA 198 -29.86 -51.69 15.56
CA ASN FA 198 -30.08 -52.37 16.84
C ASN FA 198 -31.58 -52.38 17.08
N VAL FA 199 -32.19 -53.57 17.00
CA VAL FA 199 -33.62 -53.68 17.25
C VAL FA 199 -33.90 -53.44 18.72
N ALA FA 200 -34.83 -52.53 19.00
CA ALA FA 200 -35.22 -52.23 20.37
C ALA FA 200 -36.66 -52.59 20.68
N LYS FA 201 -37.52 -52.71 19.67
CA LYS FA 201 -38.93 -53.03 19.87
C LYS FA 201 -39.41 -53.92 18.74
N VAL FA 202 -40.27 -54.87 19.07
CA VAL FA 202 -40.84 -55.79 18.10
C VAL FA 202 -42.31 -55.99 18.43
N ASP FA 203 -43.18 -55.83 17.44
CA ASP FA 203 -44.58 -56.21 17.56
C ASP FA 203 -44.71 -57.58 16.90
N GLY FA 204 -44.75 -58.62 17.74
CA GLY FA 204 -44.81 -59.97 17.21
C GLY FA 204 -46.02 -60.21 16.32
N ARG FA 205 -47.15 -59.58 16.60
CA ARG FA 205 -48.35 -59.84 15.82
C ARG FA 205 -48.25 -59.23 14.44
N THR FA 206 -47.75 -57.99 14.35
CA THR FA 206 -47.79 -57.24 13.11
C THR FA 206 -46.52 -57.38 12.27
N GLY FA 207 -45.43 -57.90 12.83
CA GLY FA 207 -44.19 -57.92 12.09
C GLY FA 207 -43.47 -56.60 12.00
N GLU FA 208 -43.80 -55.65 12.86
CA GLU FA 208 -43.12 -54.36 12.89
C GLU FA 208 -41.98 -54.38 13.90
N ILE FA 209 -40.87 -53.75 13.53
CA ILE FA 209 -39.74 -53.59 14.43
C ILE FA 209 -39.26 -52.15 14.34
N ALA FA 210 -38.63 -51.70 15.43
CA ALA FA 210 -38.04 -50.37 15.49
C ALA FA 210 -36.83 -50.43 16.39
N GLY FA 211 -35.96 -49.42 16.25
CA GLY FA 211 -34.78 -49.35 17.10
C GLY FA 211 -33.89 -48.17 16.73
N THR FA 212 -32.59 -48.33 16.95
CA THR FA 212 -31.59 -47.30 16.67
C THR FA 212 -30.61 -47.79 15.62
N PHE FA 213 -29.98 -46.83 14.93
CA PHE FA 213 -28.96 -47.17 13.97
C PHE FA 213 -27.74 -46.28 14.16
N GLU FA 214 -26.61 -46.78 13.68
CA GLU FA 214 -25.42 -45.95 13.54
C GLU FA 214 -24.78 -46.29 12.20
N SER FA 215 -24.53 -45.28 11.39
CA SER FA 215 -23.94 -45.46 10.07
CA SER FA 215 -23.92 -45.49 10.09
C SER FA 215 -22.67 -44.61 9.97
N GLU FA 216 -21.73 -45.06 9.14
CA GLU FA 216 -20.50 -44.32 8.90
C GLU FA 216 -20.24 -44.25 7.40
N GLN FA 217 -19.87 -43.07 6.92
CA GLN FA 217 -19.66 -42.87 5.50
C GLN FA 217 -18.88 -41.58 5.31
N LEU FA 218 -18.41 -41.37 4.08
CA LEU FA 218 -17.70 -40.15 3.71
C LEU FA 218 -18.68 -39.07 3.26
N SER FA 219 -18.26 -37.82 3.41
CA SER FA 219 -19.04 -36.68 2.98
C SER FA 219 -18.71 -36.35 1.51
N ASP FA 220 -19.25 -35.23 1.04
CA ASP FA 220 -19.01 -34.72 -0.30
C ASP FA 220 -17.54 -34.38 -0.49
N ASP FA 221 -16.98 -34.74 -1.65
CA ASP FA 221 -15.62 -34.35 -2.00
C ASP FA 221 -15.59 -33.31 -3.12
N ASP FA 222 -16.74 -32.73 -3.44
CA ASP FA 222 -16.87 -31.69 -4.46
C ASP FA 222 -16.27 -32.14 -5.81
N MET FA 223 -16.71 -33.31 -6.26
CA MET FA 223 -16.23 -33.95 -7.48
CA MET FA 223 -16.24 -33.91 -7.51
C MET FA 223 -14.71 -33.96 -7.59
N GLY FA 224 -14.07 -34.37 -6.49
CA GLY FA 224 -12.63 -34.52 -6.46
C GLY FA 224 -11.81 -33.28 -6.12
N ALA FA 225 -12.45 -32.15 -5.84
CA ALA FA 225 -11.69 -30.92 -5.59
C ALA FA 225 -11.04 -30.90 -4.22
N HIS FA 226 -11.56 -31.65 -3.26
CA HIS FA 226 -10.97 -31.67 -1.92
C HIS FA 226 -11.29 -33.02 -1.27
N GLU FA 227 -10.66 -33.25 -0.11
CA GLU FA 227 -10.82 -34.54 0.57
C GLU FA 227 -12.17 -34.59 1.29
N PRO FA 228 -12.85 -35.72 1.29
CA PRO FA 228 -14.09 -35.82 2.07
C PRO FA 228 -13.79 -35.92 3.56
N HIS FA 229 -14.81 -35.67 4.37
CA HIS FA 229 -14.74 -35.91 5.81
C HIS FA 229 -15.42 -37.24 6.13
N GLU FA 230 -15.04 -37.83 7.27
CA GLU FA 230 -15.71 -39.00 7.80
C GLU FA 230 -16.90 -38.56 8.66
N VAL FA 231 -18.06 -39.17 8.43
CA VAL FA 231 -19.29 -38.78 9.11
C VAL FA 231 -19.86 -40.01 9.82
N LYS FA 232 -20.40 -39.79 11.02
CA LYS FA 232 -21.14 -40.79 11.75
C LYS FA 232 -22.56 -40.28 11.93
N ILE FA 233 -23.54 -41.07 11.51
CA ILE FA 233 -24.95 -40.69 11.58
C ILE FA 233 -25.62 -41.62 12.59
N GLN FA 234 -26.34 -41.05 13.54
CA GLN FA 234 -27.11 -41.81 14.51
C GLN FA 234 -28.57 -41.39 14.47
N GLY FA 235 -29.46 -42.34 14.72
CA GLY FA 235 -30.88 -42.05 14.65
C GLY FA 235 -31.70 -43.27 15.00
N VAL FA 236 -32.98 -43.23 14.61
CA VAL FA 236 -33.90 -44.31 14.87
C VAL FA 236 -34.38 -44.89 13.55
N PHE FA 237 -34.83 -46.14 13.59
CA PHE FA 237 -35.35 -46.75 12.39
C PHE FA 237 -36.66 -47.48 12.69
N TYR FA 238 -37.37 -47.79 11.62
CA TYR FA 238 -38.60 -48.56 11.65
C TYR FA 238 -38.61 -49.47 10.44
N ALA FA 239 -39.13 -50.68 10.61
CA ALA FA 239 -39.26 -51.60 9.49
C ALA FA 239 -40.47 -52.48 9.70
N SER FA 240 -41.19 -52.74 8.61
CA SER FA 240 -42.31 -53.67 8.61
C SER FA 240 -41.93 -54.88 7.77
N ILE FA 241 -41.97 -56.06 8.38
CA ILE FA 241 -41.60 -57.31 7.73
C ILE FA 241 -42.88 -58.03 7.33
N GLU FA 242 -42.93 -58.48 6.07
CA GLU FA 242 -44.12 -59.13 5.55
C GLU FA 242 -43.71 -60.48 4.97
N PRO FA 243 -44.51 -61.52 5.18
CA PRO FA 243 -44.35 -62.74 4.38
C PRO FA 243 -44.60 -62.42 2.92
N ALA FA 244 -43.73 -62.90 2.06
CA ALA FA 244 -43.89 -62.63 0.64
C ALA FA 244 -44.65 -63.80 0.01
N GLU GA 2 -9.32 -4.88 1.97
CA GLU GA 2 -10.37 -4.46 1.03
C GLU GA 2 -11.65 -4.19 1.78
N THR GA 3 -12.05 -5.17 2.58
CA THR GA 3 -13.31 -5.04 3.32
C THR GA 3 -13.27 -3.84 4.26
N ILE GA 4 -12.15 -3.65 4.96
CA ILE GA 4 -11.98 -2.48 5.83
C ILE GA 4 -12.18 -1.20 5.03
N THR GA 5 -11.60 -1.15 3.82
CA THR GA 5 -11.72 0.04 3.00
C THR GA 5 -13.18 0.32 2.62
N TYR GA 6 -13.89 -0.69 2.13
CA TYR GA 6 -15.30 -0.51 1.75
C TYR GA 6 -16.12 -0.06 2.96
N VAL GA 7 -15.93 -0.73 4.11
CA VAL GA 7 -16.73 -0.38 5.29
C VAL GA 7 -16.34 1.00 5.81
N PHE GA 8 -15.07 1.39 5.70
CA PHE GA 8 -14.65 2.72 6.12
C PHE GA 8 -15.33 3.81 5.30
N ILE GA 9 -15.31 3.67 3.97
CA ILE GA 9 -15.94 4.68 3.12
C ILE GA 9 -17.42 4.78 3.44
N PHE GA 10 -18.09 3.63 3.55
CA PHE GA 10 -19.50 3.62 3.92
C PHE GA 10 -19.73 4.34 5.25
N ALA GA 11 -18.91 4.04 6.26
CA ALA GA 11 -19.08 4.70 7.56
C ALA GA 11 -18.89 6.21 7.45
N CYS GA 12 -17.91 6.65 6.65
CA CYS GA 12 -17.72 8.08 6.45
C CYS GA 12 -18.96 8.72 5.81
N ILE GA 13 -19.58 8.01 4.85
CA ILE GA 13 -20.79 8.54 4.22
C ILE GA 13 -21.90 8.71 5.24
N ILE GA 14 -22.09 7.71 6.12
CA ILE GA 14 -23.15 7.82 7.13
C ILE GA 14 -22.89 8.98 8.08
N ALA GA 15 -21.63 9.15 8.51
CA ALA GA 15 -21.27 10.30 9.33
C ALA GA 15 -21.56 11.60 8.60
N LEU GA 16 -21.24 11.66 7.31
CA LEU GA 16 -21.55 12.85 6.52
C LEU GA 16 -23.05 13.15 6.53
N PHE GA 17 -23.89 12.12 6.38
CA PHE GA 17 -25.35 12.32 6.47
C PHE GA 17 -25.70 13.03 7.77
N PHE GA 18 -25.12 12.56 8.88
CA PHE GA 18 -25.42 13.14 10.19
C PHE GA 18 -25.06 14.61 10.24
N PHE GA 19 -23.86 14.97 9.79
CA PHE GA 19 -23.50 16.38 9.81
C PHE GA 19 -24.32 17.20 8.82
N ALA GA 20 -24.60 16.65 7.63
CA ALA GA 20 -25.34 17.41 6.62
C ALA GA 20 -26.75 17.73 7.08
N ILE GA 21 -27.33 16.88 7.94
CA ILE GA 21 -28.70 17.08 8.41
C ILE GA 21 -28.70 17.93 9.69
N PHE GA 22 -28.00 17.46 10.72
CA PHE GA 22 -28.11 18.11 12.02
C PHE GA 22 -27.15 19.28 12.20
N PHE GA 23 -26.09 19.37 11.39
CA PHE GA 23 -25.17 20.50 11.45
C PHE GA 23 -25.13 21.22 10.10
N ARG GA 24 -26.28 21.33 9.46
CA ARG GA 24 -26.38 22.09 8.23
C ARG GA 24 -26.26 23.58 8.53
N GLU GA 25 -25.90 24.33 7.52
CA GLU GA 25 -26.05 25.77 7.64
C GLU GA 25 -27.54 26.07 7.63
N PRO GA 26 -28.09 26.69 8.66
CA PRO GA 26 -29.55 26.83 8.77
C PRO GA 26 -30.09 27.75 7.69
N PRO GA 27 -31.21 27.39 7.07
CA PRO GA 27 -31.86 28.32 6.13
C PRO GA 27 -32.51 29.45 6.91
N ARG GA 28 -32.32 30.68 6.43
CA ARG GA 28 -32.80 31.87 7.12
C ARG GA 28 -33.53 32.77 6.12
N ILE GA 29 -34.75 33.17 6.47
CA ILE GA 29 -35.47 34.16 5.68
C ILE GA 29 -34.82 35.52 5.89
N THR GA 30 -34.53 36.22 4.78
CA THR GA 30 -33.81 37.49 4.85
C THR GA 30 -34.75 38.67 5.11
N GLU HA 8 -2.29 -37.61 -13.54
CA GLU HA 8 -3.08 -38.79 -13.18
C GLU HA 8 -4.57 -38.50 -13.18
N LEU HA 9 -4.95 -37.24 -13.37
CA LEU HA 9 -6.36 -36.85 -13.37
C LEU HA 9 -6.93 -36.94 -14.78
N VAL HA 10 -8.04 -37.68 -14.90
CA VAL HA 10 -8.66 -37.99 -16.18
C VAL HA 10 -10.16 -37.77 -16.04
N ASN HA 11 -10.76 -37.11 -17.03
CA ASN HA 11 -12.21 -37.06 -17.19
C ASN HA 11 -12.65 -38.38 -17.81
N VAL HA 12 -13.36 -39.21 -17.03
CA VAL HA 12 -13.65 -40.56 -17.50
C VAL HA 12 -14.65 -40.56 -18.63
N VAL HA 13 -15.50 -39.54 -18.75
CA VAL HA 13 -16.47 -39.52 -19.85
C VAL HA 13 -15.77 -39.21 -21.17
N ASP HA 14 -14.91 -38.18 -21.19
CA ASP HA 14 -14.09 -37.92 -22.38
C ASP HA 14 -13.28 -39.15 -22.75
N GLU HA 15 -12.64 -39.77 -21.77
CA GLU HA 15 -11.90 -41.02 -22.02
C GLU HA 15 -12.80 -42.06 -22.69
N LYS HA 16 -14.03 -42.23 -22.21
CA LYS HA 16 -14.89 -43.28 -22.77
C LYS HA 16 -15.25 -43.00 -24.22
N LEU HA 17 -15.26 -41.72 -24.62
CA LEU HA 17 -15.56 -41.36 -26.00
C LEU HA 17 -14.51 -41.91 -26.97
N GLY HA 18 -13.31 -42.21 -26.48
CA GLY HA 18 -12.31 -42.87 -27.30
C GLY HA 18 -12.41 -44.37 -27.39
N THR HA 19 -13.38 -44.98 -26.70
CA THR HA 19 -13.64 -46.41 -26.81
C THR HA 19 -14.85 -46.64 -27.73
N ALA HA 20 -15.25 -47.91 -27.87
CA ALA HA 20 -16.43 -48.23 -28.67
C ALA HA 20 -17.68 -47.51 -28.17
N TYR HA 21 -17.67 -47.04 -26.92
CA TYR HA 21 -18.77 -46.21 -26.42
C TYR HA 21 -19.00 -45.00 -27.30
N GLY HA 22 -17.95 -44.44 -27.90
CA GLY HA 22 -18.13 -43.31 -28.79
C GLY HA 22 -18.52 -43.66 -30.22
N GLU HA 23 -18.75 -44.95 -30.51
CA GLU HA 23 -19.04 -45.39 -31.86
C GLU HA 23 -20.33 -46.18 -31.98
N LYS HA 24 -20.82 -46.77 -30.88
CA LYS HA 24 -21.97 -47.65 -30.95
C LYS HA 24 -22.79 -47.45 -29.68
N ILE HA 25 -23.95 -48.09 -29.62
CA ILE HA 25 -24.75 -48.08 -28.40
C ILE HA 25 -24.10 -49.08 -27.44
N ASP HA 26 -23.54 -48.57 -26.34
CA ASP HA 26 -22.93 -49.39 -25.32
C ASP HA 26 -24.03 -49.92 -24.41
N LEU HA 27 -24.29 -51.23 -24.47
CA LEU HA 27 -25.38 -51.80 -23.70
C LEU HA 27 -25.18 -51.64 -22.19
N ASN HA 28 -23.95 -51.39 -21.75
CA ASN HA 28 -23.67 -51.23 -20.33
C ASN HA 28 -23.71 -49.78 -19.84
N ASN HA 29 -23.79 -48.79 -20.74
CA ASN HA 29 -23.60 -47.42 -20.28
C ASN HA 29 -24.51 -46.39 -20.94
N THR HA 30 -24.79 -46.57 -22.22
CA THR HA 30 -25.42 -45.53 -23.01
C THR HA 30 -26.84 -45.23 -22.52
N ASN HA 31 -27.19 -43.95 -22.52
CA ASN HA 31 -28.54 -43.52 -22.15
C ASN HA 31 -29.60 -44.10 -23.10
N ILE HA 32 -30.79 -44.36 -22.55
CA ILE HA 32 -31.80 -45.17 -23.21
C ILE HA 32 -32.32 -44.53 -24.51
N ALA HA 33 -32.25 -43.20 -24.63
CA ALA HA 33 -32.78 -42.57 -25.85
C ALA HA 33 -31.99 -42.97 -27.10
N ALA HA 34 -30.76 -43.44 -26.94
CA ALA HA 34 -29.97 -43.82 -28.10
C ALA HA 34 -30.60 -44.97 -28.89
N PHE HA 35 -31.46 -45.77 -28.27
CA PHE HA 35 -32.09 -46.89 -28.96
C PHE HA 35 -33.12 -46.47 -29.99
N ILE HA 36 -33.48 -45.18 -30.04
CA ILE HA 36 -34.38 -44.67 -31.07
C ILE HA 36 -33.73 -44.62 -32.44
N GLN HA 37 -32.40 -44.74 -32.48
CA GLN HA 37 -31.64 -44.67 -33.74
C GLN HA 37 -31.99 -45.78 -34.72
N TYR HA 38 -32.47 -46.92 -34.25
CA TYR HA 38 -32.67 -48.10 -35.08
C TYR HA 38 -34.08 -48.65 -34.89
N ARG HA 39 -34.61 -49.23 -35.96
CA ARG HA 39 -36.00 -49.71 -35.97
C ARG HA 39 -36.22 -50.77 -34.90
N GLY HA 40 -37.32 -50.63 -34.16
CA GLY HA 40 -37.84 -51.72 -33.36
C GLY HA 40 -37.29 -51.86 -31.96
N LEU HA 41 -36.37 -51.00 -31.54
CA LEU HA 41 -35.69 -51.15 -30.26
C LEU HA 41 -36.30 -50.34 -29.11
N TYR HA 42 -37.10 -49.31 -29.39
CA TYR HA 42 -37.58 -48.39 -28.36
C TYR HA 42 -39.11 -48.32 -28.39
N PRO HA 43 -39.79 -48.39 -27.24
CA PRO HA 43 -39.19 -48.41 -25.90
C PRO HA 43 -39.09 -49.81 -25.28
N THR HA 44 -39.69 -50.82 -25.91
CA THR HA 44 -39.86 -52.10 -25.24
C THR HA 44 -38.52 -52.80 -25.03
N LEU HA 45 -37.75 -52.98 -26.11
CA LEU HA 45 -36.44 -53.60 -25.97
C LEU HA 45 -35.49 -52.72 -25.19
N ALA HA 46 -35.53 -51.40 -25.43
CA ALA HA 46 -34.62 -50.49 -24.74
C ALA HA 46 -34.73 -50.63 -23.23
N LYS HA 47 -35.97 -50.71 -22.72
CA LYS HA 47 -36.18 -50.89 -21.29
C LYS HA 47 -35.59 -52.21 -20.80
N LEU HA 48 -35.88 -53.31 -21.49
CA LEU HA 48 -35.35 -54.61 -21.08
C LEU HA 48 -33.83 -54.60 -21.09
N ILE HA 49 -33.22 -53.94 -22.08
CA ILE HA 49 -31.76 -53.92 -22.16
C ILE HA 49 -31.17 -53.17 -20.99
N VAL HA 50 -31.70 -51.99 -20.67
CA VAL HA 50 -31.14 -51.21 -19.57
C VAL HA 50 -31.35 -51.92 -18.25
N LYS HA 51 -32.53 -52.54 -18.08
CA LYS HA 51 -32.86 -53.19 -16.82
C LYS HA 51 -31.92 -54.37 -16.54
N ASN HA 52 -31.58 -55.14 -17.57
CA ASN HA 52 -30.84 -56.37 -17.38
C ASN HA 52 -29.34 -56.19 -17.59
N ALA HA 53 -28.88 -54.97 -17.79
CA ALA HA 53 -27.45 -54.69 -17.90
C ALA HA 53 -26.76 -54.94 -16.56
N PRO HA 54 -25.43 -55.19 -16.57
CA PRO HA 54 -24.50 -55.20 -17.70
C PRO HA 54 -24.33 -56.55 -18.37
N TYR HA 55 -23.63 -56.56 -19.50
CA TYR HA 55 -23.46 -57.75 -20.33
C TYR HA 55 -21.97 -57.97 -20.59
N GLU HA 56 -21.53 -59.23 -20.52
CA GLU HA 56 -20.12 -59.51 -20.82
C GLU HA 56 -19.83 -59.36 -22.30
N SER HA 57 -20.80 -59.64 -23.15
CA SER HA 57 -20.65 -59.45 -24.59
C SER HA 57 -22.00 -59.02 -25.13
N VAL HA 58 -21.97 -58.43 -26.34
CA VAL HA 58 -23.24 -57.98 -26.92
C VAL HA 58 -24.20 -59.13 -27.09
N GLU HA 59 -23.70 -60.33 -27.46
CA GLU HA 59 -24.61 -61.44 -27.74
C GLU HA 59 -25.32 -61.93 -26.47
N ASP HA 60 -24.82 -61.60 -25.29
CA ASP HA 60 -25.54 -61.92 -24.05
C ASP HA 60 -26.88 -61.18 -23.96
N VAL HA 61 -27.07 -60.11 -24.74
CA VAL HA 61 -28.36 -59.42 -24.74
C VAL HA 61 -29.47 -60.36 -25.21
N LEU HA 62 -29.12 -61.40 -25.97
CA LEU HA 62 -30.11 -62.36 -26.45
C LEU HA 62 -30.66 -63.25 -25.35
N ASN HA 63 -30.01 -63.27 -24.18
CA ASN HA 63 -30.39 -64.15 -23.08
C ASN HA 63 -31.29 -63.48 -22.06
N ILE HA 64 -31.74 -62.25 -22.31
CA ILE HA 64 -32.62 -61.56 -21.38
C ILE HA 64 -33.86 -62.40 -21.15
N PRO HA 65 -34.18 -62.75 -19.89
CA PRO HA 65 -35.34 -63.61 -19.66
C PRO HA 65 -36.62 -62.96 -20.14
N GLY HA 66 -37.47 -63.76 -20.79
CA GLY HA 66 -38.78 -63.30 -21.23
C GLY HA 66 -38.85 -62.75 -22.63
N LEU HA 67 -37.73 -62.64 -23.34
CA LEU HA 67 -37.75 -62.14 -24.71
C LEU HA 67 -38.64 -63.01 -25.58
N THR HA 68 -39.48 -62.38 -26.39
CA THR HA 68 -40.22 -63.11 -27.40
C THR HA 68 -39.28 -63.54 -28.52
N GLU HA 69 -39.77 -64.46 -29.35
CA GLU HA 69 -38.96 -64.92 -30.48
C GLU HA 69 -38.71 -63.78 -31.46
N ARG HA 70 -39.70 -62.92 -31.68
CA ARG HA 70 -39.50 -61.78 -32.57
C ARG HA 70 -38.50 -60.79 -32.01
N GLN HA 71 -38.54 -60.54 -30.70
CA GLN HA 71 -37.57 -59.64 -30.09
C GLN HA 71 -36.15 -60.16 -30.24
N LYS HA 72 -35.95 -61.47 -30.08
CA LYS HA 72 -34.62 -62.04 -30.27
C LYS HA 72 -34.14 -61.82 -31.70
N GLN HA 73 -35.04 -61.98 -32.67
CA GLN HA 73 -34.69 -61.71 -34.07
CA GLN HA 73 -34.70 -61.71 -34.07
C GLN HA 73 -34.30 -60.25 -34.27
N ILE HA 74 -35.08 -59.33 -33.70
CA ILE HA 74 -34.76 -57.91 -33.86
C ILE HA 74 -33.41 -57.59 -33.23
N LEU HA 75 -33.15 -58.13 -32.04
CA LEU HA 75 -31.85 -57.89 -31.42
C LEU HA 75 -30.71 -58.41 -32.29
N ARG HA 76 -30.89 -59.59 -32.92
CA ARG HA 76 -29.83 -60.14 -33.75
C ARG HA 76 -29.51 -59.23 -34.93
N GLU HA 77 -30.54 -58.63 -35.54
CA GLU HA 77 -30.35 -57.68 -36.64
C GLU HA 77 -29.61 -56.42 -36.21
N ASN HA 78 -29.59 -56.11 -34.92
CA ASN HA 78 -28.97 -54.88 -34.45
C ASN HA 78 -27.71 -55.09 -33.62
N LEU HA 79 -27.23 -56.33 -33.46
CA LEU HA 79 -26.01 -56.53 -32.67
C LEU HA 79 -24.85 -55.75 -33.26
N GLU HA 80 -24.83 -55.58 -34.58
CA GLU HA 80 -23.76 -54.81 -35.21
C GLU HA 80 -23.74 -53.36 -34.74
N HIS HA 81 -24.85 -52.85 -34.18
CA HIS HA 81 -24.90 -51.48 -33.72
C HIS HA 81 -24.61 -51.35 -32.23
N PHE HA 82 -24.37 -52.46 -31.55
CA PHE HA 82 -24.16 -52.49 -30.11
C PHE HA 82 -22.69 -52.72 -29.78
N THR HA 83 -22.31 -52.31 -28.58
CA THR HA 83 -21.02 -52.68 -28.01
C THR HA 83 -21.21 -52.90 -26.51
N VAL HA 84 -20.16 -53.37 -25.85
CA VAL HA 84 -20.13 -53.39 -24.39
C VAL HA 84 -18.76 -52.89 -23.96
N THR HA 85 -18.75 -51.99 -22.97
CA THR HA 85 -17.52 -51.64 -22.26
C THR HA 85 -17.79 -51.74 -20.77
N GLU HA 86 -16.73 -51.59 -19.98
CA GLU HA 86 -16.87 -51.63 -18.53
C GLU HA 86 -17.87 -50.56 -18.06
N VAL HA 87 -18.69 -50.93 -17.08
CA VAL HA 87 -19.65 -49.97 -16.51
C VAL HA 87 -18.91 -48.75 -15.97
N GLU HA 88 -19.36 -47.56 -16.37
CA GLU HA 88 -18.81 -46.31 -15.85
C GLU HA 88 -19.81 -45.72 -14.87
N THR HA 89 -19.43 -45.70 -13.59
CA THR HA 89 -20.21 -45.12 -12.50
C THR HA 89 -20.82 -43.78 -12.86
N ALA HA 90 -20.04 -42.89 -13.48
CA ALA HA 90 -20.52 -41.54 -13.77
C ALA HA 90 -21.64 -41.53 -14.80
N LEU HA 91 -21.72 -42.56 -15.64
CA LEU HA 91 -22.76 -42.61 -16.66
C LEU HA 91 -24.01 -43.33 -16.19
N VAL HA 92 -23.94 -44.16 -15.15
CA VAL HA 92 -25.08 -44.98 -14.75
C VAL HA 92 -25.69 -44.56 -13.41
N GLU HA 93 -25.00 -43.73 -12.62
CA GLU HA 93 -25.58 -43.22 -11.39
C GLU HA 93 -26.64 -42.16 -11.71
N GLY HA 94 -27.38 -41.75 -10.68
CA GLY HA 94 -28.40 -40.73 -10.85
C GLY HA 94 -29.55 -41.13 -11.73
N GLY HA 95 -29.70 -42.42 -12.05
CA GLY HA 95 -30.69 -42.79 -13.04
C GLY HA 95 -30.44 -42.21 -14.41
N ASP HA 96 -29.19 -41.85 -14.72
CA ASP HA 96 -28.88 -41.12 -15.95
C ASP HA 96 -29.07 -41.96 -17.21
N ARG HA 97 -29.08 -43.30 -17.11
CA ARG HA 97 -29.40 -44.08 -18.31
C ARG HA 97 -30.85 -43.93 -18.72
N TYR HA 98 -31.72 -43.51 -17.81
CA TYR HA 98 -33.13 -43.28 -18.13
C TYR HA 98 -33.43 -41.82 -18.43
N ASN HA 99 -32.64 -40.90 -17.88
CA ASN HA 99 -32.84 -39.48 -18.15
C ASN HA 99 -31.53 -38.80 -17.81
N ASN HA 100 -30.80 -38.37 -18.83
CA ASN HA 100 -29.46 -37.81 -18.62
C ASN HA 100 -29.44 -36.30 -18.68
N GLY HA 101 -30.59 -35.65 -18.48
CA GLY HA 101 -30.65 -34.20 -18.48
C GLY HA 101 -30.64 -33.57 -19.85
N LEU HA 102 -30.62 -34.36 -20.92
CA LEU HA 102 -30.69 -33.84 -22.28
C LEU HA 102 -32.09 -34.02 -22.84
N TYR HA 103 -32.67 -32.93 -23.34
CA TYR HA 103 -33.86 -33.02 -24.19
C TYR HA 103 -33.43 -32.50 -25.55
N LYS HA 104 -34.30 -31.77 -26.24
CA LYS HA 104 -33.87 -31.16 -27.48
C LYS HA 104 -32.91 -30.01 -27.14
N ALA IA 1 -37.79 -18.19 -53.91
CA ALA IA 1 -38.27 -19.56 -53.67
C ALA IA 1 -39.80 -19.57 -53.57
N GLU IA 2 -40.42 -20.67 -53.99
CA GLU IA 2 -41.87 -20.80 -53.96
C GLU IA 2 -42.24 -22.17 -53.39
N LEU IA 3 -43.49 -22.29 -52.98
CA LEU IA 3 -44.06 -23.57 -52.54
C LEU IA 3 -44.62 -24.28 -53.77
N THR IA 4 -43.75 -25.00 -54.47
CA THR IA 4 -44.08 -25.58 -55.78
C THR IA 4 -44.79 -26.92 -55.65
N PRO IA 5 -45.44 -27.38 -56.74
CA PRO IA 5 -45.96 -28.76 -56.74
C PRO IA 5 -44.91 -29.81 -56.36
N GLU IA 6 -43.65 -29.62 -56.75
CA GLU IA 6 -42.60 -30.55 -56.38
C GLU IA 6 -42.41 -30.61 -54.86
N VAL IA 7 -42.38 -29.44 -54.20
CA VAL IA 7 -42.29 -29.42 -52.75
C VAL IA 7 -43.49 -30.12 -52.12
N LEU IA 8 -44.67 -29.92 -52.70
CA LEU IA 8 -45.91 -30.48 -52.15
C LEU IA 8 -46.14 -31.93 -52.54
N THR IA 9 -45.16 -32.60 -53.15
CA THR IA 9 -45.28 -33.99 -53.56
C THR IA 9 -44.59 -34.87 -52.53
N VAL IA 10 -45.36 -35.75 -51.88
CA VAL IA 10 -44.87 -36.51 -50.73
C VAL IA 10 -45.27 -37.98 -50.91
N PRO IA 11 -44.56 -38.89 -50.23
CA PRO IA 11 -44.93 -40.31 -50.34
C PRO IA 11 -46.31 -40.58 -49.77
N LEU IA 12 -47.13 -41.27 -50.57
CA LEU IA 12 -48.46 -41.68 -50.14
C LEU IA 12 -48.42 -42.97 -49.32
N ASN IA 13 -47.58 -43.93 -49.73
CA ASN IA 13 -47.46 -45.20 -49.04
C ASN IA 13 -46.00 -45.63 -49.06
N SER IA 14 -45.72 -46.79 -48.48
CA SER IA 14 -44.36 -47.28 -48.37
C SER IA 14 -43.84 -47.90 -49.66
N GLU IA 15 -44.67 -48.02 -50.71
CA GLU IA 15 -44.30 -48.70 -51.93
C GLU IA 15 -43.94 -47.75 -53.07
N GLY IA 16 -43.68 -46.48 -52.76
CA GLY IA 16 -43.24 -45.56 -53.78
C GLY IA 16 -44.34 -44.76 -54.46
N LYS IA 17 -45.59 -44.96 -54.11
CA LYS IA 17 -46.64 -44.10 -54.64
C LYS IA 17 -46.58 -42.75 -53.92
N THR IA 18 -46.66 -41.67 -54.68
CA THR IA 18 -46.68 -40.32 -54.14
C THR IA 18 -48.03 -39.66 -54.38
N ILE IA 19 -48.27 -38.59 -53.64
CA ILE IA 19 -49.44 -37.75 -53.83
C ILE IA 19 -48.96 -36.30 -53.87
N THR IA 20 -49.58 -35.49 -54.72
CA THR IA 20 -49.22 -34.10 -54.86
C THR IA 20 -50.29 -33.27 -54.15
N LEU IA 21 -49.93 -32.67 -53.03
CA LEU IA 21 -50.88 -31.87 -52.29
C LEU IA 21 -51.10 -30.54 -53.00
N THR IA 22 -52.33 -30.01 -52.87
CA THR IA 22 -52.62 -28.66 -53.29
C THR IA 22 -52.18 -27.66 -52.22
N GLU IA 23 -52.00 -26.41 -52.63
CA GLU IA 23 -51.67 -25.38 -51.65
C GLU IA 23 -52.76 -25.26 -50.59
N LYS IA 24 -54.03 -25.41 -50.99
CA LYS IA 24 -55.11 -25.35 -50.02
C LYS IA 24 -55.03 -26.51 -49.03
N GLN IA 25 -54.68 -27.70 -49.50
CA GLN IA 25 -54.51 -28.83 -48.59
C GLN IA 25 -53.41 -28.56 -47.58
N TYR IA 26 -52.27 -28.05 -48.05
CA TYR IA 26 -51.17 -27.76 -47.14
C TYR IA 26 -51.57 -26.72 -46.10
N LEU IA 27 -52.24 -25.64 -46.53
CA LEU IA 27 -52.64 -24.60 -45.59
C LEU IA 27 -53.69 -25.10 -44.59
N GLU IA 28 -54.67 -25.89 -45.05
CA GLU IA 28 -55.58 -26.51 -44.09
C GLU IA 28 -54.84 -27.45 -43.14
N GLY IA 29 -53.86 -28.20 -43.65
CA GLY IA 29 -53.09 -29.07 -42.79
C GLY IA 29 -52.32 -28.31 -41.73
N LYS IA 30 -51.70 -27.20 -42.11
CA LYS IA 30 -51.02 -26.35 -41.15
C LYS IA 30 -51.99 -25.84 -40.09
N ARG IA 31 -53.18 -25.38 -40.52
CA ARG IA 31 -54.16 -24.87 -39.56
C ARG IA 31 -54.63 -25.96 -38.61
N LEU IA 32 -54.95 -27.13 -39.15
CA LEU IA 32 -55.43 -28.23 -38.31
C LEU IA 32 -54.33 -28.73 -37.37
N PHE IA 33 -53.09 -28.76 -37.85
CA PHE IA 33 -51.97 -29.15 -36.99
C PHE IA 33 -51.84 -28.18 -35.81
N GLN IA 34 -51.92 -26.87 -36.08
CA GLN IA 34 -51.88 -25.91 -34.97
C GLN IA 34 -53.06 -26.14 -34.03
N TYR IA 35 -54.24 -26.38 -34.61
CA TYR IA 35 -55.46 -26.53 -33.82
C TYR IA 35 -55.39 -27.73 -32.88
N ALA IA 36 -54.93 -28.87 -33.41
CA ALA IA 36 -55.02 -30.14 -32.70
C ALA IA 36 -53.70 -30.65 -32.13
N CYS IA 37 -52.56 -30.15 -32.59
CA CYS IA 37 -51.30 -30.83 -32.31
C CYS IA 37 -50.18 -29.94 -31.77
N ALA IA 38 -50.17 -28.66 -32.14
CA ALA IA 38 -49.00 -27.84 -31.85
C ALA IA 38 -48.78 -27.59 -30.37
N SER IA 39 -49.81 -27.76 -29.53
CA SER IA 39 -49.61 -27.61 -28.09
C SER IA 39 -48.52 -28.54 -27.57
N CYS IA 40 -48.35 -29.70 -28.21
CA CYS IA 40 -47.25 -30.58 -27.90
C CYS IA 40 -46.19 -30.65 -28.99
N HIS IA 41 -46.54 -30.45 -30.26
CA HIS IA 41 -45.64 -30.72 -31.37
C HIS IA 41 -45.17 -29.47 -32.11
N VAL IA 42 -45.29 -28.28 -31.50
CA VAL IA 42 -44.85 -27.04 -32.15
C VAL IA 42 -43.46 -27.21 -32.77
N GLY IA 43 -43.32 -26.84 -34.03
CA GLY IA 43 -42.02 -26.89 -34.68
C GLY IA 43 -41.47 -28.27 -34.93
N GLY IA 44 -42.27 -29.32 -34.73
CA GLY IA 44 -41.82 -30.68 -35.02
C GLY IA 44 -41.17 -31.43 -33.86
N ILE IA 45 -41.11 -30.85 -32.66
CA ILE IA 45 -40.60 -31.61 -31.52
C ILE IA 45 -41.78 -32.24 -30.78
N THR IA 46 -41.54 -32.80 -29.59
CA THR IA 46 -42.62 -33.33 -28.76
C THR IA 46 -42.37 -32.90 -27.32
N LYS IA 47 -43.18 -31.98 -26.81
CA LYS IA 47 -42.86 -31.37 -25.52
C LYS IA 47 -42.96 -32.38 -24.37
N THR IA 48 -43.91 -33.31 -24.43
CA THR IA 48 -44.08 -34.28 -23.36
C THR IA 48 -43.20 -35.53 -23.54
N ASN IA 49 -42.47 -35.63 -24.64
CA ASN IA 49 -41.42 -36.65 -24.78
C ASN IA 49 -40.41 -36.19 -25.82
N PRO IA 50 -39.45 -35.34 -25.46
CA PRO IA 50 -38.56 -34.76 -26.47
C PRO IA 50 -37.68 -35.78 -27.18
N SER IA 51 -37.65 -37.04 -26.72
CA SER IA 51 -36.83 -38.04 -27.41
C SER IA 51 -37.39 -38.40 -28.78
N LEU IA 52 -38.68 -38.17 -29.02
CA LEU IA 52 -39.32 -38.50 -30.29
C LEU IA 52 -39.78 -37.23 -30.97
N ASP IA 53 -39.40 -37.05 -32.24
CA ASP IA 53 -39.76 -35.85 -32.99
C ASP IA 53 -40.53 -36.24 -34.25
N LEU IA 54 -40.83 -35.24 -35.07
CA LEU IA 54 -41.59 -35.45 -36.29
C LEU IA 54 -40.73 -35.34 -37.56
N ARG IA 55 -39.40 -35.45 -37.43
CA ARG IA 55 -38.54 -35.45 -38.60
CA ARG IA 55 -38.55 -35.46 -38.60
C ARG IA 55 -38.86 -36.66 -39.49
N THR IA 56 -38.73 -36.47 -40.80
CA THR IA 56 -39.08 -37.54 -41.73
C THR IA 56 -38.23 -38.79 -41.51
N GLU IA 57 -36.93 -38.59 -41.23
CA GLU IA 57 -36.03 -39.72 -40.99
C GLU IA 57 -36.44 -40.49 -39.73
N THR IA 58 -36.90 -39.78 -38.71
CA THR IA 58 -37.43 -40.42 -37.51
C THR IA 58 -38.68 -41.22 -37.83
N LEU IA 59 -39.64 -40.59 -38.54
CA LEU IA 59 -40.86 -41.29 -38.93
C LEU IA 59 -40.55 -42.53 -39.76
N ALA IA 60 -39.51 -42.45 -40.59
CA ALA IA 60 -39.17 -43.58 -41.46
C ALA IA 60 -38.72 -44.79 -40.66
N LEU IA 61 -38.10 -44.58 -39.50
CA LEU IA 61 -37.64 -45.68 -38.67
C LEU IA 61 -38.67 -46.12 -37.62
N ALA IA 62 -39.81 -45.44 -37.53
CA ALA IA 62 -40.91 -45.93 -36.69
C ALA IA 62 -41.46 -47.25 -37.23
N THR IA 63 -42.12 -48.00 -36.35
CA THR IA 63 -42.78 -49.24 -36.74
C THR IA 63 -44.27 -49.13 -36.44
N PRO IA 64 -45.16 -49.31 -37.45
CA PRO IA 64 -44.81 -49.43 -38.86
C PRO IA 64 -44.35 -48.07 -39.37
N PRO IA 65 -43.76 -48.01 -40.57
CA PRO IA 65 -43.23 -46.73 -41.06
C PRO IA 65 -44.29 -45.64 -41.07
N ARG IA 66 -43.88 -44.43 -40.67
CA ARG IA 66 -44.77 -43.28 -40.60
C ARG IA 66 -44.33 -42.16 -41.53
N ASP IA 67 -43.37 -42.40 -42.43
CA ASP IA 67 -42.88 -41.36 -43.33
C ASP IA 67 -43.68 -41.28 -44.64
N ASN IA 68 -44.99 -41.49 -44.57
CA ASN IA 68 -45.84 -41.38 -45.75
C ASN IA 68 -47.25 -41.08 -45.28
N ILE IA 69 -48.10 -40.66 -46.24
CA ILE IA 69 -49.43 -40.16 -45.88
C ILE IA 69 -50.24 -41.24 -45.17
N GLU IA 70 -50.29 -42.44 -45.75
CA GLU IA 70 -51.09 -43.51 -45.17
C GLU IA 70 -50.60 -43.90 -43.78
N GLY IA 71 -49.28 -43.95 -43.59
CA GLY IA 71 -48.75 -44.24 -42.27
C GLY IA 71 -49.16 -43.21 -41.24
N LEU IA 72 -49.10 -41.92 -41.60
CA LEU IA 72 -49.45 -40.87 -40.66
C LEU IA 72 -50.95 -40.85 -40.37
N VAL IA 73 -51.77 -41.09 -41.40
CA VAL IA 73 -53.21 -41.17 -41.22
C VAL IA 73 -53.58 -42.31 -40.27
N ASP IA 74 -52.97 -43.47 -40.47
CA ASP IA 74 -53.20 -44.59 -39.56
C ASP IA 74 -52.77 -44.24 -38.13
N TYR IA 75 -51.66 -43.51 -37.97
CA TYR IA 75 -51.21 -43.11 -36.64
C TYR IA 75 -52.25 -42.23 -35.94
N MET IA 76 -52.87 -41.30 -36.68
CA MET IA 76 -53.90 -40.45 -36.11
C MET IA 76 -55.19 -41.18 -35.79
N LYS IA 77 -55.38 -42.40 -36.31
CA LYS IA 77 -56.50 -43.24 -35.93
C LYS IA 77 -56.16 -44.20 -34.79
N ASN IA 78 -54.93 -44.71 -34.76
CA ASN IA 78 -54.56 -45.78 -33.84
C ASN IA 78 -53.08 -45.65 -33.51
N PRO IA 79 -52.72 -44.66 -32.70
CA PRO IA 79 -51.30 -44.40 -32.43
C PRO IA 79 -50.66 -45.54 -31.65
N THR IA 80 -49.38 -45.77 -31.94
CA THR IA 80 -48.60 -46.81 -31.27
C THR IA 80 -47.31 -46.21 -30.74
N THR IA 81 -46.66 -46.99 -29.88
CA THR IA 81 -45.30 -46.67 -29.52
C THR IA 81 -44.39 -46.78 -30.74
N TYR IA 82 -43.15 -46.31 -30.58
CA TYR IA 82 -42.23 -46.19 -31.70
C TYR IA 82 -41.89 -47.54 -32.32
N ASP IA 83 -41.94 -48.61 -31.53
CA ASP IA 83 -41.70 -49.95 -32.01
C ASP IA 83 -42.98 -50.68 -32.41
N GLY IA 84 -44.12 -49.99 -32.39
CA GLY IA 84 -45.40 -50.58 -32.75
C GLY IA 84 -45.97 -51.55 -31.75
N GLU IA 85 -45.33 -51.73 -30.60
CA GLU IA 85 -45.69 -52.80 -29.67
C GLU IA 85 -46.95 -52.50 -28.86
N GLN IA 86 -47.18 -51.22 -28.53
CA GLN IA 86 -48.30 -50.81 -27.67
C GLN IA 86 -49.15 -49.76 -28.38
N GLU IA 87 -50.47 -49.89 -28.23
CA GLU IA 87 -51.41 -48.89 -28.72
C GLU IA 87 -51.64 -47.86 -27.63
N ILE IA 88 -51.51 -46.59 -27.96
CA ILE IA 88 -51.43 -45.53 -26.96
C ILE IA 88 -52.58 -44.51 -27.10
N ALA IA 89 -53.69 -44.90 -27.73
CA ALA IA 89 -54.81 -43.97 -27.91
C ALA IA 89 -55.30 -43.38 -26.59
N GLU IA 90 -55.12 -44.11 -25.48
CA GLU IA 90 -55.60 -43.64 -24.18
C GLU IA 90 -54.82 -42.43 -23.66
N VAL IA 91 -53.62 -42.17 -24.20
CA VAL IA 91 -52.83 -41.02 -23.80
C VAL IA 91 -52.35 -40.19 -24.98
N HIS IA 92 -52.74 -40.53 -26.22
CA HIS IA 92 -52.36 -39.75 -27.39
C HIS IA 92 -53.62 -39.46 -28.20
N PRO IA 93 -53.83 -38.22 -28.65
CA PRO IA 93 -55.03 -37.90 -29.43
C PRO IA 93 -55.15 -38.76 -30.68
N SER IA 94 -56.37 -39.22 -30.95
CA SER IA 94 -56.64 -40.06 -32.11
C SER IA 94 -58.15 -40.14 -32.31
N LEU IA 95 -58.55 -40.60 -33.51
CA LEU IA 95 -59.98 -40.81 -33.75
C LEU IA 95 -60.53 -41.85 -32.78
N ARG IA 96 -59.72 -42.88 -32.49
CA ARG IA 96 -60.14 -43.93 -31.57
C ARG IA 96 -60.40 -43.38 -30.17
N SER IA 97 -59.69 -42.32 -29.78
CA SER IA 97 -59.91 -41.73 -28.48
C SER IA 97 -60.46 -40.31 -28.57
N ALA IA 98 -61.27 -40.03 -29.60
CA ALA IA 98 -61.89 -38.70 -29.72
C ALA IA 98 -62.86 -38.43 -28.58
N ASP IA 99 -63.33 -39.47 -27.89
CA ASP IA 99 -64.18 -39.27 -26.72
C ASP IA 99 -63.42 -38.51 -25.63
N ILE IA 100 -62.14 -38.81 -25.43
CA ILE IA 100 -61.34 -38.15 -24.42
C ILE IA 100 -60.42 -37.07 -24.98
N PHE IA 101 -60.27 -36.98 -26.31
CA PHE IA 101 -59.52 -35.91 -26.96
C PHE IA 101 -60.49 -35.21 -27.91
N PRO IA 102 -61.36 -34.34 -27.40
CA PRO IA 102 -62.51 -33.88 -28.21
C PRO IA 102 -62.12 -33.12 -29.46
N LYS IA 103 -60.90 -32.57 -29.52
CA LYS IA 103 -60.50 -31.87 -30.74
C LYS IA 103 -60.34 -32.80 -31.93
N MET IA 104 -60.29 -34.12 -31.71
CA MET IA 104 -60.27 -35.08 -32.81
C MET IA 104 -61.67 -35.42 -33.32
N ARG IA 105 -62.73 -34.95 -32.66
CA ARG IA 105 -64.07 -35.50 -32.89
C ARG IA 105 -64.59 -35.27 -34.30
N ASN IA 106 -64.29 -34.12 -34.90
CA ASN IA 106 -64.90 -33.82 -36.18
C ASN IA 106 -63.93 -33.96 -37.35
N LEU IA 107 -62.77 -34.55 -37.13
CA LEU IA 107 -61.78 -34.70 -38.18
C LEU IA 107 -62.23 -35.74 -39.20
N THR IA 108 -62.18 -35.37 -40.47
CA THR IA 108 -62.50 -36.26 -41.56
C THR IA 108 -61.23 -36.92 -42.09
N GLU IA 109 -61.43 -37.94 -42.93
CA GLU IA 109 -60.31 -38.54 -43.64
C GLU IA 109 -59.51 -37.49 -44.38
N LYS IA 110 -60.20 -36.55 -45.04
CA LYS IA 110 -59.52 -35.46 -45.72
C LYS IA 110 -58.69 -34.63 -44.77
N ASP IA 111 -59.22 -34.36 -43.56
CA ASP IA 111 -58.49 -33.58 -42.58
C ASP IA 111 -57.20 -34.28 -42.17
N LEU IA 112 -57.28 -35.60 -41.95
CA LEU IA 112 -56.09 -36.34 -41.52
C LEU IA 112 -55.02 -36.35 -42.60
N VAL IA 113 -55.44 -36.51 -43.86
CA VAL IA 113 -54.51 -36.45 -44.99
C VAL IA 113 -53.84 -35.09 -45.04
N ALA IA 114 -54.60 -34.01 -44.77
CA ALA IA 114 -54.02 -32.67 -44.76
C ALA IA 114 -53.00 -32.50 -43.64
N ILE IA 115 -53.33 -32.96 -42.43
CA ILE IA 115 -52.36 -32.89 -41.33
C ILE IA 115 -51.11 -33.70 -41.66
N ALA IA 116 -51.30 -34.89 -42.24
CA ALA IA 116 -50.16 -35.72 -42.62
C ALA IA 116 -49.28 -35.01 -43.63
N GLY IA 117 -49.89 -34.37 -44.63
CA GLY IA 117 -49.13 -33.65 -45.64
C GLY IA 117 -48.31 -32.52 -45.06
N HIS IA 118 -48.88 -31.79 -44.09
CA HIS IA 118 -48.12 -30.73 -43.42
C HIS IA 118 -46.87 -31.31 -42.75
N ILE IA 119 -47.02 -32.44 -42.05
CA ILE IA 119 -45.90 -33.03 -41.33
C ILE IA 119 -44.77 -33.43 -42.27
N LEU IA 120 -45.13 -33.90 -43.48
CA LEU IA 120 -44.12 -34.34 -44.43
C LEU IA 120 -43.53 -33.17 -45.23
N VAL IA 121 -44.33 -32.14 -45.51
CA VAL IA 121 -43.85 -31.02 -46.31
C VAL IA 121 -42.96 -30.10 -45.46
N GLU IA 122 -43.31 -29.92 -44.19
CA GLU IA 122 -42.64 -28.89 -43.39
C GLU IA 122 -41.12 -29.03 -43.31
N PRO IA 123 -40.54 -30.22 -43.07
CA PRO IA 123 -39.07 -30.30 -43.13
C PRO IA 123 -38.50 -30.01 -44.50
N LYS IA 124 -39.26 -30.25 -45.57
CA LYS IA 124 -38.79 -29.89 -46.91
C LYS IA 124 -38.65 -28.38 -47.04
N ILE IA 125 -39.39 -27.61 -46.27
CA ILE IA 125 -39.25 -26.15 -46.25
C ILE IA 125 -38.20 -25.72 -45.24
N LEU IA 126 -38.35 -26.17 -44.00
CA LEU IA 126 -37.60 -25.65 -42.86
C LEU IA 126 -36.31 -26.39 -42.57
N GLY IA 127 -36.10 -27.56 -43.17
CA GLY IA 127 -34.86 -28.29 -42.91
C GLY IA 127 -34.73 -28.65 -41.44
N ASP IA 128 -33.53 -28.43 -40.90
CA ASP IA 128 -33.22 -28.83 -39.53
C ASP IA 128 -34.08 -28.13 -38.48
N LYS IA 129 -34.69 -26.98 -38.80
CA LYS IA 129 -35.59 -26.33 -37.85
C LYS IA 129 -36.73 -27.24 -37.44
N TRP IA 130 -37.25 -28.02 -38.39
CA TRP IA 130 -38.34 -28.96 -38.09
C TRP IA 130 -37.80 -30.09 -37.24
N GLY IA 131 -38.29 -30.22 -36.01
CA GLY IA 131 -37.75 -31.16 -35.06
C GLY IA 131 -36.43 -30.78 -34.43
N GLY IA 132 -35.91 -29.59 -34.74
CA GLY IA 132 -34.61 -29.19 -34.19
C GLY IA 132 -34.66 -28.56 -32.81
N GLY IA 133 -35.79 -28.03 -32.38
CA GLY IA 133 -35.87 -27.33 -31.11
C GLY IA 133 -35.16 -25.99 -31.10
N LYS IA 134 -34.99 -25.45 -29.88
CA LYS IA 134 -34.58 -24.06 -29.69
C LYS IA 134 -33.20 -23.79 -30.30
N VAL IA 135 -32.35 -24.82 -30.39
CA VAL IA 135 -31.03 -24.66 -31.00
C VAL IA 135 -31.13 -24.02 -32.37
N TYR IA 136 -32.17 -24.37 -33.14
CA TYR IA 136 -32.33 -23.92 -34.51
C TYR IA 136 -33.33 -22.77 -34.67
N TYR IA 137 -33.86 -22.21 -33.58
CA TYR IA 137 -34.79 -21.08 -33.68
C TYR IA 137 -34.18 -19.87 -34.37
N ILE JA 3 -67.01 -6.94 -44.84
CA ILE JA 3 -67.93 -5.95 -45.40
C ILE JA 3 -69.14 -5.76 -44.49
N ALA JA 4 -69.62 -6.85 -43.87
CA ALA JA 4 -70.78 -6.72 -42.99
C ALA JA 4 -70.39 -6.21 -41.62
N GLN JA 5 -69.20 -6.58 -41.12
CA GLN JA 5 -68.75 -6.08 -39.83
C GLN JA 5 -68.43 -4.58 -39.88
N LEU JA 6 -67.82 -4.13 -40.96
CA LEU JA 6 -67.45 -2.72 -41.07
C LEU JA 6 -68.68 -1.82 -41.15
N THR JA 7 -69.72 -2.25 -41.88
CA THR JA 7 -70.95 -1.46 -41.98
C THR JA 7 -71.55 -1.20 -40.61
N MET JA 8 -71.67 -2.25 -39.79
CA MET JA 8 -72.19 -2.08 -38.44
C MET JA 8 -71.32 -1.09 -37.66
N ILE JA 9 -70.00 -1.25 -37.74
CA ILE JA 9 -69.09 -0.35 -37.02
C ILE JA 9 -69.28 1.09 -37.50
N ALA JA 10 -69.65 1.29 -38.77
CA ALA JA 10 -69.87 2.63 -39.28
C ALA JA 10 -71.16 3.25 -38.73
N MET JA 11 -72.26 2.49 -38.75
CA MET JA 11 -73.52 3.05 -38.26
C MET JA 11 -73.49 3.25 -36.75
N ILE JA 12 -72.98 2.26 -36.01
CA ILE JA 12 -72.87 2.41 -34.56
C ILE JA 12 -71.91 3.55 -34.22
N GLY JA 13 -70.80 3.63 -34.94
CA GLY JA 13 -69.82 4.67 -34.66
C GLY JA 13 -70.29 6.05 -35.02
N ILE JA 14 -71.20 6.17 -36.00
CA ILE JA 14 -71.70 7.48 -36.38
C ILE JA 14 -72.78 7.93 -35.41
N ALA JA 15 -73.46 6.98 -34.74
CA ALA JA 15 -74.61 7.31 -33.90
C ALA JA 15 -74.26 8.33 -32.83
N GLY JA 16 -73.09 8.17 -32.21
CA GLY JA 16 -72.65 9.04 -31.14
C GLY JA 16 -72.49 10.48 -31.60
N PRO JA 17 -71.56 10.73 -32.53
CA PRO JA 17 -71.40 12.10 -33.06
C PRO JA 17 -72.66 12.66 -33.70
N MET JA 18 -73.52 11.80 -34.25
CA MET JA 18 -74.77 12.27 -34.84
C MET JA 18 -75.69 12.89 -33.79
N ILE JA 19 -75.68 12.35 -32.56
CA ILE JA 19 -76.46 12.95 -31.48
C ILE JA 19 -75.96 14.35 -31.17
N ILE JA 20 -74.64 14.51 -31.06
CA ILE JA 20 -74.07 15.82 -30.77
C ILE JA 20 -74.36 16.79 -31.91
N PHE JA 21 -74.25 16.33 -33.16
CA PHE JA 21 -74.48 17.20 -34.30
C PHE JA 21 -75.93 17.65 -34.38
N LEU JA 22 -76.87 16.72 -34.22
CA LEU JA 22 -78.28 17.08 -34.24
C LEU JA 22 -78.61 18.10 -33.17
N LEU JA 23 -78.04 17.94 -31.97
CA LEU JA 23 -78.34 18.89 -30.90
C LEU JA 23 -77.68 20.24 -31.17
N ALA JA 24 -76.48 20.23 -31.76
CA ALA JA 24 -75.80 21.48 -32.07
C ALA JA 24 -76.57 22.31 -33.10
N VAL JA 25 -77.19 21.64 -34.09
CA VAL JA 25 -77.89 22.40 -35.11
C VAL JA 25 -79.19 22.99 -34.57
N ARG JA 26 -79.88 22.28 -33.69
CA ARG JA 26 -81.13 22.79 -33.13
C ARG JA 26 -80.94 23.49 -31.79
N ARG JA 27 -79.73 23.97 -31.52
CA ARG JA 27 -79.43 24.76 -30.32
C ARG JA 27 -79.92 24.07 -29.04
N GLY JA 28 -79.64 22.77 -28.94
CA GLY JA 28 -80.10 22.00 -27.80
C GLY JA 28 -79.23 22.18 -26.58
N ASN JA 29 -79.62 21.49 -25.51
CA ASN JA 29 -79.04 21.69 -24.20
C ASN JA 29 -77.76 20.84 -24.03
N LEU JA 30 -76.77 21.11 -24.87
CA LEU JA 30 -75.46 20.48 -24.77
C LEU JA 30 -74.67 20.98 -23.58
N ILE KA 2 -7.09 9.91 -64.11
CA ILE KA 2 -8.28 10.10 -63.31
C ILE KA 2 -9.02 8.78 -63.13
N THR KA 3 -8.94 8.23 -61.92
CA THR KA 3 -9.56 6.95 -61.62
C THR KA 3 -11.08 7.14 -61.50
N PRO KA 4 -11.84 6.05 -61.54
CA PRO KA 4 -13.30 6.19 -61.35
C PRO KA 4 -13.67 6.85 -60.04
N SER KA 5 -12.93 6.58 -58.95
CA SER KA 5 -13.28 7.18 -57.68
C SER KA 5 -12.91 8.65 -57.62
N LEU KA 6 -11.89 9.08 -58.36
CA LEU KA 6 -11.61 10.51 -58.48
C LEU KA 6 -12.68 11.21 -59.30
N LYS KA 7 -13.17 10.56 -60.35
CA LYS KA 7 -14.33 11.08 -61.04
C LYS KA 7 -15.51 11.21 -60.08
N GLY KA 8 -15.74 10.16 -59.27
CA GLY KA 8 -16.81 10.24 -58.29
C GLY KA 8 -16.61 11.37 -57.29
N PHE KA 9 -15.36 11.60 -56.87
CA PHE KA 9 -15.08 12.68 -55.93
C PHE KA 9 -15.45 14.04 -56.52
N PHE KA 10 -15.08 14.26 -57.79
CA PHE KA 10 -15.45 15.50 -58.48
C PHE KA 10 -16.95 15.63 -58.62
N ILE KA 11 -17.64 14.53 -58.90
CA ILE KA 11 -19.10 14.57 -58.98
C ILE KA 11 -19.69 14.98 -57.63
N GLY KA 12 -19.20 14.39 -56.55
CA GLY KA 12 -19.66 14.79 -55.23
C GLY KA 12 -19.32 16.23 -54.91
N LEU KA 13 -18.13 16.69 -55.30
CA LEU KA 13 -17.73 18.06 -55.05
C LEU KA 13 -18.63 19.05 -55.80
N LEU KA 14 -18.87 18.80 -57.08
CA LEU KA 14 -19.73 19.68 -57.85
CA LEU KA 14 -19.73 19.70 -57.84
C LEU KA 14 -21.17 19.65 -57.36
N SER KA 15 -21.64 18.48 -56.93
CA SER KA 15 -22.99 18.35 -56.42
C SER KA 15 -23.19 19.19 -55.16
N GLY KA 16 -22.26 19.12 -54.22
CA GLY KA 16 -22.36 19.93 -53.02
C GLY KA 16 -22.26 21.41 -53.33
N ALA KA 17 -21.36 21.79 -54.23
CA ALA KA 17 -21.24 23.20 -54.62
C ALA KA 17 -22.54 23.70 -55.25
N VAL KA 18 -23.18 22.87 -56.06
CA VAL KA 18 -24.44 23.27 -56.70
C VAL KA 18 -25.54 23.44 -55.66
N VAL KA 19 -25.66 22.48 -54.75
CA VAL KA 19 -26.67 22.57 -53.69
C VAL KA 19 -26.46 23.83 -52.86
N LEU KA 20 -25.21 24.08 -52.46
CA LEU KA 20 -24.91 25.26 -51.65
C LEU KA 20 -25.08 26.55 -52.45
N GLY KA 21 -24.62 26.56 -53.70
CA GLY KA 21 -24.77 27.74 -54.52
C GLY KA 21 -26.23 28.11 -54.76
N LEU KA 22 -27.05 27.14 -55.15
CA LEU KA 22 -28.47 27.41 -55.34
C LEU KA 22 -29.14 27.87 -54.05
N THR KA 23 -28.83 27.20 -52.93
CA THR KA 23 -29.43 27.57 -51.65
C THR KA 23 -29.15 29.04 -51.34
N PHE KA 24 -27.89 29.47 -51.46
CA PHE KA 24 -27.57 30.85 -51.13
C PHE KA 24 -28.09 31.81 -52.18
N ALA KA 25 -28.08 31.41 -53.47
CA ALA KA 25 -28.66 32.25 -54.51
C ALA KA 25 -30.14 32.52 -54.22
N VAL KA 26 -30.87 31.46 -53.86
CA VAL KA 26 -32.29 31.61 -53.53
C VAL KA 26 -32.46 32.46 -52.28
N LEU KA 27 -31.69 32.17 -51.23
CA LEU KA 27 -31.83 32.93 -49.99
C LEU KA 27 -31.49 34.39 -50.20
N ILE KA 28 -30.41 34.68 -50.94
CA ILE KA 28 -30.05 36.07 -51.20
C ILE KA 28 -31.14 36.76 -52.02
N ALA KA 29 -31.71 36.04 -53.00
CA ALA KA 29 -32.77 36.61 -53.82
C ALA KA 29 -33.98 36.98 -52.96
N ILE KA 30 -34.48 36.03 -52.17
CA ILE KA 30 -35.65 36.29 -51.32
C ILE KA 30 -35.38 37.45 -50.37
N SER KA 31 -34.20 37.48 -49.76
CA SER KA 31 -33.90 38.53 -48.79
C SER KA 31 -33.88 39.92 -49.44
N GLN KA 32 -33.51 39.99 -50.72
CA GLN KA 32 -33.50 41.28 -51.41
C GLN KA 32 -34.91 41.72 -51.78
N ILE KA 33 -35.81 40.78 -52.06
CA ILE KA 33 -37.19 41.12 -52.39
C ILE KA 33 -37.98 41.50 -51.14
N ASP KA 34 -37.81 40.73 -50.08
CA ASP KA 34 -38.61 40.83 -48.87
C ASP KA 34 -37.78 41.49 -47.77
N LYS KA 35 -37.51 42.78 -47.95
CA LYS KA 35 -36.64 43.48 -47.02
C LYS KA 35 -37.38 43.92 -45.76
N VAL KA 36 -36.63 44.02 -44.66
CA VAL KA 36 -37.14 44.51 -43.38
C VAL KA 36 -37.24 46.04 -43.43
N GLN KA 37 -38.31 46.57 -42.85
CA GLN KA 37 -38.57 48.01 -42.87
C GLN KA 37 -38.01 48.67 -41.60
N ARG KA 38 -37.24 49.74 -41.79
CA ARG KA 38 -36.71 50.50 -40.66
C ARG KA 38 -37.10 51.97 -40.78
N THR LA 2 -91.98 -18.78 -36.41
CA THR LA 2 -92.09 -19.39 -37.73
C THR LA 2 -91.19 -18.69 -38.75
N ILE LA 3 -89.99 -18.30 -38.29
CA ILE LA 3 -88.95 -17.65 -39.09
C ILE LA 3 -89.33 -16.20 -39.38
N LEU LA 4 -90.61 -15.86 -39.17
CA LEU LA 4 -90.96 -14.45 -39.05
C LEU LA 4 -90.25 -13.86 -37.84
N PHE LA 5 -89.77 -14.73 -36.96
CA PHE LA 5 -88.93 -14.38 -35.83
C PHE LA 5 -87.80 -13.46 -36.27
N GLN LA 6 -87.12 -13.81 -37.37
CA GLN LA 6 -86.04 -12.98 -37.88
C GLN LA 6 -86.49 -11.56 -38.18
N LEU LA 7 -87.79 -11.36 -38.45
CA LEU LA 7 -88.33 -10.03 -38.68
C LEU LA 7 -88.62 -9.29 -37.37
N ALA LA 8 -89.15 -9.99 -36.37
CA ALA LA 8 -89.44 -9.33 -35.10
C ALA LA 8 -88.14 -8.91 -34.40
N LEU LA 9 -87.11 -9.75 -34.47
CA LEU LA 9 -85.81 -9.39 -33.91
C LEU LA 9 -85.18 -8.26 -34.71
N ALA LA 10 -85.31 -8.29 -36.04
CA ALA LA 10 -84.85 -7.17 -36.85
C ALA LA 10 -85.64 -5.91 -36.51
N ALA LA 11 -86.92 -6.05 -36.18
CA ALA LA 11 -87.69 -4.89 -35.75
C ALA LA 11 -87.15 -4.32 -34.44
N LEU LA 12 -86.80 -5.19 -33.49
CA LEU LA 12 -86.28 -4.73 -32.22
C LEU LA 12 -84.93 -4.02 -32.41
N VAL LA 13 -84.09 -4.54 -33.30
CA VAL LA 13 -82.79 -3.92 -33.57
C VAL LA 13 -82.98 -2.54 -34.19
N ILE LA 14 -83.89 -2.42 -35.15
CA ILE LA 14 -84.15 -1.12 -35.80
C ILE LA 14 -84.70 -0.14 -34.77
N LEU LA 15 -85.76 -0.54 -34.06
CA LEU LA 15 -86.36 0.33 -33.06
C LEU LA 15 -85.34 0.75 -32.01
N SER LA 16 -84.43 -0.17 -31.62
CA SER LA 16 -83.39 0.18 -30.66
C SER LA 16 -82.50 1.29 -31.22
N PHE LA 17 -82.08 1.17 -32.49
CA PHE LA 17 -81.21 2.19 -33.08
C PHE LA 17 -81.90 3.54 -33.14
N VAL LA 18 -83.21 3.54 -33.38
CA VAL LA 18 -83.96 4.79 -33.41
C VAL LA 18 -84.04 5.40 -32.02
N MET LA 19 -84.33 4.57 -31.00
CA MET LA 19 -84.39 5.09 -29.63
C MET LA 19 -83.03 5.60 -29.17
N VAL LA 20 -81.95 4.92 -29.57
CA VAL LA 20 -80.62 5.27 -29.08
C VAL LA 20 -80.23 6.67 -29.55
N ILE LA 21 -80.61 7.03 -30.77
CA ILE LA 21 -80.37 8.40 -31.23
C ILE LA 21 -81.48 9.33 -30.77
N GLY LA 22 -82.74 8.88 -30.85
CA GLY LA 22 -83.87 9.78 -30.70
C GLY LA 22 -84.13 10.23 -29.28
N VAL LA 23 -83.90 9.34 -28.30
CA VAL LA 23 -84.21 9.67 -26.92
C VAL LA 23 -83.30 10.79 -26.41
N PRO LA 24 -81.97 10.72 -26.55
CA PRO LA 24 -81.15 11.85 -26.07
C PRO LA 24 -81.41 13.17 -26.78
N VAL LA 25 -81.69 13.11 -28.07
CA VAL LA 25 -81.99 14.30 -28.83
C VAL LA 25 -83.29 14.94 -28.35
N ALA LA 26 -84.30 14.12 -28.09
CA ALA LA 26 -85.55 14.66 -27.58
C ALA LA 26 -85.38 15.21 -26.16
N TYR LA 27 -84.67 14.47 -25.30
CA TYR LA 27 -84.50 14.92 -23.91
C TYR LA 27 -83.81 16.28 -23.84
N ALA LA 28 -82.93 16.58 -24.78
CA ALA LA 28 -82.16 17.81 -24.75
C ALA LA 28 -82.65 18.87 -25.73
N SER LA 29 -83.76 18.61 -26.44
CA SER LA 29 -84.32 19.56 -27.39
C SER LA 29 -85.32 20.49 -26.71
N PRO LA 30 -85.25 21.80 -27.02
CA PRO LA 30 -86.23 22.72 -26.41
C PRO LA 30 -87.62 22.60 -27.01
N GLN LA 31 -87.73 22.50 -28.33
CA GLN LA 31 -89.02 22.52 -29.00
C GLN LA 31 -89.63 21.13 -29.06
N ASP LA 32 -90.97 21.10 -29.13
CA ASP LA 32 -91.74 19.87 -29.39
C ASP LA 32 -91.46 18.79 -28.35
N TRP LA 33 -91.35 19.19 -27.07
CA TRP LA 33 -91.14 18.20 -26.02
C TRP LA 33 -92.41 17.42 -25.71
N ASP LA 34 -93.58 18.05 -25.88
CA ASP LA 34 -94.83 17.34 -25.67
C ASP LA 34 -95.02 16.24 -26.70
N ARG LA 35 -94.70 16.54 -27.96
CA ARG LA 35 -94.70 15.51 -29.01
C ARG LA 35 -93.62 14.47 -28.77
N SER LA 36 -92.46 14.90 -28.28
CA SER LA 36 -91.37 13.97 -28.01
C SER LA 36 -91.74 13.00 -26.88
N LYS LA 37 -92.27 13.55 -25.78
CA LYS LA 37 -92.57 12.73 -24.61
C LYS LA 37 -93.49 11.57 -24.96
N GLN LA 38 -94.53 11.82 -25.77
CA GLN LA 38 -95.44 10.74 -26.14
C GLN LA 38 -94.78 9.73 -27.07
N LEU LA 39 -93.96 10.20 -28.01
CA LEU LA 39 -93.22 9.27 -28.88
C LEU LA 39 -92.31 8.37 -28.06
N ILE LA 40 -91.57 8.95 -27.11
CA ILE LA 40 -90.68 8.13 -26.28
C ILE LA 40 -91.48 7.11 -25.48
N PHE LA 41 -92.63 7.52 -24.94
CA PHE LA 41 -93.55 6.59 -24.32
C PHE LA 41 -93.92 5.48 -25.29
N LEU LA 42 -94.26 5.85 -26.52
CA LEU LA 42 -94.70 4.85 -27.50
C LEU LA 42 -93.55 3.92 -27.87
N GLY LA 43 -92.39 4.49 -28.19
CA GLY LA 43 -91.24 3.66 -28.53
C GLY LA 43 -90.86 2.70 -27.41
N SER LA 44 -90.93 3.17 -26.17
CA SER LA 44 -90.54 2.33 -25.03
C SER LA 44 -91.49 1.15 -24.87
N GLY LA 45 -92.79 1.40 -24.92
CA GLY LA 45 -93.75 0.32 -24.83
C GLY LA 45 -93.61 -0.68 -25.96
N LEU LA 46 -93.43 -0.19 -27.20
CA LEU LA 46 -93.20 -1.09 -28.32
C LEU LA 46 -91.91 -1.87 -28.14
N TRP LA 47 -90.88 -1.24 -27.58
CA TRP LA 47 -89.62 -1.94 -27.35
C TRP LA 47 -89.82 -3.12 -26.40
N ILE LA 48 -90.43 -2.87 -25.24
CA ILE LA 48 -90.70 -3.93 -24.29
C ILE LA 48 -91.49 -5.05 -24.95
N ALA LA 49 -92.49 -4.69 -25.76
CA ALA LA 49 -93.33 -5.69 -26.42
C ALA LA 49 -92.52 -6.58 -27.36
N LEU LA 50 -91.62 -5.98 -28.15
CA LEU LA 50 -90.79 -6.77 -29.06
C LEU LA 50 -89.87 -7.72 -28.29
N VAL LA 51 -89.30 -7.25 -27.17
CA VAL LA 51 -88.46 -8.14 -26.35
C VAL LA 51 -89.25 -9.37 -25.93
N LEU LA 52 -90.48 -9.18 -25.49
CA LEU LA 52 -91.31 -10.31 -25.09
C LEU LA 52 -91.66 -11.17 -26.30
N VAL LA 53 -91.94 -10.55 -27.45
CA VAL LA 53 -92.25 -11.31 -28.67
C VAL LA 53 -91.06 -12.16 -29.09
N VAL LA 54 -89.88 -11.55 -29.16
CA VAL LA 54 -88.68 -12.30 -29.54
C VAL LA 54 -88.43 -13.40 -28.51
N GLY LA 55 -88.59 -13.09 -27.23
CA GLY LA 55 -88.37 -14.10 -26.20
C GLY LA 55 -89.29 -15.30 -26.33
N VAL LA 56 -90.56 -15.05 -26.65
CA VAL LA 56 -91.50 -16.15 -26.86
C VAL LA 56 -91.18 -16.88 -28.16
N LEU LA 57 -91.03 -16.13 -29.26
CA LEU LA 57 -90.81 -16.77 -30.56
C LEU LA 57 -89.51 -17.57 -30.58
N ASN LA 58 -88.54 -17.20 -29.76
CA ASN LA 58 -87.29 -17.95 -29.66
C ASN LA 58 -87.54 -19.45 -29.57
N PHE LA 59 -88.50 -19.86 -28.74
CA PHE LA 59 -88.72 -21.26 -28.46
C PHE LA 59 -89.45 -21.99 -29.60
N PHE LA 60 -89.66 -21.31 -30.72
CA PHE LA 60 -90.22 -21.93 -31.91
C PHE LA 60 -89.23 -21.99 -33.07
N VAL LA 61 -88.03 -21.45 -32.88
CA VAL LA 61 -86.98 -21.53 -33.90
C VAL LA 61 -85.67 -21.99 -33.26
N ASP MA 2 40.51 -3.93 66.91
CA ASP MA 2 41.42 -3.82 65.77
C ASP MA 2 42.40 -2.68 65.97
N TRP MA 3 43.69 -3.01 66.08
CA TRP MA 3 44.69 -1.96 66.26
C TRP MA 3 44.74 -1.03 65.07
N ARG MA 4 44.44 -1.55 63.86
CA ARG MA 4 44.54 -0.73 62.67
C ARG MA 4 43.50 0.39 62.66
N VAL MA 5 42.33 0.16 63.26
CA VAL MA 5 41.29 1.19 63.30
C VAL MA 5 41.74 2.37 64.15
N LEU MA 6 42.30 2.10 65.34
CA LEU MA 6 42.81 3.18 66.17
C LEU MA 6 44.02 3.85 65.55
N VAL MA 7 44.84 3.09 64.82
CA VAL MA 7 46.01 3.68 64.15
C VAL MA 7 45.57 4.65 63.07
N VAL MA 8 44.47 4.34 62.38
CA VAL MA 8 43.98 5.23 61.33
C VAL MA 8 43.21 6.41 61.94
N LEU MA 9 42.40 6.17 62.98
CA LEU MA 9 41.51 7.21 63.47
C LEU MA 9 42.25 8.23 64.34
N LEU MA 10 43.33 7.82 65.01
CA LEU MA 10 44.06 8.74 65.88
C LEU MA 10 44.56 9.99 65.16
N PRO MA 11 45.14 9.91 63.95
CA PRO MA 11 45.43 11.15 63.21
C PRO MA 11 44.25 12.10 63.12
N VAL MA 12 43.07 11.59 62.78
CA VAL MA 12 41.89 12.46 62.66
C VAL MA 12 41.44 12.92 64.03
N LEU MA 13 41.51 12.02 65.02
CA LEU MA 13 41.12 12.38 66.38
C LEU MA 13 41.98 13.52 66.92
N LEU MA 14 43.30 13.43 66.72
CA LEU MA 14 44.18 14.51 67.17
C LEU MA 14 43.94 15.79 66.38
N ALA MA 15 43.51 15.67 65.12
CA ALA MA 15 43.20 16.85 64.32
C ALA MA 15 41.96 17.56 64.84
N ALA MA 16 40.85 16.83 65.00
CA ALA MA 16 39.64 17.40 65.58
C ALA MA 16 39.92 17.99 66.95
N GLY MA 17 40.71 17.30 67.77
CA GLY MA 17 41.07 17.84 69.07
C GLY MA 17 41.86 19.14 68.96
N TRP MA 18 42.79 19.20 68.00
CA TRP MA 18 43.60 20.40 67.84
C TRP MA 18 42.77 21.57 67.30
N ALA MA 19 41.83 21.28 66.40
CA ALA MA 19 41.01 22.34 65.83
C ALA MA 19 40.04 22.92 66.86
N VAL MA 20 39.47 22.06 67.70
CA VAL MA 20 38.56 22.53 68.73
C VAL MA 20 39.29 23.44 69.71
N ARG MA 21 40.55 23.12 70.03
CA ARG MA 21 41.29 23.89 71.01
C ARG MA 21 41.53 25.31 70.53
N ASN MA 22 41.78 25.49 69.23
CA ASN MA 22 42.04 26.82 68.69
C ASN MA 22 40.77 27.61 68.46
N ILE MA 23 39.67 26.94 68.10
CA ILE MA 23 38.43 27.62 67.72
C ILE MA 23 37.44 27.71 68.86
N LEU MA 24 37.73 27.06 70.00
CA LEU MA 24 36.78 27.03 71.11
C LEU MA 24 36.35 28.42 71.58
N PRO MA 25 37.26 29.37 71.88
CA PRO MA 25 36.78 30.68 72.34
C PRO MA 25 35.89 31.39 71.33
N TYR MA 26 36.19 31.25 70.04
CA TYR MA 26 35.35 31.85 69.01
C TYR MA 26 34.10 31.02 68.74
N ALA MA 27 34.13 29.73 69.06
CA ALA MA 27 32.93 28.91 68.91
C ALA MA 27 31.90 29.25 69.99
N VAL MA 28 32.32 29.27 71.25
CA VAL MA 28 31.41 29.64 72.33
C VAL MA 28 30.95 31.09 72.18
N LYS MA 29 31.75 31.93 71.52
CA LYS MA 29 31.32 33.30 71.26
C LYS MA 29 30.27 33.35 70.15
N GLN MA 30 30.43 32.53 69.10
CA GLN MA 30 29.41 32.45 68.06
C GLN MA 30 28.10 31.93 68.63
N VAL MA 31 28.17 30.88 69.45
CA VAL MA 31 26.97 30.27 70.00
C VAL MA 31 26.33 31.18 71.04
N GLN MA 32 27.14 31.94 71.78
CA GLN MA 32 26.58 32.87 72.76
C GLN MA 32 25.83 34.00 72.07
N LYS MA 33 26.29 34.45 70.91
CA LYS MA 33 25.56 35.47 70.17
C LYS MA 33 24.21 34.94 69.69
N LEU MA 34 24.16 33.67 69.27
CA LEU MA 34 22.92 33.11 68.73
C LEU MA 34 21.84 33.04 69.79
N LEU MA 35 22.20 32.74 71.03
CA LEU MA 35 21.24 32.66 72.12
C LEU MA 35 21.33 33.91 73.01
#